data_3QAZ
#
_entry.id   3QAZ
#
_cell.length_a   118.226
_cell.length_b   118.099
_cell.length_c   236.115
_cell.angle_alpha   99.86
_cell.angle_beta   99.86
_cell.angle_gamma   99.74
#
_symmetry.space_group_name_H-M   'P 1'
#
loop_
_entity.id
_entity.type
_entity.pdbx_description
1 polymer Interleukin-2
2 polymer 'Interleukin-2 receptor subunit beta'
3 polymer 'Cytokine receptor common subunit gamma'
4 non-polymer 2-acetamido-2-deoxy-beta-D-glucopyranose
#
loop_
_entity_poly.entity_id
_entity_poly.type
_entity_poly.pdbx_seq_one_letter_code
_entity_poly.pdbx_strand_id
1 'polypeptide(L)'
;ADPAPTSSSTKKTQLQLEHLLLDLQMILNGINNYKNPKLTRMLTFKFYMPKKATELKHLQCLEEELKPLEEVLNLAHSKN
FHFDPRDVVSNINVFVLELKGSETTFMCEYADETATIVEFLNRWITFCQSIISTLT
;
A,D,G,J,M,P,S,V,Y,b,e,h
2 'polypeptide(L)'
;ADPAVQGTSQFTCFYNSRAQISCVWSQDGALQDTSCQVHAWPDRRRWQQTCELLPVSQASWACNLILGAPDSQKLTTVDI
VTLRVLCREGVRWRVMAIQDFKPFENLRLMAPISLQVVHVETHRCNISWEISQASHYFERHLEFEARTLSPGHTWEEAPL
LTLKQKQEWICLETLTPDTQYEFQVRVKPLQGEFTTWSPWSQPLAFRTKPAALGKDT
;
B,E,H,K,N,Q,T,W,Z,c,f,i
3 'polypeptide(L)'
;ADPPLPEVQCFVFNVEYMNCTWQSSSEPQPTNLTLHYWYKNSDNDKVQKCSHYLFSEEITSGCQLQKKEIHLYQTFVVQL
QDPREPRRQATQMLKLQNLVIPWAPENLTLHKLSESQLELNWNNRFLNHCLEHLVQYRTDWDHSWTEQSVDYRHKFSLPS
VDGQKRYTFRVRSRFNPLCGSAQHWSEWSHPIHWGSNTSKEN
;
C,F,I,L,O,R,U,X,a,d,g,j
#
loop_
_chem_comp.id
_chem_comp.type
_chem_comp.name
_chem_comp.formula
NAG D-saccharide, beta linking 2-acetamido-2-deoxy-beta-D-glucopyranose 'C8 H15 N O6'
#
# COMPACT_ATOMS: atom_id res chain seq x y z
N SER A 9 -0.06 -66.46 -4.97
CA SER A 9 0.51 -65.33 -5.68
C SER A 9 0.07 -64.02 -5.05
N THR A 10 -1.22 -63.73 -5.11
CA THR A 10 -1.77 -62.57 -4.41
C THR A 10 -1.14 -62.54 -3.02
N LYS A 11 -0.88 -63.73 -2.50
CA LYS A 11 -0.28 -63.91 -1.19
C LYS A 11 1.10 -63.24 -1.13
N LYS A 12 1.91 -63.49 -2.15
CA LYS A 12 3.14 -62.75 -2.32
C LYS A 12 2.85 -61.26 -2.47
N THR A 13 1.75 -60.93 -3.13
CA THR A 13 1.47 -59.54 -3.54
C THR A 13 0.98 -58.61 -2.42
N GLN A 14 0.18 -59.14 -1.51
CA GLN A 14 -0.31 -58.30 -0.42
C GLN A 14 0.80 -57.96 0.57
N LEU A 15 1.70 -58.91 0.78
CA LEU A 15 2.78 -58.72 1.73
C LEU A 15 3.65 -57.55 1.29
N GLN A 16 4.03 -57.53 0.02
CA GLN A 16 4.80 -56.42 -0.49
C GLN A 16 4.12 -55.07 -0.19
N LEU A 17 2.83 -54.94 -0.55
CA LEU A 17 2.08 -53.72 -0.27
C LEU A 17 2.17 -53.34 1.20
N GLU A 18 1.82 -54.28 2.06
CA GLU A 18 1.91 -54.03 3.48
C GLU A 18 3.21 -53.31 3.78
N HIS A 19 4.29 -53.80 3.18
CA HIS A 19 5.62 -53.21 3.39
C HIS A 19 5.67 -51.78 2.87
N LEU A 20 5.38 -51.60 1.58
CA LEU A 20 5.34 -50.26 1.01
C LEU A 20 4.65 -49.30 1.97
N LEU A 21 3.37 -49.56 2.21
CA LEU A 21 2.61 -48.79 3.16
C LEU A 21 3.51 -48.45 4.34
N LEU A 22 4.17 -49.47 4.88
CA LEU A 22 4.85 -49.36 6.16
C LEU A 22 5.90 -48.28 6.32
N ASP A 23 6.79 -48.11 5.34
CA ASP A 23 7.77 -47.03 5.47
C ASP A 23 7.34 -45.78 4.73
N LEU A 24 6.20 -45.87 4.05
CA LEU A 24 5.52 -44.67 3.61
C LEU A 24 5.08 -43.93 4.87
N GLN A 25 4.73 -44.69 5.90
CA GLN A 25 4.33 -44.13 7.19
C GLN A 25 5.56 -43.77 8.02
N MET A 26 6.67 -44.45 7.78
CA MET A 26 7.92 -44.10 8.46
C MET A 26 8.34 -42.67 8.09
N ILE A 27 8.14 -42.31 6.83
CA ILE A 27 8.41 -40.95 6.39
C ILE A 27 7.40 -40.01 7.03
N LEU A 28 6.12 -40.30 6.85
CA LEU A 28 5.07 -39.53 7.50
C LEU A 28 5.39 -39.38 8.99
N ASN A 29 5.45 -40.50 9.69
CA ASN A 29 5.66 -40.47 11.14
C ASN A 29 7.02 -39.92 11.54
N GLY A 30 7.77 -39.41 10.57
CA GLY A 30 9.08 -38.85 10.85
C GLY A 30 9.18 -37.36 10.55
N ILE A 31 8.16 -36.82 9.91
CA ILE A 31 8.18 -35.42 9.50
C ILE A 31 7.27 -34.55 10.39
N ASN A 32 6.43 -35.20 11.20
CA ASN A 32 5.52 -34.46 12.08
C ASN A 32 6.17 -33.96 13.38
N ASN A 33 6.85 -34.85 14.11
CA ASN A 33 7.55 -34.47 15.34
C ASN A 33 8.66 -33.47 15.08
N TYR A 34 9.01 -33.33 13.81
CA TYR A 34 10.08 -32.43 13.40
C TYR A 34 9.76 -30.98 13.74
N LYS A 38 12.13 -26.12 9.81
CA LYS A 38 12.20 -26.12 8.36
C LYS A 38 11.17 -27.08 7.74
N LEU A 39 10.16 -27.45 8.54
CA LEU A 39 8.95 -28.08 8.01
C LEU A 39 8.14 -26.96 7.39
N THR A 40 8.49 -25.74 7.79
CA THR A 40 7.98 -24.55 7.15
C THR A 40 8.44 -24.60 5.70
N ARG A 41 9.72 -24.35 5.48
CA ARG A 41 10.28 -24.42 4.14
C ARG A 41 9.95 -25.76 3.45
N MET A 42 9.71 -26.79 4.24
CA MET A 42 9.44 -28.11 3.68
C MET A 42 7.99 -28.25 3.20
N LEU A 43 7.07 -27.65 3.93
CA LEU A 43 5.67 -27.70 3.55
C LEU A 43 5.36 -26.84 2.32
N THR A 44 6.40 -26.28 1.72
CA THR A 44 6.21 -25.43 0.54
C THR A 44 6.26 -26.21 -0.77
N PHE A 45 7.33 -26.98 -0.97
CA PHE A 45 7.47 -27.82 -2.15
C PHE A 45 6.12 -28.40 -2.56
N LYS A 46 5.82 -28.35 -3.84
CA LYS A 46 4.50 -28.74 -4.30
C LYS A 46 4.52 -29.99 -5.17
N PHE A 47 3.96 -31.06 -4.62
CA PHE A 47 3.86 -32.34 -5.31
C PHE A 47 2.60 -32.38 -6.17
N TYR A 48 2.57 -33.30 -7.12
CA TYR A 48 1.38 -33.55 -7.91
C TYR A 48 0.87 -34.96 -7.63
N MET A 49 -0.43 -35.10 -7.43
CA MET A 49 -1.03 -36.38 -7.10
C MET A 49 -1.81 -36.92 -8.28
N PRO A 50 -2.03 -38.24 -8.30
CA PRO A 50 -2.70 -38.84 -9.45
C PRO A 50 -4.08 -38.27 -9.57
N LYS A 51 -4.67 -38.35 -10.76
CA LYS A 51 -6.05 -37.96 -10.94
C LYS A 51 -6.90 -39.09 -10.38
N LYS A 52 -6.42 -40.31 -10.59
CA LYS A 52 -7.15 -41.52 -10.25
C LYS A 52 -6.17 -42.61 -9.85
N ALA A 53 -6.21 -43.02 -8.60
CA ALA A 53 -5.33 -44.06 -8.10
C ALA A 53 -6.17 -45.16 -7.47
N THR A 54 -6.48 -46.17 -8.28
CA THR A 54 -7.35 -47.26 -7.88
C THR A 54 -6.69 -48.60 -8.12
N GLU A 55 -6.24 -48.85 -9.35
CA GLU A 55 -5.57 -50.09 -9.67
C GLU A 55 -4.10 -50.00 -9.30
N LEU A 56 -3.46 -51.16 -9.14
CA LEU A 56 -2.03 -51.21 -8.82
C LEU A 56 -1.16 -50.52 -9.86
N LYS A 57 -1.50 -50.68 -11.14
CA LYS A 57 -0.66 -50.12 -12.19
C LYS A 57 -0.58 -48.60 -12.06
N HIS A 58 -1.50 -48.02 -11.31
CA HIS A 58 -1.50 -46.57 -11.10
C HIS A 58 -0.27 -46.09 -10.31
N LEU A 59 0.33 -47.01 -9.55
CA LEU A 59 1.49 -46.70 -8.72
C LEU A 59 2.59 -46.02 -9.53
N GLN A 60 2.49 -46.08 -10.84
CA GLN A 60 3.50 -45.44 -11.67
C GLN A 60 3.54 -43.97 -11.33
N CYS A 61 2.35 -43.40 -11.18
CA CYS A 61 2.22 -42.00 -10.79
C CYS A 61 2.88 -41.72 -9.46
N LEU A 62 3.25 -42.78 -8.74
CA LEU A 62 4.00 -42.64 -7.49
C LEU A 62 5.50 -42.69 -7.75
N GLU A 63 5.90 -43.53 -8.68
CA GLU A 63 7.31 -43.63 -9.02
C GLU A 63 7.81 -42.27 -9.50
N GLU A 64 7.03 -41.63 -10.37
CA GLU A 64 7.45 -40.39 -11.02
C GLU A 64 7.83 -39.29 -10.04
N GLU A 65 7.15 -39.23 -8.91
CA GLU A 65 7.36 -38.16 -7.94
C GLU A 65 8.49 -38.42 -6.96
N LEU A 66 8.98 -39.65 -6.93
CA LEU A 66 9.98 -40.04 -5.93
C LEU A 66 11.23 -39.19 -5.97
N LYS A 67 11.69 -38.84 -7.17
CA LYS A 67 12.86 -37.98 -7.29
C LYS A 67 12.67 -36.71 -6.47
N PRO A 68 11.57 -35.98 -6.70
CA PRO A 68 11.34 -34.87 -5.77
C PRO A 68 11.29 -35.30 -4.30
N LEU A 69 10.58 -36.37 -3.97
CA LEU A 69 10.44 -36.76 -2.55
C LEU A 69 11.79 -36.77 -1.86
N GLU A 70 12.83 -37.21 -2.56
CA GLU A 70 14.16 -37.25 -1.97
C GLU A 70 14.73 -35.83 -1.81
N GLU A 71 14.69 -35.05 -2.89
CA GLU A 71 15.21 -33.69 -2.86
C GLU A 71 14.51 -32.85 -1.78
N VAL A 72 13.36 -33.32 -1.35
CA VAL A 72 12.58 -32.64 -0.31
C VAL A 72 13.06 -33.00 1.08
N LEU A 73 13.39 -34.27 1.26
CA LEU A 73 13.79 -34.79 2.57
C LEU A 73 15.23 -34.40 2.92
N ASN A 74 16.04 -34.13 1.90
CA ASN A 74 17.41 -33.67 2.13
C ASN A 74 17.46 -32.18 2.50
N LEU A 75 16.30 -31.56 2.66
CA LEU A 75 16.24 -30.21 3.19
C LEU A 75 16.56 -30.28 4.67
N ALA A 76 15.89 -31.22 5.34
CA ALA A 76 16.17 -31.51 6.73
C ALA A 76 17.37 -32.42 6.78
N HIS A 77 18.34 -32.10 7.63
CA HIS A 77 19.47 -33.00 7.81
C HIS A 77 18.99 -34.34 8.34
N SER A 78 19.94 -35.22 8.64
CA SER A 78 19.65 -36.63 8.87
C SER A 78 19.54 -37.03 10.33
N LYS A 79 19.72 -36.08 11.25
CA LYS A 79 19.66 -36.40 12.67
C LYS A 79 18.24 -36.64 13.20
N ASN A 80 17.29 -35.85 12.73
CA ASN A 80 15.91 -35.95 13.21
C ASN A 80 15.21 -37.24 12.77
N PHE A 81 15.25 -37.53 11.48
CA PHE A 81 14.53 -38.67 10.91
C PHE A 81 15.13 -39.99 11.38
N HIS A 82 14.29 -41.00 11.57
CA HIS A 82 14.77 -42.33 11.96
C HIS A 82 14.92 -43.22 10.76
N PHE A 83 15.03 -42.56 9.61
CA PHE A 83 15.19 -43.25 8.34
C PHE A 83 16.21 -42.53 7.47
N ASP A 84 17.04 -43.28 6.75
CA ASP A 84 17.99 -42.67 5.81
C ASP A 84 17.26 -42.35 4.52
N PRO A 85 17.23 -41.06 4.16
CA PRO A 85 16.37 -40.57 3.07
C PRO A 85 16.70 -41.25 1.75
N ARG A 86 17.95 -41.16 1.32
CA ARG A 86 18.33 -41.81 0.08
C ARG A 86 17.90 -43.26 0.13
N ASP A 87 17.93 -43.84 1.32
CA ASP A 87 17.58 -45.25 1.51
C ASP A 87 16.11 -45.57 1.29
N VAL A 88 15.24 -45.03 2.15
CA VAL A 88 13.81 -45.30 2.07
C VAL A 88 13.32 -45.12 0.64
N VAL A 89 13.54 -43.93 0.09
CA VAL A 89 13.21 -43.68 -1.30
C VAL A 89 13.74 -44.83 -2.16
N SER A 90 15.06 -44.99 -2.15
CA SER A 90 15.70 -46.07 -2.87
C SER A 90 14.93 -47.37 -2.71
N ASN A 91 14.36 -47.58 -1.52
CA ASN A 91 13.60 -48.78 -1.25
C ASN A 91 12.17 -48.74 -1.77
N ILE A 92 11.48 -47.62 -1.59
CA ILE A 92 10.12 -47.51 -2.10
C ILE A 92 10.17 -47.78 -3.59
N ASN A 93 11.03 -47.05 -4.29
CA ASN A 93 11.20 -47.21 -5.73
C ASN A 93 11.16 -48.67 -6.13
N VAL A 94 11.96 -49.47 -5.44
CA VAL A 94 12.08 -50.89 -5.71
C VAL A 94 10.73 -51.58 -5.59
N PHE A 95 9.99 -51.25 -4.53
CA PHE A 95 8.62 -51.73 -4.38
C PHE A 95 7.80 -51.28 -5.57
N VAL A 96 7.72 -49.97 -5.74
CA VAL A 96 6.94 -49.33 -6.77
C VAL A 96 7.19 -49.95 -8.14
N LEU A 97 8.43 -50.37 -8.37
CA LEU A 97 8.78 -50.96 -9.65
C LEU A 97 8.20 -52.36 -9.81
N GLU A 98 8.47 -53.25 -8.87
CA GLU A 98 8.00 -54.63 -8.99
C GLU A 98 6.48 -54.69 -8.99
N LEU A 99 5.85 -53.61 -8.57
CA LEU A 99 4.41 -53.64 -8.35
C LEU A 99 3.52 -53.20 -9.51
N LYS A 100 4.11 -52.70 -10.59
CA LYS A 100 3.31 -52.38 -11.78
C LYS A 100 3.35 -53.50 -12.84
N GLY A 101 4.51 -53.73 -13.45
CA GLY A 101 4.64 -54.76 -14.47
C GLY A 101 4.87 -54.22 -15.88
N PHE A 106 0.55 -47.68 -21.02
CA PHE A 106 0.07 -46.87 -19.92
C PHE A 106 0.94 -45.63 -19.71
N MET A 107 0.32 -44.55 -19.23
CA MET A 107 1.03 -43.30 -18.95
C MET A 107 0.32 -42.61 -17.78
N CYS A 108 1.10 -41.97 -16.91
CA CYS A 108 0.55 -41.36 -15.71
C CYS A 108 0.00 -39.98 -15.99
N GLU A 109 -1.31 -39.80 -15.77
CA GLU A 109 -1.96 -38.53 -16.02
C GLU A 109 -2.30 -37.83 -14.72
N TYR A 110 -1.83 -36.59 -14.56
CA TYR A 110 -1.85 -35.95 -13.26
C TYR A 110 -3.07 -35.10 -12.95
N ALA A 111 -3.18 -34.74 -11.68
CA ALA A 111 -4.28 -33.93 -11.19
C ALA A 111 -3.92 -32.45 -11.21
N ASP A 112 -4.95 -31.59 -11.18
CA ASP A 112 -4.74 -30.15 -11.27
C ASP A 112 -4.08 -29.55 -10.02
N GLU A 113 -4.72 -29.75 -8.87
CA GLU A 113 -4.27 -29.15 -7.63
C GLU A 113 -2.95 -29.74 -7.13
N THR A 114 -2.26 -28.99 -6.28
CA THR A 114 -0.95 -29.41 -5.77
C THR A 114 -0.95 -29.55 -4.25
N ALA A 115 -0.33 -30.60 -3.74
CA ALA A 115 -0.40 -30.91 -2.32
C ALA A 115 0.96 -30.90 -1.64
N THR A 116 0.93 -30.76 -0.30
CA THR A 116 2.12 -30.79 0.53
C THR A 116 2.64 -32.21 0.67
N ILE A 117 3.90 -32.36 1.04
CA ILE A 117 4.46 -33.68 1.24
C ILE A 117 3.54 -34.53 2.11
N VAL A 118 3.00 -33.92 3.15
CA VAL A 118 2.10 -34.60 4.08
C VAL A 118 0.82 -35.05 3.38
N GLU A 119 0.13 -34.11 2.74
CA GLU A 119 -1.09 -34.43 2.00
C GLU A 119 -0.77 -35.43 0.91
N PHE A 120 0.51 -35.48 0.53
CA PHE A 120 1.01 -36.39 -0.49
C PHE A 120 1.03 -37.82 0.03
N LEU A 121 1.88 -38.08 1.02
CA LEU A 121 1.99 -39.39 1.61
C LEU A 121 0.62 -39.89 2.06
N ASN A 122 -0.09 -39.06 2.82
CA ASN A 122 -1.43 -39.45 3.26
C ASN A 122 -2.19 -40.12 2.12
N ARG A 123 -2.09 -39.54 0.93
CA ARG A 123 -2.85 -40.01 -0.21
C ARG A 123 -2.41 -41.38 -0.72
N TRP A 124 -1.11 -41.60 -0.81
CA TRP A 124 -0.57 -42.88 -1.27
C TRP A 124 -0.68 -43.96 -0.20
N ILE A 125 -0.43 -43.56 1.05
CA ILE A 125 -0.63 -44.45 2.19
C ILE A 125 -2.03 -45.03 2.08
N THR A 126 -3.01 -44.17 1.88
CA THR A 126 -4.39 -44.60 1.75
C THR A 126 -4.54 -45.49 0.52
N PHE A 127 -3.93 -45.06 -0.58
CA PHE A 127 -3.98 -45.86 -1.79
C PHE A 127 -3.63 -47.30 -1.48
N CYS A 128 -2.64 -47.48 -0.61
CA CYS A 128 -2.21 -48.82 -0.21
C CYS A 128 -3.29 -49.52 0.61
N GLN A 129 -3.78 -48.83 1.64
CA GLN A 129 -4.78 -49.38 2.52
C GLN A 129 -6.02 -49.86 1.75
N SER A 130 -6.32 -49.21 0.63
CA SER A 130 -7.41 -49.68 -0.21
C SER A 130 -7.10 -51.09 -0.68
N ILE A 131 -6.05 -51.22 -1.49
CA ILE A 131 -5.72 -52.50 -2.08
C ILE A 131 -5.47 -53.57 -1.02
N ILE A 132 -4.97 -53.15 0.14
CA ILE A 132 -4.70 -54.10 1.21
C ILE A 132 -5.98 -54.53 1.93
N SER A 133 -7.04 -53.74 1.80
CA SER A 133 -8.34 -54.16 2.28
C SER A 133 -8.95 -55.11 1.26
N THR A 134 -9.16 -54.58 0.05
CA THR A 134 -9.88 -55.27 -1.03
C THR A 134 -9.29 -56.62 -1.40
N LEU A 135 -8.05 -56.88 -0.95
CA LEU A 135 -7.51 -58.23 -1.01
C LEU A 135 -7.48 -58.75 0.41
N THR A 136 -7.67 -60.06 0.58
CA THR A 136 -8.02 -60.65 1.88
C THR A 136 -8.82 -59.71 2.80
N GLN B 10 27.95 -77.58 1.51
CA GLN B 10 26.77 -76.80 1.82
C GLN B 10 27.22 -75.36 2.00
N PHE B 11 26.30 -74.42 1.78
CA PHE B 11 26.60 -73.01 1.80
C PHE B 11 25.39 -72.26 2.37
N THR B 12 25.49 -71.73 3.58
CA THR B 12 24.33 -71.16 4.24
C THR B 12 24.55 -69.71 4.72
N CYS B 13 23.61 -68.83 4.38
CA CYS B 13 23.67 -67.43 4.79
C CYS B 13 22.35 -66.91 5.42
N PHE B 14 22.46 -65.97 6.34
CA PHE B 14 21.30 -65.39 7.01
C PHE B 14 21.34 -63.85 7.06
N TYR B 15 20.17 -63.24 6.83
CA TYR B 15 20.03 -61.80 6.74
C TYR B 15 19.57 -61.21 8.08
N ASN B 16 20.25 -60.19 8.55
CA ASN B 16 19.96 -59.66 9.88
C ASN B 16 18.88 -58.57 9.90
N SER B 17 18.30 -58.30 8.73
CA SER B 17 17.22 -57.33 8.61
C SER B 17 17.67 -55.86 8.60
N ARG B 18 18.98 -55.61 8.59
CA ARG B 18 19.48 -54.24 8.59
C ARG B 18 20.45 -53.95 7.45
N ALA B 19 21.70 -54.35 7.63
CA ALA B 19 22.74 -54.19 6.61
C ALA B 19 23.81 -55.27 6.63
N GLN B 20 23.44 -56.49 7.02
CA GLN B 20 24.43 -57.53 7.27
C GLN B 20 23.97 -58.93 6.81
N ILE B 21 24.81 -59.60 6.02
CA ILE B 21 24.56 -60.98 5.60
C ILE B 21 25.69 -61.88 6.08
N SER B 22 25.35 -62.87 6.91
CA SER B 22 26.36 -63.74 7.52
C SER B 22 26.45 -65.07 6.77
N CYS B 23 27.68 -65.51 6.48
CA CYS B 23 27.86 -66.66 5.61
C CYS B 23 28.68 -67.84 6.18
N VAL B 24 28.25 -69.06 5.86
CA VAL B 24 28.97 -70.26 6.23
C VAL B 24 29.22 -71.17 5.00
N TRP B 25 30.47 -71.60 4.82
CA TRP B 25 30.85 -72.43 3.68
C TRP B 25 31.62 -73.69 4.07
N SER B 26 31.18 -74.83 3.55
CA SER B 26 31.82 -76.09 3.86
C SER B 26 32.12 -76.87 2.58
N GLN B 27 33.35 -77.35 2.47
CA GLN B 27 33.79 -78.08 1.28
C GLN B 27 34.27 -79.49 1.61
N THR B 34 44.19 -71.48 -1.63
CA THR B 34 43.29 -71.76 -0.52
C THR B 34 42.42 -70.54 -0.19
N SER B 35 42.90 -69.36 -0.58
CA SER B 35 42.21 -68.10 -0.36
C SER B 35 40.78 -68.11 -0.90
N CYS B 36 39.83 -67.61 -0.10
CA CYS B 36 38.40 -67.72 -0.40
C CYS B 36 37.55 -66.49 -0.03
N GLN B 37 36.53 -66.19 -0.84
CA GLN B 37 35.68 -65.01 -0.62
C GLN B 37 34.22 -65.30 -0.97
N VAL B 38 33.33 -64.45 -0.46
CA VAL B 38 31.91 -64.47 -0.84
C VAL B 38 31.52 -63.14 -1.50
N HIS B 39 30.83 -63.21 -2.63
CA HIS B 39 30.39 -62.00 -3.32
C HIS B 39 28.88 -61.92 -3.35
N ALA B 40 28.35 -60.77 -2.94
CA ALA B 40 26.91 -60.55 -2.84
C ALA B 40 26.49 -59.50 -3.87
N TRP B 41 25.75 -59.93 -4.89
CA TRP B 41 25.32 -59.03 -5.96
C TRP B 41 23.81 -58.89 -6.06
N PRO B 42 23.27 -57.81 -5.51
CA PRO B 42 21.83 -57.53 -5.48
C PRO B 42 21.28 -57.44 -6.89
N ASP B 43 20.18 -58.12 -7.18
CA ASP B 43 19.72 -58.15 -8.56
C ASP B 43 19.14 -56.82 -9.04
N ARG B 44 18.93 -55.90 -8.11
CA ARG B 44 18.35 -54.60 -8.48
C ARG B 44 18.93 -53.44 -7.68
N ARG B 45 20.22 -53.52 -7.36
CA ARG B 45 20.90 -52.42 -6.72
C ARG B 45 22.16 -52.06 -7.49
N ARG B 46 22.69 -50.89 -7.22
CA ARG B 46 23.89 -50.44 -7.90
C ARG B 46 25.12 -50.76 -7.06
N TRP B 47 25.01 -51.75 -6.18
CA TRP B 47 26.17 -52.10 -5.35
C TRP B 47 26.45 -53.60 -5.24
N GLN B 48 27.60 -53.93 -4.65
CA GLN B 48 27.97 -55.30 -4.35
C GLN B 48 28.89 -55.24 -3.17
N GLN B 49 29.15 -56.40 -2.55
CA GLN B 49 30.05 -56.43 -1.42
C GLN B 49 30.64 -57.81 -1.23
N THR B 50 31.83 -57.85 -0.65
CA THR B 50 32.57 -59.08 -0.45
C THR B 50 33.26 -59.09 0.91
N CYS B 51 33.83 -60.22 1.26
CA CYS B 51 34.69 -60.31 2.41
C CYS B 51 35.47 -61.63 2.35
N GLU B 52 36.70 -61.60 2.86
CA GLU B 52 37.51 -62.80 2.87
C GLU B 52 36.93 -63.82 3.85
N LEU B 53 36.81 -65.06 3.40
CA LEU B 53 36.33 -66.12 4.28
C LEU B 53 37.43 -66.57 5.24
N LEU B 54 37.08 -66.73 6.51
CA LEU B 54 38.05 -67.16 7.49
C LEU B 54 37.62 -68.47 8.14
N PRO B 55 38.58 -69.26 8.63
CA PRO B 55 38.28 -70.59 9.18
C PRO B 55 37.59 -70.56 10.53
N VAL B 56 36.73 -71.56 10.75
CA VAL B 56 36.10 -71.80 12.04
C VAL B 56 36.34 -73.26 12.45
N SER B 57 35.47 -74.15 12.00
CA SER B 57 35.64 -75.59 12.18
C SER B 57 36.78 -76.11 11.31
N GLN B 58 37.00 -77.43 11.37
CA GLN B 58 38.07 -78.06 10.58
C GLN B 58 37.94 -77.72 9.09
N ALA B 59 36.75 -77.91 8.54
CA ALA B 59 36.51 -77.64 7.12
C ALA B 59 35.33 -76.72 6.90
N SER B 60 35.23 -75.67 7.72
CA SER B 60 34.13 -74.73 7.64
C SER B 60 34.61 -73.29 7.68
N TRP B 61 34.03 -72.44 6.84
CA TRP B 61 34.42 -71.03 6.80
C TRP B 61 33.24 -70.11 7.06
N ALA B 62 33.51 -68.97 7.70
CA ALA B 62 32.45 -67.99 7.97
C ALA B 62 32.84 -66.61 7.44
N CYS B 63 31.86 -65.72 7.39
CA CYS B 63 32.07 -64.43 6.74
C CYS B 63 30.96 -63.44 7.06
N ASN B 64 31.25 -62.14 7.06
CA ASN B 64 30.25 -61.13 7.36
C ASN B 64 30.25 -60.06 6.27
N LEU B 65 29.11 -59.96 5.57
CA LEU B 65 28.93 -59.04 4.46
C LEU B 65 28.31 -57.77 4.95
N ILE B 66 29.07 -56.69 4.99
CA ILE B 66 28.54 -55.44 5.52
C ILE B 66 27.92 -54.60 4.41
N LEU B 67 26.60 -54.58 4.37
CA LEU B 67 25.89 -53.91 3.31
C LEU B 67 25.81 -52.41 3.54
N GLY B 68 25.93 -51.97 4.80
CA GLY B 68 25.84 -50.56 5.10
C GLY B 68 26.13 -50.18 6.55
N ALA B 69 25.57 -49.04 6.94
CA ALA B 69 25.71 -48.55 8.29
C ALA B 69 24.98 -49.56 9.14
N PRO B 70 25.24 -49.55 10.44
CA PRO B 70 24.76 -50.62 11.31
C PRO B 70 23.24 -50.78 11.27
N ASP B 71 22.48 -49.69 11.17
CA ASP B 71 21.03 -49.86 11.17
C ASP B 71 20.31 -49.46 9.88
N SER B 72 21.06 -49.12 8.84
CA SER B 72 20.47 -48.72 7.56
C SER B 72 19.79 -49.90 6.87
N GLN B 73 18.68 -49.66 6.18
CA GLN B 73 17.96 -50.72 5.49
C GLN B 73 18.39 -50.91 4.05
N LYS B 74 19.34 -51.82 3.82
CA LYS B 74 19.96 -51.96 2.50
C LYS B 74 19.33 -53.00 1.58
N LEU B 75 18.48 -53.87 2.12
CA LEU B 75 17.77 -54.83 1.27
C LEU B 75 16.25 -54.82 1.56
N THR B 76 15.46 -55.33 0.60
CA THR B 76 13.99 -55.31 0.66
C THR B 76 13.42 -56.70 0.39
N THR B 77 12.16 -56.93 0.77
CA THR B 77 11.52 -58.22 0.53
C THR B 77 11.31 -58.57 -0.95
N VAL B 78 11.59 -57.63 -1.85
CA VAL B 78 11.48 -57.95 -3.27
C VAL B 78 12.86 -58.13 -3.85
N ASP B 79 13.86 -57.65 -3.11
CA ASP B 79 15.24 -57.85 -3.51
C ASP B 79 15.58 -59.33 -3.58
N ILE B 80 16.40 -59.70 -4.56
CA ILE B 80 17.04 -61.00 -4.56
C ILE B 80 18.52 -60.78 -4.76
N VAL B 81 19.32 -61.32 -3.84
CA VAL B 81 20.76 -61.15 -3.90
C VAL B 81 21.42 -62.44 -4.34
N THR B 82 22.13 -62.40 -5.46
CA THR B 82 22.89 -63.56 -5.91
C THR B 82 24.17 -63.70 -5.10
N LEU B 83 24.32 -64.84 -4.45
CA LEU B 83 25.45 -65.07 -3.54
C LEU B 83 26.38 -66.14 -4.08
N ARG B 84 27.64 -65.76 -4.27
CA ARG B 84 28.64 -66.62 -4.86
C ARG B 84 29.84 -66.73 -3.94
N VAL B 85 30.40 -67.93 -3.85
CA VAL B 85 31.64 -68.13 -3.13
C VAL B 85 32.76 -68.44 -4.10
N LEU B 86 33.86 -67.72 -3.97
CA LEU B 86 34.92 -67.85 -4.94
C LEU B 86 36.28 -68.16 -4.31
N CYS B 87 36.97 -69.13 -4.87
CA CYS B 87 38.30 -69.47 -4.42
C CYS B 87 39.29 -69.34 -5.54
N ARG B 88 40.42 -68.70 -5.27
CA ARG B 88 41.50 -68.56 -6.25
C ARG B 88 41.88 -69.89 -6.92
N GLU B 89 41.87 -69.91 -8.25
CA GLU B 89 42.25 -71.07 -9.07
C GLU B 89 43.33 -70.66 -10.06
N GLY B 90 44.58 -70.66 -9.61
CA GLY B 90 45.67 -70.18 -10.43
C GLY B 90 45.46 -68.72 -10.75
N VAL B 91 45.43 -68.40 -12.03
CA VAL B 91 45.29 -67.02 -12.47
C VAL B 91 43.95 -66.40 -11.99
N ARG B 92 42.84 -67.07 -12.28
CA ARG B 92 41.49 -66.53 -12.03
C ARG B 92 40.90 -66.92 -10.68
N TRP B 93 39.62 -66.63 -10.53
CA TRP B 93 38.81 -67.04 -9.38
C TRP B 93 37.89 -68.20 -9.80
N ARG B 94 37.63 -69.14 -8.91
CA ARG B 94 36.68 -70.21 -9.21
C ARG B 94 35.38 -70.09 -8.44
N VAL B 95 34.26 -70.22 -9.13
CA VAL B 95 32.97 -70.20 -8.47
C VAL B 95 32.70 -71.50 -7.74
N MET B 96 32.78 -71.47 -6.42
CA MET B 96 32.68 -72.69 -5.64
C MET B 96 31.24 -73.07 -5.32
N ALA B 97 30.37 -72.05 -5.17
CA ALA B 97 28.97 -72.27 -4.84
C ALA B 97 28.13 -71.10 -5.32
N ILE B 98 26.87 -71.37 -5.65
CA ILE B 98 25.96 -70.30 -6.03
C ILE B 98 24.58 -70.46 -5.40
N GLN B 99 23.94 -69.31 -5.14
CA GLN B 99 22.66 -69.28 -4.48
C GLN B 99 21.91 -68.02 -4.87
N ASP B 100 20.60 -68.14 -5.07
CA ASP B 100 19.74 -66.99 -5.28
C ASP B 100 19.02 -66.73 -3.97
N PHE B 101 19.50 -65.72 -3.24
CA PHE B 101 19.18 -65.52 -1.84
C PHE B 101 18.12 -64.44 -1.67
N LYS B 102 16.94 -64.83 -1.20
CA LYS B 102 15.90 -63.85 -0.82
C LYS B 102 16.10 -63.48 0.64
N PRO B 103 16.64 -62.28 0.88
CA PRO B 103 17.07 -61.90 2.23
C PRO B 103 15.97 -62.13 3.27
N PHE B 104 14.73 -61.78 2.94
CA PHE B 104 13.65 -61.83 3.91
C PHE B 104 13.06 -63.22 4.08
N GLU B 105 13.63 -64.18 3.36
CA GLU B 105 13.23 -65.57 3.53
C GLU B 105 14.28 -66.27 4.36
N ASN B 106 15.35 -65.56 4.70
CA ASN B 106 16.42 -66.15 5.50
C ASN B 106 16.84 -65.22 6.62
N LEU B 107 15.93 -64.95 7.54
CA LEU B 107 16.15 -63.99 8.62
C LEU B 107 16.68 -64.59 9.93
N ARG B 108 17.71 -63.94 10.48
CA ARG B 108 18.16 -64.22 11.85
C ARG B 108 18.62 -62.93 12.49
N LEU B 109 18.00 -62.58 13.60
CA LEU B 109 18.23 -61.30 14.24
C LEU B 109 19.32 -61.42 15.31
N MET B 110 19.98 -60.31 15.62
CA MET B 110 20.97 -60.34 16.69
C MET B 110 20.26 -60.69 17.97
N ALA B 111 21.01 -61.09 18.99
CA ALA B 111 20.38 -61.39 20.25
C ALA B 111 19.98 -60.08 20.87
N PRO B 112 18.80 -60.00 21.50
CA PRO B 112 18.39 -58.75 22.16
C PRO B 112 19.48 -58.26 23.09
N ILE B 113 19.52 -56.96 23.36
CA ILE B 113 20.56 -56.39 24.19
C ILE B 113 19.99 -55.49 25.26
N SER B 114 20.88 -54.81 25.98
CA SER B 114 20.44 -53.87 27.00
C SER B 114 19.48 -54.53 27.97
N LEU B 115 19.81 -55.77 28.38
CA LEU B 115 19.00 -56.45 29.38
C LEU B 115 19.21 -55.77 30.71
N GLN B 116 18.12 -55.57 31.45
CA GLN B 116 18.18 -54.88 32.73
C GLN B 116 16.96 -55.21 33.58
N VAL B 117 17.15 -55.16 34.90
CA VAL B 117 16.03 -55.36 35.82
C VAL B 117 15.18 -54.12 35.96
N VAL B 118 13.93 -54.21 35.53
CA VAL B 118 13.01 -53.10 35.71
C VAL B 118 12.56 -53.04 37.15
N HIS B 119 12.31 -54.20 37.74
CA HIS B 119 11.81 -54.27 39.11
C HIS B 119 11.89 -55.66 39.74
N VAL B 120 12.62 -55.75 40.83
CA VAL B 120 12.75 -57.00 41.58
C VAL B 120 12.00 -56.92 42.89
N GLU B 121 11.29 -57.98 43.23
CA GLU B 121 10.70 -58.11 44.55
C GLU B 121 11.30 -59.34 45.25
N THR B 122 10.66 -59.81 46.31
CA THR B 122 11.18 -60.99 46.98
C THR B 122 10.64 -62.27 46.34
N HIS B 123 9.44 -62.19 45.77
CA HIS B 123 8.83 -63.33 45.10
C HIS B 123 8.53 -63.04 43.63
N ARG B 124 9.07 -61.95 43.10
CA ARG B 124 8.77 -61.50 41.74
C ARG B 124 9.94 -60.77 41.05
N CYS B 125 9.89 -60.68 39.72
CA CYS B 125 10.88 -59.92 38.96
C CYS B 125 10.40 -59.52 37.56
N ASN B 126 10.77 -58.31 37.17
CA ASN B 126 10.33 -57.71 35.92
C ASN B 126 11.55 -57.27 35.09
N ILE B 127 11.73 -57.89 33.92
CA ILE B 127 12.94 -57.71 33.13
C ILE B 127 12.70 -57.21 31.72
N SER B 128 13.45 -56.20 31.29
CA SER B 128 13.27 -55.68 29.95
C SER B 128 14.50 -55.90 29.07
N TRP B 129 14.31 -55.77 27.77
CA TRP B 129 15.40 -55.94 26.81
C TRP B 129 15.11 -55.05 25.59
N GLU B 130 16.08 -54.92 24.70
CA GLU B 130 15.86 -54.21 23.44
C GLU B 130 16.09 -55.18 22.29
N ILE B 131 15.31 -55.06 21.22
CA ILE B 131 15.69 -55.75 19.98
C ILE B 131 16.70 -54.87 19.26
N SER B 132 17.70 -55.51 18.65
CA SER B 132 18.80 -54.78 18.04
C SER B 132 18.68 -54.88 16.53
N GLN B 133 18.63 -53.73 15.86
CA GLN B 133 18.63 -53.74 14.40
C GLN B 133 17.52 -54.64 13.89
N ALA B 134 16.27 -54.29 14.17
CA ALA B 134 15.14 -55.01 13.61
C ALA B 134 14.49 -54.11 12.59
N SER B 135 14.16 -54.67 11.45
CA SER B 135 13.58 -53.92 10.35
C SER B 135 12.16 -53.52 10.70
N HIS B 136 11.80 -52.28 10.39
CA HIS B 136 10.48 -51.78 10.69
C HIS B 136 9.44 -52.43 9.78
N TYR B 137 9.91 -53.16 8.79
CA TYR B 137 9.01 -53.86 7.90
C TYR B 137 8.26 -54.94 8.68
N PHE B 138 8.85 -55.38 9.78
CA PHE B 138 8.26 -56.41 10.64
C PHE B 138 7.09 -55.86 11.45
N GLU B 139 7.03 -54.53 11.55
CA GLU B 139 6.21 -53.88 12.57
C GLU B 139 6.24 -54.73 13.83
N ARG B 140 5.08 -55.28 14.24
CA ARG B 140 4.97 -56.05 15.49
C ARG B 140 4.90 -57.56 15.28
N HIS B 141 5.08 -58.00 14.05
CA HIS B 141 4.98 -59.43 13.79
C HIS B 141 6.28 -60.08 14.20
N LEU B 142 6.51 -60.06 15.51
CA LEU B 142 7.68 -60.73 16.08
C LEU B 142 7.31 -61.83 17.09
N GLU B 143 8.30 -62.63 17.47
CA GLU B 143 8.13 -63.63 18.52
C GLU B 143 9.33 -63.58 19.47
N PHE B 144 9.11 -63.90 20.74
CA PHE B 144 10.22 -64.00 21.68
C PHE B 144 10.16 -65.28 22.46
N GLU B 145 11.34 -65.81 22.79
CA GLU B 145 11.46 -66.91 23.73
C GLU B 145 12.39 -66.49 24.85
N ALA B 146 12.01 -66.80 26.08
CA ALA B 146 12.85 -66.51 27.22
C ALA B 146 12.97 -67.73 28.14
N ARG B 147 14.01 -67.75 28.97
CA ARG B 147 14.19 -68.85 29.91
C ARG B 147 15.00 -68.41 31.13
N THR B 148 14.78 -69.10 32.26
CA THR B 148 15.42 -68.73 33.53
C THR B 148 16.30 -69.81 34.14
N LEU B 149 17.53 -69.44 34.45
CA LEU B 149 18.45 -70.31 35.14
C LEU B 149 18.23 -70.19 36.64
N SER B 150 17.60 -71.17 37.24
CA SER B 150 17.45 -71.17 38.68
C SER B 150 18.53 -72.07 39.27
N PRO B 151 18.86 -71.88 40.56
CA PRO B 151 19.98 -72.58 41.23
C PRO B 151 20.00 -74.09 41.06
N GLY B 152 18.85 -74.73 40.92
CA GLY B 152 18.79 -76.17 40.86
C GLY B 152 19.06 -76.80 39.51
N HIS B 153 18.95 -76.03 38.44
CA HIS B 153 19.01 -76.58 37.09
C HIS B 153 20.12 -75.97 36.21
N THR B 154 20.28 -76.56 35.03
CA THR B 154 21.17 -76.03 33.99
C THR B 154 20.31 -75.37 32.93
N TRP B 155 20.95 -74.72 31.97
CA TRP B 155 20.21 -73.96 30.97
C TRP B 155 19.34 -74.83 30.09
N GLU B 156 19.87 -75.98 29.70
CA GLU B 156 19.16 -76.89 28.82
C GLU B 156 17.83 -77.34 29.43
N GLU B 157 17.84 -77.62 30.72
CA GLU B 157 16.65 -78.13 31.41
C GLU B 157 15.63 -77.03 31.71
N ALA B 158 16.01 -75.78 31.42
CA ALA B 158 15.16 -74.63 31.73
C ALA B 158 14.04 -74.48 30.70
N PRO B 159 12.80 -74.33 31.18
CA PRO B 159 11.60 -74.24 30.34
C PRO B 159 11.61 -73.04 29.43
N LEU B 160 11.04 -73.21 28.24
CA LEU B 160 10.94 -72.12 27.29
C LEU B 160 9.68 -71.32 27.60
N LEU B 161 9.86 -70.02 27.75
CA LEU B 161 8.77 -69.11 28.03
C LEU B 161 8.30 -68.45 26.74
N THR B 162 7.05 -68.70 26.37
CA THR B 162 6.51 -68.28 25.09
C THR B 162 5.81 -66.93 25.10
N LEU B 163 6.30 -66.01 24.28
CA LEU B 163 5.66 -64.73 24.08
C LEU B 163 5.29 -64.63 22.62
N LYS B 164 4.03 -64.94 22.30
CA LYS B 164 3.56 -64.88 20.93
C LYS B 164 3.12 -63.47 20.57
N GLN B 165 3.97 -62.49 20.86
CA GLN B 165 3.64 -61.11 20.57
C GLN B 165 4.93 -60.31 20.73
N LYS B 166 4.97 -59.09 20.20
CA LYS B 166 6.14 -58.27 20.44
C LYS B 166 6.03 -57.67 21.82
N GLN B 167 6.83 -58.14 22.76
CA GLN B 167 6.78 -57.66 24.12
C GLN B 167 8.19 -57.61 24.64
N GLU B 168 8.68 -56.43 24.96
CA GLU B 168 10.09 -56.31 25.30
C GLU B 168 10.36 -56.37 26.80
N TRP B 169 9.53 -57.12 27.51
CA TRP B 169 9.71 -57.35 28.94
C TRP B 169 8.97 -58.60 29.39
N ILE B 170 9.37 -59.14 30.55
CA ILE B 170 8.68 -60.28 31.12
C ILE B 170 8.60 -60.18 32.64
N CYS B 171 7.44 -60.50 33.18
CA CYS B 171 7.28 -60.52 34.62
C CYS B 171 7.28 -61.94 35.11
N LEU B 172 8.37 -62.32 35.79
CA LEU B 172 8.52 -63.67 36.31
C LEU B 172 7.88 -63.79 37.70
N GLU B 173 6.99 -64.76 37.86
CA GLU B 173 6.34 -64.97 39.14
C GLU B 173 6.89 -66.26 39.73
N THR B 174 6.50 -66.52 40.98
CA THR B 174 6.89 -67.75 41.65
C THR B 174 8.40 -67.82 41.81
N LEU B 175 9.00 -66.76 42.33
CA LEU B 175 10.42 -66.77 42.66
C LEU B 175 10.64 -66.98 44.16
N THR B 176 11.86 -67.34 44.53
CA THR B 176 12.25 -67.52 45.92
C THR B 176 13.13 -66.38 46.38
N PRO B 177 12.83 -65.80 47.54
CA PRO B 177 13.67 -64.72 48.06
C PRO B 177 15.14 -65.15 48.20
N ASP B 178 16.03 -64.16 48.21
CA ASP B 178 17.47 -64.39 48.31
C ASP B 178 17.91 -65.58 47.46
N THR B 179 17.52 -65.56 46.19
CA THR B 179 17.87 -66.63 45.25
C THR B 179 18.55 -66.07 43.99
N GLN B 180 19.67 -66.70 43.59
CA GLN B 180 20.43 -66.26 42.43
C GLN B 180 19.83 -66.72 41.11
N TYR B 181 19.46 -65.79 40.25
CA TYR B 181 18.88 -66.17 38.97
C TYR B 181 19.64 -65.57 37.80
N GLU B 182 19.58 -66.24 36.66
CA GLU B 182 20.07 -65.70 35.39
C GLU B 182 18.95 -65.84 34.37
N PHE B 183 18.89 -64.90 33.42
CA PHE B 183 17.80 -64.83 32.45
C PHE B 183 18.32 -64.57 31.05
N GLN B 184 17.63 -65.10 30.05
CA GLN B 184 18.04 -65.02 28.64
C GLN B 184 16.82 -64.95 27.75
N VAL B 185 16.94 -64.25 26.62
CA VAL B 185 15.80 -64.11 25.70
C VAL B 185 16.30 -64.00 24.25
N ARG B 186 15.51 -64.56 23.32
CA ARG B 186 15.84 -64.54 21.90
C ARG B 186 14.62 -64.20 21.02
N VAL B 187 14.88 -63.87 19.75
CA VAL B 187 13.87 -63.24 18.90
C VAL B 187 13.84 -63.81 17.49
N LYS B 188 12.66 -63.85 16.88
CA LYS B 188 12.49 -64.40 15.55
C LYS B 188 11.36 -63.66 14.87
N PRO B 189 11.58 -63.23 13.62
CA PRO B 189 10.48 -62.65 12.84
C PRO B 189 9.47 -63.73 12.45
N LEU B 190 8.24 -63.33 12.15
CA LEU B 190 7.27 -64.30 11.68
C LEU B 190 7.56 -64.70 10.24
N GLN B 191 8.10 -63.76 9.49
CA GLN B 191 8.29 -63.90 8.05
C GLN B 191 9.50 -64.79 7.72
N GLY B 192 9.39 -65.55 6.64
CA GLY B 192 10.51 -66.33 6.14
C GLY B 192 10.38 -67.84 6.25
N GLU B 193 10.76 -68.54 5.18
CA GLU B 193 10.72 -70.00 5.14
C GLU B 193 11.89 -70.64 5.87
N PHE B 194 13.04 -69.97 5.91
CA PHE B 194 14.23 -70.54 6.53
C PHE B 194 14.72 -69.70 7.71
N THR B 195 13.89 -68.75 8.13
CA THR B 195 14.20 -67.93 9.29
C THR B 195 14.33 -68.79 10.54
N THR B 196 15.35 -68.51 11.34
CA THR B 196 15.59 -69.24 12.58
C THR B 196 15.72 -68.28 13.74
N TRP B 197 15.55 -68.78 14.96
CA TRP B 197 15.70 -67.97 16.17
C TRP B 197 17.02 -67.22 16.18
N SER B 198 17.03 -66.07 16.83
CA SER B 198 18.27 -65.35 17.04
C SER B 198 19.10 -66.14 18.04
N PRO B 199 20.39 -65.80 18.16
CA PRO B 199 21.15 -66.41 19.26
C PRO B 199 20.58 -65.91 20.56
N TRP B 200 20.76 -66.67 21.65
CA TRP B 200 20.33 -66.21 22.95
C TRP B 200 21.05 -64.90 23.28
N SER B 201 20.38 -64.03 24.03
CA SER B 201 20.97 -62.79 24.47
C SER B 201 22.03 -63.03 25.54
N GLN B 202 22.91 -62.05 25.75
CA GLN B 202 23.83 -62.13 26.87
C GLN B 202 23.00 -62.39 28.13
N PRO B 203 23.34 -63.44 28.88
CA PRO B 203 22.56 -63.75 30.08
C PRO B 203 22.57 -62.58 31.06
N LEU B 204 21.41 -62.14 31.52
CA LEU B 204 21.35 -61.10 32.54
C LEU B 204 21.25 -61.74 33.90
N ALA B 205 22.17 -61.37 34.80
CA ALA B 205 22.19 -61.92 36.15
C ALA B 205 21.46 -61.00 37.14
N PHE B 206 20.69 -61.61 38.04
CA PHE B 206 19.92 -60.84 39.02
C PHE B 206 19.59 -61.68 40.25
N ARG B 207 19.31 -61.01 41.37
CA ARG B 207 19.01 -61.73 42.61
C ARG B 207 17.88 -61.07 43.38
N THR B 208 17.03 -61.89 43.96
CA THR B 208 15.83 -61.43 44.63
C THR B 208 16.06 -60.78 45.99
N LYS B 209 15.13 -59.93 46.42
CA LYS B 209 15.20 -59.36 47.74
C LYS B 209 14.88 -60.47 48.74
N PRO B 210 15.36 -60.33 49.98
CA PRO B 210 15.11 -61.28 51.07
C PRO B 210 13.63 -61.33 51.50
N PRO C 4 -22.97 -20.01 12.83
CA PRO C 4 -21.84 -20.86 13.26
C PRO C 4 -22.30 -22.28 13.57
N LEU C 5 -22.35 -23.13 12.54
CA LEU C 5 -22.92 -24.48 12.65
C LEU C 5 -22.09 -25.49 13.44
N PRO C 6 -22.78 -26.42 14.11
CA PRO C 6 -22.15 -27.50 14.88
C PRO C 6 -21.24 -28.37 14.03
N GLU C 7 -20.12 -28.78 14.61
CA GLU C 7 -19.20 -29.70 13.99
C GLU C 7 -19.86 -31.07 13.84
N VAL C 8 -19.76 -31.65 12.65
CA VAL C 8 -20.26 -33.00 12.40
C VAL C 8 -19.19 -34.02 12.69
N GLN C 9 -19.55 -35.05 13.44
CA GLN C 9 -18.64 -36.14 13.70
C GLN C 9 -19.21 -37.41 13.10
N CYS C 10 -18.54 -37.98 12.10
CA CYS C 10 -19.04 -39.18 11.47
C CYS C 10 -18.17 -40.36 11.86
N PHE C 11 -18.81 -41.50 12.09
CA PHE C 11 -18.06 -42.68 12.44
C PHE C 11 -18.65 -43.87 11.72
N VAL C 12 -17.77 -44.73 11.20
CA VAL C 12 -18.18 -45.93 10.46
C VAL C 12 -18.05 -47.13 11.37
N PHE C 13 -19.14 -47.82 11.63
CA PHE C 13 -19.14 -48.89 12.63
C PHE C 13 -18.90 -50.28 12.03
N ASN C 14 -17.70 -50.81 12.24
CA ASN C 14 -17.35 -52.14 11.76
C ASN C 14 -17.67 -52.22 10.27
N VAL C 15 -17.56 -51.08 9.61
CA VAL C 15 -17.97 -50.92 8.21
C VAL C 15 -19.31 -51.57 7.90
N GLU C 16 -20.25 -51.45 8.83
CA GLU C 16 -21.61 -51.97 8.64
C GLU C 16 -22.60 -50.85 8.33
N TYR C 17 -22.26 -49.65 8.80
CA TYR C 17 -23.07 -48.46 8.61
C TYR C 17 -22.38 -47.28 9.28
N MET C 18 -22.83 -46.06 8.97
CA MET C 18 -22.19 -44.86 9.49
C MET C 18 -23.20 -43.97 10.20
N ASN C 19 -22.85 -43.49 11.41
CA ASN C 19 -23.67 -42.53 12.13
C ASN C 19 -22.95 -41.18 12.22
N CYS C 20 -23.58 -40.12 11.72
CA CYS C 20 -22.99 -38.79 11.73
C CYS C 20 -23.87 -37.86 12.57
N THR C 21 -23.34 -37.37 13.70
CA THR C 21 -24.17 -36.65 14.66
C THR C 21 -23.65 -35.26 14.97
N TRP C 22 -24.51 -34.44 15.57
CA TRP C 22 -24.17 -33.08 15.99
C TRP C 22 -25.16 -32.58 17.04
N GLN C 23 -24.68 -31.78 17.98
CA GLN C 23 -25.57 -31.17 18.96
C GLN C 23 -26.02 -29.81 18.43
N SER C 24 -27.32 -29.66 18.24
CA SER C 24 -27.86 -28.46 17.58
C SER C 24 -28.44 -27.46 18.57
N SER C 25 -28.58 -27.87 19.83
CA SER C 25 -29.27 -27.08 20.84
C SER C 25 -28.62 -25.72 21.18
N SER C 26 -27.38 -25.54 20.75
CA SER C 26 -26.67 -24.29 21.03
C SER C 26 -27.02 -23.20 20.01
N PRO C 30 -35.26 -23.24 17.94
CA PRO C 30 -35.15 -24.64 17.54
C PRO C 30 -35.16 -24.78 16.02
N THR C 31 -34.11 -25.40 15.49
CA THR C 31 -33.92 -25.44 14.04
C THR C 31 -33.58 -26.82 13.48
N ASN C 32 -34.19 -27.13 12.34
CA ASN C 32 -33.92 -28.38 11.64
C ASN C 32 -32.79 -28.23 10.64
N LEU C 33 -31.55 -28.38 11.08
CA LEU C 33 -30.44 -28.30 10.15
C LEU C 33 -30.48 -29.53 9.25
N THR C 34 -29.94 -29.42 8.05
CA THR C 34 -29.95 -30.53 7.09
C THR C 34 -28.55 -31.02 6.83
N LEU C 35 -28.44 -32.28 6.39
CA LEU C 35 -27.15 -32.85 6.06
C LEU C 35 -27.16 -33.32 4.62
N HIS C 36 -26.09 -32.99 3.91
CA HIS C 36 -25.91 -33.39 2.52
C HIS C 36 -24.49 -33.90 2.38
N TYR C 37 -24.27 -34.87 1.49
CA TYR C 37 -22.93 -35.43 1.35
C TYR C 37 -22.62 -35.90 -0.07
N TRP C 38 -21.34 -35.89 -0.41
CA TRP C 38 -20.88 -36.33 -1.73
C TRP C 38 -19.42 -36.78 -1.69
N TYR C 39 -19.03 -37.61 -2.66
CA TYR C 39 -17.68 -38.13 -2.73
C TYR C 39 -16.79 -37.38 -3.74
N LYS C 40 -15.93 -36.50 -3.24
CA LYS C 40 -15.16 -35.64 -4.12
C LYS C 40 -14.21 -36.42 -5.03
N ASN C 41 -14.04 -35.94 -6.26
CA ASN C 41 -13.04 -36.48 -7.18
C ASN C 41 -13.22 -37.97 -7.45
N SER C 42 -14.45 -38.39 -7.75
CA SER C 42 -14.68 -39.81 -8.00
C SER C 42 -15.97 -40.08 -8.79
N ASP C 43 -16.36 -41.35 -8.89
CA ASP C 43 -17.62 -41.70 -9.55
C ASP C 43 -18.79 -41.34 -8.63
N ASN C 44 -19.94 -41.06 -9.23
CA ASN C 44 -21.10 -40.57 -8.50
C ASN C 44 -20.74 -39.38 -7.65
N ASP C 45 -20.32 -38.30 -8.32
CA ASP C 45 -20.00 -37.03 -7.68
C ASP C 45 -21.28 -36.24 -7.47
N LYS C 46 -22.42 -36.85 -7.80
CA LYS C 46 -23.71 -36.23 -7.56
C LYS C 46 -23.88 -35.92 -6.07
N VAL C 47 -24.66 -34.90 -5.75
CA VAL C 47 -24.99 -34.58 -4.36
C VAL C 47 -26.21 -35.34 -3.84
N GLN C 48 -26.00 -36.15 -2.80
CA GLN C 48 -27.05 -37.01 -2.28
C GLN C 48 -27.70 -36.39 -1.06
N LYS C 49 -29.03 -36.44 -1.00
CA LYS C 49 -29.78 -35.97 0.15
C LYS C 49 -29.90 -37.09 1.18
N CYS C 50 -29.96 -36.71 2.45
CA CYS C 50 -30.06 -37.69 3.53
C CYS C 50 -31.34 -38.51 3.46
N SER C 51 -31.23 -39.82 3.31
CA SER C 51 -32.41 -40.69 3.23
C SER C 51 -32.81 -41.27 4.58
N HIS C 52 -31.99 -41.01 5.60
CA HIS C 52 -32.29 -41.49 6.94
C HIS C 52 -31.76 -40.54 8.01
N TYR C 53 -32.68 -39.84 8.67
CA TYR C 53 -32.33 -38.90 9.71
C TYR C 53 -32.31 -39.54 11.09
N LEU C 54 -31.44 -39.06 11.96
CA LEU C 54 -31.48 -39.46 13.36
C LEU C 54 -31.87 -38.22 14.16
N PHE C 55 -32.73 -38.39 15.16
CA PHE C 55 -33.32 -37.25 15.86
C PHE C 55 -32.96 -37.13 17.33
N SER C 56 -32.91 -35.90 17.83
CA SER C 56 -32.87 -35.65 19.28
C SER C 56 -33.90 -34.58 19.66
N GLU C 57 -34.90 -35.00 20.42
CA GLU C 57 -36.01 -34.12 20.79
C GLU C 57 -36.70 -33.56 19.54
N GLU C 58 -37.23 -34.44 18.70
CA GLU C 58 -37.94 -34.06 17.47
C GLU C 58 -37.16 -33.06 16.63
N ILE C 59 -35.84 -33.11 16.75
CA ILE C 59 -34.95 -32.24 15.98
C ILE C 59 -33.81 -33.05 15.35
N THR C 60 -33.47 -32.72 14.11
CA THR C 60 -32.41 -33.43 13.41
C THR C 60 -31.14 -33.39 14.24
N SER C 61 -30.57 -34.56 14.51
CA SER C 61 -29.39 -34.68 15.36
C SER C 61 -28.28 -35.46 14.67
N GLY C 62 -28.60 -36.04 13.52
CA GLY C 62 -27.61 -36.72 12.71
C GLY C 62 -28.18 -37.38 11.45
N CYS C 63 -27.33 -38.13 10.75
CA CYS C 63 -27.77 -38.85 9.58
C CYS C 63 -27.12 -40.22 9.66
N GLN C 64 -27.77 -41.25 9.13
CA GLN C 64 -27.19 -42.59 9.12
C GLN C 64 -27.06 -43.18 7.71
N LEU C 65 -25.83 -43.47 7.30
CA LEU C 65 -25.57 -43.97 5.96
C LEU C 65 -25.42 -45.48 6.06
N GLN C 66 -26.12 -46.22 5.20
CA GLN C 66 -26.08 -47.67 5.26
C GLN C 66 -24.91 -48.23 4.45
N LYS C 67 -24.68 -49.54 4.54
CA LYS C 67 -23.50 -50.17 3.96
C LYS C 67 -23.19 -49.68 2.56
N LYS C 68 -24.21 -49.72 1.70
CA LYS C 68 -24.02 -49.43 0.28
C LYS C 68 -23.68 -47.97 -0.02
N GLU C 69 -23.91 -47.09 0.95
CA GLU C 69 -23.60 -45.68 0.78
C GLU C 69 -22.18 -45.36 1.25
N ILE C 70 -21.52 -46.35 1.82
CA ILE C 70 -20.23 -46.13 2.46
C ILE C 70 -19.06 -46.54 1.60
N HIS C 71 -18.19 -45.59 1.29
CA HIS C 71 -17.01 -45.87 0.51
C HIS C 71 -15.76 -45.35 1.22
N LEU C 72 -15.22 -46.13 2.15
CA LEU C 72 -13.92 -45.81 2.69
C LEU C 72 -12.98 -45.55 1.53
N TYR C 73 -11.86 -44.90 1.73
CA TYR C 73 -10.84 -44.87 0.70
C TYR C 73 -11.23 -43.93 -0.43
N GLN C 74 -12.49 -43.51 -0.40
CA GLN C 74 -12.98 -42.45 -1.25
C GLN C 74 -13.24 -41.29 -0.33
N THR C 75 -12.68 -40.13 -0.65
CA THR C 75 -12.83 -38.95 0.18
C THR C 75 -14.29 -38.51 0.36
N PHE C 76 -14.76 -38.55 1.61
CA PHE C 76 -16.16 -38.28 1.95
C PHE C 76 -16.38 -36.82 2.36
N VAL C 77 -17.26 -36.13 1.65
CA VAL C 77 -17.59 -34.74 1.98
C VAL C 77 -19.00 -34.63 2.54
N VAL C 78 -19.11 -34.15 3.77
CA VAL C 78 -20.41 -33.97 4.40
C VAL C 78 -20.64 -32.48 4.67
N GLN C 79 -21.91 -32.07 4.62
CA GLN C 79 -22.26 -30.65 4.60
C GLN C 79 -23.53 -30.40 5.40
N LEU C 80 -23.43 -29.61 6.47
CA LEU C 80 -24.60 -29.20 7.27
C LEU C 80 -25.22 -27.90 6.74
N GLN C 81 -26.53 -27.88 6.53
CA GLN C 81 -27.20 -26.68 6.00
C GLN C 81 -28.31 -26.14 6.88
N ASP C 82 -28.22 -24.86 7.24
CA ASP C 82 -29.37 -24.16 7.80
C ASP C 82 -30.28 -23.84 6.63
N PRO C 83 -31.50 -24.36 6.67
CA PRO C 83 -32.44 -24.27 5.55
C PRO C 83 -32.97 -22.85 5.36
N ARG C 84 -32.76 -21.99 6.34
CA ARG C 84 -33.23 -20.62 6.25
C ARG C 84 -32.30 -19.78 5.39
N GLU C 85 -30.99 -20.02 5.54
CA GLU C 85 -29.96 -19.25 4.83
C GLU C 85 -28.92 -20.11 4.12
N PRO C 86 -28.91 -20.05 2.78
CA PRO C 86 -27.98 -20.83 1.97
C PRO C 86 -26.56 -20.54 2.41
N ARG C 87 -26.34 -19.32 2.88
CA ARG C 87 -25.00 -18.86 3.22
C ARG C 87 -24.48 -19.50 4.50
N ARG C 88 -25.37 -20.04 5.32
CA ARG C 88 -24.91 -20.68 6.55
C ARG C 88 -24.72 -22.19 6.34
N GLN C 89 -23.59 -22.56 5.74
CA GLN C 89 -23.26 -23.97 5.53
C GLN C 89 -21.81 -24.20 5.94
N ALA C 90 -21.55 -25.41 6.43
CA ALA C 90 -20.21 -25.83 6.85
C ALA C 90 -19.96 -27.22 6.27
N THR C 91 -18.78 -27.40 5.67
CA THR C 91 -18.46 -28.66 5.02
C THR C 91 -17.16 -29.27 5.54
N GLN C 92 -17.07 -30.59 5.55
CA GLN C 92 -15.90 -31.31 6.03
C GLN C 92 -15.57 -32.42 5.06
N MET C 93 -14.30 -32.51 4.66
CA MET C 93 -13.83 -33.65 3.88
C MET C 93 -13.33 -34.71 4.85
N LEU C 94 -13.70 -35.95 4.62
CA LEU C 94 -13.41 -36.99 5.61
C LEU C 94 -12.70 -38.17 4.98
N LYS C 95 -11.71 -38.68 5.70
CA LYS C 95 -11.05 -39.91 5.33
C LYS C 95 -11.74 -41.01 6.14
N LEU C 96 -12.60 -41.79 5.49
CA LEU C 96 -13.47 -42.70 6.21
C LEU C 96 -12.75 -43.91 6.82
N GLN C 97 -11.64 -44.32 6.21
CA GLN C 97 -10.89 -45.48 6.70
C GLN C 97 -10.18 -45.19 8.02
N ASN C 98 -10.09 -43.91 8.37
CA ASN C 98 -9.52 -43.47 9.65
C ASN C 98 -10.61 -43.31 10.73
N LEU C 99 -11.85 -43.62 10.38
CA LEU C 99 -12.98 -43.45 11.30
C LEU C 99 -13.69 -44.75 11.63
N VAL C 100 -13.16 -45.86 11.16
CA VAL C 100 -13.82 -47.13 11.40
C VAL C 100 -13.64 -47.61 12.84
N ILE C 101 -14.76 -47.97 13.46
CA ILE C 101 -14.76 -48.56 14.79
C ILE C 101 -15.26 -49.97 14.65
N PRO C 102 -14.40 -50.93 14.99
CA PRO C 102 -14.77 -52.36 14.94
C PRO C 102 -15.71 -52.71 16.07
N TRP C 103 -16.55 -53.73 15.89
CA TRP C 103 -17.32 -54.22 17.02
C TRP C 103 -16.31 -54.90 17.97
N ALA C 104 -16.50 -54.74 19.27
CA ALA C 104 -15.52 -55.21 20.24
C ALA C 104 -15.32 -56.72 20.13
N PRO C 105 -14.12 -57.20 20.47
CA PRO C 105 -13.76 -58.63 20.52
C PRO C 105 -14.78 -59.49 21.27
N GLU C 106 -15.00 -60.72 20.79
CA GLU C 106 -15.93 -61.64 21.45
C GLU C 106 -15.34 -63.03 21.67
N ASN C 107 -16.09 -63.88 22.37
CA ASN C 107 -15.67 -65.25 22.69
C ASN C 107 -14.28 -65.35 23.29
N LEU C 108 -14.05 -64.65 24.40
CA LEU C 108 -12.74 -64.73 25.01
C LEU C 108 -12.55 -66.09 25.66
N THR C 109 -11.43 -66.74 25.37
CA THR C 109 -11.09 -68.02 25.99
C THR C 109 -9.64 -68.10 26.42
N LEU C 110 -9.41 -68.71 27.57
CA LEU C 110 -8.06 -68.96 28.08
C LEU C 110 -7.82 -70.46 28.02
N HIS C 111 -6.56 -70.86 27.93
CA HIS C 111 -6.20 -72.29 27.95
C HIS C 111 -4.70 -72.46 28.15
N LYS C 112 -4.31 -73.47 28.90
CA LYS C 112 -2.91 -73.64 29.33
C LYS C 112 -2.07 -74.41 28.31
N LEU C 113 -0.80 -74.01 28.17
CA LEU C 113 0.17 -74.74 27.35
C LEU C 113 1.32 -75.19 28.25
N SER C 114 1.13 -74.90 29.54
CA SER C 114 1.96 -75.44 30.60
C SER C 114 1.31 -75.11 31.94
N GLU C 115 1.89 -75.62 33.02
CA GLU C 115 1.29 -75.40 34.34
C GLU C 115 1.39 -73.92 34.70
N SER C 116 2.25 -73.18 34.01
CA SER C 116 2.50 -71.78 34.34
C SER C 116 2.50 -70.84 33.13
N GLN C 117 1.91 -71.27 32.02
CA GLN C 117 1.92 -70.45 30.83
C GLN C 117 0.55 -70.45 30.15
N LEU C 118 -0.02 -69.27 29.97
CA LEU C 118 -1.36 -69.10 29.42
C LEU C 118 -1.41 -68.46 28.03
N GLU C 119 -2.49 -68.71 27.29
CA GLU C 119 -2.68 -68.11 25.98
C GLU C 119 -4.10 -67.61 25.91
N LEU C 120 -4.26 -66.34 25.54
CA LEU C 120 -5.57 -65.72 25.45
C LEU C 120 -5.95 -65.60 23.99
N ASN C 121 -7.21 -65.88 23.66
CA ASN C 121 -7.67 -65.81 22.27
C ASN C 121 -8.99 -65.06 22.10
N TRP C 122 -9.28 -64.60 20.89
CA TRP C 122 -10.56 -63.93 20.63
C TRP C 122 -10.92 -63.90 19.14
N ASN C 123 -12.15 -63.48 18.84
CA ASN C 123 -12.58 -63.32 17.45
C ASN C 123 -12.98 -61.88 17.22
N ASN C 124 -13.13 -61.53 15.94
CA ASN C 124 -13.58 -60.23 15.48
C ASN C 124 -14.82 -60.42 14.60
N ARG C 125 -15.75 -59.46 14.65
CA ARG C 125 -17.03 -59.61 13.95
C ARG C 125 -16.99 -59.76 12.43
N PHE C 126 -16.16 -58.97 11.75
CA PHE C 126 -16.09 -59.06 10.28
C PHE C 126 -14.65 -59.01 9.77
N LEU C 127 -14.04 -57.84 9.87
CA LEU C 127 -12.65 -57.66 9.49
C LEU C 127 -11.79 -58.61 10.33
N ASN C 128 -10.60 -58.96 9.84
CA ASN C 128 -9.67 -59.81 10.61
C ASN C 128 -8.20 -59.37 10.58
N HIS C 129 -7.62 -59.25 9.40
CA HIS C 129 -6.22 -58.88 9.31
C HIS C 129 -6.10 -57.38 9.45
N CYS C 130 -7.25 -56.73 9.56
CA CYS C 130 -7.32 -55.28 9.58
C CYS C 130 -7.34 -54.68 10.99
N LEU C 131 -7.37 -55.54 12.00
CA LEU C 131 -7.52 -55.05 13.35
C LEU C 131 -6.29 -55.29 14.20
N GLU C 132 -5.91 -54.27 14.96
CA GLU C 132 -4.90 -54.41 15.98
C GLU C 132 -5.61 -54.47 17.31
N HIS C 133 -4.90 -54.87 18.36
CA HIS C 133 -5.57 -55.08 19.63
C HIS C 133 -4.82 -54.56 20.85
N LEU C 134 -5.57 -54.31 21.92
CA LEU C 134 -4.99 -53.97 23.22
C LEU C 134 -5.46 -54.96 24.28
N VAL C 135 -4.52 -55.71 24.84
CA VAL C 135 -4.84 -56.65 25.91
C VAL C 135 -4.59 -55.95 27.23
N GLN C 136 -5.62 -55.92 28.08
CA GLN C 136 -5.47 -55.44 29.45
C GLN C 136 -5.75 -56.57 30.43
N TYR C 137 -4.89 -56.68 31.43
CA TYR C 137 -5.04 -57.67 32.48
C TYR C 137 -4.61 -57.12 33.81
N ARG C 138 -5.12 -57.71 34.88
CA ARG C 138 -4.73 -57.35 36.22
C ARG C 138 -5.17 -58.49 37.11
N THR C 139 -4.48 -58.67 38.23
CA THR C 139 -4.81 -59.71 39.19
C THR C 139 -5.59 -59.08 40.33
N ASP C 140 -6.15 -59.90 41.20
CA ASP C 140 -6.82 -59.37 42.39
C ASP C 140 -5.82 -58.60 43.26
N TRP C 141 -4.59 -58.48 42.78
CA TRP C 141 -3.53 -57.85 43.56
C TRP C 141 -3.06 -56.53 42.98
N ASP C 142 -3.44 -56.24 41.74
CA ASP C 142 -2.94 -55.03 41.09
C ASP C 142 -3.80 -53.78 41.29
N HIS C 143 -3.11 -52.66 41.42
CA HIS C 143 -3.76 -51.36 41.54
C HIS C 143 -4.15 -50.85 40.16
N SER C 144 -3.69 -51.55 39.13
CA SER C 144 -3.79 -51.00 37.78
C SER C 144 -3.64 -52.08 36.71
N TRP C 145 -4.11 -51.76 35.51
CA TRP C 145 -4.01 -52.70 34.40
C TRP C 145 -2.61 -52.76 33.82
N THR C 146 -2.14 -53.98 33.56
CA THR C 146 -1.01 -54.18 32.66
C THR C 146 -1.62 -54.21 31.27
N GLU C 147 -1.20 -53.32 30.39
CA GLU C 147 -1.71 -53.36 29.01
C GLU C 147 -0.59 -53.69 28.04
N GLN C 148 -0.96 -54.26 26.89
CA GLN C 148 0.01 -54.76 25.90
C GLN C 148 -0.60 -54.78 24.51
N SER C 149 0.04 -54.11 23.56
CA SER C 149 -0.45 -54.07 22.19
C SER C 149 -0.09 -55.36 21.46
N VAL C 150 -1.02 -55.87 20.65
CA VAL C 150 -0.82 -57.12 19.93
C VAL C 150 -1.35 -56.99 18.51
N ASP C 151 -0.63 -57.57 17.55
CA ASP C 151 -0.97 -57.43 16.14
C ASP C 151 -2.07 -58.38 15.68
N TYR C 152 -2.05 -58.72 14.39
CA TYR C 152 -3.21 -59.39 13.82
C TYR C 152 -3.34 -60.90 14.12
N ARG C 153 -2.29 -61.50 14.66
CA ARG C 153 -2.42 -62.78 15.34
C ARG C 153 -3.22 -62.42 16.58
N HIS C 154 -4.49 -62.77 16.57
CA HIS C 154 -5.35 -62.41 17.68
C HIS C 154 -5.12 -63.38 18.81
N LYS C 155 -3.89 -63.40 19.29
CA LYS C 155 -3.55 -64.14 20.50
C LYS C 155 -2.82 -63.24 21.47
N PHE C 156 -2.68 -63.71 22.70
CA PHE C 156 -1.79 -63.08 23.66
C PHE C 156 -1.27 -64.11 24.64
N SER C 157 0.05 -64.16 24.80
CA SER C 157 0.63 -65.14 25.68
C SER C 157 0.99 -64.52 27.02
N LEU C 158 0.76 -65.29 28.08
CA LEU C 158 1.11 -64.87 29.44
C LEU C 158 2.08 -65.87 30.03
N PRO C 159 3.38 -65.62 29.86
CA PRO C 159 4.46 -66.58 30.06
C PRO C 159 4.74 -66.96 31.52
N SER C 160 4.16 -66.22 32.45
CA SER C 160 4.40 -66.50 33.87
C SER C 160 3.24 -66.04 34.73
N VAL C 161 2.48 -66.99 35.25
CA VAL C 161 1.28 -66.69 36.02
C VAL C 161 1.29 -67.30 37.42
N ASP C 162 0.56 -66.68 38.33
CA ASP C 162 0.56 -67.09 39.73
C ASP C 162 -0.76 -67.76 40.05
N GLY C 163 -0.71 -69.05 40.39
CA GLY C 163 -1.91 -69.85 40.62
C GLY C 163 -2.73 -69.42 41.83
N GLN C 164 -2.07 -68.86 42.82
CA GLN C 164 -2.71 -68.42 44.05
C GLN C 164 -3.56 -67.18 43.79
N LYS C 165 -3.21 -66.46 42.74
CA LYS C 165 -3.92 -65.22 42.38
C LYS C 165 -5.02 -65.49 41.35
N ARG C 166 -5.94 -64.54 41.22
CA ARG C 166 -7.04 -64.64 40.27
C ARG C 166 -6.94 -63.51 39.24
N TYR C 167 -6.97 -63.88 37.96
CA TYR C 167 -6.66 -62.96 36.86
C TYR C 167 -7.92 -62.43 36.16
N THR C 168 -7.84 -61.23 35.61
CA THR C 168 -8.90 -60.71 34.76
C THR C 168 -8.30 -60.23 33.44
N PHE C 169 -8.91 -60.64 32.32
CA PHE C 169 -8.48 -60.20 30.99
C PHE C 169 -9.58 -59.46 30.22
N ARG C 170 -9.18 -58.47 29.43
CA ARG C 170 -10.11 -57.81 28.50
C ARG C 170 -9.39 -57.21 27.29
N VAL C 171 -10.10 -57.09 26.18
CA VAL C 171 -9.48 -56.69 24.92
C VAL C 171 -10.36 -55.70 24.16
N ARG C 172 -9.74 -54.72 23.53
CA ARG C 172 -10.44 -53.85 22.60
C ARG C 172 -9.64 -53.76 21.32
N SER C 173 -10.30 -53.38 20.22
CA SER C 173 -9.67 -53.43 18.91
C SER C 173 -9.67 -52.09 18.19
N ARG C 174 -8.88 -51.97 17.14
CA ARG C 174 -8.71 -50.69 16.45
C ARG C 174 -8.44 -50.91 14.98
N PHE C 175 -9.10 -50.14 14.12
CA PHE C 175 -8.95 -50.26 12.67
C PHE C 175 -7.69 -49.54 12.22
N ASN C 176 -6.55 -50.20 12.33
CA ASN C 176 -5.25 -49.58 12.09
C ASN C 176 -4.16 -50.65 12.14
N PRO C 177 -3.07 -50.49 11.35
CA PRO C 177 -2.75 -49.41 10.41
C PRO C 177 -2.77 -49.85 8.96
N LEU C 178 -3.27 -51.05 8.68
CA LEU C 178 -3.18 -51.63 7.34
C LEU C 178 -4.32 -51.25 6.40
N CYS C 179 -5.52 -51.11 6.92
CA CYS C 179 -6.65 -50.73 6.08
C CYS C 179 -7.19 -49.33 6.41
N GLY C 180 -6.50 -48.63 7.31
CA GLY C 180 -6.90 -47.30 7.73
C GLY C 180 -6.01 -46.81 8.85
N SER C 181 -6.24 -45.59 9.30
CA SER C 181 -5.42 -45.01 10.35
C SER C 181 -6.28 -44.41 11.44
N ALA C 182 -7.15 -45.24 12.02
CA ALA C 182 -8.09 -44.77 13.01
C ALA C 182 -7.46 -44.69 14.38
N GLN C 183 -7.81 -43.65 15.12
CA GLN C 183 -7.27 -43.44 16.45
C GLN C 183 -8.16 -44.07 17.49
N HIS C 184 -9.45 -44.17 17.20
CA HIS C 184 -10.41 -44.61 18.22
C HIS C 184 -10.51 -46.13 18.35
N TRP C 185 -10.68 -46.60 19.59
CA TRP C 185 -10.78 -48.03 19.85
C TRP C 185 -12.24 -48.45 19.99
N SER C 186 -12.50 -49.74 19.78
CA SER C 186 -13.83 -50.27 20.04
C SER C 186 -14.06 -50.21 21.54
N GLU C 187 -15.25 -50.59 21.98
CA GLU C 187 -15.46 -50.75 23.41
C GLU C 187 -14.79 -52.05 23.84
N TRP C 188 -14.62 -52.23 25.15
CA TRP C 188 -13.95 -53.42 25.66
C TRP C 188 -14.80 -54.65 25.50
N SER C 189 -14.14 -55.78 25.30
CA SER C 189 -14.85 -57.05 25.24
C SER C 189 -15.34 -57.36 26.62
N HIS C 190 -16.22 -58.36 26.74
CA HIS C 190 -16.60 -58.85 28.06
C HIS C 190 -15.37 -59.49 28.68
N PRO C 191 -14.99 -59.01 29.89
CA PRO C 191 -13.81 -59.61 30.54
C PRO C 191 -14.04 -61.08 30.84
N ILE C 192 -12.97 -61.86 30.93
CA ILE C 192 -13.09 -63.23 31.41
C ILE C 192 -12.01 -63.51 32.46
N HIS C 193 -12.28 -64.49 33.33
CA HIS C 193 -11.47 -64.66 34.52
C HIS C 193 -10.70 -65.98 34.55
N TRP C 194 -9.60 -66.02 35.31
CA TRP C 194 -8.81 -67.24 35.48
C TRP C 194 -8.54 -67.55 36.97
N SER D 9 20.87 -44.41 79.85
CA SER D 9 20.25 -45.69 79.52
C SER D 9 20.41 -45.97 78.02
N THR D 10 20.36 -44.91 77.22
CA THR D 10 20.72 -44.99 75.82
C THR D 10 22.22 -44.75 75.75
N LYS D 11 22.79 -44.49 76.92
CA LYS D 11 24.24 -44.36 77.07
C LYS D 11 24.84 -45.74 76.85
N LYS D 12 23.98 -46.75 76.93
CA LYS D 12 24.34 -48.12 76.59
C LYS D 12 24.08 -48.37 75.11
N THR D 13 23.21 -47.56 74.52
CA THR D 13 22.73 -47.75 73.15
C THR D 13 23.65 -47.19 72.05
N GLN D 14 24.21 -46.01 72.29
CA GLN D 14 25.28 -45.53 71.44
C GLN D 14 26.49 -46.39 71.70
N LEU D 15 26.49 -47.13 72.80
CA LEU D 15 27.61 -48.01 73.11
C LEU D 15 27.49 -49.35 72.38
N GLN D 16 26.27 -49.88 72.31
CA GLN D 16 26.04 -51.09 71.53
C GLN D 16 26.32 -50.75 70.06
N LEU D 17 25.77 -49.62 69.62
CA LEU D 17 26.05 -49.05 68.30
C LEU D 17 27.56 -48.91 68.06
N GLU D 18 28.19 -48.16 68.96
CA GLU D 18 29.63 -47.93 68.96
C GLU D 18 30.33 -49.18 68.45
N HIS D 19 30.06 -50.29 69.12
CA HIS D 19 30.69 -51.56 68.78
C HIS D 19 30.24 -52.02 67.40
N LEU D 20 28.92 -51.92 67.15
CA LEU D 20 28.36 -52.30 65.87
C LEU D 20 29.18 -51.71 64.73
N LEU D 21 29.23 -50.38 64.68
CA LEU D 21 30.04 -49.68 63.71
C LEU D 21 31.42 -50.32 63.63
N LEU D 22 32.07 -50.42 64.78
CA LEU D 22 33.44 -50.90 64.87
C LEU D 22 33.65 -52.27 64.20
N ASP D 23 32.70 -53.18 64.33
CA ASP D 23 32.88 -54.49 63.72
C ASP D 23 32.60 -54.41 62.23
N LEU D 24 31.50 -53.74 61.87
CA LEU D 24 31.20 -53.47 60.47
C LEU D 24 32.49 -53.06 59.78
N GLN D 25 33.28 -52.24 60.47
CA GLN D 25 34.53 -51.71 59.95
C GLN D 25 35.61 -52.77 59.81
N MET D 26 35.66 -53.69 60.76
CA MET D 26 36.66 -54.75 60.72
C MET D 26 36.57 -55.51 59.39
N ILE D 27 35.35 -55.65 58.87
CA ILE D 27 35.11 -56.37 57.62
C ILE D 27 35.43 -55.52 56.39
N LEU D 28 35.02 -54.27 56.45
CA LEU D 28 35.43 -53.26 55.48
C LEU D 28 36.95 -53.25 55.35
N ASN D 29 37.62 -52.98 56.48
CA ASN D 29 39.07 -52.86 56.49
C ASN D 29 39.85 -54.13 56.16
N GLY D 30 39.22 -55.28 56.33
CA GLY D 30 39.87 -56.53 56.01
C GLY D 30 39.71 -56.85 54.54
N ILE D 31 38.74 -56.20 53.92
CA ILE D 31 38.37 -56.51 52.54
C ILE D 31 39.23 -55.78 51.48
N ASN D 32 39.88 -54.69 51.90
CA ASN D 32 40.60 -53.84 50.95
C ASN D 32 42.11 -54.11 50.82
N ASN D 33 42.65 -55.00 51.65
CA ASN D 33 44.05 -55.44 51.51
C ASN D 33 44.14 -56.66 50.60
N TYR D 34 43.23 -57.60 50.85
CA TYR D 34 43.11 -58.84 50.10
C TYR D 34 43.54 -58.65 48.65
N LYS D 38 40.73 -62.54 44.07
CA LYS D 38 39.34 -63.01 44.03
C LYS D 38 38.34 -61.96 44.54
N LEU D 39 38.85 -60.87 45.11
CA LEU D 39 38.02 -59.73 45.51
C LEU D 39 37.05 -59.32 44.39
N THR D 40 37.41 -59.64 43.15
CA THR D 40 36.52 -59.37 42.02
C THR D 40 35.18 -60.08 42.22
N ARG D 41 35.22 -61.40 42.31
CA ARG D 41 34.00 -62.20 42.48
C ARG D 41 33.13 -61.66 43.61
N MET D 42 33.76 -61.15 44.66
CA MET D 42 33.02 -60.57 45.77
C MET D 42 32.26 -59.36 45.26
N LEU D 43 33.00 -58.48 44.60
CA LEU D 43 32.44 -57.25 44.08
C LEU D 43 31.36 -57.49 43.05
N THR D 44 31.11 -58.75 42.69
CA THR D 44 29.99 -59.02 41.80
C THR D 44 28.74 -59.27 42.63
N PHE D 45 28.91 -59.79 43.83
CA PHE D 45 27.78 -60.02 44.72
C PHE D 45 27.02 -58.73 44.95
N LYS D 46 25.73 -58.78 44.69
CA LYS D 46 24.89 -57.60 44.67
C LYS D 46 24.03 -57.56 45.91
N PHE D 47 24.39 -56.68 46.84
CA PHE D 47 23.58 -56.46 48.03
C PHE D 47 22.53 -55.40 47.74
N TYR D 48 21.47 -55.37 48.55
CA TYR D 48 20.51 -54.29 48.45
C TYR D 48 20.69 -53.37 49.65
N MET D 49 20.34 -52.10 49.49
CA MET D 49 20.47 -51.12 50.57
C MET D 49 19.11 -50.55 50.96
N PRO D 50 19.02 -50.04 52.19
CA PRO D 50 17.72 -49.55 52.67
C PRO D 50 17.29 -48.33 51.87
N LYS D 51 16.04 -48.30 51.44
CA LYS D 51 15.50 -47.11 50.79
C LYS D 51 15.82 -45.95 51.73
N LYS D 52 15.55 -46.18 53.01
CA LYS D 52 15.77 -45.20 54.05
C LYS D 52 16.29 -45.90 55.29
N ALA D 53 17.42 -45.43 55.80
CA ALA D 53 17.89 -45.78 57.13
C ALA D 53 18.16 -44.50 57.91
N THR D 54 17.28 -44.20 58.86
CA THR D 54 17.42 -42.99 59.64
C THR D 54 17.20 -43.30 61.11
N GLU D 55 16.15 -44.05 61.41
CA GLU D 55 15.84 -44.49 62.76
C GLU D 55 16.33 -45.92 62.99
N LEU D 56 16.64 -46.25 64.25
CA LEU D 56 17.25 -47.53 64.61
C LEU D 56 16.51 -48.76 64.11
N LYS D 57 15.20 -48.65 63.96
CA LYS D 57 14.38 -49.79 63.54
C LYS D 57 14.67 -50.19 62.10
N HIS D 58 15.07 -49.19 61.31
CA HIS D 58 15.55 -49.41 59.96
C HIS D 58 16.65 -50.43 59.94
N LEU D 59 17.41 -50.50 61.03
CA LEU D 59 18.54 -51.40 61.17
C LEU D 59 18.15 -52.82 60.79
N GLN D 60 16.85 -53.10 60.86
CA GLN D 60 16.29 -54.38 60.43
C GLN D 60 16.69 -54.64 58.99
N CYS D 61 16.68 -53.58 58.20
CA CYS D 61 17.14 -53.65 56.82
C CYS D 61 18.60 -54.11 56.76
N LEU D 62 19.28 -54.10 57.91
CA LEU D 62 20.65 -54.57 58.00
C LEU D 62 20.72 -56.05 58.34
N GLU D 63 19.76 -56.51 59.14
CA GLU D 63 19.68 -57.93 59.48
C GLU D 63 19.51 -58.76 58.23
N GLU D 64 18.47 -58.43 57.46
CA GLU D 64 18.08 -59.24 56.31
C GLU D 64 19.21 -59.49 55.31
N GLU D 65 20.14 -58.55 55.21
CA GLU D 65 21.26 -58.70 54.29
C GLU D 65 22.34 -59.65 54.78
N LEU D 66 22.22 -60.09 56.02
CA LEU D 66 23.32 -60.82 56.65
C LEU D 66 23.54 -62.22 56.10
N LYS D 67 22.45 -62.95 55.87
CA LYS D 67 22.61 -64.27 55.28
C LYS D 67 23.52 -64.13 54.05
N PRO D 68 23.16 -63.24 53.13
CA PRO D 68 24.05 -62.89 52.01
C PRO D 68 25.47 -62.47 52.41
N LEU D 69 25.60 -61.44 53.24
CA LEU D 69 26.91 -60.96 53.70
C LEU D 69 27.87 -62.11 54.05
N GLU D 70 27.42 -63.02 54.92
CA GLU D 70 28.28 -64.10 55.36
C GLU D 70 28.70 -64.99 54.19
N GLU D 71 27.74 -65.41 53.37
CA GLU D 71 28.05 -66.28 52.24
C GLU D 71 29.06 -65.60 51.31
N VAL D 72 29.00 -64.27 51.27
CA VAL D 72 29.91 -63.46 50.46
C VAL D 72 31.35 -63.57 50.93
N LEU D 73 31.54 -63.45 52.24
CA LEU D 73 32.88 -63.53 52.83
C LEU D 73 33.38 -64.97 52.86
N ASN D 74 32.51 -65.91 52.49
CA ASN D 74 32.87 -67.32 52.49
C ASN D 74 33.23 -67.87 51.11
N LEU D 75 33.42 -66.97 50.15
CA LEU D 75 34.01 -67.34 48.87
C LEU D 75 35.51 -67.26 49.05
N ALA D 76 35.90 -66.40 49.99
CA ALA D 76 37.29 -66.16 50.31
C ALA D 76 37.70 -67.03 51.47
N HIS D 77 38.69 -67.89 51.26
CA HIS D 77 39.19 -68.74 52.34
C HIS D 77 39.64 -67.88 53.52
N SER D 78 39.75 -68.50 54.69
CA SER D 78 39.86 -67.79 55.95
C SER D 78 41.24 -67.21 56.28
N LYS D 79 42.22 -67.44 55.41
CA LYS D 79 43.59 -67.02 55.67
C LYS D 79 43.77 -65.50 55.56
N ASN D 80 42.99 -64.86 54.70
CA ASN D 80 43.26 -63.46 54.35
C ASN D 80 42.57 -62.39 55.21
N PHE D 81 41.76 -62.79 56.18
CA PHE D 81 41.06 -61.82 57.01
C PHE D 81 41.57 -61.88 58.45
N HIS D 82 41.29 -60.83 59.23
CA HIS D 82 41.68 -60.79 60.64
C HIS D 82 40.51 -61.11 61.55
N PHE D 83 39.48 -61.73 60.98
CA PHE D 83 38.34 -62.20 61.73
C PHE D 83 37.89 -63.59 61.31
N ASP D 84 37.20 -64.29 62.20
CA ASP D 84 36.47 -65.49 61.83
C ASP D 84 35.13 -64.97 61.32
N PRO D 85 34.76 -65.34 60.09
CA PRO D 85 33.51 -64.84 59.50
C PRO D 85 32.25 -65.25 60.27
N ARG D 86 32.01 -66.56 60.41
CA ARG D 86 30.83 -67.05 61.11
C ARG D 86 30.56 -66.23 62.35
N ASP D 87 31.63 -65.81 63.01
CA ASP D 87 31.50 -65.02 64.24
C ASP D 87 31.06 -63.58 63.98
N VAL D 88 31.88 -62.83 63.24
CA VAL D 88 31.65 -61.41 63.01
C VAL D 88 30.22 -61.11 62.58
N VAL D 89 29.67 -62.00 61.76
CA VAL D 89 28.29 -61.86 61.33
C VAL D 89 27.35 -62.27 62.47
N SER D 90 27.68 -63.35 63.18
CA SER D 90 26.93 -63.71 64.37
C SER D 90 26.86 -62.52 65.30
N ASN D 91 28.00 -61.90 65.55
CA ASN D 91 28.08 -60.77 66.48
C ASN D 91 27.20 -59.60 66.05
N ILE D 92 27.30 -59.19 64.79
CA ILE D 92 26.46 -58.13 64.27
C ILE D 92 25.00 -58.47 64.50
N ASN D 93 24.58 -59.63 64.00
CA ASN D 93 23.22 -60.12 64.17
C ASN D 93 22.70 -59.85 65.57
N VAL D 94 23.37 -60.43 66.56
CA VAL D 94 23.02 -60.23 67.96
C VAL D 94 22.73 -58.76 68.23
N PHE D 95 23.63 -57.88 67.79
CA PHE D 95 23.44 -56.45 67.90
C PHE D 95 22.16 -55.99 67.22
N VAL D 96 22.04 -56.32 65.94
CA VAL D 96 20.95 -55.80 65.14
C VAL D 96 19.62 -56.25 65.70
N LEU D 97 19.61 -57.41 66.34
CA LEU D 97 18.41 -57.90 66.99
C LEU D 97 18.05 -57.07 68.21
N GLU D 98 19.09 -56.58 68.90
CA GLU D 98 18.83 -55.72 70.03
C GLU D 98 19.00 -54.28 69.64
N LEU D 99 18.61 -53.98 68.41
CA LEU D 99 18.54 -52.59 67.98
C LEU D 99 17.41 -52.33 66.96
N LYS D 100 16.40 -53.20 66.96
CA LYS D 100 15.08 -52.87 66.37
C LYS D 100 13.97 -53.04 67.44
N GLY D 101 13.74 -54.27 67.87
CA GLY D 101 12.83 -54.52 68.98
C GLY D 101 11.36 -54.34 68.65
N PHE D 106 6.54 -52.97 61.60
CA PHE D 106 7.60 -52.65 60.64
C PHE D 106 7.92 -53.78 59.64
N MET D 107 8.15 -53.39 58.39
CA MET D 107 8.46 -54.31 57.30
C MET D 107 9.39 -53.55 56.36
N CYS D 108 10.54 -54.13 56.05
CA CYS D 108 11.58 -53.37 55.35
C CYS D 108 11.29 -53.15 53.87
N GLU D 109 11.19 -51.88 53.45
CA GLU D 109 11.00 -51.55 52.03
C GLU D 109 12.30 -51.16 51.35
N TYR D 110 12.73 -51.98 50.40
CA TYR D 110 14.08 -51.86 49.84
C TYR D 110 14.26 -50.77 48.80
N ALA D 111 15.51 -50.61 48.39
CA ALA D 111 15.85 -49.59 47.41
C ALA D 111 15.83 -50.16 45.99
N ASP D 112 16.11 -49.29 45.02
CA ASP D 112 16.11 -49.69 43.62
C ASP D 112 17.49 -50.18 43.18
N GLU D 113 18.51 -49.37 43.44
CA GLU D 113 19.86 -49.67 42.96
C GLU D 113 20.64 -50.63 43.85
N THR D 114 21.42 -51.49 43.21
CA THR D 114 22.14 -52.56 43.90
C THR D 114 23.60 -52.21 44.08
N ALA D 115 24.21 -52.61 45.19
CA ALA D 115 25.58 -52.21 45.51
C ALA D 115 26.51 -53.35 45.91
N THR D 116 27.82 -53.12 45.78
CA THR D 116 28.84 -54.08 46.16
C THR D 116 28.90 -54.28 47.68
N ILE D 117 29.65 -55.28 48.12
CA ILE D 117 29.88 -55.46 49.56
C ILE D 117 30.50 -54.18 50.15
N VAL D 118 31.43 -53.59 49.39
CA VAL D 118 32.17 -52.43 49.83
C VAL D 118 31.28 -51.20 49.93
N GLU D 119 30.42 -50.99 48.94
CA GLU D 119 29.46 -49.90 48.99
C GLU D 119 28.43 -50.17 50.06
N PHE D 120 28.15 -51.45 50.29
CA PHE D 120 27.14 -51.89 51.25
C PHE D 120 27.52 -51.52 52.68
N LEU D 121 28.64 -52.04 53.13
CA LEU D 121 29.14 -51.71 54.44
C LEU D 121 29.12 -50.18 54.61
N ASN D 122 29.70 -49.47 53.66
CA ASN D 122 29.80 -48.02 53.76
C ASN D 122 28.53 -47.32 54.23
N ARG D 123 27.39 -47.76 53.73
CA ARG D 123 26.10 -47.18 54.10
C ARG D 123 25.78 -47.45 55.56
N TRP D 124 25.87 -48.71 55.96
CA TRP D 124 25.55 -49.11 57.34
C TRP D 124 26.56 -48.57 58.34
N ILE D 125 27.82 -48.48 57.91
CA ILE D 125 28.83 -47.87 58.75
C ILE D 125 28.45 -46.40 58.92
N THR D 126 28.08 -45.75 57.83
CA THR D 126 27.71 -44.33 57.89
C THR D 126 26.37 -44.12 58.63
N PHE D 127 25.44 -45.05 58.48
CA PHE D 127 24.21 -44.99 59.27
C PHE D 127 24.64 -44.89 60.71
N CYS D 128 25.41 -45.87 61.16
CA CYS D 128 25.95 -45.87 62.51
C CYS D 128 26.46 -44.48 62.88
N GLN D 129 27.33 -43.94 62.04
CA GLN D 129 27.98 -42.68 62.29
C GLN D 129 26.97 -41.55 62.47
N SER D 130 25.83 -41.65 61.80
CA SER D 130 24.76 -40.69 62.04
C SER D 130 24.24 -40.85 63.45
N ILE D 131 23.73 -42.04 63.75
CA ILE D 131 23.15 -42.32 65.04
C ILE D 131 24.04 -41.94 66.21
N ILE D 132 25.36 -42.05 66.04
CA ILE D 132 26.26 -41.75 67.15
C ILE D 132 26.47 -40.23 67.36
N SER D 133 26.37 -39.44 66.28
CA SER D 133 26.57 -38.00 66.39
C SER D 133 25.37 -37.47 67.17
N THR D 134 24.21 -37.56 66.55
CA THR D 134 22.96 -37.05 67.10
C THR D 134 22.58 -37.71 68.42
N LEU D 135 23.40 -38.64 68.90
CA LEU D 135 23.15 -39.18 70.24
C LEU D 135 23.88 -38.41 71.35
N THR D 136 24.60 -37.35 70.98
CA THR D 136 25.18 -36.46 71.99
C THR D 136 25.10 -34.97 71.63
N SER E 9 29.41 -70.03 98.88
CA SER E 9 29.35 -68.75 99.58
C SER E 9 29.61 -67.56 98.64
N GLN E 10 30.66 -67.63 97.83
CA GLN E 10 30.88 -66.63 96.78
C GLN E 10 31.34 -67.27 95.48
N PHE E 11 31.03 -66.62 94.36
CA PHE E 11 31.22 -67.18 93.04
C PHE E 11 31.61 -66.09 92.05
N THR E 12 32.84 -66.16 91.55
CA THR E 12 33.37 -65.05 90.75
C THR E 12 34.03 -65.48 89.45
N CYS E 13 33.55 -64.92 88.35
CA CYS E 13 34.12 -65.19 87.04
C CYS E 13 34.59 -63.91 86.32
N PHE E 14 35.53 -64.08 85.40
CA PHE E 14 36.12 -62.98 84.63
C PHE E 14 36.34 -63.34 83.16
N TYR E 15 35.79 -62.52 82.28
CA TYR E 15 35.79 -62.83 80.85
C TYR E 15 36.98 -62.24 80.13
N ASN E 16 37.56 -63.09 79.29
CA ASN E 16 38.79 -62.84 78.55
C ASN E 16 38.70 -61.80 77.45
N SER E 17 37.48 -61.41 77.10
CA SER E 17 37.26 -60.40 76.08
C SER E 17 37.29 -61.04 74.70
N ARG E 18 37.58 -62.34 74.67
CA ARG E 18 37.70 -63.05 73.40
C ARG E 18 37.20 -64.49 73.38
N ALA E 19 37.91 -65.34 74.11
CA ALA E 19 37.77 -66.79 74.01
C ALA E 19 37.57 -67.52 75.33
N GLN E 20 37.77 -66.83 76.45
CA GLN E 20 37.93 -67.50 77.74
C GLN E 20 37.20 -66.81 78.90
N ILE E 21 36.68 -67.61 79.82
CA ILE E 21 36.10 -67.09 81.06
C ILE E 21 36.72 -67.86 82.24
N SER E 22 37.20 -67.13 83.24
CA SER E 22 37.89 -67.75 84.37
C SER E 22 36.96 -67.79 85.58
N CYS E 23 37.11 -68.82 86.42
CA CYS E 23 36.15 -69.03 87.51
C CYS E 23 36.76 -69.42 88.87
N VAL E 24 36.21 -68.84 89.93
CA VAL E 24 36.56 -69.15 91.30
C VAL E 24 35.30 -69.44 92.12
N TRP E 25 35.26 -70.60 92.79
CA TRP E 25 34.11 -71.02 93.58
C TRP E 25 34.52 -71.32 95.01
N SER E 26 33.83 -70.72 95.97
CA SER E 26 34.12 -70.96 97.37
C SER E 26 32.86 -71.35 98.14
N GLN E 27 32.97 -72.39 98.97
CA GLN E 27 31.83 -72.91 99.71
C GLN E 27 32.14 -73.10 101.19
N THR E 34 31.47 -85.25 95.83
CA THR E 34 32.46 -84.18 95.83
C THR E 34 32.71 -83.67 94.41
N SER E 35 31.92 -84.14 93.45
CA SER E 35 32.14 -83.78 92.04
C SER E 35 31.42 -82.50 91.61
N CYS E 36 32.18 -81.52 91.14
CA CYS E 36 31.64 -80.19 90.80
C CYS E 36 31.80 -79.82 89.34
N GLN E 37 31.03 -78.83 88.88
CA GLN E 37 31.09 -78.39 87.50
C GLN E 37 30.53 -76.98 87.38
N VAL E 38 30.76 -76.36 86.23
CA VAL E 38 30.24 -75.03 85.92
C VAL E 38 29.72 -75.01 84.49
N HIS E 39 28.46 -74.65 84.30
CA HIS E 39 27.88 -74.60 82.96
C HIS E 39 27.52 -73.18 82.55
N ALA E 40 28.13 -72.71 81.47
CA ALA E 40 27.84 -71.39 80.91
C ALA E 40 26.82 -71.48 79.77
N TRP E 41 25.66 -70.87 79.97
CA TRP E 41 24.60 -70.91 78.97
C TRP E 41 24.25 -69.52 78.46
N PRO E 42 24.72 -69.19 77.26
CA PRO E 42 24.62 -67.85 76.66
C PRO E 42 23.18 -67.54 76.29
N ASP E 43 22.72 -66.32 76.52
CA ASP E 43 21.30 -66.03 76.39
C ASP E 43 20.77 -66.02 74.97
N ARG E 44 21.61 -65.65 74.01
CA ARG E 44 21.16 -65.65 72.62
C ARG E 44 22.07 -66.47 71.71
N ARG E 45 22.69 -67.49 72.28
CA ARG E 45 23.54 -68.37 71.49
C ARG E 45 23.08 -69.82 71.56
N ARG E 46 23.32 -70.53 70.45
CA ARG E 46 22.91 -71.92 70.29
C ARG E 46 24.05 -72.82 70.73
N TRP E 47 25.03 -72.26 71.41
CA TRP E 47 26.10 -73.04 72.00
C TRP E 47 26.13 -72.91 73.53
N GLN E 48 26.71 -73.90 74.20
CA GLN E 48 26.92 -73.84 75.63
C GLN E 48 28.25 -74.49 75.93
N GLN E 49 28.70 -74.41 77.18
CA GLN E 49 30.01 -74.95 77.50
C GLN E 49 30.16 -75.22 78.98
N THR E 50 31.01 -76.19 79.30
CA THR E 50 31.22 -76.64 80.66
C THR E 50 32.70 -76.90 80.94
N CYS E 51 33.03 -76.99 82.21
CA CYS E 51 34.34 -77.44 82.64
C CYS E 51 34.27 -77.89 84.10
N GLU E 52 34.95 -78.99 84.41
CA GLU E 52 34.96 -79.48 85.77
C GLU E 52 35.77 -78.54 86.65
N LEU E 53 35.32 -78.37 87.89
CA LEU E 53 36.01 -77.54 88.86
C LEU E 53 37.18 -78.29 89.53
N LEU E 54 38.25 -77.57 89.84
CA LEU E 54 39.45 -78.18 90.42
C LEU E 54 39.85 -77.50 91.73
N PRO E 55 40.77 -78.11 92.48
CA PRO E 55 41.28 -77.53 93.72
C PRO E 55 42.37 -76.46 93.52
N VAL E 56 42.39 -75.48 94.42
CA VAL E 56 43.42 -74.44 94.45
C VAL E 56 43.82 -74.16 95.91
N SER E 57 42.88 -73.58 96.65
CA SER E 57 43.04 -73.29 98.07
C SER E 57 42.49 -74.45 98.89
N GLN E 58 42.19 -74.21 100.16
CA GLN E 58 41.56 -75.23 100.99
C GLN E 58 40.10 -75.37 100.57
N ALA E 59 39.43 -74.24 100.44
CA ALA E 59 37.98 -74.23 100.24
C ALA E 59 37.54 -73.67 98.89
N SER E 60 38.49 -73.27 98.04
CA SER E 60 38.17 -72.65 96.77
C SER E 60 38.50 -73.49 95.54
N TRP E 61 37.56 -73.58 94.61
CA TRP E 61 37.75 -74.27 93.34
C TRP E 61 37.88 -73.27 92.19
N ALA E 62 38.53 -73.68 91.11
CA ALA E 62 38.68 -72.81 89.94
C ALA E 62 38.36 -73.53 88.64
N CYS E 63 38.33 -72.78 87.55
CA CYS E 63 37.98 -73.37 86.27
C CYS E 63 38.31 -72.48 85.10
N ASN E 64 38.39 -73.07 83.91
CA ASN E 64 38.58 -72.32 82.68
C ASN E 64 37.53 -72.72 81.64
N LEU E 65 36.55 -71.87 81.40
CA LEU E 65 35.60 -72.11 80.32
C LEU E 65 36.28 -71.79 79.01
N ILE E 66 36.19 -72.70 78.04
CA ILE E 66 36.71 -72.40 76.71
C ILE E 66 35.56 -72.36 75.73
N LEU E 67 35.40 -71.21 75.07
CA LEU E 67 34.24 -70.96 74.21
C LEU E 67 34.54 -71.30 72.75
N GLY E 68 35.83 -71.35 72.42
CA GLY E 68 36.26 -71.72 71.08
C GLY E 68 37.75 -71.51 70.86
N ALA E 69 38.10 -71.02 69.68
CA ALA E 69 39.49 -70.82 69.32
C ALA E 69 40.16 -69.67 70.08
N PRO E 70 41.47 -69.78 70.31
CA PRO E 70 42.25 -68.86 71.14
C PRO E 70 41.89 -67.37 70.99
N ASP E 71 41.96 -66.83 69.79
CA ASP E 71 41.74 -65.40 69.60
C ASP E 71 40.34 -65.08 69.10
N SER E 72 39.52 -66.11 68.90
CA SER E 72 38.18 -65.94 68.36
C SER E 72 37.23 -65.18 69.29
N GLN E 73 36.34 -64.40 68.70
CA GLN E 73 35.36 -63.60 69.42
C GLN E 73 34.06 -64.39 69.55
N LYS E 74 33.81 -64.97 70.72
CA LYS E 74 32.62 -65.83 70.89
C LYS E 74 31.47 -65.19 71.69
N LEU E 75 31.72 -64.07 72.37
CA LEU E 75 30.67 -63.37 73.12
C LEU E 75 30.62 -61.86 72.79
N THR E 76 29.43 -61.24 72.91
CA THR E 76 29.26 -59.80 72.64
C THR E 76 28.62 -59.07 73.82
N THR E 77 29.04 -57.81 74.04
CA THR E 77 28.56 -57.06 75.22
C THR E 77 27.04 -57.04 75.43
N VAL E 78 26.27 -57.36 74.42
CA VAL E 78 24.83 -57.37 74.58
C VAL E 78 24.37 -58.79 74.85
N ASP E 79 25.31 -59.72 74.73
CA ASP E 79 25.11 -61.11 75.15
C ASP E 79 24.96 -61.11 76.66
N ILE E 80 24.33 -62.16 77.18
CA ILE E 80 24.29 -62.39 78.61
C ILE E 80 24.36 -63.89 78.84
N VAL E 81 25.42 -64.35 79.49
CA VAL E 81 25.64 -65.78 79.71
C VAL E 81 25.23 -66.14 81.11
N THR E 82 24.31 -67.09 81.24
CA THR E 82 23.87 -67.53 82.57
C THR E 82 24.80 -68.59 83.16
N LEU E 83 25.45 -68.27 84.27
CA LEU E 83 26.43 -69.15 84.89
C LEU E 83 25.86 -69.91 86.09
N ARG E 84 26.14 -71.21 86.14
CA ARG E 84 25.79 -72.03 87.31
C ARG E 84 26.90 -72.98 87.74
N VAL E 85 26.88 -73.37 89.01
CA VAL E 85 27.85 -74.31 89.56
C VAL E 85 27.12 -75.54 90.05
N LEU E 86 27.44 -76.68 89.43
CA LEU E 86 26.72 -77.91 89.72
C LEU E 86 27.60 -78.91 90.44
N CYS E 87 27.16 -79.34 91.62
CA CYS E 87 27.89 -80.37 92.35
C CYS E 87 27.13 -81.68 92.35
N ARG E 88 27.84 -82.77 92.05
CA ARG E 88 27.22 -84.06 92.09
C ARG E 88 26.82 -84.43 93.51
N GLU E 89 25.50 -84.54 93.70
CA GLU E 89 24.91 -85.01 94.92
C GLU E 89 23.77 -85.97 94.59
N GLY E 90 24.03 -87.26 94.73
CA GLY E 90 23.07 -88.29 94.37
C GLY E 90 23.09 -88.71 92.92
N VAL E 91 21.93 -89.12 92.42
CA VAL E 91 21.83 -89.60 91.04
C VAL E 91 21.82 -88.46 90.02
N ARG E 92 21.81 -87.23 90.50
CA ARG E 92 21.63 -86.05 89.65
C ARG E 92 22.69 -84.99 89.91
N TRP E 93 22.33 -83.75 89.57
CA TRP E 93 23.17 -82.58 89.81
C TRP E 93 22.41 -81.57 90.65
N ARG E 94 23.05 -81.06 91.70
CA ARG E 94 22.48 -79.96 92.47
C ARG E 94 23.13 -78.65 92.05
N VAL E 95 22.34 -77.60 92.01
CA VAL E 95 22.85 -76.29 91.63
C VAL E 95 23.37 -75.55 92.83
N MET E 96 24.70 -75.45 92.93
CA MET E 96 25.33 -74.81 94.06
C MET E 96 25.19 -73.30 93.99
N ALA E 97 25.25 -72.75 92.78
CA ALA E 97 25.20 -71.30 92.60
C ALA E 97 24.61 -70.86 91.27
N ILE E 98 24.07 -69.64 91.23
CA ILE E 98 23.59 -69.03 89.99
C ILE E 98 23.92 -67.55 89.94
N GLN E 99 24.18 -67.06 88.74
CA GLN E 99 24.51 -65.66 88.53
C GLN E 99 24.32 -65.29 87.07
N ASP E 100 23.66 -64.15 86.83
CA ASP E 100 23.46 -63.67 85.48
C ASP E 100 24.59 -62.71 85.12
N PHE E 101 25.46 -63.16 84.20
CA PHE E 101 26.80 -62.60 84.01
C PHE E 101 26.95 -61.86 82.70
N LYS E 102 27.21 -60.55 82.78
CA LYS E 102 27.52 -59.78 81.58
C LYS E 102 29.03 -59.74 81.39
N PRO E 103 29.52 -60.46 80.38
CA PRO E 103 30.96 -60.51 80.04
C PRO E 103 31.62 -59.14 80.02
N PHE E 104 31.03 -58.17 79.33
CA PHE E 104 31.72 -56.88 79.19
C PHE E 104 31.49 -55.91 80.36
N GLU E 105 30.95 -56.42 81.45
CA GLU E 105 30.93 -55.66 82.70
C GLU E 105 31.89 -56.35 83.68
N ASN E 106 32.51 -57.42 83.22
CA ASN E 106 33.51 -58.12 84.00
C ASN E 106 34.66 -58.57 83.08
N LEU E 107 35.78 -57.85 83.11
CA LEU E 107 36.82 -58.08 82.12
C LEU E 107 38.15 -58.39 82.77
N ARG E 108 38.88 -59.32 82.18
CA ARG E 108 40.27 -59.52 82.55
C ARG E 108 41.02 -59.94 81.30
N LEU E 109 41.91 -59.05 80.85
CA LEU E 109 42.77 -59.33 79.73
C LEU E 109 44.06 -60.00 80.21
N MET E 110 44.54 -60.97 79.46
CA MET E 110 45.73 -61.70 79.87
C MET E 110 46.89 -60.74 80.09
N ALA E 111 47.88 -61.18 80.84
CA ALA E 111 49.07 -60.37 81.02
C ALA E 111 49.69 -60.10 79.65
N PRO E 112 50.28 -58.91 79.45
CA PRO E 112 50.93 -58.54 78.17
C PRO E 112 52.09 -59.49 77.86
N ILE E 113 52.32 -59.79 76.58
CA ILE E 113 53.31 -60.79 76.18
C ILE E 113 54.46 -60.30 75.30
N SER E 114 55.52 -61.09 75.21
CA SER E 114 56.56 -60.85 74.23
C SER E 114 57.33 -59.56 74.50
N LEU E 115 57.36 -59.16 75.76
CA LEU E 115 58.10 -57.96 76.12
C LEU E 115 59.55 -58.09 75.64
N GLN E 116 60.05 -57.07 74.93
CA GLN E 116 61.41 -57.06 74.41
C GLN E 116 62.05 -55.66 74.49
N VAL E 117 63.37 -55.63 74.66
CA VAL E 117 64.13 -54.38 74.71
C VAL E 117 64.22 -53.77 73.31
N VAL E 118 63.61 -52.61 73.10
CA VAL E 118 63.64 -51.98 71.78
C VAL E 118 64.94 -51.21 71.58
N HIS E 119 65.30 -50.43 72.59
CA HIS E 119 66.53 -49.66 72.58
C HIS E 119 67.07 -49.61 73.99
N VAL E 120 68.38 -49.72 74.13
CA VAL E 120 68.97 -49.57 75.44
C VAL E 120 70.05 -48.50 75.35
N GLU E 121 70.07 -47.60 76.34
CA GLU E 121 71.14 -46.63 76.47
C GLU E 121 71.80 -46.86 77.83
N THR E 122 72.57 -45.89 78.29
CA THR E 122 73.17 -46.01 79.62
C THR E 122 72.20 -45.50 80.68
N HIS E 123 71.43 -44.47 80.33
CA HIS E 123 70.51 -43.86 81.27
C HIS E 123 69.06 -43.92 80.79
N ARG E 124 68.83 -44.64 79.70
CA ARG E 124 67.49 -44.78 79.15
C ARG E 124 67.28 -46.19 78.63
N CYS E 125 66.02 -46.57 78.46
CA CYS E 125 65.71 -47.85 77.86
C CYS E 125 64.30 -47.85 77.29
N ASN E 126 64.15 -48.42 76.10
CA ASN E 126 62.91 -48.39 75.36
C ASN E 126 62.39 -49.82 75.20
N ILE E 127 61.24 -50.10 75.82
CA ILE E 127 60.76 -51.49 76.00
C ILE E 127 59.34 -51.71 75.49
N SER E 128 59.16 -52.62 74.53
CA SER E 128 57.83 -52.83 73.95
C SER E 128 57.18 -54.20 74.21
N TRP E 129 55.84 -54.20 74.30
CA TRP E 129 55.05 -55.38 74.64
C TRP E 129 53.79 -55.51 73.77
N GLU E 130 53.05 -56.61 73.92
CA GLU E 130 51.82 -56.82 73.14
C GLU E 130 50.57 -57.14 73.98
N ILE E 131 49.42 -56.69 73.49
CA ILE E 131 48.14 -56.98 74.13
C ILE E 131 47.53 -58.23 73.51
N SER E 132 47.39 -59.28 74.30
CA SER E 132 46.91 -60.57 73.78
C SER E 132 45.47 -60.87 74.13
N GLN E 133 44.75 -61.42 73.17
CA GLN E 133 43.35 -61.77 73.35
C GLN E 133 42.60 -60.55 73.88
N ALA E 134 42.73 -59.45 73.16
CA ALA E 134 42.04 -58.20 73.47
C ALA E 134 41.10 -57.82 72.32
N SER E 135 39.81 -57.66 72.63
CA SER E 135 38.79 -57.49 71.61
C SER E 135 38.78 -56.11 70.96
N HIS E 136 38.89 -56.10 69.64
CA HIS E 136 38.85 -54.87 68.86
C HIS E 136 37.71 -53.96 69.31
N TYR E 137 36.71 -54.52 69.99
CA TYR E 137 35.59 -53.71 70.45
C TYR E 137 36.07 -52.57 71.36
N PHE E 138 37.26 -52.73 71.94
CA PHE E 138 37.83 -51.74 72.84
C PHE E 138 38.40 -50.54 72.07
N GLU E 139 38.63 -50.74 70.78
CA GLU E 139 39.20 -49.70 69.93
C GLU E 139 40.52 -49.20 70.51
N ARG E 140 40.69 -47.88 70.48
CA ARG E 140 41.87 -47.22 71.02
C ARG E 140 42.04 -47.31 72.54
N HIS E 141 40.94 -47.17 73.27
CA HIS E 141 40.97 -47.04 74.70
C HIS E 141 41.49 -48.33 75.32
N LEU E 142 42.73 -48.25 75.78
CA LEU E 142 43.35 -49.26 76.61
C LEU E 142 44.26 -48.51 77.59
N GLU E 143 44.33 -48.95 78.83
CA GLU E 143 45.26 -48.35 79.80
C GLU E 143 46.46 -49.27 80.02
N PHE E 144 47.46 -48.76 80.73
CA PHE E 144 48.54 -49.61 81.22
C PHE E 144 49.12 -49.15 82.57
N GLU E 145 49.79 -50.08 83.24
CA GLU E 145 50.61 -49.76 84.40
C GLU E 145 51.92 -50.53 84.31
N ALA E 146 53.01 -49.88 84.70
CA ALA E 146 54.31 -50.53 84.68
C ALA E 146 55.06 -50.23 85.99
N ARG E 147 56.05 -51.07 86.29
CA ARG E 147 56.91 -50.82 87.45
C ARG E 147 58.36 -51.25 87.13
N THR E 148 59.33 -50.54 87.70
CA THR E 148 60.73 -50.84 87.48
C THR E 148 61.41 -51.40 88.72
N LEU E 149 61.74 -52.68 88.70
CA LEU E 149 62.48 -53.27 89.82
C LEU E 149 63.97 -52.93 89.72
N SER E 150 64.48 -52.12 90.65
CA SER E 150 65.89 -51.69 90.63
C SER E 150 66.69 -52.32 91.77
N PRO E 151 68.03 -52.39 91.62
CA PRO E 151 68.92 -53.11 92.52
C PRO E 151 68.66 -52.88 94.00
N GLY E 152 68.09 -51.72 94.34
CA GLY E 152 67.86 -51.39 95.74
C GLY E 152 66.59 -52.01 96.29
N HIS E 153 65.45 -51.71 95.64
CA HIS E 153 64.08 -52.04 96.09
C HIS E 153 63.39 -53.34 95.62
N THR E 154 62.23 -53.63 96.21
CA THR E 154 61.45 -54.82 95.87
C THR E 154 60.47 -54.31 94.83
N TRP E 155 59.67 -55.20 94.28
CA TRP E 155 58.65 -54.80 93.32
C TRP E 155 57.59 -53.94 94.00
N GLU E 156 57.07 -54.43 95.11
CA GLU E 156 56.00 -53.74 95.83
C GLU E 156 56.35 -52.27 96.07
N GLU E 157 57.47 -52.03 96.75
CA GLU E 157 57.92 -50.67 97.05
C GLU E 157 58.15 -49.87 95.76
N ALA E 158 58.33 -50.59 94.67
CA ALA E 158 58.56 -49.96 93.38
C ALA E 158 57.33 -49.21 92.92
N PRO E 159 57.53 -48.02 92.31
CA PRO E 159 56.51 -47.07 91.84
C PRO E 159 55.68 -47.54 90.64
N LEU E 160 54.47 -46.99 90.55
CA LEU E 160 53.55 -47.31 89.48
C LEU E 160 53.56 -46.28 88.35
N LEU E 161 53.75 -46.78 87.13
CA LEU E 161 53.72 -45.95 85.94
C LEU E 161 52.32 -45.94 85.36
N THR E 162 51.59 -44.84 85.54
CA THR E 162 50.26 -44.72 84.94
C THR E 162 50.41 -44.35 83.48
N LEU E 163 50.01 -45.26 82.61
CA LEU E 163 49.89 -44.94 81.20
C LEU E 163 48.41 -44.88 80.85
N LYS E 164 47.90 -43.66 80.71
CA LYS E 164 46.47 -43.45 80.51
C LYS E 164 46.04 -43.32 79.06
N GLN E 165 46.81 -43.90 78.14
CA GLN E 165 46.42 -44.02 76.74
C GLN E 165 47.02 -45.31 76.25
N LYS E 166 46.42 -45.92 75.24
CA LYS E 166 46.89 -47.21 74.78
C LYS E 166 48.21 -47.13 74.02
N GLN E 167 49.29 -47.52 74.68
CA GLN E 167 50.64 -47.42 74.12
C GLN E 167 51.43 -48.65 74.55
N GLU E 168 51.90 -49.43 73.58
CA GLU E 168 52.51 -50.73 73.91
C GLU E 168 54.01 -50.66 74.13
N TRP E 169 54.54 -49.47 74.33
CA TRP E 169 55.96 -49.30 74.62
C TRP E 169 56.19 -48.31 75.73
N ILE E 170 57.34 -48.41 76.40
CA ILE E 170 57.74 -47.37 77.36
C ILE E 170 59.24 -47.14 77.44
N CYS E 171 59.63 -45.88 77.35
CA CYS E 171 61.01 -45.49 77.52
C CYS E 171 61.13 -44.96 78.93
N LEU E 172 61.97 -45.61 79.72
CA LEU E 172 62.32 -45.13 81.05
C LEU E 172 63.58 -44.30 80.92
N GLU E 173 63.55 -43.08 81.44
CA GLU E 173 64.71 -42.20 81.36
C GLU E 173 65.51 -42.18 82.67
N THR E 174 66.75 -41.68 82.58
CA THR E 174 67.59 -41.45 83.76
C THR E 174 67.99 -42.71 84.53
N LEU E 175 68.08 -43.84 83.83
CA LEU E 175 68.62 -45.05 84.45
C LEU E 175 70.04 -44.81 84.85
N THR E 176 70.63 -45.75 85.58
CA THR E 176 72.03 -45.67 85.95
C THR E 176 72.80 -46.77 85.26
N PRO E 177 73.77 -46.40 84.41
CA PRO E 177 74.61 -47.29 83.60
C PRO E 177 75.09 -48.57 84.30
N ASP E 178 75.30 -49.63 83.53
CA ASP E 178 75.77 -50.92 84.04
C ASP E 178 74.86 -51.53 85.13
N THR E 179 73.62 -51.06 85.20
CA THR E 179 72.71 -51.53 86.24
C THR E 179 71.71 -52.61 85.75
N GLN E 180 71.39 -53.54 86.64
CA GLN E 180 70.42 -54.61 86.36
C GLN E 180 69.02 -54.15 86.76
N TYR E 181 68.13 -54.05 85.77
CA TYR E 181 66.74 -53.67 86.02
C TYR E 181 65.77 -54.75 85.55
N GLU E 182 64.61 -54.84 86.21
CA GLU E 182 63.54 -55.75 85.78
C GLU E 182 62.19 -55.02 85.60
N PHE E 183 61.50 -55.34 84.50
CA PHE E 183 60.33 -54.59 84.07
C PHE E 183 59.06 -55.43 84.01
N GLN E 184 57.93 -54.80 84.33
CA GLN E 184 56.64 -55.48 84.38
C GLN E 184 55.57 -54.50 83.92
N VAL E 185 54.58 -55.00 83.19
CA VAL E 185 53.51 -54.15 82.70
C VAL E 185 52.18 -54.88 82.73
N ARG E 186 51.08 -54.13 82.78
CA ARG E 186 49.76 -54.73 82.78
C ARG E 186 48.74 -53.91 82.01
N VAL E 187 47.51 -54.41 81.98
CA VAL E 187 46.48 -53.79 81.18
C VAL E 187 45.09 -53.90 81.82
N LYS E 188 44.21 -52.98 81.45
CA LYS E 188 42.82 -53.00 81.85
C LYS E 188 42.13 -52.18 80.78
N PRO E 189 40.88 -52.54 80.47
CA PRO E 189 39.96 -51.86 79.54
C PRO E 189 39.19 -50.78 80.27
N LEU E 190 38.82 -49.67 79.65
CA LEU E 190 37.95 -48.70 80.37
C LEU E 190 36.61 -49.29 80.70
N GLN E 191 36.21 -50.28 79.89
CA GLN E 191 34.86 -50.78 79.96
C GLN E 191 34.70 -51.76 81.11
N GLY E 192 33.56 -51.64 81.80
CA GLY E 192 33.23 -52.58 82.84
C GLY E 192 33.03 -51.94 84.20
N GLU E 193 32.09 -52.51 84.95
CA GLU E 193 31.84 -52.08 86.31
C GLU E 193 32.75 -52.91 87.21
N PHE E 194 32.98 -54.15 86.78
CA PHE E 194 33.68 -55.10 87.61
C PHE E 194 35.02 -55.50 87.03
N THR E 195 35.51 -54.71 86.07
CA THR E 195 36.76 -55.00 85.39
C THR E 195 37.99 -54.69 86.25
N THR E 196 38.97 -55.59 86.24
CA THR E 196 40.24 -55.31 86.93
C THR E 196 41.49 -55.51 86.08
N TRP E 197 42.63 -55.32 86.74
CA TRP E 197 43.93 -55.36 86.09
C TRP E 197 44.30 -56.76 85.61
N SER E 198 45.15 -56.79 84.60
CA SER E 198 45.74 -58.01 84.09
C SER E 198 46.90 -58.39 84.98
N PRO E 199 47.09 -59.70 85.21
CA PRO E 199 48.29 -60.15 85.91
C PRO E 199 49.49 -59.44 85.31
N TRP E 200 50.46 -59.06 86.12
CA TRP E 200 51.65 -58.41 85.59
C TRP E 200 52.27 -59.33 84.57
N SER E 201 52.98 -58.77 83.60
CA SER E 201 53.69 -59.56 82.60
C SER E 201 54.91 -60.29 83.17
N GLN E 202 55.22 -61.46 82.65
CA GLN E 202 56.37 -62.15 83.23
C GLN E 202 57.42 -61.06 83.15
N PRO E 203 58.12 -60.84 84.25
CA PRO E 203 59.04 -59.70 84.35
C PRO E 203 60.15 -59.81 83.33
N LEU E 204 60.48 -58.69 82.69
CA LEU E 204 61.56 -58.71 81.71
C LEU E 204 62.78 -58.02 82.31
N ALA E 205 63.95 -58.63 82.17
CA ALA E 205 65.15 -58.10 82.84
C ALA E 205 66.24 -57.71 81.85
N PHE E 206 66.59 -56.43 81.83
CA PHE E 206 67.56 -55.90 80.88
C PHE E 206 68.80 -55.41 81.59
N ARG E 207 69.86 -55.14 80.84
CA ARG E 207 71.04 -54.48 81.37
C ARG E 207 71.25 -53.18 80.61
N THR E 208 71.68 -52.13 81.31
CA THR E 208 72.01 -50.89 80.64
C THR E 208 73.46 -50.96 80.14
N LYS E 209 73.77 -50.26 79.05
CA LYS E 209 75.16 -50.18 78.62
C LYS E 209 75.92 -49.32 79.66
N PRO E 210 77.26 -49.39 79.65
CA PRO E 210 78.05 -48.67 80.65
C PRO E 210 78.53 -47.30 80.14
N PRO F 4 37.41 -30.37 29.95
CA PRO F 4 38.09 -30.85 31.16
C PRO F 4 38.04 -29.84 32.30
N LEU F 5 37.02 -29.95 33.15
CA LEU F 5 36.81 -29.00 34.25
C LEU F 5 37.66 -29.36 35.46
N PRO F 6 37.83 -28.39 36.38
CA PRO F 6 38.59 -28.63 37.60
C PRO F 6 37.80 -29.48 38.59
N GLU F 7 38.45 -30.48 39.17
CA GLU F 7 37.84 -31.26 40.24
C GLU F 7 37.66 -30.33 41.45
N VAL F 8 36.55 -30.48 42.18
CA VAL F 8 36.18 -29.53 43.22
C VAL F 8 36.27 -30.12 44.63
N GLN F 9 37.34 -29.81 45.35
CA GLN F 9 37.52 -30.41 46.68
C GLN F 9 36.87 -29.62 47.82
N CYS F 10 36.05 -30.31 48.62
CA CYS F 10 35.31 -29.66 49.71
C CYS F 10 35.73 -30.18 51.08
N PHE F 11 35.44 -29.38 52.11
CA PHE F 11 35.68 -29.79 53.49
C PHE F 11 34.72 -29.09 54.44
N VAL F 12 34.31 -29.79 55.48
CA VAL F 12 33.43 -29.25 56.49
C VAL F 12 34.24 -28.90 57.74
N PHE F 13 34.25 -27.62 58.07
CA PHE F 13 35.15 -27.09 59.10
C PHE F 13 34.50 -27.07 60.48
N ASN F 14 34.91 -27.99 61.34
CA ASN F 14 34.41 -28.05 62.72
C ASN F 14 32.89 -27.93 62.73
N VAL F 15 32.30 -28.44 61.66
CA VAL F 15 30.86 -28.35 61.42
C VAL F 15 30.27 -26.96 61.68
N GLU F 16 31.09 -25.93 61.45
CA GLU F 16 30.62 -24.55 61.50
C GLU F 16 30.15 -24.09 60.12
N TYR F 17 30.73 -24.68 59.08
CA TYR F 17 30.43 -24.32 57.70
C TYR F 17 31.36 -25.09 56.79
N MET F 18 31.16 -24.97 55.48
CA MET F 18 31.97 -25.72 54.52
C MET F 18 32.49 -24.85 53.38
N ASN F 19 33.70 -25.19 52.93
CA ASN F 19 34.36 -24.48 51.85
C ASN F 19 34.69 -25.44 50.71
N CYS F 20 34.02 -25.28 49.58
CA CYS F 20 34.34 -26.08 48.41
C CYS F 20 34.98 -25.21 47.33
N THR F 21 36.28 -25.43 47.08
CA THR F 21 37.07 -24.58 46.19
C THR F 21 37.60 -25.34 44.98
N TRP F 22 38.12 -24.59 44.00
CA TRP F 22 38.78 -25.16 42.84
C TRP F 22 39.71 -24.16 42.19
N GLN F 23 40.77 -24.67 41.55
CA GLN F 23 41.70 -23.82 40.83
C GLN F 23 41.28 -23.73 39.37
N SER F 24 40.75 -22.58 38.99
CA SER F 24 40.26 -22.38 37.63
C SER F 24 41.38 -22.01 36.66
N SER F 25 42.45 -21.45 37.20
CA SER F 25 43.63 -21.03 36.43
C SER F 25 43.71 -21.68 35.05
N THR F 31 37.04 -17.31 33.18
CA THR F 31 35.63 -17.70 33.12
C THR F 31 34.99 -17.84 34.49
N ASN F 32 33.69 -17.60 34.56
CA ASN F 32 32.95 -17.71 35.81
C ASN F 32 32.22 -19.02 35.96
N LEU F 33 32.86 -19.98 36.64
CA LEU F 33 32.22 -21.26 36.91
C LEU F 33 31.11 -21.12 37.93
N THR F 34 29.96 -21.73 37.66
CA THR F 34 28.88 -21.77 38.65
C THR F 34 28.84 -23.13 39.34
N LEU F 35 28.55 -23.11 40.63
CA LEU F 35 28.46 -24.32 41.44
C LEU F 35 27.04 -24.53 41.91
N HIS F 36 26.52 -25.74 41.68
CA HIS F 36 25.20 -26.09 42.19
C HIS F 36 25.33 -27.40 42.96
N TYR F 37 24.63 -27.51 44.08
CA TYR F 37 24.71 -28.71 44.92
C TYR F 37 23.34 -29.27 45.27
N TRP F 38 23.29 -30.55 45.63
CA TRP F 38 22.04 -31.17 46.04
C TRP F 38 22.27 -32.50 46.75
N TYR F 39 21.28 -32.89 47.53
CA TYR F 39 21.36 -34.06 48.39
C TYR F 39 20.52 -35.25 47.87
N LYS F 40 21.18 -36.27 47.34
CA LYS F 40 20.47 -37.36 46.67
C LYS F 40 19.65 -38.23 47.63
N ASN F 41 18.69 -38.94 47.07
CA ASN F 41 17.87 -39.92 47.80
C ASN F 41 17.43 -39.45 49.19
N SER F 42 17.25 -38.15 49.35
CA SER F 42 17.00 -37.60 50.68
C SER F 42 15.84 -36.62 50.71
N ASP F 43 15.52 -36.14 51.90
CA ASP F 43 14.56 -35.08 52.07
C ASP F 43 15.14 -33.81 51.43
N ASN F 44 14.27 -33.07 50.73
CA ASN F 44 14.67 -31.89 49.96
C ASN F 44 15.61 -32.20 48.82
N ASP F 45 15.06 -32.76 47.74
CA ASP F 45 15.84 -33.07 46.55
C ASP F 45 15.93 -31.83 45.66
N LYS F 46 15.41 -30.71 46.16
CA LYS F 46 15.44 -29.45 45.42
C LYS F 46 16.86 -29.04 45.07
N VAL F 47 17.11 -28.82 43.79
CA VAL F 47 18.43 -28.43 43.32
C VAL F 47 18.73 -26.99 43.71
N GLN F 48 19.86 -26.77 44.39
CA GLN F 48 20.18 -25.45 44.95
C GLN F 48 21.31 -24.74 44.19
N LYS F 49 21.09 -23.47 43.88
CA LYS F 49 22.12 -22.62 43.30
C LYS F 49 22.97 -22.03 44.43
N CYS F 50 24.15 -21.51 44.10
CA CYS F 50 25.08 -21.07 45.15
C CYS F 50 24.92 -19.59 45.52
N SER F 51 24.73 -19.34 46.81
CA SER F 51 24.39 -18.00 47.30
C SER F 51 25.59 -17.21 47.76
N HIS F 52 26.62 -17.92 48.22
CA HIS F 52 27.83 -17.30 48.73
C HIS F 52 29.07 -17.79 47.97
N TYR F 53 29.57 -16.99 47.04
CA TYR F 53 30.72 -17.40 46.25
C TYR F 53 32.01 -16.87 46.84
N LEU F 54 33.07 -17.65 46.69
CA LEU F 54 34.41 -17.17 46.97
C LEU F 54 35.09 -16.91 45.64
N PHE F 55 35.78 -15.78 45.54
CA PHE F 55 36.41 -15.39 44.29
C PHE F 55 37.94 -15.43 44.39
N SER F 56 38.58 -15.65 43.25
CA SER F 56 40.02 -15.51 43.14
C SER F 56 40.34 -14.74 41.85
N GLU F 57 40.97 -13.58 42.02
CA GLU F 57 41.33 -12.75 40.87
C GLU F 57 40.13 -12.46 39.99
N GLU F 58 39.06 -11.96 40.62
CA GLU F 58 37.80 -11.68 39.95
C GLU F 58 37.39 -12.86 39.08
N ILE F 59 37.51 -14.05 39.67
CA ILE F 59 37.04 -15.29 39.09
C ILE F 59 36.50 -16.10 40.26
N THR F 60 35.41 -16.83 40.08
CA THR F 60 34.88 -17.65 41.18
C THR F 60 35.88 -18.76 41.51
N SER F 61 36.38 -18.77 42.75
CA SER F 61 37.34 -19.78 43.18
C SER F 61 36.65 -20.90 43.95
N GLY F 62 35.37 -20.70 44.28
CA GLY F 62 34.62 -21.69 45.03
C GLY F 62 33.37 -21.16 45.71
N CYS F 63 32.89 -21.90 46.70
CA CYS F 63 31.68 -21.54 47.40
C CYS F 63 31.68 -22.04 48.84
N GLN F 64 31.08 -21.25 49.73
CA GLN F 64 30.99 -21.59 51.15
C GLN F 64 29.54 -21.83 51.55
N LEU F 65 29.25 -23.02 52.07
CA LEU F 65 27.92 -23.33 52.56
C LEU F 65 27.95 -23.31 54.08
N GLN F 66 27.10 -22.49 54.71
CA GLN F 66 27.14 -22.32 56.15
C GLN F 66 26.40 -23.43 56.88
N LYS F 67 26.37 -23.33 58.21
CA LYS F 67 25.90 -24.41 59.08
C LYS F 67 24.55 -24.98 58.67
N LYS F 68 23.63 -24.08 58.29
CA LYS F 68 22.24 -24.45 57.99
C LYS F 68 22.06 -25.34 56.77
N GLU F 69 22.98 -25.25 55.81
CA GLU F 69 22.84 -25.99 54.55
C GLU F 69 23.63 -27.30 54.55
N ILE F 70 24.31 -27.59 55.67
CA ILE F 70 25.17 -28.76 55.74
C ILE F 70 24.62 -29.93 56.54
N HIS F 71 24.34 -31.03 55.85
CA HIS F 71 23.87 -32.24 56.49
C HIS F 71 24.83 -33.41 56.22
N LEU F 72 25.76 -33.69 57.15
CA LEU F 72 26.60 -34.87 57.01
C LEU F 72 25.70 -36.09 56.96
N TYR F 73 26.22 -37.27 56.70
CA TYR F 73 25.41 -38.46 56.88
C TYR F 73 24.29 -38.49 55.85
N GLN F 74 24.23 -37.42 55.07
CA GLN F 74 23.35 -37.35 53.90
C GLN F 74 24.20 -37.12 52.66
N THR F 75 23.85 -37.78 51.56
CA THR F 75 24.71 -37.77 50.40
C THR F 75 24.74 -36.42 49.72
N PHE F 76 25.94 -35.87 49.62
CA PHE F 76 26.16 -34.51 49.13
C PHE F 76 26.67 -34.57 47.70
N VAL F 77 26.03 -33.81 46.81
CA VAL F 77 26.46 -33.72 45.42
C VAL F 77 26.83 -32.28 45.05
N VAL F 78 27.92 -32.13 44.31
CA VAL F 78 28.35 -30.82 43.85
C VAL F 78 28.49 -30.79 42.34
N GLN F 79 28.13 -29.68 41.73
CA GLN F 79 28.06 -29.60 40.28
C GLN F 79 28.78 -28.37 39.76
N LEU F 80 29.87 -28.58 39.04
CA LEU F 80 30.65 -27.45 38.53
C LEU F 80 30.30 -27.14 37.06
N GLN F 81 29.93 -25.90 36.79
CA GLN F 81 29.34 -25.51 35.52
C GLN F 81 30.17 -24.45 34.78
N ASP F 82 30.25 -24.59 33.47
CA ASP F 82 30.68 -23.49 32.61
C ASP F 82 29.42 -23.02 31.91
N PRO F 83 28.87 -21.89 32.36
CA PRO F 83 27.53 -21.44 31.95
C PRO F 83 27.37 -21.27 30.44
N ARG F 84 28.46 -21.37 29.70
CA ARG F 84 28.39 -21.29 28.25
C ARG F 84 27.72 -22.50 27.59
N GLU F 85 28.29 -23.67 27.79
CA GLU F 85 27.78 -24.92 27.20
C GLU F 85 27.45 -25.95 28.27
N PRO F 86 26.17 -26.31 28.37
CA PRO F 86 25.73 -27.26 29.40
C PRO F 86 26.44 -28.61 29.27
N ARG F 87 26.75 -29.00 28.04
CA ARG F 87 27.37 -30.30 27.80
C ARG F 87 28.66 -30.46 28.59
N ARG F 88 29.20 -29.34 29.06
CA ARG F 88 30.38 -29.38 29.93
C ARG F 88 29.97 -29.20 31.39
N GLN F 89 30.08 -30.29 32.15
CA GLN F 89 29.78 -30.26 33.57
C GLN F 89 30.45 -31.43 34.28
N ALA F 90 30.62 -31.31 35.59
CA ALA F 90 31.22 -32.36 36.39
C ALA F 90 30.49 -32.49 37.72
N THR F 91 30.09 -33.71 38.04
CA THR F 91 29.43 -33.99 39.31
C THR F 91 30.22 -35.04 40.08
N GLN F 92 30.38 -34.82 41.37
CA GLN F 92 31.05 -35.78 42.24
C GLN F 92 30.14 -36.06 43.42
N MET F 93 30.16 -37.29 43.90
CA MET F 93 29.36 -37.64 45.07
C MET F 93 30.24 -37.66 46.30
N LEU F 94 29.71 -37.16 47.41
CA LEU F 94 30.52 -36.94 48.61
C LEU F 94 29.82 -37.35 49.89
N LYS F 95 30.56 -38.07 50.75
CA LYS F 95 30.10 -38.37 52.09
C LYS F 95 30.76 -37.36 53.03
N LEU F 96 30.03 -36.29 53.33
CA LEU F 96 30.61 -35.17 54.05
C LEU F 96 31.28 -35.51 55.39
N GLN F 97 30.72 -36.49 56.12
CA GLN F 97 31.21 -36.87 57.46
C GLN F 97 32.68 -37.23 57.49
N ASN F 98 33.21 -37.52 56.31
CA ASN F 98 34.62 -37.85 56.14
C ASN F 98 35.38 -36.61 55.71
N LEU F 99 34.70 -35.48 55.80
CA LEU F 99 35.27 -34.22 55.34
C LEU F 99 35.37 -33.17 56.45
N VAL F 100 35.70 -33.60 57.67
CA VAL F 100 35.64 -32.69 58.82
C VAL F 100 36.95 -32.42 59.56
N ILE F 101 37.55 -31.29 59.22
CA ILE F 101 38.64 -30.75 60.00
C ILE F 101 38.05 -30.15 61.26
N PRO F 102 38.45 -30.67 62.41
CA PRO F 102 38.12 -30.02 63.67
C PRO F 102 39.04 -28.84 63.83
N TRP F 103 38.65 -27.86 64.63
CA TRP F 103 39.55 -26.77 64.96
C TRP F 103 40.63 -27.28 65.92
N ALA F 104 41.86 -26.87 65.67
CA ALA F 104 42.98 -27.32 66.47
C ALA F 104 42.69 -27.20 67.95
N PRO F 105 43.24 -28.13 68.74
CA PRO F 105 43.10 -28.22 70.19
C PRO F 105 43.66 -26.98 70.89
N GLU F 106 43.05 -26.60 72.00
CA GLU F 106 43.46 -25.39 72.69
C GLU F 106 43.64 -25.63 74.18
N ASN F 107 44.34 -24.70 74.83
CA ASN F 107 44.54 -24.75 76.26
C ASN F 107 45.34 -25.97 76.70
N LEU F 108 46.49 -26.19 76.06
CA LEU F 108 47.39 -27.29 76.45
C LEU F 108 48.02 -26.99 77.81
N THR F 109 47.97 -27.98 78.70
CA THR F 109 48.40 -27.79 80.07
C THR F 109 49.08 -29.03 80.65
N LEU F 110 50.32 -28.85 81.07
CA LEU F 110 51.07 -29.92 81.68
C LEU F 110 50.77 -29.96 83.17
N HIS F 111 50.58 -31.17 83.67
CA HIS F 111 50.33 -31.39 85.08
C HIS F 111 51.09 -32.62 85.63
N LYS F 112 51.72 -32.48 86.80
CA LYS F 112 52.50 -33.58 87.34
C LYS F 112 51.68 -34.31 88.38
N LEU F 113 51.63 -35.64 88.25
CA LEU F 113 51.00 -36.49 89.25
C LEU F 113 52.06 -37.33 89.98
N SER F 114 53.32 -37.11 89.61
CA SER F 114 54.47 -37.77 90.23
C SER F 114 55.74 -36.96 89.94
N GLU F 115 56.75 -37.15 90.76
CA GLU F 115 58.03 -36.48 90.60
C GLU F 115 58.61 -36.76 89.21
N SER F 116 58.37 -37.97 88.72
CA SER F 116 58.94 -38.41 87.44
C SER F 116 57.89 -38.57 86.34
N GLN F 117 56.64 -38.26 86.64
CA GLN F 117 55.56 -38.47 85.68
C GLN F 117 54.64 -37.27 85.54
N LEU F 118 54.64 -36.65 84.38
CA LEU F 118 53.70 -35.56 84.11
C LEU F 118 52.61 -35.98 83.11
N GLU F 119 51.41 -35.41 83.26
CA GLU F 119 50.23 -35.77 82.45
C GLU F 119 49.80 -34.56 81.63
N LEU F 120 49.21 -34.82 80.46
CA LEU F 120 49.01 -33.78 79.47
C LEU F 120 47.55 -33.67 79.00
N ASN F 121 46.96 -32.48 79.11
CA ASN F 121 45.52 -32.31 78.84
C ASN F 121 45.17 -31.19 77.85
N TRP F 122 43.91 -31.12 77.43
CA TRP F 122 43.45 -30.03 76.54
C TRP F 122 41.93 -30.01 76.37
N ASN F 123 41.42 -29.22 75.43
CA ASN F 123 39.97 -29.26 75.14
C ASN F 123 39.66 -29.33 73.64
N ASN F 124 38.38 -29.28 73.29
CA ASN F 124 37.99 -29.20 71.88
C ASN F 124 36.86 -28.23 71.53
N ARG F 125 36.94 -27.64 70.34
CA ARG F 125 36.07 -26.50 70.02
C ARG F 125 34.56 -26.71 69.98
N PHE F 126 34.12 -27.78 69.32
CA PHE F 126 32.68 -28.07 69.27
C PHE F 126 32.43 -29.54 69.59
N LEU F 127 33.12 -30.38 68.83
CA LEU F 127 33.02 -31.83 68.92
C LEU F 127 33.64 -32.34 70.22
N ASN F 128 33.03 -33.39 70.75
CA ASN F 128 33.49 -34.08 71.93
C ASN F 128 32.98 -35.49 71.76
N HIS F 129 33.81 -36.48 72.05
CA HIS F 129 33.35 -37.86 71.93
C HIS F 129 33.35 -38.20 70.44
N CYS F 130 33.77 -37.25 69.61
CA CYS F 130 33.90 -37.51 68.18
C CYS F 130 35.32 -37.34 67.64
N LEU F 131 36.29 -37.12 68.53
CA LEU F 131 37.64 -36.78 68.08
C LEU F 131 38.75 -37.74 68.54
N GLU F 132 39.50 -38.26 67.57
CA GLU F 132 40.74 -38.97 67.85
C GLU F 132 41.88 -37.95 67.91
N HIS F 133 43.02 -38.32 68.47
CA HIS F 133 44.10 -37.35 68.67
C HIS F 133 45.48 -37.91 68.40
N LEU F 134 46.42 -36.99 68.17
CA LEU F 134 47.83 -37.32 68.14
C LEU F 134 48.61 -36.34 69.01
N VAL F 135 49.30 -36.88 70.01
CA VAL F 135 50.23 -36.11 70.80
C VAL F 135 51.60 -36.28 70.14
N GLN F 136 52.24 -35.18 69.79
CA GLN F 136 53.61 -35.23 69.26
C GLN F 136 54.52 -34.60 70.29
N TYR F 137 55.77 -35.06 70.38
CA TYR F 137 56.66 -34.44 71.34
C TYR F 137 58.12 -34.62 70.98
N ARG F 138 58.95 -33.71 71.48
CA ARG F 138 60.39 -33.81 71.34
C ARG F 138 61.08 -33.18 72.57
N THR F 139 62.36 -33.48 72.75
CA THR F 139 63.19 -32.85 73.77
C THR F 139 64.24 -31.97 73.09
N ASP F 140 65.05 -31.29 73.90
CA ASP F 140 66.10 -30.44 73.35
C ASP F 140 67.12 -31.25 72.56
N TRP F 141 67.31 -32.51 72.93
CA TRP F 141 68.37 -33.33 72.35
C TRP F 141 67.94 -33.97 71.02
N ASP F 142 66.72 -34.51 70.98
CA ASP F 142 66.32 -35.40 69.88
C ASP F 142 66.24 -34.80 68.46
N HIS F 143 66.54 -35.65 67.47
CA HIS F 143 66.43 -35.29 66.06
C HIS F 143 64.98 -34.96 65.75
N SER F 144 64.14 -35.99 65.87
CA SER F 144 62.78 -35.93 65.37
C SER F 144 61.71 -36.46 66.35
N TRP F 145 60.46 -36.44 65.89
CA TRP F 145 59.29 -36.58 66.75
C TRP F 145 59.08 -37.96 67.38
N THR F 146 58.40 -37.95 68.52
CA THR F 146 57.87 -39.17 69.15
C THR F 146 56.37 -39.03 69.23
N GLU F 147 55.64 -39.78 68.42
CA GLU F 147 54.19 -39.64 68.43
C GLU F 147 53.44 -40.86 68.96
N GLN F 148 52.33 -40.58 69.64
CA GLN F 148 51.43 -41.61 70.13
C GLN F 148 49.96 -41.20 69.95
N SER F 149 49.29 -41.80 68.99
CA SER F 149 47.88 -41.53 68.80
C SER F 149 47.18 -41.73 70.12
N VAL F 150 46.08 -41.03 70.33
CA VAL F 150 45.31 -41.23 71.55
C VAL F 150 43.82 -41.18 71.28
N ASP F 151 43.15 -42.05 72.03
CA ASP F 151 41.71 -42.22 72.09
C ASP F 151 41.08 -41.04 72.80
N TYR F 152 39.78 -40.93 72.62
CA TYR F 152 39.01 -39.73 72.96
C TYR F 152 39.08 -39.23 74.42
N ARG F 153 39.75 -39.97 75.31
CA ARG F 153 40.16 -39.34 76.56
C ARG F 153 41.19 -38.33 76.11
N HIS F 154 41.00 -37.06 76.46
CA HIS F 154 41.86 -36.02 75.93
C HIS F 154 43.16 -35.83 76.72
N LYS F 155 43.59 -36.88 77.43
CA LYS F 155 44.78 -36.80 78.26
C LYS F 155 45.87 -37.71 77.68
N PHE F 156 47.14 -37.37 77.86
CA PHE F 156 48.24 -38.23 77.41
C PHE F 156 49.34 -38.54 78.43
N SER F 157 49.65 -39.82 78.59
CA SER F 157 50.53 -40.23 79.67
C SER F 157 51.99 -40.30 79.33
N LEU F 158 52.77 -39.57 80.12
CA LEU F 158 54.23 -39.48 80.00
C LEU F 158 54.87 -39.95 81.29
N PRO F 159 55.15 -41.26 81.37
CA PRO F 159 55.64 -41.99 82.55
C PRO F 159 57.01 -41.54 83.00
N SER F 160 57.97 -41.50 82.08
CA SER F 160 59.36 -41.22 82.42
C SER F 160 59.82 -39.92 81.77
N VAL F 161 59.89 -38.86 82.57
CA VAL F 161 60.41 -37.57 82.14
C VAL F 161 61.83 -37.34 82.66
N ASP F 162 62.59 -36.50 81.98
CA ASP F 162 63.99 -36.34 82.27
C ASP F 162 64.26 -34.98 82.89
N GLY F 163 64.40 -34.95 84.21
CA GLY F 163 64.55 -33.72 84.96
C GLY F 163 65.56 -32.69 84.46
N GLN F 164 66.42 -33.09 83.53
CA GLN F 164 67.52 -32.22 83.09
C GLN F 164 67.44 -31.79 81.61
N LYS F 165 66.31 -32.06 80.97
CA LYS F 165 66.10 -31.65 79.58
C LYS F 165 64.86 -30.78 79.49
N ARG F 166 64.47 -30.39 78.27
CA ARG F 166 63.29 -29.54 78.07
C ARG F 166 62.38 -30.11 76.97
N TYR F 167 61.16 -30.47 77.36
CA TYR F 167 60.20 -31.14 76.47
C TYR F 167 59.28 -30.17 75.76
N THR F 168 58.83 -30.55 74.58
CA THR F 168 57.83 -29.77 73.86
C THR F 168 56.58 -30.63 73.65
N PHE F 169 55.42 -30.00 73.60
CA PHE F 169 54.17 -30.72 73.33
C PHE F 169 53.19 -29.98 72.43
N ARG F 170 52.54 -30.75 71.57
CA ARG F 170 51.47 -30.22 70.76
C ARG F 170 50.48 -31.33 70.43
N VAL F 171 49.32 -30.96 69.90
CA VAL F 171 48.25 -31.91 69.58
C VAL F 171 47.46 -31.50 68.35
N ARG F 172 47.03 -32.49 67.56
CA ARG F 172 46.17 -32.25 66.41
C ARG F 172 45.11 -33.34 66.35
N SER F 173 43.92 -32.97 65.91
CA SER F 173 42.83 -33.92 65.99
C SER F 173 42.18 -34.13 64.63
N ARG F 174 41.36 -35.17 64.55
CA ARG F 174 40.80 -35.68 63.29
C ARG F 174 39.39 -36.19 63.59
N PHE F 175 38.51 -36.09 62.60
CA PHE F 175 37.12 -36.51 62.77
C PHE F 175 36.89 -37.99 62.49
N ASN F 176 37.33 -38.86 63.38
CA ASN F 176 37.14 -40.30 63.21
C ASN F 176 37.17 -41.08 64.52
N PRO F 177 36.59 -42.27 64.51
CA PRO F 177 35.84 -42.76 63.35
C PRO F 177 34.36 -42.91 63.66
N LEU F 178 33.97 -42.54 64.88
CA LEU F 178 32.59 -42.71 65.35
C LEU F 178 31.55 -41.91 64.58
N CYS F 179 31.87 -40.67 64.24
CA CYS F 179 30.93 -39.79 63.57
C CYS F 179 31.44 -39.45 62.18
N GLY F 180 32.53 -40.09 61.76
CA GLY F 180 33.10 -39.87 60.44
C GLY F 180 34.32 -40.73 60.13
N SER F 181 34.83 -40.59 58.90
CA SER F 181 35.99 -41.37 58.43
C SER F 181 37.14 -40.48 57.93
N ALA F 182 36.93 -39.18 57.97
CA ALA F 182 37.87 -38.18 57.47
C ALA F 182 39.33 -38.54 57.70
N GLN F 183 40.10 -38.60 56.62
CA GLN F 183 41.51 -38.94 56.74
C GLN F 183 42.34 -37.77 57.24
N HIS F 184 41.78 -36.57 57.12
CA HIS F 184 42.53 -35.36 57.43
C HIS F 184 42.62 -34.99 58.92
N TRP F 185 43.57 -34.14 59.25
CA TRP F 185 43.77 -33.69 60.64
C TRP F 185 43.59 -32.18 60.77
N SER F 186 43.68 -31.68 61.99
CA SER F 186 43.57 -30.24 62.20
C SER F 186 44.96 -29.65 62.06
N GLU F 187 45.09 -28.35 62.26
CA GLU F 187 46.40 -27.74 62.40
C GLU F 187 46.84 -27.97 63.84
N TRP F 188 48.14 -28.02 64.06
CA TRP F 188 48.68 -28.28 65.39
C TRP F 188 48.31 -27.18 66.38
N SER F 189 48.08 -27.56 67.62
CA SER F 189 47.79 -26.59 68.66
C SER F 189 49.05 -25.81 69.05
N HIS F 190 48.86 -24.62 69.59
CA HIS F 190 49.98 -23.85 70.13
C HIS F 190 50.79 -24.80 71.01
N PRO F 191 52.04 -25.04 70.63
CA PRO F 191 52.87 -25.99 71.38
C PRO F 191 53.03 -25.47 72.80
N ILE F 192 53.18 -26.36 73.79
CA ILE F 192 53.59 -25.90 75.11
C ILE F 192 54.86 -26.60 75.57
N HIS F 193 55.78 -25.83 76.15
CA HIS F 193 57.07 -26.34 76.60
C HIS F 193 57.04 -26.71 78.08
N TRP F 194 57.94 -27.60 78.47
CA TRP F 194 58.11 -28.02 79.86
C TRP F 194 59.54 -27.77 80.34
N SER G 9 -3.84 18.68 -32.62
CA SER G 9 -4.74 19.29 -31.63
C SER G 9 -6.11 18.65 -31.68
N THR G 10 -6.53 18.19 -32.86
CA THR G 10 -7.71 17.35 -32.97
C THR G 10 -7.30 15.93 -32.60
N LYS G 11 -6.01 15.74 -32.35
CA LYS G 11 -5.49 14.48 -31.86
C LYS G 11 -5.78 14.41 -30.36
N LYS G 12 -5.85 15.58 -29.73
CA LYS G 12 -6.28 15.71 -28.35
C LYS G 12 -7.80 15.64 -28.24
N THR G 13 -8.47 16.38 -29.13
CA THR G 13 -9.93 16.38 -29.19
C THR G 13 -10.47 14.99 -29.51
N GLN G 14 -9.79 14.26 -30.38
CA GLN G 14 -10.21 12.91 -30.72
C GLN G 14 -10.21 12.02 -29.48
N LEU G 15 -9.10 12.03 -28.75
CA LEU G 15 -8.94 11.18 -27.57
C LEU G 15 -9.99 11.49 -26.51
N GLN G 16 -10.37 12.75 -26.39
CA GLN G 16 -11.39 13.11 -25.43
C GLN G 16 -12.75 12.49 -25.78
N LEU G 17 -13.24 12.73 -27.00
CA LEU G 17 -14.51 12.13 -27.41
C LEU G 17 -14.48 10.62 -27.19
N GLU G 18 -13.33 10.03 -27.53
CA GLU G 18 -13.14 8.59 -27.40
C GLU G 18 -13.52 8.15 -26.02
N HIS G 19 -12.94 8.78 -25.01
CA HIS G 19 -13.33 8.48 -23.65
C HIS G 19 -14.84 8.68 -23.48
N LEU G 20 -15.35 9.88 -23.74
CA LEU G 20 -16.79 10.15 -23.61
C LEU G 20 -17.58 8.97 -24.10
N LEU G 21 -17.32 8.55 -25.33
CA LEU G 21 -17.96 7.39 -25.87
C LEU G 21 -17.95 6.26 -24.86
N LEU G 22 -16.76 5.84 -24.45
CA LEU G 22 -16.64 4.69 -23.56
C LEU G 22 -17.46 4.83 -22.30
N ASP G 23 -17.45 6.03 -21.69
CA ASP G 23 -18.10 6.18 -20.39
C ASP G 23 -19.59 6.05 -20.56
N LEU G 24 -20.12 6.75 -21.56
CA LEU G 24 -21.53 6.60 -21.94
C LEU G 24 -21.88 5.13 -22.06
N GLN G 25 -21.01 4.39 -22.74
CA GLN G 25 -21.20 2.97 -22.98
C GLN G 25 -21.21 2.18 -21.68
N MET G 26 -20.26 2.47 -20.80
CA MET G 26 -20.20 1.73 -19.55
C MET G 26 -21.59 1.68 -18.97
N ILE G 27 -22.20 2.84 -18.72
CA ILE G 27 -23.55 2.92 -18.17
C ILE G 27 -24.58 2.12 -18.99
N LEU G 28 -24.46 2.19 -20.31
CA LEU G 28 -25.33 1.42 -21.19
C LEU G 28 -25.14 -0.08 -20.97
N ASN G 29 -23.92 -0.57 -21.17
CA ASN G 29 -23.61 -1.99 -20.95
C ASN G 29 -23.87 -2.44 -19.51
N GLY G 30 -24.35 -1.53 -18.67
CA GLY G 30 -24.58 -1.85 -17.27
C GLY G 30 -26.04 -1.79 -16.87
N ILE G 31 -26.90 -1.38 -17.79
CA ILE G 31 -28.32 -1.23 -17.49
C ILE G 31 -29.20 -2.29 -18.19
N ASN G 32 -28.59 -3.08 -19.06
CA ASN G 32 -29.30 -4.17 -19.74
C ASN G 32 -29.09 -5.54 -19.07
N ASN G 33 -28.00 -5.68 -18.30
CA ASN G 33 -27.79 -6.87 -17.48
C ASN G 33 -28.81 -6.87 -16.35
N TYR G 34 -28.78 -5.80 -15.55
CA TYR G 34 -29.70 -5.58 -14.44
C TYR G 34 -31.15 -5.92 -14.84
N LYS G 38 -36.82 -2.93 -11.25
CA LYS G 38 -37.47 -1.65 -11.52
C LYS G 38 -36.88 -0.92 -12.75
N LEU G 39 -36.17 -1.68 -13.61
CA LEU G 39 -35.75 -1.17 -14.92
C LEU G 39 -36.98 -0.66 -15.67
N THR G 40 -38.14 -1.21 -15.34
CA THR G 40 -39.38 -0.64 -15.83
C THR G 40 -39.39 0.79 -15.34
N ARG G 41 -39.39 0.95 -14.02
CA ARG G 41 -39.39 2.27 -13.40
C ARG G 41 -38.26 3.12 -13.96
N MET G 42 -37.18 2.49 -14.40
CA MET G 42 -36.05 3.24 -14.95
C MET G 42 -36.30 3.57 -16.42
N LEU G 43 -37.02 2.68 -17.10
CA LEU G 43 -37.31 2.86 -18.51
C LEU G 43 -38.53 3.76 -18.75
N THR G 44 -39.15 4.25 -17.68
CA THR G 44 -40.33 5.10 -17.82
C THR G 44 -39.98 6.59 -17.82
N PHE G 45 -39.01 6.96 -16.98
CA PHE G 45 -38.47 8.31 -16.96
C PHE G 45 -38.27 8.78 -18.37
N LYS G 46 -38.74 9.98 -18.68
CA LYS G 46 -38.63 10.47 -20.05
C LYS G 46 -37.49 11.45 -20.20
N PHE G 47 -36.51 11.08 -21.00
CA PHE G 47 -35.40 11.95 -21.34
C PHE G 47 -35.75 12.71 -22.61
N TYR G 48 -35.01 13.77 -22.88
CA TYR G 48 -35.17 14.48 -24.13
C TYR G 48 -33.94 14.31 -24.99
N MET G 49 -34.15 14.22 -26.29
CA MET G 49 -33.05 14.12 -27.23
C MET G 49 -32.97 15.41 -28.04
N PRO G 50 -31.76 15.73 -28.50
CA PRO G 50 -31.55 17.00 -29.22
C PRO G 50 -32.44 17.00 -30.44
N LYS G 51 -32.73 18.15 -31.01
CA LYS G 51 -33.46 18.13 -32.26
C LYS G 51 -32.49 17.69 -33.36
N LYS G 52 -31.28 18.25 -33.32
CA LYS G 52 -30.26 17.95 -34.31
C LYS G 52 -28.87 18.00 -33.66
N ALA G 53 -28.23 16.84 -33.51
CA ALA G 53 -26.91 16.77 -32.89
C ALA G 53 -25.86 16.36 -33.91
N THR G 54 -25.02 17.32 -34.29
CA THR G 54 -24.06 17.11 -35.35
C THR G 54 -22.70 17.67 -34.95
N GLU G 55 -22.62 18.99 -34.80
CA GLU G 55 -21.36 19.62 -34.41
C GLU G 55 -21.12 19.39 -32.93
N LEU G 56 -19.87 19.58 -32.48
CA LEU G 56 -19.52 19.34 -31.08
C LEU G 56 -20.35 20.16 -30.11
N LYS G 57 -20.45 21.46 -30.36
CA LYS G 57 -21.13 22.39 -29.46
C LYS G 57 -22.56 21.95 -29.18
N HIS G 58 -23.07 21.05 -30.01
CA HIS G 58 -24.41 20.52 -29.79
C HIS G 58 -24.39 19.74 -28.49
N LEU G 59 -23.22 19.20 -28.18
CA LEU G 59 -23.06 18.31 -27.05
C LEU G 59 -23.62 18.93 -25.78
N GLN G 60 -23.79 20.26 -25.78
CA GLN G 60 -24.39 20.96 -24.66
C GLN G 60 -25.78 20.42 -24.38
N CYS G 61 -26.45 19.98 -25.44
CA CYS G 61 -27.78 19.37 -25.34
C CYS G 61 -27.75 18.09 -24.50
N LEU G 62 -26.55 17.57 -24.27
CA LEU G 62 -26.35 16.44 -23.38
C LEU G 62 -26.24 16.94 -21.94
N GLU G 63 -25.44 18.00 -21.77
CA GLU G 63 -25.17 18.55 -20.45
C GLU G 63 -26.45 18.75 -19.66
N GLU G 64 -27.41 19.42 -20.27
CA GLU G 64 -28.62 19.85 -19.57
C GLU G 64 -29.40 18.67 -18.97
N GLU G 65 -29.46 17.56 -19.72
CA GLU G 65 -30.20 16.39 -19.25
C GLU G 65 -29.43 15.58 -18.21
N LEU G 66 -28.24 16.03 -17.83
CA LEU G 66 -27.37 15.24 -16.95
C LEU G 66 -27.87 15.14 -15.52
N LYS G 67 -28.41 16.25 -14.99
CA LYS G 67 -28.96 16.23 -13.63
C LYS G 67 -30.11 15.27 -13.48
N PRO G 68 -30.90 15.09 -14.55
CA PRO G 68 -31.84 13.97 -14.53
C PRO G 68 -31.17 12.60 -14.66
N LEU G 69 -30.13 12.46 -15.48
CA LEU G 69 -29.51 11.14 -15.67
C LEU G 69 -29.12 10.47 -14.35
N GLU G 70 -28.54 11.24 -13.44
CA GLU G 70 -28.03 10.72 -12.16
C GLU G 70 -29.17 10.39 -11.19
N GLU G 71 -30.25 11.14 -11.28
CA GLU G 71 -31.42 10.86 -10.45
C GLU G 71 -32.05 9.54 -10.85
N VAL G 72 -31.78 9.11 -12.07
CA VAL G 72 -32.33 7.85 -12.60
C VAL G 72 -31.50 6.61 -12.25
N LEU G 73 -30.18 6.72 -12.38
CA LEU G 73 -29.30 5.66 -11.95
C LEU G 73 -29.45 5.48 -10.45
N ASN G 74 -30.01 6.51 -9.82
CA ASN G 74 -30.28 6.50 -8.38
C ASN G 74 -31.32 5.47 -7.98
N LEU G 75 -32.33 5.28 -8.83
CA LEU G 75 -33.43 4.36 -8.55
C LEU G 75 -32.94 2.97 -8.19
N ALA G 76 -31.69 2.70 -8.50
CA ALA G 76 -31.11 1.41 -8.18
C ALA G 76 -30.20 1.54 -6.96
N HIS G 77 -30.15 0.49 -6.17
CA HIS G 77 -29.05 0.38 -5.23
C HIS G 77 -27.81 0.24 -6.09
N SER G 78 -26.67 0.71 -5.58
CA SER G 78 -25.47 0.81 -6.40
C SER G 78 -24.67 -0.50 -6.45
N LYS G 79 -25.23 -1.56 -5.88
CA LYS G 79 -24.56 -2.86 -5.88
C LYS G 79 -24.45 -3.43 -7.29
N ASN G 80 -25.48 -3.18 -8.10
CA ASN G 80 -25.59 -3.77 -9.44
C ASN G 80 -24.56 -3.28 -10.47
N PHE G 81 -24.19 -2.01 -10.40
CA PHE G 81 -23.38 -1.39 -11.46
C PHE G 81 -21.91 -1.50 -11.15
N HIS G 82 -21.09 -1.55 -12.20
CA HIS G 82 -19.64 -1.60 -12.05
C HIS G 82 -19.04 -0.20 -11.89
N PHE G 83 -19.91 0.79 -11.71
CA PHE G 83 -19.49 2.18 -11.65
C PHE G 83 -20.21 2.93 -10.54
N ASP G 84 -19.58 3.94 -9.95
CA ASP G 84 -20.26 4.84 -9.03
C ASP G 84 -20.95 5.90 -9.87
N PRO G 85 -22.27 6.07 -9.70
CA PRO G 85 -22.98 6.94 -10.64
C PRO G 85 -22.51 8.39 -10.51
N ARG G 86 -22.53 8.88 -9.27
CA ARG G 86 -22.18 10.27 -9.00
C ARG G 86 -20.87 10.65 -9.67
N ASP G 87 -19.98 9.67 -9.80
CA ASP G 87 -18.69 9.91 -10.44
C ASP G 87 -18.87 10.05 -11.94
N VAL G 88 -19.43 9.00 -12.54
CA VAL G 88 -19.48 8.86 -13.98
C VAL G 88 -20.20 10.02 -14.60
N VAL G 89 -21.32 10.41 -13.99
CA VAL G 89 -21.99 11.60 -14.47
C VAL G 89 -20.98 12.73 -14.28
N SER G 90 -20.41 12.81 -13.08
CA SER G 90 -19.41 13.84 -12.77
C SER G 90 -18.29 13.89 -13.80
N ASN G 91 -17.92 12.74 -14.35
CA ASN G 91 -16.89 12.71 -15.37
C ASN G 91 -17.41 13.17 -16.72
N ILE G 92 -18.59 12.69 -17.10
CA ILE G 92 -19.21 13.15 -18.33
C ILE G 92 -19.22 14.67 -18.36
N ASN G 93 -19.82 15.29 -17.35
CA ASN G 93 -19.83 16.75 -17.20
C ASN G 93 -18.48 17.39 -17.53
N VAL G 94 -17.45 16.95 -16.82
CA VAL G 94 -16.08 17.40 -17.06
C VAL G 94 -15.71 17.36 -18.54
N PHE G 95 -15.96 16.22 -19.18
CA PHE G 95 -15.75 16.06 -20.62
C PHE G 95 -16.61 17.04 -21.43
N VAL G 96 -17.91 17.00 -21.18
CA VAL G 96 -18.86 17.85 -21.89
C VAL G 96 -18.36 19.28 -21.87
N LEU G 97 -18.13 19.80 -20.68
CA LEU G 97 -17.74 21.20 -20.53
C LEU G 97 -16.45 21.56 -21.29
N GLU G 98 -15.51 20.63 -21.37
CA GLU G 98 -14.28 20.89 -22.09
C GLU G 98 -14.43 20.55 -23.57
N LEU G 99 -15.67 20.44 -24.06
CA LEU G 99 -15.90 20.06 -25.46
C LEU G 99 -16.78 21.04 -26.25
N LYS G 100 -17.34 22.04 -25.58
CA LYS G 100 -18.23 23.01 -26.22
C LYS G 100 -17.68 24.45 -26.37
N GLY G 101 -17.12 25.00 -25.31
CA GLY G 101 -16.58 26.36 -25.37
C GLY G 101 -17.42 27.31 -26.18
N PHE G 106 -25.16 30.33 -28.23
CA PHE G 106 -25.87 29.13 -28.69
C PHE G 106 -26.82 28.61 -27.61
N MET G 107 -28.05 28.33 -28.00
CA MET G 107 -29.03 27.72 -27.10
C MET G 107 -29.63 26.45 -27.70
N CYS G 108 -29.86 25.46 -26.83
CA CYS G 108 -30.28 24.12 -27.21
C CYS G 108 -31.72 24.06 -27.72
N GLU G 109 -31.91 23.32 -28.81
CA GLU G 109 -33.25 23.11 -29.33
C GLU G 109 -33.57 21.62 -29.29
N TYR G 110 -34.71 21.29 -28.68
CA TYR G 110 -35.08 19.91 -28.39
C TYR G 110 -36.14 19.33 -29.32
N ALA G 111 -36.15 18.00 -29.40
CA ALA G 111 -37.19 17.30 -30.14
C ALA G 111 -38.51 17.30 -29.36
N ASP G 112 -39.57 16.87 -30.03
CA ASP G 112 -40.88 16.74 -29.40
C ASP G 112 -40.99 15.40 -28.70
N GLU G 113 -40.38 14.37 -29.30
CA GLU G 113 -40.44 13.02 -28.78
C GLU G 113 -39.67 12.85 -27.48
N THR G 114 -40.02 11.81 -26.71
CA THR G 114 -39.28 11.46 -25.49
C THR G 114 -38.82 10.00 -25.54
N ALA G 115 -37.55 9.76 -25.22
CA ALA G 115 -36.99 8.42 -25.35
C ALA G 115 -36.50 7.85 -24.03
N THR G 116 -36.32 6.54 -24.00
CA THR G 116 -35.84 5.85 -22.79
C THR G 116 -34.38 6.16 -22.55
N ILE G 117 -33.93 5.95 -21.31
CA ILE G 117 -32.54 6.10 -20.97
C ILE G 117 -31.66 5.30 -21.93
N VAL G 118 -32.21 4.19 -22.40
CA VAL G 118 -31.50 3.33 -23.33
C VAL G 118 -31.52 3.93 -24.73
N GLU G 119 -32.69 4.41 -25.16
CA GLU G 119 -32.83 5.10 -26.43
C GLU G 119 -32.14 6.44 -26.37
N PHE G 120 -31.79 6.84 -25.15
CA PHE G 120 -31.08 8.09 -24.90
C PHE G 120 -29.63 7.87 -25.24
N LEU G 121 -28.95 7.15 -24.36
CA LEU G 121 -27.53 6.88 -24.50
C LEU G 121 -27.17 6.38 -25.91
N ASN G 122 -28.07 5.66 -26.56
CA ASN G 122 -27.82 5.23 -27.92
C ASN G 122 -27.49 6.42 -28.81
N ARG G 123 -28.43 7.38 -28.88
CA ARG G 123 -28.22 8.59 -29.64
C ARG G 123 -26.84 9.18 -29.34
N TRP G 124 -26.62 9.52 -28.07
CA TRP G 124 -25.41 10.19 -27.66
C TRP G 124 -24.15 9.39 -27.92
N ILE G 125 -24.24 8.08 -27.69
CA ILE G 125 -23.13 7.20 -28.02
C ILE G 125 -22.82 7.34 -29.51
N THR G 126 -23.88 7.34 -30.32
CA THR G 126 -23.73 7.44 -31.77
C THR G 126 -23.24 8.82 -32.18
N PHE G 127 -23.79 9.84 -31.54
CA PHE G 127 -23.29 11.20 -31.71
C PHE G 127 -21.77 11.19 -31.71
N CYS G 128 -21.18 10.69 -30.62
CA CYS G 128 -19.74 10.57 -30.52
C CYS G 128 -19.20 9.78 -31.71
N GLN G 129 -19.80 8.62 -31.95
CA GLN G 129 -19.29 7.74 -32.98
C GLN G 129 -19.10 8.48 -34.31
N SER G 130 -19.99 9.41 -34.64
CA SER G 130 -19.83 10.18 -35.86
C SER G 130 -18.55 11.03 -35.81
N ILE G 131 -18.48 11.92 -34.83
CA ILE G 131 -17.33 12.82 -34.70
C ILE G 131 -16.03 12.04 -34.69
N ILE G 132 -16.00 10.93 -33.96
CA ILE G 132 -14.80 10.09 -33.89
C ILE G 132 -14.45 9.50 -35.24
N SER G 133 -15.47 9.28 -36.08
CA SER G 133 -15.26 8.77 -37.43
C SER G 133 -14.73 9.86 -38.35
N THR G 134 -15.59 10.83 -38.62
CA THR G 134 -15.26 11.94 -39.51
C THR G 134 -14.01 12.70 -39.05
N LEU G 135 -13.42 12.28 -37.94
CA LEU G 135 -12.14 12.88 -37.52
C LEU G 135 -10.93 12.09 -38.04
N THR G 136 -11.17 11.19 -38.99
CA THR G 136 -10.08 10.50 -39.68
C THR G 136 -10.38 10.29 -41.17
N SER H 9 14.61 19.92 -4.89
CA SER H 9 15.15 20.12 -6.22
C SER H 9 14.41 19.30 -7.28
N GLN H 10 13.90 18.13 -6.88
CA GLN H 10 13.04 17.34 -7.78
C GLN H 10 11.81 16.83 -7.05
N PHE H 11 10.71 16.73 -7.79
CA PHE H 11 9.43 16.33 -7.23
C PHE H 11 8.63 15.53 -8.26
N THR H 12 8.30 14.29 -7.94
CA THR H 12 7.64 13.38 -8.88
C THR H 12 6.38 12.72 -8.32
N CYS H 13 5.33 12.70 -9.12
CA CYS H 13 4.04 12.14 -8.70
C CYS H 13 3.37 11.32 -9.83
N PHE H 14 2.75 10.19 -9.46
CA PHE H 14 2.22 9.24 -10.45
C PHE H 14 0.80 8.78 -10.15
N TYR H 15 0.05 8.48 -11.22
CA TYR H 15 -1.39 8.22 -11.11
C TYR H 15 -1.77 6.76 -11.30
N ASN H 16 -2.67 6.33 -10.42
CA ASN H 16 -3.16 4.98 -10.40
C ASN H 16 -4.14 4.69 -11.52
N SER H 17 -4.57 5.74 -12.22
CA SER H 17 -5.57 5.65 -13.27
C SER H 17 -6.94 5.45 -12.65
N ARG H 18 -6.97 5.22 -11.34
CA ARG H 18 -8.25 5.18 -10.66
C ARG H 18 -8.34 6.19 -9.56
N ALA H 19 -7.81 5.83 -8.39
CA ALA H 19 -8.15 6.57 -7.19
C ALA H 19 -6.93 7.12 -6.47
N GLN H 20 -5.76 6.87 -7.03
CA GLN H 20 -4.55 7.16 -6.29
C GLN H 20 -3.51 8.05 -6.99
N ILE H 21 -2.84 8.87 -6.19
CA ILE H 21 -1.63 9.58 -6.62
C ILE H 21 -0.47 9.17 -5.71
N SER H 22 0.64 8.73 -6.31
CA SER H 22 1.85 8.38 -5.57
C SER H 22 2.88 9.50 -5.70
N CYS H 23 3.50 9.89 -4.59
CA CYS H 23 4.33 11.11 -4.53
C CYS H 23 5.80 10.90 -4.08
N VAL H 24 6.70 11.65 -4.73
CA VAL H 24 8.14 11.58 -4.50
C VAL H 24 8.77 12.99 -4.46
N TRP H 25 9.31 13.38 -3.31
CA TRP H 25 9.90 14.71 -3.14
C TRP H 25 11.32 14.68 -2.59
N SER H 26 12.26 15.32 -3.28
CA SER H 26 13.64 15.35 -2.79
C SER H 26 14.23 16.76 -2.77
N GLN H 27 14.72 17.16 -1.60
CA GLN H 27 15.26 18.51 -1.39
C GLN H 27 16.78 18.48 -1.17
N THR H 34 10.14 21.07 10.44
CA THR H 34 10.48 20.05 9.48
C THR H 34 9.22 19.39 8.88
N SER H 35 8.06 19.79 9.38
CA SER H 35 6.79 19.18 8.99
C SER H 35 6.46 19.40 7.50
N CYS H 36 6.24 18.33 6.75
CA CYS H 36 6.03 18.43 5.29
C CYS H 36 4.74 17.79 4.77
N GLN H 37 4.15 18.39 3.73
CA GLN H 37 2.93 17.89 3.11
C GLN H 37 2.88 18.10 1.60
N VAL H 38 2.21 17.20 0.88
CA VAL H 38 1.88 17.43 -0.53
C VAL H 38 0.38 17.68 -0.65
N HIS H 39 0.02 18.79 -1.29
CA HIS H 39 -1.37 19.13 -1.50
C HIS H 39 -1.79 18.90 -2.95
N ALA H 40 -2.97 18.31 -3.12
CA ALA H 40 -3.56 18.11 -4.43
C ALA H 40 -4.86 18.89 -4.51
N TRP H 41 -4.93 19.81 -5.48
CA TRP H 41 -6.11 20.62 -5.70
C TRP H 41 -6.51 20.62 -7.18
N PRO H 42 -7.49 19.77 -7.52
CA PRO H 42 -7.88 19.48 -8.89
C PRO H 42 -8.66 20.64 -9.48
N ASP H 43 -8.25 21.14 -10.63
CA ASP H 43 -8.82 22.37 -11.17
C ASP H 43 -10.33 22.34 -11.32
N ARG H 44 -10.87 21.20 -11.74
CA ARG H 44 -12.28 21.12 -12.11
C ARG H 44 -13.21 20.50 -11.07
N ARG H 45 -12.65 20.03 -9.96
CA ARG H 45 -13.45 19.34 -8.96
C ARG H 45 -13.64 20.16 -7.68
N ARG H 46 -14.77 19.91 -7.01
CA ARG H 46 -15.09 20.59 -5.77
C ARG H 46 -14.47 19.92 -4.54
N TRP H 47 -13.57 18.96 -4.77
CA TRP H 47 -12.88 18.28 -3.67
C TRP H 47 -11.40 18.65 -3.69
N GLN H 48 -10.73 18.40 -2.56
CA GLN H 48 -9.27 18.55 -2.48
C GLN H 48 -8.65 17.44 -1.64
N GLN H 49 -7.32 17.38 -1.58
CA GLN H 49 -6.70 16.26 -0.89
C GLN H 49 -5.27 16.50 -0.46
N THR H 50 -4.89 15.91 0.68
CA THR H 50 -3.58 16.15 1.23
C THR H 50 -3.04 14.91 1.93
N CYS H 51 -1.74 14.69 1.77
CA CYS H 51 -1.05 13.61 2.47
C CYS H 51 0.18 14.14 3.19
N GLU H 52 0.41 13.65 4.41
CA GLU H 52 1.60 13.98 5.17
C GLU H 52 2.81 13.20 4.65
N LEU H 53 3.90 13.90 4.38
CA LEU H 53 5.09 13.28 3.79
C LEU H 53 6.00 12.53 4.77
N LEU H 54 6.38 11.31 4.39
CA LEU H 54 7.15 10.43 5.28
C LEU H 54 8.47 10.01 4.65
N PRO H 55 9.47 9.66 5.49
CA PRO H 55 10.85 9.40 5.05
C PRO H 55 11.08 8.09 4.29
N VAL H 56 12.01 8.11 3.34
CA VAL H 56 12.38 6.90 2.60
C VAL H 56 13.90 6.77 2.58
N SER H 57 14.54 7.45 1.62
CA SER H 57 16.00 7.49 1.55
C SER H 57 16.51 8.43 2.66
N GLN H 58 17.77 8.83 2.57
CA GLN H 58 18.31 9.84 3.47
C GLN H 58 17.58 11.15 3.20
N ALA H 59 17.38 11.44 1.92
CA ALA H 59 16.96 12.77 1.48
C ALA H 59 15.59 12.84 0.80
N SER H 60 14.95 11.69 0.59
CA SER H 60 13.66 11.67 -0.13
C SER H 60 12.45 11.28 0.72
N TRP H 61 11.34 12.00 0.52
CA TRP H 61 10.08 11.71 1.20
C TRP H 61 9.02 11.23 0.21
N ALA H 62 8.09 10.42 0.69
CA ALA H 62 7.01 9.89 -0.15
C ALA H 62 5.64 10.20 0.44
N CYS H 63 4.61 10.10 -0.40
CA CYS H 63 3.27 10.40 0.07
C CYS H 63 2.20 9.86 -0.88
N ASN H 64 1.22 9.17 -0.31
CA ASN H 64 0.15 8.59 -1.11
C ASN H 64 -1.16 9.36 -0.98
N LEU H 65 -1.60 9.94 -2.09
CA LEU H 65 -2.84 10.72 -2.16
C LEU H 65 -4.04 9.85 -2.44
N ILE H 66 -4.83 9.57 -1.40
CA ILE H 66 -6.04 8.77 -1.56
C ILE H 66 -7.15 9.68 -2.03
N LEU H 67 -7.63 9.48 -3.26
CA LEU H 67 -8.68 10.34 -3.83
C LEU H 67 -10.13 9.85 -3.63
N GLY H 68 -10.30 8.55 -3.36
CA GLY H 68 -11.62 7.97 -3.13
C GLY H 68 -11.53 6.54 -2.65
N ALA H 69 -12.62 5.78 -2.78
CA ALA H 69 -12.65 4.36 -2.47
C ALA H 69 -11.79 3.69 -3.52
N PRO H 70 -11.25 2.50 -3.22
CA PRO H 70 -10.14 1.92 -3.98
C PRO H 70 -10.24 1.96 -5.51
N ASP H 71 -11.37 1.55 -6.08
CA ASP H 71 -11.48 1.50 -7.54
C ASP H 71 -12.18 2.70 -8.20
N SER H 72 -12.98 3.44 -7.43
CA SER H 72 -13.71 4.62 -7.94
C SER H 72 -12.88 5.45 -8.91
N GLN H 73 -13.53 6.01 -9.93
CA GLN H 73 -12.84 6.77 -10.98
C GLN H 73 -12.84 8.26 -10.68
N LYS H 74 -11.77 8.74 -10.07
CA LYS H 74 -11.75 10.09 -9.54
C LYS H 74 -11.12 11.12 -10.47
N LEU H 75 -10.43 10.67 -11.52
CA LEU H 75 -9.77 11.62 -12.39
C LEU H 75 -9.93 11.38 -13.89
N THR H 76 -10.25 12.45 -14.60
CA THR H 76 -10.56 12.42 -16.02
C THR H 76 -9.40 13.00 -16.79
N THR H 77 -9.12 12.42 -17.96
CA THR H 77 -7.98 12.83 -18.77
C THR H 77 -7.96 14.31 -19.14
N VAL H 78 -8.99 15.07 -18.78
CA VAL H 78 -8.98 16.52 -19.00
C VAL H 78 -8.84 17.27 -17.69
N ASP H 79 -8.94 16.54 -16.59
CA ASP H 79 -8.67 17.08 -15.25
C ASP H 79 -7.23 17.57 -15.17
N ILE H 80 -7.01 18.59 -14.36
CA ILE H 80 -5.68 19.14 -14.13
C ILE H 80 -5.48 19.42 -12.65
N VAL H 81 -4.74 18.54 -11.99
CA VAL H 81 -4.54 18.66 -10.54
C VAL H 81 -3.27 19.41 -10.23
N THR H 82 -3.41 20.62 -9.71
CA THR H 82 -2.24 21.40 -9.31
C THR H 82 -1.67 20.83 -8.02
N LEU H 83 -0.39 20.47 -8.05
CA LEU H 83 0.28 19.88 -6.89
C LEU H 83 1.21 20.85 -6.19
N ARG H 84 1.07 20.96 -4.87
CA ARG H 84 2.00 21.75 -4.06
C ARG H 84 2.60 20.89 -2.95
N VAL H 85 3.66 21.41 -2.33
CA VAL H 85 4.40 20.70 -1.29
C VAL H 85 4.83 21.68 -0.23
N LEU H 86 4.27 21.53 0.97
CA LEU H 86 4.41 22.54 2.01
C LEU H 86 5.18 22.10 3.25
N CYS H 87 6.27 22.82 3.53
CA CYS H 87 7.04 22.55 4.73
C CYS H 87 6.75 23.60 5.79
N ARG H 88 6.69 23.16 7.03
CA ARG H 88 6.50 24.05 8.15
C ARG H 88 7.60 25.11 8.07
N GLU H 89 7.20 26.39 8.01
CA GLU H 89 8.12 27.50 8.08
C GLU H 89 7.67 28.54 9.13
N GLY H 90 7.78 28.14 10.40
CA GLY H 90 7.44 29.02 11.50
C GLY H 90 5.97 29.06 11.83
N VAL H 91 5.37 30.20 11.59
CA VAL H 91 3.99 30.42 11.95
C VAL H 91 3.02 29.80 10.92
N ARG H 92 3.52 29.59 9.69
CA ARG H 92 2.69 29.29 8.53
C ARG H 92 3.23 28.14 7.67
N TRP H 93 2.79 28.08 6.41
CA TRP H 93 3.14 26.97 5.52
C TRP H 93 3.90 27.42 4.27
N ARG H 94 5.15 26.96 4.15
CA ARG H 94 6.00 27.34 3.01
C ARG H 94 5.88 26.38 1.84
N VAL H 95 5.43 26.92 0.71
CA VAL H 95 5.31 26.12 -0.50
C VAL H 95 6.71 25.78 -0.98
N MET H 96 7.06 24.51 -0.81
CA MET H 96 8.36 24.04 -1.19
C MET H 96 8.40 23.66 -2.67
N ALA H 97 7.37 22.98 -3.17
CA ALA H 97 7.39 22.58 -4.58
C ALA H 97 6.04 22.64 -5.30
N ILE H 98 6.04 23.24 -6.50
CA ILE H 98 4.83 23.38 -7.29
C ILE H 98 4.97 22.72 -8.66
N GLN H 99 3.98 21.90 -9.02
CA GLN H 99 3.95 21.21 -10.31
C GLN H 99 2.54 21.11 -10.88
N ASP H 100 2.35 21.60 -12.10
CA ASP H 100 1.09 21.40 -12.81
C ASP H 100 1.08 19.97 -13.34
N PHE H 101 0.01 19.25 -13.05
CA PHE H 101 -0.04 17.81 -13.25
C PHE H 101 -1.25 17.37 -14.07
N LYS H 102 -1.01 16.65 -15.17
CA LYS H 102 -2.07 16.02 -15.93
C LYS H 102 -2.11 14.53 -15.60
N PRO H 103 -3.10 14.09 -14.82
CA PRO H 103 -3.09 12.71 -14.33
C PRO H 103 -2.86 11.70 -15.44
N PHE H 104 -3.42 11.92 -16.62
CA PHE H 104 -3.37 10.92 -17.68
C PHE H 104 -2.18 11.02 -18.60
N GLU H 105 -1.30 11.99 -18.33
CA GLU H 105 0.00 12.05 -18.99
C GLU H 105 1.06 11.41 -18.09
N ASN H 106 0.75 11.25 -16.81
CA ASN H 106 1.62 10.54 -15.89
C ASN H 106 0.90 9.37 -15.23
N LEU H 107 1.15 8.16 -15.71
CA LEU H 107 0.42 6.99 -15.23
C LEU H 107 1.35 5.89 -14.73
N ARG H 108 1.02 5.34 -13.57
CA ARG H 108 1.68 4.13 -13.08
C ARG H 108 0.64 3.15 -12.58
N LEU H 109 0.47 2.07 -13.31
CA LEU H 109 -0.51 1.06 -12.93
C LEU H 109 0.04 0.22 -11.78
N MET H 110 -0.83 -0.27 -10.92
CA MET H 110 -0.40 -1.20 -9.88
C MET H 110 0.21 -2.43 -10.54
N ALA H 111 0.85 -3.27 -9.75
CA ALA H 111 1.37 -4.51 -10.29
C ALA H 111 0.23 -5.52 -10.28
N PRO H 112 0.12 -6.30 -11.36
CA PRO H 112 -0.95 -7.29 -11.51
C PRO H 112 -1.02 -8.24 -10.33
N ILE H 113 -2.21 -8.78 -10.08
CA ILE H 113 -2.45 -9.62 -8.92
C ILE H 113 -3.10 -10.93 -9.30
N SER H 114 -3.33 -11.78 -8.29
CA SER H 114 -3.99 -13.05 -8.52
C SER H 114 -3.36 -13.81 -9.70
N LEU H 115 -2.03 -13.91 -9.70
CA LEU H 115 -1.35 -14.75 -10.66
C LEU H 115 -1.52 -16.20 -10.25
N GLN H 116 -2.12 -17.01 -11.12
CA GLN H 116 -2.33 -18.43 -10.82
C GLN H 116 -2.10 -19.35 -12.01
N VAL H 117 -1.77 -20.60 -11.71
CA VAL H 117 -1.54 -21.62 -12.72
C VAL H 117 -2.85 -22.06 -13.34
N VAL H 118 -3.03 -21.81 -14.64
CA VAL H 118 -4.20 -22.27 -15.37
C VAL H 118 -4.02 -23.70 -15.86
N HIS H 119 -2.85 -24.00 -16.39
CA HIS H 119 -2.52 -25.35 -16.80
C HIS H 119 -1.02 -25.54 -16.82
N VAL H 120 -0.58 -26.64 -16.26
CA VAL H 120 0.83 -26.95 -16.25
C VAL H 120 1.02 -28.31 -16.90
N GLU H 121 2.10 -28.46 -17.66
CA GLU H 121 2.42 -29.75 -18.25
C GLU H 121 3.86 -30.06 -17.89
N THR H 122 4.45 -31.06 -18.54
CA THR H 122 5.84 -31.39 -18.29
C THR H 122 6.75 -30.37 -18.97
N HIS H 123 6.39 -29.98 -20.19
CA HIS H 123 7.21 -29.05 -20.97
C HIS H 123 6.49 -27.71 -21.30
N ARG H 124 5.29 -27.52 -20.74
CA ARG H 124 4.52 -26.30 -20.98
C ARG H 124 3.86 -25.80 -19.70
N CYS H 125 3.38 -24.57 -19.72
CA CYS H 125 2.70 -23.99 -18.56
C CYS H 125 1.90 -22.74 -18.95
N ASN H 126 0.71 -22.58 -18.37
CA ASN H 126 -0.23 -21.56 -18.81
C ASN H 126 -0.71 -20.69 -17.64
N ILE H 127 -0.19 -19.46 -17.56
CA ILE H 127 -0.41 -18.61 -16.39
C ILE H 127 -1.32 -17.43 -16.65
N SER H 128 -2.17 -17.10 -15.68
CA SER H 128 -3.08 -15.98 -15.82
C SER H 128 -2.95 -15.02 -14.65
N TRP H 129 -3.20 -13.74 -14.93
CA TRP H 129 -3.12 -12.68 -13.92
C TRP H 129 -4.29 -11.72 -14.10
N GLU H 130 -4.44 -10.79 -13.17
CA GLU H 130 -5.44 -9.75 -13.32
C GLU H 130 -4.79 -8.38 -13.32
N ILE H 131 -5.34 -7.46 -14.12
CA ILE H 131 -5.01 -6.05 -13.97
C ILE H 131 -5.84 -5.54 -12.80
N SER H 132 -5.39 -4.45 -12.17
CA SER H 132 -6.07 -3.91 -11.00
C SER H 132 -6.08 -2.39 -10.96
N GLN H 133 -7.24 -1.84 -10.64
CA GLN H 133 -7.41 -0.40 -10.64
C GLN H 133 -6.86 0.13 -11.95
N ALA H 134 -7.37 -0.43 -13.04
CA ALA H 134 -7.03 -0.01 -14.38
C ALA H 134 -8.24 0.65 -15.04
N SER H 135 -8.21 1.97 -15.14
CA SER H 135 -9.32 2.72 -15.71
C SER H 135 -9.86 2.07 -16.99
N HIS H 136 -11.17 2.14 -17.17
CA HIS H 136 -11.79 1.58 -18.36
C HIS H 136 -11.71 2.57 -19.49
N TYR H 137 -11.21 3.76 -19.21
CA TYR H 137 -10.92 4.70 -20.28
C TYR H 137 -9.83 4.11 -21.16
N PHE H 138 -9.18 3.04 -20.68
CA PHE H 138 -8.13 2.38 -21.44
C PHE H 138 -8.67 1.38 -22.45
N GLU H 139 -9.91 0.98 -22.28
CA GLU H 139 -10.44 0.02 -23.22
C GLU H 139 -9.51 -1.19 -23.15
N ARG H 140 -8.95 -1.50 -24.30
CA ARG H 140 -8.13 -2.70 -24.50
C ARG H 140 -6.66 -2.39 -24.76
N HIS H 141 -6.30 -1.12 -24.85
CA HIS H 141 -4.93 -0.74 -25.15
C HIS H 141 -4.06 -0.74 -23.89
N LEU H 142 -3.25 -1.79 -23.75
CA LEU H 142 -2.30 -1.94 -22.67
C LEU H 142 -1.14 -2.83 -23.15
N GLU H 143 -0.06 -2.86 -22.39
CA GLU H 143 1.05 -3.74 -22.69
C GLU H 143 1.41 -4.53 -21.45
N PHE H 144 1.92 -5.74 -21.65
CA PHE H 144 2.41 -6.54 -20.55
C PHE H 144 3.81 -6.97 -20.89
N GLU H 145 4.66 -7.04 -19.88
CA GLU H 145 5.96 -7.65 -20.03
C GLU H 145 6.05 -8.76 -19.01
N ALA H 146 6.59 -9.90 -19.39
CA ALA H 146 6.69 -11.03 -18.48
C ALA H 146 8.04 -11.71 -18.60
N ARG H 147 8.62 -12.07 -17.45
CA ARG H 147 9.89 -12.77 -17.39
C ARG H 147 9.71 -14.07 -16.63
N THR H 148 10.50 -15.09 -16.97
CA THR H 148 10.46 -16.34 -16.21
C THR H 148 11.79 -16.65 -15.55
N LEU H 149 11.73 -17.02 -14.28
CA LEU H 149 12.92 -17.31 -13.48
C LEU H 149 13.28 -18.80 -13.53
N SER H 150 14.32 -19.13 -14.28
CA SER H 150 14.75 -20.52 -14.45
C SER H 150 16.00 -20.84 -13.61
N PRO H 151 16.13 -22.10 -13.16
CA PRO H 151 17.13 -22.49 -12.14
C PRO H 151 18.53 -21.95 -12.42
N GLY H 152 18.90 -21.87 -13.68
CA GLY H 152 20.25 -21.46 -14.05
C GLY H 152 20.58 -19.99 -13.83
N HIS H 153 19.59 -19.11 -14.00
CA HIS H 153 19.84 -17.68 -14.04
C HIS H 153 19.10 -16.89 -12.96
N THR H 154 19.29 -15.56 -12.94
CA THR H 154 18.55 -14.68 -12.05
C THR H 154 17.41 -14.00 -12.80
N TRP H 155 16.79 -13.02 -12.16
CA TRP H 155 15.71 -12.28 -12.80
C TRP H 155 16.26 -11.40 -13.92
N GLU H 156 17.21 -10.54 -13.58
CA GLU H 156 17.81 -9.64 -14.57
C GLU H 156 18.14 -10.36 -15.87
N GLU H 157 19.03 -11.35 -15.79
CA GLU H 157 19.47 -12.10 -16.96
C GLU H 157 18.30 -12.73 -17.72
N ALA H 158 17.18 -12.94 -17.01
CA ALA H 158 16.00 -13.55 -17.62
C ALA H 158 15.31 -12.60 -18.61
N PRO H 159 14.92 -13.13 -19.78
CA PRO H 159 14.43 -12.35 -20.92
C PRO H 159 13.07 -11.70 -20.66
N LEU H 160 12.72 -10.74 -21.49
CA LEU H 160 11.41 -10.12 -21.38
C LEU H 160 10.50 -10.61 -22.50
N LEU H 161 9.35 -11.15 -22.11
CA LEU H 161 8.33 -11.57 -23.05
C LEU H 161 7.41 -10.40 -23.36
N THR H 162 7.27 -10.08 -24.64
CA THR H 162 6.54 -8.88 -25.06
C THR H 162 5.08 -9.18 -25.41
N LEU H 163 4.16 -8.68 -24.58
CA LEU H 163 2.75 -8.78 -24.89
C LEU H 163 2.24 -7.42 -25.34
N LYS H 164 1.90 -7.31 -26.63
CA LYS H 164 1.53 -6.03 -27.22
C LYS H 164 0.02 -5.83 -27.32
N GLN H 165 -0.74 -6.71 -26.68
CA GLN H 165 -2.19 -6.55 -26.60
C GLN H 165 -2.60 -6.77 -25.15
N LYS H 166 -3.82 -6.40 -24.80
CA LYS H 166 -4.28 -6.68 -23.44
C LYS H 166 -4.43 -8.17 -23.43
N GLN H 167 -3.65 -8.84 -22.60
CA GLN H 167 -3.69 -10.29 -22.52
C GLN H 167 -3.44 -10.71 -21.10
N GLU H 168 -4.43 -11.35 -20.50
CA GLU H 168 -4.34 -11.69 -19.08
C GLU H 168 -3.88 -13.15 -18.85
N TRP H 169 -3.29 -13.75 -19.88
CA TRP H 169 -2.61 -15.03 -19.74
C TRP H 169 -1.34 -15.07 -20.57
N ILE H 170 -0.49 -16.05 -20.28
CA ILE H 170 0.66 -16.35 -21.13
C ILE H 170 1.02 -17.82 -21.05
N CYS H 171 1.38 -18.41 -22.18
CA CYS H 171 1.71 -19.82 -22.18
C CYS H 171 3.18 -19.96 -22.42
N LEU H 172 3.91 -20.46 -21.43
CA LEU H 172 5.35 -20.67 -21.57
C LEU H 172 5.65 -22.07 -22.13
N GLU H 173 6.12 -22.11 -23.37
CA GLU H 173 6.54 -23.37 -23.98
C GLU H 173 8.01 -23.60 -23.69
N THR H 174 8.53 -24.76 -24.04
CA THR H 174 9.97 -25.03 -23.91
C THR H 174 10.39 -25.18 -22.45
N LEU H 175 9.59 -25.85 -21.65
CA LEU H 175 9.91 -26.04 -20.25
C LEU H 175 10.67 -27.35 -20.02
N THR H 176 11.24 -27.47 -18.83
CA THR H 176 11.91 -28.68 -18.40
C THR H 176 11.04 -29.32 -17.32
N PRO H 177 10.55 -30.54 -17.58
CA PRO H 177 9.74 -31.28 -16.60
C PRO H 177 10.44 -31.35 -15.25
N ASP H 178 9.67 -31.50 -14.18
CA ASP H 178 10.23 -31.50 -12.82
C ASP H 178 11.34 -30.46 -12.67
N THR H 179 11.00 -29.21 -12.97
CA THR H 179 11.92 -28.09 -12.79
C THR H 179 11.17 -26.88 -12.23
N GLN H 180 11.68 -26.31 -11.15
CA GLN H 180 11.01 -25.16 -10.52
C GLN H 180 11.21 -23.85 -11.29
N TYR H 181 10.13 -23.10 -11.46
CA TYR H 181 10.17 -21.82 -12.16
C TYR H 181 9.37 -20.75 -11.40
N GLU H 182 9.75 -19.47 -11.54
CA GLU H 182 8.99 -18.34 -10.98
C GLU H 182 8.67 -17.34 -12.10
N PHE H 183 7.53 -16.66 -12.01
CA PHE H 183 7.03 -15.89 -13.14
C PHE H 183 6.41 -14.54 -12.74
N GLN H 184 6.96 -13.46 -13.28
CA GLN H 184 6.42 -12.12 -13.03
C GLN H 184 5.88 -11.50 -14.31
N VAL H 185 4.93 -10.57 -14.16
CA VAL H 185 4.39 -9.83 -15.30
C VAL H 185 4.09 -8.40 -14.89
N ARG H 186 4.17 -7.46 -15.82
CA ARG H 186 3.88 -6.06 -15.51
C ARG H 186 3.05 -5.41 -16.61
N VAL H 187 2.54 -4.22 -16.32
CA VAL H 187 1.60 -3.57 -17.22
C VAL H 187 1.85 -2.05 -17.32
N LYS H 188 1.54 -1.49 -18.48
CA LYS H 188 1.79 -0.09 -18.80
C LYS H 188 0.76 0.23 -19.87
N PRO H 189 -0.02 1.30 -19.67
CA PRO H 189 -1.00 1.69 -20.70
C PRO H 189 -0.30 2.28 -21.91
N LEU H 190 -1.01 2.46 -23.00
CA LEU H 190 -0.39 3.06 -24.18
C LEU H 190 -0.28 4.56 -24.00
N GLN H 191 -1.21 5.11 -23.24
CA GLN H 191 -1.41 6.54 -23.15
C GLN H 191 -0.51 7.23 -22.13
N GLY H 192 -0.07 8.46 -22.44
CA GLY H 192 0.68 9.26 -21.48
C GLY H 192 2.14 9.48 -21.81
N GLU H 193 2.60 10.71 -21.61
CA GLU H 193 3.97 11.09 -21.99
C GLU H 193 5.03 10.55 -21.03
N PHE H 194 4.87 10.83 -19.75
CA PHE H 194 5.82 10.37 -18.74
C PHE H 194 5.42 9.03 -18.13
N THR H 195 4.32 8.47 -18.61
CA THR H 195 3.81 7.20 -18.06
C THR H 195 4.90 6.17 -18.06
N THR H 196 4.87 5.25 -17.09
CA THR H 196 5.86 4.18 -17.04
C THR H 196 5.31 2.84 -16.57
N TRP H 197 6.20 1.86 -16.57
CA TRP H 197 5.85 0.51 -16.22
C TRP H 197 5.48 0.38 -14.75
N SER H 198 4.54 -0.52 -14.49
CA SER H 198 4.17 -0.86 -13.12
C SER H 198 5.31 -1.63 -12.48
N PRO H 199 5.27 -1.74 -11.15
CA PRO H 199 6.17 -2.69 -10.49
C PRO H 199 5.91 -4.07 -11.08
N TRP H 200 6.85 -4.98 -10.93
CA TRP H 200 6.58 -6.37 -11.31
C TRP H 200 5.55 -6.89 -10.33
N SER H 201 4.76 -7.85 -10.79
CA SER H 201 3.82 -8.52 -9.92
C SER H 201 4.55 -9.41 -8.92
N GLN H 202 4.00 -9.53 -7.71
CA GLN H 202 4.56 -10.45 -6.73
C GLN H 202 4.79 -11.76 -7.45
N PRO H 203 6.04 -12.23 -7.47
CA PRO H 203 6.37 -13.45 -8.24
C PRO H 203 5.43 -14.64 -7.95
N LEU H 204 5.21 -15.47 -8.96
CA LEU H 204 4.46 -16.71 -8.82
C LEU H 204 5.35 -17.91 -9.08
N ALA H 205 5.38 -18.86 -8.15
CA ALA H 205 6.27 -20.02 -8.24
C ALA H 205 5.51 -21.28 -8.62
N PHE H 206 6.07 -22.02 -9.58
CA PHE H 206 5.47 -23.27 -10.01
C PHE H 206 6.49 -24.37 -10.30
N ARG H 207 5.99 -25.59 -10.42
CA ARG H 207 6.82 -26.76 -10.71
C ARG H 207 6.17 -27.53 -11.82
N THR H 208 6.99 -28.02 -12.75
CA THR H 208 6.50 -28.83 -13.86
C THR H 208 6.29 -30.29 -13.43
N LYS H 209 5.48 -31.01 -14.19
CA LYS H 209 5.26 -32.43 -13.94
C LYS H 209 6.35 -33.27 -14.62
N PRO H 210 6.65 -34.44 -14.05
CA PRO H 210 7.76 -35.26 -14.55
C PRO H 210 7.45 -35.95 -15.88
N PRO I 4 -48.14 -10.14 -43.64
CA PRO I 4 -46.90 -10.73 -43.13
C PRO I 4 -45.78 -10.69 -44.17
N LEU I 5 -45.04 -9.60 -44.21
CA LEU I 5 -43.99 -9.39 -45.20
C LEU I 5 -42.61 -9.78 -44.67
N PRO I 6 -41.77 -10.35 -45.55
CA PRO I 6 -40.42 -10.79 -45.20
C PRO I 6 -39.67 -9.71 -44.43
N GLU I 7 -38.91 -10.13 -43.43
CA GLU I 7 -38.03 -9.25 -42.71
C GLU I 7 -36.78 -9.01 -43.57
N VAL I 8 -36.37 -7.76 -43.69
CA VAL I 8 -35.25 -7.39 -44.56
C VAL I 8 -33.98 -7.19 -43.76
N GLN I 9 -32.87 -7.78 -44.23
CA GLN I 9 -31.57 -7.65 -43.56
C GLN I 9 -30.53 -6.85 -44.37
N CYS I 10 -30.06 -5.74 -43.82
CA CYS I 10 -29.12 -4.86 -44.52
C CYS I 10 -27.71 -5.01 -44.00
N PHE I 11 -26.75 -4.60 -44.81
CA PHE I 11 -25.37 -4.56 -44.39
C PHE I 11 -24.56 -3.59 -45.24
N VAL I 12 -23.99 -2.59 -44.58
CA VAL I 12 -23.05 -1.69 -45.20
C VAL I 12 -21.70 -2.39 -45.31
N PHE I 13 -21.15 -2.47 -46.52
CA PHE I 13 -19.92 -3.23 -46.72
C PHE I 13 -18.68 -2.36 -46.80
N ASN I 14 -17.85 -2.45 -45.76
CA ASN I 14 -16.64 -1.66 -45.67
C ASN I 14 -16.90 -0.17 -45.86
N VAL I 15 -18.15 0.22 -45.67
CA VAL I 15 -18.61 1.58 -45.98
C VAL I 15 -18.35 1.89 -47.45
N GLU I 16 -18.38 0.85 -48.29
CA GLU I 16 -18.22 1.03 -49.73
C GLU I 16 -19.59 1.07 -50.39
N TYR I 17 -20.50 0.24 -49.90
CA TYR I 17 -21.82 0.14 -50.48
C TYR I 17 -22.68 -0.76 -49.60
N MET I 18 -23.98 -0.80 -49.88
CA MET I 18 -24.89 -1.53 -49.02
C MET I 18 -25.70 -2.58 -49.77
N ASN I 19 -26.13 -3.60 -49.04
CA ASN I 19 -27.01 -4.63 -49.58
C ASN I 19 -28.18 -4.92 -48.63
N CYS I 20 -29.41 -4.81 -49.12
CA CYS I 20 -30.58 -5.23 -48.37
C CYS I 20 -31.28 -6.38 -49.08
N THR I 21 -31.27 -7.56 -48.49
CA THR I 21 -31.80 -8.75 -49.13
C THR I 21 -33.01 -9.34 -48.41
N TRP I 22 -33.77 -10.17 -49.12
CA TRP I 22 -34.91 -10.87 -48.53
C TRP I 22 -35.29 -12.14 -49.27
N GLN I 23 -36.06 -13.00 -48.60
CA GLN I 23 -36.56 -14.24 -49.18
C GLN I 23 -38.07 -14.18 -49.36
N SER I 24 -38.52 -14.00 -50.61
CA SER I 24 -39.94 -13.84 -50.90
C SER I 24 -40.63 -15.15 -51.27
N SER I 25 -39.86 -16.22 -51.35
CA SER I 25 -40.35 -17.50 -51.86
C SER I 25 -41.48 -18.14 -51.03
N SER I 26 -41.64 -17.68 -49.80
CA SER I 26 -42.62 -18.26 -48.89
C SER I 26 -44.04 -18.13 -49.43
N PRO I 30 -46.22 -15.89 -57.03
CA PRO I 30 -45.03 -15.02 -57.17
C PRO I 30 -45.42 -13.54 -57.14
N THR I 31 -44.55 -12.71 -56.58
CA THR I 31 -44.78 -11.26 -56.52
C THR I 31 -43.49 -10.44 -56.55
N ASN I 32 -43.62 -9.19 -57.00
CA ASN I 32 -42.50 -8.25 -57.00
C ASN I 32 -42.61 -7.24 -55.87
N LEU I 33 -41.87 -7.46 -54.80
CA LEU I 33 -41.89 -6.54 -53.67
C LEU I 33 -41.02 -5.31 -53.95
N THR I 34 -41.60 -4.12 -53.83
CA THR I 34 -40.88 -2.87 -54.07
C THR I 34 -40.26 -2.29 -52.80
N LEU I 35 -39.00 -1.87 -52.88
CA LEU I 35 -38.26 -1.34 -51.73
C LEU I 35 -38.15 0.19 -51.76
N HIS I 36 -38.31 0.80 -50.59
CA HIS I 36 -38.23 2.25 -50.48
C HIS I 36 -37.44 2.62 -49.22
N TYR I 37 -36.51 3.57 -49.35
CA TYR I 37 -35.70 4.04 -48.22
C TYR I 37 -35.75 5.57 -47.99
N TRP I 38 -35.78 6.01 -46.72
CA TRP I 38 -35.70 7.44 -46.39
C TRP I 38 -35.05 7.69 -45.02
N TYR I 39 -34.51 8.90 -44.86
CA TYR I 39 -33.69 9.26 -43.70
C TYR I 39 -34.42 10.18 -42.69
N LYS I 40 -34.80 9.62 -41.54
CA LYS I 40 -35.67 10.31 -40.58
C LYS I 40 -35.08 11.56 -39.94
N ASN I 41 -35.98 12.41 -39.43
CA ASN I 41 -35.61 13.60 -38.66
C ASN I 41 -34.33 14.26 -39.15
N SER I 42 -34.29 14.62 -40.41
CA SER I 42 -33.04 15.10 -41.00
C SER I 42 -33.26 16.03 -42.19
N ASP I 43 -32.16 16.38 -42.87
CA ASP I 43 -32.23 17.02 -44.17
C ASP I 43 -32.41 15.92 -45.21
N ASN I 44 -33.07 16.25 -46.31
CA ASN I 44 -33.37 15.23 -47.31
C ASN I 44 -34.07 14.06 -46.65
N ASP I 45 -35.31 14.31 -46.22
CA ASP I 45 -36.15 13.24 -45.70
C ASP I 45 -36.86 12.57 -46.86
N LYS I 46 -36.82 13.22 -48.02
CA LYS I 46 -37.51 12.77 -49.22
C LYS I 46 -37.51 11.26 -49.38
N VAL I 47 -38.67 10.72 -49.75
CA VAL I 47 -38.82 9.29 -50.03
C VAL I 47 -38.09 8.94 -51.32
N GLN I 48 -37.22 7.94 -51.27
CA GLN I 48 -36.43 7.57 -52.44
C GLN I 48 -36.85 6.23 -53.03
N LYS I 49 -36.95 6.18 -54.35
CA LYS I 49 -37.26 4.94 -55.05
C LYS I 49 -35.98 4.18 -55.33
N CYS I 50 -36.05 2.85 -55.30
CA CYS I 50 -34.85 2.04 -55.42
C CYS I 50 -34.31 1.99 -56.85
N SER I 51 -33.07 2.45 -57.02
CA SER I 51 -32.43 2.55 -58.32
C SER I 51 -31.95 1.21 -58.83
N HIS I 52 -31.60 0.31 -57.90
CA HIS I 52 -30.92 -0.91 -58.23
C HIS I 52 -31.56 -2.09 -57.48
N TYR I 53 -32.20 -3.00 -58.21
CA TYR I 53 -32.75 -4.19 -57.57
C TYR I 53 -31.86 -5.43 -57.77
N LEU I 54 -31.87 -6.32 -56.79
CA LEU I 54 -31.24 -7.62 -56.95
C LEU I 54 -32.35 -8.63 -57.08
N PHE I 55 -32.09 -9.72 -57.79
CA PHE I 55 -33.16 -10.68 -58.06
C PHE I 55 -32.84 -12.11 -57.65
N SER I 56 -33.85 -12.80 -57.16
CA SER I 56 -33.81 -14.25 -56.96
C SER I 56 -34.81 -14.92 -57.90
N GLU I 57 -34.31 -15.45 -59.01
CA GLU I 57 -35.16 -16.15 -59.97
C GLU I 57 -36.23 -15.22 -60.53
N GLU I 58 -35.80 -14.22 -61.29
CA GLU I 58 -36.71 -13.23 -61.88
C GLU I 58 -37.73 -12.67 -60.89
N ILE I 59 -37.31 -12.56 -59.63
CA ILE I 59 -38.11 -11.93 -58.59
C ILE I 59 -37.17 -11.11 -57.70
N THR I 60 -37.57 -9.89 -57.36
CA THR I 60 -36.71 -9.02 -56.60
C THR I 60 -36.32 -9.64 -55.25
N SER I 61 -35.01 -9.83 -55.05
CA SER I 61 -34.47 -10.37 -53.80
C SER I 61 -34.00 -9.26 -52.85
N GLY I 62 -33.94 -8.03 -53.36
CA GLY I 62 -33.53 -6.89 -52.54
C GLY I 62 -33.04 -5.69 -53.32
N CYS I 63 -32.22 -4.87 -52.67
CA CYS I 63 -31.71 -3.67 -53.29
C CYS I 63 -30.28 -3.36 -52.83
N GLN I 64 -29.50 -2.74 -53.70
CA GLN I 64 -28.13 -2.35 -53.37
C GLN I 64 -27.96 -0.85 -53.47
N LEU I 65 -27.50 -0.23 -52.39
CA LEU I 65 -27.29 1.22 -52.36
C LEU I 65 -25.79 1.55 -52.39
N GLN I 66 -25.36 2.30 -53.40
CA GLN I 66 -23.93 2.58 -53.59
C GLN I 66 -23.41 3.61 -52.58
N LYS I 67 -22.11 3.86 -52.62
CA LYS I 67 -21.44 4.72 -51.66
C LYS I 67 -22.14 6.06 -51.48
N LYS I 68 -22.73 6.58 -52.55
CA LYS I 68 -23.27 7.93 -52.53
C LYS I 68 -24.63 8.06 -51.84
N GLU I 69 -25.23 6.93 -51.50
CA GLU I 69 -26.53 6.95 -50.82
C GLU I 69 -26.40 6.59 -49.35
N ILE I 70 -25.18 6.33 -48.90
CA ILE I 70 -24.97 5.80 -47.56
C ILE I 70 -24.56 6.81 -46.49
N HIS I 71 -25.53 7.18 -45.65
CA HIS I 71 -25.27 8.00 -44.49
C HIS I 71 -25.35 7.13 -43.25
N LEU I 72 -24.20 6.71 -42.74
CA LEU I 72 -24.17 6.16 -41.40
C LEU I 72 -24.47 7.34 -40.45
N TYR I 73 -24.81 7.05 -39.20
CA TYR I 73 -24.98 8.09 -38.20
C TYR I 73 -26.26 8.88 -38.40
N GLN I 74 -27.01 8.52 -39.43
CA GLN I 74 -28.36 9.05 -39.59
C GLN I 74 -29.31 7.87 -39.48
N THR I 75 -30.57 8.13 -39.19
CA THR I 75 -31.51 7.04 -38.96
C THR I 75 -32.16 6.54 -40.26
N PHE I 76 -31.65 5.40 -40.74
CA PHE I 76 -32.06 4.79 -42.00
C PHE I 76 -33.39 4.05 -41.83
N VAL I 77 -34.34 4.33 -42.70
CA VAL I 77 -35.64 3.66 -42.66
C VAL I 77 -35.91 2.87 -43.95
N VAL I 78 -36.00 1.55 -43.83
CA VAL I 78 -36.24 0.69 -44.98
C VAL I 78 -37.69 0.20 -44.99
N GLN I 79 -38.28 0.08 -46.17
CA GLN I 79 -39.70 -0.23 -46.29
C GLN I 79 -40.02 -1.17 -47.43
N LEU I 80 -40.63 -2.30 -47.10
CA LEU I 80 -40.94 -3.31 -48.11
C LEU I 80 -42.42 -3.28 -48.47
N GLN I 81 -42.70 -3.39 -49.77
CA GLN I 81 -44.01 -3.04 -50.30
C GLN I 81 -44.56 -4.08 -51.30
N ASP I 82 -45.84 -4.39 -51.14
CA ASP I 82 -46.55 -5.26 -52.08
C ASP I 82 -47.39 -4.37 -53.00
N PRO I 83 -46.86 -4.06 -54.20
CA PRO I 83 -47.47 -3.11 -55.13
C PRO I 83 -48.96 -3.29 -55.38
N ARG I 84 -49.51 -4.44 -55.03
CA ARG I 84 -50.95 -4.62 -55.15
C ARG I 84 -51.64 -3.81 -54.08
N GLU I 85 -51.36 -4.15 -52.83
CA GLU I 85 -52.04 -3.56 -51.68
C GLU I 85 -51.12 -2.71 -50.82
N PRO I 86 -51.47 -1.42 -50.65
CA PRO I 86 -50.68 -0.53 -49.78
C PRO I 86 -50.79 -0.96 -48.32
N ARG I 87 -51.98 -1.43 -47.95
CA ARG I 87 -52.28 -1.83 -46.57
C ARG I 87 -51.25 -2.81 -46.04
N ARG I 88 -50.49 -3.41 -46.94
CA ARG I 88 -49.41 -4.32 -46.53
C ARG I 88 -48.05 -3.66 -46.66
N GLN I 89 -47.50 -3.19 -45.55
CA GLN I 89 -46.17 -2.60 -45.57
C GLN I 89 -45.37 -2.91 -44.31
N ALA I 90 -44.09 -3.28 -44.49
CA ALA I 90 -43.20 -3.55 -43.38
C ALA I 90 -42.19 -2.42 -43.26
N THR I 91 -42.00 -1.92 -42.04
CA THR I 91 -41.11 -0.79 -41.81
C THR I 91 -40.08 -1.10 -40.72
N GLN I 92 -38.80 -0.87 -41.04
CA GLN I 92 -37.72 -1.08 -40.08
C GLN I 92 -36.82 0.16 -40.05
N MET I 93 -36.55 0.67 -38.86
CA MET I 93 -35.63 1.78 -38.72
C MET I 93 -34.29 1.22 -38.28
N LEU I 94 -33.20 1.82 -38.77
CA LEU I 94 -31.90 1.17 -38.68
C LEU I 94 -30.73 2.09 -38.37
N LYS I 95 -29.93 1.69 -37.40
CA LYS I 95 -28.66 2.33 -37.15
C LYS I 95 -27.66 1.64 -38.06
N LEU I 96 -27.15 2.35 -39.06
CA LEU I 96 -26.27 1.74 -40.05
C LEU I 96 -24.87 1.41 -39.52
N GLN I 97 -24.32 2.30 -38.69
CA GLN I 97 -22.98 2.10 -38.15
C GLN I 97 -22.89 0.85 -37.29
N ASN I 98 -24.03 0.18 -37.11
CA ASN I 98 -24.08 -1.09 -36.39
C ASN I 98 -24.11 -2.29 -37.34
N LEU I 99 -24.12 -1.97 -38.63
CA LEU I 99 -24.28 -2.99 -39.65
C LEU I 99 -23.11 -3.01 -40.61
N VAL I 100 -22.13 -2.15 -40.35
CA VAL I 100 -20.93 -2.11 -41.16
C VAL I 100 -20.10 -3.39 -40.98
N ILE I 101 -19.76 -4.02 -42.09
CA ILE I 101 -18.90 -5.19 -42.11
C ILE I 101 -17.63 -4.87 -42.87
N PRO I 102 -16.47 -5.08 -42.25
CA PRO I 102 -15.18 -4.76 -42.85
C PRO I 102 -14.76 -5.79 -43.88
N TRP I 103 -13.84 -5.43 -44.77
CA TRP I 103 -13.27 -6.41 -45.67
C TRP I 103 -12.20 -7.18 -44.92
N ALA I 104 -12.23 -8.50 -45.04
CA ALA I 104 -11.27 -9.35 -44.37
C ALA I 104 -9.88 -8.77 -44.51
N PRO I 105 -9.06 -8.93 -43.47
CA PRO I 105 -7.65 -8.50 -43.45
C PRO I 105 -6.84 -9.19 -44.54
N GLU I 106 -5.75 -8.56 -44.95
CA GLU I 106 -4.88 -9.11 -45.98
C GLU I 106 -3.42 -8.83 -45.65
N ASN I 107 -2.52 -9.52 -46.34
CA ASN I 107 -1.10 -9.27 -46.21
C ASN I 107 -0.54 -9.63 -44.83
N LEU I 108 -1.10 -10.66 -44.19
CA LEU I 108 -0.57 -11.12 -42.92
C LEU I 108 0.92 -11.41 -43.04
N THR I 109 1.68 -10.99 -42.03
CA THR I 109 3.12 -11.14 -42.01
C THR I 109 3.66 -11.48 -40.62
N LEU I 110 4.43 -12.55 -40.55
CA LEU I 110 5.06 -12.97 -39.31
C LEU I 110 6.45 -12.36 -39.18
N HIS I 111 6.75 -11.87 -37.99
CA HIS I 111 8.04 -11.22 -37.71
C HIS I 111 8.70 -11.66 -36.39
N LYS I 112 9.96 -12.06 -36.47
CA LYS I 112 10.68 -12.54 -35.29
C LYS I 112 11.37 -11.39 -34.63
N LEU I 113 11.04 -11.15 -33.36
CA LEU I 113 11.77 -10.18 -32.57
C LEU I 113 12.59 -10.85 -31.46
N SER I 114 12.57 -12.18 -31.48
CA SER I 114 13.39 -13.00 -30.58
C SER I 114 13.46 -14.43 -31.14
N GLU I 115 14.34 -15.24 -30.58
CA GLU I 115 14.40 -16.63 -31.00
C GLU I 115 13.09 -17.33 -30.62
N SER I 116 12.46 -16.84 -29.55
CA SER I 116 11.25 -17.49 -29.03
C SER I 116 9.98 -16.64 -29.15
N GLN I 117 10.12 -15.38 -29.58
CA GLN I 117 8.98 -14.45 -29.67
C GLN I 117 8.74 -13.92 -31.08
N LEU I 118 7.51 -14.00 -31.55
CA LEU I 118 7.15 -13.42 -32.85
C LEU I 118 5.87 -12.54 -32.78
N GLU I 119 5.72 -11.65 -33.76
CA GLU I 119 4.59 -10.73 -33.80
C GLU I 119 3.86 -10.80 -35.15
N LEU I 120 2.55 -10.58 -35.09
CA LEU I 120 1.69 -10.73 -36.26
C LEU I 120 1.13 -9.38 -36.69
N ASN I 121 1.21 -9.08 -37.99
CA ASN I 121 0.77 -7.79 -38.51
C ASN I 121 -0.17 -7.91 -39.71
N TRP I 122 -1.14 -7.00 -39.82
CA TRP I 122 -2.01 -6.97 -40.99
C TRP I 122 -2.44 -5.55 -41.39
N ASN I 123 -3.19 -5.42 -42.48
CA ASN I 123 -3.74 -4.12 -42.87
C ASN I 123 -5.25 -4.12 -42.96
N ASN I 124 -5.82 -2.96 -43.27
CA ASN I 124 -7.25 -2.87 -43.53
C ASN I 124 -7.57 -2.00 -44.75
N ARG I 125 -8.60 -2.39 -45.49
CA ARG I 125 -8.82 -1.82 -46.82
C ARG I 125 -8.95 -0.31 -46.79
N PHE I 126 -9.69 0.20 -45.82
CA PHE I 126 -9.91 1.64 -45.72
C PHE I 126 -9.93 2.10 -44.28
N LEU I 127 -10.94 1.68 -43.54
CA LEU I 127 -11.09 2.10 -42.16
C LEU I 127 -9.85 1.65 -41.40
N ASN I 128 -9.39 2.53 -40.52
CA ASN I 128 -8.29 2.31 -39.63
C ASN I 128 -8.61 3.14 -38.41
N HIS I 129 -8.31 2.62 -37.22
CA HIS I 129 -8.63 3.35 -36.01
C HIS I 129 -10.10 3.14 -35.70
N CYS I 130 -10.77 2.38 -36.56
CA CYS I 130 -12.15 2.00 -36.29
C CYS I 130 -12.37 0.50 -36.13
N LEU I 131 -11.32 -0.30 -36.27
CA LEU I 131 -11.53 -1.74 -36.28
C LEU I 131 -10.89 -2.46 -35.12
N GLU I 132 -11.67 -3.34 -34.48
CA GLU I 132 -11.10 -4.28 -33.55
C GLU I 132 -10.82 -5.56 -34.33
N HIS I 133 -10.04 -6.45 -33.75
CA HIS I 133 -9.63 -7.65 -34.46
C HIS I 133 -9.73 -8.87 -33.55
N LEU I 134 -9.89 -10.04 -34.16
CA LEU I 134 -9.82 -11.32 -33.43
C LEU I 134 -8.79 -12.27 -34.03
N VAL I 135 -7.68 -12.41 -33.34
CA VAL I 135 -6.65 -13.35 -33.72
C VAL I 135 -7.04 -14.76 -33.31
N GLN I 136 -6.91 -15.71 -34.23
CA GLN I 136 -7.16 -17.11 -33.95
C GLN I 136 -5.95 -17.94 -34.39
N TYR I 137 -5.31 -18.62 -33.46
CA TYR I 137 -4.11 -19.39 -33.77
C TYR I 137 -4.12 -20.81 -33.18
N ARG I 138 -3.68 -21.78 -33.96
CA ARG I 138 -3.50 -23.14 -33.46
C ARG I 138 -2.32 -23.84 -34.15
N THR I 139 -1.73 -24.81 -33.47
CA THR I 139 -0.62 -25.59 -34.04
C THR I 139 -1.10 -26.94 -34.56
N ASP I 140 -0.17 -27.72 -35.10
CA ASP I 140 -0.48 -29.06 -35.57
C ASP I 140 -1.01 -29.94 -34.44
N TRP I 141 -0.51 -29.72 -33.24
CA TRP I 141 -0.89 -30.53 -32.08
C TRP I 141 -2.21 -30.09 -31.48
N ASP I 142 -2.59 -28.84 -31.71
CA ASP I 142 -3.82 -28.30 -31.10
C ASP I 142 -5.12 -28.78 -31.76
N HIS I 143 -6.02 -29.31 -30.94
CA HIS I 143 -7.35 -29.72 -31.39
C HIS I 143 -8.22 -28.56 -31.87
N SER I 144 -8.16 -27.43 -31.16
CA SER I 144 -9.05 -26.32 -31.45
C SER I 144 -8.37 -24.98 -31.21
N TRP I 145 -9.08 -23.89 -31.54
CA TRP I 145 -8.48 -22.56 -31.62
C TRP I 145 -8.12 -21.87 -30.30
N THR I 146 -6.92 -21.31 -30.25
CA THR I 146 -6.55 -20.34 -29.23
C THR I 146 -6.89 -18.98 -29.81
N GLU I 147 -7.84 -18.27 -29.22
CA GLU I 147 -8.19 -16.95 -29.77
C GLU I 147 -7.89 -15.79 -28.81
N GLN I 148 -7.80 -14.59 -29.38
CA GLN I 148 -7.41 -13.38 -28.66
C GLN I 148 -7.88 -12.10 -29.36
N SER I 149 -8.29 -11.09 -28.59
CA SER I 149 -8.78 -9.84 -29.18
C SER I 149 -7.71 -8.78 -29.20
N VAL I 150 -7.55 -8.10 -30.32
CA VAL I 150 -6.57 -7.01 -30.40
C VAL I 150 -7.22 -5.71 -30.82
N ASP I 151 -6.75 -4.68 -30.12
CA ASP I 151 -7.07 -3.27 -30.26
C ASP I 151 -6.40 -2.69 -31.49
N TYR I 152 -6.81 -1.48 -31.85
CA TYR I 152 -6.53 -0.89 -33.15
C TYR I 152 -5.09 -1.07 -33.68
N ARG I 153 -4.09 -1.10 -32.81
CA ARG I 153 -2.74 -1.48 -33.24
C ARG I 153 -2.91 -2.80 -33.92
N HIS I 154 -2.56 -2.86 -35.19
CA HIS I 154 -2.76 -4.07 -35.99
C HIS I 154 -2.11 -5.33 -35.46
N LYS I 155 -1.07 -5.17 -34.65
CA LYS I 155 -0.23 -6.31 -34.29
C LYS I 155 -0.79 -7.19 -33.18
N PHE I 156 -0.45 -8.47 -33.24
CA PHE I 156 -0.69 -9.40 -32.14
C PHE I 156 0.61 -10.13 -31.79
N SER I 157 0.94 -10.20 -30.51
CA SER I 157 2.19 -10.81 -30.07
C SER I 157 2.03 -12.26 -29.61
N LEU I 158 3.05 -13.07 -29.88
CA LEU I 158 3.07 -14.47 -29.41
C LEU I 158 4.36 -14.75 -28.67
N PRO I 159 4.41 -14.35 -27.39
CA PRO I 159 5.57 -14.32 -26.50
C PRO I 159 6.33 -15.63 -26.40
N SER I 160 5.70 -16.75 -26.75
CA SER I 160 6.37 -18.04 -26.65
C SER I 160 5.89 -19.01 -27.73
N VAL I 161 6.82 -19.46 -28.58
CA VAL I 161 6.51 -20.42 -29.64
C VAL I 161 7.45 -21.62 -29.62
N ASP I 162 6.91 -22.79 -29.97
CA ASP I 162 7.63 -24.04 -29.90
C ASP I 162 8.35 -24.36 -31.21
N GLY I 163 9.67 -24.23 -31.20
CA GLY I 163 10.46 -24.49 -32.39
C GLY I 163 10.21 -25.84 -33.06
N GLN I 164 9.48 -26.72 -32.37
CA GLN I 164 9.25 -28.07 -32.88
C GLN I 164 7.89 -28.24 -33.53
N LYS I 165 7.06 -27.20 -33.48
CA LYS I 165 5.69 -27.30 -33.97
C LYS I 165 5.46 -26.48 -35.24
N ARG I 166 4.21 -26.41 -35.70
CA ARG I 166 3.85 -25.56 -36.83
C ARG I 166 2.51 -24.87 -36.62
N TYR I 167 2.53 -23.54 -36.60
CA TYR I 167 1.35 -22.75 -36.28
C TYR I 167 0.61 -22.33 -37.54
N THR I 168 -0.69 -22.07 -37.38
CA THR I 168 -1.46 -21.36 -38.39
C THR I 168 -2.04 -20.11 -37.72
N PHE I 169 -2.01 -18.99 -38.42
CA PHE I 169 -2.59 -17.77 -37.89
C PHE I 169 -3.67 -17.25 -38.82
N ARG I 170 -4.70 -16.65 -38.24
CA ARG I 170 -5.74 -16.00 -39.02
C ARG I 170 -6.46 -14.91 -38.21
N VAL I 171 -7.07 -13.95 -38.90
CA VAL I 171 -7.64 -12.79 -38.23
C VAL I 171 -8.91 -12.27 -38.92
N ARG I 172 -9.94 -11.99 -38.14
CA ARG I 172 -11.15 -11.35 -38.65
C ARG I 172 -11.37 -10.08 -37.84
N SER I 173 -12.08 -9.11 -38.40
CA SER I 173 -12.26 -7.83 -37.72
C SER I 173 -13.69 -7.29 -37.82
N ARG I 174 -14.04 -6.39 -36.91
CA ARG I 174 -15.40 -5.85 -36.82
C ARG I 174 -15.36 -4.31 -36.68
N PHE I 175 -16.47 -3.67 -37.05
CA PHE I 175 -16.57 -2.21 -36.97
C PHE I 175 -17.13 -1.87 -35.60
N ASN I 176 -16.26 -1.47 -34.69
CA ASN I 176 -16.61 -1.36 -33.28
C ASN I 176 -15.35 -1.09 -32.44
N PRO I 177 -15.46 -0.38 -31.30
CA PRO I 177 -16.63 0.20 -30.65
C PRO I 177 -16.49 1.73 -30.57
N LEU I 178 -16.09 2.35 -31.66
CA LEU I 178 -15.86 3.78 -31.70
C LEU I 178 -16.73 4.43 -32.77
N CYS I 179 -16.61 3.93 -34.00
CA CYS I 179 -17.37 4.51 -35.09
C CYS I 179 -18.67 3.75 -35.33
N GLY I 180 -18.96 2.81 -34.43
CA GLY I 180 -20.16 2.02 -34.51
C GLY I 180 -20.27 1.00 -33.39
N SER I 181 -21.29 0.16 -33.46
CA SER I 181 -21.53 -0.88 -32.47
C SER I 181 -21.66 -2.27 -33.09
N ALA I 182 -21.48 -2.35 -34.41
CA ALA I 182 -21.88 -3.52 -35.20
C ALA I 182 -21.35 -4.84 -34.67
N GLN I 183 -22.23 -5.83 -34.68
CA GLN I 183 -22.03 -7.09 -33.99
C GLN I 183 -21.30 -8.12 -34.83
N HIS I 184 -21.57 -8.14 -36.13
CA HIS I 184 -20.96 -9.13 -37.03
C HIS I 184 -19.47 -8.90 -37.29
N TRP I 185 -18.75 -9.95 -37.65
CA TRP I 185 -17.35 -9.83 -38.04
C TRP I 185 -17.24 -10.08 -39.54
N SER I 186 -16.09 -9.75 -40.14
CA SER I 186 -15.87 -10.04 -41.55
C SER I 186 -15.67 -11.53 -41.72
N GLU I 187 -15.37 -11.98 -42.93
CA GLU I 187 -14.91 -13.35 -43.11
C GLU I 187 -13.43 -13.38 -42.71
N TRP I 188 -12.93 -14.57 -42.40
CA TRP I 188 -11.55 -14.69 -41.94
C TRP I 188 -10.59 -14.36 -43.07
N SER I 189 -9.43 -13.80 -42.72
CA SER I 189 -8.39 -13.57 -43.70
C SER I 189 -7.78 -14.91 -44.05
N HIS I 190 -7.11 -14.98 -45.21
CA HIS I 190 -6.42 -16.20 -45.60
C HIS I 190 -5.37 -16.50 -44.54
N PRO I 191 -5.34 -17.75 -44.05
CA PRO I 191 -4.41 -18.14 -42.99
C PRO I 191 -2.95 -17.99 -43.41
N ILE I 192 -2.07 -17.75 -42.44
CA ILE I 192 -0.63 -17.79 -42.70
C ILE I 192 0.05 -18.74 -41.73
N HIS I 193 1.07 -19.44 -42.22
CA HIS I 193 1.73 -20.48 -41.43
C HIS I 193 3.12 -20.07 -40.96
N TRP I 194 3.60 -20.73 -39.90
CA TRP I 194 4.95 -20.52 -39.40
C TRP I 194 5.79 -21.80 -39.45
N SER J 9 9.98 -9.41 -67.19
CA SER J 9 9.02 -9.85 -68.19
C SER J 9 9.54 -9.60 -69.62
N THR J 10 9.46 -8.35 -70.06
CA THR J 10 10.08 -7.94 -71.31
C THR J 10 11.50 -8.48 -71.31
N LYS J 11 12.22 -8.17 -70.23
CA LYS J 11 13.58 -8.67 -70.03
C LYS J 11 13.74 -10.12 -70.46
N LYS J 12 12.90 -11.01 -69.91
CA LYS J 12 12.95 -12.42 -70.25
C LYS J 12 12.86 -12.60 -71.76
N THR J 13 11.78 -12.08 -72.33
CA THR J 13 11.60 -12.17 -73.76
C THR J 13 12.90 -11.78 -74.38
N GLN J 14 13.33 -10.55 -74.12
CA GLN J 14 14.51 -10.03 -74.81
C GLN J 14 15.67 -11.04 -74.80
N LEU J 15 16.04 -11.50 -73.61
CA LEU J 15 17.22 -12.33 -73.46
C LEU J 15 17.21 -13.54 -74.39
N GLN J 16 15.99 -14.04 -74.64
CA GLN J 16 15.69 -15.13 -75.59
C GLN J 16 15.75 -14.83 -77.12
N LEU J 17 15.14 -13.72 -77.52
CA LEU J 17 15.12 -13.26 -78.90
C LEU J 17 16.55 -13.09 -79.25
N GLU J 18 17.32 -12.51 -78.34
CA GLU J 18 18.73 -12.27 -78.61
C GLU J 18 19.42 -13.59 -78.97
N HIS J 19 19.06 -14.68 -78.29
CA HIS J 19 19.63 -15.97 -78.63
C HIS J 19 19.22 -16.40 -80.01
N LEU J 20 17.93 -16.24 -80.34
CA LEU J 20 17.47 -16.58 -81.68
C LEU J 20 18.35 -15.91 -82.74
N LEU J 21 18.45 -14.59 -82.68
CA LEU J 21 19.31 -13.86 -83.58
C LEU J 21 20.65 -14.55 -83.66
N LEU J 22 21.30 -14.71 -82.52
CA LEU J 22 22.62 -15.30 -82.47
C LEU J 22 22.71 -16.63 -83.20
N ASP J 23 21.73 -17.51 -82.98
CA ASP J 23 21.79 -18.82 -83.63
C ASP J 23 21.69 -18.60 -85.11
N LEU J 24 20.64 -17.90 -85.54
CA LEU J 24 20.47 -17.59 -86.93
C LEU J 24 21.78 -17.12 -87.56
N GLN J 25 22.55 -16.33 -86.82
CA GLN J 25 23.79 -15.77 -87.34
C GLN J 25 24.85 -16.83 -87.53
N MET J 26 24.92 -17.78 -86.60
CA MET J 26 25.96 -18.80 -86.62
C MET J 26 25.92 -19.64 -87.90
N ILE J 27 24.71 -19.81 -88.43
CA ILE J 27 24.54 -20.51 -89.70
C ILE J 27 25.07 -19.61 -90.81
N LEU J 28 24.57 -18.38 -90.86
CA LEU J 28 25.04 -17.41 -91.84
C LEU J 28 26.58 -17.33 -91.83
N ASN J 29 27.15 -17.15 -90.65
CA ASN J 29 28.60 -17.08 -90.50
C ASN J 29 29.31 -18.30 -91.10
N GLY J 30 28.65 -19.44 -91.08
CA GLY J 30 29.29 -20.67 -91.50
C GLY J 30 28.95 -21.15 -92.90
N ILE J 31 28.03 -20.48 -93.56
CA ILE J 31 27.58 -20.90 -94.88
C ILE J 31 28.25 -20.10 -96.01
N ASN J 32 28.91 -19.01 -95.63
CA ASN J 32 29.68 -18.22 -96.58
C ASN J 32 31.17 -18.54 -96.57
N ASN J 33 31.60 -19.30 -95.56
CA ASN J 33 32.97 -19.82 -95.52
C ASN J 33 33.18 -20.89 -96.58
N TYR J 34 32.35 -21.92 -96.48
CA TYR J 34 32.28 -23.01 -97.45
C TYR J 34 32.57 -22.52 -98.88
N LYS J 38 29.94 -26.76 -104.03
CA LYS J 38 28.59 -27.31 -103.87
C LYS J 38 27.64 -26.28 -103.27
N LEU J 39 28.19 -25.21 -102.70
CA LEU J 39 27.38 -24.12 -102.20
C LEU J 39 26.42 -23.64 -103.29
N THR J 40 26.83 -23.82 -104.55
CA THR J 40 25.96 -23.47 -105.67
C THR J 40 24.69 -24.30 -105.62
N ARG J 41 24.83 -25.61 -105.41
CA ARG J 41 23.66 -26.46 -105.19
C ARG J 41 22.94 -26.00 -103.92
N MET J 42 23.72 -25.72 -102.88
CA MET J 42 23.19 -25.19 -101.63
C MET J 42 22.33 -23.95 -101.91
N LEU J 43 22.64 -23.24 -102.98
CA LEU J 43 22.00 -21.96 -103.29
C LEU J 43 20.85 -22.11 -104.27
N THR J 44 20.59 -23.32 -104.73
CA THR J 44 19.50 -23.53 -105.66
C THR J 44 18.18 -23.66 -104.91
N PHE J 45 18.18 -24.44 -103.84
CA PHE J 45 16.96 -24.70 -103.07
C PHE J 45 16.21 -23.40 -102.83
N LYS J 46 14.89 -23.45 -103.01
CA LYS J 46 14.07 -22.24 -102.97
C LYS J 46 13.23 -22.11 -101.70
N PHE J 47 13.48 -21.04 -100.96
CA PHE J 47 12.75 -20.74 -99.73
C PHE J 47 11.66 -19.71 -99.96
N TYR J 48 10.60 -19.78 -99.18
CA TYR J 48 9.56 -18.75 -99.18
C TYR J 48 9.71 -17.86 -97.94
N MET J 49 9.24 -16.62 -98.03
CA MET J 49 9.41 -15.67 -96.93
C MET J 49 8.10 -14.96 -96.57
N PRO J 50 8.04 -14.37 -95.38
CA PRO J 50 6.80 -13.70 -94.97
C PRO J 50 6.47 -12.52 -95.85
N LYS J 51 5.17 -12.27 -96.07
CA LYS J 51 4.69 -11.11 -96.82
C LYS J 51 4.90 -9.89 -95.94
N LYS J 52 4.76 -10.13 -94.64
CA LYS J 52 4.94 -9.12 -93.62
C LYS J 52 5.38 -9.84 -92.36
N ALA J 53 6.55 -9.47 -91.85
CA ALA J 53 7.14 -10.09 -90.68
C ALA J 53 7.51 -8.97 -89.73
N THR J 54 6.55 -8.51 -88.96
CA THR J 54 6.73 -7.33 -88.14
C THR J 54 6.63 -7.61 -86.64
N GLU J 55 6.10 -8.77 -86.27
CA GLU J 55 5.79 -9.04 -84.85
C GLU J 55 6.18 -10.38 -84.26
N LEU J 56 6.07 -10.46 -82.93
CA LEU J 56 6.58 -11.60 -82.14
C LEU J 56 5.79 -12.88 -82.37
N LYS J 57 4.56 -12.74 -82.87
CA LYS J 57 3.72 -13.89 -83.17
C LYS J 57 3.84 -14.22 -84.66
N HIS J 58 4.83 -13.63 -85.31
CA HIS J 58 5.01 -13.79 -86.75
C HIS J 58 6.03 -14.88 -87.11
N LEU J 59 6.82 -15.30 -86.14
CA LEU J 59 7.87 -16.27 -86.38
C LEU J 59 7.36 -17.57 -87.00
N GLN J 60 6.04 -17.73 -87.08
CA GLN J 60 5.48 -18.96 -87.62
C GLN J 60 6.06 -19.25 -89.00
N CYS J 61 6.14 -18.21 -89.81
CA CYS J 61 6.71 -18.32 -91.15
C CYS J 61 8.14 -18.83 -91.09
N LEU J 62 8.77 -18.66 -89.93
CA LEU J 62 10.11 -19.19 -89.70
C LEU J 62 10.02 -20.65 -89.30
N GLU J 63 9.14 -20.95 -88.35
CA GLU J 63 8.95 -22.33 -87.90
C GLU J 63 8.67 -23.17 -89.13
N GLU J 64 7.76 -22.70 -89.96
CA GLU J 64 7.31 -23.46 -91.11
C GLU J 64 8.46 -23.87 -92.05
N GLU J 65 9.50 -23.06 -92.13
CA GLU J 65 10.55 -23.33 -93.11
C GLU J 65 11.77 -24.09 -92.58
N LEU J 66 11.67 -24.69 -91.41
CA LEU J 66 12.82 -25.39 -90.82
C LEU J 66 13.10 -26.76 -91.44
N LYS J 67 12.06 -27.44 -91.93
CA LYS J 67 12.27 -28.73 -92.57
C LYS J 67 13.26 -28.57 -93.71
N PRO J 68 13.01 -27.60 -94.60
CA PRO J 68 13.99 -27.33 -95.65
C PRO J 68 15.28 -26.76 -95.06
N LEU J 69 15.15 -25.89 -94.06
CA LEU J 69 16.34 -25.32 -93.42
C LEU J 69 17.27 -26.44 -92.96
N GLU J 70 16.70 -27.45 -92.30
CA GLU J 70 17.48 -28.60 -91.85
C GLU J 70 17.84 -29.48 -93.05
N GLU J 71 17.04 -29.42 -94.11
CA GLU J 71 17.31 -30.24 -95.29
C GLU J 71 18.42 -29.65 -96.13
N VAL J 72 18.48 -28.32 -96.19
CA VAL J 72 19.45 -27.63 -97.02
C VAL J 72 20.85 -27.63 -96.39
N LEU J 73 20.90 -27.50 -95.07
CA LEU J 73 22.16 -27.55 -94.34
C LEU J 73 22.65 -28.98 -94.20
N ASN J 74 22.02 -29.89 -94.95
CA ASN J 74 22.37 -31.30 -94.92
C ASN J 74 22.92 -31.81 -96.25
N LEU J 75 23.08 -30.90 -97.20
CA LEU J 75 23.61 -31.26 -98.51
C LEU J 75 25.13 -31.28 -98.43
N ALA J 76 25.67 -30.47 -97.52
CA ALA J 76 27.11 -30.42 -97.29
C ALA J 76 27.44 -31.27 -96.08
N HIS J 77 28.65 -31.83 -96.05
CA HIS J 77 29.01 -32.71 -94.95
C HIS J 77 29.12 -31.98 -93.61
N SER J 78 29.05 -32.77 -92.54
CA SER J 78 29.09 -32.27 -91.18
C SER J 78 30.37 -31.46 -90.85
N LYS J 79 31.53 -31.96 -91.28
CA LYS J 79 32.80 -31.32 -90.96
C LYS J 79 32.83 -29.83 -91.25
N ASN J 80 32.04 -29.40 -92.23
CA ASN J 80 32.14 -28.04 -92.77
C ASN J 80 31.77 -26.89 -91.82
N PHE J 81 30.70 -27.07 -91.05
CA PHE J 81 30.25 -26.03 -90.13
C PHE J 81 31.02 -26.03 -88.83
N HIS J 82 30.58 -25.20 -87.90
CA HIS J 82 31.06 -25.26 -86.54
C HIS J 82 29.86 -25.63 -85.68
N PHE J 83 28.83 -26.14 -86.35
CA PHE J 83 27.62 -26.57 -85.68
C PHE J 83 27.05 -27.88 -86.27
N ASP J 84 26.35 -28.65 -85.44
CA ASP J 84 25.57 -29.79 -85.93
C ASP J 84 24.19 -29.24 -86.30
N PRO J 85 23.78 -29.41 -87.56
CA PRO J 85 22.64 -28.70 -88.13
C PRO J 85 21.35 -29.09 -87.46
N ARG J 86 21.13 -30.39 -87.29
CA ARG J 86 19.94 -30.85 -86.58
C ARG J 86 19.86 -30.26 -85.17
N ASP J 87 21.00 -30.17 -84.49
CA ASP J 87 21.06 -29.58 -83.15
C ASP J 87 20.67 -28.09 -83.10
N VAL J 88 21.09 -27.29 -84.08
CA VAL J 88 20.77 -25.86 -84.11
C VAL J 88 19.34 -25.62 -84.58
N VAL J 89 18.93 -26.33 -85.62
CA VAL J 89 17.55 -26.34 -86.03
C VAL J 89 16.71 -26.77 -84.83
N SER J 90 17.15 -27.82 -84.14
CA SER J 90 16.50 -28.22 -82.90
C SER J 90 16.23 -26.95 -82.11
N ASN J 91 17.31 -26.24 -81.81
CA ASN J 91 17.25 -25.04 -80.98
C ASN J 91 16.36 -23.95 -81.54
N ILE J 92 16.62 -23.50 -82.77
CA ILE J 92 15.78 -22.47 -83.34
C ILE J 92 14.32 -22.77 -83.06
N ASN J 93 13.83 -23.91 -83.54
CA ASN J 93 12.43 -24.32 -83.31
C ASN J 93 11.94 -24.05 -81.89
N VAL J 94 12.70 -24.54 -80.92
CA VAL J 94 12.33 -24.42 -79.51
C VAL J 94 12.16 -22.98 -79.12
N PHE J 95 13.04 -22.12 -79.63
CA PHE J 95 12.89 -20.68 -79.42
C PHE J 95 11.60 -20.18 -80.05
N VAL J 96 11.50 -20.38 -81.36
CA VAL J 96 10.40 -19.84 -82.15
C VAL J 96 9.03 -20.28 -81.65
N LEU J 97 8.99 -21.40 -80.97
CA LEU J 97 7.73 -21.91 -80.46
C LEU J 97 7.23 -21.12 -79.25
N GLU J 98 8.15 -20.64 -78.42
CA GLU J 98 7.70 -19.94 -77.22
C GLU J 98 7.34 -18.46 -77.42
N LEU J 99 8.10 -17.79 -78.28
CA LEU J 99 8.01 -16.34 -78.47
C LEU J 99 6.62 -15.88 -78.93
N LYS J 100 6.13 -16.49 -80.00
CA LYS J 100 4.74 -16.30 -80.36
C LYS J 100 3.81 -16.64 -79.19
N GLY J 101 4.32 -17.38 -78.20
CA GLY J 101 3.48 -17.86 -77.10
C GLY J 101 2.71 -19.15 -77.40
N PHE J 106 -4.96 -17.46 -86.43
CA PHE J 106 -3.92 -16.88 -87.26
C PHE J 106 -3.32 -17.96 -88.16
N MET J 107 -2.70 -17.55 -89.26
CA MET J 107 -1.99 -18.44 -90.15
C MET J 107 -0.89 -17.67 -90.87
N CYS J 108 -0.17 -18.35 -91.77
CA CYS J 108 1.00 -17.74 -92.40
C CYS J 108 0.78 -17.40 -93.88
N GLU J 109 0.65 -16.11 -94.17
CA GLU J 109 0.56 -15.62 -95.54
C GLU J 109 1.97 -15.39 -96.06
N TYR J 110 2.30 -16.02 -97.18
CA TYR J 110 3.66 -15.93 -97.72
C TYR J 110 3.83 -14.93 -98.86
N ALA J 111 5.08 -14.57 -99.11
CA ALA J 111 5.40 -13.58 -100.12
C ALA J 111 5.52 -14.18 -101.52
N ASP J 112 5.80 -13.33 -102.49
CA ASP J 112 5.77 -13.71 -103.90
C ASP J 112 7.04 -14.42 -104.35
N GLU J 113 8.17 -13.73 -104.23
CA GLU J 113 9.45 -14.27 -104.68
C GLU J 113 10.02 -15.34 -103.77
N THR J 114 10.83 -16.22 -104.34
CA THR J 114 11.60 -17.20 -103.59
C THR J 114 12.92 -16.55 -103.15
N ALA J 115 13.75 -17.28 -102.42
CA ALA J 115 14.98 -16.68 -101.88
C ALA J 115 16.09 -17.67 -101.60
N THR J 116 17.32 -17.19 -101.70
CA THR J 116 18.48 -17.99 -101.32
C THR J 116 18.46 -18.20 -99.82
N ILE J 117 19.09 -19.27 -99.36
CA ILE J 117 19.23 -19.51 -97.93
C ILE J 117 19.88 -18.30 -97.27
N VAL J 118 20.76 -17.63 -98.01
CA VAL J 118 21.47 -16.47 -97.50
C VAL J 118 20.60 -15.23 -97.54
N GLU J 119 19.65 -15.20 -98.47
CA GLU J 119 18.62 -14.18 -98.43
C GLU J 119 17.70 -14.52 -97.27
N PHE J 120 17.49 -15.81 -97.07
CA PHE J 120 16.56 -16.32 -96.06
C PHE J 120 16.96 -15.95 -94.64
N LEU J 121 18.15 -16.39 -94.22
CA LEU J 121 18.63 -16.09 -92.88
C LEU J 121 18.61 -14.59 -92.66
N ASN J 122 19.10 -13.83 -93.64
CA ASN J 122 19.16 -12.38 -93.52
C ASN J 122 17.85 -11.75 -93.07
N ARG J 123 16.75 -12.10 -93.74
CA ARG J 123 15.44 -11.54 -93.37
C ARG J 123 15.14 -11.78 -91.91
N TRP J 124 15.29 -13.03 -91.50
CA TRP J 124 14.99 -13.42 -90.12
C TRP J 124 15.99 -12.83 -89.14
N ILE J 125 17.26 -12.78 -89.55
CA ILE J 125 18.29 -12.18 -88.73
C ILE J 125 17.92 -10.73 -88.47
N THR J 126 17.57 -10.03 -89.54
CA THR J 126 17.18 -8.64 -89.46
C THR J 126 15.80 -8.48 -88.82
N PHE J 127 14.95 -9.50 -88.96
CA PHE J 127 13.69 -9.51 -88.23
C PHE J 127 13.96 -9.29 -86.73
N CYS J 128 14.71 -10.23 -86.15
CA CYS J 128 15.03 -10.26 -84.73
C CYS J 128 15.61 -8.96 -84.21
N GLN J 129 16.56 -8.41 -84.95
CA GLN J 129 17.14 -7.12 -84.62
C GLN J 129 16.04 -6.06 -84.51
N SER J 130 15.08 -6.11 -85.44
CA SER J 130 13.94 -5.20 -85.38
C SER J 130 13.41 -5.19 -83.96
N ILE J 131 12.83 -6.30 -83.54
CA ILE J 131 12.21 -6.40 -82.22
C ILE J 131 13.12 -6.01 -81.08
N ILE J 132 14.35 -6.50 -81.14
CA ILE J 132 15.29 -6.55 -80.02
C ILE J 132 16.03 -5.21 -79.91
N SER J 133 15.86 -4.39 -80.95
CA SER J 133 16.27 -2.97 -80.93
C SER J 133 15.11 -2.15 -80.39
N THR J 134 13.91 -2.51 -80.84
CA THR J 134 12.67 -1.90 -80.37
C THR J 134 12.50 -2.09 -78.85
N LEU J 135 12.92 -3.25 -78.34
CA LEU J 135 12.76 -3.57 -76.93
C LEU J 135 13.30 -2.51 -75.96
N THR J 136 14.11 -1.59 -76.49
CA THR J 136 14.57 -0.41 -75.76
C THR J 136 14.90 0.68 -76.79
N SER K 9 18.75 -34.36 -48.83
CA SER K 9 18.73 -33.17 -47.99
C SER K 9 19.17 -31.93 -48.78
N GLN K 10 20.11 -32.13 -49.71
CA GLN K 10 20.46 -31.08 -50.67
C GLN K 10 20.98 -31.69 -51.96
N PHE K 11 20.53 -31.12 -53.08
CA PHE K 11 20.73 -31.70 -54.40
C PHE K 11 21.12 -30.59 -55.37
N THR K 12 22.28 -30.72 -56.00
CA THR K 12 22.82 -29.62 -56.79
C THR K 12 23.33 -30.02 -58.19
N CYS K 13 22.91 -29.26 -59.20
CA CYS K 13 23.23 -29.58 -60.60
C CYS K 13 23.59 -28.36 -61.43
N PHE K 14 24.82 -28.34 -61.94
CA PHE K 14 25.33 -27.20 -62.70
C PHE K 14 25.58 -27.58 -64.17
N TYR K 15 25.15 -26.70 -65.08
CA TYR K 15 25.22 -26.92 -66.53
C TYR K 15 26.61 -26.61 -67.10
N ASN K 16 27.05 -27.38 -68.11
CA ASN K 16 28.37 -27.19 -68.71
C ASN K 16 28.37 -26.20 -69.86
N SER K 17 27.20 -25.84 -70.35
CA SER K 17 27.08 -24.91 -71.47
C SER K 17 27.07 -25.60 -72.84
N ARG K 18 27.20 -26.93 -72.84
CA ARG K 18 27.08 -27.69 -74.07
C ARG K 18 26.35 -29.01 -73.88
N ALA K 19 26.96 -30.00 -73.22
CA ALA K 19 26.28 -31.29 -73.14
C ALA K 19 26.34 -32.03 -71.78
N GLN K 20 26.74 -31.30 -70.74
CA GLN K 20 26.94 -31.89 -69.41
C GLN K 20 26.20 -31.17 -68.30
N ILE K 21 25.37 -31.90 -67.55
CA ILE K 21 24.74 -31.34 -66.38
C ILE K 21 25.28 -32.03 -65.16
N SER K 22 26.26 -31.42 -64.50
CA SER K 22 26.95 -32.06 -63.39
C SER K 22 26.13 -32.10 -62.11
N CYS K 23 26.08 -33.27 -61.48
CA CYS K 23 25.20 -33.48 -60.34
C CYS K 23 25.92 -33.91 -59.07
N VAL K 24 25.54 -33.27 -57.97
CA VAL K 24 26.03 -33.56 -56.64
C VAL K 24 24.83 -33.79 -55.74
N TRP K 25 24.78 -34.95 -55.08
CA TRP K 25 23.67 -35.24 -54.17
C TRP K 25 24.09 -35.84 -52.83
N SER K 26 23.63 -35.20 -51.76
CA SER K 26 24.04 -35.57 -50.42
C SER K 26 22.82 -35.70 -49.50
N GLN K 27 22.86 -36.69 -48.60
CA GLN K 27 21.75 -36.95 -47.67
C GLN K 27 22.17 -37.94 -46.59
N THR K 34 20.97 -49.48 -51.50
CA THR K 34 21.16 -48.03 -51.54
C THR K 34 21.92 -47.61 -52.80
N SER K 35 21.37 -47.94 -53.97
CA SER K 35 21.95 -47.52 -55.25
C SER K 35 21.09 -46.42 -55.88
N CYS K 36 21.73 -45.44 -56.52
CA CYS K 36 21.01 -44.24 -56.95
C CYS K 36 21.26 -43.77 -58.39
N GLN K 37 20.34 -42.96 -58.90
CA GLN K 37 20.44 -42.42 -60.26
C GLN K 37 19.95 -40.99 -60.26
N VAL K 38 20.19 -40.29 -61.36
CA VAL K 38 19.54 -39.00 -61.58
C VAL K 38 18.94 -38.98 -62.96
N HIS K 39 17.60 -38.90 -63.02
CA HIS K 39 16.88 -38.95 -64.28
C HIS K 39 16.48 -37.55 -64.72
N ALA K 40 17.21 -37.02 -65.71
CA ALA K 40 16.90 -35.71 -66.29
C ALA K 40 15.96 -35.89 -67.48
N TRP K 41 14.82 -35.22 -67.40
CA TRP K 41 13.81 -35.29 -68.45
C TRP K 41 13.49 -33.89 -68.95
N PRO K 42 14.05 -33.54 -70.11
CA PRO K 42 13.96 -32.17 -70.62
C PRO K 42 12.51 -31.93 -70.99
N ASP K 43 12.00 -30.74 -70.74
CA ASP K 43 10.60 -30.50 -71.03
C ASP K 43 10.30 -30.52 -72.51
N ARG K 44 11.20 -29.98 -73.30
CA ARG K 44 10.87 -29.78 -74.70
C ARG K 44 11.52 -30.76 -75.65
N ARG K 45 12.52 -31.49 -75.18
CA ARG K 45 13.26 -32.40 -76.05
C ARG K 45 12.61 -33.78 -76.16
N ARG K 46 13.19 -34.62 -77.01
CA ARG K 46 12.66 -35.95 -77.28
C ARG K 46 13.50 -37.03 -76.63
N TRP K 47 14.51 -36.62 -75.88
CA TRP K 47 15.40 -37.57 -75.24
C TRP K 47 15.28 -37.46 -73.73
N GLN K 48 15.86 -38.45 -73.06
CA GLN K 48 16.10 -38.43 -71.63
C GLN K 48 17.46 -39.06 -71.45
N GLN K 49 17.98 -39.04 -70.24
CA GLN K 49 19.26 -39.67 -69.99
C GLN K 49 19.59 -39.65 -68.51
N THR K 50 20.32 -40.67 -68.06
CA THR K 50 20.63 -40.80 -66.65
C THR K 50 22.11 -41.13 -66.44
N CYS K 51 22.51 -41.24 -65.19
CA CYS K 51 23.88 -41.62 -64.84
C CYS K 51 23.88 -42.33 -63.50
N GLU K 52 24.65 -43.41 -63.38
CA GLU K 52 24.76 -44.11 -62.10
C GLU K 52 25.48 -43.24 -61.07
N LEU K 53 24.79 -42.96 -59.96
CA LEU K 53 25.30 -42.06 -58.92
C LEU K 53 26.46 -42.67 -58.14
N LEU K 54 27.53 -41.91 -57.98
CA LEU K 54 28.72 -42.42 -57.33
C LEU K 54 29.10 -41.64 -56.08
N PRO K 55 29.78 -42.29 -55.14
CA PRO K 55 30.24 -41.71 -53.87
C PRO K 55 31.44 -40.78 -54.00
N VAL K 56 31.43 -39.69 -53.25
CA VAL K 56 32.54 -38.74 -53.20
C VAL K 56 32.92 -38.43 -51.75
N SER K 57 32.01 -37.77 -51.03
CA SER K 57 32.17 -37.49 -49.60
C SER K 57 31.82 -38.72 -48.75
N GLN K 58 31.69 -38.54 -47.44
CA GLN K 58 31.24 -39.62 -46.57
C GLN K 58 29.75 -39.85 -46.81
N ALA K 59 29.02 -38.74 -46.95
CA ALA K 59 27.64 -38.77 -47.40
C ALA K 59 27.46 -37.73 -48.49
N SER K 60 27.51 -38.17 -49.73
CA SER K 60 27.42 -37.31 -50.91
C SER K 60 27.62 -38.14 -52.16
N TRP K 61 27.09 -37.67 -53.29
CA TRP K 61 27.22 -38.42 -54.52
C TRP K 61 27.31 -37.51 -55.73
N ALA K 62 27.80 -38.04 -56.83
CA ALA K 62 28.14 -37.25 -58.01
C ALA K 62 27.61 -37.86 -59.30
N CYS K 63 27.49 -37.02 -60.32
CA CYS K 63 27.11 -37.47 -61.63
C CYS K 63 27.45 -36.48 -62.72
N ASN K 64 27.78 -37.04 -63.88
CA ASN K 64 27.87 -36.29 -65.13
C ASN K 64 26.82 -36.83 -66.10
N LEU K 65 25.71 -36.11 -66.22
CA LEU K 65 24.65 -36.48 -67.15
C LEU K 65 25.09 -36.15 -68.57
N ILE K 66 25.73 -37.08 -69.25
CA ILE K 66 26.16 -36.80 -70.62
C ILE K 66 24.91 -36.59 -71.46
N LEU K 67 24.73 -35.34 -71.90
CA LEU K 67 23.63 -34.99 -72.77
C LEU K 67 23.93 -35.27 -74.26
N GLY K 68 25.18 -35.05 -74.67
CA GLY K 68 25.60 -35.40 -76.02
C GLY K 68 27.10 -35.56 -76.27
N ALA K 69 27.52 -35.16 -77.46
CA ALA K 69 28.89 -35.18 -77.92
C ALA K 69 29.64 -34.00 -77.32
N PRO K 70 30.93 -34.18 -76.98
CA PRO K 70 31.67 -33.19 -76.17
C PRO K 70 31.20 -31.74 -76.34
N ASP K 71 30.91 -31.31 -77.57
CA ASP K 71 30.47 -29.93 -77.80
C ASP K 71 29.03 -29.74 -78.31
N SER K 72 28.40 -30.84 -78.73
CA SER K 72 27.02 -30.77 -79.18
C SER K 72 26.24 -29.90 -78.21
N GLN K 73 25.66 -28.84 -78.74
CA GLN K 73 24.92 -27.84 -77.97
C GLN K 73 23.50 -28.35 -77.71
N LYS K 74 23.27 -28.88 -76.51
CA LYS K 74 22.12 -29.75 -76.28
C LYS K 74 20.90 -29.13 -75.59
N LEU K 75 21.05 -28.01 -74.89
CA LEU K 75 19.87 -27.33 -74.29
C LEU K 75 19.75 -25.83 -74.65
N THR K 76 18.80 -25.15 -74.01
CA THR K 76 18.44 -23.77 -74.34
C THR K 76 17.81 -22.99 -73.16
N THR K 77 18.07 -21.70 -73.07
CA THR K 77 17.57 -20.88 -71.95
C THR K 77 16.08 -21.05 -71.66
N VAL K 78 15.29 -21.28 -72.70
CA VAL K 78 13.86 -21.49 -72.50
C VAL K 78 13.64 -22.89 -71.94
N ASP K 79 14.56 -23.80 -72.26
CA ASP K 79 14.47 -25.20 -71.86
C ASP K 79 14.42 -25.36 -70.35
N ILE K 80 13.50 -26.21 -69.88
CA ILE K 80 13.45 -26.64 -68.48
C ILE K 80 13.52 -28.16 -68.41
N VAL K 81 14.65 -28.67 -67.91
CA VAL K 81 14.84 -30.09 -67.70
C VAL K 81 14.53 -30.44 -66.25
N THR K 82 13.63 -31.40 -66.05
CA THR K 82 13.29 -31.86 -64.71
C THR K 82 14.30 -32.93 -64.28
N LEU K 83 14.83 -32.78 -63.08
CA LEU K 83 15.77 -33.76 -62.55
C LEU K 83 15.13 -34.56 -61.42
N ARG K 84 15.33 -35.88 -61.43
CA ARG K 84 14.92 -36.73 -60.33
C ARG K 84 16.12 -37.50 -59.79
N VAL K 85 16.06 -37.86 -58.52
CA VAL K 85 17.05 -38.77 -57.93
C VAL K 85 16.29 -40.03 -57.55
N LEU K 86 16.67 -41.14 -58.17
CA LEU K 86 15.95 -42.39 -57.97
C LEU K 86 16.79 -43.43 -57.28
N CYS K 87 16.30 -43.93 -56.16
CA CYS K 87 16.97 -45.01 -55.44
C CYS K 87 16.09 -46.24 -55.46
N ARG K 88 16.68 -47.39 -55.69
CA ARG K 88 15.94 -48.62 -55.54
C ARG K 88 15.48 -48.73 -54.08
N GLU K 89 14.17 -48.76 -53.87
CA GLU K 89 13.58 -49.11 -52.58
C GLU K 89 12.57 -50.21 -52.85
N GLY K 90 13.08 -51.45 -52.84
CA GLY K 90 12.27 -52.60 -53.15
C GLY K 90 12.40 -52.98 -54.60
N VAL K 91 11.28 -53.36 -55.22
CA VAL K 91 11.23 -53.82 -56.60
C VAL K 91 11.09 -52.68 -57.58
N ARG K 92 11.09 -51.45 -57.07
CA ARG K 92 10.89 -50.26 -57.89
C ARG K 92 11.89 -49.15 -57.57
N TRP K 93 11.56 -47.94 -58.00
CA TRP K 93 12.39 -46.76 -57.81
C TRP K 93 11.69 -45.70 -56.95
N ARG K 94 12.27 -45.36 -55.81
CA ARG K 94 11.74 -44.25 -55.02
C ARG K 94 12.43 -42.96 -55.47
N VAL K 95 11.66 -41.88 -55.54
CA VAL K 95 12.20 -40.59 -55.93
C VAL K 95 12.72 -39.86 -54.70
N MET K 96 14.04 -39.84 -54.53
CA MET K 96 14.61 -39.22 -53.36
C MET K 96 14.52 -37.69 -53.39
N ALA K 97 14.32 -37.12 -54.57
CA ALA K 97 14.16 -35.66 -54.70
C ALA K 97 13.82 -35.17 -56.12
N ILE K 98 13.08 -34.07 -56.19
CA ILE K 98 12.74 -33.43 -57.47
C ILE K 98 13.15 -31.96 -57.48
N GLN K 99 13.62 -31.52 -58.63
CA GLN K 99 13.98 -30.13 -58.82
C GLN K 99 13.61 -29.73 -60.24
N ASP K 100 12.94 -28.59 -60.37
CA ASP K 100 12.73 -28.00 -61.67
C ASP K 100 13.94 -27.13 -62.00
N PHE K 101 14.60 -27.46 -63.11
CA PHE K 101 15.94 -26.98 -63.40
C PHE K 101 15.95 -26.22 -64.71
N LYS K 102 16.41 -24.97 -64.66
CA LYS K 102 16.65 -24.18 -65.85
C LYS K 102 18.17 -24.09 -66.09
N PRO K 103 18.68 -24.88 -67.06
CA PRO K 103 20.11 -25.07 -67.33
C PRO K 103 20.88 -23.78 -67.47
N PHE K 104 20.27 -22.77 -68.07
CA PHE K 104 20.96 -21.51 -68.30
C PHE K 104 21.10 -20.67 -67.05
N GLU K 105 20.40 -21.08 -66.00
CA GLU K 105 20.55 -20.46 -64.69
C GLU K 105 21.39 -21.36 -63.76
N ASN K 106 21.93 -22.45 -64.30
CA ASN K 106 22.91 -23.28 -63.56
C ASN K 106 24.28 -23.45 -64.25
N LEU K 107 24.60 -22.47 -65.07
CA LEU K 107 25.76 -22.52 -65.93
C LEU K 107 26.98 -22.72 -65.07
N ARG K 108 27.77 -23.74 -65.38
CA ARG K 108 29.14 -23.83 -64.89
C ARG K 108 30.01 -24.08 -66.10
N LEU K 109 31.10 -23.35 -66.21
CA LEU K 109 31.99 -23.51 -67.35
C LEU K 109 33.16 -24.40 -66.98
N MET K 110 33.70 -25.11 -67.98
CA MET K 110 34.84 -25.97 -67.71
C MET K 110 36.10 -25.13 -67.52
N ALA K 111 37.12 -25.76 -66.97
CA ALA K 111 38.39 -25.10 -66.75
C ALA K 111 38.96 -24.63 -68.08
N PRO K 112 39.43 -23.37 -68.14
CA PRO K 112 40.16 -22.87 -69.32
C PRO K 112 41.38 -23.76 -69.60
N ILE K 113 41.82 -23.81 -70.84
CA ILE K 113 42.94 -24.68 -71.21
C ILE K 113 43.79 -24.09 -72.31
N SER K 114 44.76 -24.91 -72.75
CA SER K 114 45.75 -24.56 -73.76
C SER K 114 46.68 -23.45 -73.25
N LEU K 115 46.97 -23.47 -71.96
CA LEU K 115 47.73 -22.38 -71.34
C LEU K 115 49.20 -22.43 -71.71
N GLN K 116 49.61 -21.52 -72.59
CA GLN K 116 51.00 -21.45 -73.03
C GLN K 116 51.57 -20.04 -72.98
N VAL K 117 52.89 -19.98 -72.83
CA VAL K 117 53.62 -18.72 -72.77
C VAL K 117 53.66 -18.10 -74.15
N VAL K 118 52.97 -16.98 -74.32
CA VAL K 118 52.94 -16.27 -75.59
C VAL K 118 54.24 -15.50 -75.78
N HIS K 119 54.65 -14.79 -74.73
CA HIS K 119 55.94 -14.11 -74.70
C HIS K 119 56.38 -13.89 -73.26
N VAL K 120 57.69 -13.82 -73.03
CA VAL K 120 58.24 -13.58 -71.71
C VAL K 120 59.48 -12.72 -71.79
N GLU K 121 59.59 -11.75 -70.90
CA GLU K 121 60.72 -10.84 -70.90
C GLU K 121 61.45 -10.85 -69.57
N THR K 122 62.41 -9.96 -69.39
CA THR K 122 63.14 -9.87 -68.13
C THR K 122 62.17 -9.51 -67.02
N HIS K 123 61.26 -8.59 -67.31
CA HIS K 123 60.35 -8.07 -66.29
C HIS K 123 58.86 -8.29 -66.65
N ARG K 124 58.57 -8.92 -67.78
CA ARG K 124 57.17 -9.09 -68.23
C ARG K 124 56.80 -10.51 -68.65
N CYS K 125 55.49 -10.74 -68.79
CA CYS K 125 54.99 -12.02 -69.31
C CYS K 125 53.58 -11.91 -69.93
N ASN K 126 53.33 -12.71 -70.96
CA ASN K 126 52.10 -12.63 -71.73
C ASN K 126 51.54 -14.02 -72.03
N ILE K 127 50.35 -14.31 -71.49
CA ILE K 127 49.84 -15.67 -71.46
C ILE K 127 48.45 -15.85 -72.04
N SER K 128 48.28 -16.87 -72.88
CA SER K 128 46.96 -17.13 -73.44
C SER K 128 46.45 -18.48 -72.97
N TRP K 129 45.15 -18.69 -73.18
CA TRP K 129 44.48 -19.93 -72.87
C TRP K 129 43.31 -19.98 -73.84
N GLU K 130 42.46 -20.96 -73.69
CA GLU K 130 41.25 -21.00 -74.49
C GLU K 130 40.11 -21.36 -73.56
N ILE K 131 38.91 -20.83 -73.80
CA ILE K 131 37.76 -21.30 -73.04
C ILE K 131 37.42 -22.68 -73.59
N SER K 132 37.00 -23.60 -72.73
CA SER K 132 36.56 -24.91 -73.19
C SER K 132 35.03 -25.07 -73.13
N GLN K 133 34.43 -25.49 -74.24
CA GLN K 133 32.99 -25.76 -74.32
C GLN K 133 32.03 -24.63 -73.92
N ALA K 134 32.31 -23.40 -74.38
CA ALA K 134 31.48 -22.26 -74.04
C ALA K 134 30.58 -21.92 -75.20
N SER K 135 29.27 -21.91 -74.95
CA SER K 135 28.33 -21.71 -76.04
C SER K 135 28.46 -20.34 -76.68
N HIS K 136 27.89 -20.22 -77.87
CA HIS K 136 27.94 -19.01 -78.67
C HIS K 136 26.81 -18.11 -78.26
N TYR K 137 25.80 -18.70 -77.64
CA TYR K 137 24.72 -17.92 -77.06
C TYR K 137 25.27 -16.88 -76.07
N PHE K 138 26.51 -17.09 -75.65
CA PHE K 138 27.18 -16.24 -74.66
C PHE K 138 27.82 -14.98 -75.25
N GLU K 139 28.07 -15.01 -76.56
CA GLU K 139 28.79 -13.91 -77.21
C GLU K 139 30.01 -13.52 -76.36
N ARG K 140 30.09 -12.25 -75.96
CA ARG K 140 31.22 -11.79 -75.18
C ARG K 140 30.71 -11.14 -73.91
N HIS K 141 29.63 -11.67 -73.40
CA HIS K 141 29.27 -11.38 -72.05
C HIS K 141 29.89 -12.39 -71.15
N LEU K 142 31.13 -12.18 -70.71
CA LEU K 142 31.74 -13.11 -69.78
C LEU K 142 32.50 -12.28 -68.77
N GLU K 143 33.42 -12.95 -68.07
CA GLU K 143 34.37 -12.33 -67.17
C GLU K 143 35.49 -13.34 -67.01
N PHE K 144 36.68 -12.89 -66.63
CA PHE K 144 37.77 -13.80 -66.28
C PHE K 144 38.52 -13.30 -65.05
N GLU K 145 38.94 -14.23 -64.20
CA GLU K 145 39.80 -13.90 -63.07
C GLU K 145 41.07 -14.71 -63.24
N ALA K 146 42.21 -14.12 -62.95
CA ALA K 146 43.44 -14.87 -63.04
C ALA K 146 44.25 -14.61 -61.79
N ARG K 147 45.22 -15.48 -61.55
CA ARG K 147 45.98 -15.40 -60.33
C ARG K 147 47.42 -15.78 -60.63
N THR K 148 48.34 -14.94 -60.17
CA THR K 148 49.76 -15.22 -60.36
C THR K 148 50.40 -15.69 -59.07
N LEU K 149 50.94 -16.91 -59.10
CA LEU K 149 51.61 -17.51 -57.96
C LEU K 149 53.09 -17.18 -57.94
N SER K 150 53.52 -16.42 -56.92
CA SER K 150 54.92 -16.01 -56.79
C SER K 150 55.63 -16.70 -55.64
N PRO K 151 56.97 -16.84 -55.73
CA PRO K 151 57.80 -17.60 -54.77
C PRO K 151 57.58 -17.24 -53.31
N GLY K 152 57.16 -16.01 -53.05
CA GLY K 152 56.89 -15.58 -51.68
C GLY K 152 55.76 -16.36 -51.03
N HIS K 153 54.65 -16.52 -51.73
CA HIS K 153 53.43 -17.03 -51.11
C HIS K 153 52.66 -18.04 -51.95
N THR K 154 51.77 -18.80 -51.31
CA THR K 154 50.88 -19.71 -52.02
C THR K 154 49.54 -19.07 -52.34
N TRP K 155 48.74 -19.78 -53.10
CA TRP K 155 47.59 -19.24 -53.82
C TRP K 155 46.64 -18.33 -53.03
N GLU K 156 46.20 -18.74 -51.85
CA GLU K 156 45.26 -17.91 -51.08
C GLU K 156 45.60 -16.41 -51.09
N GLU K 157 46.87 -16.11 -50.86
CA GLU K 157 47.31 -14.73 -50.65
C GLU K 157 47.53 -13.93 -51.93
N ALA K 158 47.90 -14.59 -53.02
CA ALA K 158 48.05 -13.91 -54.31
C ALA K 158 46.71 -13.37 -54.77
N PRO K 159 46.66 -12.06 -55.07
CA PRO K 159 45.38 -11.40 -55.39
C PRO K 159 44.82 -11.81 -56.76
N LEU K 160 43.51 -11.60 -56.89
CA LEU K 160 42.78 -11.97 -58.09
C LEU K 160 42.99 -10.94 -59.20
N LEU K 161 43.15 -11.42 -60.44
CA LEU K 161 43.29 -10.55 -61.61
C LEU K 161 42.00 -10.53 -62.42
N THR K 162 41.43 -9.35 -62.60
CA THR K 162 40.05 -9.22 -63.08
C THR K 162 39.90 -8.70 -64.52
N LEU K 163 39.28 -9.53 -65.37
CA LEU K 163 38.96 -9.21 -66.76
C LEU K 163 37.45 -9.19 -66.89
N LYS K 164 36.89 -7.99 -66.78
CA LYS K 164 35.44 -7.79 -66.87
C LYS K 164 34.93 -7.95 -68.31
N GLN K 165 35.85 -8.28 -69.22
CA GLN K 165 35.54 -8.60 -70.61
C GLN K 165 36.10 -9.96 -70.99
N LYS K 166 35.87 -10.36 -72.24
CA LYS K 166 36.36 -11.65 -72.72
C LYS K 166 37.73 -11.48 -73.39
N GLN K 167 38.76 -11.98 -72.70
CA GLN K 167 40.14 -11.69 -73.02
C GLN K 167 40.94 -12.99 -72.86
N GLU K 168 41.38 -13.57 -73.97
CA GLU K 168 42.02 -14.89 -73.89
C GLU K 168 43.53 -14.81 -73.68
N TRP K 169 44.00 -13.62 -73.35
CA TRP K 169 45.40 -13.43 -73.02
C TRP K 169 45.53 -12.45 -71.86
N ILE K 170 46.48 -12.70 -70.97
CA ILE K 170 46.84 -11.75 -69.92
C ILE K 170 48.29 -11.33 -70.06
N CYS K 171 48.57 -10.08 -69.72
CA CYS K 171 49.94 -9.60 -69.74
C CYS K 171 50.34 -9.26 -68.31
N LEU K 172 50.86 -10.27 -67.58
CA LEU K 172 51.31 -10.10 -66.21
C LEU K 172 52.39 -9.02 -66.15
N GLU K 173 52.47 -8.30 -65.04
CA GLU K 173 53.28 -7.09 -65.04
C GLU K 173 54.06 -6.83 -63.78
N THR K 174 55.11 -5.99 -63.90
CA THR K 174 55.98 -5.65 -62.76
C THR K 174 56.64 -6.83 -62.03
N LEU K 175 57.33 -7.70 -62.77
CA LEU K 175 57.80 -8.97 -62.24
C LEU K 175 59.30 -8.87 -61.90
N THR K 176 59.88 -10.01 -61.51
CA THR K 176 61.30 -10.11 -61.22
C THR K 176 61.98 -11.03 -62.22
N PRO K 177 63.06 -10.55 -62.88
CA PRO K 177 63.79 -11.32 -63.88
C PRO K 177 64.30 -12.65 -63.35
N ASP K 178 64.33 -13.66 -64.21
CA ASP K 178 64.78 -15.01 -63.84
C ASP K 178 64.19 -15.50 -62.52
N THR K 179 62.86 -15.49 -62.42
CA THR K 179 62.15 -16.01 -61.24
C THR K 179 61.14 -17.07 -61.70
N GLN K 180 60.59 -17.85 -60.75
CA GLN K 180 59.64 -18.90 -61.09
C GLN K 180 58.19 -18.56 -60.73
N TYR K 181 57.31 -18.59 -61.73
CA TYR K 181 55.92 -18.19 -61.56
C TYR K 181 54.92 -19.24 -62.05
N GLU K 182 53.76 -19.30 -61.39
CA GLU K 182 52.64 -20.11 -61.86
C GLU K 182 51.38 -19.24 -61.98
N PHE K 183 50.56 -19.53 -63.00
CA PHE K 183 49.44 -18.68 -63.33
C PHE K 183 48.14 -19.48 -63.53
N GLN K 184 47.05 -18.96 -62.98
CA GLN K 184 45.72 -19.55 -63.16
C GLN K 184 44.66 -18.56 -63.72
N VAL K 185 43.46 -19.08 -64.02
CA VAL K 185 42.42 -18.24 -64.59
C VAL K 185 41.09 -19.00 -64.62
N ARG K 186 40.00 -18.28 -64.38
CA ARG K 186 38.67 -18.90 -64.41
C ARG K 186 37.61 -18.02 -65.09
N VAL K 187 36.69 -18.65 -65.80
CA VAL K 187 35.69 -17.93 -66.58
C VAL K 187 34.26 -18.24 -66.15
N LYS K 188 33.49 -17.18 -65.93
CA LYS K 188 32.08 -17.29 -65.61
C LYS K 188 31.26 -16.48 -66.59
N PRO K 189 30.31 -17.14 -67.27
CA PRO K 189 29.45 -16.41 -68.22
C PRO K 189 28.78 -15.27 -67.46
N LEU K 190 28.12 -14.36 -68.16
CA LEU K 190 27.50 -13.24 -67.47
C LEU K 190 26.07 -13.61 -67.03
N GLN K 191 25.43 -14.45 -67.84
CA GLN K 191 24.02 -14.79 -67.67
C GLN K 191 23.77 -15.83 -66.60
N GLY K 192 22.70 -15.65 -65.83
CA GLY K 192 22.29 -16.64 -64.85
C GLY K 192 22.17 -16.14 -63.43
N GLU K 193 21.28 -16.76 -62.68
CA GLU K 193 20.98 -16.32 -61.33
C GLU K 193 21.87 -17.00 -60.30
N PHE K 194 22.13 -18.29 -60.49
CA PHE K 194 22.88 -19.08 -59.52
C PHE K 194 24.29 -19.44 -59.97
N THR K 195 24.67 -18.97 -61.16
CA THR K 195 25.93 -19.38 -61.78
C THR K 195 27.12 -18.97 -60.92
N THR K 196 28.13 -19.84 -60.85
CA THR K 196 29.35 -19.56 -60.09
C THR K 196 30.59 -19.76 -60.93
N TRP K 197 31.68 -19.15 -60.46
CA TRP K 197 32.97 -19.29 -61.10
C TRP K 197 33.32 -20.74 -61.33
N SER K 198 34.07 -21.00 -62.40
CA SER K 198 34.46 -22.35 -62.74
C SER K 198 35.72 -22.73 -61.97
N PRO K 199 36.13 -24.00 -62.08
CA PRO K 199 37.38 -24.42 -61.46
C PRO K 199 38.49 -23.51 -61.92
N TRP K 200 39.67 -23.67 -61.35
CA TRP K 200 40.82 -22.92 -61.81
C TRP K 200 41.51 -23.68 -62.94
N SER K 201 42.18 -22.95 -63.81
CA SER K 201 42.87 -23.53 -64.95
C SER K 201 44.12 -24.25 -64.49
N GLN K 202 44.33 -25.47 -64.97
CA GLN K 202 45.52 -26.25 -64.61
C GLN K 202 46.78 -25.42 -64.83
N PRO K 203 47.49 -25.12 -63.74
CA PRO K 203 48.56 -24.12 -63.61
C PRO K 203 49.67 -24.24 -64.64
N LEU K 204 50.00 -23.14 -65.28
CA LEU K 204 51.14 -23.10 -66.17
C LEU K 204 52.31 -22.53 -65.40
N ALA K 205 53.47 -23.18 -65.51
CA ALA K 205 54.66 -22.72 -64.81
C ALA K 205 55.68 -22.16 -65.79
N PHE K 206 55.96 -20.86 -65.69
CA PHE K 206 56.92 -20.23 -66.58
C PHE K 206 58.07 -19.59 -65.83
N ARG K 207 59.25 -19.59 -66.46
CA ARG K 207 60.42 -18.93 -65.89
C ARG K 207 60.78 -17.71 -66.72
N THR K 208 61.56 -16.81 -66.13
CA THR K 208 61.85 -15.50 -66.70
C THR K 208 63.29 -15.37 -67.24
N LYS K 209 63.46 -14.59 -68.30
CA LYS K 209 64.79 -14.38 -68.90
C LYS K 209 65.66 -13.43 -68.07
N PRO K 210 66.85 -13.90 -67.66
CA PRO K 210 67.78 -13.23 -66.75
C PRO K 210 68.12 -11.78 -67.14
N PRO L 4 26.40 5.19 -117.53
CA PRO L 4 26.95 4.77 -116.24
C PRO L 4 26.94 5.92 -115.23
N LEU L 5 26.10 5.79 -114.20
CA LEU L 5 25.99 6.80 -113.14
C LEU L 5 26.78 6.40 -111.91
N PRO L 6 27.14 7.39 -111.09
CA PRO L 6 27.87 7.13 -109.84
C PRO L 6 27.07 6.33 -108.82
N GLU L 7 27.61 5.18 -108.42
CA GLU L 7 27.09 4.45 -107.27
C GLU L 7 27.00 5.41 -106.10
N VAL L 8 26.07 5.15 -105.19
CA VAL L 8 25.81 6.07 -104.09
C VAL L 8 25.95 5.40 -102.74
N GLN L 9 26.83 5.90 -101.89
CA GLN L 9 27.00 5.34 -100.55
C GLN L 9 26.29 6.19 -99.49
N CYS L 10 25.37 5.54 -98.76
CA CYS L 10 24.58 6.21 -97.74
C CYS L 10 25.00 5.79 -96.33
N PHE L 11 24.48 6.48 -95.33
CA PHE L 11 24.81 6.19 -93.96
C PHE L 11 23.83 6.84 -93.00
N VAL L 12 23.33 6.05 -92.05
CA VAL L 12 22.55 6.57 -90.96
C VAL L 12 23.51 6.92 -89.84
N PHE L 13 23.55 8.18 -89.44
CA PHE L 13 24.46 8.58 -88.39
C PHE L 13 23.77 8.60 -87.05
N ASN L 14 24.11 7.60 -86.24
CA ASN L 14 23.58 7.45 -84.89
C ASN L 14 22.06 7.47 -84.90
N VAL L 15 21.49 6.97 -85.98
CA VAL L 15 20.05 7.03 -86.20
C VAL L 15 19.52 8.41 -85.91
N GLU L 16 20.37 9.41 -86.10
CA GLU L 16 19.94 10.79 -86.01
C GLU L 16 19.46 11.26 -87.37
N TYR L 17 20.20 10.86 -88.41
CA TYR L 17 19.90 11.28 -89.77
C TYR L 17 20.76 10.50 -90.75
N MET L 18 20.52 10.70 -92.04
CA MET L 18 21.29 9.99 -93.06
C MET L 18 21.82 10.91 -94.16
N ASN L 19 23.02 10.61 -94.62
CA ASN L 19 23.57 11.25 -95.80
C ASN L 19 23.80 10.21 -96.88
N CYS L 20 23.34 10.51 -98.09
CA CYS L 20 23.71 9.74 -99.25
C CYS L 20 24.48 10.64 -100.22
N THR L 21 25.71 10.27 -100.53
CA THR L 21 26.54 11.11 -101.40
C THR L 21 27.02 10.37 -102.63
N TRP L 22 27.42 11.12 -103.66
CA TRP L 22 28.05 10.54 -104.83
C TRP L 22 28.98 11.50 -105.55
N GLN L 23 29.95 10.94 -106.28
CA GLN L 23 30.91 11.74 -107.04
C GLN L 23 30.29 12.19 -108.35
N SER L 24 29.89 13.46 -108.40
CA SER L 24 29.17 14.02 -109.53
C SER L 24 30.09 14.43 -110.69
N SER L 25 31.28 14.93 -110.34
CA SER L 25 32.14 15.67 -111.27
C SER L 25 32.73 14.87 -112.46
N SER L 26 32.93 13.57 -112.29
CA SER L 26 33.51 12.76 -113.37
C SER L 26 32.56 12.66 -114.56
N GLU L 27 32.79 13.52 -115.55
CA GLU L 27 31.95 13.64 -116.76
C GLU L 27 32.43 14.83 -117.59
N PRO L 28 32.18 14.81 -118.91
CA PRO L 28 32.60 15.93 -119.78
C PRO L 28 31.93 17.27 -119.46
N GLN L 29 30.67 17.24 -119.06
CA GLN L 29 29.92 18.48 -118.81
C GLN L 29 29.12 18.39 -117.51
N PRO L 30 28.88 19.54 -116.87
CA PRO L 30 28.19 19.58 -115.57
C PRO L 30 26.76 19.09 -115.66
N THR L 31 26.26 18.54 -114.56
CA THR L 31 24.92 17.97 -114.52
C THR L 31 24.36 17.83 -113.10
N ASN L 32 23.05 17.95 -112.97
CA ASN L 32 22.40 17.76 -111.68
C ASN L 32 21.67 16.43 -111.60
N LEU L 33 22.31 15.43 -111.03
CA LEU L 33 21.64 14.17 -110.77
C LEU L 33 20.63 14.36 -109.65
N THR L 34 19.42 13.82 -109.85
CA THR L 34 18.40 13.85 -108.81
C THR L 34 18.31 12.51 -108.08
N LEU L 35 17.92 12.55 -106.81
CA LEU L 35 17.80 11.33 -106.00
C LEU L 35 16.35 11.04 -105.68
N HIS L 36 16.01 9.76 -105.56
CA HIS L 36 14.67 9.32 -105.17
C HIS L 36 14.73 8.06 -104.30
N TYR L 37 13.92 8.01 -103.24
CA TYR L 37 13.98 6.92 -102.26
C TYR L 37 12.61 6.35 -101.88
N TRP L 38 12.59 5.08 -101.49
CA TRP L 38 11.35 4.39 -101.12
C TRP L 38 11.60 3.06 -100.38
N TYR L 39 10.57 2.56 -99.70
CA TYR L 39 10.63 1.28 -98.99
C TYR L 39 9.73 0.19 -99.59
N LYS L 40 10.36 -0.84 -100.15
CA LYS L 40 9.62 -1.88 -100.83
C LYS L 40 8.71 -2.70 -99.89
N ASN L 41 7.93 -3.60 -100.48
CA ASN L 41 7.03 -4.51 -99.77
C ASN L 41 6.53 -4.02 -98.42
N SER L 42 6.16 -2.74 -98.37
CA SER L 42 5.64 -2.14 -97.15
C SER L 42 4.51 -1.13 -97.40
N ASP L 43 4.03 -0.51 -96.33
CA ASP L 43 3.08 0.58 -96.42
C ASP L 43 3.80 1.86 -96.85
N ASN L 44 3.03 2.85 -97.28
CA ASN L 44 3.60 4.04 -97.91
C ASN L 44 4.70 3.65 -98.89
N ASP L 45 4.30 2.91 -99.93
CA ASP L 45 5.21 2.56 -101.00
C ASP L 45 5.37 3.76 -101.94
N LYS L 46 4.70 4.85 -101.60
CA LYS L 46 4.79 6.09 -102.39
C LYS L 46 6.26 6.46 -102.57
N VAL L 47 6.64 6.70 -103.83
CA VAL L 47 8.00 7.14 -104.11
C VAL L 47 8.10 8.60 -103.68
N GLN L 48 9.23 8.98 -103.10
CA GLN L 48 9.37 10.33 -102.56
C GLN L 48 10.57 11.07 -103.16
N LYS L 49 10.38 12.37 -103.39
CA LYS L 49 11.44 13.23 -103.88
C LYS L 49 12.36 13.59 -102.72
N CYS L 50 13.55 14.11 -103.04
CA CYS L 50 14.52 14.48 -102.03
C CYS L 50 14.31 15.93 -101.55
N SER L 51 13.79 16.09 -100.34
CA SER L 51 13.42 17.40 -99.81
C SER L 51 14.62 18.32 -99.54
N HIS L 52 15.73 17.72 -99.09
CA HIS L 52 16.92 18.46 -98.69
C HIS L 52 18.16 17.92 -99.43
N TYR L 53 18.76 18.75 -100.27
CA TYR L 53 19.90 18.32 -101.10
C TYR L 53 21.28 18.68 -100.55
N LEU L 54 22.29 17.92 -100.95
CA LEU L 54 23.68 18.31 -100.72
C LEU L 54 24.31 18.71 -102.03
N PHE L 55 25.26 19.63 -101.97
CA PHE L 55 25.88 20.13 -103.19
C PHE L 55 27.41 20.06 -103.17
N SER L 56 28.00 19.80 -104.33
CA SER L 56 29.45 19.89 -104.52
C SER L 56 29.74 20.78 -105.72
N GLU L 57 30.12 22.03 -105.46
CA GLU L 57 30.43 23.00 -106.52
C GLU L 57 29.17 23.40 -107.29
N GLU L 58 28.16 23.88 -106.57
CA GLU L 58 26.85 24.13 -107.16
C GLU L 58 26.40 22.99 -108.08
N ILE L 59 26.75 21.77 -107.69
CA ILE L 59 26.18 20.54 -108.25
C ILE L 59 25.58 19.80 -107.07
N THR L 60 24.80 18.75 -107.33
CA THR L 60 24.26 17.95 -106.23
C THR L 60 25.23 16.83 -105.86
N SER L 61 25.70 16.85 -104.62
CA SER L 61 26.67 15.86 -104.14
C SER L 61 25.94 14.74 -103.45
N GLY L 62 24.66 14.94 -103.20
CA GLY L 62 23.86 13.94 -102.52
C GLY L 62 22.59 14.50 -101.89
N CYS L 63 22.02 13.73 -100.99
CA CYS L 63 20.82 14.13 -100.27
C CYS L 63 20.99 13.85 -98.78
N GLN L 64 20.19 14.49 -97.95
CA GLN L 64 20.14 14.12 -96.54
C GLN L 64 18.72 13.69 -96.18
N LEU L 65 18.60 12.74 -95.26
CA LEU L 65 17.29 12.35 -94.75
C LEU L 65 17.33 12.45 -93.23
N GLN L 66 16.46 13.28 -92.66
CA GLN L 66 16.46 13.51 -91.23
C GLN L 66 15.80 12.34 -90.49
N LYS L 67 15.73 12.44 -89.16
CA LYS L 67 15.21 11.37 -88.33
C LYS L 67 13.95 10.74 -88.89
N LYS L 68 12.99 11.58 -89.27
CA LYS L 68 11.65 11.14 -89.59
C LYS L 68 11.49 10.36 -90.90
N GLU L 69 12.49 10.43 -91.76
CA GLU L 69 12.43 9.72 -93.03
C GLU L 69 13.13 8.37 -92.90
N ILE L 70 13.59 8.04 -91.70
CA ILE L 70 14.51 6.93 -91.54
C ILE L 70 14.00 5.75 -90.70
N HIS L 71 13.60 4.68 -91.38
CA HIS L 71 13.16 3.47 -90.72
C HIS L 71 14.11 2.34 -91.06
N LEU L 72 15.08 2.07 -90.20
CA LEU L 72 15.89 0.88 -90.39
C LEU L 72 14.92 -0.29 -90.41
N TYR L 73 15.36 -1.45 -90.87
CA TYR L 73 14.54 -2.66 -90.85
C TYR L 73 13.53 -2.69 -91.99
N GLN L 74 13.35 -1.55 -92.64
CA GLN L 74 12.56 -1.52 -93.86
C GLN L 74 13.51 -1.41 -95.02
N THR L 75 13.50 -2.41 -95.91
CA THR L 75 14.34 -2.39 -97.09
C THR L 75 14.17 -1.10 -97.87
N PHE L 76 15.23 -0.31 -97.86
CA PHE L 76 15.24 1.05 -98.38
C PHE L 76 15.83 1.03 -99.79
N VAL L 77 15.15 1.65 -100.75
CA VAL L 77 15.69 1.78 -102.10
C VAL L 77 15.95 3.23 -102.49
N VAL L 78 17.06 3.45 -103.20
CA VAL L 78 17.47 4.79 -103.58
C VAL L 78 17.83 4.82 -105.05
N GLN L 79 17.36 5.85 -105.76
CA GLN L 79 17.49 5.93 -107.22
C GLN L 79 18.19 7.21 -107.66
N LEU L 80 19.24 7.09 -108.48
CA LEU L 80 19.95 8.26 -109.02
C LEU L 80 19.53 8.54 -110.45
N GLN L 81 19.08 9.77 -110.69
CA GLN L 81 18.40 10.12 -111.93
C GLN L 81 19.08 11.27 -112.67
N ASP L 82 19.51 11.00 -113.91
CA ASP L 82 19.93 12.05 -114.82
C ASP L 82 18.64 12.52 -115.52
N PRO L 83 18.15 13.70 -115.17
CA PRO L 83 16.84 14.19 -115.60
C PRO L 83 16.73 14.37 -117.11
N ARG L 84 17.84 14.22 -117.83
CA ARG L 84 17.79 14.29 -119.28
C ARG L 84 17.12 13.03 -119.84
N GLU L 85 17.74 11.89 -119.56
CA GLU L 85 17.30 10.60 -120.09
C GLU L 85 16.84 9.63 -118.99
N PRO L 86 15.59 9.16 -119.09
CA PRO L 86 15.09 8.17 -118.13
C PRO L 86 15.82 6.84 -118.25
N ARG L 87 16.12 6.45 -119.49
CA ARG L 87 16.86 5.23 -119.77
C ARG L 87 17.98 5.03 -118.76
N ARG L 88 18.72 6.10 -118.52
CA ARG L 88 19.85 6.05 -117.61
C ARG L 88 19.35 6.26 -116.19
N GLN L 89 19.45 5.21 -115.38
CA GLN L 89 19.17 5.30 -113.95
C GLN L 89 19.76 4.11 -113.21
N ALA L 90 20.05 4.30 -111.93
CA ALA L 90 20.63 3.25 -111.11
C ALA L 90 20.00 3.22 -109.73
N THR L 91 19.43 2.08 -109.37
CA THR L 91 18.83 1.90 -108.05
C THR L 91 19.64 0.91 -107.24
N GLN L 92 19.65 1.10 -105.92
CA GLN L 92 20.40 0.24 -105.03
C GLN L 92 19.56 -0.09 -103.80
N MET L 93 19.17 -1.35 -103.66
CA MET L 93 18.48 -1.79 -102.46
C MET L 93 19.47 -1.81 -101.31
N LEU L 94 19.01 -1.43 -100.13
CA LEU L 94 19.92 -1.28 -99.01
C LEU L 94 19.27 -1.68 -97.71
N LYS L 95 20.04 -2.33 -96.85
CA LYS L 95 19.57 -2.58 -95.51
C LYS L 95 20.26 -1.60 -94.57
N LEU L 96 19.52 -0.56 -94.21
CA LEU L 96 20.05 0.55 -93.41
C LEU L 96 20.80 0.09 -92.14
N GLN L 97 20.11 -0.66 -91.28
CA GLN L 97 20.68 -1.09 -90.00
C GLN L 97 22.13 -1.57 -90.12
N ASN L 98 22.59 -1.78 -91.36
CA ASN L 98 23.97 -2.21 -91.58
C ASN L 98 24.93 -1.06 -91.91
N LEU L 99 24.40 0.15 -91.94
CA LEU L 99 25.20 1.34 -92.19
C LEU L 99 25.18 2.26 -91.00
N VAL L 100 24.38 1.92 -90.01
CA VAL L 100 24.23 2.83 -88.91
C VAL L 100 25.64 3.10 -88.46
N ILE L 101 25.87 4.36 -88.12
CA ILE L 101 27.17 4.88 -87.72
C ILE L 101 27.04 5.66 -86.41
N PRO L 102 27.48 5.07 -85.29
CA PRO L 102 27.23 5.63 -83.96
C PRO L 102 28.12 6.83 -83.73
N TRP L 103 27.84 7.62 -82.68
CA TRP L 103 28.72 8.73 -82.32
C TRP L 103 29.79 8.26 -81.33
N ALA L 104 31.02 8.75 -81.56
CA ALA L 104 32.19 8.34 -80.80
C ALA L 104 31.97 8.43 -79.30
N PRO L 105 32.56 7.46 -78.56
CA PRO L 105 32.55 7.41 -77.10
C PRO L 105 33.02 8.72 -76.49
N GLU L 106 32.43 9.12 -75.37
CA GLU L 106 32.81 10.39 -74.76
C GLU L 106 32.94 10.21 -73.26
N ASN L 107 33.46 11.24 -72.59
CA ASN L 107 33.67 11.18 -71.15
C ASN L 107 34.38 9.91 -70.69
N LEU L 108 35.54 9.63 -71.27
CA LEU L 108 36.37 8.54 -70.81
C LEU L 108 36.74 8.74 -69.34
N THR L 109 36.68 7.65 -68.57
CA THR L 109 37.03 7.67 -67.15
C THR L 109 37.92 6.47 -66.77
N LEU L 110 39.02 6.77 -66.08
CA LEU L 110 39.97 5.77 -65.66
C LEU L 110 40.00 5.69 -64.14
N HIS L 111 39.50 4.58 -63.63
CA HIS L 111 39.38 4.38 -62.20
C HIS L 111 40.26 3.24 -61.70
N LYS L 112 40.88 3.42 -60.54
CA LYS L 112 41.84 2.45 -60.06
C LYS L 112 41.11 1.55 -59.10
N LEU L 113 41.15 0.24 -59.33
CA LEU L 113 40.46 -0.70 -58.44
C LEU L 113 41.43 -1.58 -57.66
N SER L 114 42.71 -1.42 -57.95
CA SER L 114 43.79 -2.11 -57.24
C SER L 114 45.03 -1.28 -57.52
N GLU L 115 46.04 -1.39 -56.67
CA GLU L 115 47.26 -0.64 -56.91
C GLU L 115 47.81 -0.95 -58.28
N SER L 116 47.52 -2.15 -58.77
CA SER L 116 48.05 -2.59 -60.06
C SER L 116 46.97 -2.82 -61.11
N GLN L 117 45.71 -2.72 -60.70
CA GLN L 117 44.57 -2.99 -61.58
C GLN L 117 43.62 -1.81 -61.76
N LEU L 118 43.39 -1.40 -63.00
CA LEU L 118 42.48 -0.29 -63.30
C LEU L 118 41.42 -0.57 -64.38
N GLU L 119 40.33 0.21 -64.38
CA GLU L 119 39.20 0.02 -65.30
C GLU L 119 38.90 1.29 -66.10
N LEU L 120 38.54 1.12 -67.36
CA LEU L 120 38.13 2.27 -68.16
C LEU L 120 36.65 2.19 -68.42
N ASN L 121 36.04 3.34 -68.67
CA ASN L 121 34.61 3.42 -68.88
C ASN L 121 34.27 4.49 -69.91
N TRP L 122 33.09 4.38 -70.51
CA TRP L 122 32.66 5.29 -71.56
C TRP L 122 31.16 5.14 -71.88
N ASN L 123 30.49 6.28 -72.12
CA ASN L 123 29.06 6.26 -72.38
C ASN L 123 28.81 6.28 -73.87
N ASN L 124 27.55 6.32 -74.27
CA ASN L 124 27.23 6.42 -75.69
C ASN L 124 26.14 7.46 -75.96
N ARG L 125 26.15 8.06 -77.14
CA ARG L 125 25.36 9.25 -77.37
C ARG L 125 23.87 9.05 -77.17
N PHE L 126 23.33 7.98 -77.72
CA PHE L 126 21.92 7.67 -77.54
C PHE L 126 21.77 6.19 -77.24
N LEU L 127 21.98 5.38 -78.27
CA LEU L 127 21.84 3.93 -78.19
C LEU L 127 22.71 3.38 -77.06
N ASN L 128 22.38 2.20 -76.53
CA ASN L 128 23.23 1.60 -75.49
C ASN L 128 23.66 0.13 -75.68
N HIS L 129 22.71 -0.80 -75.67
CA HIS L 129 23.07 -2.21 -75.81
C HIS L 129 22.96 -2.66 -77.25
N CYS L 130 23.02 -1.71 -78.16
CA CYS L 130 23.08 -2.07 -79.56
C CYS L 130 24.50 -1.78 -80.03
N LEU L 131 25.36 -1.40 -79.09
CA LEU L 131 26.69 -0.92 -79.41
C LEU L 131 27.81 -1.78 -78.81
N GLU L 132 28.62 -2.36 -79.68
CA GLU L 132 29.83 -3.05 -79.27
C GLU L 132 30.96 -2.07 -79.45
N HIS L 133 32.09 -2.32 -78.80
CA HIS L 133 33.19 -1.37 -78.82
C HIS L 133 34.54 -2.05 -79.09
N LEU L 134 35.52 -1.23 -79.48
CA LEU L 134 36.90 -1.68 -79.64
C LEU L 134 37.81 -0.72 -78.88
N VAL L 135 38.64 -1.27 -78.00
CA VAL L 135 39.55 -0.46 -77.21
C VAL L 135 40.98 -0.68 -77.72
N GLN L 136 41.83 0.35 -77.64
CA GLN L 136 43.27 0.21 -77.90
C GLN L 136 44.16 0.81 -76.80
N TYR L 137 45.32 0.21 -76.57
CA TYR L 137 46.28 0.80 -75.64
C TYR L 137 47.76 0.71 -75.92
N ARG L 138 48.42 1.82 -75.63
CA ARG L 138 49.86 1.89 -75.74
C ARG L 138 50.49 2.79 -74.66
N THR L 139 51.80 2.67 -74.51
CA THR L 139 52.59 3.59 -73.69
C THR L 139 53.76 4.09 -74.52
N ASP L 140 54.61 4.91 -73.93
CA ASP L 140 55.76 5.42 -74.67
C ASP L 140 56.66 4.26 -75.01
N TRP L 141 56.55 3.20 -74.24
CA TRP L 141 57.30 1.98 -74.52
C TRP L 141 56.59 1.17 -75.60
N ASP L 142 55.32 1.50 -75.84
CA ASP L 142 54.57 0.87 -76.91
C ASP L 142 54.64 1.71 -78.18
N HIS L 143 55.03 1.06 -79.27
CA HIS L 143 55.15 1.74 -80.54
C HIS L 143 53.82 1.74 -81.30
N SER L 144 53.09 0.63 -81.20
CA SER L 144 51.77 0.48 -81.81
C SER L 144 50.78 -0.04 -80.78
N TRP L 145 49.49 0.07 -81.07
CA TRP L 145 48.48 -0.23 -80.04
C TRP L 145 48.28 -1.69 -79.71
N THR L 146 47.64 -1.89 -78.58
CA THR L 146 47.08 -3.18 -78.24
C THR L 146 45.61 -2.89 -78.35
N GLU L 147 44.88 -3.69 -79.12
CA GLU L 147 43.45 -3.51 -79.11
C GLU L 147 42.76 -4.69 -78.44
N GLN L 148 41.54 -4.46 -77.94
CA GLN L 148 40.72 -5.50 -77.33
C GLN L 148 39.27 -5.20 -77.63
N SER L 149 38.43 -6.23 -77.75
CA SER L 149 37.00 -6.02 -78.06
C SER L 149 36.03 -6.27 -76.89
N VAL L 150 35.14 -5.31 -76.65
CA VAL L 150 34.26 -5.31 -75.48
C VAL L 150 32.81 -5.72 -75.71
N ASP L 151 32.18 -6.15 -74.62
CA ASP L 151 30.78 -6.56 -74.60
C ASP L 151 29.88 -5.34 -74.44
N TYR L 152 28.58 -5.57 -74.30
CA TYR L 152 27.62 -4.47 -74.23
C TYR L 152 27.92 -3.55 -73.03
N ARG L 153 28.31 -4.13 -71.91
CA ARG L 153 28.64 -3.32 -70.74
C ARG L 153 29.78 -2.39 -71.14
N HIS L 154 29.77 -1.16 -70.65
CA HIS L 154 30.80 -0.18 -71.04
C HIS L 154 32.28 -0.47 -70.68
N LYS L 155 32.53 -1.01 -69.49
CA LYS L 155 33.88 -1.16 -68.93
C LYS L 155 34.92 -2.10 -69.59
N PHE L 156 36.18 -1.65 -69.52
CA PHE L 156 37.38 -2.38 -69.89
C PHE L 156 38.39 -2.46 -68.73
N SER L 157 38.35 -3.56 -68.00
CA SER L 157 39.27 -3.76 -66.89
C SER L 157 40.67 -3.55 -67.40
N LEU L 158 41.63 -3.62 -66.50
CA LEU L 158 43.03 -3.61 -66.87
C LEU L 158 43.86 -4.27 -65.78
N PRO L 159 44.10 -5.58 -65.92
CA PRO L 159 44.63 -6.44 -64.86
C PRO L 159 46.06 -6.10 -64.43
N SER L 160 46.78 -5.33 -65.24
CA SER L 160 48.15 -5.00 -64.93
C SER L 160 48.57 -3.71 -65.56
N VAL L 161 49.18 -2.82 -64.82
CA VAL L 161 49.82 -1.71 -65.51
C VAL L 161 51.10 -1.18 -64.83
N ASP L 162 52.05 -0.79 -65.67
CA ASP L 162 53.41 -0.51 -65.21
C ASP L 162 53.54 0.80 -64.43
N GLY L 163 54.08 0.71 -63.23
CA GLY L 163 54.37 1.91 -62.45
C GLY L 163 55.24 2.93 -63.19
N GLN L 164 56.17 2.45 -63.99
CA GLN L 164 57.05 3.35 -64.73
C GLN L 164 56.30 4.12 -65.82
N LYS L 165 55.63 3.38 -66.72
CA LYS L 165 55.06 3.93 -67.97
C LYS L 165 53.84 4.86 -67.82
N ARG L 166 53.45 5.47 -68.93
CA ARG L 166 52.24 6.28 -69.06
C ARG L 166 51.42 5.80 -70.26
N TYR L 167 50.22 5.29 -70.00
CA TYR L 167 49.40 4.64 -71.02
C TYR L 167 48.61 5.61 -71.90
N THR L 168 47.99 5.06 -72.94
CA THR L 168 47.02 5.77 -73.77
C THR L 168 45.84 4.86 -74.07
N PHE L 169 44.69 5.14 -73.47
CA PHE L 169 43.51 4.32 -73.63
C PHE L 169 42.61 4.99 -74.67
N ARG L 170 41.94 4.20 -75.54
CA ARG L 170 41.00 4.74 -76.54
C ARG L 170 40.05 3.73 -77.21
N VAL L 171 38.86 4.21 -77.58
CA VAL L 171 37.72 3.36 -77.93
C VAL L 171 37.10 3.82 -79.26
N ARG L 172 36.47 2.90 -79.98
CA ARG L 172 35.49 3.24 -81.02
C ARG L 172 34.39 2.18 -81.05
N SER L 173 33.20 2.51 -81.55
CA SER L 173 32.10 1.55 -81.48
C SER L 173 31.34 1.29 -82.77
N ARG L 174 30.79 0.09 -82.91
CA ARG L 174 30.05 -0.27 -84.10
C ARG L 174 28.61 -0.59 -83.72
N PHE L 175 27.70 -0.45 -84.67
CA PHE L 175 26.27 -0.70 -84.43
C PHE L 175 25.88 -2.09 -84.90
N ASN L 176 25.99 -3.03 -83.97
CA ASN L 176 25.80 -4.45 -84.20
C ASN L 176 26.35 -5.10 -82.94
N PRO L 177 26.18 -6.41 -82.80
CA PRO L 177 25.39 -7.29 -83.67
C PRO L 177 23.94 -7.40 -83.24
N LEU L 178 23.55 -6.75 -82.15
CA LEU L 178 22.25 -7.07 -81.57
C LEU L 178 21.11 -6.26 -82.13
N CYS L 179 21.37 -5.00 -82.53
CA CYS L 179 20.31 -4.18 -83.14
C CYS L 179 20.32 -4.27 -84.67
N GLY L 180 21.40 -4.83 -85.20
CA GLY L 180 21.67 -4.84 -86.63
C GLY L 180 23.07 -5.38 -86.79
N SER L 181 23.57 -5.45 -88.02
CA SER L 181 24.95 -5.81 -88.22
C SER L 181 25.58 -4.73 -89.06
N ALA L 182 26.13 -3.71 -88.41
CA ALA L 182 26.81 -2.64 -89.14
C ALA L 182 28.25 -3.03 -89.45
N GLN L 183 28.75 -2.61 -90.59
CA GLN L 183 30.14 -2.87 -90.91
C GLN L 183 31.06 -1.82 -90.29
N HIS L 184 30.63 -0.57 -90.28
CA HIS L 184 31.52 0.54 -89.94
C HIS L 184 31.62 0.96 -88.47
N TRP L 185 32.82 1.37 -88.08
CA TRP L 185 33.09 1.93 -86.76
C TRP L 185 33.07 3.46 -86.85
N SER L 186 32.61 4.11 -85.79
CA SER L 186 32.70 5.57 -85.72
C SER L 186 34.16 5.93 -85.53
N GLU L 187 34.50 7.18 -85.74
CA GLU L 187 35.87 7.60 -85.47
C GLU L 187 36.16 7.51 -83.96
N TRP L 188 37.43 7.42 -83.61
CA TRP L 188 37.86 7.22 -82.23
C TRP L 188 37.47 8.36 -81.28
N SER L 189 37.01 8.00 -80.09
CA SER L 189 36.84 8.98 -79.02
C SER L 189 38.14 9.72 -78.82
N HIS L 190 38.07 10.88 -78.17
CA HIS L 190 39.29 11.57 -77.76
C HIS L 190 40.12 10.58 -76.98
N PRO L 191 41.44 10.67 -77.11
CA PRO L 191 42.33 9.85 -76.27
C PRO L 191 42.36 10.35 -74.82
N ILE L 192 42.52 9.43 -73.86
CA ILE L 192 42.82 9.80 -72.48
C ILE L 192 44.06 9.09 -71.98
N HIS L 193 44.86 9.81 -71.21
CA HIS L 193 46.16 9.33 -70.79
C HIS L 193 46.14 8.90 -69.32
N TRP L 194 47.07 8.03 -68.97
CA TRP L 194 47.28 7.63 -67.58
C TRP L 194 48.72 7.89 -67.15
N SER M 9 30.37 32.45 -61.24
CA SER M 9 30.88 33.57 -62.04
C SER M 9 30.42 34.89 -61.42
N THR M 10 29.14 34.95 -61.04
CA THR M 10 28.60 36.11 -60.35
C THR M 10 29.38 36.29 -59.05
N LYS M 11 29.61 35.19 -58.35
CA LYS M 11 30.37 35.20 -57.12
C LYS M 11 31.55 36.16 -57.25
N LYS M 12 32.41 35.87 -58.23
CA LYS M 12 33.64 36.63 -58.48
C LYS M 12 33.37 38.10 -58.75
N THR M 13 32.58 38.36 -59.78
CA THR M 13 32.26 39.73 -60.18
C THR M 13 31.71 40.48 -58.99
N GLN M 14 30.78 39.84 -58.30
CA GLN M 14 30.23 40.36 -57.07
C GLN M 14 31.37 40.77 -56.15
N LEU M 15 32.42 39.95 -56.14
CA LEU M 15 33.49 40.08 -55.16
C LEU M 15 34.50 41.17 -55.51
N GLN M 16 34.78 41.33 -56.80
CA GLN M 16 35.68 42.41 -57.19
C GLN M 16 35.01 43.74 -56.88
N LEU M 17 33.77 43.90 -57.35
CA LEU M 17 32.94 45.06 -57.05
C LEU M 17 33.00 45.49 -55.59
N GLU M 18 32.68 44.56 -54.70
CA GLU M 18 32.71 44.82 -53.29
C GLU M 18 33.99 45.57 -52.95
N HIS M 19 35.11 45.06 -53.43
CA HIS M 19 36.41 45.70 -53.21
C HIS M 19 36.42 47.13 -53.72
N LEU M 20 36.01 47.33 -54.98
CA LEU M 20 35.90 48.68 -55.54
C LEU M 20 35.20 49.58 -54.53
N LEU M 21 33.95 49.24 -54.23
CA LEU M 21 33.18 49.96 -53.23
C LEU M 21 34.06 50.30 -52.05
N LEU M 22 34.74 49.29 -51.53
CA LEU M 22 35.51 49.47 -50.30
C LEU M 22 36.64 50.47 -50.48
N ASP M 23 37.28 50.44 -51.65
CA ASP M 23 38.44 51.30 -51.87
C ASP M 23 38.01 52.75 -52.03
N LEU M 24 36.87 52.95 -52.68
CA LEU M 24 36.31 54.29 -52.81
C LEU M 24 35.99 54.88 -51.43
N GLN M 25 35.19 54.14 -50.67
CA GLN M 25 34.80 54.50 -49.31
C GLN M 25 35.97 54.99 -48.48
N MET M 26 37.11 54.34 -48.61
CA MET M 26 38.33 54.76 -47.94
C MET M 26 38.63 56.20 -48.30
N ILE M 27 38.81 56.46 -49.59
CA ILE M 27 39.10 57.82 -50.04
C ILE M 27 38.09 58.80 -49.46
N LEU M 28 36.81 58.47 -49.54
CA LEU M 28 35.77 59.33 -49.01
C LEU M 28 35.97 59.65 -47.53
N ASN M 29 36.35 58.64 -46.74
CA ASN M 29 36.42 58.81 -45.29
C ASN M 29 37.64 59.57 -44.81
N GLY M 30 38.66 59.64 -45.65
CA GLY M 30 39.88 60.34 -45.30
C GLY M 30 39.88 61.80 -45.71
N ILE M 31 38.98 62.17 -46.62
CA ILE M 31 38.89 63.56 -47.11
C ILE M 31 37.83 64.40 -46.38
N ASN M 32 37.00 63.74 -45.55
CA ASN M 32 36.01 64.46 -44.76
C ASN M 32 36.44 64.67 -43.30
N ASN M 33 37.64 64.19 -42.96
CA ASN M 33 38.23 64.50 -41.67
C ASN M 33 39.08 65.77 -41.78
N TYR M 34 39.81 65.89 -42.89
CA TYR M 34 40.59 67.08 -43.18
C TYR M 34 39.65 68.27 -43.40
N LYS M 38 42.86 73.29 -46.81
CA LYS M 38 42.85 73.28 -48.27
C LYS M 38 41.84 72.29 -48.86
N LEU M 39 40.95 71.77 -48.01
CA LEU M 39 39.75 71.07 -48.49
C LEU M 39 38.88 72.08 -49.23
N THR M 40 38.97 73.35 -48.81
CA THR M 40 38.33 74.42 -49.54
C THR M 40 38.83 74.41 -50.98
N ARG M 41 40.15 74.36 -51.14
CA ARG M 41 40.74 74.28 -52.47
C ARG M 41 40.41 72.93 -53.12
N MET M 42 40.51 71.85 -52.36
CA MET M 42 40.17 70.55 -52.90
C MET M 42 38.79 70.58 -53.52
N LEU M 43 37.88 71.30 -52.90
CA LEU M 43 36.50 71.31 -53.33
C LEU M 43 36.22 72.14 -54.58
N THR M 44 37.18 72.93 -55.03
CA THR M 44 36.97 73.71 -56.24
C THR M 44 37.04 72.81 -57.46
N PHE M 45 38.07 71.96 -57.53
CA PHE M 45 38.26 71.12 -58.71
C PHE M 45 36.96 70.47 -59.13
N LYS M 46 36.64 70.62 -60.42
CA LYS M 46 35.32 70.28 -60.92
C LYS M 46 35.33 69.00 -61.72
N PHE M 47 34.78 67.94 -61.11
CA PHE M 47 34.64 66.63 -61.75
C PHE M 47 33.44 66.60 -62.68
N TYR M 48 33.44 65.65 -63.61
CA TYR M 48 32.28 65.40 -64.44
C TYR M 48 31.65 64.06 -64.08
N MET M 49 30.35 63.94 -64.28
CA MET M 49 29.64 62.73 -63.87
C MET M 49 28.86 62.06 -64.99
N PRO M 50 28.59 60.76 -64.85
CA PRO M 50 27.95 60.01 -65.92
C PRO M 50 26.53 60.50 -66.11
N LYS M 51 26.15 60.82 -67.34
CA LYS M 51 24.76 61.19 -67.63
C LYS M 51 23.86 60.08 -67.10
N LYS M 52 24.28 58.84 -67.29
CA LYS M 52 23.50 57.68 -66.87
C LYS M 52 24.44 56.51 -66.56
N ALA M 53 24.39 56.04 -65.31
CA ALA M 53 25.27 54.98 -64.82
C ALA M 53 24.46 53.87 -64.15
N THR M 54 24.06 52.89 -64.95
CA THR M 54 23.19 51.81 -64.52
C THR M 54 23.84 50.44 -64.63
N GLU M 55 24.95 50.36 -65.36
CA GLU M 55 25.52 49.06 -65.69
C GLU M 55 27.04 48.99 -65.57
N LEU M 56 27.55 47.76 -65.53
CA LEU M 56 28.97 47.47 -65.31
C LEU M 56 29.86 48.09 -66.37
N LYS M 57 29.32 48.27 -67.57
CA LYS M 57 30.09 48.79 -68.69
C LYS M 57 30.14 50.31 -68.69
N HIS M 58 29.54 50.91 -67.68
CA HIS M 58 29.56 52.37 -67.54
C HIS M 58 30.82 52.86 -66.83
N LEU M 59 31.43 51.97 -66.06
CA LEU M 59 32.63 52.30 -65.30
C LEU M 59 33.67 53.05 -66.13
N GLN M 60 33.50 53.08 -67.44
CA GLN M 60 34.43 53.79 -68.30
C GLN M 60 34.43 55.25 -67.88
N CYS M 61 33.22 55.78 -67.71
CA CYS M 61 33.05 57.14 -67.22
C CYS M 61 33.88 57.35 -65.95
N LEU M 62 34.03 56.32 -65.13
CA LEU M 62 34.93 56.40 -63.97
C LEU M 62 36.38 56.32 -64.42
N GLU M 63 36.70 55.31 -65.21
CA GLU M 63 38.08 55.16 -65.68
C GLU M 63 38.53 56.52 -66.17
N GLU M 64 37.71 57.13 -67.02
CA GLU M 64 38.03 58.41 -67.64
C GLU M 64 38.43 59.51 -66.65
N GLU M 65 37.63 59.68 -65.60
CA GLU M 65 37.86 60.79 -64.66
C GLU M 65 39.01 60.56 -63.69
N LEU M 66 39.71 59.44 -63.80
CA LEU M 66 40.71 59.09 -62.78
C LEU M 66 41.99 59.94 -62.81
N LYS M 67 42.43 60.34 -64.00
CA LYS M 67 43.61 61.19 -64.11
C LYS M 67 43.46 62.39 -63.17
N PRO M 68 42.35 63.14 -63.30
CA PRO M 68 42.04 64.20 -62.34
C PRO M 68 41.96 63.72 -60.89
N LEU M 69 41.21 62.65 -60.61
CA LEU M 69 41.11 62.17 -59.23
C LEU M 69 42.48 62.02 -58.59
N GLU M 70 43.50 61.73 -59.38
CA GLU M 70 44.86 61.59 -58.85
C GLU M 70 45.45 62.98 -58.61
N GLU M 71 45.26 63.89 -59.56
CA GLU M 71 45.72 65.28 -59.42
C GLU M 71 45.15 65.92 -58.15
N VAL M 72 43.88 65.67 -57.90
CA VAL M 72 43.14 66.31 -56.81
C VAL M 72 43.60 65.88 -55.41
N LEU M 73 43.85 64.59 -55.23
CA LEU M 73 44.23 64.07 -53.93
C LEU M 73 45.64 64.51 -53.54
N ASN M 74 46.47 64.80 -54.53
CA ASN M 74 47.83 65.29 -54.31
C ASN M 74 47.89 66.76 -53.89
N LEU M 75 46.73 67.42 -53.83
CA LEU M 75 46.62 68.75 -53.27
C LEU M 75 46.72 68.63 -51.76
N ALA M 76 46.64 67.38 -51.29
CA ALA M 76 46.78 67.06 -49.89
C ALA M 76 48.00 66.17 -49.71
N HIS M 77 48.98 66.65 -48.95
CA HIS M 77 50.22 65.91 -48.76
C HIS M 77 50.02 64.53 -48.12
N SER M 78 51.01 63.66 -48.26
CA SER M 78 50.93 62.26 -47.84
C SER M 78 50.47 62.06 -46.40
N LYS M 79 50.91 62.93 -45.50
CA LYS M 79 50.60 62.83 -44.08
C LYS M 79 49.10 62.83 -43.82
N ASN M 80 48.35 63.37 -44.79
CA ASN M 80 46.96 63.77 -44.58
C ASN M 80 45.90 62.69 -44.83
N PHE M 81 46.33 61.47 -45.13
CA PHE M 81 45.38 60.40 -45.44
C PHE M 81 45.65 59.13 -44.65
N HIS M 82 44.99 58.04 -45.06
CA HIS M 82 45.24 56.70 -44.55
C HIS M 82 45.62 55.79 -45.71
N PHE M 83 46.01 56.42 -46.82
CA PHE M 83 46.30 55.71 -48.07
C PHE M 83 47.17 56.55 -49.00
N ASP M 84 48.17 55.95 -49.62
CA ASP M 84 48.93 56.63 -50.68
C ASP M 84 48.01 56.77 -51.88
N PRO M 85 47.91 57.99 -52.43
CA PRO M 85 46.94 58.28 -53.50
C PRO M 85 47.24 57.54 -54.80
N ARG M 86 48.46 57.65 -55.30
CA ARG M 86 48.79 57.01 -56.56
C ARG M 86 48.55 55.51 -56.45
N ASP M 87 48.91 54.93 -55.32
CA ASP M 87 48.70 53.50 -55.08
C ASP M 87 47.25 53.11 -55.28
N VAL M 88 46.36 53.86 -54.62
CA VAL M 88 44.94 53.53 -54.53
C VAL M 88 44.20 53.82 -55.84
N VAL M 89 44.59 54.88 -56.54
CA VAL M 89 44.08 55.14 -57.86
C VAL M 89 44.44 53.97 -58.78
N SER M 90 45.71 53.56 -58.72
CA SER M 90 46.22 52.43 -59.47
C SER M 90 45.27 51.26 -59.36
N ASN M 91 44.83 51.02 -58.13
CA ASN M 91 43.98 49.88 -57.84
C ASN M 91 42.56 50.05 -58.35
N ILE M 92 41.98 51.24 -58.20
CA ILE M 92 40.67 51.49 -58.78
C ILE M 92 40.78 51.23 -60.27
N ASN M 93 41.69 51.94 -60.91
CA ASN M 93 42.02 51.72 -62.31
C ASN M 93 41.99 50.23 -62.68
N VAL M 94 42.80 49.45 -61.97
CA VAL M 94 42.89 48.01 -62.22
C VAL M 94 41.52 47.35 -62.10
N PHE M 95 40.75 47.78 -61.11
CA PHE M 95 39.39 47.29 -60.91
C PHE M 95 38.50 47.64 -62.11
N VAL M 96 38.43 48.94 -62.40
CA VAL M 96 37.51 49.45 -63.40
C VAL M 96 37.76 48.80 -64.77
N LEU M 97 39.01 48.47 -65.04
CA LEU M 97 39.34 47.88 -66.33
C LEU M 97 38.93 46.42 -66.45
N GLU M 98 38.91 45.70 -65.33
CA GLU M 98 38.50 44.31 -65.36
C GLU M 98 36.98 44.20 -65.30
N LEU M 99 36.31 45.29 -64.97
CA LEU M 99 34.86 45.24 -64.80
C LEU M 99 34.01 45.65 -66.01
N LYS M 100 34.59 46.41 -66.95
CA LYS M 100 33.91 46.72 -68.21
C LYS M 100 34.11 45.65 -69.30
N GLY M 101 35.35 45.25 -69.52
CA GLY M 101 35.66 44.23 -70.51
C GLY M 101 35.75 44.75 -71.95
N PHE M 106 31.48 51.04 -77.53
CA PHE M 106 30.82 51.89 -76.54
C PHE M 106 31.60 53.18 -76.30
N MET M 107 30.91 54.23 -75.88
CA MET M 107 31.54 55.52 -75.63
C MET M 107 30.90 56.24 -74.45
N CYS M 108 31.69 57.07 -73.79
CA CYS M 108 31.27 57.73 -72.55
C CYS M 108 30.61 59.07 -72.80
N GLU M 109 29.30 59.14 -72.54
CA GLU M 109 28.53 60.37 -72.68
C GLU M 109 28.40 61.01 -71.31
N TYR M 110 28.66 62.31 -71.21
CA TYR M 110 28.77 62.96 -69.91
C TYR M 110 27.53 63.72 -69.47
N ALA M 111 27.59 64.26 -68.26
CA ALA M 111 26.50 65.05 -67.71
C ALA M 111 26.71 66.54 -68.00
N ASP M 112 25.71 67.35 -67.68
CA ASP M 112 25.80 68.80 -67.89
C ASP M 112 26.50 69.49 -66.72
N GLU M 113 26.11 69.10 -65.51
CA GLU M 113 26.59 69.70 -64.28
C GLU M 113 27.92 69.12 -63.78
N THR M 114 28.84 70.00 -63.43
CA THR M 114 30.07 69.59 -62.77
C THR M 114 29.80 69.31 -61.30
N ALA M 115 30.70 68.57 -60.65
CA ALA M 115 30.49 68.16 -59.27
C ALA M 115 31.76 68.25 -58.41
N THR M 116 31.56 68.11 -57.10
CA THR M 116 32.67 68.14 -56.14
C THR M 116 33.32 66.77 -56.05
N ILE M 117 34.51 66.72 -55.47
CA ILE M 117 35.17 65.44 -55.24
C ILE M 117 34.22 64.54 -54.46
N VAL M 118 33.46 65.16 -53.55
CA VAL M 118 32.64 64.43 -52.61
C VAL M 118 31.32 64.00 -53.23
N GLU M 119 30.76 64.85 -54.10
CA GLU M 119 29.56 64.48 -54.82
C GLU M 119 29.95 63.38 -55.81
N PHE M 120 31.19 63.48 -56.29
CA PHE M 120 31.77 62.54 -57.25
C PHE M 120 31.82 61.12 -56.69
N LEU M 121 32.66 60.91 -55.69
CA LEU M 121 32.73 59.62 -55.02
C LEU M 121 31.32 59.11 -54.67
N ASN M 122 30.56 59.92 -53.93
CA ASN M 122 29.24 59.50 -53.50
C ASN M 122 28.48 58.79 -54.62
N ARG M 123 28.53 59.36 -55.83
CA ARG M 123 27.81 58.82 -57.00
C ARG M 123 28.26 57.40 -57.38
N TRP M 124 29.55 57.22 -57.64
CA TRP M 124 30.09 55.91 -57.97
C TRP M 124 29.88 54.93 -56.82
N ILE M 125 30.17 55.40 -55.60
CA ILE M 125 30.01 54.58 -54.39
C ILE M 125 28.60 53.98 -54.33
N THR M 126 27.60 54.81 -54.65
CA THR M 126 26.22 54.36 -54.71
C THR M 126 26.01 53.57 -55.99
N PHE M 127 26.60 54.03 -57.09
CA PHE M 127 26.54 53.23 -58.30
C PHE M 127 26.84 51.79 -57.94
N CYS M 128 28.04 51.57 -57.43
CA CYS M 128 28.50 50.26 -56.99
C CYS M 128 27.45 49.50 -56.21
N GLN M 129 26.85 50.18 -55.24
CA GLN M 129 25.86 49.55 -54.39
C GLN M 129 24.69 48.98 -55.20
N SER M 130 24.27 49.70 -56.24
CA SER M 130 23.20 49.21 -57.09
C SER M 130 23.48 47.78 -57.51
N ILE M 131 24.48 47.61 -58.36
CA ILE M 131 24.89 46.28 -58.78
C ILE M 131 24.97 45.36 -57.58
N ILE M 132 25.94 45.64 -56.72
CA ILE M 132 26.19 44.83 -55.54
C ILE M 132 24.89 44.44 -54.83
N SER M 133 23.87 45.29 -54.91
CA SER M 133 22.56 44.99 -54.33
C SER M 133 21.75 44.08 -55.25
N THR M 134 21.59 44.50 -56.48
CA THR M 134 20.93 43.69 -57.48
C THR M 134 21.44 42.28 -57.39
N LEU M 135 22.76 42.14 -57.18
CA LEU M 135 23.47 40.86 -57.26
C LEU M 135 22.97 39.74 -56.32
N THR M 136 21.88 40.03 -55.60
CA THR M 136 21.15 39.01 -54.84
C THR M 136 19.67 39.39 -54.84
N GLN N 10 58.95 21.25 -55.02
CA GLN N 10 57.76 22.06 -54.81
C GLN N 10 58.12 23.52 -54.58
N PHE N 11 57.13 24.39 -54.75
CA PHE N 11 57.32 25.84 -54.70
C PHE N 11 56.08 26.52 -54.13
N THR N 12 56.29 27.39 -53.14
CA THR N 12 55.19 27.97 -52.38
C THR N 12 55.38 29.45 -52.12
N CYS N 13 54.31 30.22 -52.23
CA CYS N 13 54.38 31.64 -51.92
C CYS N 13 53.07 32.21 -51.36
N PHE N 14 53.18 33.02 -50.31
CA PHE N 14 52.03 33.55 -49.60
C PHE N 14 52.09 35.07 -49.50
N TYR N 15 50.94 35.72 -49.70
CA TYR N 15 50.87 37.18 -49.78
C TYR N 15 50.31 37.86 -48.53
N ASN N 16 51.11 38.75 -47.94
CA ASN N 16 50.77 39.43 -46.70
C ASN N 16 49.65 40.45 -46.85
N SER N 17 49.16 40.59 -48.08
CA SER N 17 48.05 41.48 -48.42
C SER N 17 48.44 42.95 -48.58
N ARG N 18 49.71 43.28 -48.32
CA ARG N 18 50.18 44.64 -48.56
C ARG N 18 51.44 44.65 -49.42
N ALA N 19 52.57 44.32 -48.81
CA ALA N 19 53.86 44.64 -49.42
C ALA N 19 54.81 43.49 -49.70
N GLN N 20 54.42 42.27 -49.35
CA GLN N 20 55.32 41.13 -49.48
C GLN N 20 54.62 39.89 -50.00
N ILE N 21 55.41 38.98 -50.56
CA ILE N 21 54.92 37.64 -50.83
C ILE N 21 56.03 36.71 -50.37
N SER N 22 55.77 35.92 -49.33
CA SER N 22 56.81 35.07 -48.78
C SER N 22 57.01 33.82 -49.62
N CYS N 23 58.27 33.47 -49.87
CA CYS N 23 58.61 32.40 -50.80
C CYS N 23 59.36 31.23 -50.18
N VAL N 24 58.74 30.06 -50.23
CA VAL N 24 59.36 28.81 -49.87
C VAL N 24 59.68 28.03 -51.14
N TRP N 25 60.90 27.54 -51.25
CA TRP N 25 61.24 26.70 -52.40
C TRP N 25 62.19 25.55 -52.08
N SER N 26 61.77 24.36 -52.45
CA SER N 26 62.52 23.16 -52.10
C SER N 26 62.69 22.27 -53.32
N GLN N 27 63.84 21.60 -53.40
CA GLN N 27 64.14 20.67 -54.48
C GLN N 27 65.15 19.60 -54.03
N THR N 34 75.22 27.46 -57.48
CA THR N 34 73.85 27.13 -57.09
C THR N 34 73.15 28.36 -56.49
N SER N 35 73.26 29.50 -57.18
CA SER N 35 72.61 30.73 -56.75
C SER N 35 71.17 30.77 -57.25
N CYS N 36 70.28 31.41 -56.50
CA CYS N 36 68.86 31.35 -56.84
C CYS N 36 68.07 32.62 -56.55
N GLN N 37 67.02 32.85 -57.35
CA GLN N 37 66.16 34.02 -57.21
C GLN N 37 64.71 33.66 -57.50
N VAL N 38 63.82 34.61 -57.24
CA VAL N 38 62.40 34.47 -57.58
C VAL N 38 61.96 35.76 -58.25
N HIS N 39 61.58 35.70 -59.52
CA HIS N 39 61.11 36.90 -60.20
C HIS N 39 59.61 36.96 -60.21
N ALA N 40 59.05 37.89 -59.44
CA ALA N 40 57.61 38.11 -59.37
C ALA N 40 57.22 39.23 -60.32
N TRP N 41 56.53 38.88 -61.40
CA TRP N 41 56.20 39.84 -62.43
C TRP N 41 54.69 39.98 -62.55
N PRO N 42 54.16 41.11 -62.07
CA PRO N 42 52.72 41.37 -62.00
C PRO N 42 52.18 41.52 -63.40
N ASP N 43 51.06 40.90 -63.73
CA ASP N 43 50.63 40.97 -65.11
C ASP N 43 50.24 42.40 -65.51
N ARG N 44 49.62 43.12 -64.59
CA ARG N 44 49.03 44.41 -64.97
C ARG N 44 49.69 45.62 -64.32
N ARG N 45 50.71 45.39 -63.53
CA ARG N 45 51.47 46.50 -62.98
C ARG N 45 52.60 46.85 -63.94
N ARG N 46 53.29 47.95 -63.66
CA ARG N 46 54.40 48.39 -64.49
C ARG N 46 55.73 48.17 -63.77
N TRP N 47 55.70 47.34 -62.75
CA TRP N 47 56.92 47.03 -62.00
C TRP N 47 57.17 45.53 -61.92
N GLN N 48 58.35 45.18 -61.43
CA GLN N 48 58.70 43.80 -61.10
C GLN N 48 59.68 43.83 -59.93
N GLN N 49 59.80 42.71 -59.22
CA GLN N 49 60.75 42.65 -58.11
C GLN N 49 61.33 41.24 -57.95
N THR N 50 62.57 41.18 -57.48
CA THR N 50 63.21 39.91 -57.16
C THR N 50 63.79 39.92 -55.75
N CYS N 51 64.35 38.79 -55.34
CA CYS N 51 65.06 38.70 -54.07
C CYS N 51 65.96 37.49 -54.16
N GLU N 52 67.14 37.56 -53.55
CA GLU N 52 68.07 36.44 -53.60
C GLU N 52 67.56 35.30 -52.72
N LEU N 53 67.34 34.14 -53.33
CA LEU N 53 66.89 32.96 -52.61
C LEU N 53 67.96 32.51 -51.62
N LEU N 54 67.54 32.09 -50.43
CA LEU N 54 68.49 31.71 -49.38
C LEU N 54 68.10 30.45 -48.62
N PRO N 55 69.09 29.78 -48.01
CA PRO N 55 68.99 28.50 -47.30
C PRO N 55 68.15 28.49 -46.01
N VAL N 56 67.43 27.39 -45.81
CA VAL N 56 66.68 27.15 -44.57
C VAL N 56 66.89 25.72 -44.06
N SER N 57 66.23 24.76 -44.70
CA SER N 57 66.43 23.36 -44.37
C SER N 57 67.65 22.84 -45.13
N GLN N 58 67.88 21.54 -45.03
CA GLN N 58 68.94 20.89 -45.79
C GLN N 58 68.78 21.22 -47.26
N ALA N 59 67.53 21.23 -47.73
CA ALA N 59 67.25 21.55 -49.12
C ALA N 59 65.96 22.36 -49.25
N SER N 60 66.02 23.62 -48.81
CA SER N 60 64.90 24.57 -48.93
C SER N 60 65.40 26.01 -49.02
N TRP N 61 64.65 26.86 -49.73
CA TRP N 61 65.05 28.25 -49.88
C TRP N 61 63.93 29.24 -49.56
N ALA N 62 64.33 30.39 -49.03
CA ALA N 62 63.39 31.39 -48.52
C ALA N 62 63.54 32.71 -49.24
N CYS N 63 62.42 33.39 -49.43
CA CYS N 63 62.43 34.69 -50.05
C CYS N 63 61.34 35.60 -49.48
N ASN N 64 61.75 36.80 -49.09
CA ASN N 64 60.78 37.85 -48.78
C ASN N 64 60.74 38.84 -49.94
N LEU N 65 59.66 38.77 -50.72
CA LEU N 65 59.44 39.65 -51.86
C LEU N 65 58.88 40.99 -51.42
N ILE N 66 59.72 42.01 -51.43
CA ILE N 66 59.26 43.33 -51.01
C ILE N 66 58.66 44.10 -52.16
N LEU N 67 57.36 44.36 -52.04
CA LEU N 67 56.51 44.94 -53.08
C LEU N 67 56.35 46.44 -52.96
N GLY N 68 56.65 46.97 -51.79
CA GLY N 68 56.61 48.40 -51.54
C GLY N 68 57.01 48.77 -50.12
N ALA N 69 56.54 49.93 -49.68
CA ALA N 69 56.75 50.40 -48.31
C ALA N 69 55.95 49.53 -47.35
N PRO N 70 56.38 49.44 -46.09
CA PRO N 70 55.86 48.44 -45.17
C PRO N 70 54.35 48.23 -45.23
N ASP N 71 53.59 49.29 -45.44
CA ASP N 71 52.14 49.18 -45.41
C ASP N 71 51.48 49.42 -46.78
N SER N 72 52.28 49.80 -47.78
CA SER N 72 51.76 50.16 -49.10
C SER N 72 50.95 49.05 -49.77
N GLN N 73 49.71 49.39 -50.13
CA GLN N 73 48.77 48.47 -50.78
C GLN N 73 49.12 48.30 -52.25
N LYS N 74 49.89 47.26 -52.59
CA LYS N 74 50.42 47.12 -53.94
C LYS N 74 49.77 46.06 -54.87
N LEU N 75 48.82 45.27 -54.36
CA LEU N 75 48.16 44.26 -55.20
C LEU N 75 46.66 44.11 -54.91
N THR N 76 45.83 44.00 -55.96
CA THR N 76 44.38 43.79 -55.78
C THR N 76 43.99 42.36 -56.13
N THR N 77 42.77 41.96 -55.77
CA THR N 77 42.32 40.58 -56.00
C THR N 77 42.27 40.17 -57.47
N VAL N 78 42.35 41.15 -58.37
CA VAL N 78 42.28 40.85 -59.79
C VAL N 78 43.67 40.75 -60.38
N ASP N 79 44.66 41.27 -59.66
CA ASP N 79 46.05 41.17 -60.05
C ASP N 79 46.45 39.71 -60.12
N ILE N 80 47.39 39.40 -61.00
CA ILE N 80 48.02 38.09 -61.03
C ILE N 80 49.52 38.24 -61.27
N VAL N 81 50.31 37.93 -60.25
CA VAL N 81 51.76 38.02 -60.35
C VAL N 81 52.31 36.68 -60.78
N THR N 82 52.95 36.62 -61.94
CA THR N 82 53.59 35.40 -62.38
C THR N 82 54.87 35.22 -61.58
N LEU N 83 55.14 33.98 -61.15
CA LEU N 83 56.32 33.69 -60.34
C LEU N 83 57.33 32.75 -61.02
N ARG N 84 58.57 33.21 -61.13
CA ARG N 84 59.66 32.40 -61.67
C ARG N 84 60.72 32.18 -60.62
N VAL N 85 61.31 30.99 -60.63
CA VAL N 85 62.51 30.72 -59.84
C VAL N 85 63.66 30.46 -60.81
N LEU N 86 64.64 31.35 -60.82
CA LEU N 86 65.76 31.21 -61.75
C LEU N 86 67.04 30.83 -61.03
N CYS N 87 67.71 29.79 -61.51
CA CYS N 87 69.02 29.43 -61.00
C CYS N 87 70.08 29.62 -62.08
N ARG N 88 71.20 30.24 -61.70
CA ARG N 88 72.33 30.33 -62.61
C ARG N 88 72.71 28.93 -63.08
N GLU N 89 72.57 28.69 -64.37
CA GLU N 89 73.04 27.46 -64.98
C GLU N 89 73.87 27.82 -66.20
N GLY N 90 75.07 28.32 -65.94
CA GLY N 90 75.95 28.77 -67.01
C GLY N 90 75.85 30.27 -67.18
N VAL N 91 76.22 30.73 -68.37
CA VAL N 91 76.32 32.16 -68.67
C VAL N 91 74.97 32.89 -68.56
N ARG N 92 73.89 32.12 -68.43
CA ARG N 92 72.55 32.68 -68.38
C ARG N 92 71.76 32.19 -67.17
N TRP N 93 70.45 32.39 -67.23
CA TRP N 93 69.55 31.93 -66.17
C TRP N 93 68.72 30.74 -66.66
N ARG N 94 68.55 29.74 -65.81
CA ARG N 94 67.57 28.70 -66.08
C ARG N 94 66.34 28.90 -65.20
N VAL N 95 65.17 28.68 -65.79
CA VAL N 95 63.89 28.83 -65.10
C VAL N 95 63.54 27.54 -64.36
N MET N 96 63.70 27.57 -63.03
CA MET N 96 63.54 26.36 -62.22
C MET N 96 62.08 25.97 -61.98
N ALA N 97 61.17 26.95 -62.00
CA ALA N 97 59.73 26.67 -61.95
C ALA N 97 58.89 27.92 -62.19
N ILE N 98 57.69 27.73 -62.74
CA ILE N 98 56.74 28.83 -62.93
C ILE N 98 55.51 28.58 -62.10
N GLN N 99 54.76 29.67 -61.88
CA GLN N 99 53.46 29.59 -61.23
C GLN N 99 52.60 30.82 -61.51
N ASP N 100 51.36 30.57 -61.89
CA ASP N 100 50.37 31.62 -62.10
C ASP N 100 49.71 31.87 -60.75
N PHE N 101 49.92 33.07 -60.22
CA PHE N 101 49.58 33.37 -58.83
C PHE N 101 48.59 34.52 -58.71
N LYS N 102 47.48 34.24 -58.03
CA LYS N 102 46.52 35.27 -57.68
C LYS N 102 46.77 35.62 -56.22
N PRO N 103 47.30 36.83 -55.97
CA PRO N 103 47.73 37.18 -54.62
C PRO N 103 46.65 37.11 -53.56
N PHE N 104 45.37 36.98 -53.95
CA PHE N 104 44.31 36.99 -52.95
C PHE N 104 43.71 35.61 -52.68
N GLU N 105 44.41 34.58 -53.13
CA GLU N 105 44.02 33.22 -52.80
C GLU N 105 45.11 32.61 -51.92
N ASN N 106 46.27 33.27 -51.89
CA ASN N 106 47.39 32.76 -51.10
C ASN N 106 47.76 33.68 -49.94
N LEU N 107 46.72 34.21 -49.30
CA LEU N 107 46.89 35.16 -48.22
C LEU N 107 47.47 34.49 -46.97
N ARG N 108 48.53 35.09 -46.42
CA ARG N 108 49.00 34.73 -45.09
C ARG N 108 49.26 36.03 -44.34
N LEU N 109 48.42 36.29 -43.35
CA LEU N 109 48.56 37.52 -42.57
C LEU N 109 49.67 37.45 -41.54
N MET N 110 50.18 38.60 -41.14
CA MET N 110 51.27 38.66 -40.20
C MET N 110 50.85 38.28 -38.79
N ALA N 111 51.84 38.03 -37.94
CA ALA N 111 51.61 37.73 -36.55
C ALA N 111 51.25 39.01 -35.81
N PRO N 112 50.05 39.03 -35.19
CA PRO N 112 49.44 40.13 -34.41
C PRO N 112 50.37 40.73 -33.37
N ILE N 113 50.38 42.05 -33.30
CA ILE N 113 51.33 42.76 -32.46
C ILE N 113 50.61 43.61 -31.44
N SER N 114 51.38 44.34 -30.64
CA SER N 114 50.83 45.23 -29.64
C SER N 114 49.90 44.48 -28.68
N LEU N 115 50.16 43.19 -28.49
CA LEU N 115 49.43 42.42 -27.50
C LEU N 115 49.65 43.08 -26.15
N GLN N 116 48.57 43.40 -25.45
CA GLN N 116 48.69 43.91 -24.09
C GLN N 116 47.47 43.65 -23.21
N VAL N 117 47.68 43.75 -21.91
CA VAL N 117 46.64 43.50 -20.92
C VAL N 117 45.90 44.79 -20.62
N VAL N 118 44.61 44.81 -20.96
CA VAL N 118 43.76 45.99 -20.74
C VAL N 118 43.19 46.02 -19.33
N HIS N 119 42.80 44.86 -18.84
CA HIS N 119 42.41 44.74 -17.43
C HIS N 119 42.58 43.30 -16.92
N VAL N 120 43.20 43.18 -15.75
CA VAL N 120 43.41 41.88 -15.11
C VAL N 120 42.68 41.81 -13.77
N GLU N 121 42.03 40.69 -13.51
CA GLU N 121 41.28 40.53 -12.27
C GLU N 121 41.70 39.26 -11.55
N THR N 122 41.03 38.96 -10.42
CA THR N 122 41.35 37.77 -9.64
C THR N 122 41.04 36.50 -10.41
N HIS N 123 39.95 36.54 -11.18
CA HIS N 123 39.52 35.37 -11.94
C HIS N 123 39.27 35.74 -13.40
N ARG N 124 39.55 36.99 -13.76
CA ARG N 124 39.27 37.47 -15.11
C ARG N 124 40.47 38.19 -15.71
N CYS N 125 40.51 38.26 -17.04
CA CYS N 125 41.57 38.97 -17.73
C CYS N 125 41.10 39.41 -19.10
N ASN N 126 41.63 40.54 -19.58
CA ASN N 126 41.13 41.18 -20.78
C ASN N 126 42.27 41.67 -21.66
N ILE N 127 42.54 40.97 -22.76
CA ILE N 127 43.73 41.24 -23.57
C ILE N 127 43.44 41.76 -24.96
N SER N 128 44.15 42.80 -25.36
CA SER N 128 43.99 43.36 -26.69
C SER N 128 45.21 43.05 -27.57
N TRP N 129 45.11 43.40 -28.84
CA TRP N 129 46.16 43.22 -29.82
C TRP N 129 45.81 44.03 -31.06
N GLU N 130 46.59 43.89 -32.11
CA GLU N 130 46.31 44.60 -33.34
C GLU N 130 46.74 43.79 -34.54
N ILE N 131 45.89 43.75 -35.57
CA ILE N 131 46.23 43.15 -36.85
C ILE N 131 47.39 43.96 -37.43
N SER N 132 48.25 43.30 -38.21
CA SER N 132 49.35 43.97 -38.88
C SER N 132 49.30 43.82 -40.40
N GLN N 133 49.45 44.94 -41.13
CA GLN N 133 49.47 44.91 -42.59
C GLN N 133 48.26 44.24 -43.22
N ALA N 134 47.08 44.57 -42.71
CA ALA N 134 45.83 43.93 -43.14
C ALA N 134 45.05 44.82 -44.09
N SER N 135 44.93 44.37 -45.34
CA SER N 135 44.21 45.11 -46.36
C SER N 135 42.81 45.47 -45.87
N HIS N 136 42.32 46.64 -46.31
CA HIS N 136 41.01 47.10 -45.92
C HIS N 136 39.99 46.47 -46.84
N TYR N 137 40.49 45.87 -47.91
CA TYR N 137 39.62 45.15 -48.81
C TYR N 137 38.89 44.08 -48.00
N PHE N 138 39.45 43.75 -46.84
CA PHE N 138 38.84 42.78 -45.95
C PHE N 138 37.64 43.38 -45.23
N GLU N 139 37.74 44.65 -44.90
CA GLU N 139 36.82 45.26 -43.97
C GLU N 139 36.79 44.40 -42.70
N ARG N 140 35.67 43.75 -42.44
CA ARG N 140 35.52 43.01 -41.18
C ARG N 140 35.57 41.48 -41.28
N HIS N 141 35.70 40.95 -42.50
CA HIS N 141 35.70 39.51 -42.73
C HIS N 141 37.03 38.93 -42.29
N LEU N 142 37.13 38.64 -41.00
CA LEU N 142 38.32 38.00 -40.45
C LEU N 142 37.96 37.03 -39.30
N GLU N 143 38.90 36.15 -38.97
CA GLU N 143 38.71 35.22 -37.87
C GLU N 143 39.90 35.31 -36.96
N PHE N 144 39.69 34.93 -35.70
CA PHE N 144 40.80 34.88 -34.77
C PHE N 144 40.71 33.59 -33.98
N GLU N 145 41.87 32.98 -33.76
CA GLU N 145 42.00 31.91 -32.79
C GLU N 145 42.90 32.46 -31.71
N ALA N 146 42.62 32.14 -30.47
CA ALA N 146 43.48 32.55 -29.38
C ALA N 146 43.63 31.38 -28.43
N ARG N 147 44.80 31.22 -27.83
CA ARG N 147 44.93 30.19 -26.83
C ARG N 147 45.65 30.70 -25.60
N THR N 148 45.30 30.15 -24.44
CA THR N 148 45.93 30.54 -23.19
C THR N 148 46.84 29.42 -22.68
N LEU N 149 48.02 29.79 -22.21
CA LEU N 149 49.00 28.83 -21.72
C LEU N 149 49.00 28.74 -20.19
N SER N 150 48.78 27.54 -19.66
CA SER N 150 48.73 27.33 -18.22
C SER N 150 49.92 26.52 -17.72
N PRO N 151 50.42 26.84 -16.52
CA PRO N 151 51.58 26.17 -15.93
C PRO N 151 51.47 24.65 -16.00
N GLY N 152 50.28 24.12 -15.74
CA GLY N 152 50.06 22.70 -15.69
C GLY N 152 50.23 21.98 -17.01
N HIS N 153 50.31 22.73 -18.10
CA HIS N 153 50.40 22.12 -19.44
C HIS N 153 51.30 22.93 -20.36
N THR N 154 51.22 22.65 -21.66
CA THR N 154 51.86 23.49 -22.68
C THR N 154 50.88 23.81 -23.80
N TRP N 155 51.36 24.53 -24.82
CA TRP N 155 50.50 25.12 -25.87
C TRP N 155 49.78 24.10 -26.75
N GLU N 156 50.33 22.89 -26.84
CA GLU N 156 49.69 21.81 -27.56
C GLU N 156 48.32 21.51 -26.93
N GLU N 157 48.36 21.20 -25.63
CA GLU N 157 47.16 20.81 -24.91
C GLU N 157 46.27 21.99 -24.54
N ALA N 158 46.72 23.20 -24.81
CA ALA N 158 45.92 24.40 -24.57
C ALA N 158 45.01 24.66 -25.75
N PRO N 159 43.69 24.54 -25.55
CA PRO N 159 42.63 24.50 -26.57
C PRO N 159 42.45 25.81 -27.32
N LEU N 160 41.92 25.72 -28.55
CA LEU N 160 41.79 26.89 -29.39
C LEU N 160 40.53 27.68 -29.07
N LEU N 161 40.69 28.99 -28.91
CA LEU N 161 39.56 29.89 -28.68
C LEU N 161 39.11 30.55 -29.97
N THR N 162 37.87 30.28 -30.37
CA THR N 162 37.38 30.63 -31.69
C THR N 162 36.70 31.99 -31.75
N LEU N 163 37.33 32.94 -32.43
CA LEU N 163 36.72 34.24 -32.65
C LEU N 163 36.24 34.36 -34.09
N LYS N 164 34.94 34.17 -34.29
CA LYS N 164 34.35 34.24 -35.63
C LYS N 164 33.96 35.66 -36.06
N GLN N 165 34.53 36.65 -35.40
CA GLN N 165 34.33 38.03 -35.81
C GLN N 165 35.67 38.74 -35.79
N LYS N 166 35.68 40.02 -36.19
CA LYS N 166 36.88 40.83 -36.07
C LYS N 166 36.84 41.41 -34.69
N GLN N 167 37.61 40.80 -33.81
CA GLN N 167 37.62 41.17 -32.40
C GLN N 167 39.05 41.33 -31.95
N GLU N 168 39.48 42.58 -31.78
CA GLU N 168 40.87 42.85 -31.48
C GLU N 168 41.17 42.75 -29.98
N TRP N 169 40.25 42.12 -29.25
CA TRP N 169 40.48 41.79 -27.84
C TRP N 169 39.88 40.44 -27.49
N ILE N 170 40.24 39.91 -26.34
CA ILE N 170 39.63 38.70 -25.80
C ILE N 170 39.46 38.84 -24.30
N CYS N 171 38.56 38.04 -23.74
CA CYS N 171 38.36 38.06 -22.31
C CYS N 171 38.46 36.65 -21.74
N LEU N 172 39.54 36.38 -21.01
CA LEU N 172 39.79 35.06 -20.44
C LEU N 172 39.14 34.92 -19.06
N GLU N 173 38.38 33.85 -18.88
CA GLU N 173 37.45 33.76 -17.74
C GLU N 173 37.65 32.59 -16.80
N THR N 174 37.06 32.71 -15.61
CA THR N 174 37.20 31.73 -14.56
C THR N 174 38.68 31.32 -14.40
N LEU N 175 39.50 32.27 -13.99
CA LEU N 175 40.94 32.04 -13.88
C LEU N 175 41.29 31.68 -12.45
N THR N 176 42.49 31.16 -12.27
CA THR N 176 43.07 30.97 -10.94
C THR N 176 43.69 32.28 -10.49
N PRO N 177 43.38 32.70 -9.26
CA PRO N 177 43.96 33.93 -8.70
C PRO N 177 45.45 33.75 -8.49
N ASP N 178 46.24 34.72 -8.94
CA ASP N 178 47.70 34.70 -8.79
C ASP N 178 48.33 33.48 -9.47
N THR N 179 48.21 33.41 -10.80
CA THR N 179 48.89 32.36 -11.55
C THR N 179 49.55 32.92 -12.82
N GLN N 180 50.63 32.25 -13.25
CA GLN N 180 51.37 32.61 -14.44
C GLN N 180 50.58 32.27 -15.69
N TYR N 181 50.33 33.26 -16.53
CA TYR N 181 49.58 33.00 -17.75
C TYR N 181 50.25 33.55 -18.99
N GLU N 182 50.02 32.89 -20.11
CA GLU N 182 50.48 33.35 -21.41
C GLU N 182 49.39 33.14 -22.46
N PHE N 183 49.33 34.04 -23.44
CA PHE N 183 48.17 34.09 -24.33
C PHE N 183 48.57 34.59 -25.72
N GLN N 184 48.33 33.75 -26.71
CA GLN N 184 48.62 34.08 -28.10
C GLN N 184 47.32 34.10 -28.89
N VAL N 185 47.35 34.76 -30.04
CA VAL N 185 46.18 34.86 -30.88
C VAL N 185 46.60 35.01 -32.33
N ARG N 186 45.78 34.51 -33.25
CA ARG N 186 46.14 34.52 -34.65
C ARG N 186 45.02 34.94 -35.58
N VAL N 187 45.38 35.61 -36.67
CA VAL N 187 44.42 36.21 -37.56
C VAL N 187 44.46 35.50 -38.92
N LYS N 188 43.28 35.24 -39.48
CA LYS N 188 43.16 34.74 -40.84
C LYS N 188 41.95 35.41 -41.46
N PRO N 189 42.08 35.87 -42.70
CA PRO N 189 40.93 36.44 -43.41
C PRO N 189 40.13 35.31 -43.99
N LEU N 190 38.85 35.54 -44.26
CA LEU N 190 38.00 34.46 -44.73
C LEU N 190 38.33 34.02 -46.15
N GLN N 191 38.83 34.97 -46.93
CA GLN N 191 38.92 34.87 -48.38
C GLN N 191 40.14 34.11 -48.90
N GLY N 192 39.95 33.34 -49.96
CA GLY N 192 41.05 32.64 -50.60
C GLY N 192 41.03 31.13 -50.53
N GLU N 193 41.41 30.49 -51.61
CA GLU N 193 41.36 29.04 -51.73
C GLU N 193 42.47 28.34 -50.95
N PHE N 194 43.66 28.93 -50.93
CA PHE N 194 44.82 28.30 -50.33
C PHE N 194 45.25 28.96 -49.02
N THR N 195 44.60 30.07 -48.68
CA THR N 195 44.96 30.88 -47.52
C THR N 195 45.18 30.07 -46.25
N THR N 196 46.13 30.48 -45.41
CA THR N 196 46.42 29.76 -44.18
C THR N 196 46.68 30.68 -43.02
N TRP N 197 46.31 30.20 -41.82
CA TRP N 197 46.45 30.95 -40.57
C TRP N 197 47.77 31.69 -40.41
N SER N 198 47.71 32.86 -39.79
CA SER N 198 48.92 33.59 -39.46
C SER N 198 49.68 32.82 -38.39
N PRO N 199 50.96 33.12 -38.23
CA PRO N 199 51.74 32.49 -37.16
C PRO N 199 51.33 33.12 -35.84
N TRP N 200 51.39 32.35 -34.77
CA TRP N 200 50.95 32.83 -33.46
C TRP N 200 51.65 34.14 -33.09
N SER N 201 50.90 35.05 -32.49
CA SER N 201 51.43 36.31 -32.00
C SER N 201 52.46 36.07 -30.93
N GLN N 202 53.51 36.87 -30.91
CA GLN N 202 54.52 36.75 -29.88
C GLN N 202 53.81 36.70 -28.54
N PRO N 203 53.83 35.52 -27.89
CA PRO N 203 53.09 35.22 -26.66
C PRO N 203 53.16 36.33 -25.61
N LEU N 204 52.01 36.76 -25.10
CA LEU N 204 51.97 37.75 -24.04
C LEU N 204 51.96 37.02 -22.71
N ALA N 205 52.59 37.60 -21.69
CA ALA N 205 52.68 36.96 -20.38
C ALA N 205 52.10 37.82 -19.27
N PHE N 206 51.21 37.24 -18.46
CA PHE N 206 50.55 37.98 -17.38
C PHE N 206 50.29 37.17 -16.10
N ARG N 207 50.13 37.90 -14.99
CA ARG N 207 49.86 37.32 -13.68
C ARG N 207 48.62 37.98 -13.10
N THR N 208 47.96 37.29 -12.16
CA THR N 208 46.66 37.71 -11.64
C THR N 208 46.75 38.56 -10.36
N LYS N 209 45.64 39.19 -9.98
CA LYS N 209 45.51 39.88 -8.68
C LYS N 209 45.01 38.92 -7.59
N PRO N 210 45.56 39.07 -6.38
CA PRO N 210 45.28 38.12 -5.28
C PRO N 210 43.94 38.37 -4.55
N PRO O 4 8.24 79.09 -43.50
CA PRO O 4 9.06 78.09 -42.82
C PRO O 4 8.35 76.75 -42.66
N LEU O 5 8.44 75.89 -43.67
CA LEU O 5 7.77 74.59 -43.65
C LEU O 5 8.51 73.60 -42.77
N PRO O 6 7.77 72.62 -42.21
CA PRO O 6 8.33 71.55 -41.38
C PRO O 6 9.26 70.63 -42.20
N GLU O 7 10.31 70.12 -41.57
CA GLU O 7 11.28 69.27 -42.24
C GLU O 7 10.80 67.82 -42.32
N VAL O 8 10.87 67.24 -43.51
CA VAL O 8 10.36 65.91 -43.79
C VAL O 8 11.44 64.83 -43.67
N GLN O 9 11.23 63.84 -42.82
CA GLN O 9 12.18 62.72 -42.74
C GLN O 9 11.55 61.44 -43.29
N CYS O 10 12.01 61.02 -44.47
CA CYS O 10 11.49 59.82 -45.13
C CYS O 10 12.37 58.61 -44.85
N PHE O 11 11.77 57.43 -44.84
CA PHE O 11 12.49 56.23 -44.49
C PHE O 11 11.92 54.99 -45.18
N VAL O 12 12.80 54.10 -45.62
CA VAL O 12 12.39 52.88 -46.28
C VAL O 12 12.53 51.70 -45.32
N PHE O 13 11.47 50.91 -45.16
CA PHE O 13 11.45 49.85 -44.15
C PHE O 13 11.69 48.45 -44.69
N ASN O 14 12.87 47.92 -44.50
CA ASN O 14 13.25 46.62 -45.02
C ASN O 14 12.99 46.57 -46.52
N VAL O 15 13.02 47.75 -47.12
CA VAL O 15 12.61 47.91 -48.52
C VAL O 15 11.27 47.21 -48.81
N GLU O 16 10.39 47.19 -47.82
CA GLU O 16 9.04 46.71 -47.98
C GLU O 16 8.13 47.87 -48.35
N TYR O 17 8.53 49.07 -47.95
CA TYR O 17 7.73 50.26 -48.16
C TYR O 17 8.37 51.45 -47.45
N MET O 18 7.91 52.65 -47.74
CA MET O 18 8.52 53.85 -47.16
C MET O 18 7.51 54.74 -46.44
N ASN O 19 7.96 55.33 -45.34
CA ASN O 19 7.17 56.31 -44.58
C ASN O 19 7.85 57.68 -44.66
N CYS O 20 7.09 58.71 -44.99
CA CYS O 20 7.58 60.09 -44.97
C CYS O 20 6.67 60.95 -44.09
N THR O 21 7.26 61.67 -43.15
CA THR O 21 6.49 62.27 -42.07
C THR O 21 6.97 63.69 -41.74
N TRP O 22 6.09 64.49 -41.13
CA TRP O 22 6.46 65.83 -40.66
C TRP O 22 5.65 66.29 -39.43
N GLN O 23 5.94 67.51 -38.96
CA GLN O 23 5.23 68.07 -37.81
C GLN O 23 4.36 69.22 -38.26
N SER O 24 3.05 69.01 -38.21
CA SER O 24 2.13 69.94 -38.83
C SER O 24 1.62 71.00 -37.87
N SER O 25 1.46 70.61 -36.60
CA SER O 25 0.64 71.33 -35.62
C SER O 25 1.01 72.80 -35.33
N SER O 26 2.29 73.09 -35.11
CA SER O 26 2.69 74.47 -34.80
C SER O 26 2.66 75.35 -36.05
N GLU O 27 1.77 76.35 -36.04
CA GLU O 27 1.55 77.23 -37.19
C GLU O 27 0.37 78.16 -36.89
N PRO O 28 0.22 79.24 -37.66
CA PRO O 28 -0.86 80.18 -37.38
C PRO O 28 -2.21 79.47 -37.42
N GLN O 29 -2.38 78.53 -38.34
CA GLN O 29 -3.64 77.80 -38.45
C GLN O 29 -3.42 76.32 -38.74
N PRO O 30 -4.40 75.46 -38.39
CA PRO O 30 -4.38 74.07 -38.82
C PRO O 30 -4.47 74.00 -40.34
N THR O 31 -3.54 73.29 -40.99
CA THR O 31 -3.46 73.28 -42.45
C THR O 31 -3.23 71.88 -43.04
N ASN O 32 -3.52 71.73 -44.32
CA ASN O 32 -3.26 70.49 -45.03
C ASN O 32 -2.09 70.59 -46.01
N LEU O 33 -0.94 70.07 -45.59
CA LEU O 33 0.26 70.09 -46.42
C LEU O 33 0.27 68.89 -47.36
N THR O 34 0.41 69.15 -48.66
CA THR O 34 0.52 68.07 -49.64
C THR O 34 1.98 67.69 -49.92
N LEU O 35 2.21 66.43 -50.29
CA LEU O 35 3.55 65.93 -50.59
C LEU O 35 3.61 65.34 -52.01
N HIS O 36 4.40 65.96 -52.87
CA HIS O 36 4.63 65.45 -54.22
C HIS O 36 6.04 64.86 -54.32
N TYR O 37 6.20 63.78 -55.09
CA TYR O 37 7.51 63.15 -55.26
C TYR O 37 7.84 62.82 -56.73
N TRP O 38 9.14 62.84 -57.06
CA TRP O 38 9.62 62.47 -58.39
C TRP O 38 11.09 62.06 -58.38
N TYR O 39 11.53 61.37 -59.42
CA TYR O 39 12.93 60.91 -59.49
C TYR O 39 13.76 61.65 -60.55
N LYS O 40 14.69 62.49 -60.12
CA LYS O 40 15.46 63.34 -61.04
C LYS O 40 16.35 62.57 -62.02
N ASN O 41 16.68 63.23 -63.13
CA ASN O 41 17.63 62.70 -64.12
C ASN O 41 17.39 61.24 -64.53
N SER O 42 16.13 60.83 -64.57
CA SER O 42 15.82 59.43 -64.85
C SER O 42 14.59 59.24 -65.75
N ASP O 43 14.41 58.01 -66.23
CA ASP O 43 13.16 57.63 -66.89
C ASP O 43 12.04 57.86 -65.90
N ASN O 44 10.84 58.12 -66.41
CA ASN O 44 9.73 58.45 -65.53
C ASN O 44 10.08 59.71 -64.74
N ASP O 45 10.14 60.83 -65.44
CA ASP O 45 10.46 62.12 -64.83
C ASP O 45 9.19 62.86 -64.43
N LYS O 46 8.04 62.20 -64.63
CA LYS O 46 6.74 62.79 -64.32
C LYS O 46 6.50 62.91 -62.82
N VAL O 47 6.06 64.08 -62.38
CA VAL O 47 5.81 64.33 -60.96
C VAL O 47 4.57 63.57 -60.49
N GLN O 48 4.70 62.86 -59.36
CA GLN O 48 3.63 61.97 -58.90
C GLN O 48 2.88 62.53 -57.70
N LYS O 49 1.55 62.50 -57.78
CA LYS O 49 0.68 62.91 -56.67
C LYS O 49 0.60 61.80 -55.62
N CYS O 50 0.48 62.19 -54.36
CA CYS O 50 0.53 61.24 -53.24
C CYS O 50 -0.74 60.39 -53.06
N SER O 51 -0.58 59.09 -53.25
CA SER O 51 -1.71 58.17 -53.24
C SER O 51 -2.13 57.82 -51.84
N HIS O 52 -1.22 57.93 -50.89
CA HIS O 52 -1.48 57.46 -49.54
C HIS O 52 -0.98 58.46 -48.49
N TYR O 53 -1.92 59.15 -47.84
CA TYR O 53 -1.55 60.10 -46.80
C TYR O 53 -1.58 59.48 -45.40
N LEU O 54 -0.71 59.98 -44.53
CA LEU O 54 -0.81 59.67 -43.10
C LEU O 54 -1.21 60.92 -42.37
N PHE O 55 -1.83 60.76 -41.20
CA PHE O 55 -2.38 61.92 -40.52
C PHE O 55 -1.99 62.04 -39.05
N SER O 56 -2.13 63.25 -38.52
CA SER O 56 -2.05 63.50 -37.10
C SER O 56 -3.12 64.52 -36.73
N GLU O 57 -4.09 64.08 -35.95
CA GLU O 57 -5.22 64.93 -35.59
C GLU O 57 -5.78 65.57 -36.86
N GLU O 58 -6.46 64.74 -37.67
CA GLU O 58 -7.16 65.18 -38.88
C GLU O 58 -6.42 66.24 -39.72
N ILE O 59 -5.09 66.09 -39.75
CA ILE O 59 -4.23 66.88 -40.61
C ILE O 59 -3.17 65.95 -41.18
N THR O 60 -2.73 66.22 -42.40
CA THR O 60 -1.73 65.38 -43.04
C THR O 60 -0.43 65.37 -42.25
N SER O 61 -0.02 64.17 -41.86
CA SER O 61 1.21 63.94 -41.10
C SER O 61 2.32 63.50 -42.05
N GLY O 62 1.93 62.99 -43.20
CA GLY O 62 2.90 62.59 -44.20
C GLY O 62 2.32 61.69 -45.27
N CYS O 63 3.21 60.95 -45.93
CA CYS O 63 2.79 60.01 -46.94
C CYS O 63 3.49 58.67 -46.72
N GLN O 64 2.82 57.59 -47.11
CA GLN O 64 3.48 56.29 -47.13
C GLN O 64 3.53 55.81 -48.58
N LEU O 65 4.70 55.35 -49.01
CA LEU O 65 4.87 54.85 -50.36
C LEU O 65 5.13 53.35 -50.29
N GLN O 66 4.53 52.60 -51.22
CA GLN O 66 4.63 51.15 -51.20
C GLN O 66 5.78 50.66 -52.07
N LYS O 67 6.00 49.34 -52.08
CA LYS O 67 7.15 48.79 -52.79
C LYS O 67 7.27 49.36 -54.21
N LYS O 68 6.21 49.23 -55.00
CA LYS O 68 6.26 49.56 -56.43
C LYS O 68 6.55 51.02 -56.76
N GLU O 69 6.71 51.85 -55.73
CA GLU O 69 7.04 53.26 -55.91
C GLU O 69 8.48 53.54 -55.47
N ILE O 70 9.07 52.63 -54.71
CA ILE O 70 10.41 52.86 -54.18
C ILE O 70 11.53 52.31 -55.06
N HIS O 71 12.25 53.23 -55.67
CA HIS O 71 13.47 52.88 -56.38
C HIS O 71 14.65 53.35 -55.54
N LEU O 72 15.39 52.42 -54.98
CA LEU O 72 16.67 52.75 -54.35
C LEU O 72 17.71 53.08 -55.44
N TYR O 73 18.72 53.87 -55.08
CA TYR O 73 19.85 54.16 -55.98
C TYR O 73 19.49 55.24 -57.00
N GLN O 74 18.20 55.51 -57.13
CA GLN O 74 17.71 56.60 -57.96
C GLN O 74 17.41 57.80 -57.06
N THR O 75 17.88 58.98 -57.46
CA THR O 75 17.74 60.15 -56.61
C THR O 75 16.28 60.59 -56.48
N PHE O 76 15.78 60.53 -55.25
CA PHE O 76 14.37 60.74 -54.90
C PHE O 76 14.16 62.16 -54.40
N VAL O 77 13.33 62.94 -55.10
CA VAL O 77 13.02 64.31 -54.69
C VAL O 77 11.60 64.42 -54.15
N VAL O 78 11.45 65.10 -53.00
CA VAL O 78 10.14 65.28 -52.39
C VAL O 78 9.80 66.77 -52.25
N GLN O 79 8.53 67.06 -52.03
CA GLN O 79 8.04 68.43 -52.05
C GLN O 79 6.94 68.61 -51.01
N LEU O 80 7.09 69.59 -50.13
CA LEU O 80 6.02 69.92 -49.19
C LEU O 80 5.25 71.17 -49.61
N GLN O 81 3.94 71.02 -49.72
CA GLN O 81 3.10 71.98 -50.43
C GLN O 81 1.98 72.58 -49.59
N ASP O 82 1.92 73.90 -49.56
CA ASP O 82 0.75 74.58 -49.02
C ASP O 82 -0.05 75.09 -50.21
N PRO O 83 -1.28 74.57 -50.38
CA PRO O 83 -2.14 74.87 -51.54
C PRO O 83 -2.33 76.36 -51.79
N ARG O 84 -2.46 77.17 -50.71
CA ARG O 84 -2.79 78.61 -50.81
C ARG O 84 -1.82 79.61 -51.50
N GLU O 85 -0.53 79.57 -51.16
CA GLU O 85 0.49 80.30 -51.90
C GLU O 85 1.58 79.38 -52.42
N PRO O 86 1.60 79.13 -53.75
CA PRO O 86 2.63 78.27 -54.34
C PRO O 86 4.00 78.75 -53.90
N ARG O 87 4.06 80.06 -53.63
CA ARG O 87 5.29 80.71 -53.19
C ARG O 87 5.97 79.92 -52.06
N ARG O 88 5.17 79.20 -51.29
CA ARG O 88 5.74 78.43 -50.18
C ARG O 88 5.85 76.95 -50.49
N GLN O 89 7.08 76.48 -50.64
CA GLN O 89 7.36 75.08 -50.88
C GLN O 89 8.79 74.74 -50.45
N ALA O 90 8.95 73.61 -49.79
CA ALA O 90 10.27 73.11 -49.43
C ALA O 90 10.55 71.87 -50.27
N THR O 91 11.82 71.67 -50.63
CA THR O 91 12.20 70.47 -51.37
C THR O 91 13.52 69.88 -50.85
N GLN O 92 13.60 68.55 -50.84
CA GLN O 92 14.78 67.87 -50.37
C GLN O 92 15.13 66.73 -51.32
N MET O 93 16.39 66.70 -51.76
CA MET O 93 16.85 65.59 -52.57
C MET O 93 17.47 64.59 -51.62
N LEU O 94 16.99 63.34 -51.69
CA LEU O 94 17.40 62.29 -50.78
C LEU O 94 17.99 61.12 -51.53
N LYS O 95 18.92 60.41 -50.90
CA LYS O 95 19.38 59.13 -51.40
C LYS O 95 18.75 58.04 -50.55
N LEU O 96 17.75 57.35 -51.10
CA LEU O 96 16.94 56.43 -50.31
C LEU O 96 17.74 55.30 -49.64
N GLN O 97 18.63 54.66 -50.39
CA GLN O 97 19.39 53.53 -49.86
C GLN O 97 20.00 53.86 -48.53
N ASN O 98 20.43 55.11 -48.37
CA ASN O 98 21.02 55.57 -47.12
C ASN O 98 20.01 55.57 -45.97
N LEU O 99 18.74 55.36 -46.30
CA LEU O 99 17.67 55.52 -45.33
C LEU O 99 16.90 54.21 -45.07
N VAL O 100 17.48 53.11 -45.51
CA VAL O 100 16.82 51.83 -45.33
C VAL O 100 17.07 51.35 -43.92
N ILE O 101 15.98 51.02 -43.23
CA ILE O 101 16.05 50.42 -41.91
C ILE O 101 15.45 49.03 -42.00
N PRO O 102 16.28 48.02 -41.73
CA PRO O 102 15.90 46.61 -41.73
C PRO O 102 15.00 46.27 -40.56
N TRP O 103 14.16 45.26 -40.71
CA TRP O 103 13.38 44.78 -39.57
C TRP O 103 14.36 44.11 -38.65
N ALA O 104 14.23 44.40 -37.37
CA ALA O 104 15.13 43.84 -36.37
C ALA O 104 15.15 42.33 -36.50
N PRO O 105 16.31 41.72 -36.19
CA PRO O 105 16.65 40.30 -36.32
C PRO O 105 15.85 39.42 -35.37
N GLU O 106 15.66 38.16 -35.74
CA GLU O 106 14.76 37.30 -34.99
C GLU O 106 15.27 35.88 -34.89
N ASN O 107 14.63 35.10 -34.03
CA ASN O 107 14.96 33.68 -33.87
C ASN O 107 16.39 33.44 -33.41
N LEU O 108 16.89 34.34 -32.58
CA LEU O 108 18.21 34.19 -31.96
C LEU O 108 18.30 32.80 -31.30
N THR O 109 19.49 32.20 -31.37
CA THR O 109 19.75 30.91 -30.76
C THR O 109 21.21 30.79 -30.32
N LEU O 110 21.41 30.31 -29.08
CA LEU O 110 22.73 30.17 -28.52
C LEU O 110 23.21 28.73 -28.61
N HIS O 111 24.27 28.53 -29.38
CA HIS O 111 24.85 27.21 -29.59
C HIS O 111 26.20 27.02 -28.89
N LYS O 112 26.21 26.23 -27.82
CA LYS O 112 27.43 25.95 -27.11
C LYS O 112 28.24 24.98 -27.93
N LEU O 113 29.41 25.40 -28.41
CA LEU O 113 30.27 24.56 -29.26
C LEU O 113 31.49 23.98 -28.53
N SER O 114 31.78 24.53 -27.34
CA SER O 114 32.76 23.98 -26.42
C SER O 114 32.19 24.20 -25.03
N GLU O 115 32.50 23.31 -24.10
CA GLU O 115 31.98 23.45 -22.75
C GLU O 115 32.14 24.88 -22.27
N SER O 116 33.20 25.54 -22.76
CA SER O 116 33.50 26.92 -22.36
C SER O 116 33.33 27.98 -23.46
N GLN O 117 33.02 27.55 -24.68
CA GLN O 117 32.78 28.49 -25.79
C GLN O 117 31.40 28.34 -26.41
N LEU O 118 30.70 29.44 -26.65
CA LEU O 118 29.41 29.35 -27.34
C LEU O 118 29.20 30.40 -28.44
N GLU O 119 28.36 30.06 -29.42
CA GLU O 119 28.15 30.90 -30.60
C GLU O 119 26.68 31.31 -30.79
N LEU O 120 26.45 32.60 -30.96
CA LEU O 120 25.11 33.16 -31.12
C LEU O 120 24.73 33.28 -32.61
N ASN O 121 23.48 32.98 -32.95
CA ASN O 121 23.01 33.12 -34.34
C ASN O 121 21.66 33.83 -34.46
N TRP O 122 21.30 34.22 -35.69
CA TRP O 122 20.00 34.84 -35.97
C TRP O 122 19.79 35.03 -37.47
N ASN O 123 18.55 35.08 -37.93
CA ASN O 123 18.26 35.30 -39.34
C ASN O 123 17.92 36.75 -39.62
N ASN O 124 17.80 37.11 -40.89
CA ASN O 124 17.35 38.46 -41.23
C ASN O 124 16.25 38.49 -42.29
N ARG O 125 15.18 39.20 -41.97
CA ARG O 125 13.90 39.08 -42.67
C ARG O 125 14.05 38.94 -44.16
N PHE O 126 14.72 39.89 -44.79
CA PHE O 126 14.95 39.80 -46.23
C PHE O 126 16.41 40.05 -46.61
N LEU O 127 16.82 41.31 -46.64
CA LEU O 127 18.20 41.64 -46.95
C LEU O 127 19.09 40.69 -46.16
N ASN O 128 20.17 40.17 -46.77
CA ASN O 128 21.05 39.23 -46.06
C ASN O 128 22.51 39.66 -45.85
N HIS O 129 23.32 39.58 -46.90
CA HIS O 129 24.71 39.99 -46.77
C HIS O 129 24.79 41.50 -46.97
N CYS O 130 23.63 42.15 -47.02
CA CYS O 130 23.55 43.60 -47.05
C CYS O 130 23.61 44.19 -45.65
N LEU O 131 23.39 43.35 -44.65
CA LEU O 131 23.17 43.81 -43.27
C LEU O 131 24.38 43.68 -42.38
N GLU O 132 24.93 44.80 -41.92
CA GLU O 132 25.93 44.73 -40.87
C GLU O 132 25.19 44.69 -39.54
N HIS O 133 25.88 44.25 -38.49
CA HIS O 133 25.22 43.96 -37.23
C HIS O 133 25.96 44.53 -36.03
N LEU O 134 25.21 44.77 -34.97
CA LEU O 134 25.76 45.12 -33.68
C LEU O 134 25.21 44.17 -32.63
N VAL O 135 26.10 43.48 -31.95
CA VAL O 135 25.73 42.54 -30.91
C VAL O 135 25.99 43.21 -29.55
N GLN O 136 25.07 43.03 -28.60
CA GLN O 136 25.24 43.57 -27.26
C GLN O 136 25.00 42.49 -26.21
N TYR O 137 25.88 42.41 -25.21
CA TYR O 137 25.74 41.39 -24.16
C TYR O 137 26.21 41.88 -22.80
N ARG O 138 25.64 41.30 -21.75
CA ARG O 138 26.05 41.59 -20.38
C ARG O 138 25.47 40.55 -19.43
N THR O 139 26.04 40.47 -18.23
CA THR O 139 25.59 39.50 -17.23
C THR O 139 24.87 40.15 -16.04
N ASP O 140 24.41 39.29 -15.14
CA ASP O 140 23.88 39.78 -13.89
C ASP O 140 24.95 40.64 -13.23
N TRP O 141 26.20 40.19 -13.32
CA TRP O 141 27.33 40.94 -12.75
C TRP O 141 27.73 42.13 -13.64
N ASP O 142 27.26 42.14 -14.87
CA ASP O 142 27.50 43.27 -15.76
C ASP O 142 26.37 44.28 -15.65
N HIS O 143 26.70 45.49 -15.20
CA HIS O 143 25.73 46.56 -15.14
C HIS O 143 25.48 47.12 -16.55
N SER O 144 26.56 47.43 -17.27
CA SER O 144 26.47 47.99 -18.61
C SER O 144 27.03 47.07 -19.69
N TRP O 145 26.71 47.39 -20.94
CA TRP O 145 26.83 46.45 -22.04
C TRP O 145 28.24 46.20 -22.57
N THR O 146 28.36 45.07 -23.26
CA THR O 146 29.53 44.75 -24.06
C THR O 146 29.03 44.65 -25.48
N GLU O 147 29.50 45.52 -26.37
CA GLU O 147 29.01 45.49 -27.74
C GLU O 147 30.11 45.22 -28.77
N GLN O 148 29.70 44.60 -29.86
CA GLN O 148 30.62 44.14 -30.90
C GLN O 148 29.95 44.13 -32.27
N SER O 149 30.50 44.88 -33.20
CA SER O 149 29.99 44.90 -34.56
C SER O 149 30.23 43.56 -35.21
N VAL O 150 29.39 43.17 -36.17
CA VAL O 150 29.52 41.87 -36.83
C VAL O 150 29.01 41.90 -38.26
N ASP O 151 29.81 41.35 -39.19
CA ASP O 151 29.54 41.48 -40.63
C ASP O 151 28.43 40.58 -41.13
N TYR O 152 28.47 40.26 -42.41
CA TYR O 152 27.35 39.53 -43.01
C TYR O 152 27.09 38.14 -42.41
N ARG O 153 28.15 37.42 -42.05
CA ARG O 153 27.94 36.19 -41.29
C ARG O 153 27.09 36.58 -40.11
N HIS O 154 26.00 35.85 -39.89
CA HIS O 154 25.07 36.26 -38.84
C HIS O 154 25.52 35.85 -37.44
N LYS O 155 26.70 35.26 -37.32
CA LYS O 155 27.17 34.66 -36.07
C LYS O 155 27.85 35.64 -35.10
N PHE O 156 27.99 35.21 -33.85
CA PHE O 156 28.82 35.89 -32.86
C PHE O 156 29.50 34.89 -31.94
N SER O 157 30.81 34.98 -31.81
CA SER O 157 31.54 34.02 -30.99
C SER O 157 31.79 34.56 -29.59
N LEU O 158 31.50 33.74 -28.57
CA LEU O 158 31.76 34.09 -27.18
C LEU O 158 32.69 33.06 -26.55
N PRO O 159 34.02 33.25 -26.72
CA PRO O 159 35.07 32.28 -26.39
C PRO O 159 35.15 31.86 -24.91
N SER O 160 34.83 32.76 -23.98
CA SER O 160 34.90 32.39 -22.57
C SER O 160 33.76 32.94 -21.73
N VAL O 161 32.89 32.05 -21.26
CA VAL O 161 31.75 32.43 -20.44
C VAL O 161 31.85 31.83 -19.05
N ASP O 162 31.14 32.42 -18.10
CA ASP O 162 31.32 32.09 -16.70
C ASP O 162 30.32 31.08 -16.18
N GLY O 163 30.78 29.86 -15.93
CA GLY O 163 29.91 28.80 -15.44
C GLY O 163 28.89 29.26 -14.43
N GLN O 164 29.24 30.31 -13.68
CA GLN O 164 28.39 30.77 -12.57
C GLN O 164 27.30 31.77 -13.00
N LYS O 165 27.67 32.69 -13.89
CA LYS O 165 26.83 33.86 -14.22
C LYS O 165 25.59 33.55 -15.08
N ARG O 166 24.88 34.61 -15.46
CA ARG O 166 23.70 34.54 -16.32
C ARG O 166 23.81 35.60 -17.42
N TYR O 167 23.83 35.15 -18.67
CA TYR O 167 24.09 36.04 -19.81
C TYR O 167 22.82 36.50 -20.52
N THR O 168 22.86 37.72 -21.06
CA THR O 168 21.80 38.22 -21.91
C THR O 168 22.38 38.80 -23.21
N PHE O 169 21.92 38.29 -24.35
CA PHE O 169 22.42 38.73 -25.65
C PHE O 169 21.33 39.39 -26.46
N ARG O 170 21.71 40.34 -27.32
CA ARG O 170 20.78 40.93 -28.27
C ARG O 170 21.48 41.50 -29.51
N VAL O 171 20.69 41.83 -30.53
CA VAL O 171 21.24 42.21 -31.83
C VAL O 171 20.39 43.26 -32.54
N ARG O 172 21.05 44.19 -33.21
CA ARG O 172 20.36 45.09 -34.12
C ARG O 172 21.20 45.29 -35.37
N SER O 173 20.55 45.35 -36.52
CA SER O 173 21.27 45.38 -37.79
C SER O 173 21.12 46.71 -38.54
N ARG O 174 22.01 46.94 -39.51
CA ARG O 174 22.08 48.21 -40.22
C ARG O 174 22.34 47.98 -41.72
N PHE O 175 21.63 48.73 -42.56
CA PHE O 175 21.77 48.58 -44.01
C PHE O 175 23.01 49.34 -44.46
N ASN O 176 24.11 48.61 -44.62
CA ASN O 176 25.41 49.21 -44.85
C ASN O 176 26.49 48.13 -44.68
N PRO O 177 27.65 48.30 -45.35
CA PRO O 177 28.03 49.41 -46.23
C PRO O 177 28.22 48.89 -47.65
N LEU O 178 27.24 48.14 -48.15
CA LEU O 178 27.37 47.40 -49.40
C LEU O 178 26.25 47.76 -50.38
N CYS O 179 25.01 47.50 -49.98
CA CYS O 179 23.89 47.87 -50.81
C CYS O 179 23.48 49.31 -50.49
N GLY O 180 24.33 49.99 -49.74
CA GLY O 180 24.11 51.36 -49.35
C GLY O 180 24.84 51.71 -48.06
N SER O 181 25.03 53.00 -47.82
CA SER O 181 25.59 53.43 -46.53
C SER O 181 24.56 54.18 -45.70
N ALA O 182 23.88 53.45 -44.80
CA ALA O 182 22.85 54.02 -43.92
C ALA O 182 23.41 54.21 -42.53
N GLN O 183 22.93 55.23 -41.81
CA GLN O 183 23.49 55.52 -40.50
C GLN O 183 22.68 54.90 -39.37
N HIS O 184 21.37 54.74 -39.59
CA HIS O 184 20.47 54.31 -38.53
C HIS O 184 20.39 52.79 -38.34
N TRP O 185 20.04 52.39 -37.14
CA TRP O 185 19.82 50.98 -36.83
C TRP O 185 18.33 50.71 -36.58
N SER O 186 17.95 49.44 -36.62
CA SER O 186 16.60 49.05 -36.25
C SER O 186 16.56 48.88 -34.73
N GLU O 187 15.36 48.75 -34.17
CA GLU O 187 15.24 48.45 -32.75
C GLU O 187 15.83 47.07 -32.49
N TRP O 188 16.01 46.74 -31.22
CA TRP O 188 16.67 45.49 -30.85
C TRP O 188 15.75 44.29 -30.92
N SER O 189 16.30 43.15 -31.29
CA SER O 189 15.56 41.91 -31.24
C SER O 189 15.17 41.60 -29.80
N HIS O 190 14.18 40.74 -29.63
CA HIS O 190 13.88 40.21 -28.31
C HIS O 190 15.17 39.61 -27.81
N PRO O 191 15.67 40.07 -26.65
CA PRO O 191 16.88 39.40 -26.17
C PRO O 191 16.61 37.94 -25.89
N ILE O 192 17.64 37.11 -25.86
CA ILE O 192 17.49 35.74 -25.35
C ILE O 192 18.53 35.47 -24.26
N HIS O 193 18.20 34.59 -23.33
CA HIS O 193 19.00 34.41 -22.12
C HIS O 193 19.83 33.12 -22.12
N TRP O 194 20.94 33.14 -21.39
CA TRP O 194 21.75 31.95 -21.14
C TRP O 194 21.96 31.73 -19.65
N SER P 9 -34.52 -80.16 24.83
CA SER P 9 -35.68 -79.37 25.19
C SER P 9 -36.96 -80.17 24.95
N THR P 10 -37.14 -80.66 23.73
CA THR P 10 -38.22 -81.58 23.42
C THR P 10 -37.84 -82.97 23.91
N LYS P 11 -36.59 -83.09 24.34
CA LYS P 11 -36.09 -84.29 25.00
C LYS P 11 -36.66 -84.30 26.42
N LYS P 12 -36.50 -83.19 27.12
CA LYS P 12 -36.98 -83.03 28.50
C LYS P 12 -38.49 -83.17 28.59
N THR P 13 -39.20 -82.50 27.68
CA THR P 13 -40.66 -82.55 27.66
C THR P 13 -41.14 -83.97 27.42
N GLN P 14 -40.51 -84.66 26.46
CA GLN P 14 -40.92 -86.03 26.15
C GLN P 14 -40.89 -86.93 27.37
N LEU P 15 -39.72 -87.04 27.98
CA LEU P 15 -39.55 -87.94 29.10
C LEU P 15 -40.47 -87.56 30.24
N GLN P 16 -40.93 -86.32 30.23
CA GLN P 16 -41.91 -85.94 31.23
C GLN P 16 -43.24 -86.60 30.90
N LEU P 17 -43.69 -86.41 29.67
CA LEU P 17 -44.97 -86.98 29.24
C LEU P 17 -45.02 -88.48 29.49
N GLU P 18 -43.94 -89.15 29.14
CA GLU P 18 -43.89 -90.61 29.32
C GLU P 18 -44.29 -90.89 30.75
N HIS P 19 -43.54 -90.33 31.68
CA HIS P 19 -43.86 -90.44 33.10
C HIS P 19 -45.37 -90.26 33.35
N LEU P 20 -45.91 -89.08 33.06
CA LEU P 20 -47.35 -88.82 33.22
C LEU P 20 -48.16 -90.02 32.79
N LEU P 21 -47.95 -90.42 31.54
CA LEU P 21 -48.64 -91.58 31.01
C LEU P 21 -48.59 -92.72 32.00
N LEU P 22 -47.37 -93.07 32.40
CA LEU P 22 -47.18 -94.29 33.18
C LEU P 22 -47.89 -94.25 34.53
N ASP P 23 -48.11 -93.04 35.06
CA ASP P 23 -48.79 -92.90 36.34
C ASP P 23 -50.26 -93.15 36.13
N LEU P 24 -50.82 -92.39 35.20
CA LEU P 24 -52.20 -92.56 34.78
C LEU P 24 -52.59 -94.03 34.53
N GLN P 25 -51.71 -94.78 33.88
CA GLN P 25 -51.95 -96.17 33.57
C GLN P 25 -51.97 -97.03 34.82
N MET P 26 -51.25 -96.58 35.85
CA MET P 26 -51.21 -97.30 37.12
C MET P 26 -52.59 -97.26 37.76
N ILE P 27 -53.22 -96.10 37.71
CA ILE P 27 -54.60 -95.96 38.18
C ILE P 27 -55.49 -96.90 37.37
N LEU P 28 -55.15 -97.07 36.10
CA LEU P 28 -55.89 -97.96 35.22
C LEU P 28 -55.70 -99.42 35.62
N ASN P 29 -54.46 -99.89 35.58
CA ASN P 29 -54.17 -101.28 35.92
C ASN P 29 -54.47 -101.62 37.37
N GLY P 30 -54.98 -100.63 38.10
CA GLY P 30 -55.25 -100.83 39.52
C GLY P 30 -56.71 -100.68 39.92
N ILE P 31 -57.52 -100.10 39.04
CA ILE P 31 -58.93 -99.95 39.33
C ILE P 31 -59.77 -101.08 38.70
N ASN P 32 -59.16 -101.84 37.81
CA ASN P 32 -59.85 -102.96 37.19
C ASN P 32 -59.71 -104.29 37.96
N ASN P 33 -58.50 -104.58 38.43
CA ASN P 33 -58.28 -105.78 39.25
C ASN P 33 -59.39 -105.96 40.29
N TYR P 34 -59.61 -104.87 41.03
CA TYR P 34 -60.56 -104.83 42.13
C TYR P 34 -61.98 -105.23 41.72
N LYS P 38 -67.18 -102.33 45.41
CA LYS P 38 -67.41 -100.88 45.43
C LYS P 38 -67.13 -100.22 44.08
N LEU P 39 -66.38 -100.90 43.21
CA LEU P 39 -66.13 -100.37 41.88
C LEU P 39 -67.46 -99.95 41.28
N THR P 40 -68.50 -100.72 41.55
CA THR P 40 -69.84 -100.34 41.13
C THR P 40 -70.06 -98.87 41.48
N ARG P 41 -69.92 -98.51 42.75
CA ARG P 41 -70.07 -97.12 43.15
C ARG P 41 -68.98 -96.23 42.56
N MET P 42 -67.79 -96.79 42.39
CA MET P 42 -66.67 -96.08 41.77
C MET P 42 -67.12 -95.46 40.45
N LEU P 43 -67.80 -96.26 39.66
CA LEU P 43 -68.13 -95.89 38.30
C LEU P 43 -69.19 -94.81 38.26
N THR P 44 -69.93 -94.65 39.35
CA THR P 44 -71.01 -93.67 39.34
C THR P 44 -70.47 -92.25 39.25
N PHE P 45 -69.37 -91.98 39.96
CA PHE P 45 -68.83 -90.64 39.98
C PHE P 45 -68.56 -90.19 38.56
N LYS P 46 -69.04 -89.00 38.22
CA LYS P 46 -69.05 -88.54 36.84
C LYS P 46 -68.01 -87.47 36.50
N PHE P 47 -66.98 -87.89 35.77
CA PHE P 47 -65.88 -87.04 35.31
C PHE P 47 -66.16 -86.42 33.96
N TYR P 48 -65.97 -85.11 33.85
CA TYR P 48 -66.07 -84.42 32.58
C TYR P 48 -64.80 -84.58 31.74
N MET P 49 -64.92 -84.37 30.44
CA MET P 49 -63.78 -84.52 29.54
C MET P 49 -63.71 -83.35 28.57
N PRO P 50 -62.50 -82.99 28.14
CA PRO P 50 -62.25 -81.82 27.29
C PRO P 50 -62.87 -81.98 25.91
N LYS P 51 -63.80 -81.08 25.59
CA LYS P 51 -64.46 -81.09 24.28
C LYS P 51 -63.43 -81.30 23.18
N LYS P 52 -62.28 -80.66 23.34
CA LYS P 52 -61.19 -80.87 22.41
C LYS P 52 -59.90 -80.82 23.18
N ALA P 53 -59.08 -81.85 22.99
CA ALA P 53 -57.76 -81.96 23.61
C ALA P 53 -56.70 -82.43 22.60
N THR P 54 -56.05 -81.47 21.96
CA THR P 54 -55.03 -81.77 20.96
C THR P 54 -53.65 -81.37 21.43
N GLU P 55 -53.57 -80.52 22.46
CA GLU P 55 -52.30 -79.88 22.80
C GLU P 55 -51.90 -79.77 24.27
N LEU P 56 -50.59 -79.66 24.47
CA LEU P 56 -49.97 -79.64 25.78
C LEU P 56 -50.57 -78.60 26.70
N LYS P 57 -51.02 -77.48 26.14
CA LYS P 57 -51.60 -76.43 26.95
C LYS P 57 -53.00 -76.87 27.41
N HIS P 58 -53.46 -77.99 26.85
CA HIS P 58 -54.80 -78.48 27.11
C HIS P 58 -54.92 -79.22 28.45
N LEU P 59 -53.80 -79.70 28.96
CA LEU P 59 -53.84 -80.52 30.18
C LEU P 59 -54.59 -79.84 31.29
N GLN P 60 -54.87 -78.55 31.13
CA GLN P 60 -55.64 -77.83 32.12
C GLN P 60 -56.90 -78.60 32.39
N CYS P 61 -57.50 -79.09 31.30
CA CYS P 61 -58.69 -79.90 31.37
C CYS P 61 -58.48 -81.14 32.25
N LEU P 62 -57.23 -81.56 32.40
CA LEU P 62 -56.92 -82.61 33.35
C LEU P 62 -56.77 -81.97 34.72
N GLU P 63 -55.97 -80.92 34.80
CA GLU P 63 -55.65 -80.31 36.07
C GLU P 63 -56.92 -80.09 36.85
N GLU P 64 -57.98 -79.73 36.14
CA GLU P 64 -59.21 -79.32 36.81
C GLU P 64 -59.93 -80.48 37.49
N GLU P 65 -59.95 -81.64 36.84
CA GLU P 65 -60.71 -82.77 37.36
C GLU P 65 -59.95 -83.65 38.34
N LEU P 66 -58.71 -83.28 38.66
CA LEU P 66 -57.90 -84.06 39.60
C LEU P 66 -58.47 -84.03 41.02
N LYS P 67 -59.02 -82.90 41.43
CA LYS P 67 -59.63 -82.77 42.76
C LYS P 67 -60.63 -83.89 42.97
N PRO P 68 -61.63 -84.01 42.08
CA PRO P 68 -62.55 -85.14 42.15
C PRO P 68 -61.87 -86.49 41.92
N LEU P 69 -60.95 -86.58 40.95
CA LEU P 69 -60.25 -87.84 40.69
C LEU P 69 -59.63 -88.44 41.95
N GLU P 70 -59.23 -87.57 42.88
CA GLU P 70 -58.67 -88.00 44.15
C GLU P 70 -59.81 -88.42 45.07
N GLU P 71 -60.97 -87.80 44.87
CA GLU P 71 -62.17 -88.18 45.60
C GLU P 71 -62.55 -89.61 45.24
N VAL P 72 -62.55 -89.90 43.94
CA VAL P 72 -63.04 -91.17 43.45
C VAL P 72 -62.17 -92.31 43.92
N LEU P 73 -60.88 -92.21 43.64
CA LEU P 73 -59.91 -93.21 44.07
C LEU P 73 -59.98 -93.44 45.58
N ASN P 74 -60.24 -92.36 46.31
CA ASN P 74 -60.37 -92.41 47.76
C ASN P 74 -61.43 -93.41 48.21
N LEU P 75 -62.48 -93.57 47.39
CA LEU P 75 -63.57 -94.48 47.73
C LEU P 75 -63.07 -95.90 47.97
N ALA P 76 -61.84 -96.15 47.52
CA ALA P 76 -61.23 -97.48 47.64
C ALA P 76 -60.26 -97.55 48.79
N HIS P 77 -60.59 -98.35 49.80
CA HIS P 77 -59.63 -98.57 50.85
C HIS P 77 -58.36 -99.02 50.15
N SER P 78 -57.21 -98.59 50.65
CA SER P 78 -55.98 -98.76 49.90
C SER P 78 -55.31 -100.11 50.08
N LYS P 79 -55.95 -101.03 50.80
CA LYS P 79 -55.45 -102.39 50.87
C LYS P 79 -55.32 -102.95 49.45
N ASN P 80 -56.15 -102.42 48.55
CA ASN P 80 -56.30 -102.96 47.20
C ASN P 80 -55.34 -102.39 46.16
N PHE P 81 -55.25 -101.06 46.09
CA PHE P 81 -54.37 -100.39 45.13
C PHE P 81 -52.92 -100.70 45.39
N HIS P 82 -52.08 -100.42 44.38
CA HIS P 82 -50.65 -100.53 44.56
C HIS P 82 -50.07 -99.13 44.76
N PHE P 83 -50.96 -98.15 44.94
CA PHE P 83 -50.54 -96.76 45.03
C PHE P 83 -51.33 -95.95 46.07
N ASP P 84 -50.64 -95.10 46.83
CA ASP P 84 -51.31 -94.14 47.70
C ASP P 84 -51.96 -93.10 46.80
N PRO P 85 -53.26 -92.86 47.01
CA PRO P 85 -54.05 -91.99 46.12
C PRO P 85 -53.64 -90.52 46.14
N ARG P 86 -53.42 -89.94 47.32
CA ARG P 86 -53.07 -88.53 47.35
C ARG P 86 -51.72 -88.31 46.69
N ASP P 87 -50.77 -89.20 46.96
CA ASP P 87 -49.44 -89.07 46.36
C ASP P 87 -49.49 -89.09 44.83
N VAL P 88 -50.22 -90.04 44.25
CA VAL P 88 -50.30 -90.15 42.79
C VAL P 88 -50.87 -88.88 42.19
N VAL P 89 -52.00 -88.42 42.73
CA VAL P 89 -52.59 -87.19 42.25
C VAL P 89 -51.54 -86.08 42.28
N SER P 90 -50.88 -85.93 43.42
CA SER P 90 -49.79 -84.97 43.54
C SER P 90 -48.99 -85.01 42.25
N ASN P 91 -48.21 -86.07 42.09
CA ASN P 91 -47.37 -86.19 40.93
C ASN P 91 -48.13 -85.75 39.68
N ILE P 92 -49.29 -86.34 39.40
CA ILE P 92 -49.98 -86.01 38.15
C ILE P 92 -50.03 -84.50 38.02
N ASN P 93 -50.84 -83.86 38.85
CA ASN P 93 -50.93 -82.40 38.88
C ASN P 93 -49.57 -81.73 38.75
N VAL P 94 -48.58 -82.23 39.48
CA VAL P 94 -47.23 -81.66 39.42
C VAL P 94 -46.75 -81.55 37.98
N PHE P 95 -46.79 -82.68 37.27
CA PHE P 95 -46.50 -82.70 35.86
C PHE P 95 -47.38 -81.68 35.16
N VAL P 96 -48.70 -81.86 35.29
CA VAL P 96 -49.69 -81.06 34.57
C VAL P 96 -49.41 -79.57 34.69
N LEU P 97 -48.91 -79.17 35.85
CA LEU P 97 -48.58 -77.77 36.08
C LEU P 97 -47.32 -77.38 35.32
N GLU P 98 -46.29 -78.23 35.38
CA GLU P 98 -45.08 -77.99 34.62
C GLU P 98 -45.31 -78.05 33.10
N LEU P 99 -46.41 -78.66 32.69
CA LEU P 99 -46.60 -78.94 31.27
C LEU P 99 -47.43 -77.91 30.49
N LYS P 100 -48.45 -77.35 31.12
CA LYS P 100 -49.29 -76.37 30.43
C LYS P 100 -48.52 -75.11 29.98
N GLY P 101 -47.93 -74.38 30.94
CA GLY P 101 -47.16 -73.18 30.61
C GLY P 101 -47.14 -72.09 31.67
N PHE P 106 -55.75 -68.43 28.32
CA PHE P 106 -56.44 -69.67 27.95
C PHE P 106 -57.50 -70.07 28.97
N MET P 107 -58.34 -71.03 28.58
CA MET P 107 -59.41 -71.51 29.44
C MET P 107 -59.89 -72.88 28.97
N CYS P 108 -60.50 -73.64 29.87
CA CYS P 108 -60.85 -75.03 29.59
C CYS P 108 -62.34 -75.22 29.30
N GLU P 109 -62.66 -75.57 28.06
CA GLU P 109 -64.05 -75.73 27.62
C GLU P 109 -64.42 -77.20 27.55
N TYR P 110 -65.48 -77.59 28.26
CA TYR P 110 -65.77 -79.00 28.48
C TYR P 110 -66.67 -79.64 27.44
N ALA P 111 -66.79 -80.96 27.52
CA ALA P 111 -67.56 -81.74 26.55
C ALA P 111 -69.00 -82.03 26.98
N ASP P 112 -69.81 -82.41 26.01
CA ASP P 112 -71.22 -82.67 26.24
C ASP P 112 -71.48 -83.73 27.31
N GLU P 113 -71.23 -84.98 26.97
CA GLU P 113 -71.52 -86.12 27.86
C GLU P 113 -70.58 -86.22 29.05
N THR P 114 -70.98 -87.03 30.02
CA THR P 114 -70.15 -87.33 31.16
C THR P 114 -69.41 -88.66 30.91
N ALA P 115 -68.48 -89.01 31.79
CA ALA P 115 -67.62 -90.17 31.55
C ALA P 115 -67.24 -90.93 32.81
N THR P 116 -67.19 -92.26 32.70
CA THR P 116 -66.71 -93.09 33.80
C THR P 116 -65.23 -92.76 34.05
N ILE P 117 -64.75 -93.00 35.26
CA ILE P 117 -63.35 -92.80 35.59
C ILE P 117 -62.42 -93.63 34.70
N VAL P 118 -62.95 -94.75 34.20
CA VAL P 118 -62.22 -95.60 33.27
C VAL P 118 -62.21 -94.95 31.90
N GLU P 119 -63.38 -94.49 31.45
CA GLU P 119 -63.47 -93.76 30.21
C GLU P 119 -62.64 -92.48 30.31
N PHE P 120 -62.50 -91.99 31.53
CA PHE P 120 -61.72 -90.77 31.82
C PHE P 120 -60.24 -90.98 31.55
N LEU P 121 -59.60 -91.79 32.39
CA LEU P 121 -58.18 -92.04 32.27
C LEU P 121 -57.82 -92.49 30.85
N ASN P 122 -58.68 -93.29 30.24
CA ASN P 122 -58.43 -93.76 28.89
C ASN P 122 -58.12 -92.61 27.94
N ARG P 123 -59.02 -91.64 27.87
CA ARG P 123 -58.84 -90.50 26.98
C ARG P 123 -57.51 -89.79 27.25
N TRP P 124 -57.26 -89.44 28.50
CA TRP P 124 -56.02 -88.76 28.84
C TRP P 124 -54.82 -89.61 28.48
N ILE P 125 -54.88 -90.91 28.81
CA ILE P 125 -53.82 -91.83 28.45
C ILE P 125 -53.50 -91.74 26.96
N THR P 126 -54.54 -91.69 26.13
CA THR P 126 -54.35 -91.58 24.69
C THR P 126 -53.88 -90.17 24.33
N PHE P 127 -54.55 -89.15 24.85
CA PHE P 127 -54.08 -87.79 24.66
C PHE P 127 -52.55 -87.78 24.79
N CYS P 128 -52.07 -88.27 25.92
CA CYS P 128 -50.65 -88.39 26.15
C CYS P 128 -49.95 -89.02 24.96
N GLN P 129 -50.40 -90.22 24.62
CA GLN P 129 -49.75 -91.01 23.58
C GLN P 129 -49.65 -90.26 22.25
N SER P 130 -50.58 -89.35 21.99
CA SER P 130 -50.52 -88.55 20.78
C SER P 130 -49.20 -87.77 20.75
N ILE P 131 -49.03 -86.88 21.72
CA ILE P 131 -47.80 -86.11 21.84
C ILE P 131 -46.59 -87.03 21.80
N ILE P 132 -46.56 -88.01 22.70
CA ILE P 132 -45.46 -88.97 22.82
C ILE P 132 -45.11 -89.69 21.50
N SER P 133 -46.08 -89.75 20.60
CA SER P 133 -45.88 -90.27 19.26
C SER P 133 -45.32 -89.16 18.37
N THR P 134 -46.10 -88.11 18.21
CA THR P 134 -45.72 -86.96 17.39
C THR P 134 -44.25 -86.59 17.63
N LEU P 135 -43.84 -86.55 18.88
CA LEU P 135 -42.46 -86.21 19.22
C LEU P 135 -41.51 -87.39 19.06
N THR P 136 -40.24 -87.06 18.82
CA THR P 136 -39.13 -88.02 18.71
C THR P 136 -38.17 -87.63 17.58
N GLN Q 10 -16.72 -81.05 49.83
CA GLN Q 10 -17.67 -81.52 48.83
C GLN Q 10 -18.91 -82.13 49.49
N PHE Q 11 -20.00 -82.22 48.73
CA PHE Q 11 -21.32 -82.59 49.28
C PHE Q 11 -22.08 -83.50 48.30
N THR Q 12 -22.59 -84.62 48.78
CA THR Q 12 -23.18 -85.62 47.89
C THR Q 12 -24.49 -86.22 48.40
N CYS Q 13 -25.43 -86.47 47.49
CA CYS Q 13 -26.74 -87.02 47.82
C CYS Q 13 -27.40 -87.79 46.67
N PHE Q 14 -27.89 -88.99 46.98
CA PHE Q 14 -28.45 -89.91 46.00
C PHE Q 14 -29.88 -90.37 46.38
N TYR Q 15 -30.72 -90.60 45.37
CA TYR Q 15 -32.16 -90.79 45.57
C TYR Q 15 -32.64 -92.24 45.35
N ASN Q 16 -33.38 -92.78 46.31
CA ASN Q 16 -33.83 -94.18 46.28
C ASN Q 16 -34.87 -94.47 45.26
N SER Q 17 -35.48 -93.39 44.76
CA SER Q 17 -36.51 -93.41 43.74
C SER Q 17 -37.92 -93.58 44.38
N ARG Q 18 -37.98 -93.49 45.71
CA ARG Q 18 -39.28 -93.42 46.38
C ARG Q 18 -39.39 -92.29 47.42
N ALA Q 19 -38.91 -92.54 48.63
CA ALA Q 19 -39.05 -91.54 49.69
C ALA Q 19 -37.75 -91.26 50.46
N GLN Q 20 -36.60 -91.63 49.87
CA GLN Q 20 -35.33 -91.53 50.57
C GLN Q 20 -34.19 -91.00 49.69
N ILE Q 21 -33.43 -90.07 50.26
CA ILE Q 21 -32.24 -89.51 49.62
C ILE Q 21 -31.09 -89.61 50.61
N SER Q 22 -30.22 -90.60 50.42
CA SER Q 22 -29.06 -90.76 51.31
C SER Q 22 -28.04 -89.62 51.03
N CYS Q 23 -27.29 -89.21 52.05
CA CYS Q 23 -26.42 -88.04 52.01
C CYS Q 23 -25.01 -88.22 52.54
N VAL Q 24 -24.05 -87.61 51.84
CA VAL Q 24 -22.64 -87.64 52.21
C VAL Q 24 -22.08 -86.23 52.23
N TRP Q 25 -21.42 -85.85 53.32
CA TRP Q 25 -20.73 -84.56 53.33
C TRP Q 25 -19.47 -84.49 54.19
N SER Q 26 -18.38 -84.02 53.59
CA SER Q 26 -17.09 -84.03 54.24
C SER Q 26 -16.31 -82.74 53.98
N GLN Q 27 -15.54 -82.32 54.98
CA GLN Q 27 -14.79 -81.07 54.91
C GLN Q 27 -13.61 -81.10 55.89
N THR Q 34 -20.02 -78.50 67.42
CA THR Q 34 -20.06 -79.23 66.16
C THR Q 34 -21.28 -80.14 66.11
N SER Q 35 -22.36 -79.62 65.53
CA SER Q 35 -23.57 -80.39 65.26
C SER Q 35 -24.01 -80.01 63.86
N CYS Q 36 -24.62 -80.94 63.13
CA CYS Q 36 -24.95 -80.65 61.73
C CYS Q 36 -26.19 -81.37 61.23
N GLN Q 37 -26.94 -80.67 60.36
CA GLN Q 37 -28.13 -81.23 59.75
C GLN Q 37 -28.10 -80.97 58.26
N VAL Q 38 -29.04 -81.55 57.52
CA VAL Q 38 -29.16 -81.35 56.08
C VAL Q 38 -30.60 -81.08 55.68
N HIS Q 39 -30.97 -79.84 55.45
CA HIS Q 39 -32.38 -79.52 55.19
C HIS Q 39 -32.71 -79.64 53.71
N ALA Q 40 -33.57 -80.60 53.38
CA ALA Q 40 -34.04 -80.80 52.00
C ALA Q 40 -35.39 -80.13 51.79
N TRP Q 41 -35.42 -79.10 50.95
CA TRP Q 41 -36.63 -78.31 50.76
C TRP Q 41 -37.17 -78.41 49.33
N PRO Q 42 -38.14 -79.30 49.12
CA PRO Q 42 -38.73 -79.51 47.79
C PRO Q 42 -39.19 -78.18 47.24
N ASP Q 43 -39.17 -77.99 45.93
CA ASP Q 43 -39.61 -76.70 45.40
C ASP Q 43 -41.10 -76.67 45.04
N ARG Q 44 -41.72 -77.84 44.93
CA ARG Q 44 -43.11 -77.90 44.45
C ARG Q 44 -44.08 -78.64 45.39
N ARG Q 45 -43.59 -79.05 46.55
CA ARG Q 45 -44.43 -79.78 47.49
C ARG Q 45 -44.74 -78.94 48.71
N ARG Q 46 -45.36 -79.56 49.70
CA ARG Q 46 -45.79 -78.86 50.91
C ARG Q 46 -44.97 -79.20 52.15
N TRP Q 47 -43.91 -79.99 51.98
CA TRP Q 47 -43.16 -80.51 53.13
C TRP Q 47 -41.65 -80.23 53.08
N GLN Q 48 -40.96 -80.63 54.14
CA GLN Q 48 -39.49 -80.56 54.22
C GLN Q 48 -38.98 -81.71 55.09
N GLN Q 49 -37.67 -81.82 55.23
CA GLN Q 49 -37.11 -82.85 56.09
C GLN Q 49 -35.72 -82.52 56.61
N THR Q 50 -35.47 -82.91 57.86
CA THR Q 50 -34.19 -82.74 58.52
C THR Q 50 -33.60 -84.09 58.87
N CYS Q 51 -32.29 -84.19 58.89
CA CYS Q 51 -31.58 -85.38 59.34
C CYS Q 51 -30.27 -84.98 60.03
N GLU Q 52 -29.99 -85.54 61.20
CA GLU Q 52 -28.78 -85.17 61.93
C GLU Q 52 -27.61 -85.83 61.24
N LEU Q 53 -26.59 -85.04 60.93
CA LEU Q 53 -25.40 -85.56 60.26
C LEU Q 53 -24.60 -86.46 61.19
N LEU Q 54 -24.20 -87.63 60.68
CA LEU Q 54 -23.48 -88.62 61.49
C LEU Q 54 -22.09 -88.89 60.95
N PRO Q 55 -21.14 -89.13 61.85
CA PRO Q 55 -19.75 -89.46 61.52
C PRO Q 55 -19.58 -90.83 60.84
N VAL Q 56 -18.60 -90.92 59.94
CA VAL Q 56 -18.22 -92.19 59.34
C VAL Q 56 -16.70 -92.26 59.15
N SER Q 57 -16.17 -91.39 58.30
CA SER Q 57 -14.72 -91.28 58.12
C SER Q 57 -14.12 -90.36 59.19
N GLN Q 58 -12.82 -90.09 59.08
CA GLN Q 58 -12.16 -89.12 59.96
C GLN Q 58 -12.88 -87.79 59.85
N ALA Q 59 -13.26 -87.44 58.62
CA ALA Q 59 -14.05 -86.23 58.40
C ALA Q 59 -15.07 -86.48 57.30
N SER Q 60 -16.17 -87.14 57.64
CA SER Q 60 -17.30 -87.32 56.74
C SER Q 60 -18.61 -87.56 57.49
N TRP Q 61 -19.71 -87.23 56.83
CA TRP Q 61 -21.04 -87.39 57.42
C TRP Q 61 -22.05 -87.97 56.46
N ALA Q 62 -23.01 -88.71 57.01
CA ALA Q 62 -24.05 -89.35 56.23
C ALA Q 62 -25.42 -88.93 56.73
N CYS Q 63 -26.40 -89.02 55.85
CA CYS Q 63 -27.77 -88.74 56.21
C CYS Q 63 -28.76 -89.57 55.41
N ASN Q 64 -29.75 -90.13 56.08
CA ASN Q 64 -30.87 -90.74 55.39
C ASN Q 64 -32.05 -89.79 55.44
N LEU Q 65 -32.24 -89.01 54.39
CA LEU Q 65 -33.36 -88.09 54.35
C LEU Q 65 -34.64 -88.84 54.04
N ILE Q 66 -35.49 -89.02 55.06
CA ILE Q 66 -36.71 -89.77 54.85
C ILE Q 66 -37.84 -88.87 54.44
N LEU Q 67 -38.41 -89.16 53.26
CA LEU Q 67 -39.42 -88.33 52.64
C LEU Q 67 -40.83 -88.88 52.83
N GLY Q 68 -40.93 -90.16 53.19
CA GLY Q 68 -42.21 -90.77 53.48
C GLY Q 68 -42.17 -92.26 53.79
N ALA Q 69 -43.34 -92.91 53.67
CA ALA Q 69 -43.49 -94.35 53.90
C ALA Q 69 -42.54 -95.15 53.02
N PRO Q 70 -42.09 -96.32 53.50
CA PRO Q 70 -41.01 -97.09 52.87
C PRO Q 70 -41.09 -97.13 51.35
N ASP Q 71 -42.29 -97.26 50.80
CA ASP Q 71 -42.40 -97.28 49.35
C ASP Q 71 -43.10 -96.06 48.75
N SER Q 72 -43.75 -95.25 49.58
CA SER Q 72 -44.49 -94.10 49.05
C SER Q 72 -43.63 -93.23 48.13
N GLN Q 73 -44.22 -92.84 47.01
CA GLN Q 73 -43.57 -92.09 45.94
C GLN Q 73 -43.70 -90.59 46.18
N LYS Q 74 -42.67 -89.97 46.74
CA LYS Q 74 -42.79 -88.60 47.19
C LYS Q 74 -42.17 -87.58 46.24
N LEU Q 75 -41.21 -88.02 45.42
CA LEU Q 75 -40.56 -87.10 44.50
C LEU Q 75 -40.72 -87.43 43.01
N THR Q 76 -40.95 -86.41 42.21
CA THR Q 76 -41.19 -86.56 40.77
C THR Q 76 -40.12 -85.86 39.95
N THR Q 77 -39.81 -86.42 38.78
CA THR Q 77 -38.68 -85.95 37.96
C THR Q 77 -38.65 -84.46 37.61
N VAL Q 78 -39.74 -83.74 37.85
CA VAL Q 78 -39.78 -82.31 37.59
C VAL Q 78 -39.63 -81.51 38.89
N ASP Q 79 -39.64 -82.24 40.01
CA ASP Q 79 -39.33 -81.66 41.31
C ASP Q 79 -37.86 -81.25 41.34
N ILE Q 80 -37.57 -80.20 42.08
CA ILE Q 80 -36.19 -79.82 42.35
C ILE Q 80 -36.05 -79.59 43.84
N VAL Q 81 -35.51 -80.59 44.53
CA VAL Q 81 -35.37 -80.50 45.97
C VAL Q 81 -34.14 -79.68 46.27
N THR Q 82 -34.33 -78.58 46.98
CA THR Q 82 -33.22 -77.73 47.41
C THR Q 82 -32.60 -78.35 48.65
N LEU Q 83 -31.30 -78.18 48.80
CA LEU Q 83 -30.60 -78.66 49.98
C LEU Q 83 -29.88 -77.54 50.72
N ARG Q 84 -29.61 -77.77 52.00
CA ARG Q 84 -28.74 -76.91 52.76
C ARG Q 84 -28.03 -77.82 53.72
N VAL Q 85 -26.79 -77.50 54.04
CA VAL Q 85 -26.15 -78.17 55.16
C VAL Q 85 -25.97 -77.10 56.21
N LEU Q 86 -26.63 -77.28 57.35
CA LEU Q 86 -26.57 -76.28 58.40
C LEU Q 86 -25.71 -76.76 59.55
N CYS Q 87 -24.76 -75.92 59.96
CA CYS Q 87 -23.98 -76.23 61.16
C CYS Q 87 -24.30 -75.24 62.26
N ARG Q 88 -24.47 -75.74 63.49
CA ARG Q 88 -24.74 -74.79 64.54
C ARG Q 88 -23.50 -73.91 64.54
N GLU Q 89 -23.72 -72.61 64.48
CA GLU Q 89 -22.64 -71.64 64.51
C GLU Q 89 -23.10 -70.63 65.53
N GLY Q 90 -23.10 -71.06 66.78
CA GLY Q 90 -23.64 -70.23 67.83
C GLY Q 90 -25.16 -70.33 67.82
N VAL Q 91 -25.78 -69.35 68.44
CA VAL Q 91 -27.22 -69.26 68.63
C VAL Q 91 -28.02 -69.62 67.38
N ARG Q 92 -27.35 -69.77 66.25
CA ARG Q 92 -28.04 -69.99 64.99
C ARG Q 92 -27.39 -71.06 64.14
N TRP Q 93 -27.91 -71.19 62.92
CA TRP Q 93 -27.40 -72.11 61.91
C TRP Q 93 -26.70 -71.35 60.78
N ARG Q 94 -25.48 -71.79 60.47
CA ARG Q 94 -24.79 -71.28 59.30
C ARG Q 94 -24.86 -72.36 58.26
N VAL Q 95 -25.19 -71.98 57.04
CA VAL Q 95 -25.21 -72.93 55.93
C VAL Q 95 -23.81 -73.22 55.44
N MET Q 96 -23.32 -74.41 55.79
CA MET Q 96 -22.01 -74.88 55.36
C MET Q 96 -21.90 -74.99 53.84
N ALA Q 97 -22.99 -75.45 53.19
CA ALA Q 97 -23.13 -75.43 51.72
C ALA Q 97 -24.57 -75.54 51.17
N ILE Q 98 -24.76 -75.09 49.92
CA ILE Q 98 -26.02 -75.22 49.18
C ILE Q 98 -25.89 -76.13 47.97
N GLN Q 99 -27.02 -76.50 47.41
CA GLN Q 99 -27.00 -77.30 46.20
C GLN Q 99 -28.41 -77.46 45.72
N ASP Q 100 -28.62 -77.29 44.43
CA ASP Q 100 -29.95 -77.49 43.86
C ASP Q 100 -30.01 -78.84 43.15
N PHE Q 101 -30.78 -79.76 43.74
CA PHE Q 101 -30.70 -81.19 43.44
C PHE Q 101 -31.93 -81.69 42.67
N LYS Q 102 -31.71 -82.14 41.43
CA LYS Q 102 -32.77 -82.75 40.63
C LYS Q 102 -32.76 -84.25 40.89
N PRO Q 103 -33.71 -84.73 41.72
CA PRO Q 103 -33.65 -86.09 42.24
C PRO Q 103 -33.46 -87.13 41.16
N PHE Q 104 -34.22 -87.00 40.07
CA PHE Q 104 -34.22 -88.05 39.07
C PHE Q 104 -32.96 -88.09 38.21
N GLU Q 105 -32.17 -87.03 38.28
CA GLU Q 105 -30.85 -87.06 37.67
C GLU Q 105 -29.82 -87.69 38.60
N ASN Q 106 -30.16 -87.85 39.89
CA ASN Q 106 -29.21 -88.40 40.87
C ASN Q 106 -29.59 -89.71 41.57
N LEU Q 107 -30.20 -90.60 40.79
CA LEU Q 107 -30.71 -91.87 41.29
C LEU Q 107 -29.63 -92.87 41.71
N ARG Q 108 -29.74 -93.40 42.93
CA ARG Q 108 -28.97 -94.57 43.34
C ARG Q 108 -29.95 -95.56 43.90
N LEU Q 109 -30.22 -96.60 43.14
CA LEU Q 109 -31.22 -97.57 43.56
C LEU Q 109 -30.72 -98.35 44.76
N MET Q 110 -31.64 -99.04 45.40
CA MET Q 110 -31.31 -99.86 46.55
C MET Q 110 -30.57 -101.12 46.10
N ALA Q 111 -29.95 -101.80 47.05
CA ALA Q 111 -29.33 -103.09 46.79
C ALA Q 111 -30.40 -104.18 46.70
N PRO Q 112 -30.47 -104.90 45.57
CA PRO Q 112 -31.50 -105.90 45.24
C PRO Q 112 -31.53 -107.03 46.26
N ILE Q 113 -32.73 -107.53 46.58
CA ILE Q 113 -32.87 -108.51 47.64
C ILE Q 113 -33.60 -109.78 47.20
N SER Q 114 -33.88 -110.66 48.16
CA SER Q 114 -34.67 -111.87 47.91
C SER Q 114 -34.01 -112.79 46.89
N LEU Q 115 -32.68 -112.84 46.95
CA LEU Q 115 -31.90 -113.74 46.13
C LEU Q 115 -32.17 -115.20 46.52
N GLN Q 116 -32.73 -115.97 45.60
CA GLN Q 116 -32.97 -117.38 45.87
C GLN Q 116 -32.81 -118.25 44.62
N VAL Q 117 -32.24 -119.43 44.82
CA VAL Q 117 -32.10 -120.41 43.78
C VAL Q 117 -33.46 -120.80 43.25
N VAL Q 118 -33.65 -120.74 41.94
CA VAL Q 118 -34.87 -121.26 41.32
C VAL Q 118 -34.67 -122.70 40.89
N HIS Q 119 -33.46 -123.00 40.44
CA HIS Q 119 -33.11 -124.37 40.11
C HIS Q 119 -31.60 -124.54 39.96
N VAL Q 120 -31.07 -125.60 40.56
CA VAL Q 120 -29.67 -125.96 40.37
C VAL Q 120 -29.60 -127.30 39.64
N GLU Q 121 -28.47 -127.57 39.01
CA GLU Q 121 -28.23 -128.83 38.34
C GLU Q 121 -26.76 -129.18 38.50
N THR Q 122 -26.35 -130.29 37.90
CA THR Q 122 -24.96 -130.70 37.95
C THR Q 122 -24.04 -129.66 37.34
N HIS Q 123 -24.44 -129.10 36.20
CA HIS Q 123 -23.61 -128.10 35.53
C HIS Q 123 -24.31 -126.75 35.37
N ARG Q 124 -25.55 -126.64 35.87
CA ARG Q 124 -26.36 -125.44 35.67
C ARG Q 124 -26.95 -124.89 36.96
N CYS Q 125 -27.35 -123.62 36.92
CA CYS Q 125 -28.00 -122.97 38.06
C CYS Q 125 -28.83 -121.75 37.63
N ASN Q 126 -29.95 -121.52 38.31
CA ASN Q 126 -30.94 -120.54 37.90
C ASN Q 126 -31.39 -119.65 39.06
N ILE Q 127 -30.99 -118.38 39.05
CA ILE Q 127 -31.12 -117.54 40.25
C ILE Q 127 -32.02 -116.29 40.11
N SER Q 128 -33.02 -116.17 40.96
CA SER Q 128 -33.90 -115.01 40.91
C SER Q 128 -33.51 -113.97 41.95
N TRP Q 129 -33.99 -112.75 41.73
CA TRP Q 129 -33.85 -111.64 42.69
C TRP Q 129 -35.05 -110.72 42.60
N GLU Q 130 -35.05 -109.66 43.40
CA GLU Q 130 -36.12 -108.67 43.31
C GLU Q 130 -35.58 -107.25 43.45
N ILE Q 131 -36.05 -106.35 42.61
CA ILE Q 131 -35.76 -104.94 42.79
C ILE Q 131 -36.46 -104.49 44.05
N SER Q 132 -35.86 -103.52 44.73
CA SER Q 132 -36.48 -102.90 45.91
C SER Q 132 -36.61 -101.38 45.76
N GLN Q 133 -37.78 -100.85 46.06
CA GLN Q 133 -38.02 -99.39 46.01
C GLN Q 133 -37.69 -98.75 44.66
N ALA Q 134 -38.12 -99.40 43.58
CA ALA Q 134 -37.82 -98.93 42.23
C ALA Q 134 -39.07 -98.37 41.57
N SER Q 135 -39.05 -97.07 41.33
CA SER Q 135 -40.20 -96.36 40.76
C SER Q 135 -40.71 -97.03 39.51
N HIS Q 136 -42.00 -96.93 39.28
CA HIS Q 136 -42.63 -97.45 38.08
C HIS Q 136 -42.33 -96.50 36.93
N TYR Q 137 -41.89 -95.30 37.26
CA TYR Q 137 -41.53 -94.33 36.24
C TYR Q 137 -40.41 -94.90 35.39
N PHE Q 138 -39.79 -95.97 35.88
CA PHE Q 138 -38.73 -96.65 35.15
C PHE Q 138 -39.24 -97.66 34.12
N GLU Q 139 -40.54 -97.94 34.13
CA GLU Q 139 -41.06 -99.01 33.29
C GLU Q 139 -40.08 -100.19 33.34
N ARG Q 140 -39.48 -100.52 32.20
CA ARG Q 140 -38.56 -101.65 32.09
C ARG Q 140 -37.15 -101.17 31.71
N HIS Q 141 -36.91 -99.89 31.96
CA HIS Q 141 -35.59 -99.31 31.70
C HIS Q 141 -34.66 -99.52 32.89
N LEU Q 142 -33.99 -100.67 32.92
CA LEU Q 142 -33.00 -100.96 33.94
C LEU Q 142 -31.93 -101.91 33.41
N GLU Q 143 -30.73 -101.83 33.97
CA GLU Q 143 -29.70 -102.79 33.65
C GLU Q 143 -29.34 -103.49 34.95
N PHE Q 144 -28.72 -104.67 34.83
CA PHE Q 144 -28.22 -105.37 35.99
C PHE Q 144 -26.79 -105.79 35.70
N GLU Q 145 -26.00 -105.89 36.76
CA GLU Q 145 -24.69 -106.49 36.65
C GLU Q 145 -24.68 -107.58 37.69
N ALA Q 146 -24.37 -108.80 37.25
CA ALA Q 146 -24.33 -109.92 38.17
C ALA Q 146 -22.96 -110.55 38.07
N ARG Q 147 -22.48 -111.06 39.20
CA ARG Q 147 -21.11 -111.52 39.30
C ARG Q 147 -21.09 -112.90 39.94
N THR Q 148 -20.34 -113.82 39.36
CA THR Q 148 -20.21 -115.19 39.86
C THR Q 148 -18.90 -115.36 40.62
N LEU Q 149 -18.95 -115.99 41.79
CA LEU Q 149 -17.75 -116.16 42.63
C LEU Q 149 -17.29 -117.61 42.81
N SER Q 150 -16.18 -117.97 42.17
CA SER Q 150 -15.63 -119.34 42.24
C SER Q 150 -14.71 -119.56 43.45
N PRO Q 151 -14.46 -120.83 43.81
CA PRO Q 151 -13.60 -121.15 44.96
C PRO Q 151 -12.17 -120.61 44.86
N GLY Q 152 -11.64 -120.47 43.65
CA GLY Q 152 -10.26 -120.07 43.46
C GLY Q 152 -9.98 -118.58 43.44
N HIS Q 153 -10.93 -117.81 42.95
CA HIS Q 153 -10.73 -116.38 42.78
C HIS Q 153 -11.64 -115.56 43.68
N THR Q 154 -11.26 -114.33 43.96
CA THR Q 154 -12.12 -113.45 44.75
C THR Q 154 -12.97 -112.59 43.83
N TRP Q 155 -13.83 -111.77 44.41
CA TRP Q 155 -14.82 -111.02 43.63
C TRP Q 155 -14.20 -110.19 42.50
N GLU Q 156 -13.25 -109.33 42.84
CA GLU Q 156 -12.64 -108.44 41.85
C GLU Q 156 -12.31 -109.19 40.56
N GLU Q 157 -11.78 -110.39 40.72
CA GLU Q 157 -11.33 -111.21 39.60
C GLU Q 157 -12.51 -111.81 38.84
N ALA Q 158 -13.65 -111.90 39.50
CA ALA Q 158 -14.86 -112.44 38.89
C ALA Q 158 -15.45 -111.46 37.89
N PRO Q 159 -15.79 -111.94 36.69
CA PRO Q 159 -16.28 -111.09 35.61
C PRO Q 159 -17.70 -110.59 35.86
N LEU Q 160 -18.01 -109.47 35.22
CA LEU Q 160 -19.33 -108.88 35.33
C LEU Q 160 -20.24 -109.49 34.26
N LEU Q 161 -21.46 -109.81 34.65
CA LEU Q 161 -22.47 -110.29 33.72
C LEU Q 161 -23.39 -109.14 33.34
N THR Q 162 -23.54 -108.87 32.05
CA THR Q 162 -24.31 -107.73 31.59
C THR Q 162 -25.73 -108.11 31.22
N LEU Q 163 -26.67 -107.83 32.11
CA LEU Q 163 -28.07 -107.89 31.73
C LEU Q 163 -28.47 -106.51 31.28
N LYS Q 164 -28.70 -106.34 29.98
CA LYS Q 164 -29.02 -105.03 29.42
C LYS Q 164 -30.53 -104.74 29.42
N GLN Q 165 -31.31 -105.61 30.06
CA GLN Q 165 -32.76 -105.42 30.12
C GLN Q 165 -33.26 -105.76 31.51
N LYS Q 166 -34.47 -105.31 31.84
CA LYS Q 166 -35.01 -105.65 33.14
C LYS Q 166 -35.24 -107.14 33.12
N GLN Q 167 -34.42 -107.87 33.89
CA GLN Q 167 -34.51 -109.32 33.95
C GLN Q 167 -34.29 -109.75 35.38
N GLU Q 168 -35.31 -110.30 36.01
CA GLU Q 168 -35.21 -110.58 37.43
C GLU Q 168 -34.61 -111.95 37.77
N TRP Q 169 -34.00 -112.59 36.77
CA TRP Q 169 -33.33 -113.87 36.98
C TRP Q 169 -32.14 -114.02 36.05
N ILE Q 170 -31.28 -114.99 36.36
CA ILE Q 170 -30.18 -115.34 35.47
C ILE Q 170 -29.94 -116.84 35.50
N CYS Q 171 -29.25 -117.33 34.49
CA CYS Q 171 -28.88 -118.72 34.44
C CYS Q 171 -27.38 -118.81 34.22
N LEU Q 172 -26.64 -119.06 35.28
CA LEU Q 172 -25.19 -119.23 35.18
C LEU Q 172 -24.92 -120.56 34.52
N GLU Q 173 -24.21 -120.53 33.39
CA GLU Q 173 -24.04 -121.73 32.59
C GLU Q 173 -22.61 -122.28 32.62
N THR Q 174 -22.47 -123.55 32.30
CA THR Q 174 -21.17 -124.21 32.34
C THR Q 174 -20.62 -124.12 33.77
N LEU Q 175 -21.12 -125.00 34.63
CA LEU Q 175 -20.69 -125.06 36.02
C LEU Q 175 -20.11 -126.42 36.34
N THR Q 176 -19.30 -126.47 37.39
CA THR Q 176 -18.67 -127.73 37.81
C THR Q 176 -19.47 -128.38 38.94
N PRO Q 177 -19.95 -129.61 38.72
CA PRO Q 177 -20.81 -130.28 39.70
C PRO Q 177 -20.19 -130.32 41.08
N ASP Q 178 -21.03 -130.36 42.12
CA ASP Q 178 -20.55 -130.49 43.49
C ASP Q 178 -19.45 -129.48 43.81
N THR Q 179 -19.77 -128.20 43.70
CA THR Q 179 -18.84 -127.14 44.07
C THR Q 179 -19.55 -125.92 44.68
N GLN Q 180 -18.83 -125.20 45.54
CA GLN Q 180 -19.38 -124.07 46.29
C GLN Q 180 -19.42 -122.80 45.44
N TYR Q 181 -20.48 -122.01 45.60
CA TYR Q 181 -20.66 -120.82 44.79
C TYR Q 181 -21.36 -119.66 45.52
N GLU Q 182 -21.04 -118.42 45.13
CA GLU Q 182 -21.74 -117.23 45.61
C GLU Q 182 -22.00 -116.24 44.46
N PHE Q 183 -23.20 -115.69 44.39
CA PHE Q 183 -23.61 -114.87 43.24
C PHE Q 183 -24.31 -113.57 43.65
N GLN Q 184 -23.81 -112.44 43.16
CA GLN Q 184 -24.38 -111.13 43.49
C GLN Q 184 -24.97 -110.44 42.25
N VAL Q 185 -25.66 -109.33 42.48
CA VAL Q 185 -26.36 -108.64 41.40
C VAL Q 185 -26.58 -107.18 41.79
N ARG Q 186 -26.57 -106.28 40.80
CA ARG Q 186 -26.83 -104.86 41.06
C ARG Q 186 -27.70 -104.21 39.98
N VAL Q 187 -28.23 -103.04 40.31
CA VAL Q 187 -29.25 -102.44 39.47
C VAL Q 187 -29.03 -100.94 39.31
N LYS Q 188 -29.10 -100.47 38.08
CA LYS Q 188 -28.97 -99.06 37.77
C LYS Q 188 -30.07 -98.75 36.75
N PRO Q 189 -30.79 -97.64 36.95
CA PRO Q 189 -31.78 -97.27 35.95
C PRO Q 189 -31.04 -96.75 34.73
N LEU Q 190 -31.69 -96.63 33.58
CA LEU Q 190 -31.02 -96.02 32.46
C LEU Q 190 -30.87 -94.53 32.73
N GLN Q 191 -31.86 -93.99 33.46
CA GLN Q 191 -32.09 -92.55 33.59
C GLN Q 191 -31.25 -91.82 34.65
N GLY Q 192 -30.84 -90.59 34.34
CA GLY Q 192 -30.12 -89.75 35.27
C GLY Q 192 -28.68 -89.46 34.84
N GLU Q 193 -28.25 -88.22 35.04
CA GLU Q 193 -26.92 -87.79 34.62
C GLU Q 193 -25.84 -88.27 35.59
N PHE Q 194 -26.09 -88.08 36.89
CA PHE Q 194 -25.14 -88.50 37.90
C PHE Q 194 -25.43 -89.92 38.42
N THR Q 195 -26.57 -90.48 38.01
CA THR Q 195 -27.03 -91.77 38.54
C THR Q 195 -25.94 -92.84 38.48
N THR Q 196 -25.79 -93.60 39.56
CA THR Q 196 -24.78 -94.66 39.61
C THR Q 196 -25.37 -96.00 40.04
N TRP Q 197 -24.57 -97.06 39.90
CA TRP Q 197 -24.99 -98.41 40.25
C TRP Q 197 -25.41 -98.54 41.70
N SER Q 198 -26.41 -99.39 41.96
CA SER Q 198 -26.81 -99.68 43.32
C SER Q 198 -25.73 -100.57 43.95
N PRO Q 199 -25.67 -100.59 45.29
CA PRO Q 199 -24.69 -101.43 45.95
C PRO Q 199 -24.99 -102.86 45.59
N TRP Q 200 -24.01 -103.76 45.69
CA TRP Q 200 -24.22 -105.16 45.37
C TRP Q 200 -25.24 -105.81 46.31
N SER Q 201 -26.05 -106.71 45.77
CA SER Q 201 -27.00 -107.44 46.59
C SER Q 201 -26.24 -108.35 47.56
N GLN Q 202 -26.80 -108.54 48.74
CA GLN Q 202 -26.19 -109.43 49.72
C GLN Q 202 -26.09 -110.83 49.14
N PRO Q 203 -24.85 -111.31 48.95
CA PRO Q 203 -24.53 -112.52 48.18
C PRO Q 203 -25.34 -113.75 48.57
N LEU Q 204 -25.66 -114.57 47.57
CA LEU Q 204 -26.43 -115.78 47.75
C LEU Q 204 -25.55 -117.01 47.54
N ALA Q 205 -25.56 -117.92 48.50
CA ALA Q 205 -24.70 -119.09 48.43
C ALA Q 205 -25.46 -120.25 47.79
N PHE Q 206 -24.77 -121.06 47.00
CA PHE Q 206 -25.39 -122.26 46.43
C PHE Q 206 -24.41 -123.39 46.13
N ARG Q 207 -24.85 -124.61 46.42
CA ARG Q 207 -24.11 -125.81 46.05
C ARG Q 207 -24.71 -126.43 44.81
N THR Q 208 -23.87 -127.08 44.02
CA THR Q 208 -24.31 -127.79 42.83
C THR Q 208 -24.79 -129.18 43.21
N LYS Q 209 -25.50 -129.85 42.31
CA LYS Q 209 -25.78 -131.28 42.44
C LYS Q 209 -24.66 -132.06 41.76
N PRO Q 210 -24.35 -133.28 42.26
CA PRO Q 210 -23.13 -133.96 41.82
C PRO Q 210 -23.32 -134.97 40.68
N PRO R 4 -78.72 -109.74 12.57
CA PRO R 4 -77.45 -110.08 13.22
C PRO R 4 -76.25 -109.98 12.26
N LEU R 5 -75.66 -108.79 12.17
CA LEU R 5 -74.56 -108.54 11.24
C LEU R 5 -73.20 -108.90 11.82
N PRO R 6 -72.30 -109.43 10.99
CA PRO R 6 -70.96 -109.87 11.39
C PRO R 6 -70.19 -108.80 12.15
N GLU R 7 -69.58 -109.19 13.26
CA GLU R 7 -68.68 -108.27 13.96
C GLU R 7 -67.52 -108.00 13.05
N VAL R 8 -67.07 -106.75 12.99
CA VAL R 8 -65.90 -106.39 12.20
C VAL R 8 -64.63 -106.26 13.05
N GLN R 9 -63.50 -106.66 12.50
CA GLN R 9 -62.23 -106.48 13.19
C GLN R 9 -61.24 -105.74 12.28
N CYS R 10 -60.78 -104.59 12.74
CA CYS R 10 -59.83 -103.78 11.96
C CYS R 10 -58.46 -103.73 12.62
N PHE R 11 -57.43 -103.51 11.80
CA PHE R 11 -56.07 -103.47 12.30
C PHE R 11 -55.23 -102.57 11.42
N VAL R 12 -54.57 -101.60 12.03
CA VAL R 12 -53.64 -100.74 11.32
C VAL R 12 -52.30 -101.47 11.23
N PHE R 13 -51.71 -101.49 10.04
CA PHE R 13 -50.51 -102.28 9.80
C PHE R 13 -49.25 -101.41 9.75
N ASN R 14 -48.47 -101.47 10.83
CA ASN R 14 -47.27 -100.67 10.94
C ASN R 14 -47.54 -99.23 10.59
N VAL R 15 -48.75 -98.79 10.93
CA VAL R 15 -49.25 -97.47 10.56
C VAL R 15 -49.04 -97.21 9.08
N GLU R 16 -49.01 -98.29 8.30
CA GLU R 16 -48.85 -98.19 6.86
C GLU R 16 -50.22 -98.08 6.23
N TYR R 17 -51.17 -98.82 6.79
CA TYR R 17 -52.53 -98.85 6.28
C TYR R 17 -53.40 -99.67 7.21
N MET R 18 -54.64 -99.90 6.82
CA MET R 18 -55.57 -100.65 7.67
C MET R 18 -56.47 -101.61 6.92
N ASN R 19 -56.76 -102.74 7.55
CA ASN R 19 -57.67 -103.73 6.98
C ASN R 19 -58.83 -104.04 7.93
N CYS R 20 -60.05 -103.71 7.49
CA CYS R 20 -61.26 -104.10 8.20
C CYS R 20 -61.95 -105.25 7.46
N THR R 21 -62.23 -106.33 8.17
CA THR R 21 -62.63 -107.58 7.55
C THR R 21 -63.83 -108.21 8.24
N TRP R 22 -64.61 -108.99 7.50
CA TRP R 22 -65.67 -109.78 8.12
C TRP R 22 -66.05 -111.06 7.36
N GLN R 23 -66.75 -111.97 8.04
CA GLN R 23 -67.12 -113.26 7.48
C GLN R 23 -68.56 -113.23 7.00
N GLU R 27 -75.13 -116.31 6.14
CA GLU R 27 -76.56 -116.04 6.02
C GLU R 27 -77.13 -116.59 4.70
N PRO R 28 -78.45 -116.84 4.65
CA PRO R 28 -79.11 -117.62 3.60
C PRO R 28 -78.83 -117.16 2.17
N GLN R 29 -79.15 -115.91 1.88
CA GLN R 29 -78.82 -115.31 0.59
C GLN R 29 -77.43 -114.69 0.65
N PRO R 30 -76.69 -114.74 -0.46
CA PRO R 30 -75.46 -113.95 -0.54
C PRO R 30 -75.81 -112.48 -0.70
N THR R 31 -75.15 -111.63 0.09
CA THR R 31 -75.41 -110.19 0.08
C THR R 31 -74.13 -109.36 0.17
N ASN R 32 -74.17 -108.16 -0.39
CA ASN R 32 -73.04 -107.25 -0.32
C ASN R 32 -73.18 -106.23 0.81
N LEU R 33 -72.58 -106.52 1.95
CA LEU R 33 -72.58 -105.60 3.06
C LEU R 33 -71.66 -104.42 2.77
N THR R 34 -72.24 -103.23 2.74
CA THR R 34 -71.48 -102.00 2.50
C THR R 34 -70.87 -101.49 3.80
N LEU R 35 -69.61 -101.04 3.75
CA LEU R 35 -68.95 -100.50 4.93
C LEU R 35 -68.74 -98.99 4.83
N HIS R 36 -69.11 -98.29 5.88
CA HIS R 36 -68.88 -96.85 5.97
C HIS R 36 -68.06 -96.49 7.22
N TYR R 37 -67.47 -95.30 7.25
CA TYR R 37 -66.62 -94.92 8.38
C TYR R 37 -66.55 -93.40 8.63
N TRP R 38 -66.23 -93.04 9.87
CA TRP R 38 -66.12 -91.65 10.29
C TRP R 38 -65.47 -91.51 11.68
N TYR R 39 -64.98 -90.31 11.99
CA TYR R 39 -64.26 -90.04 13.24
C TYR R 39 -65.00 -89.08 14.18
N LYS R 40 -65.58 -89.59 15.26
CA LYS R 40 -66.41 -88.77 16.16
C LYS R 40 -65.66 -87.57 16.77
N ASN R 41 -66.43 -86.60 17.24
CA ASN R 41 -65.92 -85.41 17.94
C ASN R 41 -64.68 -84.77 17.33
N SER R 42 -64.63 -84.67 16.01
CA SER R 42 -63.44 -84.13 15.35
C SER R 42 -63.72 -83.23 14.15
N ASP R 43 -62.66 -82.92 13.41
CA ASP R 43 -62.78 -82.21 12.13
C ASP R 43 -62.97 -83.20 11.01
N ASN R 44 -63.61 -82.75 9.93
CA ASN R 44 -64.10 -83.67 8.90
C ASN R 44 -65.01 -84.71 9.54
N ASP R 45 -66.14 -84.26 10.06
CA ASP R 45 -67.14 -85.13 10.66
C ASP R 45 -67.97 -85.82 9.56
N LYS R 46 -67.67 -85.50 8.30
CA LYS R 46 -68.34 -86.12 7.17
C LYS R 46 -68.17 -87.63 7.21
N VAL R 47 -69.11 -88.34 6.59
CA VAL R 47 -69.04 -89.80 6.56
C VAL R 47 -68.42 -90.22 5.23
N GLN R 48 -67.45 -91.14 5.29
CA GLN R 48 -66.76 -91.55 4.08
C GLN R 48 -67.23 -92.93 3.63
N LYS R 49 -67.65 -93.02 2.37
CA LYS R 49 -67.96 -94.32 1.78
C LYS R 49 -66.64 -95.04 1.59
N CYS R 50 -66.67 -96.36 1.50
CA CYS R 50 -65.43 -97.14 1.37
C CYS R 50 -64.91 -97.17 -0.06
N SER R 51 -63.77 -96.53 -0.30
CA SER R 51 -63.26 -96.38 -1.65
C SER R 51 -62.53 -97.62 -2.17
N HIS R 52 -62.11 -98.49 -1.25
CA HIS R 52 -61.38 -99.70 -1.62
C HIS R 52 -61.98 -100.91 -0.89
N TYR R 53 -62.49 -101.87 -1.65
CA TYR R 53 -63.14 -103.04 -1.06
C TYR R 53 -62.30 -104.31 -1.14
N LEU R 54 -62.49 -105.21 -0.18
CA LEU R 54 -61.87 -106.54 -0.23
C LEU R 54 -62.99 -107.55 -0.49
N PHE R 55 -62.64 -108.73 -0.99
CA PHE R 55 -63.67 -109.71 -1.28
C PHE R 55 -63.32 -111.11 -0.79
N SER R 56 -64.34 -111.95 -0.64
CA SER R 56 -64.20 -113.39 -0.49
C SER R 56 -65.32 -114.07 -1.28
N GLU R 57 -64.95 -114.77 -2.34
CA GLU R 57 -65.95 -115.48 -3.13
C GLU R 57 -66.96 -114.49 -3.72
N GLU R 58 -66.43 -113.51 -4.48
CA GLU R 58 -67.24 -112.45 -5.07
C GLU R 58 -68.32 -111.92 -4.13
N ILE R 59 -67.96 -111.85 -2.85
CA ILE R 59 -68.73 -111.16 -1.82
C ILE R 59 -67.78 -110.19 -1.09
N THR R 60 -68.30 -109.05 -0.64
CA THR R 60 -67.48 -108.09 0.11
C THR R 60 -66.97 -108.70 1.40
N SER R 61 -65.65 -108.76 1.54
CA SER R 61 -65.01 -109.35 2.72
C SER R 61 -64.56 -108.29 3.72
N GLY R 62 -64.54 -107.04 3.28
CA GLY R 62 -64.10 -105.95 4.13
C GLY R 62 -63.65 -104.73 3.34
N CYS R 63 -63.11 -103.75 4.06
CA CYS R 63 -62.59 -102.55 3.42
C CYS R 63 -61.19 -102.22 3.94
N GLN R 64 -60.37 -101.66 3.06
CA GLN R 64 -59.04 -101.22 3.45
C GLN R 64 -58.97 -99.69 3.40
N LEU R 65 -58.27 -99.10 4.36
CA LEU R 65 -58.08 -97.65 4.38
C LEU R 65 -56.59 -97.35 4.23
N GLN R 66 -56.23 -96.67 3.15
CA GLN R 66 -54.83 -96.35 2.87
C GLN R 66 -54.30 -95.34 3.88
N LYS R 67 -53.01 -95.03 3.76
CA LYS R 67 -52.34 -94.18 4.73
C LYS R 67 -53.10 -92.88 5.01
N LYS R 68 -53.49 -92.18 3.94
CA LYS R 68 -54.04 -90.83 4.06
C LYS R 68 -55.42 -90.73 4.73
N GLU R 69 -56.02 -91.88 5.04
CA GLU R 69 -57.33 -91.88 5.68
C GLU R 69 -57.22 -92.34 7.13
N ILE R 70 -56.00 -92.63 7.57
CA ILE R 70 -55.77 -93.25 8.87
C ILE R 70 -55.34 -92.27 9.98
N HIS R 71 -56.24 -92.02 10.92
CA HIS R 71 -55.98 -91.12 12.03
C HIS R 71 -56.02 -91.86 13.37
N LEU R 72 -54.85 -92.10 13.95
CA LEU R 72 -54.78 -92.62 15.32
C LEU R 72 -55.13 -91.49 16.29
N TYR R 73 -55.52 -91.81 17.52
CA TYR R 73 -55.66 -90.75 18.52
C TYR R 73 -56.92 -89.94 18.28
N GLN R 74 -57.60 -90.27 17.17
CA GLN R 74 -58.93 -89.77 16.88
C GLN R 74 -59.89 -90.94 16.84
N THR R 75 -60.92 -90.90 17.67
CA THR R 75 -61.95 -91.95 17.69
C THR R 75 -62.56 -92.21 16.31
N PHE R 76 -62.56 -93.47 15.92
CA PHE R 76 -63.02 -93.90 14.60
C PHE R 76 -64.33 -94.66 14.78
N VAL R 77 -65.25 -94.52 13.82
CA VAL R 77 -66.50 -95.28 13.87
C VAL R 77 -66.75 -96.01 12.56
N VAL R 78 -66.99 -97.31 12.64
CA VAL R 78 -67.19 -98.13 11.45
C VAL R 78 -68.60 -98.76 11.42
N GLN R 79 -69.15 -98.92 10.22
CA GLN R 79 -70.57 -99.27 10.06
C GLN R 79 -70.83 -100.30 8.96
N LEU R 80 -71.25 -101.50 9.36
CA LEU R 80 -71.65 -102.54 8.41
C LEU R 80 -73.10 -102.39 7.97
N GLN R 81 -73.33 -102.18 6.68
CA GLN R 81 -74.68 -101.94 6.18
C GLN R 81 -75.13 -103.01 5.19
N ASP R 82 -76.35 -103.50 5.36
CA ASP R 82 -76.98 -104.39 4.40
C ASP R 82 -77.94 -103.54 3.56
N PRO R 83 -77.48 -103.08 2.39
CA PRO R 83 -78.18 -102.12 1.54
C PRO R 83 -79.66 -102.41 1.28
N ARG R 84 -80.12 -103.60 1.62
CA ARG R 84 -81.54 -103.92 1.49
C ARG R 84 -82.36 -103.08 2.47
N GLU R 85 -82.07 -103.29 3.76
CA GLU R 85 -82.81 -102.69 4.86
C GLU R 85 -81.92 -101.82 5.75
N PRO R 86 -82.24 -100.52 5.85
CA PRO R 86 -81.47 -99.63 6.73
C PRO R 86 -81.51 -100.09 8.20
N ARG R 87 -82.70 -100.43 8.69
CA ARG R 87 -82.90 -100.75 10.10
C ARG R 87 -81.87 -101.72 10.66
N ARG R 88 -81.28 -102.53 9.79
CA ARG R 88 -80.22 -103.43 10.22
C ARG R 88 -78.87 -102.82 9.87
N GLN R 89 -78.24 -102.18 10.86
CA GLN R 89 -76.87 -101.70 10.71
C GLN R 89 -76.07 -102.08 11.93
N ALA R 90 -74.75 -102.06 11.81
CA ALA R 90 -73.86 -102.37 12.92
C ALA R 90 -72.77 -101.30 13.01
N THR R 91 -72.62 -100.72 14.20
CA THR R 91 -71.72 -99.58 14.38
C THR R 91 -70.71 -99.80 15.49
N GLN R 92 -69.46 -99.47 15.22
CA GLN R 92 -68.39 -99.65 16.20
C GLN R 92 -67.51 -98.42 16.32
N MET R 93 -67.36 -97.92 17.54
CA MET R 93 -66.40 -96.87 17.80
C MET R 93 -65.12 -97.57 18.24
N LEU R 94 -63.98 -97.11 17.72
CA LEU R 94 -62.71 -97.78 17.97
C LEU R 94 -61.56 -96.82 18.21
N LYS R 95 -60.66 -97.23 19.11
CA LYS R 95 -59.41 -96.52 19.32
C LYS R 95 -58.35 -97.23 18.47
N LEU R 96 -57.92 -96.58 17.40
CA LEU R 96 -57.04 -97.22 16.42
C LEU R 96 -55.64 -97.54 16.96
N GLN R 97 -55.03 -96.60 17.68
CA GLN R 97 -53.67 -96.80 18.21
C GLN R 97 -53.51 -98.12 18.92
N ASN R 98 -54.63 -98.75 19.28
CA ASN R 98 -54.61 -100.02 19.99
C ASN R 98 -54.66 -101.25 19.08
N LEU R 99 -54.82 -101.01 17.78
CA LEU R 99 -54.92 -102.09 16.81
C LEU R 99 -53.79 -102.00 15.79
N VAL R 100 -52.78 -101.21 16.10
CA VAL R 100 -51.61 -101.17 15.26
C VAL R 100 -50.79 -102.42 15.55
N ILE R 101 -50.49 -103.14 14.48
CA ILE R 101 -49.54 -104.24 14.54
C ILE R 101 -48.32 -103.80 13.74
N PRO R 102 -47.12 -103.91 14.33
CA PRO R 102 -45.96 -103.44 13.60
C PRO R 102 -45.48 -104.51 12.64
N TRP R 103 -44.59 -104.16 11.72
CA TRP R 103 -43.96 -105.17 10.86
C TRP R 103 -42.88 -105.88 11.67
N ALA R 104 -42.93 -107.21 11.67
CA ALA R 104 -42.02 -108.00 12.47
C ALA R 104 -40.60 -107.52 12.29
N PRO R 105 -39.77 -107.71 13.31
CA PRO R 105 -38.36 -107.29 13.34
C PRO R 105 -37.54 -108.00 12.26
N GLU R 106 -36.48 -107.34 11.79
CA GLU R 106 -35.67 -107.86 10.69
C GLU R 106 -34.17 -107.71 10.96
N ASN R 107 -33.37 -108.32 10.11
CA ASN R 107 -31.92 -108.22 10.18
C ASN R 107 -31.37 -108.49 11.57
N LEU R 108 -31.74 -109.64 12.12
CA LEU R 108 -31.24 -110.09 13.40
C LEU R 108 -29.74 -110.34 13.30
N THR R 109 -29.00 -109.77 14.25
CA THR R 109 -27.56 -109.98 14.29
C THR R 109 -27.12 -110.39 15.69
N LEU R 110 -26.20 -111.35 15.74
CA LEU R 110 -25.68 -111.82 17.02
C LEU R 110 -24.19 -111.59 17.06
N HIS R 111 -23.72 -110.78 18.00
CA HIS R 111 -22.29 -110.65 18.21
C HIS R 111 -21.91 -110.72 19.67
N LYS R 112 -20.73 -111.28 19.91
CA LYS R 112 -20.28 -111.66 21.24
C LYS R 112 -19.37 -110.59 21.84
N LEU R 113 -19.68 -110.20 23.07
CA LEU R 113 -18.94 -109.14 23.74
C LEU R 113 -17.94 -109.70 24.76
N SER R 114 -18.13 -110.96 25.13
CA SER R 114 -17.19 -111.69 25.99
C SER R 114 -17.26 -113.18 25.66
N GLU R 115 -16.22 -113.92 26.01
CA GLU R 115 -16.18 -115.33 25.60
C GLU R 115 -17.44 -116.13 25.96
N SER R 116 -18.07 -115.82 27.09
CA SER R 116 -19.29 -116.52 27.48
C SER R 116 -20.53 -115.62 27.42
N GLN R 117 -20.33 -114.38 26.98
CA GLN R 117 -21.41 -113.40 26.92
C GLN R 117 -21.65 -112.85 25.51
N LEU R 118 -22.91 -112.84 25.08
CA LEU R 118 -23.26 -112.30 23.78
C LEU R 118 -24.60 -111.53 23.81
N GLU R 119 -24.68 -110.45 23.02
CA GLU R 119 -25.88 -109.64 22.96
C GLU R 119 -26.58 -109.73 21.60
N LEU R 120 -27.87 -109.39 21.59
CA LEU R 120 -28.75 -109.61 20.44
C LEU R 120 -29.50 -108.35 20.00
N ASN R 121 -29.30 -107.95 18.75
CA ASN R 121 -29.91 -106.73 18.23
C ASN R 121 -30.82 -106.96 17.03
N TRP R 122 -31.73 -106.03 16.78
CA TRP R 122 -32.58 -106.05 15.58
C TRP R 122 -33.09 -104.63 15.32
N ASN R 123 -33.83 -104.44 14.23
CA ASN R 123 -34.36 -103.12 13.89
C ASN R 123 -35.85 -103.16 13.55
N ASN R 124 -36.46 -101.99 13.43
CA ASN R 124 -37.86 -101.93 13.03
C ASN R 124 -38.12 -101.07 11.81
N ARG R 125 -39.19 -101.40 11.10
CA ARG R 125 -39.37 -100.87 9.75
C ARG R 125 -39.64 -99.38 9.73
N PHE R 126 -40.61 -98.96 10.54
CA PHE R 126 -41.03 -97.55 10.58
C PHE R 126 -40.82 -96.94 11.97
N LEU R 127 -41.72 -97.27 12.87
CA LEU R 127 -41.71 -96.62 14.16
C LEU R 127 -40.55 -97.15 15.02
N ASN R 128 -40.11 -96.39 16.00
CA ASN R 128 -38.98 -96.86 16.82
C ASN R 128 -39.14 -96.91 18.34
N HIS R 129 -39.23 -95.74 18.97
CA HIS R 129 -39.32 -95.70 20.43
C HIS R 129 -40.73 -96.02 20.87
N CYS R 130 -41.52 -96.55 19.93
CA CYS R 130 -42.91 -96.90 20.20
C CYS R 130 -43.11 -98.41 20.35
N LEU R 131 -42.06 -99.19 20.14
CA LEU R 131 -42.22 -100.63 20.01
C LEU R 131 -41.58 -101.47 21.11
N GLU R 132 -42.39 -102.00 22.01
CA GLU R 132 -41.91 -102.99 22.97
C GLU R 132 -41.69 -104.32 22.27
N HIS R 133 -40.93 -105.22 22.90
CA HIS R 133 -40.49 -106.44 22.24
C HIS R 133 -40.52 -107.64 23.17
N LEU R 134 -40.72 -108.82 22.58
CA LEU R 134 -40.57 -110.08 23.31
C LEU R 134 -39.53 -110.98 22.64
N VAL R 135 -38.49 -111.34 23.38
CA VAL R 135 -37.48 -112.25 22.87
C VAL R 135 -37.83 -113.68 23.29
N GLN R 136 -37.54 -114.63 22.41
CA GLN R 136 -37.65 -116.05 22.75
C GLN R 136 -36.39 -116.77 22.28
N TYR R 137 -35.85 -117.64 23.11
CA TYR R 137 -34.73 -118.45 22.67
C TYR R 137 -34.85 -119.87 23.18
N ARG R 138 -34.08 -120.77 22.57
CA ARG R 138 -33.97 -122.13 23.06
C ARG R 138 -32.84 -122.89 22.35
N THR R 139 -32.35 -123.93 22.99
CA THR R 139 -31.27 -124.74 22.43
C THR R 139 -31.76 -126.11 21.97
N ASP R 140 -30.86 -126.86 21.35
CA ASP R 140 -31.20 -128.21 20.92
C ASP R 140 -31.64 -129.02 22.14
N TRP R 141 -31.02 -128.75 23.28
CA TRP R 141 -31.40 -129.41 24.54
C TRP R 141 -32.73 -128.89 25.08
N ASP R 142 -33.03 -127.64 24.77
CA ASP R 142 -34.26 -127.02 25.26
C ASP R 142 -35.46 -127.46 24.43
N HIS R 143 -36.46 -128.01 25.12
CA HIS R 143 -37.68 -128.41 24.46
C HIS R 143 -38.47 -127.17 24.01
N SER R 144 -38.83 -126.33 24.98
CA SER R 144 -39.70 -125.19 24.71
C SER R 144 -39.06 -123.87 25.14
N TRP R 145 -39.59 -122.77 24.63
CA TRP R 145 -38.89 -121.50 24.68
C TRP R 145 -38.76 -120.84 26.05
N THR R 146 -37.62 -120.20 26.24
CA THR R 146 -37.39 -119.33 27.37
C THR R 146 -37.58 -117.92 26.85
N GLU R 147 -38.54 -117.18 27.40
CA GLU R 147 -38.84 -115.85 26.85
C GLU R 147 -38.58 -114.65 27.78
N GLN R 148 -38.24 -113.52 27.18
CA GLN R 148 -37.92 -112.28 27.91
C GLN R 148 -38.42 -111.00 27.21
N SER R 149 -39.12 -110.14 27.93
CA SER R 149 -39.56 -108.87 27.37
C SER R 149 -38.41 -107.87 27.33
N VAL R 150 -38.48 -106.90 26.41
CA VAL R 150 -37.45 -105.89 26.31
C VAL R 150 -37.97 -104.52 25.84
N ASP R 151 -37.43 -103.45 26.44
CA ASP R 151 -37.87 -102.07 26.21
C ASP R 151 -37.49 -101.50 24.84
N TYR R 152 -37.45 -100.17 24.72
CA TYR R 152 -37.19 -99.54 23.43
C TYR R 152 -35.75 -99.64 22.93
N ARG R 153 -34.87 -100.18 23.76
CA ARG R 153 -33.56 -100.60 23.29
C ARG R 153 -33.80 -101.91 22.58
N HIS R 154 -33.34 -102.01 21.35
CA HIS R 154 -33.58 -103.21 20.55
C HIS R 154 -32.88 -104.44 21.10
N LYS R 155 -32.01 -104.23 22.09
CA LYS R 155 -31.05 -105.21 22.55
C LYS R 155 -31.63 -106.26 23.50
N PHE R 156 -31.03 -107.44 23.52
CA PHE R 156 -31.26 -108.46 24.55
C PHE R 156 -29.96 -109.15 24.98
N SER R 157 -29.65 -109.07 26.26
CA SER R 157 -28.40 -109.64 26.77
C SER R 157 -28.54 -111.13 27.04
N LEU R 158 -27.43 -111.85 26.87
CA LEU R 158 -27.35 -113.27 27.19
C LEU R 158 -26.03 -113.55 27.89
N PRO R 159 -26.01 -113.40 29.22
CA PRO R 159 -24.77 -113.40 30.00
C PRO R 159 -24.07 -114.75 30.10
N SER R 160 -24.80 -115.84 29.90
CA SER R 160 -24.16 -117.16 29.91
C SER R 160 -24.66 -118.04 28.78
N VAL R 161 -23.74 -118.40 27.88
CA VAL R 161 -24.07 -119.27 26.77
C VAL R 161 -23.21 -120.54 26.82
N ASP R 162 -23.84 -121.70 26.64
CA ASP R 162 -23.18 -122.98 26.82
C ASP R 162 -22.37 -123.37 25.59
N GLY R 163 -21.05 -123.26 25.69
CA GLY R 163 -20.15 -123.63 24.62
C GLY R 163 -20.54 -124.87 23.83
N GLN R 164 -21.18 -125.83 24.49
CA GLN R 164 -21.58 -127.07 23.83
C GLN R 164 -22.81 -126.89 22.94
N LYS R 165 -23.85 -126.26 23.48
CA LYS R 165 -25.19 -126.25 22.87
C LYS R 165 -25.33 -125.41 21.60
N ARG R 166 -26.55 -125.40 21.05
CA ARG R 166 -26.89 -124.58 19.88
C ARG R 166 -28.18 -123.80 20.12
N TYR R 167 -28.09 -122.48 20.04
CA TYR R 167 -29.18 -121.57 20.38
C TYR R 167 -29.95 -121.08 19.16
N THR R 168 -31.25 -120.87 19.33
CA THR R 168 -32.06 -120.19 18.32
C THR R 168 -32.77 -119.00 18.95
N PHE R 169 -32.59 -117.81 18.38
CA PHE R 169 -33.26 -116.63 18.88
C PHE R 169 -34.30 -116.10 17.89
N ARG R 170 -35.36 -115.52 18.41
CA ARG R 170 -36.36 -114.87 17.55
C ARG R 170 -37.13 -113.81 18.32
N VAL R 171 -37.56 -112.77 17.62
CA VAL R 171 -38.20 -111.63 18.27
C VAL R 171 -39.55 -111.34 17.64
N ARG R 172 -40.44 -110.74 18.44
CA ARG R 172 -41.67 -110.15 17.92
C ARG R 172 -42.01 -108.95 18.79
N SER R 173 -42.62 -107.94 18.19
CA SER R 173 -42.86 -106.71 18.93
C SER R 173 -44.31 -106.25 18.84
N ARG R 174 -44.71 -105.34 19.73
CA ARG R 174 -46.01 -104.67 19.64
C ARG R 174 -45.97 -103.17 19.95
N PHE R 175 -47.12 -102.55 19.74
CA PHE R 175 -47.31 -101.11 19.84
C PHE R 175 -47.88 -100.80 21.20
N ASN R 176 -47.02 -100.70 22.20
CA ASN R 176 -47.43 -100.34 23.55
C ASN R 176 -46.17 -100.08 24.34
N PRO R 177 -46.23 -99.36 25.44
CA PRO R 177 -47.34 -98.54 25.93
C PRO R 177 -47.25 -97.06 25.57
N LEU R 178 -46.10 -96.61 25.07
CA LEU R 178 -45.87 -95.18 24.86
C LEU R 178 -46.78 -94.51 23.82
N CYS R 179 -46.83 -95.05 22.61
CA CYS R 179 -47.60 -94.43 21.53
C CYS R 179 -49.00 -95.02 21.39
N GLY R 180 -49.36 -95.88 22.35
CA GLY R 180 -50.64 -96.56 22.31
C GLY R 180 -50.58 -97.83 23.13
N SER R 181 -51.73 -98.44 23.39
CA SER R 181 -51.78 -99.70 24.10
C SER R 181 -52.41 -100.79 23.24
N ALA R 182 -51.57 -101.56 22.54
CA ALA R 182 -52.07 -102.63 21.66
C ALA R 182 -51.74 -104.01 22.23
N GLN R 183 -52.73 -104.90 22.21
CA GLN R 183 -52.55 -106.22 22.79
C GLN R 183 -51.82 -107.19 21.88
N HIS R 184 -52.24 -107.25 20.61
CA HIS R 184 -51.66 -108.21 19.66
C HIS R 184 -50.20 -107.95 19.36
N TRP R 185 -49.49 -109.00 18.94
CA TRP R 185 -48.09 -108.88 18.53
C TRP R 185 -47.96 -109.11 17.03
N SER R 186 -46.76 -108.95 16.51
CA SER R 186 -46.50 -109.23 15.11
C SER R 186 -46.06 -110.68 14.95
N GLU R 187 -46.02 -111.17 13.72
CA GLU R 187 -45.47 -112.49 13.44
C GLU R 187 -43.98 -112.49 13.77
N TRP R 188 -43.47 -113.62 14.22
CA TRP R 188 -42.08 -113.69 14.65
C TRP R 188 -41.14 -113.41 13.48
N SER R 189 -39.98 -112.83 13.77
CA SER R 189 -38.97 -112.60 12.75
C SER R 189 -38.30 -113.91 12.37
N HIS R 190 -37.77 -113.99 11.16
CA HIS R 190 -36.99 -115.16 10.77
C HIS R 190 -36.04 -115.43 11.90
N PRO R 191 -36.07 -116.66 12.44
CA PRO R 191 -35.18 -116.98 13.56
C PRO R 191 -33.74 -116.93 13.11
N ILE R 192 -32.79 -116.70 14.02
CA ILE R 192 -31.38 -116.83 13.69
C ILE R 192 -30.67 -117.69 14.72
N HIS R 193 -29.69 -118.46 14.26
CA HIS R 193 -29.05 -119.50 15.05
C HIS R 193 -27.67 -119.10 15.58
N TRP R 194 -27.28 -119.68 16.70
CA TRP R 194 -25.91 -119.58 17.21
C TRP R 194 -25.25 -120.96 17.34
N SER S 9 -8.45 -71.03 82.21
CA SER S 9 -7.57 -70.31 83.13
C SER S 9 -8.06 -70.47 84.57
N THR S 10 -9.31 -70.09 84.82
CA THR S 10 -9.96 -70.41 86.10
C THR S 10 -10.15 -71.93 86.13
N LYS S 11 -10.01 -72.54 84.96
CA LYS S 11 -10.14 -73.98 84.80
C LYS S 11 -8.80 -74.68 85.05
N LYS S 12 -7.71 -74.03 84.64
CA LYS S 12 -6.37 -74.53 84.91
C LYS S 12 -6.03 -74.44 86.40
N THR S 13 -6.56 -73.41 87.07
CA THR S 13 -6.30 -73.19 88.50
C THR S 13 -6.92 -74.26 89.37
N GLN S 14 -8.13 -74.68 89.00
CA GLN S 14 -8.82 -75.71 89.75
C GLN S 14 -7.95 -76.96 89.78
N LEU S 15 -7.48 -77.39 88.62
CA LEU S 15 -6.62 -78.55 88.55
C LEU S 15 -5.41 -78.40 89.46
N GLN S 16 -4.94 -77.17 89.63
CA GLN S 16 -3.79 -76.91 90.49
C GLN S 16 -4.16 -77.10 91.96
N LEU S 17 -5.32 -76.60 92.34
CA LEU S 17 -5.87 -76.81 93.67
C LEU S 17 -6.22 -78.29 93.86
N GLU S 18 -6.57 -78.94 92.77
CA GLU S 18 -6.93 -80.35 92.81
C GLU S 18 -5.75 -81.14 93.38
N HIS S 19 -4.55 -80.87 92.86
CA HIS S 19 -3.34 -81.56 93.32
C HIS S 19 -2.87 -81.07 94.68
N LEU S 20 -2.90 -79.76 94.91
CA LEU S 20 -2.52 -79.23 96.21
C LEU S 20 -3.32 -79.95 97.27
N LEU S 21 -4.58 -80.21 96.95
CA LEU S 21 -5.49 -80.86 97.89
C LEU S 21 -5.14 -82.31 98.09
N LEU S 22 -5.01 -83.03 96.98
CA LEU S 22 -4.71 -84.46 97.03
C LEU S 22 -3.35 -84.71 97.70
N ASP S 23 -2.47 -83.71 97.62
CA ASP S 23 -1.19 -83.79 98.30
C ASP S 23 -1.38 -83.70 99.80
N LEU S 24 -2.03 -82.62 100.24
CA LEU S 24 -2.30 -82.43 101.66
C LEU S 24 -2.96 -83.65 102.25
N GLN S 25 -4.13 -84.00 101.73
CA GLN S 25 -4.88 -85.15 102.22
C GLN S 25 -4.00 -86.37 102.42
N MET S 26 -2.98 -86.50 101.58
CA MET S 26 -2.06 -87.62 101.68
C MET S 26 -1.20 -87.57 102.94
N ILE S 27 -0.82 -86.36 103.35
CA ILE S 27 -0.02 -86.19 104.55
C ILE S 27 -0.84 -86.54 105.79
N LEU S 28 -2.14 -86.33 105.68
CA LEU S 28 -3.08 -86.74 106.71
C LEU S 28 -3.07 -88.26 106.83
N ASN S 29 -3.50 -88.92 105.75
CA ASN S 29 -3.67 -90.37 105.71
C ASN S 29 -2.37 -91.13 105.92
N GLY S 30 -1.31 -90.40 106.24
CA GLY S 30 -0.04 -91.03 106.54
C GLY S 30 0.26 -90.89 108.01
N ILE S 31 -0.35 -89.89 108.63
CA ILE S 31 -0.17 -89.63 110.05
C ILE S 31 -1.26 -90.27 110.93
N ASN S 32 -2.21 -90.96 110.31
CA ASN S 32 -3.25 -91.64 111.08
C ASN S 32 -3.26 -93.17 110.97
N ASN S 33 -2.32 -93.71 110.22
CA ASN S 33 -2.10 -95.16 110.10
C ASN S 33 -0.85 -95.59 110.88
N TYR S 34 -0.07 -94.57 111.24
CA TYR S 34 1.24 -94.73 111.86
C TYR S 34 1.26 -95.79 112.96
N LYS S 38 5.22 -92.72 117.79
CA LYS S 38 5.67 -91.37 118.13
C LYS S 38 4.63 -90.33 117.73
N LEU S 39 3.49 -90.79 117.22
CA LEU S 39 2.45 -89.91 116.71
C LEU S 39 2.03 -88.85 117.73
N THR S 40 2.36 -89.06 118.99
CA THR S 40 1.99 -88.09 120.02
C THR S 40 3.03 -86.99 120.17
N ARG S 41 4.31 -87.34 120.18
CA ARG S 41 5.35 -86.30 120.22
C ARG S 41 5.17 -85.40 119.01
N MET S 42 4.58 -85.94 117.95
CA MET S 42 4.24 -85.16 116.78
C MET S 42 3.12 -84.20 117.16
N LEU S 43 2.09 -84.74 117.80
CA LEU S 43 0.91 -83.95 118.15
C LEU S 43 1.14 -82.91 119.24
N THR S 44 2.33 -82.92 119.85
CA THR S 44 2.68 -81.88 120.80
C THR S 44 3.03 -80.60 120.05
N PHE S 45 3.84 -80.75 119.00
CA PHE S 45 4.22 -79.62 118.17
C PHE S 45 3.00 -78.84 117.69
N LYS S 46 3.05 -77.52 117.83
CA LYS S 46 1.88 -76.69 117.55
C LYS S 46 2.06 -75.77 116.36
N PHE S 47 1.01 -75.68 115.55
CA PHE S 47 1.04 -74.92 114.29
C PHE S 47 0.15 -73.70 114.37
N TYR S 48 0.37 -72.78 113.43
CA TYR S 48 -0.23 -71.45 113.43
C TYR S 48 -1.34 -71.33 112.41
N MET S 49 -2.57 -71.23 112.87
CA MET S 49 -3.71 -71.11 111.96
C MET S 49 -3.78 -69.70 111.38
N PRO S 50 -4.38 -69.55 110.19
CA PRO S 50 -4.54 -68.21 109.60
C PRO S 50 -5.68 -67.47 110.26
N LYS S 51 -5.64 -66.14 110.26
CA LYS S 51 -6.76 -65.37 110.75
C LYS S 51 -7.99 -65.81 109.97
N LYS S 52 -8.00 -65.46 108.69
CA LYS S 52 -9.06 -65.90 107.79
C LYS S 52 -8.43 -66.43 106.50
N ALA S 53 -9.10 -67.38 105.88
CA ALA S 53 -8.58 -68.00 104.67
C ALA S 53 -9.70 -68.34 103.71
N THR S 54 -10.16 -67.33 102.98
CA THR S 54 -11.29 -67.52 102.07
C THR S 54 -10.88 -67.43 100.60
N GLU S 55 -9.66 -66.95 100.34
CA GLU S 55 -9.17 -66.88 98.96
C GLU S 55 -7.66 -67.06 98.80
N LEU S 56 -7.23 -67.25 97.55
CA LEU S 56 -5.87 -67.67 97.21
C LEU S 56 -4.71 -66.93 97.88
N LYS S 57 -4.81 -65.61 98.02
CA LYS S 57 -3.70 -64.82 98.56
C LYS S 57 -3.41 -65.15 100.02
N HIS S 58 -4.33 -65.87 100.67
CA HIS S 58 -4.18 -66.28 102.06
C HIS S 58 -3.26 -67.49 102.19
N LEU S 59 -3.10 -68.21 101.08
CA LEU S 59 -2.20 -69.36 101.02
C LEU S 59 -0.82 -68.98 101.54
N GLN S 60 -0.45 -67.72 101.38
CA GLN S 60 0.80 -67.20 101.93
C GLN S 60 1.00 -67.78 103.32
N CYS S 61 -0.07 -67.79 104.11
CA CYS S 61 -0.03 -68.31 105.47
C CYS S 61 0.49 -69.74 105.48
N LEU S 62 -0.17 -70.59 104.71
CA LEU S 62 0.29 -71.96 104.55
C LEU S 62 1.79 -72.01 104.26
N GLU S 63 2.25 -71.19 103.32
CA GLU S 63 3.65 -71.24 102.91
C GLU S 63 4.59 -70.99 104.07
N GLU S 64 4.26 -69.99 104.88
CA GLU S 64 5.22 -69.47 105.85
C GLU S 64 5.60 -70.48 106.93
N GLU S 65 4.62 -71.10 107.58
CA GLU S 65 4.95 -72.12 108.56
C GLU S 65 4.97 -73.53 107.92
N LEU S 66 5.46 -73.59 106.67
CA LEU S 66 5.67 -74.87 106.00
C LEU S 66 6.93 -75.54 106.54
N LYS S 67 7.97 -74.74 106.74
CA LYS S 67 9.28 -75.24 107.16
C LYS S 67 9.28 -76.15 108.38
N PRO S 68 8.39 -75.88 109.35
CA PRO S 68 8.27 -76.78 110.50
C PRO S 68 7.59 -78.09 110.14
N LEU S 69 6.42 -78.02 109.50
CA LEU S 69 5.77 -79.23 109.02
C LEU S 69 6.81 -80.20 108.44
N GLU S 70 7.80 -79.68 107.72
CA GLU S 70 8.85 -80.54 107.19
C GLU S 70 9.68 -81.16 108.32
N GLU S 71 9.92 -80.40 109.36
CA GLU S 71 10.68 -80.90 110.52
C GLU S 71 9.88 -81.99 111.22
N VAL S 72 8.61 -81.69 111.48
CA VAL S 72 7.67 -82.60 112.13
C VAL S 72 7.67 -83.96 111.42
N LEU S 73 7.37 -83.92 110.13
CA LEU S 73 7.34 -85.11 109.31
C LEU S 73 8.67 -85.83 109.29
N ASN S 74 9.74 -85.13 109.68
CA ASN S 74 11.05 -85.77 109.76
C ASN S 74 11.36 -86.23 111.16
N LEU S 75 10.40 -86.04 112.06
CA LEU S 75 10.52 -86.58 113.41
C LEU S 75 10.34 -88.10 113.37
N ALA S 76 9.55 -88.55 112.39
CA ALA S 76 9.30 -89.97 112.13
C ALA S 76 10.28 -90.55 111.10
N HIS S 77 10.67 -91.81 111.26
CA HIS S 77 11.58 -92.47 110.32
C HIS S 77 10.92 -92.63 108.96
N SER S 78 11.75 -92.67 107.92
CA SER S 78 11.28 -92.64 106.54
C SER S 78 10.26 -93.72 106.18
N LYS S 79 10.63 -94.98 106.37
CA LYS S 79 9.84 -96.12 105.92
C LYS S 79 8.33 -96.00 106.13
N ASN S 80 7.90 -95.44 107.26
CA ASN S 80 6.49 -95.46 107.65
C ASN S 80 5.54 -94.66 106.75
N PHE S 81 6.01 -93.50 106.29
CA PHE S 81 5.22 -92.68 105.38
C PHE S 81 5.37 -93.16 103.94
N HIS S 82 4.24 -93.32 103.25
CA HIS S 82 4.26 -93.74 101.84
C HIS S 82 4.94 -92.74 100.92
N PHE S 83 4.78 -91.45 101.24
CA PHE S 83 5.40 -90.37 100.48
C PHE S 83 6.81 -90.09 100.97
N ASP S 84 7.34 -88.94 100.60
CA ASP S 84 8.59 -88.46 101.17
C ASP S 84 8.40 -87.08 101.75
N PRO S 85 8.65 -86.95 103.06
CA PRO S 85 8.49 -85.72 103.84
C PRO S 85 9.10 -84.50 103.14
N ARG S 86 10.40 -84.52 102.86
CA ARG S 86 11.07 -83.36 102.25
C ARG S 86 10.87 -83.34 100.74
N ASP S 87 10.08 -84.28 100.23
CA ASP S 87 9.68 -84.30 98.83
C ASP S 87 8.33 -83.61 98.68
N VAL S 88 7.35 -84.05 99.47
CA VAL S 88 5.99 -83.51 99.38
C VAL S 88 5.93 -81.99 99.52
N VAL S 89 6.67 -81.46 100.48
CA VAL S 89 6.67 -80.02 100.74
C VAL S 89 7.28 -79.27 99.56
N SER S 90 8.28 -79.87 98.92
CA SER S 90 8.74 -79.33 97.64
C SER S 90 7.51 -79.02 96.80
N ASN S 91 6.66 -80.03 96.65
CA ASN S 91 5.51 -79.94 95.77
C ASN S 91 4.39 -79.07 96.33
N ILE S 92 4.36 -78.91 97.64
CA ILE S 92 3.41 -77.98 98.26
C ILE S 92 3.95 -76.55 98.17
N ASN S 93 5.26 -76.42 98.39
CA ASN S 93 5.94 -75.14 98.21
C ASN S 93 5.70 -74.62 96.80
N VAL S 94 5.81 -75.51 95.82
CA VAL S 94 5.70 -75.14 94.42
C VAL S 94 4.25 -74.88 93.96
N PHE S 95 3.30 -75.54 94.60
CA PHE S 95 1.90 -75.30 94.33
C PHE S 95 1.46 -73.95 94.86
N VAL S 96 1.74 -73.73 96.14
CA VAL S 96 1.30 -72.53 96.83
C VAL S 96 1.84 -71.27 96.15
N LEU S 97 3.12 -71.27 95.83
CA LEU S 97 3.72 -70.11 95.20
C LEU S 97 3.05 -69.72 93.88
N GLU S 98 2.58 -70.70 93.13
CA GLU S 98 1.93 -70.39 91.85
C GLU S 98 0.44 -70.07 91.99
N LEU S 99 -0.10 -70.18 93.19
CA LEU S 99 -1.53 -69.93 93.39
C LEU S 99 -1.86 -68.53 93.90
N LYS S 100 -0.92 -67.92 94.62
CA LYS S 100 -1.18 -66.63 95.28
C LYS S 100 -0.82 -65.42 94.42
N GLY S 101 0.25 -65.54 93.63
CA GLY S 101 0.68 -64.46 92.76
C GLY S 101 0.93 -63.15 93.50
N PHE S 106 1.78 -59.06 99.73
CA PHE S 106 0.79 -59.29 100.79
C PHE S 106 1.38 -59.91 102.05
N MET S 107 0.83 -59.54 103.20
CA MET S 107 1.38 -59.95 104.50
C MET S 107 0.43 -60.84 105.29
N CYS S 108 0.98 -61.85 105.97
CA CYS S 108 0.16 -62.81 106.71
C CYS S 108 -0.18 -62.37 108.14
N GLU S 109 -1.47 -62.51 108.47
CA GLU S 109 -1.97 -62.20 109.80
C GLU S 109 -2.71 -63.43 110.32
N TYR S 110 -2.21 -63.95 111.44
CA TYR S 110 -2.67 -65.25 111.94
C TYR S 110 -3.72 -65.12 113.04
N ALA S 111 -4.29 -66.27 113.43
CA ALA S 111 -5.23 -66.34 114.55
C ALA S 111 -4.48 -66.43 115.89
N ASP S 112 -5.23 -66.41 116.99
CA ASP S 112 -4.62 -66.51 118.31
C ASP S 112 -4.65 -67.93 118.85
N GLU S 113 -5.09 -68.86 118.01
CA GLU S 113 -5.30 -70.25 118.42
C GLU S 113 -4.41 -71.23 117.66
N THR S 114 -3.51 -71.89 118.37
CA THR S 114 -2.65 -72.90 117.77
C THR S 114 -3.36 -74.24 117.70
N ALA S 115 -2.88 -75.12 116.83
CA ALA S 115 -3.54 -76.39 116.59
C ALA S 115 -2.50 -77.45 116.30
N THR S 116 -2.86 -78.71 116.55
CA THR S 116 -2.01 -79.84 116.20
C THR S 116 -1.97 -80.00 114.68
N ILE S 117 -0.90 -80.61 114.17
CA ILE S 117 -0.73 -80.78 112.73
C ILE S 117 -2.01 -81.25 112.06
N VAL S 118 -2.79 -82.05 112.77
CA VAL S 118 -4.04 -82.56 112.24
C VAL S 118 -5.10 -81.46 112.19
N GLU S 119 -5.34 -80.81 113.32
CA GLU S 119 -6.22 -79.65 113.33
C GLU S 119 -5.73 -78.63 112.30
N PHE S 120 -4.43 -78.70 112.00
CA PHE S 120 -3.80 -77.79 111.07
C PHE S 120 -4.14 -78.14 109.62
N LEU S 121 -4.00 -79.41 109.27
CA LEU S 121 -4.16 -79.86 107.90
C LEU S 121 -5.62 -79.88 107.48
N ASN S 122 -6.50 -80.34 108.36
CA ASN S 122 -7.92 -80.34 108.06
C ASN S 122 -8.37 -78.93 107.67
N ARG S 123 -7.65 -77.93 108.17
CA ARG S 123 -8.02 -76.53 107.92
C ARG S 123 -7.62 -76.09 106.51
N TRP S 124 -6.41 -76.42 106.09
CA TRP S 124 -5.93 -76.06 104.76
C TRP S 124 -6.51 -76.95 103.68
N ILE S 125 -6.65 -78.23 104.01
CA ILE S 125 -7.34 -79.17 103.16
C ILE S 125 -8.70 -78.56 102.82
N THR S 126 -9.40 -78.13 103.87
CA THR S 126 -10.71 -77.49 103.73
C THR S 126 -10.67 -76.24 102.86
N PHE S 127 -9.61 -75.45 103.00
CA PHE S 127 -9.49 -74.25 102.18
C PHE S 127 -9.65 -74.62 100.71
N CYS S 128 -9.01 -75.71 100.31
CA CYS S 128 -9.07 -76.13 98.93
C CYS S 128 -10.44 -76.72 98.60
N GLN S 129 -10.91 -77.65 99.43
CA GLN S 129 -12.26 -78.19 99.31
C GLN S 129 -13.24 -77.04 99.14
N SER S 130 -13.03 -76.00 99.93
CA SER S 130 -13.86 -74.79 99.89
C SER S 130 -13.80 -74.14 98.52
N ILE S 131 -12.62 -73.61 98.20
CA ILE S 131 -12.38 -72.88 96.97
C ILE S 131 -12.85 -73.58 95.68
N ILE S 132 -12.74 -74.91 95.64
CA ILE S 132 -13.08 -75.64 94.42
C ILE S 132 -14.59 -75.73 94.21
N SER S 133 -15.37 -75.52 95.27
CA SER S 133 -16.83 -75.56 95.18
C SER S 133 -17.37 -74.35 94.44
N THR S 134 -17.16 -73.18 95.01
CA THR S 134 -17.58 -71.94 94.39
C THR S 134 -16.91 -71.82 93.03
N LEU S 135 -15.98 -72.72 92.74
CA LEU S 135 -15.24 -72.67 91.47
C LEU S 135 -15.89 -73.48 90.35
N THR S 136 -17.09 -73.99 90.61
CA THR S 136 -17.87 -74.69 89.58
C THR S 136 -19.38 -74.55 89.84
N SER T 9 15.26 -81.60 63.69
CA SER T 9 14.05 -82.27 63.21
C SER T 9 12.98 -82.42 64.30
N GLN T 10 12.98 -83.58 64.95
CA GLN T 10 11.91 -83.96 65.85
C GLN T 10 12.48 -84.47 67.17
N PHE T 11 12.09 -83.84 68.28
CA PHE T 11 12.63 -84.12 69.61
C PHE T 11 11.45 -84.34 70.56
N THR T 12 11.23 -85.58 70.99
CA THR T 12 10.06 -85.90 71.82
C THR T 12 10.35 -86.64 73.12
N CYS T 13 9.70 -86.20 74.20
CA CYS T 13 9.94 -86.76 75.51
C CYS T 13 8.63 -86.93 76.29
N PHE T 14 8.58 -87.96 77.13
CA PHE T 14 7.40 -88.22 77.97
C PHE T 14 7.76 -88.33 79.46
N TYR T 15 6.75 -88.19 80.32
CA TYR T 15 6.94 -88.20 81.77
C TYR T 15 6.15 -89.29 82.50
N ASN T 16 6.87 -90.18 83.20
CA ASN T 16 6.28 -91.33 83.89
C ASN T 16 5.44 -90.94 85.10
N SER T 17 5.43 -89.65 85.42
CA SER T 17 4.72 -89.15 86.59
C SER T 17 5.45 -89.49 87.89
N ARG T 18 6.72 -89.91 87.79
CA ARG T 18 7.48 -90.12 89.02
C ARG T 18 8.92 -89.65 88.97
N ALA T 19 9.79 -90.45 88.36
CA ALA T 19 11.22 -90.13 88.40
C ALA T 19 11.86 -90.12 87.02
N GLN T 20 11.09 -90.56 86.02
CA GLN T 20 11.61 -90.73 84.67
C GLN T 20 10.99 -89.80 83.63
N ILE T 21 11.86 -89.26 82.78
CA ILE T 21 11.49 -88.52 81.59
C ILE T 21 12.20 -89.12 80.36
N SER T 22 11.47 -89.90 79.56
CA SER T 22 12.04 -90.62 78.42
C SER T 22 12.08 -89.77 77.15
N CYS T 23 13.14 -89.92 76.37
CA CYS T 23 13.40 -89.04 75.24
C CYS T 23 13.65 -89.79 73.93
N VAL T 24 13.31 -89.13 72.81
CA VAL T 24 13.68 -89.59 71.47
C VAL T 24 14.14 -88.41 70.60
N TRP T 25 15.35 -88.50 70.03
CA TRP T 25 15.88 -87.48 69.14
C TRP T 25 16.43 -88.10 67.86
N SER T 26 16.05 -87.54 66.71
CA SER T 26 16.42 -88.10 65.42
C SER T 26 17.02 -87.06 64.48
N GLN T 27 18.30 -87.21 64.14
CA GLN T 27 18.97 -86.28 63.24
C GLN T 27 19.40 -86.96 61.94
N THR T 34 30.85 -88.32 67.28
CA THR T 34 29.42 -88.04 67.18
C THR T 34 28.69 -88.30 68.51
N SER T 35 29.04 -87.53 69.54
CA SER T 35 28.46 -87.68 70.88
C SER T 35 27.35 -86.66 71.19
N CYS T 36 26.25 -87.14 71.77
CA CYS T 36 25.07 -86.30 72.02
C CYS T 36 24.38 -86.60 73.36
N GLN T 37 23.96 -85.54 74.05
CA GLN T 37 23.33 -85.64 75.37
C GLN T 37 22.02 -84.88 75.43
N VAL T 38 21.24 -85.12 76.49
CA VAL T 38 20.08 -84.30 76.76
C VAL T 38 20.24 -83.69 78.15
N HIS T 39 19.68 -82.50 78.34
CA HIS T 39 19.66 -81.87 79.66
C HIS T 39 18.23 -81.53 80.05
N ALA T 40 17.93 -81.61 81.34
CA ALA T 40 16.62 -81.26 81.85
C ALA T 40 16.76 -80.20 82.94
N TRP T 41 16.32 -78.98 82.64
CA TRP T 41 16.44 -77.88 83.59
C TRP T 41 15.06 -77.36 83.93
N PRO T 42 14.67 -77.54 85.20
CA PRO T 42 13.36 -77.17 85.73
C PRO T 42 13.31 -75.69 86.05
N ASP T 43 12.13 -75.10 85.97
CA ASP T 43 11.99 -73.69 86.26
C ASP T 43 12.08 -73.38 87.75
N ARG T 44 11.53 -74.25 88.58
CA ARG T 44 11.48 -73.98 90.01
C ARG T 44 12.28 -74.96 90.85
N ARG T 45 13.12 -75.74 90.19
CA ARG T 45 13.90 -76.76 90.87
C ARG T 45 15.41 -76.45 90.94
N ARG T 46 16.07 -77.04 91.94
CA ARG T 46 17.43 -76.69 92.29
C ARG T 46 18.44 -77.73 91.81
N TRP T 47 17.97 -78.67 90.99
CA TRP T 47 18.83 -79.73 90.47
C TRP T 47 18.88 -79.68 88.95
N GLN T 48 19.75 -80.50 88.37
CA GLN T 48 19.81 -80.64 86.91
C GLN T 48 20.04 -82.10 86.56
N GLN T 49 19.68 -82.50 85.36
CA GLN T 49 19.92 -83.88 84.96
C GLN T 49 20.31 -84.06 83.50
N THR T 50 21.37 -84.83 83.27
CA THR T 50 21.86 -85.11 81.94
C THR T 50 21.85 -86.61 81.68
N CYS T 51 21.98 -86.98 80.42
CA CYS T 51 22.08 -88.38 80.02
C CYS T 51 22.84 -88.47 78.71
N GLU T 52 23.63 -89.52 78.56
CA GLU T 52 24.34 -89.77 77.31
C GLU T 52 23.42 -90.51 76.35
N LEU T 53 22.90 -89.78 75.36
CA LEU T 53 21.97 -90.35 74.38
C LEU T 53 22.56 -91.57 73.69
N LEU T 54 21.67 -92.43 73.20
CA LEU T 54 22.08 -93.65 72.52
C LEU T 54 21.23 -93.90 71.29
N PRO T 55 21.85 -94.37 70.20
CA PRO T 55 21.16 -94.60 68.94
C PRO T 55 20.24 -95.83 68.96
N VAL T 56 18.99 -95.64 68.55
CA VAL T 56 18.03 -96.74 68.41
C VAL T 56 17.90 -97.11 66.94
N SER T 57 17.16 -96.29 66.20
CA SER T 57 16.98 -96.50 64.76
C SER T 57 18.07 -95.80 63.97
N GLN T 58 17.98 -95.90 62.65
CA GLN T 58 18.96 -95.28 61.75
C GLN T 58 19.25 -93.85 62.15
N ALA T 59 18.19 -93.12 62.44
CA ALA T 59 18.29 -91.79 63.02
C ALA T 59 17.33 -91.71 64.20
N SER T 60 17.68 -92.41 65.28
CA SER T 60 16.94 -92.28 66.53
C SER T 60 17.88 -92.42 67.73
N TRP T 61 17.53 -91.72 68.81
CA TRP T 61 18.27 -91.76 70.04
C TRP T 61 17.31 -91.70 71.22
N ALA T 62 17.46 -92.66 72.14
CA ALA T 62 16.64 -92.69 73.36
C ALA T 62 17.52 -92.37 74.55
N CYS T 63 17.06 -91.46 75.40
CA CYS T 63 17.78 -91.17 76.62
C CYS T 63 16.80 -91.15 77.79
N ASN T 64 17.26 -91.62 78.94
CA ASN T 64 16.41 -91.67 80.12
C ASN T 64 16.90 -90.73 81.21
N LEU T 65 16.14 -89.68 81.44
CA LEU T 65 16.44 -88.77 82.54
C LEU T 65 15.95 -89.39 83.84
N ILE T 66 16.88 -89.70 84.74
CA ILE T 66 16.48 -90.19 86.05
C ILE T 66 16.42 -89.06 87.08
N LEU T 67 15.20 -88.71 87.48
CA LEU T 67 14.98 -87.60 88.41
C LEU T 67 15.14 -87.95 89.89
N GLY T 68 14.38 -88.92 90.39
CA GLY T 68 14.43 -89.28 91.80
C GLY T 68 14.81 -90.74 91.99
N ALA T 69 14.19 -91.41 92.95
CA ALA T 69 14.31 -92.87 93.02
C ALA T 69 13.07 -93.47 92.42
N PRO T 70 13.06 -94.77 92.18
CA PRO T 70 11.96 -95.33 91.41
C PRO T 70 10.59 -94.66 91.63
N ASP T 71 10.14 -94.55 92.88
CA ASP T 71 8.76 -94.11 93.09
C ASP T 71 8.56 -92.74 93.69
N SER T 72 9.56 -91.87 93.65
CA SER T 72 9.43 -90.51 94.19
C SER T 72 8.66 -89.59 93.26
N GLN T 73 8.19 -88.46 93.78
CA GLN T 73 7.46 -87.48 92.99
C GLN T 73 8.24 -86.18 92.86
N LYS T 74 9.03 -86.07 91.80
CA LYS T 74 10.01 -85.00 91.70
C LYS T 74 9.59 -83.79 90.87
N LEU T 75 8.55 -83.95 90.05
CA LEU T 75 7.94 -82.81 89.35
C LEU T 75 6.45 -82.81 89.61
N THR T 76 5.82 -81.66 89.38
CA THR T 76 4.37 -81.53 89.48
C THR T 76 3.80 -80.67 88.37
N THR T 77 2.48 -80.66 88.24
CA THR T 77 1.84 -80.03 87.08
C THR T 77 2.21 -78.57 86.89
N VAL T 78 2.77 -77.94 87.92
CA VAL T 78 3.17 -76.54 87.82
C VAL T 78 4.65 -76.36 87.51
N ASP T 79 5.42 -77.45 87.59
CA ASP T 79 6.80 -77.45 87.12
C ASP T 79 6.81 -77.37 85.60
N ILE T 80 7.89 -76.83 85.06
CA ILE T 80 8.08 -76.78 83.61
C ILE T 80 9.55 -76.94 83.30
N VAL T 81 9.90 -78.03 82.64
CA VAL T 81 11.31 -78.34 82.41
C VAL T 81 11.81 -77.86 81.06
N THR T 82 12.90 -77.09 81.09
CA THR T 82 13.55 -76.66 79.87
C THR T 82 14.48 -77.78 79.44
N LEU T 83 14.13 -78.44 78.36
CA LEU T 83 14.91 -79.58 77.87
C LEU T 83 15.78 -79.15 76.71
N ARG T 84 17.05 -79.52 76.76
CA ARG T 84 18.00 -79.19 75.71
C ARG T 84 18.85 -80.39 75.30
N VAL T 85 19.23 -80.43 74.02
CA VAL T 85 20.08 -81.51 73.52
C VAL T 85 21.41 -80.94 73.04
N LEU T 86 22.50 -81.53 73.51
CA LEU T 86 23.83 -81.05 73.16
C LEU T 86 24.74 -82.09 72.50
N CYS T 87 25.36 -81.69 71.39
CA CYS T 87 26.32 -82.51 70.68
C CYS T 87 27.60 -81.75 70.58
N ARG T 88 28.67 -82.38 71.03
CA ARG T 88 29.97 -81.73 70.95
C ARG T 88 30.31 -81.48 69.49
N GLU T 89 30.51 -80.22 69.11
CA GLU T 89 31.12 -79.91 67.82
C GLU T 89 32.32 -79.00 68.10
N GLY T 90 33.49 -79.62 68.23
CA GLY T 90 34.64 -78.91 68.74
C GLY T 90 34.61 -79.02 70.25
N VAL T 91 35.10 -77.99 70.93
CA VAL T 91 35.19 -77.95 72.38
C VAL T 91 33.83 -77.82 73.07
N ARG T 92 33.07 -76.78 72.74
CA ARG T 92 31.78 -76.48 73.38
C ARG T 92 30.63 -77.42 73.02
N TRP T 93 29.41 -77.04 73.41
CA TRP T 93 28.22 -77.86 73.16
C TRP T 93 27.20 -77.12 72.29
N ARG T 94 26.83 -77.72 71.16
CA ARG T 94 25.90 -77.09 70.23
C ARG T 94 24.46 -77.46 70.57
N VAL T 95 23.70 -76.50 71.11
CA VAL T 95 22.28 -76.68 71.41
C VAL T 95 21.55 -77.12 70.16
N MET T 96 21.35 -78.41 70.01
CA MET T 96 20.78 -78.97 68.79
C MET T 96 19.29 -78.67 68.69
N ALA T 97 18.61 -78.81 69.81
CA ALA T 97 17.18 -78.52 69.86
C ALA T 97 16.76 -78.12 71.28
N ILE T 98 15.76 -77.23 71.37
CA ILE T 98 15.21 -76.83 72.66
C ILE T 98 13.69 -77.01 72.73
N GLN T 99 13.21 -77.29 73.94
CA GLN T 99 11.82 -77.61 74.20
C GLN T 99 11.41 -77.21 75.61
N ASP T 100 10.42 -76.32 75.69
CA ASP T 100 9.74 -76.04 76.95
C ASP T 100 8.83 -77.23 77.26
N PHE T 101 9.11 -77.94 78.34
CA PHE T 101 8.46 -79.21 78.62
C PHE T 101 7.56 -79.19 79.84
N LYS T 102 6.25 -79.31 79.60
CA LYS T 102 5.27 -79.40 80.68
C LYS T 102 5.09 -80.86 81.07
N PRO T 103 5.77 -81.29 82.14
CA PRO T 103 5.85 -82.70 82.52
C PRO T 103 4.48 -83.32 82.68
N PHE T 104 3.56 -82.63 83.36
CA PHE T 104 2.24 -83.19 83.56
C PHE T 104 1.34 -83.08 82.34
N GLU T 105 1.89 -82.62 81.22
CA GLU T 105 1.16 -82.61 79.96
C GLU T 105 1.76 -83.62 78.98
N ASN T 106 2.74 -84.38 79.47
CA ASN T 106 3.49 -85.33 78.65
C ASN T 106 3.50 -86.71 79.28
N LEU T 107 2.47 -86.96 80.08
CA LEU T 107 2.35 -88.22 80.81
C LEU T 107 2.33 -89.45 79.89
N ARG T 108 3.33 -90.33 80.07
CA ARG T 108 3.29 -91.69 79.55
C ARG T 108 3.62 -92.61 80.72
N LEU T 109 2.66 -93.47 81.07
CA LEU T 109 2.73 -94.23 82.32
C LEU T 109 3.55 -95.51 82.25
N MET T 110 4.06 -95.95 83.39
CA MET T 110 4.77 -97.22 83.42
C MET T 110 3.75 -98.34 83.28
N ALA T 111 3.94 -99.17 82.26
CA ALA T 111 2.99 -100.23 81.94
C ALA T 111 2.58 -101.00 83.18
N PRO T 112 1.32 -101.43 83.23
CA PRO T 112 0.85 -102.28 84.32
C PRO T 112 1.60 -103.59 84.24
N ILE T 113 1.90 -104.22 85.38
CA ILE T 113 2.65 -105.46 85.38
C ILE T 113 2.17 -106.46 86.40
N SER T 114 2.73 -107.66 86.29
CA SER T 114 2.47 -108.71 87.25
C SER T 114 1.00 -109.06 87.25
N LEU T 115 0.50 -109.30 86.04
CA LEU T 115 -0.81 -109.87 85.86
C LEU T 115 -0.85 -111.28 86.39
N GLN T 116 -1.94 -111.65 87.05
CA GLN T 116 -2.15 -113.04 87.42
C GLN T 116 -3.63 -113.39 87.43
N VAL T 117 -3.94 -114.68 87.41
CA VAL T 117 -5.33 -115.09 87.42
C VAL T 117 -5.93 -115.11 88.83
N VAL T 118 -7.11 -114.53 88.96
CA VAL T 118 -7.84 -114.57 90.21
C VAL T 118 -8.61 -115.88 90.26
N HIS T 119 -9.49 -116.08 89.29
CA HIS T 119 -10.32 -117.27 89.25
C HIS T 119 -10.53 -117.72 87.81
N VAL T 120 -10.53 -119.03 87.62
CA VAL T 120 -10.72 -119.60 86.29
C VAL T 120 -11.84 -120.62 86.30
N GLU T 121 -12.51 -120.72 85.15
CA GLU T 121 -13.67 -121.57 84.94
C GLU T 121 -13.79 -121.82 83.44
N THR T 122 -14.59 -122.81 83.03
CA THR T 122 -14.72 -123.12 81.61
C THR T 122 -15.09 -121.86 80.82
N HIS T 123 -16.20 -121.25 81.22
CA HIS T 123 -16.75 -120.11 80.50
C HIS T 123 -16.34 -118.76 81.06
N ARG T 124 -15.41 -118.73 82.01
CA ARG T 124 -14.99 -117.48 82.65
C ARG T 124 -13.54 -117.48 83.17
N CYS T 125 -12.97 -116.27 83.26
CA CYS T 125 -11.67 -116.07 83.86
C CYS T 125 -11.44 -114.63 84.32
N ASN T 126 -10.69 -114.48 85.40
CA ASN T 126 -10.54 -113.20 86.07
C ASN T 126 -9.07 -112.92 86.34
N ILE T 127 -8.57 -111.80 85.80
CA ILE T 127 -7.15 -111.46 85.90
C ILE T 127 -6.91 -110.04 86.45
N SER T 128 -5.83 -109.90 87.19
CA SER T 128 -5.54 -108.65 87.87
C SER T 128 -4.14 -108.21 87.54
N TRP T 129 -3.89 -106.92 87.74
CA TRP T 129 -2.58 -106.35 87.50
C TRP T 129 -2.29 -105.25 88.50
N GLU T 130 -1.01 -104.96 88.72
CA GLU T 130 -0.61 -103.78 89.44
C GLU T 130 -0.28 -102.74 88.37
N ILE T 131 -0.46 -101.47 88.70
CA ILE T 131 0.12 -100.39 87.90
C ILE T 131 1.38 -99.90 88.60
N SER T 132 2.45 -99.73 87.83
CA SER T 132 3.75 -99.42 88.40
C SER T 132 3.79 -97.97 88.82
N GLN T 133 4.97 -97.40 88.91
CA GLN T 133 5.09 -95.96 89.19
C GLN T 133 3.95 -95.18 88.50
N ALA T 134 3.06 -94.58 89.30
CA ALA T 134 1.96 -93.76 88.80
C ALA T 134 1.54 -92.82 89.91
N SER T 135 1.78 -91.53 89.68
CA SER T 135 1.58 -90.50 90.68
C SER T 135 0.24 -90.58 91.40
N HIS T 136 0.20 -89.97 92.58
CA HIS T 136 -0.99 -89.92 93.41
C HIS T 136 -1.79 -88.67 93.13
N TYR T 137 -1.29 -87.84 92.23
CA TYR T 137 -2.02 -86.66 91.79
C TYR T 137 -3.21 -87.09 90.95
N PHE T 138 -3.16 -88.32 90.45
CA PHE T 138 -4.22 -88.88 89.62
C PHE T 138 -5.45 -89.32 90.44
N GLU T 139 -5.21 -89.84 91.63
CA GLU T 139 -6.25 -90.50 92.42
C GLU T 139 -6.84 -91.66 91.63
N ARG T 140 -8.08 -91.49 91.20
CA ARG T 140 -8.81 -92.55 90.49
C ARG T 140 -8.97 -92.29 89.00
N HIS T 141 -8.92 -91.01 88.61
CA HIS T 141 -9.00 -90.62 87.22
C HIS T 141 -7.96 -91.41 86.45
N LEU T 142 -8.39 -92.42 85.70
CA LEU T 142 -7.48 -93.26 84.92
C LEU T 142 -8.21 -94.04 83.83
N GLU T 143 -7.46 -94.64 82.93
CA GLU T 143 -8.00 -95.50 81.89
C GLU T 143 -7.11 -96.71 81.70
N PHE T 144 -7.71 -97.82 81.30
CA PHE T 144 -6.97 -99.01 80.89
C PHE T 144 -7.58 -99.57 79.64
N GLU T 145 -6.86 -100.50 79.02
CA GLU T 145 -7.43 -101.27 77.93
C GLU T 145 -7.06 -102.72 78.09
N ALA T 146 -7.75 -103.59 77.38
CA ALA T 146 -7.48 -105.02 77.47
C ALA T 146 -7.73 -105.70 76.13
N ARG T 147 -6.90 -106.69 75.79
CA ARG T 147 -7.06 -107.44 74.54
C ARG T 147 -6.89 -108.95 74.70
N THR T 148 -7.90 -109.71 74.28
CA THR T 148 -7.88 -111.16 74.40
C THR T 148 -7.16 -111.81 73.24
N LEU T 149 -5.97 -112.35 73.48
CA LEU T 149 -5.30 -113.17 72.48
C LEU T 149 -5.89 -114.58 72.44
N SER T 150 -6.58 -114.92 71.35
CA SER T 150 -7.14 -116.25 71.16
C SER T 150 -6.41 -116.99 70.03
N PRO T 151 -6.45 -118.34 70.04
CA PRO T 151 -5.66 -119.15 69.10
C PRO T 151 -6.05 -118.89 67.65
N GLY T 152 -7.23 -118.32 67.43
CA GLY T 152 -7.75 -118.12 66.09
C GLY T 152 -7.34 -116.83 65.41
N HIS T 153 -6.86 -115.86 66.19
CA HIS T 153 -6.50 -114.56 65.64
C HIS T 153 -5.18 -114.07 66.23
N THR T 154 -4.60 -113.02 65.65
CA THR T 154 -3.40 -112.40 66.20
C THR T 154 -3.76 -111.20 67.08
N TRP T 155 -2.75 -110.60 67.68
CA TRP T 155 -2.97 -109.49 68.61
C TRP T 155 -3.79 -108.36 68.00
N GLU T 156 -3.28 -107.81 66.91
CA GLU T 156 -3.90 -106.68 66.23
C GLU T 156 -5.39 -106.90 65.99
N GLU T 157 -5.78 -108.15 65.84
CA GLU T 157 -7.15 -108.48 65.50
C GLU T 157 -8.07 -108.38 66.71
N ALA T 158 -7.54 -108.73 67.87
CA ALA T 158 -8.31 -108.72 69.09
C ALA T 158 -9.22 -107.50 69.17
N PRO T 159 -10.41 -107.67 69.78
CA PRO T 159 -11.26 -106.50 70.00
C PRO T 159 -10.66 -105.72 71.15
N LEU T 160 -10.75 -104.41 71.10
CA LEU T 160 -10.19 -103.59 72.18
C LEU T 160 -11.18 -103.50 73.35
N LEU T 161 -10.69 -103.79 74.55
CA LEU T 161 -11.55 -103.77 75.73
C LEU T 161 -11.47 -102.43 76.46
N THR T 162 -12.60 -101.76 76.55
CA THR T 162 -12.65 -100.43 77.12
C THR T 162 -12.95 -100.43 78.61
N LEU T 163 -11.94 -100.11 79.41
CA LEU T 163 -12.13 -99.90 80.84
C LEU T 163 -12.00 -98.41 81.15
N LYS T 164 -13.14 -97.77 81.39
CA LYS T 164 -13.18 -96.31 81.53
C LYS T 164 -13.14 -95.83 82.99
N GLN T 165 -12.75 -96.71 83.89
CA GLN T 165 -12.52 -96.33 85.27
C GLN T 165 -11.19 -96.91 85.69
N LYS T 166 -10.76 -96.63 86.91
CA LYS T 166 -9.59 -97.30 87.44
C LYS T 166 -10.00 -98.68 87.89
N GLN T 167 -9.78 -99.67 87.02
CA GLN T 167 -10.12 -101.05 87.33
C GLN T 167 -8.89 -101.91 87.07
N GLU T 168 -8.31 -102.47 88.12
CA GLU T 168 -7.06 -103.23 87.99
C GLU T 168 -7.26 -104.74 87.79
N TRP T 169 -8.52 -105.16 87.63
CA TRP T 169 -8.84 -106.51 87.16
C TRP T 169 -9.80 -106.47 85.97
N ILE T 170 -9.90 -107.60 85.29
CA ILE T 170 -10.90 -107.78 84.24
C ILE T 170 -11.45 -109.20 84.31
N CYS T 171 -12.77 -109.34 84.25
CA CYS T 171 -13.39 -110.65 84.30
C CYS T 171 -14.00 -111.02 82.94
N LEU T 172 -13.29 -111.89 82.22
CA LEU T 172 -13.64 -112.24 80.85
C LEU T 172 -14.86 -113.16 80.78
N GLU T 173 -15.81 -112.84 79.92
CA GLU T 173 -16.96 -113.72 79.72
C GLU T 173 -16.80 -114.57 78.45
N THR T 174 -17.64 -115.59 78.33
CA THR T 174 -17.67 -116.46 77.15
C THR T 174 -16.31 -117.07 76.78
N LEU T 175 -15.65 -117.70 77.75
CA LEU T 175 -14.42 -118.42 77.49
C LEU T 175 -14.71 -119.84 77.02
N THR T 176 -14.00 -120.29 76.00
CA THR T 176 -14.13 -121.67 75.54
C THR T 176 -13.17 -122.60 76.31
N PRO T 177 -13.73 -123.62 76.98
CA PRO T 177 -13.01 -124.46 77.94
C PRO T 177 -11.71 -125.06 77.41
N ASP T 178 -10.80 -125.37 78.33
CA ASP T 178 -9.50 -125.94 77.99
C ASP T 178 -8.81 -125.23 76.83
N THR T 179 -8.97 -123.92 76.74
CA THR T 179 -8.38 -123.16 75.66
C THR T 179 -7.22 -122.27 76.11
N GLN T 180 -6.16 -122.22 75.29
CA GLN T 180 -5.08 -121.27 75.49
C GLN T 180 -5.65 -119.85 75.39
N TYR T 181 -4.95 -118.90 75.99
CA TYR T 181 -5.34 -117.50 75.92
C TYR T 181 -4.14 -116.64 76.26
N GLU T 182 -4.16 -115.37 75.86
CA GLU T 182 -3.14 -114.44 76.29
C GLU T 182 -3.72 -113.02 76.46
N PHE T 183 -3.34 -112.37 77.57
CA PHE T 183 -3.90 -111.07 77.96
C PHE T 183 -2.83 -110.00 78.24
N GLN T 184 -3.12 -108.76 77.84
CA GLN T 184 -2.24 -107.61 78.05
C GLN T 184 -3.08 -106.39 78.41
N VAL T 185 -2.52 -105.47 79.19
CA VAL T 185 -3.24 -104.26 79.55
C VAL T 185 -2.33 -103.02 79.53
N ARG T 186 -2.92 -101.86 79.27
CA ARG T 186 -2.19 -100.60 79.23
C ARG T 186 -2.91 -99.53 80.05
N VAL T 187 -2.19 -98.48 80.42
CA VAL T 187 -2.75 -97.44 81.27
C VAL T 187 -2.58 -96.04 80.68
N LYS T 188 -3.60 -95.20 80.86
CA LYS T 188 -3.48 -93.79 80.51
C LYS T 188 -4.22 -92.94 81.53
N PRO T 189 -3.63 -91.78 81.88
CA PRO T 189 -4.29 -90.75 82.69
C PRO T 189 -5.22 -89.89 81.84
N LEU T 190 -6.19 -89.22 82.45
CA LEU T 190 -7.07 -88.34 81.71
C LEU T 190 -6.38 -87.04 81.33
N GLN T 191 -5.60 -86.51 82.27
CA GLN T 191 -5.00 -85.20 82.14
C GLN T 191 -3.87 -85.23 81.13
N GLY T 192 -3.64 -84.10 80.46
CA GLY T 192 -2.53 -83.99 79.52
C GLY T 192 -2.92 -83.95 78.06
N GLU T 193 -2.19 -83.18 77.27
CA GLU T 193 -2.52 -82.98 75.86
C GLU T 193 -1.79 -83.97 74.94
N PHE T 194 -0.55 -84.29 75.27
CA PHE T 194 0.24 -85.24 74.47
C PHE T 194 0.29 -86.63 75.09
N THR T 195 -0.38 -86.79 76.22
CA THR T 195 -0.40 -88.05 76.96
C THR T 195 -1.03 -89.21 76.16
N THR T 196 -0.29 -90.31 76.04
CA THR T 196 -0.79 -91.50 75.34
C THR T 196 -0.72 -92.77 76.20
N TRP T 197 -1.26 -93.86 75.68
CA TRP T 197 -1.26 -95.13 76.41
C TRP T 197 0.16 -95.55 76.79
N SER T 198 0.27 -96.46 77.75
CA SER T 198 1.56 -97.02 78.15
C SER T 198 1.88 -98.22 77.29
N PRO T 199 3.17 -98.55 77.16
CA PRO T 199 3.56 -99.71 76.37
C PRO T 199 2.81 -100.94 76.86
N TRP T 200 2.64 -101.96 76.02
CA TRP T 200 1.80 -103.09 76.39
C TRP T 200 2.39 -104.04 77.44
N SER T 201 1.61 -104.30 78.48
CA SER T 201 1.97 -105.23 79.55
C SER T 201 2.36 -106.56 78.94
N GLN T 202 3.50 -107.08 79.35
CA GLN T 202 3.91 -108.40 78.93
C GLN T 202 2.65 -109.28 78.82
N PRO T 203 2.62 -110.16 77.83
CA PRO T 203 1.38 -110.93 77.76
C PRO T 203 1.31 -111.80 78.99
N LEU T 204 0.13 -111.98 79.55
CA LEU T 204 0.00 -112.98 80.59
C LEU T 204 -0.56 -114.26 79.99
N ALA T 205 0.14 -115.37 80.20
CA ALA T 205 -0.32 -116.63 79.63
C ALA T 205 -1.16 -117.41 80.62
N PHE T 206 -2.35 -117.85 80.19
CA PHE T 206 -3.25 -118.61 81.06
C PHE T 206 -4.23 -119.49 80.29
N ARG T 207 -4.51 -120.66 80.87
CA ARG T 207 -5.37 -121.68 80.25
C ARG T 207 -6.53 -121.97 81.20
N THR T 208 -7.68 -122.32 80.63
CA THR T 208 -8.93 -122.42 81.39
C THR T 208 -9.17 -123.81 82.00
N LYS T 209 -10.42 -124.03 82.42
CA LYS T 209 -10.85 -125.32 82.97
C LYS T 209 -11.56 -126.14 81.90
N PRO T 210 -11.46 -127.48 82.00
CA PRO T 210 -12.21 -128.41 81.14
C PRO T 210 -13.63 -128.68 81.64
N PRO U 4 -26.84 -86.65 130.85
CA PRO U 4 -26.40 -87.30 129.62
C PRO U 4 -27.33 -87.01 128.44
N LEU U 5 -27.22 -85.82 127.87
CA LEU U 5 -28.04 -85.42 126.73
C LEU U 5 -27.86 -86.37 125.57
N PRO U 6 -28.88 -86.47 124.71
CA PRO U 6 -28.79 -87.26 123.47
C PRO U 6 -27.83 -86.59 122.49
N GLU U 7 -26.98 -87.38 121.85
CA GLU U 7 -26.09 -86.88 120.81
C GLU U 7 -26.87 -86.58 119.53
N VAL U 8 -26.47 -85.53 118.83
CA VAL U 8 -27.14 -85.14 117.60
C VAL U 8 -26.31 -85.52 116.38
N GLN U 9 -26.98 -85.96 115.33
CA GLN U 9 -26.32 -86.21 114.04
C GLN U 9 -26.96 -85.33 112.98
N CYS U 10 -26.14 -84.80 112.08
CA CYS U 10 -26.62 -83.87 111.07
C CYS U 10 -26.23 -84.32 109.68
N PHE U 11 -27.03 -83.91 108.69
CA PHE U 11 -26.73 -84.20 107.30
C PHE U 11 -27.36 -83.15 106.38
N VAL U 12 -26.53 -82.49 105.59
CA VAL U 12 -27.00 -81.58 104.56
C VAL U 12 -27.21 -82.39 103.29
N PHE U 13 -28.45 -82.43 102.81
CA PHE U 13 -28.79 -83.27 101.67
C PHE U 13 -28.77 -82.50 100.35
N ASN U 14 -27.96 -82.98 99.41
CA ASN U 14 -27.90 -82.38 98.08
C ASN U 14 -27.78 -80.86 98.19
N VAL U 15 -27.18 -80.43 99.30
CA VAL U 15 -26.98 -79.00 99.56
C VAL U 15 -28.25 -78.18 99.35
N GLU U 16 -29.40 -78.75 99.70
CA GLU U 16 -30.67 -78.05 99.56
C GLU U 16 -31.19 -77.56 100.92
N TYR U 17 -30.84 -78.29 101.98
CA TYR U 17 -31.19 -77.91 103.34
C TYR U 17 -30.55 -78.87 104.32
N MET U 18 -30.79 -78.68 105.62
CA MET U 18 -30.19 -79.56 106.62
C MET U 18 -31.14 -79.98 107.74
N ASN U 19 -31.04 -81.27 108.11
CA ASN U 19 -31.73 -81.81 109.27
C ASN U 19 -30.72 -82.33 110.27
N CYS U 20 -31.00 -82.14 111.56
CA CYS U 20 -30.11 -82.60 112.62
C CYS U 20 -30.95 -83.20 113.74
N THR U 21 -30.81 -84.50 113.96
CA THR U 21 -31.76 -85.25 114.77
C THR U 21 -31.16 -85.94 116.00
N TRP U 22 -32.01 -86.25 116.97
CA TRP U 22 -31.63 -86.94 118.20
C TRP U 22 -32.83 -87.65 118.80
N GLN U 23 -32.58 -88.72 119.55
CA GLN U 23 -33.66 -89.43 120.23
C GLN U 23 -33.82 -88.89 121.65
N SER U 24 -35.01 -88.40 121.96
CA SER U 24 -35.27 -87.70 123.22
C SER U 24 -35.80 -88.60 124.33
N SER U 25 -36.10 -89.86 124.01
CA SER U 25 -36.76 -90.74 124.96
C SER U 25 -35.78 -91.52 125.85
N SER U 26 -34.51 -91.14 125.84
CA SER U 26 -33.49 -91.84 126.62
C SER U 26 -33.51 -91.40 128.08
N GLU U 27 -34.28 -90.37 128.38
CA GLU U 27 -34.40 -89.88 129.74
C GLU U 27 -35.88 -89.80 130.15
N PRO U 28 -36.18 -90.19 131.40
CA PRO U 28 -37.52 -90.43 131.96
C PRO U 28 -38.53 -89.26 131.87
N GLN U 29 -38.15 -88.07 132.33
CA GLN U 29 -39.05 -86.92 132.25
C GLN U 29 -39.32 -86.54 130.79
N PRO U 30 -40.60 -86.44 130.40
CA PRO U 30 -40.92 -85.94 129.06
C PRO U 30 -40.25 -84.59 128.85
N THR U 31 -39.33 -84.49 127.89
CA THR U 31 -38.47 -83.32 127.77
C THR U 31 -38.41 -82.70 126.37
N ASN U 32 -38.50 -81.37 126.33
CA ASN U 32 -38.17 -80.59 125.15
C ASN U 32 -36.76 -80.03 125.26
N LEU U 33 -35.82 -80.59 124.51
CA LEU U 33 -34.49 -80.01 124.47
C LEU U 33 -34.45 -78.90 123.42
N THR U 34 -33.87 -77.76 123.78
CA THR U 34 -33.78 -76.62 122.85
C THR U 34 -32.44 -76.60 122.12
N LEU U 35 -32.50 -76.56 120.79
CA LEU U 35 -31.30 -76.60 119.96
C LEU U 35 -30.87 -75.20 119.53
N HIS U 36 -29.56 -74.95 119.60
CA HIS U 36 -28.97 -73.68 119.18
C HIS U 36 -27.75 -73.90 118.30
N TYR U 37 -27.37 -72.89 117.53
CA TYR U 37 -26.21 -73.00 116.64
C TYR U 37 -25.50 -71.68 116.34
N TRP U 38 -24.23 -71.77 115.97
CA TRP U 38 -23.45 -70.61 115.53
C TRP U 38 -22.18 -71.03 114.79
N TYR U 39 -21.64 -70.11 113.98
CA TYR U 39 -20.42 -70.36 113.23
C TYR U 39 -19.20 -69.74 113.91
N LYS U 40 -18.32 -70.59 114.43
CA LYS U 40 -17.17 -70.13 115.20
C LYS U 40 -16.19 -69.32 114.36
N ASN U 41 -15.51 -68.39 115.01
CA ASN U 41 -14.40 -67.62 114.41
C ASN U 41 -14.67 -67.10 113.00
N SER U 42 -15.92 -66.77 112.71
CA SER U 42 -16.30 -66.30 111.39
C SER U 42 -17.13 -65.02 111.47
N ASP U 43 -17.64 -64.58 110.32
CA ASP U 43 -18.55 -63.43 110.27
C ASP U 43 -19.95 -63.84 110.71
N ASN U 44 -20.66 -62.92 111.35
CA ASN U 44 -21.98 -63.24 111.90
C ASN U 44 -21.84 -64.40 112.89
N ASP U 45 -21.05 -64.18 113.94
CA ASP U 45 -20.78 -65.20 114.95
C ASP U 45 -21.95 -65.37 115.91
N LYS U 46 -22.95 -64.50 115.76
CA LYS U 46 -24.10 -64.49 116.66
C LYS U 46 -24.77 -65.86 116.76
N VAL U 47 -24.95 -66.34 117.99
CA VAL U 47 -25.72 -67.55 118.23
C VAL U 47 -27.13 -67.33 117.72
N GLN U 48 -27.73 -68.37 117.16
CA GLN U 48 -29.10 -68.26 116.65
C GLN U 48 -29.98 -69.30 117.34
N LYS U 49 -31.24 -68.94 117.57
CA LYS U 49 -32.22 -69.89 118.07
C LYS U 49 -32.79 -70.69 116.91
N CYS U 50 -33.39 -71.83 117.22
CA CYS U 50 -33.92 -72.70 116.16
C CYS U 50 -35.29 -72.23 115.69
N SER U 51 -35.37 -71.82 114.42
CA SER U 51 -36.61 -71.32 113.86
C SER U 51 -37.62 -72.42 113.52
N HIS U 52 -37.16 -73.46 112.82
CA HIS U 52 -38.04 -74.57 112.41
C HIS U 52 -37.71 -75.87 113.15
N TYR U 53 -38.65 -76.36 113.96
CA TYR U 53 -38.47 -77.59 114.72
C TYR U 53 -39.09 -78.80 114.02
N LEU U 54 -38.50 -79.97 114.26
CA LEU U 54 -39.09 -81.24 113.83
C LEU U 54 -39.54 -82.00 115.07
N PHE U 55 -40.54 -82.88 114.92
CA PHE U 55 -41.15 -83.50 116.10
C PHE U 55 -41.44 -84.99 115.98
N SER U 56 -41.39 -85.66 117.13
CA SER U 56 -41.76 -87.06 117.25
C SER U 56 -42.57 -87.25 118.55
N GLU U 57 -43.87 -87.49 118.42
CA GLU U 57 -44.77 -87.66 119.57
C GLU U 57 -44.79 -86.43 120.48
N GLU U 58 -45.09 -85.27 119.90
CA GLU U 58 -45.15 -84.00 120.64
C GLU U 58 -43.90 -83.72 121.48
N ILE U 59 -42.77 -84.27 121.06
CA ILE U 59 -41.47 -84.02 121.69
C ILE U 59 -40.48 -83.58 120.62
N THR U 60 -39.80 -82.46 120.83
CA THR U 60 -38.83 -81.99 119.85
C THR U 60 -37.91 -83.14 119.44
N SER U 61 -37.85 -83.41 118.14
CA SER U 61 -37.05 -84.50 117.61
C SER U 61 -35.80 -83.94 116.93
N GLY U 62 -35.78 -82.62 116.74
CA GLY U 62 -34.63 -81.96 116.17
C GLY U 62 -34.96 -80.61 115.56
N CYS U 63 -34.24 -80.26 114.51
CA CYS U 63 -34.44 -79.01 113.81
C CYS U 63 -33.99 -79.09 112.35
N GLN U 64 -34.62 -78.31 111.49
CA GLN U 64 -34.19 -78.19 110.10
C GLN U 64 -33.72 -76.79 109.77
N LEU U 65 -32.67 -76.70 108.96
CA LEU U 65 -32.22 -75.41 108.45
C LEU U 65 -32.48 -75.33 106.95
N GLN U 66 -32.78 -74.12 106.48
CA GLN U 66 -33.11 -73.89 105.09
C GLN U 66 -31.88 -73.47 104.28
N LYS U 67 -32.05 -73.37 102.96
CA LYS U 67 -30.92 -73.15 102.04
C LYS U 67 -29.98 -72.01 102.44
N LYS U 68 -30.50 -70.99 103.10
CA LYS U 68 -29.71 -69.81 103.41
C LYS U 68 -29.12 -69.83 104.82
N GLU U 69 -29.37 -70.91 105.56
CA GLU U 69 -28.83 -71.07 106.90
C GLU U 69 -27.68 -72.06 106.93
N ILE U 70 -27.22 -72.48 105.75
CA ILE U 70 -26.13 -73.44 105.66
C ILE U 70 -24.88 -72.87 104.98
N HIS U 71 -23.84 -72.65 105.78
CA HIS U 71 -22.56 -72.21 105.26
C HIS U 71 -21.55 -73.36 105.37
N LEU U 72 -21.31 -74.05 104.25
CA LEU U 72 -20.29 -75.08 104.22
C LEU U 72 -18.94 -74.41 104.42
N TYR U 73 -17.92 -75.20 104.74
CA TYR U 73 -16.56 -74.70 104.79
C TYR U 73 -16.40 -73.64 105.86
N GLN U 74 -17.45 -73.47 106.66
CA GLN U 74 -17.40 -72.65 107.86
C GLN U 74 -17.73 -73.55 109.04
N THR U 75 -16.82 -73.64 110.00
CA THR U 75 -16.99 -74.52 111.15
C THR U 75 -18.32 -74.29 111.85
N PHE U 76 -19.11 -75.36 111.98
CA PHE U 76 -20.48 -75.25 112.47
C PHE U 76 -20.70 -75.87 113.84
N VAL U 77 -21.04 -75.04 114.82
CA VAL U 77 -21.32 -75.51 116.18
C VAL U 77 -22.82 -75.70 116.40
N VAL U 78 -23.16 -76.70 117.21
CA VAL U 78 -24.53 -76.91 117.64
C VAL U 78 -24.56 -77.19 119.14
N GLN U 79 -25.66 -76.83 119.80
CA GLN U 79 -25.79 -77.02 121.24
C GLN U 79 -27.21 -77.39 121.61
N LEU U 80 -27.37 -78.51 122.29
CA LEU U 80 -28.67 -78.89 122.83
C LEU U 80 -28.78 -78.52 124.29
N GLN U 81 -29.99 -78.19 124.69
CA GLN U 81 -30.21 -77.60 125.99
C GLN U 81 -31.45 -78.19 126.67
N ASP U 82 -31.28 -78.78 127.85
CA ASP U 82 -32.41 -79.16 128.66
C ASP U 82 -32.96 -77.89 129.29
N PRO U 83 -34.17 -77.48 128.87
CA PRO U 83 -34.72 -76.17 129.19
C PRO U 83 -34.62 -75.86 130.68
N ARG U 84 -34.59 -76.90 131.51
CA ARG U 84 -34.60 -76.74 132.95
C ARG U 84 -33.27 -76.25 133.51
N GLU U 85 -32.20 -76.99 133.21
CA GLU U 85 -30.92 -76.73 133.85
C GLU U 85 -29.84 -76.30 132.85
N PRO U 86 -29.30 -75.08 133.04
CA PRO U 86 -28.22 -74.52 132.22
C PRO U 86 -26.93 -75.33 132.33
N ARG U 87 -26.70 -75.90 133.51
CA ARG U 87 -25.51 -76.70 133.78
C ARG U 87 -25.47 -77.96 132.92
N ARG U 88 -26.60 -78.28 132.29
CA ARG U 88 -26.69 -79.47 131.44
C ARG U 88 -26.87 -79.07 129.97
N GLN U 89 -25.78 -79.15 129.22
CA GLN U 89 -25.79 -78.77 127.81
C GLN U 89 -24.74 -79.60 127.07
N ALA U 90 -25.00 -79.88 125.80
CA ALA U 90 -24.03 -80.58 124.97
C ALA U 90 -23.51 -79.67 123.86
N THR U 91 -22.21 -79.74 123.60
CA THR U 91 -21.57 -78.92 122.57
C THR U 91 -20.73 -79.75 121.60
N GLN U 92 -21.17 -79.83 120.35
CA GLN U 92 -20.44 -80.52 119.31
C GLN U 92 -20.23 -79.62 118.10
N MET U 93 -18.98 -79.29 117.81
CA MET U 93 -18.64 -78.54 116.60
C MET U 93 -18.70 -79.49 115.41
N LEU U 94 -19.01 -78.96 114.22
CA LEU U 94 -19.24 -79.82 113.07
C LEU U 94 -18.67 -79.31 111.75
N LYS U 95 -18.02 -80.21 111.00
CA LYS U 95 -17.55 -79.93 109.65
C LYS U 95 -18.59 -80.41 108.64
N LEU U 96 -19.43 -79.50 108.15
CA LEU U 96 -20.59 -79.87 107.34
C LEU U 96 -20.33 -80.35 105.92
N GLN U 97 -19.25 -79.87 105.30
CA GLN U 97 -18.88 -80.37 103.98
C GLN U 97 -18.62 -81.86 104.10
N ASN U 98 -18.39 -82.31 105.32
CA ASN U 98 -18.16 -83.73 105.62
C ASN U 98 -19.45 -84.55 105.71
N LEU U 99 -20.58 -83.89 105.89
CA LEU U 99 -21.83 -84.62 106.15
C LEU U 99 -22.90 -84.47 105.07
N VAL U 100 -22.51 -83.92 103.92
CA VAL U 100 -23.43 -83.74 102.82
C VAL U 100 -23.71 -85.07 102.14
N ILE U 101 -24.98 -85.35 101.88
CA ILE U 101 -25.40 -86.59 101.24
C ILE U 101 -26.21 -86.36 99.97
N PRO U 102 -25.71 -86.87 98.82
CA PRO U 102 -26.21 -86.63 97.46
C PRO U 102 -27.50 -87.37 97.11
N TRP U 103 -28.41 -86.71 96.40
CA TRP U 103 -29.58 -87.39 95.88
C TRP U 103 -29.13 -88.42 94.85
N ALA U 104 -29.64 -89.64 94.98
CA ALA U 104 -29.16 -90.77 94.18
C ALA U 104 -29.15 -90.53 92.67
N PRO U 105 -28.37 -91.34 91.93
CA PRO U 105 -28.29 -91.26 90.47
C PRO U 105 -29.65 -91.48 89.81
N GLU U 106 -29.87 -90.84 88.67
CA GLU U 106 -31.10 -91.00 87.91
C GLU U 106 -30.82 -91.45 86.47
N ASN U 107 -31.89 -91.61 85.70
CA ASN U 107 -31.79 -91.86 84.27
C ASN U 107 -30.72 -92.88 83.85
N LEU U 108 -30.63 -93.99 84.56
CA LEU U 108 -29.62 -95.01 84.22
C LEU U 108 -29.80 -95.55 82.80
N THR U 109 -28.75 -95.44 82.00
CA THR U 109 -28.80 -95.84 80.60
C THR U 109 -27.73 -96.90 80.30
N LEU U 110 -27.98 -97.70 79.27
CA LEU U 110 -26.98 -98.69 78.82
C LEU U 110 -26.99 -98.82 77.30
N HIS U 111 -25.89 -98.43 76.67
CA HIS U 111 -25.77 -98.57 75.21
C HIS U 111 -24.46 -99.24 74.78
N LYS U 112 -24.60 -100.39 74.14
CA LYS U 112 -23.49 -101.25 73.74
C LYS U 112 -22.47 -100.52 72.86
N LEU U 113 -21.18 -100.75 73.13
CA LEU U 113 -20.12 -100.11 72.36
C LEU U 113 -19.55 -101.07 71.31
N SER U 114 -19.93 -102.34 71.45
CA SER U 114 -19.51 -103.39 70.54
C SER U 114 -20.33 -104.64 70.83
N GLU U 115 -20.13 -105.69 70.05
CA GLU U 115 -20.90 -106.91 70.19
C GLU U 115 -20.91 -107.45 71.62
N SER U 116 -19.75 -107.49 72.26
CA SER U 116 -19.64 -108.08 73.59
C SER U 116 -19.48 -107.07 74.73
N GLN U 117 -19.60 -105.78 74.41
CA GLN U 117 -19.39 -104.74 75.42
C GLN U 117 -20.61 -103.84 75.54
N LEU U 118 -20.80 -103.28 76.72
CA LEU U 118 -21.88 -102.33 76.94
C LEU U 118 -21.38 -101.27 77.92
N GLU U 119 -22.11 -100.16 78.06
CA GLU U 119 -21.67 -99.05 78.91
C GLU U 119 -22.80 -98.42 79.71
N LEU U 120 -22.55 -98.15 80.99
CA LEU U 120 -23.53 -97.46 81.85
C LEU U 120 -23.39 -95.95 81.72
N ASN U 121 -24.47 -95.22 82.01
CA ASN U 121 -24.45 -93.76 82.02
C ASN U 121 -25.58 -93.16 82.89
N TRP U 122 -25.21 -92.36 83.88
CA TRP U 122 -26.18 -91.77 84.80
C TRP U 122 -25.95 -90.27 84.94
N ASN U 123 -26.63 -89.67 85.91
CA ASN U 123 -26.48 -88.25 86.22
C ASN U 123 -26.67 -87.98 87.71
N ASN U 124 -26.55 -86.72 88.09
CA ASN U 124 -26.84 -86.29 89.44
C ASN U 124 -27.48 -84.90 89.47
N ARG U 125 -28.20 -84.60 90.55
CA ARG U 125 -29.06 -83.40 90.60
C ARG U 125 -28.46 -81.98 90.49
N PHE U 126 -27.38 -81.66 91.19
CA PHE U 126 -26.81 -80.31 91.07
C PHE U 126 -25.28 -80.32 91.04
N LEU U 127 -24.68 -80.59 92.20
CA LEU U 127 -23.24 -80.80 92.28
C LEU U 127 -22.81 -81.78 91.21
N ASN U 128 -21.63 -81.58 90.63
CA ASN U 128 -21.19 -82.41 89.51
C ASN U 128 -19.89 -83.20 89.75
N HIS U 129 -18.77 -82.53 89.56
CA HIS U 129 -17.47 -83.19 89.73
C HIS U 129 -17.14 -83.41 91.20
N CYS U 130 -18.03 -82.94 92.08
CA CYS U 130 -17.81 -83.05 93.52
C CYS U 130 -18.11 -84.43 94.08
N LEU U 131 -18.88 -85.21 93.33
CA LEU U 131 -19.32 -86.52 93.80
C LEU U 131 -18.63 -87.65 93.05
N GLU U 132 -18.16 -88.64 93.80
CA GLU U 132 -17.68 -89.89 93.23
C GLU U 132 -18.81 -90.91 93.32
N HIS U 133 -18.55 -92.14 92.89
CA HIS U 133 -19.58 -93.16 92.93
C HIS U 133 -19.00 -94.54 93.22
N LEU U 134 -19.89 -95.47 93.56
CA LEU U 134 -19.57 -96.88 93.56
C LEU U 134 -20.62 -97.59 92.71
N VAL U 135 -20.19 -98.51 91.87
CA VAL U 135 -21.11 -99.25 91.01
C VAL U 135 -21.21 -100.70 91.44
N GLN U 136 -22.41 -101.26 91.32
CA GLN U 136 -22.66 -102.64 91.70
C GLN U 136 -23.55 -103.33 90.67
N TYR U 137 -23.07 -104.42 90.08
CA TYR U 137 -23.87 -105.16 89.11
C TYR U 137 -23.82 -106.67 89.42
N ARG U 138 -24.93 -107.36 89.16
CA ARG U 138 -24.97 -108.81 89.35
C ARG U 138 -25.79 -109.53 88.28
N THR U 139 -25.24 -110.64 87.79
CA THR U 139 -25.95 -111.52 86.88
C THR U 139 -26.87 -112.40 87.72
N ASP U 140 -27.95 -112.91 87.12
CA ASP U 140 -28.85 -113.81 87.84
C ASP U 140 -28.07 -115.01 88.37
N TRP U 141 -27.02 -115.40 87.65
CA TRP U 141 -26.16 -116.52 88.05
C TRP U 141 -25.40 -116.19 89.34
N ASP U 142 -24.71 -115.05 89.33
CA ASP U 142 -23.87 -114.66 90.46
C ASP U 142 -24.58 -114.74 91.80
N HIS U 143 -23.82 -115.10 92.83
CA HIS U 143 -24.38 -115.25 94.17
C HIS U 143 -24.35 -113.94 94.97
N SER U 144 -23.23 -113.23 94.94
CA SER U 144 -23.15 -111.90 95.57
C SER U 144 -22.77 -110.79 94.60
N TRP U 145 -22.73 -109.56 95.10
CA TRP U 145 -22.54 -108.38 94.26
C TRP U 145 -21.09 -108.13 93.84
N THR U 146 -20.92 -107.60 92.64
CA THR U 146 -19.61 -107.18 92.14
C THR U 146 -19.51 -105.65 92.12
N GLU U 147 -18.75 -105.09 93.07
CA GLU U 147 -18.70 -103.64 93.27
C GLU U 147 -17.41 -103.02 92.73
N GLN U 148 -17.53 -101.80 92.20
CA GLN U 148 -16.39 -101.02 91.73
C GLN U 148 -16.65 -99.53 91.90
N SER U 149 -15.68 -98.83 92.47
CA SER U 149 -15.80 -97.39 92.70
C SER U 149 -15.45 -96.63 91.43
N VAL U 150 -16.02 -95.44 91.25
CA VAL U 150 -15.78 -94.63 90.06
C VAL U 150 -15.72 -93.12 90.33
N ASP U 151 -14.95 -92.40 89.51
CA ASP U 151 -14.63 -90.99 89.73
C ASP U 151 -15.72 -90.00 89.30
N TYR U 152 -15.30 -88.75 89.08
CA TYR U 152 -16.23 -87.65 88.77
C TYR U 152 -17.01 -87.87 87.48
N ARG U 153 -16.45 -88.65 86.57
CA ARG U 153 -17.18 -89.07 85.38
C ARG U 153 -18.34 -89.97 85.78
N HIS U 154 -19.33 -90.09 84.91
CA HIS U 154 -20.54 -90.83 85.25
C HIS U 154 -20.64 -92.16 84.50
N LYS U 155 -19.66 -92.48 83.68
CA LYS U 155 -19.70 -93.72 82.91
C LYS U 155 -19.23 -94.90 83.76
N PHE U 156 -19.59 -96.12 83.33
CA PHE U 156 -18.91 -97.34 83.78
C PHE U 156 -18.87 -98.41 82.70
N SER U 157 -17.75 -99.13 82.64
CA SER U 157 -17.48 -100.10 81.58
C SER U 157 -17.71 -101.54 82.00
N LEU U 158 -18.15 -102.35 81.05
CA LEU U 158 -18.16 -103.80 81.16
C LEU U 158 -17.71 -104.35 79.82
N PRO U 159 -16.43 -104.72 79.74
CA PRO U 159 -15.73 -105.11 78.50
C PRO U 159 -16.16 -106.48 77.96
N SER U 160 -16.41 -107.44 78.83
CA SER U 160 -16.82 -108.78 78.38
C SER U 160 -18.07 -109.25 79.12
N VAL U 161 -19.17 -109.35 78.37
CA VAL U 161 -20.42 -109.83 78.94
C VAL U 161 -20.86 -111.11 78.25
N ASP U 162 -21.56 -111.96 78.98
CA ASP U 162 -22.12 -113.18 78.39
C ASP U 162 -23.60 -113.01 78.10
N GLY U 163 -23.93 -112.92 76.82
CA GLY U 163 -25.31 -112.75 76.38
C GLY U 163 -26.23 -113.87 76.83
N GLN U 164 -25.65 -114.98 77.30
CA GLN U 164 -26.45 -116.10 77.78
C GLN U 164 -26.95 -115.83 79.19
N LYS U 165 -26.77 -114.59 79.64
CA LYS U 165 -27.13 -114.20 81.01
C LYS U 165 -27.93 -112.89 81.06
N ARG U 166 -28.51 -112.60 82.22
CA ARG U 166 -29.25 -111.34 82.43
C ARG U 166 -28.56 -110.49 83.50
N TYR U 167 -28.73 -109.17 83.42
CA TYR U 167 -27.92 -108.27 84.25
C TYR U 167 -28.71 -107.29 85.10
N THR U 168 -28.14 -106.93 86.25
CA THR U 168 -28.73 -105.94 87.14
C THR U 168 -27.70 -104.91 87.63
N PHE U 169 -27.92 -103.65 87.28
CA PHE U 169 -27.01 -102.56 87.65
C PHE U 169 -27.60 -101.59 88.67
N ARG U 170 -26.76 -101.18 89.63
CA ARG U 170 -27.13 -100.16 90.61
C ARG U 170 -25.92 -99.34 91.04
N VAL U 171 -26.09 -98.02 91.13
CA VAL U 171 -24.97 -97.11 91.36
C VAL U 171 -25.30 -96.01 92.38
N ARG U 172 -24.49 -95.90 93.43
CA ARG U 172 -24.67 -94.88 94.47
C ARG U 172 -23.49 -93.91 94.50
N SER U 173 -23.74 -92.71 95.03
CA SER U 173 -22.73 -91.66 95.01
C SER U 173 -22.45 -91.07 96.40
N ARG U 174 -21.38 -90.29 96.50
CA ARG U 174 -20.96 -89.69 97.76
C ARG U 174 -20.19 -88.38 97.54
N PHE U 175 -20.22 -87.50 98.54
CA PHE U 175 -19.56 -86.19 98.48
C PHE U 175 -18.11 -86.29 98.89
N ASN U 176 -17.19 -86.40 97.92
CA ASN U 176 -15.78 -86.71 98.19
C ASN U 176 -15.04 -86.90 96.86
N PRO U 177 -13.71 -86.74 96.84
CA PRO U 177 -12.81 -86.20 97.85
C PRO U 177 -12.53 -84.73 97.60
N LEU U 178 -12.94 -84.20 96.45
CA LEU U 178 -12.61 -82.82 96.10
C LEU U 178 -13.32 -81.78 96.95
N CYS U 179 -14.65 -81.84 96.99
CA CYS U 179 -15.43 -80.83 97.69
C CYS U 179 -15.68 -81.15 99.16
N GLY U 180 -15.35 -82.37 99.59
CA GLY U 180 -15.59 -82.75 100.97
C GLY U 180 -15.06 -84.13 101.33
N SER U 181 -15.08 -84.46 102.62
CA SER U 181 -14.59 -85.75 103.11
C SER U 181 -15.74 -86.70 103.47
N ALA U 182 -16.96 -86.34 103.08
CA ALA U 182 -18.17 -87.07 103.44
C ALA U 182 -17.98 -88.57 103.40
N GLN U 183 -18.25 -89.23 104.52
CA GLN U 183 -18.04 -90.67 104.63
C GLN U 183 -19.28 -91.48 104.25
N HIS U 184 -20.43 -91.07 104.75
CA HIS U 184 -21.68 -91.77 104.46
C HIS U 184 -22.05 -91.67 102.99
N TRP U 185 -22.96 -92.53 102.56
CA TRP U 185 -23.37 -92.58 101.16
C TRP U 185 -24.81 -92.09 100.94
N SER U 186 -25.25 -92.14 99.69
CA SER U 186 -26.60 -91.74 99.36
C SER U 186 -27.51 -92.96 99.34
N GLU U 187 -28.78 -92.74 99.04
CA GLU U 187 -29.68 -93.85 98.77
C GLU U 187 -29.35 -94.37 97.38
N TRP U 188 -29.72 -95.62 97.10
CA TRP U 188 -29.35 -96.26 95.84
C TRP U 188 -30.12 -95.69 94.65
N SER U 189 -29.58 -95.88 93.46
CA SER U 189 -30.25 -95.46 92.25
C SER U 189 -31.26 -96.50 91.80
N HIS U 190 -32.27 -96.08 91.05
CA HIS U 190 -33.25 -97.00 90.50
C HIS U 190 -32.60 -97.98 89.52
N PRO U 191 -32.50 -99.26 89.92
CA PRO U 191 -31.73 -100.27 89.19
C PRO U 191 -32.24 -100.48 87.77
N ILE U 192 -31.39 -100.98 86.88
CA ILE U 192 -31.80 -101.35 85.52
C ILE U 192 -31.16 -102.66 85.05
N HIS U 193 -31.78 -103.32 84.10
CA HIS U 193 -31.40 -104.69 83.73
C HIS U 193 -30.95 -104.81 82.27
N TRP U 194 -30.41 -105.97 81.92
CA TRP U 194 -29.91 -106.21 80.58
C TRP U 194 -29.80 -107.71 80.29
N SER V 9 -8.89 52.62 -13.55
CA SER V 9 -7.76 52.07 -14.28
C SER V 9 -6.52 52.92 -14.06
N THR V 10 -6.44 54.03 -14.79
CA THR V 10 -5.40 55.04 -14.54
C THR V 10 -5.43 55.41 -13.05
N LYS V 11 -6.63 55.32 -12.47
CA LYS V 11 -6.85 55.66 -11.07
C LYS V 11 -6.38 54.53 -10.14
N LYS V 12 -6.70 53.29 -10.53
CA LYS V 12 -6.33 52.12 -9.74
C LYS V 12 -4.81 52.08 -9.52
N THR V 13 -4.06 52.30 -10.59
CA THR V 13 -2.60 52.26 -10.54
C THR V 13 -1.98 53.53 -9.94
N GLN V 14 -2.80 54.56 -9.76
CA GLN V 14 -2.40 55.76 -9.05
C GLN V 14 -2.19 55.39 -7.58
N LEU V 15 -3.19 54.74 -7.01
CA LEU V 15 -3.12 54.27 -5.62
C LEU V 15 -2.00 53.24 -5.44
N GLN V 16 -1.56 52.68 -6.56
CA GLN V 16 -0.46 51.72 -6.57
C GLN V 16 0.89 52.39 -6.62
N LEU V 17 0.94 53.57 -7.21
CA LEU V 17 2.11 54.41 -7.15
C LEU V 17 2.13 55.10 -5.79
N GLU V 18 0.96 55.13 -5.17
CA GLU V 18 0.79 55.79 -3.90
C GLU V 18 1.46 54.91 -2.86
N HIS V 19 1.02 53.66 -2.76
CA HIS V 19 1.57 52.73 -1.77
C HIS V 19 3.04 52.37 -1.96
N LEU V 20 3.48 52.34 -3.22
CA LEU V 20 4.89 52.11 -3.51
C LEU V 20 5.67 53.26 -2.89
N LEU V 21 5.16 54.46 -3.08
CA LEU V 21 5.80 55.65 -2.58
C LEU V 21 5.96 55.54 -1.08
N LEU V 22 4.84 55.46 -0.39
CA LEU V 22 4.82 55.39 1.07
C LEU V 22 5.50 54.14 1.61
N ASP V 23 5.83 53.20 0.72
CA ASP V 23 6.65 52.06 1.10
C ASP V 23 8.11 52.44 1.03
N LEU V 24 8.46 53.19 0.00
CA LEU V 24 9.83 53.61 -0.22
C LEU V 24 10.26 54.67 0.80
N GLN V 25 9.55 55.80 0.86
CA GLN V 25 9.86 56.83 1.83
C GLN V 25 10.21 56.22 3.20
N MET V 26 9.58 55.09 3.52
CA MET V 26 9.75 54.46 4.84
C MET V 26 11.11 53.82 5.06
N ILE V 27 11.78 53.40 3.99
CA ILE V 27 13.12 52.87 4.15
C ILE V 27 14.07 54.03 4.14
N LEU V 28 13.62 55.14 3.57
CA LEU V 28 14.40 56.36 3.56
C LEU V 28 14.46 56.93 4.97
N ASN V 29 13.28 57.19 5.52
CA ASN V 29 13.13 57.70 6.87
C ASN V 29 13.48 56.63 7.91
N GLY V 30 13.92 55.48 7.43
CA GLY V 30 14.38 54.43 8.33
C GLY V 30 15.88 54.42 8.39
N ILE V 31 16.51 54.89 7.31
CA ILE V 31 17.97 54.88 7.21
C ILE V 31 18.59 56.22 7.63
N ASN V 32 17.77 57.22 7.94
CA ASN V 32 18.31 58.53 8.34
C ASN V 32 18.06 58.95 9.80
N ASN V 33 17.63 57.99 10.62
CA ASN V 33 17.47 58.20 12.06
C ASN V 33 18.46 57.36 12.87
N TYR V 34 19.03 56.35 12.22
CA TYR V 34 19.86 55.36 12.87
C TYR V 34 21.26 55.87 13.12
N LYS V 38 26.99 52.08 12.18
CA LYS V 38 27.39 51.48 10.91
C LYS V 38 26.74 52.13 9.68
N LEU V 39 25.98 53.20 9.91
CA LEU V 39 25.25 53.85 8.81
C LEU V 39 26.17 54.28 7.66
N THR V 40 27.47 54.34 7.90
CA THR V 40 28.38 54.72 6.83
C THR V 40 28.85 53.50 6.06
N ARG V 41 28.71 52.32 6.65
CA ARG V 41 28.93 51.10 5.87
C ARG V 41 27.85 51.02 4.81
N MET V 42 26.66 51.48 5.16
CA MET V 42 25.53 51.50 4.24
C MET V 42 25.73 52.55 3.13
N LEU V 43 26.59 53.53 3.38
CA LEU V 43 26.82 54.62 2.42
C LEU V 43 28.05 54.35 1.54
N THR V 44 28.77 53.28 1.85
CA THR V 44 29.92 52.87 1.07
C THR V 44 29.51 51.86 -0.01
N PHE V 45 28.33 51.28 0.15
CA PHE V 45 27.76 50.39 -0.85
C PHE V 45 27.07 51.20 -1.96
N LYS V 46 27.60 51.11 -3.18
CA LYS V 46 27.07 51.92 -4.27
C LYS V 46 25.95 51.22 -5.03
N PHE V 47 25.02 52.00 -5.56
CA PHE V 47 23.83 51.48 -6.24
C PHE V 47 23.74 51.92 -7.70
N TYR V 48 22.85 51.27 -8.44
CA TYR V 48 22.71 51.52 -9.88
C TYR V 48 21.56 52.46 -10.23
N MET V 49 21.89 53.53 -10.94
CA MET V 49 20.89 54.52 -11.32
C MET V 49 20.30 54.21 -12.70
N PRO V 50 18.97 54.38 -12.85
CA PRO V 50 18.43 54.18 -14.19
C PRO V 50 19.01 55.24 -15.09
N LYS V 51 19.16 54.95 -16.38
CA LYS V 51 19.58 55.99 -17.30
C LYS V 51 18.50 57.08 -17.32
N LYS V 52 17.26 56.68 -17.57
CA LYS V 52 16.08 57.56 -17.50
C LYS V 52 14.88 56.79 -16.98
N ALA V 53 13.91 57.50 -16.41
CA ALA V 53 12.73 56.86 -15.86
C ALA V 53 11.54 57.81 -15.94
N THR V 54 10.76 57.71 -17.02
CA THR V 54 9.68 58.66 -17.26
C THR V 54 8.28 58.03 -17.39
N GLU V 55 8.23 56.69 -17.39
CA GLU V 55 6.96 55.99 -17.38
C GLU V 55 7.13 54.65 -16.67
N LEU V 56 6.02 53.99 -16.40
CA LEU V 56 6.03 52.78 -15.57
C LEU V 56 7.05 51.72 -15.97
N LYS V 57 7.10 51.35 -17.24
CA LYS V 57 7.93 50.24 -17.70
C LYS V 57 9.42 50.41 -17.37
N HIS V 58 9.83 51.60 -16.98
CA HIS V 58 11.23 51.85 -16.64
C HIS V 58 11.59 51.32 -15.24
N LEU V 59 10.57 50.95 -14.47
CA LEU V 59 10.75 50.42 -13.13
C LEU V 59 11.76 49.29 -13.13
N GLN V 60 11.80 48.52 -14.22
CA GLN V 60 12.74 47.41 -14.32
C GLN V 60 14.01 47.76 -13.57
N CYS V 61 14.57 48.93 -13.88
CA CYS V 61 15.80 49.39 -13.25
C CYS V 61 15.74 49.22 -11.74
N LEU V 62 14.59 49.51 -11.17
CA LEU V 62 14.40 49.37 -9.73
C LEU V 62 14.12 47.94 -9.30
N GLU V 63 13.61 47.11 -10.19
CA GLU V 63 13.31 45.75 -9.77
C GLU V 63 14.58 44.92 -9.74
N GLU V 64 15.55 45.33 -10.54
CA GLU V 64 16.75 44.51 -10.80
C GLU V 64 17.84 44.59 -9.72
N GLU V 65 18.33 45.79 -9.43
CA GLU V 65 19.28 45.94 -8.32
C GLU V 65 18.51 46.18 -7.00
N LEU V 66 17.32 45.61 -6.93
CA LEU V 66 16.58 45.52 -5.69
C LEU V 66 17.27 44.48 -4.82
N LYS V 67 17.52 43.31 -5.41
CA LYS V 67 18.06 42.17 -4.64
C LYS V 67 19.28 42.45 -3.75
N PRO V 68 20.11 43.45 -4.10
CA PRO V 68 21.16 43.81 -3.14
C PRO V 68 20.63 44.62 -1.96
N LEU V 69 19.74 45.57 -2.22
CA LEU V 69 19.12 46.34 -1.15
C LEU V 69 18.73 45.49 0.08
N GLU V 70 17.98 44.40 -0.13
CA GLU V 70 17.55 43.54 0.98
C GLU V 70 18.74 43.32 1.91
N GLU V 71 19.91 43.09 1.34
CA GLU V 71 21.12 42.81 2.14
C GLU V 71 21.78 44.05 2.78
N VAL V 72 21.80 45.16 2.04
CA VAL V 72 22.32 46.40 2.60
C VAL V 72 21.40 46.63 3.72
N LEU V 73 20.12 46.33 3.50
CA LEU V 73 19.15 46.37 4.57
C LEU V 73 19.34 45.23 5.56
N ASN V 74 20.18 44.26 5.22
CA ASN V 74 20.65 43.30 6.21
C ASN V 74 22.11 43.59 6.53
N LEU V 75 22.38 44.89 6.55
CA LEU V 75 23.58 45.44 7.14
C LEU V 75 23.25 45.80 8.58
N ALA V 76 22.04 46.32 8.76
CA ALA V 76 21.64 46.83 10.05
C ALA V 76 21.03 45.73 10.91
N HIS V 77 21.22 45.84 12.22
CA HIS V 77 20.66 44.87 13.14
C HIS V 77 19.16 45.04 13.22
N SER V 78 18.46 43.95 13.54
CA SER V 78 17.01 43.88 13.54
C SER V 78 16.24 45.03 14.22
N LYS V 79 16.54 45.29 15.49
CA LYS V 79 15.78 46.27 16.29
C LYS V 79 15.61 47.62 15.62
N ASN V 80 16.64 48.07 14.91
CA ASN V 80 16.74 49.45 14.45
C ASN V 80 15.69 49.90 13.42
N PHE V 81 14.93 48.96 12.87
CA PHE V 81 13.99 49.31 11.80
C PHE V 81 12.53 49.02 12.14
N HIS V 82 11.70 50.05 12.04
CA HIS V 82 10.26 49.88 12.24
C HIS V 82 9.70 48.81 11.31
N PHE V 83 10.38 48.62 10.18
CA PHE V 83 9.98 47.64 9.17
C PHE V 83 10.92 46.44 9.12
N ASP V 84 10.72 45.58 8.12
CA ASP V 84 11.47 44.34 8.02
C ASP V 84 12.25 44.28 6.71
N PRO V 85 13.59 44.26 6.79
CA PRO V 85 14.46 44.33 5.62
C PRO V 85 14.00 43.35 4.56
N ARG V 86 13.96 42.07 4.93
CA ARG V 86 13.57 41.01 4.02
C ARG V 86 12.10 41.06 3.67
N ASP V 87 11.27 41.58 4.57
CA ASP V 87 9.84 41.66 4.30
C ASP V 87 9.54 42.78 3.31
N VAL V 88 9.92 44.00 3.65
CA VAL V 88 9.44 45.19 2.96
C VAL V 88 9.70 45.27 1.47
N VAL V 89 10.79 44.70 1.00
CA VAL V 89 11.00 44.72 -0.44
C VAL V 89 10.15 43.66 -1.12
N SER V 90 9.73 42.66 -0.36
CA SER V 90 8.83 41.65 -0.92
C SER V 90 7.65 42.43 -1.43
N ASN V 91 7.09 43.28 -0.58
CA ASN V 91 6.00 44.14 -1.01
C ASN V 91 6.37 44.89 -2.30
N ILE V 92 7.53 45.54 -2.33
CA ILE V 92 8.01 46.23 -3.54
C ILE V 92 8.26 45.30 -4.75
N ASN V 93 8.78 44.10 -4.52
CA ASN V 93 8.91 43.10 -5.58
C ASN V 93 7.52 42.78 -6.07
N VAL V 94 6.56 43.02 -5.18
CA VAL V 94 5.16 42.80 -5.46
C VAL V 94 4.43 44.08 -5.91
N PHE V 95 5.10 45.24 -5.83
CA PHE V 95 4.47 46.48 -6.30
C PHE V 95 4.88 46.91 -7.72
N VAL V 96 6.14 46.67 -8.07
CA VAL V 96 6.58 47.01 -9.41
C VAL V 96 5.90 46.06 -10.40
N LEU V 97 6.05 44.77 -10.16
CA LEU V 97 5.50 43.72 -11.04
C LEU V 97 4.02 43.81 -11.34
N GLU V 98 3.36 44.81 -10.77
CA GLU V 98 1.98 45.12 -11.13
C GLU V 98 1.96 46.50 -11.74
N LEU V 99 3.15 47.06 -11.96
CA LEU V 99 3.26 48.39 -12.55
C LEU V 99 3.76 48.47 -13.99
N LYS V 100 4.70 47.59 -14.39
CA LYS V 100 5.20 47.63 -15.77
C LYS V 100 4.20 46.98 -16.72
N GLY V 101 4.17 45.65 -16.73
CA GLY V 101 3.31 44.91 -17.65
C GLY V 101 4.03 43.92 -18.55
N PHE V 106 11.08 44.19 -22.81
CA PHE V 106 11.86 45.40 -22.57
C PHE V 106 13.15 45.08 -21.83
N MET V 107 14.15 45.95 -21.95
CA MET V 107 15.45 45.76 -21.32
C MET V 107 15.90 47.05 -20.64
N CYS V 108 16.44 46.95 -19.43
CA CYS V 108 16.82 48.15 -18.68
C CYS V 108 18.24 48.64 -18.98
N GLU V 109 18.34 49.93 -19.30
CA GLU V 109 19.62 50.58 -19.58
C GLU V 109 19.96 51.51 -18.41
N TYR V 110 21.21 51.47 -17.98
CA TYR V 110 21.62 52.11 -16.73
C TYR V 110 22.39 53.42 -16.91
N ALA V 111 22.59 54.12 -15.80
CA ALA V 111 23.35 55.37 -15.79
C ALA V 111 24.85 55.13 -15.63
N ASP V 112 25.64 56.18 -15.80
CA ASP V 112 27.09 56.04 -15.71
C ASP V 112 27.63 56.53 -14.38
N GLU V 113 26.75 56.99 -13.50
CA GLU V 113 27.15 57.38 -12.14
C GLU V 113 26.43 56.51 -11.09
N THR V 114 27.21 55.85 -10.23
CA THR V 114 26.63 55.13 -9.09
C THR V 114 26.23 56.13 -8.02
N ALA V 115 25.16 55.85 -7.28
CA ALA V 115 24.72 56.75 -6.21
C ALA V 115 24.70 56.05 -4.86
N THR V 116 24.35 56.81 -3.82
CA THR V 116 24.21 56.24 -2.50
C THR V 116 22.82 55.70 -2.37
N ILE V 117 22.64 54.76 -1.46
CA ILE V 117 21.32 54.20 -1.23
C ILE V 117 20.35 55.34 -0.98
N VAL V 118 20.83 56.38 -0.33
CA VAL V 118 19.97 57.53 -0.10
C VAL V 118 19.57 58.11 -1.46
N GLU V 119 20.56 58.55 -2.23
CA GLU V 119 20.32 59.09 -3.56
C GLU V 119 19.53 58.09 -4.39
N PHE V 120 19.84 56.81 -4.17
CA PHE V 120 19.09 55.71 -4.78
C PHE V 120 17.59 55.89 -4.49
N LEU V 121 17.21 55.78 -3.22
CA LEU V 121 15.81 55.86 -2.83
C LEU V 121 15.22 57.24 -3.13
N ASN V 122 16.09 58.25 -3.15
CA ASN V 122 15.69 59.60 -3.54
C ASN V 122 15.25 59.60 -4.99
N ARG V 123 16.12 59.07 -5.86
CA ARG V 123 15.84 58.97 -7.28
C ARG V 123 14.54 58.23 -7.56
N TRP V 124 14.31 57.13 -6.85
CA TRP V 124 13.15 56.29 -7.11
C TRP V 124 11.86 56.82 -6.49
N ILE V 125 11.95 57.30 -5.26
CA ILE V 125 10.82 57.99 -4.66
C ILE V 125 10.37 59.01 -5.69
N THR V 126 11.34 59.71 -6.26
CA THR V 126 11.12 60.67 -7.33
C THR V 126 10.22 60.10 -8.40
N PHE V 127 10.62 58.95 -8.94
CA PHE V 127 9.86 58.35 -10.04
C PHE V 127 8.36 58.46 -9.79
N CYS V 128 7.92 58.02 -8.62
CA CYS V 128 6.51 58.03 -8.29
C CYS V 128 6.01 59.43 -7.99
N GLN V 129 6.70 60.11 -7.08
CA GLN V 129 6.39 61.49 -6.80
C GLN V 129 6.13 62.19 -8.14
N SER V 130 6.82 61.73 -9.18
CA SER V 130 6.60 62.24 -10.53
C SER V 130 5.31 61.68 -11.13
N ILE V 131 5.31 60.37 -11.35
CA ILE V 131 4.23 59.69 -12.08
C ILE V 131 2.84 59.96 -11.51
N ILE V 132 2.77 60.20 -10.20
CA ILE V 132 1.47 60.47 -9.58
C ILE V 132 1.00 61.87 -9.95
N SER V 133 1.97 62.78 -10.07
CA SER V 133 1.72 64.17 -10.46
C SER V 133 0.90 64.25 -11.75
N THR V 134 1.55 63.99 -12.88
CA THR V 134 0.90 64.09 -14.18
C THR V 134 -0.38 63.27 -14.27
N LEU V 135 -0.65 62.45 -13.25
CA LEU V 135 -1.79 61.53 -13.30
C LEU V 135 -3.18 62.17 -13.33
N THR V 136 -3.38 63.24 -12.56
CA THR V 136 -4.68 63.93 -12.59
C THR V 136 -4.67 65.13 -13.54
N SER W 9 -24.58 28.84 1.54
CA SER W 9 -24.95 30.12 2.13
C SER W 9 -23.83 31.17 2.02
N GLN W 10 -23.30 31.60 3.16
CA GLN W 10 -22.34 32.72 3.17
C GLN W 10 -20.96 32.43 3.79
N PHE W 11 -19.96 33.15 3.29
CA PHE W 11 -18.60 33.07 3.78
C PHE W 11 -17.97 34.46 3.77
N THR W 12 -17.62 34.97 4.94
CA THR W 12 -17.10 36.34 5.04
C THR W 12 -15.77 36.47 5.76
N CYS W 13 -14.86 37.23 5.16
CA CYS W 13 -13.55 37.42 5.73
C CYS W 13 -13.14 38.87 5.70
N PHE W 14 -12.21 39.23 6.57
CA PHE W 14 -11.65 40.56 6.59
C PHE W 14 -10.15 40.53 6.81
N TYR W 15 -9.53 41.69 6.61
CA TYR W 15 -8.09 41.84 6.69
C TYR W 15 -7.74 42.95 7.68
N ASN W 16 -6.84 42.65 8.62
CA ASN W 16 -6.44 43.61 9.66
C ASN W 16 -5.46 44.63 9.11
N SER W 17 -5.02 44.39 7.88
CA SER W 17 -4.08 45.26 7.18
C SER W 17 -2.68 45.01 7.68
N ARG W 18 -2.47 43.85 8.30
CA ARG W 18 -1.16 43.46 8.75
C ARG W 18 -0.95 41.95 8.74
N ALA W 19 -1.46 41.24 9.75
CA ALA W 19 -1.16 39.82 9.92
C ALA W 19 -2.39 38.93 10.12
N GLN W 20 -3.53 39.57 10.31
CA GLN W 20 -4.75 38.87 10.67
C GLN W 20 -5.75 38.92 9.53
N ILE W 21 -6.23 37.75 9.13
CA ILE W 21 -7.39 37.63 8.24
C ILE W 21 -8.53 36.87 8.95
N SER W 22 -9.43 37.61 9.61
CA SER W 22 -10.47 37.01 10.44
C SER W 22 -11.54 36.37 9.56
N CYS W 23 -12.22 35.34 10.07
CA CYS W 23 -13.18 34.61 9.24
C CYS W 23 -14.44 34.12 9.96
N VAL W 24 -15.55 34.15 9.24
CA VAL W 24 -16.80 33.57 9.69
C VAL W 24 -17.51 32.87 8.53
N TRP W 25 -17.84 31.59 8.72
CA TRP W 25 -18.59 30.84 7.71
C TRP W 25 -19.82 30.20 8.33
N SER W 26 -20.90 30.14 7.55
CA SER W 26 -22.18 29.61 8.03
C SER W 26 -22.72 28.47 7.15
N GLN W 27 -23.18 27.40 7.80
CA GLN W 27 -23.74 26.24 7.11
C GLN W 27 -24.99 25.73 7.84
N THR W 34 -17.67 16.34 12.26
CA THR W 34 -18.16 17.52 11.54
C THR W 34 -17.06 18.57 11.40
N SER W 35 -15.85 18.12 11.05
CA SER W 35 -14.67 19.00 11.01
C SER W 35 -14.58 19.88 9.76
N CYS W 36 -14.22 21.14 9.95
CA CYS W 36 -14.16 22.10 8.84
C CYS W 36 -13.02 23.12 8.96
N GLN W 37 -12.28 23.33 7.87
CA GLN W 37 -11.14 24.25 7.83
C GLN W 37 -11.30 25.34 6.77
N VAL W 38 -10.36 26.28 6.77
CA VAL W 38 -10.34 27.36 5.78
C VAL W 38 -8.93 27.72 5.37
N HIS W 39 -8.69 27.72 4.06
CA HIS W 39 -7.36 27.95 3.51
C HIS W 39 -7.13 29.38 3.05
N ALA W 40 -5.86 29.78 3.06
CA ALA W 40 -5.41 31.07 2.55
C ALA W 40 -4.31 30.88 1.50
N TRP W 41 -4.67 31.08 0.23
CA TRP W 41 -3.75 30.86 -0.89
C TRP W 41 -3.60 32.08 -1.77
N PRO W 42 -2.48 32.77 -1.60
CA PRO W 42 -2.17 34.02 -2.29
C PRO W 42 -1.71 33.73 -3.69
N ASP W 43 -2.06 34.57 -4.64
CA ASP W 43 -1.55 34.43 -6.00
C ASP W 43 -0.05 34.70 -6.15
N ARG W 44 0.50 35.59 -5.33
CA ARG W 44 1.88 36.01 -5.55
C ARG W 44 2.84 35.67 -4.41
N ARG W 45 2.46 34.78 -3.51
CA ARG W 45 3.36 34.49 -2.40
C ARG W 45 3.73 33.01 -2.29
N ARG W 46 4.65 32.73 -1.37
CA ARG W 46 5.31 31.43 -1.23
C ARG W 46 4.77 30.61 -0.04
N TRP W 47 3.79 31.18 0.67
CA TRP W 47 3.19 30.58 1.87
C TRP W 47 1.68 30.42 1.76
N GLN W 48 1.11 29.58 2.62
CA GLN W 48 -0.34 29.42 2.71
C GLN W 48 -0.73 29.26 4.17
N GLN W 49 -2.01 29.39 4.49
CA GLN W 49 -2.42 29.22 5.88
C GLN W 49 -3.65 28.36 6.14
N THR W 50 -3.64 27.75 7.32
CA THR W 50 -4.72 26.86 7.75
C THR W 50 -5.21 27.31 9.11
N CYS W 51 -6.45 26.97 9.42
CA CYS W 51 -6.97 27.13 10.76
C CYS W 51 -8.24 26.30 10.94
N GLU W 52 -8.32 25.59 12.06
CA GLU W 52 -9.45 24.73 12.33
C GLU W 52 -10.63 25.55 12.81
N LEU W 53 -11.65 25.65 11.96
CA LEU W 53 -12.84 26.44 12.26
C LEU W 53 -13.51 26.04 13.58
N LEU W 54 -13.72 27.02 14.44
CA LEU W 54 -14.42 26.80 15.68
C LEU W 54 -15.79 27.45 15.58
N PRO W 55 -16.83 26.80 16.14
CA PRO W 55 -18.19 27.34 16.04
C PRO W 55 -18.42 28.52 16.99
N VAL W 56 -19.30 29.44 16.60
CA VAL W 56 -19.71 30.56 17.45
C VAL W 56 -21.19 30.46 17.79
N SER W 57 -22.03 30.82 16.83
CA SER W 57 -23.48 30.77 17.04
C SER W 57 -24.03 29.43 16.55
N GLN W 58 -25.35 29.33 16.41
CA GLN W 58 -25.99 28.07 15.99
C GLN W 58 -25.38 27.50 14.72
N ALA W 59 -25.51 28.24 13.63
CA ALA W 59 -24.91 27.85 12.36
C ALA W 59 -23.98 28.95 11.87
N SER W 60 -22.86 29.11 12.57
CA SER W 60 -21.78 29.99 12.13
C SER W 60 -20.45 29.53 12.71
N TRP W 61 -19.36 29.90 12.04
CA TRP W 61 -18.04 29.47 12.45
C TRP W 61 -17.04 30.61 12.37
N ALA W 62 -16.00 30.51 13.19
CA ALA W 62 -14.95 31.53 13.21
C ALA W 62 -13.61 30.86 13.00
N CYS W 63 -12.71 31.59 12.36
CA CYS W 63 -11.34 31.12 12.22
C CYS W 63 -10.40 32.31 12.03
N ASN W 64 -9.15 32.13 12.44
CA ASN W 64 -8.15 33.19 12.33
C ASN W 64 -6.95 32.74 11.53
N LEU W 65 -6.85 33.24 10.30
CA LEU W 65 -5.67 33.02 9.48
C LEU W 65 -4.57 33.96 9.99
N ILE W 66 -3.48 33.39 10.50
CA ILE W 66 -2.34 34.20 10.92
C ILE W 66 -1.23 34.22 9.86
N LEU W 67 -0.90 35.41 9.37
CA LEU W 67 0.08 35.55 8.30
C LEU W 67 1.53 35.71 8.78
N GLY W 68 1.82 36.77 9.54
CA GLY W 68 3.17 37.05 10.01
C GLY W 68 3.30 37.15 11.52
N ALA W 69 3.99 38.18 12.02
CA ALA W 69 4.04 38.45 13.46
C ALA W 69 2.96 39.47 13.78
N PRO W 70 2.81 39.85 15.04
CA PRO W 70 1.61 40.67 15.22
C PRO W 70 1.58 41.96 14.41
N ASP W 71 2.73 42.49 14.03
CA ASP W 71 2.70 43.86 13.52
C ASP W 71 3.15 44.02 12.07
N SER W 72 3.61 42.94 11.45
CA SER W 72 4.17 42.98 10.10
C SER W 72 3.15 43.13 8.95
N GLN W 73 3.65 43.52 7.79
CA GLN W 73 2.80 43.68 6.62
C GLN W 73 2.98 42.49 5.69
N LYS W 74 2.04 41.56 5.73
CA LYS W 74 2.15 40.33 4.95
C LYS W 74 1.26 40.24 3.67
N LEU W 75 0.47 41.27 3.39
CA LEU W 75 -0.29 41.37 2.14
C LEU W 75 -0.33 42.81 1.70
N THR W 76 0.04 43.03 0.44
CA THR W 76 0.04 44.37 -0.13
C THR W 76 -1.26 44.58 -0.88
N THR W 77 -1.56 45.82 -1.24
CA THR W 77 -2.82 46.10 -1.92
C THR W 77 -3.01 45.26 -3.18
N VAL W 78 -1.92 44.90 -3.85
CA VAL W 78 -2.06 44.19 -5.10
C VAL W 78 -2.51 42.77 -4.84
N ASP W 79 -2.16 42.22 -3.70
CA ASP W 79 -2.49 40.84 -3.50
C ASP W 79 -3.93 40.52 -3.72
N ILE W 80 -4.18 39.26 -3.95
CA ILE W 80 -5.51 38.72 -4.13
C ILE W 80 -5.44 37.28 -3.69
N VAL W 81 -6.03 36.97 -2.54
CA VAL W 81 -5.82 35.67 -1.91
C VAL W 81 -7.04 34.80 -2.09
N THR W 82 -6.93 33.71 -2.84
CA THR W 82 -8.10 32.85 -2.98
C THR W 82 -8.18 31.94 -1.75
N LEU W 83 -9.35 31.90 -1.13
CA LEU W 83 -9.58 31.22 0.14
C LEU W 83 -10.64 30.14 -0.04
N ARG W 84 -10.59 29.11 0.78
CA ARG W 84 -11.60 28.06 0.66
C ARG W 84 -12.00 27.39 1.99
N VAL W 85 -13.29 27.13 2.15
CA VAL W 85 -13.78 26.30 3.24
C VAL W 85 -13.60 24.86 2.83
N LEU W 86 -13.24 24.01 3.78
CA LEU W 86 -13.17 22.59 3.46
C LEU W 86 -13.96 21.78 4.47
N CYS W 87 -14.25 20.53 4.12
CA CYS W 87 -14.92 19.61 5.04
C CYS W 87 -14.47 18.18 4.83
N ARG W 88 -14.19 17.49 5.93
CA ARG W 88 -13.87 16.09 5.87
C ARG W 88 -15.13 15.25 5.57
N GLU W 89 -15.28 14.84 4.31
CA GLU W 89 -16.35 13.90 3.93
C GLU W 89 -15.70 12.58 3.47
N GLY W 90 -15.40 11.73 4.44
CA GLY W 90 -14.66 10.51 4.17
C GLY W 90 -13.19 10.82 4.12
N VAL W 91 -12.60 10.62 2.94
CA VAL W 91 -11.17 10.70 2.75
C VAL W 91 -10.67 12.08 2.34
N ARG W 92 -11.05 12.53 1.14
CA ARG W 92 -10.62 13.82 0.65
C ARG W 92 -11.42 14.94 1.32
N TRP W 93 -11.16 16.18 0.90
CA TRP W 93 -11.88 17.35 1.43
C TRP W 93 -12.86 17.90 0.40
N ARG W 94 -14.09 18.22 0.81
CA ARG W 94 -15.05 18.86 -0.07
C ARG W 94 -15.04 20.39 0.05
N VAL W 95 -14.59 21.06 -1.00
CA VAL W 95 -14.46 22.51 -1.04
C VAL W 95 -15.82 23.20 -0.94
N MET W 96 -16.12 23.75 0.24
CA MET W 96 -17.45 24.28 0.56
C MET W 96 -17.75 25.63 -0.08
N ALA W 97 -16.80 26.55 -0.04
CA ALA W 97 -16.99 27.83 -0.71
C ALA W 97 -15.68 28.50 -1.11
N ILE W 98 -15.59 28.97 -2.34
CA ILE W 98 -14.39 29.67 -2.77
C ILE W 98 -14.59 31.19 -2.72
N GLN W 99 -13.49 31.90 -2.63
CA GLN W 99 -13.48 33.36 -2.75
C GLN W 99 -12.04 33.88 -2.94
N ASP W 100 -11.78 34.55 -4.08
CA ASP W 100 -10.55 35.34 -4.26
C ASP W 100 -10.69 36.57 -3.34
N PHE W 101 -9.96 36.54 -2.23
CA PHE W 101 -10.08 37.57 -1.23
C PHE W 101 -9.15 38.71 -1.60
N LYS W 102 -9.74 39.77 -2.13
CA LYS W 102 -9.00 40.99 -2.38
C LYS W 102 -8.56 41.51 -1.03
N PRO W 103 -7.30 41.24 -0.65
CA PRO W 103 -6.85 41.58 0.71
C PRO W 103 -7.24 42.99 1.17
N PHE W 104 -6.96 44.00 0.36
CA PHE W 104 -7.10 45.39 0.81
C PHE W 104 -8.47 46.04 0.62
N GLU W 105 -9.47 45.22 0.28
CA GLU W 105 -10.85 45.72 0.14
C GLU W 105 -11.76 45.18 1.26
N ASN W 106 -11.17 44.43 2.19
CA ASN W 106 -11.89 43.80 3.29
C ASN W 106 -11.45 44.30 4.67
N LEU W 107 -10.75 45.43 4.68
CA LEU W 107 -10.12 45.96 5.89
C LEU W 107 -11.09 46.17 7.06
N ARG W 108 -10.80 45.51 8.19
CA ARG W 108 -11.44 45.85 9.45
C ARG W 108 -10.38 45.81 10.55
N LEU W 109 -9.97 46.98 11.01
CA LEU W 109 -8.83 47.16 11.91
C LEU W 109 -9.01 46.63 13.32
N MET W 110 -7.89 46.43 14.00
CA MET W 110 -7.91 46.07 15.41
C MET W 110 -8.41 47.28 16.19
N ALA W 111 -9.20 47.03 17.24
CA ALA W 111 -9.81 48.10 18.00
C ALA W 111 -8.75 49.01 18.63
N PRO W 112 -8.96 50.34 18.56
CA PRO W 112 -8.01 51.30 19.15
C PRO W 112 -7.73 50.88 20.58
N ILE W 113 -6.58 51.26 21.13
CA ILE W 113 -6.25 50.80 22.47
C ILE W 113 -5.37 51.76 23.25
N SER W 114 -5.31 51.51 24.55
CA SER W 114 -4.52 52.33 25.45
C SER W 114 -5.16 53.69 25.65
N LEU W 115 -6.49 53.70 25.73
CA LEU W 115 -7.20 54.93 26.02
C LEU W 115 -6.78 55.40 27.40
N GLN W 116 -6.45 56.67 27.51
CA GLN W 116 -6.04 57.24 28.79
C GLN W 116 -6.45 58.71 28.85
N VAL W 117 -6.59 59.25 30.05
CA VAL W 117 -7.05 60.62 30.22
C VAL W 117 -5.91 61.65 30.36
N VAL W 118 -5.86 62.56 29.41
CA VAL W 118 -4.83 63.59 29.39
C VAL W 118 -5.07 64.57 30.54
N HIS W 119 -6.10 65.39 30.38
CA HIS W 119 -6.38 66.46 31.31
C HIS W 119 -7.87 66.46 31.65
N VAL W 120 -8.20 66.77 32.90
CA VAL W 120 -9.60 66.81 33.32
C VAL W 120 -9.97 68.10 34.04
N GLU W 121 -11.26 68.41 34.02
CA GLU W 121 -11.80 69.56 34.73
C GLU W 121 -13.24 69.22 35.10
N THR W 122 -14.03 70.22 35.47
CA THR W 122 -15.46 70.02 35.66
C THR W 122 -16.21 70.08 34.33
N HIS W 123 -15.89 71.09 33.52
CA HIS W 123 -16.65 71.38 32.29
C HIS W 123 -15.97 70.93 30.99
N ARG W 124 -14.82 70.28 31.08
CA ARG W 124 -14.14 69.75 29.92
C ARG W 124 -13.44 68.44 30.25
N CYS W 125 -12.90 67.80 29.22
CA CYS W 125 -11.97 66.69 29.38
C CYS W 125 -11.28 66.40 28.06
N ASN W 126 -10.17 65.67 28.14
CA ASN W 126 -9.38 65.37 26.97
C ASN W 126 -8.78 63.96 27.06
N ILE W 127 -9.30 63.05 26.26
CA ILE W 127 -8.83 61.66 26.26
C ILE W 127 -8.06 61.32 24.98
N SER W 128 -7.06 60.45 25.12
CA SER W 128 -6.31 59.97 23.96
C SER W 128 -6.26 58.45 23.86
N TRP W 129 -6.08 57.99 22.63
CA TRP W 129 -6.03 56.56 22.34
C TRP W 129 -4.93 56.25 21.31
N GLU W 130 -4.62 54.96 21.19
CA GLU W 130 -3.70 54.46 20.17
C GLU W 130 -4.46 53.60 19.17
N ILE W 131 -3.94 53.47 17.95
CA ILE W 131 -4.54 52.53 17.01
C ILE W 131 -3.76 51.23 17.16
N SER W 132 -4.42 50.19 17.67
CA SER W 132 -3.75 48.92 17.95
C SER W 132 -2.98 48.16 16.88
N GLN W 133 -3.58 48.00 15.70
CA GLN W 133 -2.86 47.49 14.54
C GLN W 133 -3.31 48.23 13.29
N ALA W 134 -2.36 48.61 12.44
CA ALA W 134 -2.71 49.45 11.29
C ALA W 134 -1.55 49.28 10.30
N SER W 135 -1.82 49.66 9.06
CA SER W 135 -0.80 49.75 8.01
C SER W 135 -0.34 51.16 7.68
N HIS W 136 0.90 51.25 7.21
CA HIS W 136 1.49 52.52 6.84
C HIS W 136 1.16 52.82 5.40
N TYR W 137 0.38 51.94 4.80
CA TYR W 137 -0.10 52.20 3.45
C TYR W 137 -1.20 53.25 3.56
N PHE W 138 -1.80 53.32 4.74
CA PHE W 138 -2.88 54.25 5.00
C PHE W 138 -2.39 55.68 5.21
N GLU W 139 -1.14 55.81 5.65
CA GLU W 139 -0.60 57.09 6.11
C GLU W 139 -1.51 57.73 7.14
N ARG W 140 -2.01 58.91 6.80
CA ARG W 140 -2.86 59.70 7.71
C ARG W 140 -4.34 59.65 7.36
N HIS W 141 -4.70 58.81 6.38
CA HIS W 141 -6.09 58.73 5.97
C HIS W 141 -6.86 57.79 6.89
N LEU W 142 -7.05 58.22 8.13
CA LEU W 142 -7.77 57.42 9.12
C LEU W 142 -8.94 58.18 9.73
N GLU W 143 -10.10 57.54 9.77
CA GLU W 143 -11.28 58.10 10.39
C GLU W 143 -11.42 57.52 11.79
N PHE W 144 -12.19 58.22 12.62
CA PHE W 144 -12.59 57.69 13.91
C PHE W 144 -14.01 58.11 14.20
N GLU W 145 -14.62 57.38 15.13
CA GLU W 145 -15.92 57.75 15.66
C GLU W 145 -15.83 57.57 17.16
N ALA W 146 -16.67 58.29 17.89
CA ALA W 146 -16.65 58.17 19.33
C ALA W 146 -18.02 58.46 19.93
N ARG W 147 -18.21 57.97 21.15
CA ARG W 147 -19.46 58.17 21.86
C ARG W 147 -19.16 58.27 23.35
N THR W 148 -19.71 59.27 24.00
CA THR W 148 -19.56 59.39 25.45
C THR W 148 -20.80 58.86 26.17
N LEU W 149 -20.58 57.96 27.11
CA LEU W 149 -21.66 57.39 27.89
C LEU W 149 -21.98 58.29 29.10
N SER W 150 -23.17 58.86 29.14
CA SER W 150 -23.59 59.72 30.26
C SER W 150 -24.66 59.02 31.09
N PRO W 151 -24.70 59.31 32.39
CA PRO W 151 -25.51 58.57 33.38
C PRO W 151 -26.95 58.35 32.93
N GLY W 152 -27.51 59.30 32.19
CA GLY W 152 -28.92 59.28 31.84
C GLY W 152 -29.19 58.83 30.41
N HIS W 153 -28.25 58.09 29.83
CA HIS W 153 -28.43 57.50 28.52
C HIS W 153 -27.66 56.19 28.46
N THR W 154 -28.03 55.31 27.54
CA THR W 154 -27.28 54.08 27.31
C THR W 154 -26.34 54.27 26.13
N TRP W 155 -25.49 53.28 25.88
CA TRP W 155 -24.48 53.39 24.84
C TRP W 155 -25.05 53.81 23.49
N GLU W 156 -25.98 53.00 22.98
CA GLU W 156 -26.56 53.25 21.66
C GLU W 156 -27.19 54.64 21.57
N GLU W 157 -27.76 55.11 22.67
CA GLU W 157 -28.36 56.44 22.72
C GLU W 157 -27.39 57.51 22.29
N ALA W 158 -26.23 57.54 22.94
CA ALA W 158 -25.23 58.57 22.70
C ALA W 158 -25.04 58.86 21.22
N PRO W 159 -24.75 60.13 20.90
CA PRO W 159 -24.47 60.57 19.54
C PRO W 159 -23.12 60.03 19.07
N LEU W 160 -22.89 60.09 17.76
CA LEU W 160 -21.58 59.74 17.22
C LEU W 160 -20.72 60.97 17.01
N LEU W 161 -19.55 60.95 17.63
CA LEU W 161 -18.60 62.05 17.49
C LEU W 161 -17.74 61.85 16.25
N THR W 162 -18.13 62.49 15.15
CA THR W 162 -17.48 62.27 13.86
C THR W 162 -16.09 62.86 13.80
N LEU W 163 -15.09 61.99 13.77
CA LEU W 163 -13.71 62.39 13.52
C LEU W 163 -13.37 62.05 12.08
N LYS W 164 -13.20 63.10 11.28
CA LYS W 164 -12.99 62.95 9.85
C LYS W 164 -11.49 62.96 9.52
N GLN W 165 -10.65 63.01 10.55
CA GLN W 165 -9.21 62.91 10.32
C GLN W 165 -8.55 61.89 11.22
N LYS W 166 -7.26 61.70 11.04
CA LYS W 166 -6.49 60.86 11.93
C LYS W 166 -6.26 61.65 13.20
N GLN W 167 -7.22 61.59 14.12
CA GLN W 167 -7.10 62.27 15.40
C GLN W 167 -7.16 61.27 16.54
N GLU W 168 -6.01 61.03 17.17
CA GLU W 168 -5.89 59.98 18.19
C GLU W 168 -6.18 60.49 19.60
N TRP W 169 -6.60 61.75 19.70
CA TRP W 169 -7.11 62.32 20.95
C TRP W 169 -8.44 63.02 20.69
N ILE W 170 -9.26 63.14 21.73
CA ILE W 170 -10.50 63.90 21.63
C ILE W 170 -10.66 64.78 22.86
N CYS W 171 -11.24 65.96 22.67
CA CYS W 171 -11.47 66.87 23.79
C CYS W 171 -12.96 67.16 23.96
N LEU W 172 -13.54 66.62 25.03
CA LEU W 172 -14.98 66.71 25.29
C LEU W 172 -15.36 67.99 26.00
N GLU W 173 -16.12 68.86 25.33
CA GLU W 173 -16.62 70.07 25.95
C GLU W 173 -17.89 69.80 26.74
N THR W 174 -18.41 70.83 27.38
CA THR W 174 -19.73 70.77 28.02
C THR W 174 -19.95 69.54 28.91
N LEU W 175 -18.95 69.21 29.72
CA LEU W 175 -19.11 68.17 30.71
C LEU W 175 -19.82 68.73 31.94
N THR W 176 -20.25 67.85 32.83
CA THR W 176 -20.91 68.28 34.07
C THR W 176 -20.17 67.79 35.32
N PRO W 177 -19.74 68.74 36.17
CA PRO W 177 -18.85 68.52 37.31
C PRO W 177 -19.16 67.27 38.15
N ASP W 178 -18.09 66.53 38.47
CA ASP W 178 -18.12 65.31 39.29
C ASP W 178 -19.13 64.25 38.85
N THR W 179 -19.43 64.20 37.56
CA THR W 179 -20.38 63.23 37.03
C THR W 179 -19.68 62.07 36.31
N GLN W 180 -20.14 60.86 36.58
CA GLN W 180 -19.58 59.64 35.96
C GLN W 180 -19.68 59.71 34.43
N TYR W 181 -18.78 58.99 33.75
CA TYR W 181 -18.76 58.96 32.28
C TYR W 181 -18.01 57.74 31.74
N GLU W 182 -18.24 57.44 30.46
CA GLU W 182 -17.46 56.42 29.75
C GLU W 182 -17.32 56.80 28.27
N PHE W 183 -16.23 56.35 27.65
CA PHE W 183 -15.89 56.74 26.28
C PHE W 183 -15.43 55.56 25.41
N GLN W 184 -15.78 55.59 24.14
CA GLN W 184 -15.35 54.57 23.18
C GLN W 184 -15.09 55.18 21.82
N VAL W 185 -14.21 54.57 21.04
CA VAL W 185 -13.83 55.12 19.75
C VAL W 185 -13.47 54.02 18.76
N ARG W 186 -13.92 54.17 17.51
CA ARG W 186 -13.60 53.20 16.47
C ARG W 186 -12.86 53.82 15.28
N VAL W 187 -12.15 52.98 14.53
CA VAL W 187 -11.35 53.42 13.39
C VAL W 187 -11.79 52.74 12.10
N LYS W 188 -11.64 53.45 10.98
CA LYS W 188 -11.81 52.86 9.66
C LYS W 188 -10.97 53.65 8.66
N PRO W 189 -10.27 52.95 7.74
CA PRO W 189 -9.59 53.62 6.62
C PRO W 189 -10.57 54.09 5.54
N LEU W 190 -10.12 54.94 4.64
CA LEU W 190 -10.98 55.45 3.59
C LEU W 190 -11.12 54.42 2.48
N GLN W 191 -10.05 53.67 2.24
CA GLN W 191 -10.02 52.69 1.17
C GLN W 191 -10.81 51.42 1.51
N GLY W 192 -11.05 50.59 0.51
CA GLY W 192 -11.74 49.33 0.69
C GLY W 192 -13.23 49.43 0.43
N GLU W 193 -13.76 48.47 -0.33
CA GLU W 193 -15.17 48.46 -0.66
C GLU W 193 -16.02 47.97 0.50
N PHE W 194 -15.61 46.85 1.10
CA PHE W 194 -16.34 46.25 2.21
C PHE W 194 -15.73 46.62 3.55
N THR W 195 -14.77 47.54 3.51
CA THR W 195 -14.15 48.07 4.71
C THR W 195 -15.20 48.67 5.63
N THR W 196 -15.25 48.18 6.86
CA THR W 196 -16.18 48.71 7.85
C THR W 196 -15.43 49.23 9.08
N TRP W 197 -16.19 49.62 10.10
CA TRP W 197 -15.59 50.15 11.31
C TRP W 197 -14.99 49.04 12.16
N SER W 198 -13.98 49.40 12.93
CA SER W 198 -13.35 48.47 13.85
C SER W 198 -14.35 48.07 14.91
N PRO W 199 -14.06 46.99 15.65
CA PRO W 199 -14.86 46.73 16.85
C PRO W 199 -14.62 47.89 17.80
N TRP W 200 -15.59 48.21 18.64
CA TRP W 200 -15.41 49.31 19.57
C TRP W 200 -14.28 49.01 20.56
N SER W 201 -13.58 50.06 20.98
CA SER W 201 -12.49 49.95 21.95
C SER W 201 -13.08 49.89 23.35
N GLN W 202 -12.51 49.04 24.19
CA GLN W 202 -13.00 48.85 25.55
C GLN W 202 -13.43 50.18 26.17
N PRO W 203 -14.50 50.16 26.97
CA PRO W 203 -15.03 51.42 27.52
C PRO W 203 -14.02 52.01 28.50
N LEU W 204 -13.77 53.31 28.39
CA LEU W 204 -12.89 53.99 29.34
C LEU W 204 -13.70 54.65 30.44
N ALA W 205 -13.36 54.33 31.68
CA ALA W 205 -14.05 54.90 32.83
C ALA W 205 -13.34 56.18 33.29
N PHE W 206 -14.05 57.30 33.24
CA PHE W 206 -13.51 58.57 33.74
C PHE W 206 -14.55 59.40 34.48
N ARG W 207 -14.06 60.38 35.24
CA ARG W 207 -14.90 61.19 36.11
C ARG W 207 -14.29 62.58 36.27
N THR W 208 -15.06 63.61 35.97
CA THR W 208 -14.55 64.98 35.91
C THR W 208 -14.12 65.55 37.26
N LYS W 209 -13.83 66.86 37.28
CA LYS W 209 -13.46 67.57 38.51
C LYS W 209 -14.70 68.12 39.21
N PRO W 210 -14.59 68.38 40.53
CA PRO W 210 -15.61 69.09 41.31
C PRO W 210 -15.35 70.59 41.36
N PRO X 4 34.04 83.70 -0.10
CA PRO X 4 32.92 82.97 0.53
C PRO X 4 31.56 83.40 0.00
N LEU X 5 31.23 83.00 -1.22
CA LEU X 5 29.96 83.35 -1.87
C LEU X 5 28.74 83.10 -1.01
N PRO X 6 27.72 83.96 -1.15
CA PRO X 6 26.46 83.74 -0.46
C PRO X 6 25.74 82.50 -1.01
N GLU X 7 25.19 81.69 -0.12
CA GLU X 7 24.32 80.59 -0.50
C GLU X 7 22.99 81.16 -1.01
N VAL X 8 22.33 80.45 -1.92
CA VAL X 8 21.11 80.97 -2.54
C VAL X 8 19.92 80.02 -2.45
N GLN X 9 18.98 80.34 -1.56
CA GLN X 9 17.77 79.54 -1.46
C GLN X 9 16.83 79.85 -2.60
N CYS X 10 16.13 78.84 -3.09
CA CYS X 10 15.21 79.01 -4.19
C CYS X 10 13.88 78.31 -3.88
N PHE X 11 12.79 78.93 -4.29
CA PHE X 11 11.47 78.40 -4.00
C PHE X 11 10.51 78.55 -5.19
N VAL X 12 9.76 77.50 -5.46
CA VAL X 12 8.77 77.51 -6.52
C VAL X 12 7.38 77.69 -5.91
N PHE X 13 6.77 78.84 -6.19
CA PHE X 13 5.50 79.19 -5.59
C PHE X 13 4.32 78.69 -6.41
N ASN X 14 3.61 77.72 -5.86
CA ASN X 14 2.40 77.20 -6.48
C ASN X 14 2.61 76.86 -7.96
N VAL X 15 3.83 76.48 -8.30
CA VAL X 15 4.17 76.06 -9.66
C VAL X 15 3.82 77.13 -10.70
N GLU X 16 3.83 78.38 -10.29
CA GLU X 16 3.59 79.49 -11.21
C GLU X 16 4.92 80.08 -11.70
N TYR X 17 5.91 80.07 -10.83
CA TYR X 17 7.25 80.55 -11.17
C TYR X 17 8.23 80.33 -10.03
N MET X 18 9.50 80.64 -10.27
CA MET X 18 10.51 80.50 -9.22
C MET X 18 11.32 81.77 -9.01
N ASN X 19 11.80 81.96 -7.79
CA ASN X 19 12.72 83.04 -7.46
C ASN X 19 13.90 82.49 -6.67
N CYS X 20 15.11 82.86 -7.06
CA CYS X 20 16.30 82.44 -6.35
C CYS X 20 17.09 83.65 -5.86
N THR X 21 17.19 83.78 -4.54
CA THR X 21 17.69 85.02 -3.93
C THR X 21 18.94 84.83 -3.06
N TRP X 22 19.64 85.93 -2.82
CA TRP X 22 20.81 85.94 -1.94
C TRP X 22 21.12 87.34 -1.43
N GLN X 23 21.90 87.42 -0.36
CA GLN X 23 22.33 88.69 0.18
C GLN X 23 23.75 88.93 -0.32
N SER X 24 23.93 89.95 -1.16
CA SER X 24 25.19 90.11 -1.88
C SER X 24 26.07 91.25 -1.36
N SER X 25 25.63 91.94 -0.31
CA SER X 25 26.37 93.09 0.18
C SER X 25 27.35 92.74 1.30
N SER X 26 27.61 91.45 1.49
CA SER X 26 28.50 91.00 2.56
C SER X 26 29.97 91.00 2.14
N GLU X 27 30.23 91.47 0.92
CA GLU X 27 31.57 91.46 0.35
C GLU X 27 32.14 92.88 0.26
N PRO X 28 33.48 93.01 0.28
CA PRO X 28 34.17 94.31 0.35
C PRO X 28 33.77 95.29 -0.75
N GLN X 29 33.81 94.84 -2.00
CA GLN X 29 33.41 95.68 -3.13
C GLN X 29 31.94 95.48 -3.47
N PRO X 30 31.19 96.57 -3.69
CA PRO X 30 29.84 96.40 -4.22
C PRO X 30 29.95 95.59 -5.51
N THR X 31 29.33 94.41 -5.55
CA THR X 31 29.59 93.46 -6.63
C THR X 31 28.35 93.08 -7.42
N ASN X 32 28.58 92.67 -8.68
CA ASN X 32 27.53 92.11 -9.52
C ASN X 32 27.70 90.60 -9.66
N LEU X 33 26.96 89.83 -8.87
CA LEU X 33 27.05 88.38 -8.92
C LEU X 33 26.03 87.80 -9.90
N THR X 34 26.54 87.14 -10.95
CA THR X 34 25.68 86.60 -12.00
C THR X 34 25.24 85.16 -11.73
N LEU X 35 24.00 84.85 -12.11
CA LEU X 35 23.35 83.59 -11.75
C LEU X 35 23.22 82.64 -12.95
N HIS X 36 23.88 81.48 -12.87
CA HIS X 36 23.86 80.50 -13.95
C HIS X 36 23.19 79.19 -13.53
N TYR X 37 22.54 78.52 -14.49
CA TYR X 37 21.85 77.26 -14.20
C TYR X 37 21.75 76.29 -15.39
N TRP X 38 21.68 75.00 -15.08
CA TRP X 38 21.42 73.96 -16.09
C TRP X 38 20.82 72.71 -15.44
N TYR X 39 20.23 71.85 -16.24
CA TYR X 39 19.64 70.60 -15.73
C TYR X 39 20.58 69.41 -15.97
N LYS X 40 21.15 68.89 -14.88
CA LYS X 40 22.11 67.81 -14.97
C LYS X 40 21.46 66.52 -15.44
N ASN X 41 22.22 65.73 -16.19
CA ASN X 41 21.79 64.39 -16.62
C ASN X 41 20.36 64.33 -17.15
N SER X 42 19.98 65.35 -17.90
CA SER X 42 18.67 65.38 -18.56
C SER X 42 18.78 66.10 -19.89
N ASP X 43 17.68 66.14 -20.64
CA ASP X 43 17.66 66.75 -21.98
C ASP X 43 17.73 68.27 -21.95
N ASN X 44 18.29 68.84 -23.01
CA ASN X 44 18.64 70.27 -23.03
C ASN X 44 19.55 70.58 -21.86
N ASP X 45 20.72 69.93 -21.83
CA ASP X 45 21.68 70.10 -20.75
C ASP X 45 22.41 71.43 -20.86
N LYS X 46 22.08 72.19 -21.90
CA LYS X 46 22.70 73.49 -22.12
C LYS X 46 22.56 74.41 -20.91
N VAL X 47 23.68 74.97 -20.45
CA VAL X 47 23.64 75.97 -19.40
C VAL X 47 22.78 77.13 -19.88
N GLN X 48 22.11 77.82 -18.97
CA GLN X 48 21.19 78.87 -19.36
C GLN X 48 21.38 80.16 -18.57
N LYS X 49 21.71 81.25 -19.26
CA LYS X 49 21.87 82.53 -18.61
C LYS X 49 20.57 83.00 -17.96
N CYS X 50 20.68 83.86 -16.96
CA CYS X 50 19.52 84.35 -16.22
C CYS X 50 18.83 85.49 -16.95
N SER X 51 17.66 85.21 -17.52
CA SER X 51 16.93 86.17 -18.35
C SER X 51 16.23 87.31 -17.57
N HIS X 52 15.79 87.03 -16.35
CA HIS X 52 15.14 88.04 -15.51
C HIS X 52 15.81 88.16 -14.14
N TYR X 53 16.50 89.28 -13.92
CA TYR X 53 17.25 89.51 -12.69
C TYR X 53 16.44 90.31 -11.66
N LEU X 54 16.66 90.01 -10.38
CA LEU X 54 16.04 90.77 -9.29
C LEU X 54 17.11 91.58 -8.56
N PHE X 55 16.73 92.73 -8.01
CA PHE X 55 17.70 93.66 -7.45
C PHE X 55 17.32 94.26 -6.11
N SER X 56 18.33 94.57 -5.31
CA SER X 56 18.16 95.30 -4.05
C SER X 56 19.34 96.26 -3.88
N GLU X 57 19.06 97.57 -3.87
CA GLU X 57 20.08 98.61 -3.79
C GLU X 57 21.03 98.63 -5.00
N GLU X 58 20.45 98.62 -6.19
CA GLU X 58 21.22 98.58 -7.45
C GLU X 58 22.37 97.57 -7.43
N ILE X 59 22.15 96.46 -6.73
CA ILE X 59 23.03 95.31 -6.76
C ILE X 59 22.17 94.07 -6.99
N THR X 60 22.69 93.08 -7.71
CA THR X 60 21.93 91.88 -8.01
C THR X 60 21.60 91.09 -6.74
N SER X 61 20.31 90.88 -6.51
CA SER X 61 19.85 90.23 -5.28
C SER X 61 19.28 88.83 -5.55
N GLY X 62 19.09 88.48 -6.82
CA GLY X 62 18.62 87.16 -7.20
C GLY X 62 18.18 87.03 -8.63
N CYS X 63 17.18 86.18 -8.85
CA CYS X 63 16.68 85.90 -10.20
C CYS X 63 15.28 85.27 -10.17
N GLN X 64 14.57 85.39 -11.30
CA GLN X 64 13.26 84.75 -11.45
C GLN X 64 13.14 83.97 -12.76
N LEU X 65 12.55 82.79 -12.69
CA LEU X 65 12.27 81.99 -13.86
C LEU X 65 10.78 81.72 -13.96
N GLN X 66 10.23 81.89 -15.15
CA GLN X 66 8.79 81.75 -15.36
C GLN X 66 8.35 80.29 -15.53
N LYS X 67 7.09 80.09 -15.91
CA LYS X 67 6.52 78.74 -16.02
C LYS X 67 7.32 77.80 -16.93
N LYS X 68 7.68 78.27 -18.12
CA LYS X 68 8.33 77.43 -19.12
C LYS X 68 9.79 77.12 -18.79
N GLU X 69 10.31 77.71 -17.72
CA GLU X 69 11.69 77.49 -17.31
C GLU X 69 11.81 76.53 -16.14
N ILE X 70 10.68 76.03 -15.65
CA ILE X 70 10.67 75.17 -14.49
C ILE X 70 10.26 73.72 -14.81
N HIS X 71 11.24 72.82 -14.77
CA HIS X 71 10.97 71.40 -14.87
C HIS X 71 11.09 70.75 -13.50
N LEU X 72 9.97 70.39 -12.88
CA LEU X 72 10.02 69.60 -11.65
C LEU X 72 10.49 68.19 -12.00
N TYR X 73 10.88 67.43 -10.99
CA TYR X 73 11.19 66.01 -11.15
C TYR X 73 12.45 65.75 -11.97
N GLN X 74 13.13 66.83 -12.35
CA GLN X 74 14.45 66.73 -12.96
C GLN X 74 15.41 67.45 -12.03
N THR X 75 16.66 67.01 -11.97
CA THR X 75 17.63 67.61 -11.05
C THR X 75 18.08 69.00 -11.54
N PHE X 76 18.06 69.97 -10.63
CA PHE X 76 18.25 71.38 -10.96
C PHE X 76 19.49 71.99 -10.30
N VAL X 77 20.38 72.55 -11.11
CA VAL X 77 21.64 73.12 -10.63
C VAL X 77 21.66 74.65 -10.71
N VAL X 78 22.49 75.26 -9.87
CA VAL X 78 22.66 76.71 -9.85
C VAL X 78 24.11 77.08 -9.59
N GLN X 79 24.56 78.15 -10.24
CA GLN X 79 25.95 78.57 -10.12
C GLN X 79 26.07 80.09 -9.99
N LEU X 80 26.43 80.54 -8.80
CA LEU X 80 26.65 81.96 -8.55
C LEU X 80 28.11 82.30 -8.83
N GLN X 81 28.35 83.50 -9.34
CA GLN X 81 29.67 83.86 -9.84
C GLN X 81 30.05 85.27 -9.46
N ASP X 82 31.34 85.49 -9.19
CA ASP X 82 31.88 86.83 -9.09
C ASP X 82 32.51 87.15 -10.44
N PRO X 83 31.97 88.17 -11.14
CA PRO X 83 32.30 88.43 -12.55
C PRO X 83 33.80 88.63 -12.76
N ARG X 84 34.50 88.95 -11.68
CA ARG X 84 35.93 89.21 -11.74
C ARG X 84 36.75 87.93 -11.91
N GLU X 85 36.56 87.00 -10.99
CA GLU X 85 37.44 85.84 -10.86
C GLU X 85 36.71 84.50 -11.06
N PRO X 86 37.15 83.73 -12.06
CA PRO X 86 36.59 82.41 -12.41
C PRO X 86 36.74 81.36 -11.31
N ARG X 87 37.70 81.57 -10.42
CA ARG X 87 38.03 80.59 -9.40
C ARG X 87 37.16 80.73 -8.16
N ARG X 88 36.28 81.72 -8.16
CA ARG X 88 35.30 81.87 -7.09
C ARG X 88 33.89 81.66 -7.65
N GLN X 89 33.38 80.45 -7.47
CA GLN X 89 32.05 80.08 -7.93
C GLN X 89 31.41 79.12 -6.95
N ALA X 90 30.08 79.12 -6.90
CA ALA X 90 29.34 78.19 -6.05
C ALA X 90 28.38 77.37 -6.90
N THR X 91 28.25 76.10 -6.56
CA THR X 91 27.36 75.19 -7.29
C THR X 91 26.46 74.39 -6.34
N GLN X 92 25.15 74.61 -6.44
CA GLN X 92 24.19 73.95 -5.56
C GLN X 92 23.12 73.17 -6.32
N MET X 93 23.26 71.85 -6.33
CA MET X 93 22.25 70.97 -6.94
C MET X 93 21.00 70.96 -6.08
N LEU X 94 19.84 71.02 -6.72
CA LEU X 94 18.59 71.18 -6.00
C LEU X 94 17.46 70.30 -6.52
N LYS X 95 16.64 69.81 -5.59
CA LYS X 95 15.49 68.98 -5.92
C LYS X 95 14.22 69.83 -5.92
N LEU X 96 13.74 70.17 -7.11
CA LEU X 96 12.75 71.24 -7.27
C LEU X 96 11.36 70.99 -6.69
N GLN X 97 10.98 69.73 -6.52
CA GLN X 97 9.68 69.42 -5.92
C GLN X 97 9.74 69.63 -4.41
N ASN X 98 10.92 69.49 -3.84
CA ASN X 98 11.12 69.68 -2.41
C ASN X 98 11.04 71.14 -1.94
N LEU X 99 10.96 72.06 -2.91
CA LEU X 99 10.94 73.48 -2.57
C LEU X 99 9.70 74.21 -3.13
N VAL X 100 8.69 73.43 -3.47
CA VAL X 100 7.44 73.95 -4.00
C VAL X 100 6.54 74.41 -2.86
N ILE X 101 6.19 75.69 -2.85
CA ILE X 101 5.33 76.26 -1.82
C ILE X 101 4.00 76.74 -2.38
N PRO X 102 2.90 76.27 -1.79
CA PRO X 102 1.53 76.51 -2.26
C PRO X 102 0.94 77.84 -1.84
N TRP X 103 -0.16 78.22 -2.48
CA TRP X 103 -0.91 79.39 -2.06
C TRP X 103 -1.81 78.97 -0.91
N ALA X 104 -1.81 79.79 0.13
CA ALA X 104 -2.59 79.51 1.34
C ALA X 104 -4.02 79.09 1.02
N PRO X 105 -4.61 78.25 1.88
CA PRO X 105 -6.01 77.84 1.73
C PRO X 105 -6.93 79.04 1.64
N GLU X 106 -8.03 78.90 0.89
CA GLU X 106 -8.99 79.99 0.74
C GLU X 106 -10.40 79.52 1.02
N ASN X 107 -11.36 80.43 0.90
CA ASN X 107 -12.79 80.11 1.01
C ASN X 107 -13.13 79.26 2.23
N LEU X 108 -12.57 79.58 3.39
CA LEU X 108 -12.88 78.82 4.60
C LEU X 108 -14.39 78.81 4.85
N THR X 109 -14.94 77.63 5.13
CA THR X 109 -16.37 77.50 5.41
C THR X 109 -16.62 76.66 6.66
N LEU X 110 -17.72 76.94 7.34
CA LEU X 110 -18.09 76.23 8.55
C LEU X 110 -19.59 75.96 8.63
N HIS X 111 -20.01 74.70 8.46
CA HIS X 111 -21.43 74.37 8.60
C HIS X 111 -21.72 73.21 9.55
N LYS X 112 -22.72 73.42 10.41
CA LYS X 112 -23.06 72.54 11.51
C LYS X 112 -23.63 71.18 11.07
N LEU X 113 -22.93 70.10 11.40
CA LEU X 113 -23.39 68.75 11.02
C LEU X 113 -24.07 68.00 12.18
N SER X 114 -24.27 68.73 13.27
CA SER X 114 -25.12 68.29 14.38
C SER X 114 -25.29 69.50 15.28
N GLU X 115 -25.96 69.33 16.42
CA GLU X 115 -26.12 70.45 17.34
C GLU X 115 -24.80 70.78 18.03
N SER X 116 -23.98 69.77 18.26
CA SER X 116 -22.73 69.95 18.98
C SER X 116 -21.48 69.80 18.09
N GLN X 117 -21.68 69.57 16.79
CA GLN X 117 -20.56 69.27 15.90
C GLN X 117 -20.52 70.18 14.68
N LEU X 118 -19.30 70.47 14.22
CA LEU X 118 -19.10 71.25 13.01
C LEU X 118 -17.85 70.80 12.26
N GLU X 119 -17.71 71.21 11.01
CA GLU X 119 -16.60 70.79 10.16
C GLU X 119 -16.08 71.93 9.31
N LEU X 120 -14.77 72.07 9.23
CA LEU X 120 -14.18 73.08 8.39
C LEU X 120 -14.02 72.55 6.97
N ASN X 121 -14.02 73.45 6.00
CA ASN X 121 -13.77 73.09 4.60
C ASN X 121 -13.03 74.20 3.88
N TRP X 122 -12.08 73.83 3.03
CA TRP X 122 -11.31 74.80 2.25
C TRP X 122 -10.92 74.24 0.89
N ASN X 123 -10.10 74.99 0.16
CA ASN X 123 -9.60 74.55 -1.13
C ASN X 123 -8.18 75.04 -1.36
N ASN X 124 -7.59 74.65 -2.49
CA ASN X 124 -6.28 75.15 -2.87
C ASN X 124 -6.20 75.43 -4.36
N ARG X 125 -5.27 76.31 -4.73
CA ARG X 125 -5.23 76.86 -6.08
C ARG X 125 -5.54 75.86 -7.20
N PHE X 126 -4.62 74.97 -7.54
CA PHE X 126 -4.88 74.06 -8.65
C PHE X 126 -4.43 72.59 -8.44
N LEU X 127 -3.16 72.37 -8.15
CA LEU X 127 -2.72 71.02 -7.80
C LEU X 127 -3.57 70.57 -6.61
N ASN X 128 -4.01 69.32 -6.68
CA ASN X 128 -4.82 68.70 -5.64
C ASN X 128 -4.32 67.29 -5.42
N HIS X 129 -4.38 66.82 -4.19
CA HIS X 129 -3.90 65.49 -3.86
C HIS X 129 -2.39 65.55 -3.66
N CYS X 130 -1.83 66.75 -3.79
CA CYS X 130 -0.41 66.93 -3.50
C CYS X 130 -0.15 67.69 -2.20
N LEU X 131 -1.22 68.22 -1.60
CA LEU X 131 -1.06 69.11 -0.45
C LEU X 131 -1.77 68.64 0.80
N GLU X 132 -0.99 68.40 1.84
CA GLU X 132 -1.56 68.09 3.15
C GLU X 132 -1.88 69.40 3.83
N HIS X 133 -2.41 69.33 5.04
CA HIS X 133 -2.77 70.55 5.72
C HIS X 133 -2.48 70.48 7.22
N LEU X 134 -2.23 71.62 7.85
CA LEU X 134 -2.26 71.72 9.31
C LEU X 134 -3.32 72.73 9.70
N VAL X 135 -4.27 72.30 10.52
CA VAL X 135 -5.33 73.15 11.03
C VAL X 135 -5.01 73.58 12.45
N GLN X 136 -5.10 74.89 12.68
CA GLN X 136 -4.91 75.43 14.02
C GLN X 136 -6.19 76.11 14.45
N TYR X 137 -6.57 75.94 15.72
CA TYR X 137 -7.75 76.60 16.24
C TYR X 137 -7.61 76.93 17.72
N ARG X 138 -8.18 78.07 18.12
CA ARG X 138 -8.22 78.44 19.52
C ARG X 138 -9.50 79.20 19.85
N THR X 139 -10.19 78.74 20.88
CA THR X 139 -11.31 79.48 21.44
C THR X 139 -10.71 80.66 22.22
N ASP X 140 -11.50 81.71 22.44
CA ASP X 140 -11.00 82.89 23.14
C ASP X 140 -10.34 82.55 24.48
N TRP X 141 -10.95 81.61 25.21
CA TRP X 141 -10.42 81.19 26.51
C TRP X 141 -8.96 80.73 26.39
N ASP X 142 -8.74 79.73 25.54
CA ASP X 142 -7.42 79.11 25.38
C ASP X 142 -6.25 80.11 25.32
N HIS X 143 -5.13 79.71 25.90
CA HIS X 143 -3.93 80.53 25.93
C HIS X 143 -3.07 80.32 24.67
N SER X 144 -2.85 79.06 24.29
CA SER X 144 -2.09 78.74 23.08
C SER X 144 -2.91 77.90 22.10
N TRP X 145 -2.35 77.70 20.91
CA TRP X 145 -3.05 76.99 19.85
C TRP X 145 -3.02 75.48 20.03
N THR X 146 -4.06 74.81 19.52
CA THR X 146 -4.04 73.37 19.38
C THR X 146 -4.15 73.01 17.90
N GLU X 147 -3.17 72.27 17.42
CA GLU X 147 -3.02 72.01 15.99
C GLU X 147 -3.35 70.57 15.64
N GLN X 148 -3.86 70.36 14.43
CA GLN X 148 -4.19 69.02 13.95
C GLN X 148 -3.87 68.83 12.47
N SER X 149 -2.95 67.92 12.17
CA SER X 149 -2.56 67.66 10.79
C SER X 149 -3.68 66.98 10.00
N VAL X 150 -3.67 67.18 8.68
CA VAL X 150 -4.69 66.62 7.77
C VAL X 150 -4.09 66.25 6.41
N ASP X 151 -4.76 65.30 5.77
CA ASP X 151 -4.44 64.72 4.47
C ASP X 151 -5.08 65.43 3.27
N TYR X 152 -4.95 64.81 2.11
CA TYR X 152 -5.39 65.37 0.84
C TYR X 152 -6.86 65.80 0.76
N ARG X 153 -7.69 65.36 1.69
CA ARG X 153 -9.06 65.86 1.77
C ARG X 153 -9.02 67.24 2.39
N HIS X 154 -9.99 68.07 2.04
CA HIS X 154 -9.93 69.45 2.50
C HIS X 154 -10.74 69.67 3.78
N LYS X 155 -11.29 68.59 4.33
CA LYS X 155 -12.13 68.72 5.52
C LYS X 155 -11.33 68.66 6.83
N PHE X 156 -11.93 69.19 7.89
CA PHE X 156 -11.49 68.93 9.25
C PHE X 156 -12.74 68.83 10.09
N SER X 157 -12.70 68.04 11.15
CA SER X 157 -13.87 67.91 12.01
C SER X 157 -13.59 68.29 13.46
N LEU X 158 -14.63 68.74 14.14
CA LEU X 158 -14.57 69.13 15.55
C LEU X 158 -15.84 68.60 16.22
N PRO X 159 -15.74 67.41 16.83
CA PRO X 159 -16.90 66.67 17.32
C PRO X 159 -17.67 67.39 18.43
N SER X 160 -16.99 67.83 19.48
CA SER X 160 -17.68 68.45 20.61
C SER X 160 -17.26 69.90 20.87
N VAL X 161 -18.19 70.83 20.64
CA VAL X 161 -17.95 72.24 20.92
C VAL X 161 -18.90 72.78 21.98
N ASP X 162 -18.48 73.85 22.64
CA ASP X 162 -19.34 74.59 23.56
C ASP X 162 -19.76 75.92 22.95
N GLY X 163 -21.07 76.18 22.93
CA GLY X 163 -21.59 77.38 22.32
C GLY X 163 -21.32 78.63 23.15
N GLN X 164 -20.88 78.44 24.39
CA GLN X 164 -20.68 79.55 25.32
C GLN X 164 -19.33 80.25 25.10
N LYS X 165 -18.54 79.77 24.15
CA LYS X 165 -17.24 80.36 23.88
C LYS X 165 -17.17 80.90 22.44
N ARG X 166 -16.04 81.49 22.09
CA ARG X 166 -15.82 82.02 20.74
C ARG X 166 -14.75 81.16 20.05
N TYR X 167 -14.73 81.17 18.71
CA TYR X 167 -13.88 80.21 17.98
C TYR X 167 -13.06 80.81 16.83
N THR X 168 -11.74 80.65 16.89
CA THR X 168 -10.86 81.11 15.83
C THR X 168 -10.26 79.93 15.03
N PHE X 169 -10.12 80.11 13.72
CA PHE X 169 -9.79 79.00 12.82
C PHE X 169 -8.82 79.36 11.69
N ARG X 170 -7.70 78.64 11.58
CA ARG X 170 -6.73 78.89 10.50
C ARG X 170 -6.00 77.64 10.00
N VAL X 171 -5.79 77.57 8.69
CA VAL X 171 -5.21 76.39 8.05
C VAL X 171 -4.08 76.71 7.06
N ARG X 172 -2.94 76.07 7.23
CA ARG X 172 -1.84 76.24 6.29
C ARG X 172 -1.54 74.95 5.52
N SER X 173 -0.96 75.10 4.33
CA SER X 173 -0.73 73.95 3.46
C SER X 173 0.74 73.77 3.10
N ARG X 174 1.09 72.57 2.65
CA ARG X 174 2.45 72.21 2.27
C ARG X 174 2.45 71.19 1.13
N PHE X 175 3.52 71.16 0.33
CA PHE X 175 3.65 70.22 -0.77
C PHE X 175 4.32 68.93 -0.32
N ASN X 176 3.51 67.89 -0.03
CA ASN X 176 4.00 66.69 0.67
C ASN X 176 2.82 65.76 1.01
N PRO X 177 3.07 64.45 1.17
CA PRO X 177 4.29 63.67 0.92
C PRO X 177 4.18 62.96 -0.43
N LEU X 178 3.02 63.02 -1.08
CA LEU X 178 2.83 62.30 -2.34
C LEU X 178 3.62 62.89 -3.50
N CYS X 179 3.46 64.18 -3.73
CA CYS X 179 4.05 64.82 -4.90
C CYS X 179 5.36 65.53 -4.60
N GLY X 180 5.75 65.60 -3.33
CA GLY X 180 7.00 66.25 -2.96
C GLY X 180 7.38 66.06 -1.50
N SER X 181 8.63 66.36 -1.16
CA SER X 181 9.14 66.24 0.20
C SER X 181 9.35 67.62 0.83
N ALA X 182 8.67 68.63 0.28
CA ALA X 182 8.82 70.01 0.71
C ALA X 182 8.68 70.16 2.22
N GLN X 183 9.66 70.79 2.84
CA GLN X 183 9.65 70.98 4.29
C GLN X 183 8.91 72.26 4.71
N HIS X 184 9.06 73.32 3.94
CA HIS X 184 8.50 74.62 4.31
C HIS X 184 7.03 74.75 3.93
N TRP X 185 6.25 75.31 4.85
CA TRP X 185 4.82 75.55 4.62
C TRP X 185 4.60 76.80 3.77
N SER X 186 3.35 77.23 3.69
CA SER X 186 3.00 78.46 2.98
C SER X 186 2.56 79.54 3.95
N GLU X 187 2.14 80.67 3.42
CA GLU X 187 1.56 81.72 4.24
C GLU X 187 0.19 81.24 4.73
N TRP X 188 -0.33 81.87 5.78
CA TRP X 188 -1.53 81.37 6.45
C TRP X 188 -2.84 81.73 5.74
N SER X 189 -3.89 80.98 6.07
CA SER X 189 -5.20 81.20 5.50
C SER X 189 -5.89 82.36 6.20
N HIS X 190 -6.95 82.88 5.59
CA HIS X 190 -7.74 83.94 6.20
C HIS X 190 -8.63 83.38 7.29
N PRO X 191 -8.31 83.68 8.55
CA PRO X 191 -9.01 83.12 9.70
C PRO X 191 -10.51 83.40 9.66
N ILE X 192 -11.29 82.54 10.32
CA ILE X 192 -12.71 82.78 10.55
C ILE X 192 -13.11 82.27 11.94
N HIS X 193 -14.30 82.67 12.39
CA HIS X 193 -14.67 82.46 13.79
C HIS X 193 -16.07 81.89 13.99
N TRP X 194 -16.35 81.45 15.22
CA TRP X 194 -17.64 80.85 15.56
C TRP X 194 -17.81 80.76 17.08
N SER Y 9 -81.53 -29.44 9.75
CA SER Y 9 -81.96 -30.31 10.85
C SER Y 9 -81.83 -31.79 10.50
N THR Y 10 -82.50 -32.21 9.43
CA THR Y 10 -82.24 -33.54 8.87
C THR Y 10 -80.84 -33.53 8.25
N LYS Y 11 -80.29 -32.32 8.12
CA LYS Y 11 -78.94 -32.12 7.59
C LYS Y 11 -77.91 -32.06 8.73
N LYS Y 12 -78.38 -31.67 9.92
CA LYS Y 12 -77.52 -31.63 11.11
C LYS Y 12 -77.23 -33.05 11.62
N THR Y 13 -78.17 -33.98 11.43
CA THR Y 13 -78.00 -35.38 11.82
C THR Y 13 -76.97 -36.09 10.95
N GLN Y 14 -76.97 -35.76 9.67
CA GLN Y 14 -76.00 -36.33 8.75
C GLN Y 14 -74.59 -35.94 9.19
N LEU Y 15 -74.48 -34.73 9.73
CA LEU Y 15 -73.20 -34.21 10.19
C LEU Y 15 -72.69 -34.99 11.40
N GLN Y 16 -73.61 -35.36 12.29
CA GLN Y 16 -73.29 -36.16 13.47
C GLN Y 16 -72.95 -37.58 13.10
N LEU Y 17 -73.68 -38.10 12.11
CA LEU Y 17 -73.41 -39.46 11.65
C LEU Y 17 -72.08 -39.58 10.91
N GLU Y 18 -71.72 -38.52 10.20
CA GLU Y 18 -70.43 -38.52 9.51
C GLU Y 18 -69.35 -38.65 10.57
N HIS Y 19 -69.56 -37.87 11.65
CA HIS Y 19 -68.65 -37.84 12.79
C HIS Y 19 -68.48 -39.22 13.40
N LEU Y 20 -69.57 -39.79 13.89
CA LEU Y 20 -69.54 -41.16 14.40
C LEU Y 20 -68.75 -42.06 13.47
N LEU Y 21 -69.06 -41.97 12.17
CA LEU Y 21 -68.31 -42.74 11.18
C LEU Y 21 -66.83 -42.54 11.38
N LEU Y 22 -66.37 -41.33 11.06
CA LEU Y 22 -64.98 -40.95 11.19
C LEU Y 22 -64.30 -41.53 12.44
N ASP Y 23 -65.03 -41.52 13.56
CA ASP Y 23 -64.53 -42.05 14.82
C ASP Y 23 -64.40 -43.57 14.77
N LEU Y 24 -65.48 -44.22 14.36
CA LEU Y 24 -65.49 -45.68 14.24
C LEU Y 24 -64.35 -46.15 13.34
N GLN Y 25 -64.20 -45.48 12.19
CA GLN Y 25 -63.13 -45.79 11.26
C GLN Y 25 -61.77 -45.65 11.94
N MET Y 26 -61.68 -44.74 12.91
CA MET Y 26 -60.43 -44.49 13.64
C MET Y 26 -60.04 -45.62 14.58
N ILE Y 27 -61.03 -46.34 15.09
CA ILE Y 27 -60.75 -47.48 15.95
C ILE Y 27 -60.32 -48.65 15.09
N LEU Y 28 -60.79 -48.64 13.84
CA LEU Y 28 -60.42 -49.64 12.85
C LEU Y 28 -58.98 -49.46 12.39
N ASN Y 29 -58.70 -48.31 11.78
CA ASN Y 29 -57.36 -48.00 11.29
C ASN Y 29 -56.38 -47.90 12.43
N GLY Y 30 -56.84 -48.18 13.65
CA GLY Y 30 -55.96 -48.22 14.78
C GLY Y 30 -55.55 -49.65 15.06
N ILE Y 31 -56.50 -50.55 14.86
CA ILE Y 31 -56.31 -51.96 15.19
C ILE Y 31 -55.72 -52.79 14.03
N ASN Y 32 -55.53 -52.17 12.88
CA ASN Y 32 -54.92 -52.86 11.74
C ASN Y 32 -53.51 -52.36 11.41
N ASN Y 33 -52.99 -51.48 12.26
CA ASN Y 33 -51.62 -50.96 12.17
C ASN Y 33 -50.75 -51.52 13.31
N TYR Y 34 -51.39 -52.23 14.22
CA TYR Y 34 -50.76 -52.75 15.42
C TYR Y 34 -49.68 -53.77 15.08
N LYS Y 38 -50.41 -58.96 20.18
CA LYS Y 38 -51.58 -59.33 20.96
C LYS Y 38 -52.88 -59.16 20.16
N LEU Y 39 -52.75 -58.75 18.90
CA LEU Y 39 -53.90 -58.49 18.05
C LEU Y 39 -54.78 -59.73 17.89
N THR Y 40 -54.18 -60.90 17.93
CA THR Y 40 -54.95 -62.13 17.81
C THR Y 40 -55.74 -62.43 19.08
N ARG Y 41 -55.21 -62.06 20.25
CA ARG Y 41 -55.98 -62.18 21.47
C ARG Y 41 -57.12 -61.18 21.43
N MET Y 42 -56.99 -60.21 20.54
CA MET Y 42 -58.03 -59.21 20.35
C MET Y 42 -59.08 -59.73 19.37
N LEU Y 43 -58.66 -60.62 18.48
CA LEU Y 43 -59.57 -61.23 17.50
C LEU Y 43 -60.31 -62.41 18.09
N THR Y 44 -59.76 -62.99 19.15
CA THR Y 44 -60.39 -64.12 19.82
C THR Y 44 -61.69 -63.68 20.49
N PHE Y 45 -61.68 -62.50 21.09
CA PHE Y 45 -62.87 -61.96 21.73
C PHE Y 45 -64.04 -61.79 20.74
N LYS Y 46 -65.23 -62.27 21.13
CA LYS Y 46 -66.40 -62.26 20.27
C LYS Y 46 -67.39 -61.14 20.63
N PHE Y 47 -68.00 -60.55 19.61
CA PHE Y 47 -68.93 -59.42 19.75
C PHE Y 47 -70.29 -59.74 19.13
N TYR Y 48 -71.30 -58.92 19.40
CA TYR Y 48 -72.64 -59.22 18.89
C TYR Y 48 -73.10 -58.37 17.73
N MET Y 49 -73.47 -59.05 16.66
CA MET Y 49 -73.94 -58.40 15.46
C MET Y 49 -75.44 -58.15 15.59
N PRO Y 50 -75.91 -57.03 15.03
CA PRO Y 50 -77.34 -56.71 14.99
C PRO Y 50 -78.03 -57.64 14.01
N LYS Y 51 -79.22 -58.12 14.36
CA LYS Y 51 -79.99 -58.92 13.44
C LYS Y 51 -80.27 -58.09 12.19
N LYS Y 52 -80.78 -56.88 12.40
CA LYS Y 52 -81.06 -55.94 11.34
C LYS Y 52 -80.77 -54.51 11.78
N ALA Y 53 -80.06 -53.77 10.93
CA ALA Y 53 -79.81 -52.35 11.18
C ALA Y 53 -79.99 -51.59 9.88
N THR Y 54 -81.18 -51.04 9.70
CA THR Y 54 -81.53 -50.27 8.51
C THR Y 54 -81.90 -48.85 8.87
N GLU Y 55 -81.87 -48.56 10.16
CA GLU Y 55 -82.24 -47.24 10.63
C GLU Y 55 -81.61 -46.88 11.97
N LEU Y 56 -81.68 -45.60 12.31
CA LEU Y 56 -80.98 -45.06 13.46
C LEU Y 56 -81.33 -45.75 14.78
N LYS Y 57 -82.60 -45.74 15.15
CA LYS Y 57 -83.02 -46.30 16.44
C LYS Y 57 -82.42 -47.68 16.64
N HIS Y 58 -82.12 -48.36 15.54
CA HIS Y 58 -81.48 -49.66 15.60
C HIS Y 58 -80.12 -49.60 16.32
N LEU Y 59 -79.56 -48.40 16.43
CA LEU Y 59 -78.22 -48.25 16.97
C LEU Y 59 -78.13 -48.73 18.41
N GLN Y 60 -79.26 -48.76 19.11
CA GLN Y 60 -79.28 -49.16 20.51
C GLN Y 60 -78.56 -50.49 20.67
N CYS Y 61 -78.43 -51.22 19.57
CA CYS Y 61 -77.62 -52.43 19.53
C CYS Y 61 -76.14 -52.11 19.77
N LEU Y 62 -75.60 -51.15 19.02
CA LEU Y 62 -74.20 -50.75 19.19
C LEU Y 62 -73.91 -50.38 20.65
N GLU Y 63 -74.67 -49.45 21.19
CA GLU Y 63 -74.44 -48.98 22.55
C GLU Y 63 -74.30 -50.12 23.56
N GLU Y 64 -74.89 -51.27 23.21
CA GLU Y 64 -75.08 -52.35 24.18
C GLU Y 64 -73.83 -53.20 24.42
N GLU Y 65 -73.32 -53.85 23.38
CA GLU Y 65 -72.05 -54.55 23.54
C GLU Y 65 -70.90 -53.55 23.36
N LEU Y 66 -71.12 -52.33 23.81
CA LEU Y 66 -70.08 -51.29 23.75
C LEU Y 66 -69.01 -51.56 24.80
N LYS Y 67 -69.45 -51.80 26.04
CA LYS Y 67 -68.55 -51.92 27.18
C LYS Y 67 -67.47 -52.99 27.06
N PRO Y 68 -67.71 -54.04 26.26
CA PRO Y 68 -66.57 -54.92 25.94
C PRO Y 68 -65.57 -54.22 25.00
N LEU Y 69 -66.06 -53.66 23.91
CA LEU Y 69 -65.24 -52.85 23.01
C LEU Y 69 -64.22 -51.95 23.70
N GLU Y 70 -64.46 -51.63 24.97
CA GLU Y 70 -63.55 -50.76 25.70
C GLU Y 70 -62.54 -51.58 26.46
N GLU Y 71 -62.98 -52.75 26.95
CA GLU Y 71 -62.06 -53.71 27.55
C GLU Y 71 -61.10 -54.22 26.48
N VAL Y 72 -61.66 -54.62 25.34
CA VAL Y 72 -60.89 -55.12 24.19
C VAL Y 72 -59.84 -54.10 23.74
N LEU Y 73 -60.25 -52.84 23.64
CA LEU Y 73 -59.35 -51.75 23.29
C LEU Y 73 -58.37 -51.45 24.41
N ASN Y 74 -58.68 -51.96 25.60
CA ASN Y 74 -57.83 -51.74 26.76
C ASN Y 74 -56.93 -52.93 27.03
N LEU Y 75 -56.88 -53.85 26.07
CA LEU Y 75 -56.03 -55.04 26.19
C LEU Y 75 -54.59 -54.68 25.85
N ALA Y 76 -54.39 -54.08 24.68
CA ALA Y 76 -53.09 -53.58 24.26
C ALA Y 76 -52.65 -52.46 25.19
N HIS Y 77 -51.37 -52.07 25.11
CA HIS Y 77 -50.85 -51.00 25.95
C HIS Y 77 -50.93 -49.66 25.22
N SER Y 78 -50.70 -48.58 25.97
CA SER Y 78 -50.88 -47.21 25.48
C SER Y 78 -50.07 -46.87 24.21
N LYS Y 79 -48.85 -47.41 24.12
CA LYS Y 79 -47.91 -47.06 23.05
C LYS Y 79 -48.50 -47.07 21.63
N ASN Y 80 -49.53 -47.89 21.39
CA ASN Y 80 -49.97 -48.16 20.02
C ASN Y 80 -51.06 -47.25 19.42
N PHE Y 81 -52.12 -46.97 20.18
CA PHE Y 81 -53.26 -46.25 19.62
C PHE Y 81 -53.15 -44.73 19.63
N HIS Y 82 -53.40 -44.12 18.48
CA HIS Y 82 -53.38 -42.66 18.34
C HIS Y 82 -54.47 -41.99 19.17
N PHE Y 83 -55.57 -42.70 19.41
CA PHE Y 83 -56.69 -42.16 20.18
C PHE Y 83 -56.56 -42.48 21.66
N ASP Y 84 -57.68 -42.49 22.35
CA ASP Y 84 -57.72 -42.97 23.73
C ASP Y 84 -58.85 -43.97 23.86
N PRO Y 85 -58.51 -45.23 24.14
CA PRO Y 85 -59.50 -46.31 24.26
C PRO Y 85 -60.70 -45.86 25.08
N ARG Y 86 -60.47 -45.28 26.25
CA ARG Y 86 -61.57 -44.89 27.14
C ARG Y 86 -62.22 -43.55 26.77
N ASP Y 87 -61.49 -42.72 26.03
CA ASP Y 87 -62.05 -41.46 25.56
C ASP Y 87 -62.98 -41.69 24.36
N VAL Y 88 -62.47 -42.39 23.36
CA VAL Y 88 -63.18 -42.54 22.10
C VAL Y 88 -64.60 -43.10 22.26
N VAL Y 89 -64.80 -44.00 23.21
CA VAL Y 89 -66.10 -44.59 23.42
C VAL Y 89 -67.03 -43.57 24.08
N SER Y 90 -66.51 -42.83 25.03
CA SER Y 90 -67.28 -41.75 25.63
C SER Y 90 -67.93 -41.00 24.49
N ASN Y 91 -67.13 -40.76 23.46
CA ASN Y 91 -67.60 -40.02 22.30
C ASN Y 91 -68.58 -40.82 21.44
N ILE Y 92 -68.33 -42.12 21.30
CA ILE Y 92 -69.28 -42.98 20.57
C ILE Y 92 -70.55 -43.15 21.39
N ASN Y 93 -70.38 -43.29 22.70
CA ASN Y 93 -71.50 -43.38 23.63
C ASN Y 93 -72.43 -42.19 23.45
N VAL Y 94 -71.85 -41.01 23.39
CA VAL Y 94 -72.60 -39.77 23.29
C VAL Y 94 -73.07 -39.46 21.86
N PHE Y 95 -72.44 -40.08 20.88
CA PHE Y 95 -72.93 -39.99 19.51
C PHE Y 95 -74.18 -40.86 19.36
N VAL Y 96 -74.10 -42.09 19.83
CA VAL Y 96 -75.18 -43.04 19.63
C VAL Y 96 -76.49 -42.50 20.17
N LEU Y 97 -76.51 -42.18 21.46
CA LEU Y 97 -77.72 -41.68 22.11
C LEU Y 97 -78.43 -40.56 21.33
N GLU Y 98 -77.67 -39.58 20.86
CA GLU Y 98 -78.27 -38.42 20.19
C GLU Y 98 -78.83 -38.73 18.80
N LEU Y 99 -78.64 -39.95 18.33
CA LEU Y 99 -79.18 -40.36 17.04
C LEU Y 99 -80.50 -41.12 17.20
N LYS Y 100 -80.55 -42.03 18.17
CA LYS Y 100 -81.74 -42.86 18.42
C LYS Y 100 -82.92 -42.08 19.01
N GLY Y 101 -82.75 -41.52 20.20
CA GLY Y 101 -83.82 -40.79 20.86
C GLY Y 101 -84.79 -41.69 21.60
N PHE Y 106 -87.90 -48.93 22.59
CA PHE Y 106 -87.49 -49.98 21.68
C PHE Y 106 -86.48 -50.96 22.29
N MET Y 107 -86.37 -52.15 21.69
CA MET Y 107 -85.49 -53.20 22.19
C MET Y 107 -84.76 -53.92 21.06
N CYS Y 108 -83.45 -54.02 21.19
CA CYS Y 108 -82.63 -54.63 20.15
C CYS Y 108 -82.94 -56.12 19.95
N GLU Y 109 -82.53 -56.63 18.80
CA GLU Y 109 -82.56 -58.06 18.52
C GLU Y 109 -81.30 -58.39 17.71
N TYR Y 110 -80.53 -59.36 18.19
CA TYR Y 110 -79.23 -59.65 17.61
C TYR Y 110 -79.25 -60.81 16.63
N ALA Y 111 -78.11 -61.10 16.05
CA ALA Y 111 -77.98 -62.24 15.15
C ALA Y 111 -77.48 -63.46 15.91
N ASP Y 112 -77.47 -64.61 15.25
CA ASP Y 112 -76.95 -65.83 15.86
C ASP Y 112 -75.45 -65.94 15.65
N GLU Y 113 -74.91 -64.96 14.92
CA GLU Y 113 -73.52 -65.00 14.50
C GLU Y 113 -72.66 -63.93 15.17
N THR Y 114 -71.63 -64.37 15.90
CA THR Y 114 -70.66 -63.46 16.49
C THR Y 114 -69.61 -63.09 15.47
N ALA Y 115 -68.76 -62.14 15.84
CA ALA Y 115 -67.74 -61.66 14.92
C ALA Y 115 -66.45 -61.31 15.63
N THR Y 116 -65.44 -60.96 14.85
CA THR Y 116 -64.23 -60.40 15.41
C THR Y 116 -64.48 -58.91 15.51
N ILE Y 117 -63.78 -58.24 16.41
CA ILE Y 117 -63.92 -56.79 16.57
C ILE Y 117 -63.88 -56.11 15.20
N VAL Y 118 -63.05 -56.64 14.29
CA VAL Y 118 -62.92 -56.06 12.97
C VAL Y 118 -64.19 -56.25 12.16
N GLU Y 119 -64.66 -57.50 12.10
CA GLU Y 119 -65.93 -57.80 11.44
C GLU Y 119 -67.04 -57.01 12.14
N PHE Y 120 -66.95 -56.89 13.45
CA PHE Y 120 -67.86 -56.05 14.21
C PHE Y 120 -67.85 -54.65 13.61
N LEU Y 121 -66.68 -54.04 13.52
CA LEU Y 121 -66.54 -52.66 13.06
C LEU Y 121 -66.88 -52.48 11.58
N ASN Y 122 -66.49 -53.44 10.75
CA ASN Y 122 -66.89 -53.42 9.35
C ASN Y 122 -68.41 -53.21 9.27
N ARG Y 123 -69.15 -54.05 9.99
CA ARG Y 123 -70.61 -54.02 9.98
C ARG Y 123 -71.17 -52.64 10.31
N TRP Y 124 -70.71 -52.05 11.40
CA TRP Y 124 -71.26 -50.79 11.87
C TRP Y 124 -70.85 -49.58 11.02
N ILE Y 125 -69.59 -49.55 10.60
CA ILE Y 125 -69.13 -48.50 9.68
C ILE Y 125 -70.04 -48.52 8.47
N THR Y 126 -70.53 -49.71 8.14
CA THR Y 126 -71.46 -49.87 7.02
C THR Y 126 -72.77 -49.15 7.31
N PHE Y 127 -73.30 -49.33 8.52
CA PHE Y 127 -74.52 -48.63 8.90
C PHE Y 127 -74.37 -47.14 8.69
N CYS Y 128 -73.34 -46.57 9.28
CA CYS Y 128 -73.03 -45.16 9.02
C CYS Y 128 -72.91 -44.84 7.54
N GLN Y 129 -71.92 -45.42 6.86
CA GLN Y 129 -71.72 -45.13 5.46
C GLN Y 129 -73.08 -45.27 4.80
N SER Y 130 -73.86 -46.27 5.24
CA SER Y 130 -75.20 -46.57 4.68
C SER Y 130 -76.38 -45.57 4.87
N ILE Y 131 -76.56 -45.05 6.09
CA ILE Y 131 -77.52 -44.00 6.37
C ILE Y 131 -77.18 -42.70 5.66
N ILE Y 132 -75.93 -42.27 5.73
CA ILE Y 132 -75.50 -41.02 5.10
C ILE Y 132 -75.96 -40.96 3.65
N SER Y 133 -75.80 -42.07 2.94
CA SER Y 133 -76.08 -42.12 1.50
C SER Y 133 -77.49 -41.65 1.14
N THR Y 134 -78.49 -42.29 1.71
CA THR Y 134 -79.88 -41.97 1.38
C THR Y 134 -80.28 -40.61 1.96
N LEU Y 135 -79.38 -39.99 2.72
CA LEU Y 135 -79.65 -38.67 3.29
C LEU Y 135 -79.13 -37.56 2.37
N SER Z 9 -71.65 -6.63 30.01
CA SER Z 9 -70.98 -6.62 28.71
C SER Z 9 -70.84 -8.03 28.10
N GLN Z 10 -69.65 -8.31 27.56
CA GLN Z 10 -69.47 -9.49 26.72
C GLN Z 10 -68.66 -10.63 27.33
N PHE Z 11 -69.08 -11.86 27.01
CA PHE Z 11 -68.44 -13.08 27.49
C PHE Z 11 -68.20 -13.98 26.28
N THR Z 12 -66.94 -14.23 25.96
CA THR Z 12 -66.56 -14.87 24.68
C THR Z 12 -65.63 -16.08 24.82
N CYS Z 13 -66.07 -17.23 24.29
CA CYS Z 13 -65.28 -18.45 24.40
C CYS Z 13 -65.20 -19.27 23.11
N PHE Z 14 -64.09 -19.97 22.93
CA PHE Z 14 -63.82 -20.79 21.74
C PHE Z 14 -63.28 -22.17 22.08
N TYR Z 15 -63.31 -23.07 21.11
CA TYR Z 15 -62.86 -24.46 21.32
C TYR Z 15 -61.82 -24.87 20.29
N ASN Z 16 -60.64 -25.28 20.75
CA ASN Z 16 -59.56 -25.69 19.85
C ASN Z 16 -59.78 -27.08 19.26
N SER Z 17 -60.91 -27.68 19.62
CA SER Z 17 -61.36 -28.96 19.06
C SER Z 17 -60.69 -30.15 19.72
N ARG Z 18 -60.08 -29.93 20.88
CA ARG Z 18 -59.45 -31.03 21.59
C ARG Z 18 -59.52 -30.93 23.11
N ALA Z 19 -58.73 -30.03 23.70
CA ALA Z 19 -58.62 -30.03 25.16
C ALA Z 19 -58.81 -28.68 25.84
N GLN Z 20 -58.86 -27.61 25.04
CA GLN Z 20 -58.89 -26.24 25.55
C GLN Z 20 -60.09 -25.42 25.06
N ILE Z 21 -60.65 -24.63 25.97
CA ILE Z 21 -61.74 -23.69 25.72
C ILE Z 21 -61.33 -22.29 26.19
N SER Z 22 -60.96 -21.41 25.26
CA SER Z 22 -60.42 -20.08 25.58
C SER Z 22 -61.50 -19.03 25.89
N CYS Z 23 -61.31 -18.28 26.98
CA CYS Z 23 -62.34 -17.35 27.48
C CYS Z 23 -61.85 -15.91 27.63
N VAL Z 24 -62.69 -14.97 27.20
CA VAL Z 24 -62.47 -13.54 27.43
C VAL Z 24 -63.72 -12.87 28.02
N TRP Z 25 -63.53 -12.13 29.11
CA TRP Z 25 -64.65 -11.49 29.81
C TRP Z 25 -64.38 -10.02 30.15
N SER Z 26 -65.36 -9.18 29.87
CA SER Z 26 -65.24 -7.73 30.03
C SER Z 26 -66.31 -7.17 30.94
N GLN Z 27 -65.91 -6.25 31.81
CA GLN Z 27 -66.83 -5.61 32.73
C GLN Z 27 -66.32 -4.24 33.14
N THR Z 34 -62.17 -8.61 44.51
CA THR Z 34 -62.52 -8.57 43.10
C THR Z 34 -62.15 -9.88 42.39
N SER Z 35 -62.29 -11.01 43.10
CA SER Z 35 -61.95 -12.31 42.53
C SER Z 35 -63.02 -12.83 41.57
N CYS Z 36 -62.59 -13.47 40.49
CA CYS Z 36 -63.53 -13.95 39.49
C CYS Z 36 -63.02 -15.18 38.74
N GLN Z 37 -63.94 -16.10 38.41
CA GLN Z 37 -63.61 -17.34 37.69
C GLN Z 37 -64.60 -17.57 36.57
N VAL Z 38 -64.32 -18.58 35.76
CA VAL Z 38 -65.30 -19.08 34.80
C VAL Z 38 -65.50 -20.57 35.06
N HIS Z 39 -66.72 -21.05 34.88
CA HIS Z 39 -67.02 -22.46 35.07
C HIS Z 39 -67.59 -23.02 33.80
N ALA Z 40 -67.40 -24.32 33.60
CA ALA Z 40 -67.87 -24.99 32.40
C ALA Z 40 -68.53 -26.31 32.75
N TRP Z 41 -69.85 -26.39 32.55
CA TRP Z 41 -70.61 -27.55 32.97
C TRP Z 41 -71.32 -28.22 31.79
N PRO Z 42 -70.75 -29.34 31.34
CA PRO Z 42 -71.21 -30.15 30.20
C PRO Z 42 -72.65 -30.57 30.39
N ASP Z 43 -73.25 -31.12 29.35
CA ASP Z 43 -74.58 -31.68 29.49
C ASP Z 43 -74.49 -33.19 29.62
N ARG Z 44 -73.46 -33.76 29.01
CA ARG Z 44 -73.35 -35.21 28.96
C ARG Z 44 -72.07 -35.76 29.60
N ARG Z 45 -71.37 -34.93 30.36
CA ARG Z 45 -70.11 -35.38 30.95
C ARG Z 45 -70.08 -35.35 32.48
N ARG Z 46 -69.33 -36.29 33.03
CA ARG Z 46 -69.29 -36.51 34.47
C ARG Z 46 -68.23 -35.63 35.14
N TRP Z 47 -67.74 -34.64 34.40
CA TRP Z 47 -66.64 -33.82 34.88
C TRP Z 47 -66.95 -32.34 34.78
N GLN Z 48 -66.13 -31.52 35.43
CA GLN Z 48 -66.27 -30.06 35.39
C GLN Z 48 -64.92 -29.35 35.61
N GLN Z 49 -64.79 -28.15 35.09
CA GLN Z 49 -63.51 -27.47 35.18
C GLN Z 49 -63.64 -25.98 35.54
N THR Z 50 -62.68 -25.50 36.32
CA THR Z 50 -62.66 -24.12 36.79
C THR Z 50 -61.34 -23.44 36.44
N CYS Z 51 -61.39 -22.15 36.13
CA CYS Z 51 -60.17 -21.36 35.94
C CYS Z 51 -60.28 -19.99 36.58
N GLU Z 52 -59.20 -19.51 37.17
CA GLU Z 52 -59.18 -18.18 37.77
C GLU Z 52 -58.89 -17.13 36.71
N LEU Z 53 -59.93 -16.48 36.23
CA LEU Z 53 -59.79 -15.41 35.26
C LEU Z 53 -58.71 -14.44 35.69
N LEU Z 54 -57.93 -13.99 34.72
CA LEU Z 54 -56.92 -12.98 34.99
C LEU Z 54 -57.12 -11.82 34.03
N PRO Z 55 -56.73 -10.61 34.46
CA PRO Z 55 -56.91 -9.40 33.65
C PRO Z 55 -55.92 -9.27 32.47
N VAL Z 56 -56.47 -8.87 31.33
CA VAL Z 56 -55.69 -8.63 30.12
C VAL Z 56 -55.75 -7.14 29.77
N SER Z 57 -56.80 -6.73 29.06
CA SER Z 57 -56.96 -5.33 28.69
C SER Z 57 -57.46 -4.52 29.88
N GLN Z 58 -57.77 -3.25 29.64
CA GLN Z 58 -58.23 -2.34 30.70
C GLN Z 58 -59.43 -2.93 31.45
N ALA Z 59 -60.34 -3.53 30.71
CA ALA Z 59 -61.45 -4.27 31.29
C ALA Z 59 -61.66 -5.55 30.50
N SER Z 60 -60.65 -6.42 30.50
CA SER Z 60 -60.70 -7.69 29.79
C SER Z 60 -60.02 -8.78 30.61
N TRP Z 61 -60.60 -9.97 30.61
CA TRP Z 61 -60.03 -11.09 31.37
C TRP Z 61 -59.88 -12.34 30.51
N ALA Z 62 -58.73 -12.98 30.61
CA ALA Z 62 -58.48 -14.23 29.91
C ALA Z 62 -58.55 -15.37 30.89
N CYS Z 63 -59.06 -16.52 30.45
CA CYS Z 63 -59.06 -17.69 31.30
C CYS Z 63 -59.18 -18.98 30.49
N ASN Z 64 -58.36 -19.95 30.86
CA ASN Z 64 -58.19 -21.19 30.11
C ASN Z 64 -58.83 -22.39 30.77
N LEU Z 65 -59.85 -22.94 30.13
CA LEU Z 65 -60.48 -24.15 30.63
C LEU Z 65 -59.76 -25.36 30.03
N ILE Z 66 -58.90 -25.99 30.82
CA ILE Z 66 -58.19 -27.19 30.40
C ILE Z 66 -59.04 -28.44 30.64
N LEU Z 67 -59.46 -29.06 29.54
CA LEU Z 67 -60.37 -30.21 29.58
C LEU Z 67 -59.70 -31.58 29.78
N GLY Z 68 -58.81 -31.97 28.86
CA GLY Z 68 -58.10 -33.23 28.98
C GLY Z 68 -56.60 -33.06 28.81
N ALA Z 69 -55.94 -34.11 28.30
CA ALA Z 69 -54.54 -34.06 27.91
C ALA Z 69 -54.45 -33.06 26.79
N PRO Z 70 -53.29 -32.43 26.60
CA PRO Z 70 -53.19 -31.44 25.53
C PRO Z 70 -53.82 -31.85 24.19
N ASP Z 71 -53.72 -33.13 23.81
CA ASP Z 71 -54.12 -33.54 22.46
C ASP Z 71 -55.40 -34.40 22.40
N SER Z 72 -56.07 -34.54 23.53
CA SER Z 72 -57.22 -35.44 23.66
C SER Z 72 -58.55 -34.81 23.21
N GLN Z 73 -59.51 -35.67 22.91
CA GLN Z 73 -60.82 -35.25 22.45
C GLN Z 73 -61.79 -35.31 23.62
N LYS Z 74 -62.02 -34.18 24.29
CA LYS Z 74 -62.85 -34.20 25.50
C LYS Z 74 -64.28 -33.69 25.36
N LEU Z 75 -64.65 -33.20 24.17
CA LEU Z 75 -66.03 -32.91 23.85
C LEU Z 75 -66.22 -33.24 22.38
N THR Z 76 -67.45 -33.45 21.95
CA THR Z 76 -67.72 -33.65 20.53
C THR Z 76 -68.83 -32.73 20.05
N THR Z 77 -69.17 -32.80 18.77
CA THR Z 77 -70.14 -31.87 18.19
C THR Z 77 -71.48 -31.88 18.90
N VAL Z 78 -71.81 -32.98 19.55
CA VAL Z 78 -73.14 -33.13 20.14
C VAL Z 78 -73.22 -32.73 21.62
N ASP Z 79 -72.07 -32.47 22.23
CA ASP Z 79 -72.07 -31.95 23.59
C ASP Z 79 -72.51 -30.50 23.60
N ILE Z 80 -72.95 -30.04 24.75
CA ILE Z 80 -73.30 -28.65 24.95
C ILE Z 80 -72.86 -28.29 26.35
N VAL Z 81 -71.89 -27.39 26.48
CA VAL Z 81 -71.38 -27.02 27.79
C VAL Z 81 -71.98 -25.72 28.24
N THR Z 82 -72.51 -25.69 29.47
CA THR Z 82 -73.05 -24.46 30.03
C THR Z 82 -71.93 -23.78 30.78
N LEU Z 83 -71.45 -22.67 30.26
CA LEU Z 83 -70.33 -21.97 30.89
C LEU Z 83 -70.79 -20.75 31.67
N ARG Z 84 -70.39 -20.66 32.93
CA ARG Z 84 -70.82 -19.53 33.76
C ARG Z 84 -69.65 -18.64 34.21
N VAL Z 85 -69.98 -17.49 34.81
CA VAL Z 85 -68.98 -16.59 35.36
C VAL Z 85 -69.38 -16.26 36.78
N LEU Z 86 -68.42 -16.18 37.69
CA LEU Z 86 -68.76 -15.94 39.08
C LEU Z 86 -67.87 -14.86 39.65
N CYS Z 87 -68.38 -14.11 40.62
CA CYS Z 87 -67.59 -13.10 41.33
C CYS Z 87 -67.94 -13.07 42.81
N ARG Z 88 -66.94 -13.27 43.65
CA ARG Z 88 -67.19 -13.23 45.08
C ARG Z 88 -67.71 -11.88 45.59
N GLU Z 89 -68.97 -11.86 46.01
CA GLU Z 89 -69.50 -10.69 46.74
C GLU Z 89 -70.02 -11.12 48.12
N GLY Z 90 -69.27 -10.81 49.16
CA GLY Z 90 -69.51 -11.41 50.45
C GLY Z 90 -69.11 -12.87 50.35
N VAL Z 91 -69.97 -13.76 50.81
CA VAL Z 91 -69.68 -15.19 50.85
C VAL Z 91 -69.96 -15.89 49.53
N ARG Z 92 -71.22 -15.87 49.09
CA ARG Z 92 -71.60 -16.62 47.90
C ARG Z 92 -71.04 -16.05 46.58
N TRP Z 93 -71.33 -16.76 45.49
CA TRP Z 93 -70.89 -16.36 44.15
C TRP Z 93 -72.08 -15.84 43.36
N ARG Z 94 -71.94 -14.65 42.78
CA ARG Z 94 -72.96 -14.09 41.90
C ARG Z 94 -72.69 -14.51 40.46
N VAL Z 95 -73.67 -15.13 39.80
CA VAL Z 95 -73.52 -15.52 38.41
C VAL Z 95 -73.49 -14.28 37.51
N MET Z 96 -72.30 -13.89 37.06
CA MET Z 96 -72.11 -12.63 36.35
C MET Z 96 -72.46 -12.71 34.86
N ALA Z 97 -72.30 -13.89 34.26
CA ALA Z 97 -72.78 -14.12 32.91
C ALA Z 97 -72.90 -15.60 32.57
N ILE Z 98 -73.80 -15.93 31.65
CA ILE Z 98 -74.05 -17.34 31.31
C ILE Z 98 -74.36 -17.57 29.82
N GLN Z 99 -73.78 -18.64 29.29
CA GLN Z 99 -73.85 -18.97 27.87
C GLN Z 99 -74.04 -20.47 27.70
N ASP Z 100 -75.05 -20.87 26.93
CA ASP Z 100 -75.21 -22.27 26.55
C ASP Z 100 -74.28 -22.51 25.38
N PHE Z 101 -73.14 -23.14 25.64
CA PHE Z 101 -72.01 -23.18 24.72
C PHE Z 101 -71.98 -24.46 23.89
N LYS Z 102 -72.24 -24.33 22.59
CA LYS Z 102 -72.10 -25.45 21.66
C LYS Z 102 -70.64 -25.51 21.20
N PRO Z 103 -69.91 -26.55 21.61
CA PRO Z 103 -68.45 -26.56 21.46
C PRO Z 103 -68.00 -26.42 20.01
N PHE Z 104 -68.61 -27.21 19.13
CA PHE Z 104 -68.12 -27.28 17.76
C PHE Z 104 -68.56 -26.14 16.86
N GLU Z 105 -69.25 -25.16 17.44
CA GLU Z 105 -69.61 -23.97 16.68
C GLU Z 105 -68.80 -22.78 17.19
N ASN Z 106 -67.71 -23.10 17.89
CA ASN Z 106 -66.85 -22.10 18.50
C ASN Z 106 -65.38 -22.36 18.21
N LEU Z 107 -65.12 -23.17 17.20
CA LEU Z 107 -63.77 -23.59 16.89
C LEU Z 107 -62.83 -22.41 16.63
N ARG Z 108 -61.71 -22.39 17.34
CA ARG Z 108 -60.59 -21.54 16.99
C ARG Z 108 -59.34 -22.37 17.26
N LEU Z 109 -58.74 -22.87 16.19
CA LEU Z 109 -57.67 -23.87 16.26
C LEU Z 109 -56.33 -23.27 16.67
N MET Z 110 -55.50 -24.05 17.35
CA MET Z 110 -54.18 -23.55 17.75
C MET Z 110 -53.37 -23.15 16.53
N ALA Z 111 -52.65 -22.03 16.63
CA ALA Z 111 -51.88 -21.53 15.50
C ALA Z 111 -50.88 -22.57 15.04
N PRO Z 112 -50.85 -22.84 13.72
CA PRO Z 112 -49.96 -23.85 13.12
C PRO Z 112 -48.53 -23.75 13.65
N ILE Z 113 -47.81 -24.86 13.64
CA ILE Z 113 -46.44 -24.86 14.14
C ILE Z 113 -45.49 -25.78 13.39
N SER Z 114 -44.21 -25.73 13.78
CA SER Z 114 -43.15 -26.47 13.13
C SER Z 114 -43.07 -26.08 11.66
N LEU Z 115 -42.92 -24.80 11.39
CA LEU Z 115 -42.70 -24.35 10.03
C LEU Z 115 -41.30 -24.71 9.61
N GLN Z 116 -41.09 -24.90 8.31
CA GLN Z 116 -39.76 -25.18 7.81
C GLN Z 116 -39.69 -25.00 6.30
N VAL Z 117 -38.48 -24.88 5.77
CA VAL Z 117 -38.27 -24.73 4.33
C VAL Z 117 -37.89 -26.04 3.68
N VAL Z 118 -38.72 -26.51 2.76
CA VAL Z 118 -38.45 -27.76 2.06
C VAL Z 118 -37.32 -27.55 1.07
N HIS Z 119 -37.57 -26.73 0.07
CA HIS Z 119 -36.66 -26.55 -1.05
C HIS Z 119 -36.48 -25.07 -1.36
N VAL Z 120 -35.35 -24.70 -1.94
CA VAL Z 120 -35.07 -23.30 -2.25
C VAL Z 120 -34.44 -23.09 -3.61
N GLU Z 121 -34.56 -21.88 -4.13
CA GLU Z 121 -33.91 -21.50 -5.39
C GLU Z 121 -33.81 -19.98 -5.40
N THR Z 122 -33.60 -19.41 -6.59
CA THR Z 122 -33.68 -17.98 -6.76
C THR Z 122 -35.13 -17.58 -7.02
N HIS Z 123 -35.80 -18.36 -7.86
CA HIS Z 123 -37.13 -18.01 -8.36
C HIS Z 123 -38.29 -18.82 -7.79
N ARG Z 124 -38.02 -19.71 -6.85
CA ARG Z 124 -39.07 -20.47 -6.17
C ARG Z 124 -38.69 -20.79 -4.73
N CYS Z 125 -39.70 -21.04 -3.90
CA CYS Z 125 -39.50 -21.57 -2.55
C CYS Z 125 -40.64 -22.49 -2.19
N ASN Z 126 -40.37 -23.47 -1.34
CA ASN Z 126 -41.41 -24.36 -0.87
C ASN Z 126 -41.39 -24.51 0.66
N ILE Z 127 -42.53 -24.22 1.27
CA ILE Z 127 -42.64 -24.23 2.72
C ILE Z 127 -43.83 -25.07 3.16
N SER Z 128 -43.70 -25.68 4.35
CA SER Z 128 -44.72 -26.57 4.86
C SER Z 128 -44.92 -26.29 6.33
N TRP Z 129 -46.07 -26.71 6.85
CA TRP Z 129 -46.43 -26.48 8.24
C TRP Z 129 -47.10 -27.70 8.89
N GLU Z 130 -47.12 -27.70 10.22
CA GLU Z 130 -47.90 -28.67 10.99
C GLU Z 130 -49.08 -27.98 11.67
N ILE Z 131 -50.24 -28.61 11.64
CA ILE Z 131 -51.37 -28.11 12.40
C ILE Z 131 -51.33 -28.75 13.77
N SER Z 132 -51.51 -27.91 14.79
CA SER Z 132 -51.46 -28.37 16.17
C SER Z 132 -52.74 -29.13 16.48
N GLN Z 133 -52.96 -29.41 17.75
CA GLN Z 133 -54.03 -30.32 18.05
C GLN Z 133 -55.18 -29.78 17.24
N ALA Z 134 -55.72 -30.68 16.44
CA ALA Z 134 -56.82 -30.42 15.53
C ALA Z 134 -57.60 -31.71 15.33
N SER Z 135 -58.85 -31.71 15.79
CA SER Z 135 -59.64 -32.94 15.93
C SER Z 135 -59.87 -33.75 14.65
N HIS Z 136 -59.86 -35.06 14.81
CA HIS Z 136 -60.05 -36.00 13.70
C HIS Z 136 -61.42 -35.87 13.08
N TYR Z 137 -62.38 -35.36 13.85
CA TYR Z 137 -63.75 -35.21 13.34
C TYR Z 137 -63.79 -34.34 12.08
N PHE Z 138 -62.82 -33.43 11.97
CA PHE Z 138 -62.70 -32.56 10.81
C PHE Z 138 -62.34 -33.33 9.55
N GLU Z 139 -61.56 -34.40 9.72
CA GLU Z 139 -60.90 -35.07 8.62
C GLU Z 139 -60.06 -34.09 7.79
N ARG Z 140 -60.41 -33.97 6.52
CA ARG Z 140 -59.68 -33.12 5.58
C ARG Z 140 -60.34 -31.77 5.29
N HIS Z 141 -61.41 -31.47 6.02
CA HIS Z 141 -62.14 -30.22 5.79
C HIS Z 141 -61.49 -29.05 6.53
N LEU Z 142 -60.35 -28.60 6.00
CA LEU Z 142 -59.64 -27.48 6.60
C LEU Z 142 -59.12 -26.49 5.55
N GLU Z 143 -59.02 -25.22 5.96
CA GLU Z 143 -58.51 -24.17 5.10
C GLU Z 143 -57.28 -23.59 5.77
N PHE Z 144 -56.37 -23.05 4.97
CA PHE Z 144 -55.27 -22.28 5.52
C PHE Z 144 -55.23 -20.93 4.79
N GLU Z 145 -54.36 -20.05 5.27
CA GLU Z 145 -54.13 -18.78 4.59
C GLU Z 145 -52.69 -18.39 4.78
N ALA Z 146 -52.14 -17.69 3.81
CA ALA Z 146 -50.72 -17.39 3.84
C ALA Z 146 -50.40 -15.96 3.44
N ARG Z 147 -49.30 -15.45 3.98
CA ARG Z 147 -48.86 -14.09 3.73
C ARG Z 147 -47.35 -14.04 3.69
N THR Z 148 -46.80 -13.71 2.54
CA THR Z 148 -45.37 -13.50 2.40
C THR Z 148 -45.04 -12.07 2.81
N LEU Z 149 -44.27 -11.92 3.88
CA LEU Z 149 -43.73 -10.61 4.21
C LEU Z 149 -42.57 -10.28 3.27
N SER Z 150 -42.69 -9.17 2.55
CA SER Z 150 -41.66 -8.76 1.58
C SER Z 150 -40.98 -7.47 2.03
N PRO Z 151 -39.67 -7.33 1.75
CA PRO Z 151 -38.89 -6.20 2.25
C PRO Z 151 -39.56 -4.88 1.93
N GLY Z 152 -40.19 -4.81 0.76
CA GLY Z 152 -40.77 -3.57 0.29
C GLY Z 152 -42.04 -3.14 0.99
N HIS Z 153 -42.73 -4.07 1.64
CA HIS Z 153 -44.03 -3.77 2.22
C HIS Z 153 -44.18 -4.42 3.60
N THR Z 154 -45.23 -4.04 4.34
CA THR Z 154 -45.51 -4.65 5.65
C THR Z 154 -46.38 -5.89 5.54
N TRP Z 155 -46.48 -6.65 6.63
CA TRP Z 155 -47.37 -7.80 6.68
C TRP Z 155 -48.76 -7.41 6.18
N GLU Z 156 -49.28 -6.34 6.78
CA GLU Z 156 -50.60 -5.81 6.47
C GLU Z 156 -50.78 -5.58 4.96
N GLU Z 157 -49.69 -5.24 4.29
CA GLU Z 157 -49.73 -4.96 2.85
C GLU Z 157 -49.86 -6.23 2.01
N ALA Z 158 -49.18 -7.29 2.44
CA ALA Z 158 -49.08 -8.52 1.65
C ALA Z 158 -50.42 -9.16 1.34
N PRO Z 159 -50.52 -9.83 0.18
CA PRO Z 159 -51.77 -10.47 -0.24
C PRO Z 159 -52.09 -11.64 0.66
N LEU Z 160 -53.37 -11.99 0.75
CA LEU Z 160 -53.76 -13.23 1.41
C LEU Z 160 -53.69 -14.38 0.40
N LEU Z 161 -53.06 -15.47 0.82
CA LEU Z 161 -52.91 -16.64 -0.02
C LEU Z 161 -53.98 -17.67 0.33
N THR Z 162 -55.07 -17.66 -0.45
CA THR Z 162 -56.18 -18.54 -0.19
C THR Z 162 -55.73 -19.97 -0.38
N LEU Z 163 -55.74 -20.74 0.71
CA LEU Z 163 -55.62 -22.19 0.61
C LEU Z 163 -56.98 -22.81 0.89
N LYS Z 164 -57.61 -23.34 -0.16
CA LYS Z 164 -58.96 -23.88 -0.03
C LYS Z 164 -58.99 -25.39 0.20
N GLN Z 165 -57.86 -25.97 0.57
CA GLN Z 165 -57.79 -27.39 0.90
C GLN Z 165 -56.92 -27.62 2.12
N LYS Z 166 -56.91 -28.86 2.60
CA LYS Z 166 -55.96 -29.24 3.63
C LYS Z 166 -54.60 -29.29 2.96
N GLN Z 167 -54.02 -28.12 2.71
CA GLN Z 167 -52.67 -28.05 2.16
C GLN Z 167 -51.74 -27.55 3.25
N GLU Z 168 -50.88 -28.45 3.73
CA GLU Z 168 -49.94 -28.13 4.80
C GLU Z 168 -48.59 -27.66 4.26
N TRP Z 169 -48.51 -27.54 2.93
CA TRP Z 169 -47.40 -26.85 2.27
C TRP Z 169 -47.89 -25.76 1.29
N ILE Z 170 -47.00 -24.81 1.01
CA ILE Z 170 -47.22 -23.77 0.00
C ILE Z 170 -45.92 -23.60 -0.79
N CYS Z 171 -46.03 -23.42 -2.10
CA CYS Z 171 -44.84 -23.22 -2.91
C CYS Z 171 -44.84 -21.82 -3.56
N LEU Z 172 -44.01 -20.94 -3.02
CA LEU Z 172 -43.94 -19.56 -3.48
C LEU Z 172 -43.23 -19.42 -4.83
N GLU Z 173 -43.95 -18.87 -5.80
CA GLU Z 173 -43.39 -18.57 -7.11
C GLU Z 173 -42.96 -17.10 -7.17
N THR Z 174 -42.37 -16.71 -8.30
CA THR Z 174 -41.97 -15.31 -8.57
C THR Z 174 -41.26 -14.59 -7.42
N LEU Z 175 -40.38 -15.30 -6.73
CA LEU Z 175 -39.56 -14.66 -5.71
C LEU Z 175 -38.42 -13.92 -6.38
N THR Z 176 -37.76 -13.05 -5.64
CA THR Z 176 -36.57 -12.36 -6.15
C THR Z 176 -35.30 -12.80 -5.40
N PRO Z 177 -34.30 -13.29 -6.16
CA PRO Z 177 -33.07 -13.96 -5.70
C PRO Z 177 -32.35 -13.28 -4.53
N ASP Z 178 -31.73 -14.11 -3.70
CA ASP Z 178 -30.98 -13.68 -2.51
C ASP Z 178 -31.64 -12.56 -1.67
N THR Z 179 -32.96 -12.59 -1.57
CA THR Z 179 -33.69 -11.59 -0.79
C THR Z 179 -34.38 -12.22 0.43
N GLN Z 180 -34.31 -11.53 1.57
CA GLN Z 180 -34.95 -11.97 2.82
C GLN Z 180 -36.46 -12.12 2.68
N TYR Z 181 -37.07 -12.93 3.56
CA TYR Z 181 -38.52 -13.14 3.56
C TYR Z 181 -39.01 -13.64 4.91
N GLU Z 182 -40.31 -13.47 5.16
CA GLU Z 182 -40.96 -14.02 6.34
C GLU Z 182 -42.38 -14.49 5.99
N PHE Z 183 -42.66 -15.76 6.31
CA PHE Z 183 -43.88 -16.42 5.84
C PHE Z 183 -44.82 -16.80 7.01
N GLN Z 184 -46.13 -16.66 6.79
CA GLN Z 184 -47.13 -16.81 7.88
C GLN Z 184 -48.41 -17.53 7.43
N VAL Z 185 -48.88 -18.47 8.24
CA VAL Z 185 -50.01 -19.31 7.86
C VAL Z 185 -51.03 -19.50 8.98
N ARG Z 186 -52.31 -19.46 8.62
CA ARG Z 186 -53.37 -19.74 9.59
C ARG Z 186 -54.33 -20.81 9.07
N VAL Z 187 -55.28 -21.22 9.93
CA VAL Z 187 -56.17 -22.33 9.61
C VAL Z 187 -57.58 -22.05 10.13
N LYS Z 188 -58.56 -22.71 9.55
CA LYS Z 188 -59.94 -22.64 10.04
C LYS Z 188 -60.64 -23.92 9.63
N PRO Z 189 -61.45 -24.48 10.54
CA PRO Z 189 -62.34 -25.59 10.13
C PRO Z 189 -63.60 -25.06 9.43
N LEU Z 190 -64.11 -25.82 8.47
CA LEU Z 190 -65.25 -25.40 7.67
C LEU Z 190 -66.52 -25.45 8.47
N GLN Z 191 -66.57 -26.37 9.41
CA GLN Z 191 -67.73 -26.50 10.29
C GLN Z 191 -67.69 -25.37 11.32
N GLY Z 192 -68.83 -25.08 11.94
CA GLY Z 192 -68.90 -24.03 12.94
C GLY Z 192 -69.42 -22.72 12.38
N GLU Z 193 -70.32 -22.08 13.13
CA GLU Z 193 -70.92 -20.82 12.70
C GLU Z 193 -70.15 -19.61 13.24
N PHE Z 194 -69.75 -19.69 14.50
CA PHE Z 194 -68.98 -18.60 15.13
C PHE Z 194 -67.48 -18.88 15.02
N THR Z 195 -67.16 -19.96 14.30
CA THR Z 195 -65.77 -20.39 14.09
C THR Z 195 -64.96 -19.40 13.26
N THR Z 196 -63.77 -19.05 13.73
CA THR Z 196 -62.89 -18.18 12.94
C THR Z 196 -61.44 -18.66 12.85
N TRP Z 197 -60.71 -18.01 11.97
CA TRP Z 197 -59.31 -18.34 11.72
C TRP Z 197 -58.52 -18.51 13.00
N SER Z 198 -57.49 -19.34 12.94
CA SER Z 198 -56.58 -19.48 14.06
C SER Z 198 -55.83 -18.17 14.21
N PRO Z 199 -55.05 -18.05 15.29
CA PRO Z 199 -54.07 -16.96 15.39
C PRO Z 199 -52.93 -17.25 14.41
N TRP Z 200 -52.11 -16.25 14.13
CA TRP Z 200 -51.06 -16.43 13.14
C TRP Z 200 -49.86 -17.21 13.67
N SER Z 201 -49.32 -18.08 12.83
CA SER Z 201 -48.13 -18.86 13.13
C SER Z 201 -46.90 -17.98 13.08
N GLN Z 202 -45.99 -18.17 14.03
CA GLN Z 202 -44.81 -17.30 14.15
C GLN Z 202 -44.15 -17.14 12.78
N PRO Z 203 -43.58 -15.97 12.52
CA PRO Z 203 -43.01 -15.73 11.19
C PRO Z 203 -41.77 -16.59 10.98
N LEU Z 204 -41.72 -17.29 9.85
CA LEU Z 204 -40.54 -18.06 9.48
C LEU Z 204 -39.57 -17.22 8.68
N ALA Z 205 -38.40 -16.97 9.25
CA ALA Z 205 -37.35 -16.25 8.53
C ALA Z 205 -36.65 -17.16 7.52
N PHE Z 206 -36.73 -16.82 6.24
CA PHE Z 206 -35.93 -17.51 5.22
C PHE Z 206 -35.52 -16.58 4.09
N ARG Z 207 -34.44 -17.01 3.43
CA ARG Z 207 -33.74 -16.21 2.44
C ARG Z 207 -33.27 -17.09 1.28
N THR Z 208 -33.50 -16.63 0.06
CA THR Z 208 -33.36 -17.46 -1.14
C THR Z 208 -31.93 -17.70 -1.60
N LYS Z 209 -31.79 -18.23 -2.82
CA LYS Z 209 -30.51 -18.55 -3.43
C LYS Z 209 -30.04 -17.44 -4.36
N PRO Z 210 -28.72 -17.35 -4.59
CA PRO Z 210 -28.13 -16.52 -5.67
C PRO Z 210 -28.00 -17.30 -6.98
N PRO AA 4 -59.95 -75.37 -8.48
CA PRO AA 4 -59.55 -73.97 -8.31
C PRO AA 4 -60.17 -73.06 -9.37
N LEU AA 5 -61.36 -72.54 -9.07
CA LEU AA 5 -62.05 -71.63 -9.97
C LEU AA 5 -61.27 -70.34 -10.15
N PRO AA 6 -61.66 -69.54 -11.15
CA PRO AA 6 -61.12 -68.19 -11.25
C PRO AA 6 -61.72 -67.31 -10.17
N GLU AA 7 -60.88 -66.64 -9.39
CA GLU AA 7 -61.37 -65.61 -8.48
C GLU AA 7 -62.03 -64.54 -9.33
N VAL AA 8 -63.03 -63.86 -8.80
CA VAL AA 8 -63.71 -62.84 -9.57
C VAL AA 8 -63.64 -61.48 -8.90
N GLN AA 9 -63.82 -60.43 -9.69
CA GLN AA 9 -63.83 -59.07 -9.19
C GLN AA 9 -65.00 -58.31 -9.79
N CYS AA 10 -65.69 -57.54 -8.96
CA CYS AA 10 -66.84 -56.77 -9.41
C CYS AA 10 -66.65 -55.30 -9.06
N PHE AA 11 -67.32 -54.43 -9.81
CA PHE AA 11 -67.23 -53.01 -9.56
C PHE AA 11 -68.56 -52.31 -9.82
N VAL AA 12 -69.00 -51.51 -8.84
CA VAL AA 12 -70.18 -50.69 -9.00
C VAL AA 12 -69.78 -49.40 -9.70
N PHE AA 13 -70.23 -49.22 -10.95
CA PHE AA 13 -69.80 -48.08 -11.75
C PHE AA 13 -70.73 -46.89 -11.64
N ASN AA 14 -70.23 -45.81 -11.04
CA ASN AA 14 -70.99 -44.59 -10.97
C ASN AA 14 -72.42 -44.95 -10.58
N VAL AA 15 -72.54 -45.94 -9.70
CA VAL AA 15 -73.81 -46.56 -9.31
C VAL AA 15 -74.81 -46.71 -10.46
N GLU AA 16 -74.29 -46.92 -11.68
CA GLU AA 16 -75.13 -47.12 -12.86
C GLU AA 16 -75.37 -48.59 -13.15
N TYR AA 17 -74.46 -49.45 -12.68
CA TYR AA 17 -74.56 -50.89 -12.94
C TYR AA 17 -73.28 -51.62 -12.52
N MET AA 18 -73.39 -52.93 -12.32
CA MET AA 18 -72.26 -53.72 -11.87
C MET AA 18 -71.85 -54.84 -12.81
N ASN AA 19 -70.60 -54.79 -13.26
CA ASN AA 19 -69.97 -55.93 -13.93
C ASN AA 19 -69.19 -56.74 -12.91
N CYS AA 20 -69.15 -58.05 -13.09
CA CYS AA 20 -68.35 -58.94 -12.26
C CYS AA 20 -67.66 -59.94 -13.17
N THR AA 21 -66.33 -59.94 -13.18
CA THR AA 21 -65.58 -60.63 -14.24
C THR AA 21 -64.54 -61.65 -13.75
N TRP AA 22 -64.23 -62.61 -14.63
CA TRP AA 22 -63.22 -63.62 -14.35
C TRP AA 22 -62.59 -64.21 -15.63
N GLN AA 23 -61.38 -64.75 -15.50
CA GLN AA 23 -60.65 -65.30 -16.64
C GLN AA 23 -60.88 -66.80 -16.73
N SER AA 24 -61.55 -67.23 -17.79
CA SER AA 24 -61.95 -68.64 -17.90
C SER AA 24 -60.88 -69.50 -18.60
N SER AA 25 -59.81 -68.84 -19.05
CA SER AA 25 -58.79 -69.49 -19.87
C SER AA 25 -58.13 -70.69 -19.19
N SER AA 26 -58.07 -70.64 -17.86
CA SER AA 26 -57.30 -71.60 -17.09
C SER AA 26 -57.90 -73.00 -17.14
N GLU AA 27 -59.22 -73.05 -17.24
CA GLU AA 27 -59.97 -74.31 -17.22
C GLU AA 27 -59.49 -75.30 -18.28
N PRO AA 28 -59.33 -76.58 -17.89
CA PRO AA 28 -58.79 -77.59 -18.81
C PRO AA 28 -59.76 -77.82 -19.96
N GLN AA 29 -61.01 -78.06 -19.60
CA GLN AA 29 -62.08 -78.16 -20.58
C GLN AA 29 -62.64 -76.76 -20.78
N PRO AA 30 -62.75 -76.31 -22.05
CA PRO AA 30 -63.40 -75.03 -22.33
C PRO AA 30 -64.72 -75.00 -21.57
N THR AA 31 -64.85 -74.13 -20.58
CA THR AA 31 -65.96 -74.21 -19.63
C THR AA 31 -66.90 -73.01 -19.67
N ASN AA 32 -68.17 -73.28 -19.41
CA ASN AA 32 -69.14 -72.25 -19.07
C ASN AA 32 -69.36 -72.24 -17.57
N LEU AA 33 -68.72 -71.30 -16.88
CA LEU AA 33 -68.97 -71.17 -15.45
C LEU AA 33 -70.27 -70.42 -15.25
N THR AA 34 -71.02 -70.80 -14.23
CA THR AA 34 -72.26 -70.11 -13.91
C THR AA 34 -72.07 -69.17 -12.72
N LEU AA 35 -72.72 -68.01 -12.81
CA LEU AA 35 -72.64 -67.01 -11.76
C LEU AA 35 -73.99 -66.87 -11.08
N HIS AA 36 -74.09 -67.37 -9.85
CA HIS AA 36 -75.29 -67.19 -9.03
C HIS AA 36 -74.96 -66.20 -7.92
N TYR AA 37 -75.98 -65.51 -7.40
CA TYR AA 37 -75.75 -64.50 -6.38
C TYR AA 37 -76.93 -64.29 -5.42
N TRP AA 38 -76.64 -63.86 -4.20
CA TRP AA 38 -77.68 -63.54 -3.24
C TRP AA 38 -77.25 -62.49 -2.20
N TYR AA 39 -78.23 -61.95 -1.48
CA TYR AA 39 -77.98 -60.98 -0.42
C TYR AA 39 -78.16 -61.62 0.95
N LYS AA 40 -77.05 -61.83 1.66
CA LYS AA 40 -77.10 -62.46 2.97
C LYS AA 40 -77.96 -61.70 3.97
N ASN AA 41 -78.43 -62.41 4.99
CA ASN AA 41 -79.06 -61.81 6.17
C ASN AA 41 -79.96 -60.60 5.87
N SER AA 42 -80.62 -60.62 4.72
CA SER AA 42 -81.44 -59.48 4.31
C SER AA 42 -82.80 -59.92 3.77
N ASP AA 43 -83.59 -58.97 3.29
CA ASP AA 43 -84.86 -59.29 2.63
C ASP AA 43 -84.66 -59.55 1.14
N ASN AA 44 -85.45 -60.47 0.60
CA ASN AA 44 -85.15 -61.07 -0.71
C ASN AA 44 -83.81 -61.80 -0.64
N ASP AA 45 -83.75 -62.84 0.18
CA ASP AA 45 -82.53 -63.62 0.36
C ASP AA 45 -82.38 -64.69 -0.73
N LYS AA 46 -83.49 -65.02 -1.37
CA LYS AA 46 -83.52 -66.06 -2.40
C LYS AA 46 -82.38 -65.93 -3.38
N VAL AA 47 -81.82 -67.06 -3.79
CA VAL AA 47 -80.77 -67.07 -4.80
C VAL AA 47 -81.38 -66.65 -6.13
N GLN AA 48 -80.63 -65.88 -6.91
CA GLN AA 48 -81.11 -65.42 -8.21
C GLN AA 48 -80.09 -65.76 -9.28
N LYS AA 49 -80.58 -66.21 -10.43
CA LYS AA 49 -79.70 -66.55 -11.54
C LYS AA 49 -79.28 -65.28 -12.29
N CYS AA 50 -78.28 -65.42 -13.15
CA CYS AA 50 -77.72 -64.28 -13.85
C CYS AA 50 -78.56 -63.92 -15.07
N SER AA 51 -78.99 -62.66 -15.14
CA SER AA 51 -79.89 -62.20 -16.20
C SER AA 51 -79.16 -61.76 -17.47
N HIS AA 52 -78.08 -60.99 -17.29
CA HIS AA 52 -77.24 -60.62 -18.43
C HIS AA 52 -75.88 -61.29 -18.34
N TYR AA 53 -75.50 -62.05 -19.36
CA TYR AA 53 -74.23 -62.76 -19.35
C TYR AA 53 -73.16 -62.07 -20.19
N LEU AA 54 -71.92 -62.03 -19.66
CA LEU AA 54 -70.78 -61.51 -20.41
C LEU AA 54 -69.99 -62.67 -21.02
N PHE AA 55 -69.28 -62.39 -22.11
CA PHE AA 55 -68.57 -63.45 -22.82
C PHE AA 55 -67.20 -63.03 -23.35
N SER AA 56 -66.24 -63.94 -23.21
CA SER AA 56 -64.92 -63.80 -23.81
C SER AA 56 -64.63 -65.04 -24.65
N GLU AA 57 -64.73 -64.89 -25.97
CA GLU AA 57 -64.50 -66.01 -26.90
C GLU AA 57 -65.51 -67.14 -26.67
N GLU AA 58 -66.79 -66.79 -26.74
CA GLU AA 58 -67.88 -67.74 -26.50
C GLU AA 58 -67.70 -68.62 -25.26
N ILE AA 59 -67.28 -67.96 -24.18
CA ILE AA 59 -67.13 -68.57 -22.86
C ILE AA 59 -67.41 -67.48 -21.83
N THR AA 60 -68.33 -67.75 -20.90
CA THR AA 60 -68.78 -66.73 -19.95
C THR AA 60 -67.61 -66.05 -19.25
N SER AA 61 -67.56 -64.72 -19.38
CA SER AA 61 -66.47 -63.94 -18.84
C SER AA 61 -66.93 -63.09 -17.67
N GLY AA 62 -68.24 -63.04 -17.44
CA GLY AA 62 -68.79 -62.27 -16.36
C GLY AA 62 -70.30 -62.05 -16.41
N CYS AA 63 -70.78 -61.03 -15.71
CA CYS AA 63 -72.22 -60.77 -15.62
C CYS AA 63 -72.53 -59.31 -15.27
N GLN AA 64 -73.74 -58.87 -15.60
CA GLN AA 64 -74.15 -57.48 -15.36
C GLN AA 64 -75.47 -57.36 -14.61
N LEU AA 65 -75.43 -56.71 -13.45
CA LEU AA 65 -76.63 -56.39 -12.69
C LEU AA 65 -76.97 -54.92 -12.88
N GLN AA 66 -78.22 -54.66 -13.25
CA GLN AA 66 -78.65 -53.28 -13.53
C GLN AA 66 -79.14 -52.57 -12.27
N LYS AA 67 -79.54 -51.31 -12.42
CA LYS AA 67 -79.94 -50.45 -11.31
C LYS AA 67 -80.83 -51.15 -10.29
N LYS AA 68 -81.77 -51.95 -10.79
CA LYS AA 68 -82.76 -52.59 -9.93
C LYS AA 68 -82.18 -53.72 -9.09
N GLU AA 69 -80.98 -54.18 -9.45
CA GLU AA 69 -80.36 -55.31 -8.78
C GLU AA 69 -79.24 -54.90 -7.81
N ILE AA 70 -79.11 -53.62 -7.54
CA ILE AA 70 -78.00 -53.13 -6.75
C ILE AA 70 -78.41 -52.41 -5.48
N HIS AA 71 -78.46 -53.16 -4.37
CA HIS AA 71 -78.57 -52.55 -3.06
C HIS AA 71 -77.16 -52.45 -2.49
N LEU AA 72 -76.64 -51.23 -2.38
CA LEU AA 72 -75.41 -51.06 -1.62
C LEU AA 72 -75.74 -51.24 -0.15
N TYR AA 73 -74.72 -51.47 0.68
CA TYR AA 73 -74.89 -51.45 2.13
C TYR AA 73 -75.50 -52.72 2.70
N GLN AA 74 -75.76 -53.70 1.85
CA GLN AA 74 -76.16 -55.02 2.29
C GLN AA 74 -75.16 -56.01 1.70
N THR AA 75 -74.76 -57.01 2.48
CA THR AA 75 -73.67 -57.90 2.05
C THR AA 75 -74.05 -58.71 0.81
N PHE AA 76 -73.24 -58.57 -0.24
CA PHE AA 76 -73.53 -59.15 -1.55
C PHE AA 76 -72.69 -60.41 -1.84
N VAL AA 77 -73.37 -61.53 -2.04
CA VAL AA 77 -72.71 -62.82 -2.26
C VAL AA 77 -72.61 -63.14 -3.74
N VAL AA 78 -71.55 -63.85 -4.13
CA VAL AA 78 -71.36 -64.28 -5.51
C VAL AA 78 -70.77 -65.69 -5.57
N GLN AA 79 -71.36 -66.54 -6.42
CA GLN AA 79 -70.96 -67.94 -6.51
C GLN AA 79 -70.70 -68.35 -7.95
N LEU AA 80 -69.46 -68.71 -8.25
CA LEU AA 80 -69.14 -69.30 -9.53
C LEU AA 80 -69.18 -70.80 -9.43
N GLN AA 81 -69.70 -71.44 -10.47
CA GLN AA 81 -69.94 -72.87 -10.43
C GLN AA 81 -69.44 -73.51 -11.71
N ASP AA 82 -68.81 -74.67 -11.57
CA ASP AA 82 -68.51 -75.50 -12.73
C ASP AA 82 -69.71 -76.42 -12.93
N PRO AA 83 -70.44 -76.24 -14.05
CA PRO AA 83 -71.73 -76.90 -14.27
C PRO AA 83 -71.67 -78.41 -14.07
N ARG AA 84 -70.47 -78.98 -14.22
CA ARG AA 84 -70.28 -80.41 -14.09
C ARG AA 84 -70.37 -80.87 -12.63
N GLU AA 85 -69.56 -80.27 -11.77
CA GLU AA 85 -69.44 -80.70 -10.39
C GLU AA 85 -69.82 -79.61 -9.39
N PRO AA 86 -70.88 -79.85 -8.61
CA PRO AA 86 -71.31 -78.93 -7.54
C PRO AA 86 -70.26 -78.86 -6.45
N ARG AA 87 -69.48 -79.94 -6.31
CA ARG AA 87 -68.39 -79.98 -5.35
C ARG AA 87 -67.32 -78.97 -5.69
N ARG AA 88 -67.48 -78.32 -6.85
CA ARG AA 88 -66.59 -77.24 -7.24
C ARG AA 88 -67.38 -75.95 -7.45
N GLN AA 89 -67.35 -75.08 -6.44
CA GLN AA 89 -67.99 -73.78 -6.51
C GLN AA 89 -67.03 -72.73 -5.96
N ALA AA 90 -67.46 -71.47 -5.98
CA ALA AA 90 -66.64 -70.38 -5.44
C ALA AA 90 -67.49 -69.36 -4.68
N THR AA 91 -67.26 -69.25 -3.36
CA THR AA 91 -68.03 -68.33 -2.51
C THR AA 91 -67.17 -67.20 -1.95
N GLN AA 92 -67.52 -65.97 -2.31
CA GLN AA 92 -66.84 -64.79 -1.79
C GLN AA 92 -67.88 -63.75 -1.36
N MET AA 93 -67.74 -63.22 -0.15
CA MET AA 93 -68.71 -62.26 0.40
C MET AA 93 -68.29 -60.81 0.13
N LEU AA 94 -69.10 -60.08 -0.63
CA LEU AA 94 -68.72 -58.75 -1.09
C LEU AA 94 -69.48 -57.57 -0.49
N LYS AA 95 -68.73 -56.53 -0.14
CA LYS AA 95 -69.29 -55.24 0.25
C LYS AA 95 -69.16 -54.30 -0.93
N LEU AA 96 -70.28 -53.97 -1.57
CA LEU AA 96 -70.22 -53.24 -2.83
C LEU AA 96 -69.99 -51.74 -2.72
N GLN AA 97 -70.29 -51.17 -1.55
CA GLN AA 97 -70.03 -49.74 -1.34
C GLN AA 97 -68.53 -49.47 -1.32
N ASN AA 98 -67.76 -50.54 -1.21
CA ASN AA 98 -66.30 -50.44 -1.23
C ASN AA 98 -65.72 -50.51 -2.63
N LEU AA 99 -66.50 -51.00 -3.59
CA LEU AA 99 -65.98 -51.21 -4.94
C LEU AA 99 -66.64 -50.32 -6.00
N VAL AA 100 -67.38 -49.32 -5.55
CA VAL AA 100 -68.00 -48.37 -6.45
C VAL AA 100 -66.97 -47.42 -7.01
N ILE AA 101 -66.88 -47.35 -8.35
CA ILE AA 101 -65.95 -46.47 -9.01
C ILE AA 101 -66.68 -45.38 -9.81
N PRO AA 102 -66.32 -44.11 -9.59
CA PRO AA 102 -67.02 -42.96 -10.12
C PRO AA 102 -66.68 -42.63 -11.57
N TRP AA 103 -67.45 -41.72 -12.17
CA TRP AA 103 -67.13 -41.18 -13.48
C TRP AA 103 -66.14 -40.02 -13.35
N ALA AA 104 -65.20 -39.94 -14.28
CA ALA AA 104 -64.16 -38.92 -14.23
C ALA AA 104 -64.76 -37.52 -14.11
N PRO AA 105 -64.09 -36.65 -13.34
CA PRO AA 105 -64.56 -35.27 -13.14
C PRO AA 105 -64.73 -34.54 -14.47
N GLU AA 106 -65.78 -33.74 -14.60
CA GLU AA 106 -66.06 -33.05 -15.86
C GLU AA 106 -66.03 -31.54 -15.74
N ASN AA 107 -66.28 -30.88 -16.87
CA ASN AA 107 -66.39 -29.42 -16.93
C ASN AA 107 -65.26 -28.67 -16.24
N LEU AA 108 -64.04 -29.18 -16.35
CA LEU AA 108 -62.87 -28.54 -15.72
C LEU AA 108 -62.75 -27.06 -16.13
N THR AA 109 -62.71 -26.17 -15.14
CA THR AA 109 -62.61 -24.74 -15.40
C THR AA 109 -61.61 -24.08 -14.47
N LEU AA 110 -61.20 -22.87 -14.81
CA LEU AA 110 -60.28 -22.09 -13.99
C LEU AA 110 -60.51 -20.60 -14.18
N HIS AA 111 -60.84 -19.88 -13.12
CA HIS AA 111 -60.84 -18.41 -13.19
C HIS AA 111 -59.96 -17.74 -12.12
N LYS AA 112 -59.18 -16.74 -12.54
CA LYS AA 112 -58.14 -16.13 -11.72
C LYS AA 112 -58.73 -15.39 -10.52
N LEU AA 113 -58.30 -15.75 -9.32
CA LEU AA 113 -58.80 -15.06 -8.12
C LEU AA 113 -57.83 -14.03 -7.51
N SER AA 114 -56.83 -13.67 -8.30
CA SER AA 114 -55.96 -12.53 -8.02
C SER AA 114 -54.99 -12.41 -9.19
N GLU AA 115 -54.00 -11.55 -9.08
CA GLU AA 115 -53.02 -11.45 -10.15
C GLU AA 115 -52.24 -12.76 -10.31
N SER AA 116 -51.85 -13.37 -9.19
CA SER AA 116 -51.08 -14.61 -9.25
C SER AA 116 -51.81 -15.82 -8.61
N GLN AA 117 -53.06 -15.61 -8.18
CA GLN AA 117 -53.86 -16.66 -7.55
C GLN AA 117 -54.97 -17.18 -8.46
N LEU AA 118 -55.01 -18.49 -8.67
CA LEU AA 118 -56.06 -19.08 -9.49
C LEU AA 118 -56.80 -20.22 -8.76
N GLU AA 119 -58.00 -20.54 -9.21
CA GLU AA 119 -58.81 -21.60 -8.63
C GLU AA 119 -59.24 -22.55 -9.73
N LEU AA 120 -59.52 -23.81 -9.38
CA LEU AA 120 -60.02 -24.76 -10.36
C LEU AA 120 -61.32 -25.39 -9.86
N ASN AA 121 -62.26 -25.61 -10.75
CA ASN AA 121 -63.55 -26.19 -10.38
C ASN AA 121 -63.94 -27.38 -11.24
N TRP AA 122 -64.79 -28.25 -10.70
CA TRP AA 122 -65.22 -29.47 -11.40
C TRP AA 122 -66.57 -30.00 -10.88
N ASN AA 123 -67.02 -31.15 -11.41
CA ASN AA 123 -68.30 -31.74 -11.00
C ASN AA 123 -68.26 -33.26 -10.99
N ASN AA 124 -69.36 -33.88 -10.57
CA ASN AA 124 -69.48 -35.33 -10.62
C ASN AA 124 -70.86 -35.79 -11.04
N ARG AA 125 -70.94 -37.00 -11.56
CA ARG AA 125 -72.11 -37.40 -12.32
C ARG AA 125 -73.32 -37.79 -11.46
N PHE AA 126 -73.12 -38.68 -10.50
CA PHE AA 126 -74.26 -39.24 -9.78
C PHE AA 126 -74.07 -39.17 -8.27
N LEU AA 127 -73.00 -38.50 -7.82
CA LEU AA 127 -72.70 -38.37 -6.40
C LEU AA 127 -72.15 -36.98 -6.04
N ASN AA 128 -72.29 -36.59 -4.78
CA ASN AA 128 -71.81 -35.28 -4.32
C ASN AA 128 -70.68 -35.31 -3.28
N HIS AA 129 -71.05 -35.38 -2.01
CA HIS AA 129 -70.08 -35.42 -0.92
C HIS AA 129 -69.51 -36.81 -0.65
N CYS AA 130 -70.04 -37.80 -1.37
CA CYS AA 130 -69.50 -39.16 -1.30
C CYS AA 130 -68.14 -39.22 -1.94
N LEU AA 131 -67.83 -38.22 -2.74
CA LEU AA 131 -66.64 -38.30 -3.57
C LEU AA 131 -65.51 -37.38 -3.17
N GLU AA 132 -64.40 -38.00 -2.78
CA GLU AA 132 -63.15 -37.29 -2.53
C GLU AA 132 -62.37 -37.28 -3.84
N HIS AA 133 -61.34 -36.45 -3.89
CA HIS AA 133 -60.60 -36.25 -5.13
C HIS AA 133 -59.10 -36.19 -4.88
N LEU AA 134 -58.33 -36.43 -5.93
CA LEU AA 134 -56.91 -36.14 -5.93
C LEU AA 134 -56.61 -35.19 -7.08
N VAL AA 135 -55.80 -34.17 -6.84
CA VAL AA 135 -55.41 -33.25 -7.89
C VAL AA 135 -53.93 -33.34 -8.27
N GLN AA 136 -53.69 -33.57 -9.54
CA GLN AA 136 -52.36 -33.62 -10.10
C GLN AA 136 -52.18 -32.48 -11.10
N TYR AA 137 -51.17 -31.64 -10.87
CA TYR AA 137 -50.84 -30.57 -11.80
C TYR AA 137 -49.35 -30.52 -12.09
N ARG AA 138 -48.98 -30.19 -13.32
CA ARG AA 138 -47.57 -30.05 -13.68
C ARG AA 138 -47.29 -28.92 -14.67
N THR AA 139 -46.22 -28.18 -14.40
CA THR AA 139 -45.70 -27.19 -15.34
C THR AA 139 -44.78 -27.92 -16.29
N ASP AA 140 -44.59 -27.39 -17.49
CA ASP AA 140 -43.67 -27.99 -18.44
C ASP AA 140 -42.32 -28.26 -17.78
N TRP AA 141 -41.77 -27.23 -17.13
CA TRP AA 141 -40.49 -27.31 -16.43
C TRP AA 141 -40.38 -28.57 -15.58
N ASP AA 142 -41.47 -28.91 -14.91
CA ASP AA 142 -41.48 -30.01 -13.95
C ASP AA 142 -41.36 -31.38 -14.60
N HIS AA 143 -40.55 -32.22 -13.97
CA HIS AA 143 -40.30 -33.56 -14.50
C HIS AA 143 -41.35 -34.56 -14.02
N SER AA 144 -41.70 -34.50 -12.73
CA SER AA 144 -42.72 -35.40 -12.18
C SER AA 144 -43.88 -34.64 -11.52
N TRP AA 145 -45.03 -35.31 -11.46
CA TRP AA 145 -46.28 -34.69 -11.03
C TRP AA 145 -46.28 -34.15 -9.60
N THR AA 146 -47.20 -33.22 -9.35
CA THR AA 146 -47.42 -32.68 -8.03
C THR AA 146 -48.87 -32.92 -7.59
N GLU AA 147 -49.08 -33.78 -6.60
CA GLU AA 147 -50.42 -34.18 -6.19
C GLU AA 147 -50.85 -33.56 -4.86
N GLN AA 148 -52.14 -33.23 -4.76
CA GLN AA 148 -52.76 -32.77 -3.52
C GLN AA 148 -54.20 -33.29 -3.37
N SER AA 149 -54.48 -33.98 -2.28
CA SER AA 149 -55.81 -34.50 -2.03
C SER AA 149 -56.85 -33.38 -1.95
N VAL AA 150 -58.12 -33.72 -2.16
CA VAL AA 150 -59.23 -32.76 -2.01
C VAL AA 150 -60.51 -33.46 -1.56
N ASP AA 151 -61.22 -32.86 -0.59
CA ASP AA 151 -62.39 -33.49 0.00
C ASP AA 151 -63.67 -33.26 -0.80
N TYR AA 152 -64.82 -33.28 -0.11
CA TYR AA 152 -66.12 -33.22 -0.77
C TYR AA 152 -66.40 -31.91 -1.51
N ARG AA 153 -65.45 -30.99 -1.48
CA ARG AA 153 -65.57 -29.76 -2.25
C ARG AA 153 -65.12 -30.03 -3.68
N HIS AA 154 -65.46 -29.14 -4.59
CA HIS AA 154 -65.05 -29.34 -5.98
C HIS AA 154 -63.95 -28.41 -6.39
N LYS AA 155 -63.49 -27.57 -5.46
CA LYS AA 155 -62.49 -26.57 -5.79
C LYS AA 155 -61.06 -27.07 -5.64
N PHE AA 156 -60.13 -26.32 -6.22
CA PHE AA 156 -58.71 -26.56 -6.03
C PHE AA 156 -57.97 -25.22 -5.94
N SER AA 157 -56.84 -25.21 -5.23
CA SER AA 157 -56.19 -23.94 -4.91
C SER AA 157 -54.68 -23.92 -5.17
N LEU AA 158 -54.26 -22.89 -5.91
CA LEU AA 158 -52.84 -22.64 -6.21
C LEU AA 158 -52.54 -21.16 -5.99
N PRO AA 159 -52.08 -20.82 -4.79
CA PRO AA 159 -51.88 -19.42 -4.35
C PRO AA 159 -50.99 -18.61 -5.28
N SER AA 160 -49.79 -19.12 -5.58
CA SER AA 160 -48.88 -18.35 -6.42
C SER AA 160 -48.27 -19.18 -7.56
N VAL AA 161 -48.50 -18.71 -8.78
CA VAL AA 161 -47.98 -19.34 -9.98
C VAL AA 161 -47.01 -18.41 -10.67
N ASP AA 162 -46.19 -18.94 -11.57
CA ASP AA 162 -45.30 -18.13 -12.38
C ASP AA 162 -45.87 -17.94 -13.78
N GLY AA 163 -46.16 -16.71 -14.15
CA GLY AA 163 -46.74 -16.42 -15.45
C GLY AA 163 -45.81 -16.74 -16.61
N GLN AA 164 -44.57 -17.09 -16.30
CA GLN AA 164 -43.56 -17.37 -17.30
C GLN AA 164 -43.57 -18.83 -17.74
N LYS AA 165 -44.48 -19.63 -17.20
CA LYS AA 165 -44.53 -21.05 -17.51
C LYS AA 165 -45.90 -21.50 -18.01
N ARG AA 166 -46.02 -22.78 -18.33
CA ARG AA 166 -47.29 -23.36 -18.77
C ARG AA 166 -47.76 -24.43 -17.78
N TYR AA 167 -49.08 -24.58 -17.66
CA TYR AA 167 -49.67 -25.44 -16.64
C TYR AA 167 -50.50 -26.59 -17.20
N THR AA 168 -50.51 -27.70 -16.49
CA THR AA 168 -51.36 -28.85 -16.84
C THR AA 168 -52.06 -29.36 -15.58
N PHE AA 169 -53.37 -29.55 -15.65
CA PHE AA 169 -54.17 -29.96 -14.49
C PHE AA 169 -54.98 -31.23 -14.74
N ARG AA 170 -54.96 -32.14 -13.78
CA ARG AA 170 -55.80 -33.33 -13.85
C ARG AA 170 -56.22 -33.82 -12.46
N VAL AA 171 -57.51 -34.06 -12.29
CA VAL AA 171 -58.05 -34.48 -11.00
C VAL AA 171 -58.86 -35.76 -11.13
N ARG AA 172 -58.61 -36.73 -10.27
CA ARG AA 172 -59.39 -37.97 -10.27
C ARG AA 172 -60.22 -38.11 -9.00
N SER AA 173 -61.28 -38.90 -9.07
CA SER AA 173 -62.22 -39.03 -7.95
C SER AA 173 -62.25 -40.43 -7.36
N ARG AA 174 -62.78 -40.55 -6.15
CA ARG AA 174 -62.88 -41.81 -5.43
C ARG AA 174 -64.16 -41.80 -4.60
N PHE AA 175 -64.65 -42.98 -4.25
CA PHE AA 175 -65.84 -43.09 -3.42
C PHE AA 175 -65.43 -43.37 -1.97
N ASN AA 176 -65.08 -42.32 -1.24
CA ASN AA 176 -64.47 -42.48 0.09
C ASN AA 176 -64.29 -41.11 0.76
N PRO AA 177 -64.33 -41.06 2.11
CA PRO AA 177 -64.61 -42.16 3.03
C PRO AA 177 -66.05 -42.06 3.56
N LEU AA 178 -66.77 -40.98 3.26
CA LEU AA 178 -68.07 -40.81 3.90
C LEU AA 178 -69.06 -41.93 3.57
N CYS AA 179 -69.34 -42.14 2.29
CA CYS AA 179 -70.34 -43.13 1.89
C CYS AA 179 -69.75 -44.51 1.59
N GLY AA 180 -68.44 -44.65 1.69
CA GLY AA 180 -67.80 -45.91 1.34
C GLY AA 180 -66.32 -45.94 1.68
N SER AA 181 -65.74 -47.13 1.59
CA SER AA 181 -64.33 -47.33 1.92
C SER AA 181 -63.48 -47.61 0.68
N ALA AA 182 -64.04 -47.34 -0.49
CA ALA AA 182 -63.41 -47.65 -1.78
C ALA AA 182 -61.92 -47.29 -1.83
N GLN AA 183 -61.09 -48.25 -2.25
CA GLN AA 183 -59.65 -48.03 -2.39
C GLN AA 183 -59.25 -47.64 -3.82
N HIS AA 184 -60.01 -48.10 -4.80
CA HIS AA 184 -59.69 -47.88 -6.21
C HIS AA 184 -60.26 -46.57 -6.73
N TRP AA 185 -59.48 -45.91 -7.59
CA TRP AA 185 -59.87 -44.63 -8.17
C TRP AA 185 -60.67 -44.81 -9.46
N SER AA 186 -60.89 -43.70 -10.16
CA SER AA 186 -61.61 -43.72 -11.42
C SER AA 186 -60.72 -43.20 -12.54
N GLU AA 187 -61.28 -43.17 -13.75
CA GLU AA 187 -60.57 -42.68 -14.91
C GLU AA 187 -60.26 -41.19 -14.72
N TRP AA 188 -59.18 -40.73 -15.33
CA TRP AA 188 -58.74 -39.35 -15.18
C TRP AA 188 -59.67 -38.33 -15.82
N SER AA 189 -59.76 -37.16 -15.23
CA SER AA 189 -60.54 -36.06 -15.78
C SER AA 189 -59.85 -35.56 -17.05
N HIS AA 190 -60.63 -34.99 -17.95
CA HIS AA 190 -60.07 -34.42 -19.16
C HIS AA 190 -59.22 -33.20 -18.84
N PRO AA 191 -57.90 -33.31 -19.05
CA PRO AA 191 -56.95 -32.24 -18.72
C PRO AA 191 -57.28 -30.93 -19.42
N ILE AA 192 -56.93 -29.81 -18.79
CA ILE AA 192 -56.91 -28.52 -19.46
C ILE AA 192 -55.71 -27.72 -18.96
N HIS AA 193 -55.30 -26.71 -19.73
CA HIS AA 193 -53.98 -26.11 -19.54
C HIS AA 193 -54.02 -24.62 -19.20
N TRP AA 194 -52.88 -24.10 -18.74
CA TRP AA 194 -52.75 -22.71 -18.35
C TRP AA 194 -51.28 -22.29 -18.37
N SER BA 9 21.94 27.89 25.33
CA SER BA 9 22.63 28.90 26.12
C SER BA 9 22.46 28.64 27.62
N THR BA 10 21.24 28.87 28.12
CA THR BA 10 20.86 28.43 29.45
C THR BA 10 20.73 26.92 29.40
N LYS BA 11 20.53 26.43 28.18
CA LYS BA 11 20.47 25.02 27.89
C LYS BA 11 21.79 24.35 28.27
N LYS BA 12 22.89 25.08 28.04
CA LYS BA 12 24.24 24.61 28.37
C LYS BA 12 24.49 24.58 29.88
N THR BA 13 24.05 25.64 30.57
CA THR BA 13 24.25 25.77 32.02
C THR BA 13 23.58 24.65 32.80
N GLN BA 14 22.42 24.23 32.31
CA GLN BA 14 21.66 23.18 32.94
C GLN BA 14 22.55 21.93 33.08
N LEU BA 15 23.17 21.53 31.98
CA LEU BA 15 24.02 20.35 31.98
C LEU BA 15 25.26 20.51 32.85
N GLN BA 16 25.82 21.72 32.87
CA GLN BA 16 26.96 21.99 33.73
C GLN BA 16 26.59 21.84 35.20
N LEU BA 17 25.35 22.20 35.53
CA LEU BA 17 24.84 22.08 36.90
C LEU BA 17 24.33 20.67 37.17
N GLU BA 18 24.05 19.96 36.09
CA GLU BA 18 23.74 18.55 36.17
C GLU BA 18 24.92 17.84 36.82
N HIS BA 19 26.09 18.08 36.23
CA HIS BA 19 27.34 17.43 36.66
C HIS BA 19 27.80 17.87 38.05
N LEU BA 20 27.84 19.18 38.29
CA LEU BA 20 28.15 19.67 39.62
C LEU BA 20 27.32 18.89 40.63
N LEU BA 21 26.06 18.65 40.27
CA LEU BA 21 25.15 17.90 41.13
C LEU BA 21 25.72 16.51 41.41
N LEU BA 22 25.67 15.65 40.41
CA LEU BA 22 26.14 14.27 40.54
C LEU BA 22 27.40 14.16 41.40
N ASP BA 23 28.35 15.05 41.17
CA ASP BA 23 29.61 15.02 41.93
C ASP BA 23 29.36 15.17 43.42
N LEU BA 24 28.72 16.27 43.80
CA LEU BA 24 28.48 16.54 45.21
C LEU BA 24 27.83 15.33 45.88
N GLN BA 25 26.66 14.95 45.36
CA GLN BA 25 25.97 13.75 45.82
C GLN BA 25 26.94 12.58 45.99
N MET BA 26 27.75 12.31 44.97
CA MET BA 26 28.67 11.18 45.02
C MET BA 26 29.54 11.24 46.27
N ILE BA 27 29.88 12.45 46.69
CA ILE BA 27 30.70 12.63 47.88
C ILE BA 27 29.87 12.40 49.14
N LEU BA 28 28.56 12.65 49.02
CA LEU BA 28 27.60 12.33 50.07
C LEU BA 28 27.53 10.80 50.21
N ASN BA 29 27.09 10.13 49.15
CA ASN BA 29 26.98 8.68 49.11
C ASN BA 29 28.30 7.99 49.43
N GLY BA 30 29.36 8.77 49.51
CA GLY BA 30 30.64 8.23 49.91
C GLY BA 30 30.84 8.29 51.40
N ILE BA 31 30.22 9.28 52.04
CA ILE BA 31 30.43 9.56 53.45
C ILE BA 31 29.43 8.85 54.39
N ASN BA 32 28.52 8.05 53.84
CA ASN BA 32 27.59 7.33 54.70
C ASN BA 32 27.67 5.79 54.62
N ASN BA 33 28.55 5.29 53.76
CA ASN BA 33 28.81 3.85 53.62
C ASN BA 33 30.07 3.40 54.39
N TYR BA 34 30.94 4.38 54.64
CA TYR BA 34 32.22 4.17 55.32
C TYR BA 34 32.04 3.39 56.63
N LYS BA 38 35.96 6.55 61.68
CA LYS BA 38 36.39 7.93 61.77
C LYS BA 38 35.50 8.82 60.91
N LEU BA 39 34.21 8.53 60.92
CA LEU BA 39 33.21 9.34 60.24
C LEU BA 39 32.76 10.45 61.18
N THR BA 40 32.55 10.09 62.45
CA THR BA 40 32.08 11.05 63.43
C THR BA 40 33.21 11.98 63.90
N ARG BA 41 34.47 11.56 63.70
CA ARG BA 41 35.57 12.51 63.89
C ARG BA 41 35.70 13.38 62.64
N MET BA 42 35.47 12.78 61.49
CA MET BA 42 35.37 13.54 60.25
C MET BA 42 34.15 14.45 60.37
N LEU BA 43 33.26 14.12 61.29
CA LEU BA 43 32.04 14.89 61.52
C LEU BA 43 32.23 16.02 62.52
N THR BA 44 33.35 16.01 63.24
CA THR BA 44 33.62 17.06 64.22
C THR BA 44 34.00 18.37 63.54
N PHE BA 45 34.49 18.27 62.31
CA PHE BA 45 34.92 19.47 61.58
C PHE BA 45 33.76 20.32 61.06
N LYS BA 46 33.93 21.64 61.13
CA LYS BA 46 32.85 22.59 60.91
C LYS BA 46 32.97 23.34 59.60
N PHE BA 47 31.84 23.51 58.92
CA PHE BA 47 31.78 24.13 57.59
C PHE BA 47 30.80 25.30 57.60
N TYR BA 48 31.09 26.34 56.83
CA TYR BA 48 30.16 27.47 56.84
C TYR BA 48 29.19 27.47 55.68
N MET BA 49 27.96 27.83 56.00
CA MET BA 49 26.90 27.90 55.04
C MET BA 49 26.74 29.36 54.65
N PRO BA 50 26.15 29.61 53.48
CA PRO BA 50 25.91 30.95 52.97
C PRO BA 50 24.72 31.56 53.66
N LYS BA 51 24.81 32.85 53.97
CA LYS BA 51 23.65 33.59 54.45
C LYS BA 51 22.48 33.17 53.58
N LYS BA 52 22.59 33.47 52.30
CA LYS BA 52 21.56 33.08 51.35
C LYS BA 52 22.20 32.62 50.04
N ALA BA 53 21.53 31.69 49.38
CA ALA BA 53 22.03 31.13 48.12
C ALA BA 53 20.87 30.80 47.20
N THR BA 54 20.32 31.83 46.57
CA THR BA 54 19.17 31.67 45.69
C THR BA 54 19.56 31.73 44.22
N GLU BA 55 20.81 32.06 43.95
CA GLU BA 55 21.24 32.27 42.57
C GLU BA 55 22.72 31.95 42.33
N LEU BA 56 23.10 31.84 41.06
CA LEU BA 56 24.41 31.32 40.64
C LEU BA 56 25.64 31.93 41.35
N LYS BA 57 25.84 33.24 41.24
CA LYS BA 57 27.03 33.90 41.79
C LYS BA 57 27.37 33.41 43.20
N HIS BA 58 26.34 33.10 43.99
CA HIS BA 58 26.52 32.66 45.37
C HIS BA 58 27.45 31.46 45.50
N LEU BA 59 27.56 30.69 44.43
CA LEU BA 59 28.48 29.56 44.39
C LEU BA 59 29.80 29.96 45.01
N GLN BA 60 30.21 31.22 44.79
CA GLN BA 60 31.43 31.76 45.35
C GLN BA 60 31.70 31.20 46.75
N CYS BA 61 30.62 30.89 47.47
CA CYS BA 61 30.75 30.31 48.81
C CYS BA 61 31.30 28.89 48.76
N LEU BA 62 30.62 28.02 48.01
CA LEU BA 62 31.07 26.65 47.84
C LEU BA 62 32.57 26.58 47.49
N GLU BA 63 33.04 27.53 46.69
CA GLU BA 63 34.44 27.54 46.31
C GLU BA 63 35.34 27.88 47.50
N GLU BA 64 35.04 28.98 48.16
CA GLU BA 64 35.94 29.51 49.19
C GLU BA 64 36.28 28.53 50.32
N GLU BA 65 35.27 27.82 50.82
CA GLU BA 65 35.56 26.78 51.83
C GLU BA 65 35.54 25.38 51.20
N LEU BA 66 36.19 25.27 50.05
CA LEU BA 66 36.32 24.01 49.34
C LEU BA 66 37.55 23.28 49.82
N LYS BA 67 38.61 24.04 50.10
CA LYS BA 67 39.88 23.46 50.49
C LYS BA 67 39.86 22.70 51.83
N PRO BA 68 38.94 23.06 52.75
CA PRO BA 68 38.75 22.19 53.91
C PRO BA 68 38.07 20.88 53.53
N LEU BA 69 37.00 20.96 52.74
CA LEU BA 69 36.33 19.76 52.25
C LEU BA 69 37.35 18.75 51.71
N GLU BA 70 38.42 19.25 51.11
CA GLU BA 70 39.45 18.35 50.58
C GLU BA 70 40.35 17.82 51.69
N GLU BA 71 40.49 18.58 52.76
CA GLU BA 71 41.22 18.11 53.92
C GLU BA 71 40.42 17.03 54.65
N VAL BA 72 39.18 17.37 54.99
CA VAL BA 72 38.26 16.45 55.62
C VAL BA 72 38.30 15.07 54.98
N LEU BA 73 37.99 15.02 53.68
CA LEU BA 73 37.95 13.76 52.95
C LEU BA 73 39.32 13.11 52.89
N ASN BA 74 40.38 13.90 53.02
CA ASN BA 74 41.72 13.33 53.03
C ASN BA 74 42.10 12.83 54.42
N LEU BA 75 41.10 12.82 55.31
CA LEU BA 75 41.25 12.19 56.62
C LEU BA 75 40.94 10.70 56.51
N ALA BA 76 40.27 10.31 55.41
CA ALA BA 76 39.91 8.93 55.16
C ALA BA 76 40.93 8.25 54.25
N HIS BA 77 41.20 6.97 54.51
CA HIS BA 77 42.15 6.22 53.70
C HIS BA 77 41.58 5.90 52.33
N SER BA 78 42.45 5.53 51.40
CA SER BA 78 42.10 5.26 50.01
C SER BA 78 40.91 4.31 49.82
N LYS BA 79 41.03 3.11 50.41
CA LYS BA 79 40.05 2.02 50.27
C LYS BA 79 38.58 2.46 50.14
N ASN BA 80 38.06 3.15 51.14
CA ASN BA 80 36.62 3.41 51.24
C ASN BA 80 35.94 4.08 50.05
N PHE BA 81 36.36 5.29 49.71
CA PHE BA 81 35.70 6.09 48.67
C PHE BA 81 35.82 5.49 47.27
N HIS BA 82 34.76 5.62 46.48
CA HIS BA 82 34.79 5.23 45.08
C HIS BA 82 35.38 6.34 44.20
N PHE BA 83 35.47 7.54 44.75
CA PHE BA 83 36.08 8.68 44.07
C PHE BA 83 37.43 9.01 44.70
N ASP BA 84 38.05 10.08 44.23
CA ASP BA 84 39.29 10.56 44.84
C ASP BA 84 39.01 11.94 45.41
N PRO BA 85 39.39 12.14 46.68
CA PRO BA 85 39.21 13.43 47.34
C PRO BA 85 39.83 14.59 46.55
N ARG BA 86 41.12 14.50 46.26
CA ARG BA 86 41.86 15.60 45.63
C ARG BA 86 41.60 15.74 44.14
N ASP BA 87 40.95 14.74 43.56
CA ASP BA 87 40.49 14.82 42.18
C ASP BA 87 39.10 15.47 42.14
N VAL BA 88 38.16 14.92 42.88
CA VAL BA 88 36.78 15.39 42.84
C VAL BA 88 36.68 16.90 43.04
N VAL BA 89 37.47 17.43 43.97
CA VAL BA 89 37.42 18.84 44.26
C VAL BA 89 37.80 19.61 43.00
N SER BA 90 38.96 19.30 42.44
CA SER BA 90 39.39 19.90 41.20
C SER BA 90 38.20 20.05 40.28
N ASN BA 91 37.40 19.00 40.18
CA ASN BA 91 36.27 18.98 39.27
C ASN BA 91 35.12 19.84 39.78
N ILE BA 92 34.85 19.79 41.08
CA ILE BA 92 33.89 20.72 41.68
C ILE BA 92 34.41 22.13 41.49
N ASN BA 93 35.66 22.34 41.92
CA ASN BA 93 36.32 23.61 41.72
C ASN BA 93 36.07 24.12 40.32
N VAL BA 94 36.44 23.31 39.34
CA VAL BA 94 36.38 23.72 37.94
C VAL BA 94 34.97 24.02 37.42
N PHE BA 95 33.99 23.29 37.92
CA PHE BA 95 32.59 23.59 37.62
C PHE BA 95 32.22 24.97 38.14
N VAL BA 96 32.22 25.09 39.46
CA VAL BA 96 31.84 26.32 40.13
C VAL BA 96 32.40 27.57 39.46
N LEU BA 97 33.69 27.53 39.13
CA LEU BA 97 34.37 28.74 38.69
C LEU BA 97 33.89 29.28 37.34
N GLU BA 98 33.83 28.41 36.33
CA GLU BA 98 33.27 28.82 35.04
C GLU BA 98 31.75 28.90 35.09
N LEU BA 99 31.20 28.93 36.30
CA LEU BA 99 29.77 28.86 36.46
C LEU BA 99 29.16 30.18 36.91
N LYS BA 100 29.92 30.97 37.66
CA LYS BA 100 29.40 32.17 38.30
C LYS BA 100 29.95 33.48 37.72
N GLY BA 101 30.74 33.38 36.65
CA GLY BA 101 31.27 34.54 35.95
C GLY BA 101 31.72 35.69 36.84
N PHE BA 106 32.29 40.10 43.18
CA PHE BA 106 31.37 39.70 44.26
C PHE BA 106 32.11 39.14 45.48
N MET BA 107 31.57 39.44 46.66
CA MET BA 107 32.14 38.98 47.91
C MET BA 107 31.17 38.01 48.57
N CYS BA 108 31.68 37.15 49.45
CA CYS BA 108 30.85 36.14 50.09
C CYS BA 108 30.43 36.54 51.50
N GLU BA 109 29.17 36.27 51.83
CA GLU BA 109 28.66 36.51 53.18
C GLU BA 109 27.98 35.24 53.71
N TYR BA 110 28.39 34.78 54.90
CA TYR BA 110 27.84 33.56 55.48
C TYR BA 110 26.93 33.83 56.67
N ALA BA 111 25.99 32.91 56.91
CA ALA BA 111 25.24 32.91 58.17
C ALA BA 111 26.20 32.53 59.29
N ASP BA 112 25.77 32.59 60.53
CA ASP BA 112 26.71 32.42 61.64
C ASP BA 112 26.60 31.11 62.42
N GLU BA 113 25.78 30.17 61.96
CA GLU BA 113 25.73 28.84 62.56
C GLU BA 113 26.36 27.77 61.66
N THR BA 114 27.33 27.04 62.19
CA THR BA 114 28.08 26.05 61.42
C THR BA 114 27.41 24.68 61.41
N ALA BA 115 27.88 23.79 60.52
CA ALA BA 115 27.30 22.47 60.38
C ALA BA 115 28.35 21.39 60.10
N THR BA 116 27.91 20.14 60.04
CA THR BA 116 28.78 19.04 59.66
C THR BA 116 28.67 18.85 58.15
N ILE BA 117 29.73 18.28 57.57
CA ILE BA 117 29.79 18.07 56.14
C ILE BA 117 28.47 17.59 55.56
N VAL BA 118 27.75 16.76 56.29
CA VAL BA 118 26.54 16.15 55.75
C VAL BA 118 25.41 17.16 55.54
N GLU BA 119 25.37 18.20 56.39
CA GLU BA 119 24.42 19.28 56.21
C GLU BA 119 24.97 20.31 55.24
N PHE BA 120 26.30 20.40 55.21
CA PHE BA 120 26.99 21.25 54.25
C PHE BA 120 26.75 20.75 52.84
N LEU BA 121 27.10 19.48 52.59
CA LEU BA 121 26.87 18.87 51.29
C LEU BA 121 25.40 18.84 50.94
N ASN BA 122 24.56 18.55 51.93
CA ASN BA 122 23.12 18.57 51.71
C ASN BA 122 22.67 19.96 51.27
N ARG BA 123 23.03 20.97 52.05
CA ARG BA 123 22.64 22.35 51.76
C ARG BA 123 23.00 22.75 50.34
N TRP BA 124 24.16 22.30 49.87
CA TRP BA 124 24.64 22.65 48.53
C TRP BA 124 23.97 21.82 47.43
N ILE BA 125 23.83 20.52 47.65
CA ILE BA 125 23.13 19.69 46.69
C ILE BA 125 21.76 20.29 46.45
N THR BA 126 21.19 20.84 47.53
CA THR BA 126 19.89 21.51 47.50
C THR BA 126 19.90 22.66 46.52
N PHE BA 127 20.96 23.46 46.59
CA PHE BA 127 21.10 24.60 45.69
C PHE BA 127 20.84 24.19 44.24
N CYS BA 128 21.72 23.37 43.68
CA CYS BA 128 21.58 22.95 42.29
C CYS BA 128 20.23 22.30 42.03
N GLN BA 129 19.86 21.34 42.88
CA GLN BA 129 18.55 20.71 42.77
C GLN BA 129 17.48 21.77 42.60
N SER BA 130 17.71 22.92 43.21
CA SER BA 130 16.78 24.05 43.11
C SER BA 130 16.90 24.73 41.76
N ILE BA 131 18.09 25.26 41.49
CA ILE BA 131 18.36 26.03 40.28
C ILE BA 131 17.94 25.32 38.99
N ILE BA 132 18.17 24.01 38.94
CA ILE BA 132 17.81 23.22 37.76
C ILE BA 132 16.30 23.26 37.51
N SER BA 133 15.52 23.29 38.58
CA SER BA 133 14.06 23.37 38.50
C SER BA 133 13.63 24.59 37.71
N THR BA 134 13.82 25.76 38.31
CA THR BA 134 13.47 27.03 37.68
C THR BA 134 14.24 27.20 36.37
N SER CA 9 46.02 16.76 6.79
CA SER CA 9 44.62 16.68 6.38
C SER CA 9 43.68 16.45 7.56
N GLN CA 10 43.70 15.23 8.11
CA GLN CA 10 42.78 14.89 9.19
C GLN CA 10 43.48 14.38 10.44
N PHE CA 11 42.93 14.76 11.59
CA PHE CA 11 43.52 14.47 12.89
C PHE CA 11 42.37 14.36 13.87
N THR CA 12 42.13 13.16 14.39
CA THR CA 12 40.93 12.93 15.21
C THR CA 12 41.17 12.20 16.52
N CYS CA 13 40.50 12.65 17.56
CA CYS CA 13 40.66 12.08 18.89
C CYS CA 13 39.33 11.94 19.63
N PHE CA 14 39.25 10.94 20.50
CA PHE CA 14 38.11 10.75 21.40
C PHE CA 14 38.59 10.55 22.83
N TYR CA 15 37.68 10.66 23.80
CA TYR CA 15 38.03 10.57 25.21
C TYR CA 15 37.10 9.63 25.99
N ASN CA 16 37.72 8.76 26.79
CA ASN CA 16 37.03 7.67 27.48
C ASN CA 16 36.03 8.06 28.56
N SER CA 17 35.99 9.35 28.91
CA SER CA 17 35.07 9.88 29.92
C SER CA 17 35.61 9.57 31.30
N ARG CA 18 36.90 9.31 31.37
CA ARG CA 18 37.55 9.09 32.64
C ARG CA 18 38.99 9.59 32.62
N ALA CA 19 39.89 8.82 31.98
CA ALA CA 19 41.32 9.16 32.01
C ALA CA 19 42.11 8.97 30.70
N GLN CA 20 41.43 8.56 29.63
CA GLN CA 20 42.09 8.25 28.36
C GLN CA 20 41.62 9.12 27.21
N ILE CA 21 42.56 9.43 26.32
CA ILE CA 21 42.29 10.16 25.08
C ILE CA 21 43.02 9.49 23.91
N SER CA 22 42.27 8.79 23.06
CA SER CA 22 42.84 8.06 21.93
C SER CA 22 42.83 8.96 20.71
N CYS CA 23 43.91 8.90 19.92
CA CYS CA 23 44.05 9.77 18.75
C CYS CA 23 44.55 9.04 17.51
N VAL CA 24 44.06 9.48 16.35
CA VAL CA 24 44.59 9.02 15.08
C VAL CA 24 44.78 10.20 14.14
N TRP CA 25 45.95 10.29 13.51
CA TRP CA 25 46.26 11.39 12.60
C TRP CA 25 47.05 10.94 11.36
N SER CA 26 46.71 11.49 10.19
CA SER CA 26 47.26 11.00 8.92
C SER CA 26 47.93 12.08 8.07
N GLN CA 27 48.93 11.68 7.27
CA GLN CA 27 49.73 12.61 6.46
C GLN CA 27 50.40 11.89 5.28
N THR CA 34 61.45 10.37 10.93
CA THR CA 34 60.03 10.69 10.81
C THR CA 34 59.31 10.47 12.15
N SER CA 35 59.73 11.18 13.19
CA SER CA 35 59.18 11.01 14.54
C SER CA 35 58.13 12.06 14.91
N CYS CA 36 56.91 11.61 15.19
CA CYS CA 36 55.79 12.52 15.49
C CYS CA 36 55.31 12.41 16.94
N GLN CA 37 54.55 13.41 17.40
CA GLN CA 37 54.02 13.45 18.75
C GLN CA 37 52.72 14.23 18.79
N VAL CA 38 51.85 13.89 19.75
CA VAL CA 38 50.68 14.71 20.04
C VAL CA 38 50.90 15.27 21.43
N HIS CA 39 50.43 16.49 21.70
CA HIS CA 39 50.43 17.07 23.05
C HIS CA 39 49.01 17.41 23.47
N ALA CA 40 48.79 17.56 24.77
CA ALA CA 40 47.46 17.84 25.29
C ALA CA 40 47.52 18.77 26.49
N TRP CA 41 47.15 20.03 26.26
CA TRP CA 41 47.22 21.08 27.29
C TRP CA 41 45.82 21.61 27.57
N PRO CA 42 45.29 21.28 28.76
CA PRO CA 42 43.93 21.64 29.15
C PRO CA 42 43.86 23.13 29.34
N ASP CA 43 42.67 23.72 29.29
CA ASP CA 43 42.55 25.14 29.58
C ASP CA 43 42.72 25.41 31.08
N ARG CA 44 41.99 24.68 31.91
CA ARG CA 44 41.94 24.97 33.33
C ARG CA 44 42.77 24.03 34.18
N ARG CA 45 43.60 23.21 33.55
CA ARG CA 45 44.34 22.20 34.32
C ARG CA 45 45.86 22.41 34.34
N ARG CA 46 46.48 21.92 35.42
CA ARG CA 46 47.88 22.18 35.72
C ARG CA 46 48.84 21.12 35.19
N TRP CA 47 48.33 20.22 34.34
CA TRP CA 47 49.15 19.14 33.75
C TRP CA 47 49.26 19.19 32.23
N GLN CA 48 50.04 18.26 31.68
CA GLN CA 48 50.21 18.16 30.23
C GLN CA 48 50.67 16.74 29.89
N GLN CA 49 50.33 16.26 28.71
CA GLN CA 49 50.64 14.87 28.37
C GLN CA 49 51.23 14.73 26.98
N THR CA 50 52.41 14.12 26.92
CA THR CA 50 53.11 13.94 25.67
C THR CA 50 53.28 12.44 25.42
N CYS CA 51 52.93 12.01 24.21
CA CYS CA 51 53.05 10.60 23.86
C CYS CA 51 53.65 10.44 22.49
N GLU CA 52 54.34 9.33 22.27
CA GLU CA 52 54.98 9.05 21.01
C GLU CA 52 54.00 8.40 20.03
N LEU CA 53 53.67 9.13 18.97
CA LEU CA 53 52.80 8.61 17.92
C LEU CA 53 53.40 7.41 17.17
N LEU CA 54 52.55 6.48 16.76
CA LEU CA 54 52.99 5.28 16.04
C LEU CA 54 52.14 5.01 14.81
N PRO CA 55 52.80 4.63 13.71
CA PRO CA 55 52.08 4.35 12.46
C PRO CA 55 51.24 3.09 12.56
N VAL CA 56 49.96 3.17 12.17
CA VAL CA 56 49.08 2.01 12.20
C VAL CA 56 48.69 1.64 10.79
N SER CA 57 47.92 2.52 10.16
CA SER CA 57 47.57 2.37 8.75
C SER CA 57 48.69 2.97 7.90
N GLN CA 58 48.61 2.80 6.59
CA GLN CA 58 49.67 3.26 5.70
C GLN CA 58 49.77 4.78 5.69
N ALA CA 59 48.61 5.43 5.84
CA ALA CA 59 48.57 6.88 5.87
C ALA CA 59 48.36 7.36 7.31
N SER CA 60 48.12 6.43 8.22
CA SER CA 60 47.73 6.79 9.58
C SER CA 60 48.71 6.42 10.70
N TRP CA 61 48.88 7.34 11.64
CA TRP CA 61 49.50 7.06 12.92
C TRP CA 61 48.40 7.05 13.99
N ALA CA 62 48.57 6.23 15.02
CA ALA CA 62 47.68 6.23 16.17
C ALA CA 62 48.49 6.44 17.46
N CYS CA 63 47.81 6.85 18.53
CA CYS CA 63 48.50 7.24 19.75
C CYS CA 63 47.54 7.39 20.94
N ASN CA 64 48.06 7.22 22.16
CA ASN CA 64 47.24 7.26 23.37
C ASN CA 64 47.69 8.28 24.41
N LEU CA 65 46.73 8.99 24.99
CA LEU CA 65 47.00 9.98 26.03
C LEU CA 65 46.52 9.50 27.39
N ILE CA 66 47.47 9.11 28.24
CA ILE CA 66 47.15 8.64 29.58
C ILE CA 66 47.16 9.79 30.58
N LEU CA 67 45.98 10.21 31.03
CA LEU CA 67 45.82 11.37 31.89
C LEU CA 67 45.84 11.09 33.39
N GLY CA 68 45.67 9.82 33.78
CA GLY CA 68 45.71 9.40 35.18
C GLY CA 68 45.62 7.88 35.31
N ALA CA 69 45.14 7.39 36.45
CA ALA CA 69 44.93 5.95 36.64
C ALA CA 69 43.70 5.54 35.83
N PRO CA 70 43.66 4.29 35.36
CA PRO CA 70 42.64 3.95 34.36
C PRO CA 70 41.22 4.42 34.65
N ASP CA 71 40.81 4.51 35.91
CA ASP CA 71 39.40 4.73 36.22
C ASP CA 71 39.08 6.07 36.86
N SER CA 72 40.07 6.94 36.94
CA SER CA 72 39.89 8.26 37.54
C SER CA 72 39.17 9.22 36.60
N GLN CA 73 38.71 10.34 37.13
CA GLN CA 73 37.99 11.33 36.34
C GLN CA 73 38.86 12.57 36.19
N LYS CA 74 39.56 12.68 35.07
CA LYS CA 74 40.58 13.70 34.90
C LYS CA 74 40.17 14.93 34.07
N LEU CA 75 38.98 14.87 33.48
CA LEU CA 75 38.44 16.00 32.73
C LEU CA 75 36.95 16.10 32.95
N THR CA 76 36.42 17.32 32.89
CA THR CA 76 34.99 17.55 33.04
C THR CA 76 34.38 18.11 31.77
N THR CA 77 33.09 18.40 31.79
CA THR CA 77 32.41 18.92 30.61
C THR CA 77 32.68 20.39 30.35
N VAL CA 78 33.40 21.06 31.25
CA VAL CA 78 33.73 22.47 31.05
C VAL CA 78 35.22 22.69 30.73
N ASP CA 79 36.01 21.62 30.86
CA ASP CA 79 37.41 21.65 30.41
C ASP CA 79 37.47 21.66 28.90
N ILE CA 80 38.56 22.17 28.36
CA ILE CA 80 38.79 22.15 26.92
C ILE CA 80 40.28 22.08 26.67
N VAL CA 81 40.71 21.03 25.97
CA VAL CA 81 42.13 20.75 25.80
C VAL CA 81 42.64 21.10 24.40
N THR CA 82 43.44 22.16 24.30
CA THR CA 82 44.02 22.53 23.01
C THR CA 82 45.08 21.49 22.70
N LEU CA 83 44.84 20.68 21.66
CA LEU CA 83 45.68 19.51 21.36
C LEU CA 83 46.50 19.74 20.11
N ARG CA 84 47.79 19.44 20.18
CA ARG CA 84 48.63 19.66 19.02
C ARG CA 84 49.31 18.41 18.50
N VAL CA 85 49.88 18.52 17.32
CA VAL CA 85 50.72 17.47 16.78
C VAL CA 85 51.99 18.12 16.31
N LEU CA 86 53.12 17.59 16.73
CA LEU CA 86 54.39 18.15 16.31
C LEU CA 86 55.15 17.10 15.56
N CYS CA 87 55.91 17.49 14.55
CA CYS CA 87 56.81 16.56 13.86
C CYS CA 87 58.25 17.06 13.88
N ARG CA 88 59.19 16.19 14.18
CA ARG CA 88 60.58 16.59 14.17
C ARG CA 88 60.87 17.34 12.87
N GLU CA 89 61.21 18.62 12.97
CA GLU CA 89 61.71 19.36 11.82
C GLU CA 89 63.07 19.99 12.16
N GLY CA 90 64.13 19.28 11.81
CA GLY CA 90 65.46 19.65 12.23
C GLY CA 90 65.46 19.83 13.73
N VAL CA 91 65.82 21.04 14.15
CA VAL CA 91 66.04 21.34 15.56
C VAL CA 91 64.75 21.52 16.37
N ARG CA 92 63.82 22.34 15.89
CA ARG CA 92 62.59 22.59 16.63
C ARG CA 92 61.48 21.66 16.17
N TRP CA 93 60.26 21.87 16.67
CA TRP CA 93 59.11 21.03 16.32
C TRP CA 93 58.09 21.74 15.43
N ARG CA 94 57.63 21.06 14.39
CA ARG CA 94 56.63 21.61 13.48
C ARG CA 94 55.24 21.22 13.95
N VAL CA 95 54.47 22.22 14.39
CA VAL CA 95 53.09 22.01 14.76
C VAL CA 95 52.30 21.66 13.51
N MET CA 96 51.94 20.38 13.36
CA MET CA 96 51.49 19.87 12.08
C MET CA 96 50.00 19.73 11.89
N ALA CA 97 49.26 20.05 12.94
CA ALA CA 97 47.81 20.24 12.89
C ALA CA 97 47.41 20.72 14.27
N ILE CA 98 46.27 21.37 14.36
CA ILE CA 98 45.82 21.87 15.67
C ILE CA 98 44.29 21.87 15.80
N GLN CA 99 43.84 21.51 16.98
CA GLN CA 99 42.43 21.30 17.24
C GLN CA 99 42.08 21.75 18.66
N ASP CA 100 41.07 22.61 18.77
CA ASP CA 100 40.57 23.01 20.07
C ASP CA 100 39.43 22.07 20.47
N PHE CA 101 39.76 21.14 21.36
CA PHE CA 101 38.97 19.93 21.59
C PHE CA 101 38.19 19.96 22.90
N LYS CA 102 36.88 19.78 22.80
CA LYS CA 102 36.02 19.71 23.95
C LYS CA 102 35.79 18.24 24.30
N PRO CA 103 36.33 17.79 25.45
CA PRO CA 103 36.37 16.39 25.88
C PRO CA 103 35.02 15.66 25.98
N PHE CA 104 34.07 16.21 26.69
CA PHE CA 104 32.80 15.52 26.87
C PHE CA 104 31.95 15.46 25.60
N GLU CA 105 32.38 16.18 24.56
CA GLU CA 105 31.66 16.18 23.29
C GLU CA 105 32.34 15.31 22.24
N ASN CA 106 33.36 14.56 22.69
CA ASN CA 106 34.08 13.58 21.86
C ASN CA 106 34.15 12.22 22.58
N LEU CA 107 33.14 11.96 23.40
CA LEU CA 107 33.10 10.74 24.20
C LEU CA 107 33.04 9.52 23.28
N ARG CA 108 34.00 8.60 23.47
CA ARG CA 108 33.87 7.26 22.93
C ARG CA 108 34.21 6.29 24.05
N LEU CA 109 33.22 5.53 24.49
CA LEU CA 109 33.38 4.63 25.62
C LEU CA 109 34.14 3.35 25.26
N MET CA 110 34.80 2.76 26.24
CA MET CA 110 35.43 1.48 26.02
C MET CA 110 34.32 0.47 25.78
N ALA CA 111 34.65 -0.68 25.22
CA ALA CA 111 33.64 -1.70 24.96
C ALA CA 111 33.27 -2.35 26.27
N PRO CA 112 31.97 -2.68 26.47
CA PRO CA 112 31.56 -3.43 27.66
C PRO CA 112 32.48 -4.65 27.84
N ILE CA 113 32.57 -5.19 29.05
CA ILE CA 113 33.47 -6.33 29.28
C ILE CA 113 32.98 -7.31 30.32
N SER CA 114 33.60 -8.48 30.35
CA SER CA 114 33.19 -9.54 31.26
C SER CA 114 31.75 -9.92 30.99
N LEU CA 115 31.42 -10.20 29.73
CA LEU CA 115 30.09 -10.67 29.38
C LEU CA 115 29.89 -12.07 29.91
N GLN CA 116 28.64 -12.40 30.24
CA GLN CA 116 28.37 -13.74 30.75
C GLN CA 116 26.89 -14.13 30.65
N VAL CA 117 26.64 -15.44 30.71
CA VAL CA 117 25.29 -15.99 30.74
C VAL CA 117 24.84 -16.20 32.18
N VAL CA 118 23.67 -15.68 32.51
CA VAL CA 118 23.14 -15.87 33.85
C VAL CA 118 22.38 -17.19 33.91
N HIS CA 119 21.61 -17.45 32.87
CA HIS CA 119 20.67 -18.56 32.87
C HIS CA 119 20.48 -19.06 31.45
N VAL CA 120 20.22 -20.36 31.30
CA VAL CA 120 20.02 -20.96 29.99
C VAL CA 120 18.81 -21.87 29.95
N GLU CA 121 18.20 -21.96 28.77
CA GLU CA 121 17.07 -22.85 28.53
C GLU CA 121 17.15 -23.40 27.11
N THR CA 122 16.05 -23.96 26.61
CA THR CA 122 16.03 -24.46 25.24
C THR CA 122 15.64 -23.39 24.20
N HIS CA 123 14.73 -22.50 24.59
CA HIS CA 123 14.21 -21.48 23.68
C HIS CA 123 14.52 -20.02 24.11
N ARG CA 124 15.09 -19.85 25.31
CA ARG CA 124 15.38 -18.52 25.84
C ARG CA 124 16.83 -18.36 26.30
N CYS CA 125 17.23 -17.11 26.50
CA CYS CA 125 18.58 -16.80 27.02
C CYS CA 125 18.62 -15.44 27.70
N ASN CA 126 19.66 -15.23 28.50
CA ASN CA 126 19.82 -14.02 29.30
C ASN CA 126 21.29 -13.74 29.63
N ILE CA 127 21.83 -12.69 29.01
CA ILE CA 127 23.26 -12.37 29.09
C ILE CA 127 23.50 -10.96 29.61
N SER CA 128 24.61 -10.78 30.30
CA SER CA 128 24.91 -9.51 30.93
C SER CA 128 26.37 -9.12 30.73
N TRP CA 129 26.67 -7.87 31.05
CA TRP CA 129 28.01 -7.31 30.85
C TRP CA 129 28.31 -6.18 31.85
N GLU CA 130 29.58 -5.80 31.93
CA GLU CA 130 29.98 -4.61 32.66
C GLU CA 130 30.42 -3.53 31.67
N ILE CA 131 30.07 -2.28 31.94
CA ILE CA 131 30.66 -1.20 31.17
C ILE CA 131 31.81 -0.63 31.97
N SER CA 132 32.99 -0.59 31.35
CA SER CA 132 34.20 -0.22 32.08
C SER CA 132 34.65 1.21 31.84
N GLN CA 133 35.33 1.78 32.84
CA GLN CA 133 35.85 3.13 32.75
C GLN CA 133 34.81 4.08 32.17
N ALA CA 134 33.66 4.18 32.83
CA ALA CA 134 32.57 5.02 32.36
C ALA CA 134 32.11 5.99 33.44
N SER CA 135 32.09 7.26 33.09
CA SER CA 135 31.90 8.34 34.05
C SER CA 135 30.57 8.35 34.78
N HIS CA 136 30.59 8.96 35.95
CA HIS CA 136 29.43 9.06 36.80
C HIS CA 136 28.64 10.32 36.44
N TYR CA 137 29.27 11.23 35.69
CA TYR CA 137 28.55 12.39 35.20
C TYR CA 137 27.48 11.91 34.21
N PHE CA 138 27.69 10.71 33.68
CA PHE CA 138 26.69 10.07 32.83
C PHE CA 138 25.43 9.71 33.62
N GLU CA 139 25.64 9.06 34.76
CA GLU CA 139 24.55 8.45 35.55
C GLU CA 139 23.91 7.28 34.80
N ARG CA 140 22.61 7.41 34.56
CA ARG CA 140 21.82 6.36 33.92
C ARG CA 140 21.51 6.65 32.46
N HIS CA 141 22.08 7.72 31.93
CA HIS CA 141 21.82 8.06 30.54
C HIS CA 141 22.85 7.37 29.66
N LEU CA 142 22.43 6.29 29.02
CA LEU CA 142 23.31 5.52 28.15
C LEU CA 142 22.49 4.71 27.15
N GLU CA 143 23.15 4.29 26.07
CA GLU CA 143 22.52 3.46 25.07
C GLU CA 143 23.35 2.20 24.88
N PHE CA 144 22.69 1.14 24.42
CA PHE CA 144 23.42 -0.08 24.08
C PHE CA 144 22.88 -0.70 22.79
N GLU CA 145 23.78 -1.31 22.04
CA GLU CA 145 23.42 -2.08 20.86
C GLU CA 145 24.08 -3.46 20.94
N ALA CA 146 23.35 -4.50 20.55
CA ALA CA 146 23.90 -5.84 20.61
C ALA CA 146 23.62 -6.64 19.33
N ARG CA 147 24.48 -7.61 19.07
CA ARG CA 147 24.31 -8.46 17.90
C ARG CA 147 24.13 -9.91 18.33
N THR CA 148 23.28 -10.63 17.62
CA THR CA 148 23.07 -12.05 17.89
C THR CA 148 23.54 -12.87 16.69
N LEU CA 149 24.43 -13.83 16.92
CA LEU CA 149 25.06 -14.57 15.81
C LEU CA 149 24.68 -16.06 15.68
N SER CA 150 23.87 -16.37 14.67
CA SER CA 150 23.47 -17.73 14.36
C SER CA 150 24.47 -18.34 13.38
N PRO CA 151 24.55 -19.70 13.34
CA PRO CA 151 25.42 -20.31 12.33
C PRO CA 151 24.87 -20.07 10.93
N GLY CA 152 23.56 -19.81 10.86
CA GLY CA 152 22.89 -19.60 9.60
C GLY CA 152 23.33 -18.35 8.88
N HIS CA 153 23.82 -17.36 9.62
CA HIS CA 153 24.15 -16.08 9.01
C HIS CA 153 25.51 -15.51 9.43
N THR CA 154 26.05 -14.62 8.60
CA THR CA 154 27.33 -13.97 8.88
C THR CA 154 27.14 -12.89 9.94
N TRP CA 155 28.26 -12.33 10.42
CA TRP CA 155 28.20 -11.31 11.47
C TRP CA 155 27.34 -10.08 11.12
N GLU CA 156 27.43 -9.64 9.87
CA GLU CA 156 26.79 -8.41 9.44
C GLU CA 156 25.27 -8.52 9.36
N GLU CA 157 24.78 -9.58 8.73
CA GLU CA 157 23.35 -9.79 8.51
C GLU CA 157 22.58 -9.69 9.82
N ALA CA 158 23.33 -9.64 10.91
CA ALA CA 158 22.78 -9.67 12.26
C ALA CA 158 21.66 -8.66 12.47
N PRO CA 159 20.75 -8.99 13.40
CA PRO CA 159 19.76 -8.04 13.91
C PRO CA 159 20.45 -7.02 14.81
N LEU CA 160 20.23 -5.73 14.55
CA LEU CA 160 20.74 -4.65 15.40
C LEU CA 160 19.87 -4.57 16.65
N LEU CA 161 20.45 -4.84 17.82
CA LEU CA 161 19.67 -4.89 19.07
C LEU CA 161 19.60 -3.52 19.76
N THR CA 162 18.39 -2.97 19.84
CA THR CA 162 18.21 -1.63 20.38
C THR CA 162 17.87 -1.64 21.86
N LEU CA 163 18.86 -1.36 22.70
CA LEU CA 163 18.57 -1.13 24.12
C LEU CA 163 18.68 0.37 24.41
N LYS CA 164 17.52 0.99 24.61
CA LYS CA 164 17.42 2.44 24.68
C LYS CA 164 17.43 3.02 26.09
N GLN CA 165 17.87 2.23 27.07
CA GLN CA 165 18.22 2.76 28.37
C GLN CA 165 19.46 2.06 28.87
N LYS CA 166 19.85 2.35 30.11
CA LYS CA 166 20.97 1.69 30.74
C LYS CA 166 20.51 0.33 31.23
N GLN CA 167 20.85 -0.71 30.48
CA GLN CA 167 20.51 -2.08 30.86
C GLN CA 167 21.71 -2.98 30.59
N GLU CA 168 22.33 -3.47 31.66
CA GLU CA 168 23.56 -4.22 31.53
C GLU CA 168 23.33 -5.71 31.25
N TRP CA 169 22.07 -6.06 30.99
CA TRP CA 169 21.70 -7.43 30.60
C TRP CA 169 20.77 -7.45 29.39
N ILE CA 170 20.64 -8.62 28.77
CA ILE CA 170 19.71 -8.82 27.65
C ILE CA 170 19.18 -10.25 27.64
N CYS CA 171 17.95 -10.44 27.18
CA CYS CA 171 17.37 -11.78 27.10
C CYS CA 171 17.00 -12.19 25.67
N LEU CA 172 17.52 -13.32 25.22
CA LEU CA 172 17.29 -13.78 23.85
C LEU CA 172 16.16 -14.80 23.72
N GLU CA 173 15.03 -14.33 23.20
CA GLU CA 173 13.84 -15.15 22.99
C GLU CA 173 13.89 -15.78 21.61
N THR CA 174 12.94 -16.66 21.32
CA THR CA 174 12.84 -17.24 19.99
C THR CA 174 14.16 -17.89 19.57
N LEU CA 175 14.95 -18.32 20.56
CA LEU CA 175 16.17 -19.08 20.30
C LEU CA 175 15.79 -20.45 19.80
N THR CA 176 16.72 -21.14 19.13
CA THR CA 176 16.53 -22.53 18.72
C THR CA 176 17.44 -23.46 19.55
N PRO CA 177 16.87 -24.56 20.08
CA PRO CA 177 17.49 -25.45 21.08
C PRO CA 177 18.82 -26.08 20.67
N ASP CA 178 19.67 -26.33 21.67
CA ASP CA 178 21.00 -26.89 21.46
C ASP CA 178 21.79 -26.24 20.33
N THR CA 179 21.56 -24.95 20.09
CA THR CA 179 22.23 -24.25 19.00
C THR CA 179 23.36 -23.32 19.46
N GLN CA 180 24.48 -23.35 18.74
CA GLN CA 180 25.65 -22.53 19.07
C GLN CA 180 25.35 -21.07 18.79
N TYR CA 181 26.02 -20.17 19.49
CA TYR CA 181 25.74 -18.74 19.33
C TYR CA 181 26.91 -17.85 19.72
N GLU CA 182 26.85 -16.59 19.28
CA GLU CA 182 27.76 -15.55 19.73
C GLU CA 182 27.04 -14.20 19.81
N PHE CA 183 27.38 -13.41 20.83
CA PHE CA 183 26.65 -12.19 21.17
C PHE CA 183 27.59 -11.02 21.41
N GLN CA 184 27.22 -9.86 20.87
CA GLN CA 184 28.05 -8.66 20.99
C GLN CA 184 27.25 -7.46 21.46
N VAL CA 185 27.96 -6.42 21.88
CA VAL CA 185 27.28 -5.26 22.41
C VAL CA 185 28.16 -4.01 22.51
N ARG CA 186 27.52 -2.86 22.35
CA ARG CA 186 28.18 -1.58 22.39
C ARG CA 186 27.52 -0.67 23.40
N VAL CA 187 28.19 0.42 23.73
CA VAL CA 187 27.61 1.42 24.62
C VAL CA 187 27.80 2.80 23.99
N LYS CA 188 27.08 3.76 24.55
CA LYS CA 188 27.25 5.15 24.26
C LYS CA 188 26.51 5.94 25.32
N PRO CA 189 26.93 7.17 25.52
CA PRO CA 189 26.13 8.15 26.29
C PRO CA 189 25.26 8.99 25.37
N LEU CA 190 24.30 9.69 25.93
CA LEU CA 190 23.41 10.53 25.14
C LEU CA 190 24.13 11.77 24.62
N GLN CA 191 24.88 12.38 25.53
CA GLN CA 191 25.57 13.64 25.26
C GLN CA 191 26.63 13.50 24.18
N GLY CA 192 26.97 14.60 23.53
CA GLY CA 192 28.07 14.62 22.58
C GLY CA 192 27.68 14.81 21.12
N GLU CA 193 28.45 15.65 20.42
CA GLU CA 193 28.18 15.93 19.01
C GLU CA 193 28.83 14.90 18.10
N PHE CA 194 30.09 14.57 18.38
CA PHE CA 194 30.82 13.60 17.57
C PHE CA 194 30.87 12.22 18.21
N THR CA 195 30.35 12.13 19.43
CA THR CA 195 30.20 10.85 20.13
C THR CA 195 29.77 9.75 19.17
N THR CA 196 30.36 8.56 19.29
CA THR CA 196 29.92 7.38 18.55
C THR CA 196 29.97 6.12 19.41
N TRP CA 197 29.36 5.05 18.90
CA TRP CA 197 29.30 3.78 19.63
C TRP CA 197 30.65 3.28 20.13
N SER CA 198 30.65 2.68 21.31
CA SER CA 198 31.82 1.98 21.78
C SER CA 198 32.12 0.96 20.72
N PRO CA 199 33.32 0.37 20.76
CA PRO CA 199 33.63 -0.78 19.90
C PRO CA 199 32.93 -2.01 20.43
N TRP CA 200 32.49 -2.90 19.54
CA TRP CA 200 31.75 -4.06 19.98
C TRP CA 200 32.54 -4.85 21.03
N SER CA 201 31.81 -5.38 22.01
CA SER CA 201 32.38 -6.18 23.08
C SER CA 201 33.00 -7.44 22.52
N GLN CA 202 34.00 -7.99 23.20
CA GLN CA 202 34.56 -9.26 22.78
C GLN CA 202 33.43 -10.26 22.62
N PRO CA 203 33.51 -11.12 21.59
CA PRO CA 203 32.43 -12.07 21.34
C PRO CA 203 32.28 -13.07 22.48
N LEU CA 204 31.05 -13.50 22.70
CA LEU CA 204 30.76 -14.49 23.71
C LEU CA 204 30.47 -15.82 23.02
N ALA CA 205 30.71 -16.91 23.73
CA ALA CA 205 30.39 -18.23 23.19
C ALA CA 205 29.40 -18.91 24.09
N PHE CA 206 28.13 -18.91 23.71
CA PHE CA 206 27.14 -19.57 24.53
C PHE CA 206 26.33 -20.57 23.74
N ARG CA 207 26.01 -21.69 24.38
CA ARG CA 207 25.18 -22.72 23.76
C ARG CA 207 23.89 -22.95 24.53
N THR CA 208 22.88 -23.44 23.82
CA THR CA 208 21.58 -23.64 24.40
C THR CA 208 21.51 -24.98 25.12
N LYS CA 209 20.45 -25.18 25.89
CA LYS CA 209 20.14 -26.47 26.50
C LYS CA 209 19.25 -27.24 25.54
N PRO CA 210 19.49 -28.56 25.42
CA PRO CA 210 18.64 -29.47 24.62
C PRO CA 210 17.43 -29.99 25.42
N PRO DA 4 4.05 12.13 74.66
CA PRO DA 4 4.58 11.54 73.42
C PRO DA 4 3.73 11.91 72.20
N LEU DA 5 3.95 13.10 71.65
CA LEU DA 5 3.21 13.57 70.49
C LEU DA 5 3.39 12.65 69.29
N PRO DA 6 2.32 12.51 68.49
CA PRO DA 6 2.43 11.78 67.23
C PRO DA 6 3.36 12.50 66.25
N GLU DA 7 4.43 11.84 65.82
CA GLU DA 7 5.26 12.37 64.74
C GLU DA 7 4.34 12.63 63.55
N VAL DA 8 4.73 13.53 62.67
CA VAL DA 8 3.92 13.84 61.49
C VAL DA 8 4.69 13.66 60.19
N GLN DA 9 4.12 12.91 59.26
CA GLN DA 9 4.71 12.73 57.92
C GLN DA 9 3.98 13.62 56.93
N CYS DA 10 4.73 14.13 55.94
CA CYS DA 10 4.14 15.02 54.95
C CYS DA 10 4.60 14.68 53.54
N PHE DA 11 3.79 15.08 52.55
CA PHE DA 11 4.09 14.78 51.16
C PHE DA 11 3.55 15.81 50.18
N VAL DA 12 4.41 16.21 49.25
CA VAL DA 12 4.03 17.14 48.19
C VAL DA 12 3.64 16.36 46.94
N PHE DA 13 2.37 16.42 46.57
CA PHE DA 13 1.87 15.66 45.43
C PHE DA 13 1.91 16.48 44.15
N ASN DA 14 2.78 16.05 43.23
CA ASN DA 14 2.92 16.72 41.94
C ASN DA 14 2.83 18.23 42.06
N VAL DA 15 3.47 18.75 43.11
CA VAL DA 15 3.52 20.19 43.39
C VAL DA 15 2.19 20.93 43.18
N GLU DA 16 1.07 20.25 43.42
CA GLU DA 16 -0.24 20.88 43.34
C GLU DA 16 -0.69 21.39 44.70
N TYR DA 17 -0.22 20.72 45.76
CA TYR DA 17 -0.61 21.07 47.11
C TYR DA 17 0.00 20.07 48.09
N MET DA 18 -0.07 20.37 49.38
CA MET DA 18 0.51 19.48 50.39
C MET DA 18 -0.46 19.06 51.49
N ASN DA 19 -0.36 17.79 51.88
CA ASN DA 19 -1.11 17.24 53.00
C ASN DA 19 -0.13 16.67 54.02
N CYS DA 20 -0.26 17.07 55.27
CA CYS DA 20 0.59 16.53 56.34
C CYS DA 20 -0.29 15.93 57.42
N THR DA 21 -0.10 14.64 57.68
CA THR DA 21 -1.05 13.91 58.52
C THR DA 21 -0.42 13.23 59.73
N TRP DA 22 -1.26 12.87 60.69
CA TRP DA 22 -0.83 12.12 61.86
C TRP DA 22 -2.00 11.35 62.47
N GLN DA 23 -1.69 10.39 63.33
CA GLN DA 23 -2.71 9.62 64.03
C GLN DA 23 -2.84 10.14 65.46
N SER DA 24 -3.95 10.81 65.76
CA SER DA 24 -4.10 11.54 67.03
C SER DA 24 -4.82 10.74 68.11
N SER DA 25 -5.13 9.48 67.84
CA SER DA 25 -5.88 8.65 68.79
C SER DA 25 -4.95 7.85 69.71
N SER DA 26 -3.68 8.25 69.77
CA SER DA 26 -2.67 7.47 70.49
C SER DA 26 -2.51 7.87 71.95
N GLU DA 27 -3.36 8.77 72.43
CA GLU DA 27 -3.30 9.23 73.81
C GLU DA 27 -4.66 9.11 74.52
N PRO DA 28 -4.65 9.06 75.86
CA PRO DA 28 -5.84 8.80 76.69
C PRO DA 28 -7.09 9.66 76.38
N GLN DA 29 -6.94 10.96 76.29
CA GLN DA 29 -8.08 11.84 76.00
C GLN DA 29 -8.14 12.21 74.51
N PRO DA 30 -9.33 12.14 73.90
CA PRO DA 30 -9.46 12.58 72.52
C PRO DA 30 -9.02 14.04 72.43
N THR DA 31 -8.08 14.36 71.54
CA THR DA 31 -7.48 15.68 71.53
C THR DA 31 -7.38 16.34 70.16
N ASN DA 32 -7.54 17.66 70.14
CA ASN DA 32 -7.18 18.46 68.99
C ASN DA 32 -5.75 18.94 69.14
N LEU DA 33 -4.87 18.47 68.25
CA LEU DA 33 -3.51 18.95 68.23
C LEU DA 33 -3.38 20.01 67.14
N THR DA 34 -2.85 21.17 67.51
CA THR DA 34 -2.74 22.27 66.56
C THR DA 34 -1.47 22.16 65.73
N LEU DA 35 -1.57 22.58 64.47
CA LEU DA 35 -0.46 22.48 63.53
C LEU DA 35 0.03 23.88 63.17
N HIS DA 36 1.31 24.14 63.42
CA HIS DA 36 1.91 25.43 63.09
C HIS DA 36 3.19 25.25 62.29
N TYR DA 37 3.44 26.17 61.36
CA TYR DA 37 4.60 26.04 60.48
C TYR DA 37 5.25 27.38 60.10
N TRP DA 38 6.55 27.31 59.79
CA TRP DA 38 7.29 28.47 59.28
C TRP DA 38 8.50 28.01 58.45
N TYR DA 39 9.08 28.94 57.69
CA TYR DA 39 10.26 28.66 56.87
C TYR DA 39 11.53 29.22 57.50
N LYS DA 40 12.35 28.34 58.05
CA LYS DA 40 13.55 28.76 58.78
C LYS DA 40 14.52 29.53 57.89
N ASN DA 41 15.31 30.39 58.51
CA ASN DA 41 16.40 31.13 57.87
C ASN DA 41 16.09 31.66 56.46
N SER DA 42 14.86 32.12 56.26
CA SER DA 42 14.44 32.59 54.94
C SER DA 42 13.53 33.82 55.05
N ASP DA 43 13.03 34.29 53.91
CA ASP DA 43 12.10 35.40 53.90
C ASP DA 43 10.68 34.94 54.24
N ASN DA 44 9.91 35.84 54.88
CA ASN DA 44 8.63 35.47 55.47
C ASN DA 44 8.86 34.44 56.57
N ASP DA 45 9.66 34.82 57.56
CA ASP DA 45 10.00 33.94 58.68
C ASP DA 45 8.85 33.85 59.68
N LYS DA 46 7.88 34.76 59.55
CA LYS DA 46 6.74 34.80 60.44
C LYS DA 46 6.02 33.46 60.51
N VAL DA 47 5.82 32.95 61.72
CA VAL DA 47 5.08 31.73 61.92
C VAL DA 47 3.70 31.89 61.29
N GLN DA 48 3.05 30.78 60.99
CA GLN DA 48 1.71 30.81 60.42
C GLN DA 48 0.80 29.82 61.14
N LYS DA 49 -0.46 30.20 61.28
CA LYS DA 49 -1.46 29.29 61.84
C LYS DA 49 -2.05 28.43 60.73
N CYS DA 50 -2.63 27.29 61.09
CA CYS DA 50 -3.05 26.29 60.11
C CYS DA 50 -4.39 26.64 59.46
N SER DA 51 -4.34 27.08 58.20
CA SER DA 51 -5.52 27.53 57.48
C SER DA 51 -6.52 26.42 57.14
N HIS DA 52 -6.07 25.38 56.46
CA HIS DA 52 -6.95 24.26 56.08
C HIS DA 52 -6.71 22.99 56.90
N TYR DA 53 -7.55 22.78 57.92
CA TYR DA 53 -7.44 21.61 58.80
C TYR DA 53 -8.11 20.38 58.20
N LEU DA 54 -7.52 19.21 58.46
CA LEU DA 54 -8.14 17.94 58.08
C LEU DA 54 -8.56 17.16 59.34
N PHE DA 55 -9.59 16.34 59.20
CA PHE DA 55 -10.21 15.70 60.36
C PHE DA 55 -10.47 14.21 60.17
N SER DA 56 -10.42 13.47 61.28
CA SER DA 56 -10.78 12.05 61.31
C SER DA 56 -11.61 11.76 62.55
N GLU DA 57 -12.90 11.49 62.35
CA GLU DA 57 -13.81 11.23 63.46
C GLU DA 57 -13.85 12.42 64.43
N GLU DA 58 -14.17 13.59 63.88
CA GLU DA 58 -14.24 14.86 64.62
C GLU DA 58 -13.03 15.16 65.51
N ILE DA 59 -11.85 14.75 65.05
CA ILE DA 59 -10.58 15.10 65.66
C ILE DA 59 -9.58 15.44 64.56
N THR DA 60 -8.86 16.55 64.71
CA THR DA 60 -7.91 16.97 63.69
C THR DA 60 -6.93 15.86 63.35
N SER DA 61 -6.82 15.52 62.08
CA SER DA 61 -5.94 14.45 61.63
C SER DA 61 -4.76 14.99 60.81
N GLY DA 62 -4.81 16.27 60.48
CA GLY DA 62 -3.74 16.90 59.73
C GLY DA 62 -4.09 18.27 59.16
N CYS DA 63 -3.47 18.60 58.02
CA CYS DA 63 -3.64 19.90 57.40
C CYS DA 63 -3.25 19.87 55.92
N GLN DA 64 -3.93 20.67 55.11
CA GLN DA 64 -3.52 20.85 53.72
C GLN DA 64 -2.99 22.26 53.47
N LEU DA 65 -1.93 22.35 52.68
CA LEU DA 65 -1.46 23.62 52.15
C LEU DA 65 -1.66 23.63 50.63
N GLN DA 66 -2.12 24.75 50.10
CA GLN DA 66 -2.40 24.85 48.68
C GLN DA 66 -1.15 25.25 47.88
N LYS DA 67 -1.36 25.62 46.62
CA LYS DA 67 -0.27 25.96 45.71
C LYS DA 67 0.66 27.04 46.27
N LYS DA 68 0.06 28.18 46.63
CA LYS DA 68 0.81 29.38 47.01
C LYS DA 68 1.66 29.24 48.28
N GLU DA 69 1.24 28.38 49.20
CA GLU DA 69 1.89 28.26 50.49
C GLU DA 69 3.14 27.37 50.48
N ILE DA 70 3.48 26.83 49.31
CA ILE DA 70 4.55 25.84 49.23
C ILE DA 70 5.85 26.37 48.62
N HIS DA 71 6.87 26.50 49.46
CA HIS DA 71 8.22 26.87 49.00
C HIS DA 71 9.17 25.68 49.10
N LEU DA 72 9.47 25.06 47.96
CA LEU DA 72 10.50 24.03 47.90
C LEU DA 72 11.85 24.70 48.05
N TYR DA 73 12.86 23.92 48.42
CA TYR DA 73 14.23 24.41 48.39
C TYR DA 73 14.54 25.44 49.47
N GLN DA 74 13.53 25.73 50.29
CA GLN DA 74 13.70 26.53 51.50
C GLN DA 74 13.24 25.65 52.66
N THR DA 75 14.17 25.21 53.49
CA THR DA 75 13.86 24.24 54.54
C THR DA 75 12.57 24.60 55.26
N PHE DA 76 11.82 23.58 55.68
CA PHE DA 76 10.45 23.76 56.19
C PHE DA 76 10.21 23.09 57.53
N VAL DA 77 9.90 23.89 58.55
CA VAL DA 77 9.65 23.39 59.91
C VAL DA 77 8.16 23.22 60.17
N VAL DA 78 7.83 22.19 60.95
CA VAL DA 78 6.46 21.97 61.39
C VAL DA 78 6.40 21.79 62.90
N GLN DA 79 5.25 22.09 63.48
CA GLN DA 79 5.07 22.06 64.93
C GLN DA 79 3.72 21.50 65.32
N LEU DA 80 3.75 20.36 66.00
CA LEU DA 80 2.54 19.76 66.53
C LEU DA 80 2.36 20.24 67.96
N GLN DA 81 1.12 20.49 68.35
CA GLN DA 81 0.85 21.11 69.64
C GLN DA 81 -0.33 20.48 70.36
N ASP DA 82 -0.23 20.38 71.69
CA ASP DA 82 -1.38 20.01 72.52
C ASP DA 82 -1.87 21.27 73.23
N PRO DA 83 -3.12 21.67 72.98
CA PRO DA 83 -3.64 22.98 73.40
C PRO DA 83 -3.43 23.28 74.87
N ARG DA 84 -3.47 22.23 75.70
CA ARG DA 84 -3.42 22.37 77.14
C ARG DA 84 -2.06 22.82 77.65
N GLU DA 85 -1.03 22.05 77.33
CA GLU DA 85 0.30 22.27 77.90
C GLU DA 85 1.34 22.69 76.87
N PRO DA 86 1.90 23.91 77.06
CA PRO DA 86 2.95 24.44 76.18
C PRO DA 86 4.21 23.57 76.25
N ARG DA 87 4.36 22.85 77.36
CA ARG DA 87 5.51 21.98 77.56
C ARG DA 87 5.48 20.78 76.62
N ARG DA 88 4.32 20.51 76.04
CA ARG DA 88 4.20 19.42 75.09
C ARG DA 88 4.01 19.91 73.66
N GLN DA 89 5.11 19.85 72.92
CA GLN DA 89 5.17 20.29 71.54
C GLN DA 89 6.23 19.47 70.83
N ALA DA 90 6.06 19.26 69.54
CA ALA DA 90 7.06 18.55 68.75
C ALA DA 90 7.42 19.38 67.52
N THR DA 91 8.70 19.39 67.18
CA THR DA 91 9.17 20.10 66.00
C THR DA 91 10.05 19.20 65.12
N GLN DA 92 9.70 19.14 63.84
CA GLN DA 92 10.49 18.40 62.86
C GLN DA 92 10.73 19.28 61.64
N MET DA 93 11.99 19.44 61.29
CA MET DA 93 12.36 20.23 60.11
C MET DA 93 12.31 19.34 58.87
N LEU DA 94 11.89 19.93 57.75
CA LEU DA 94 11.68 19.15 56.53
C LEU DA 94 12.30 19.74 55.27
N LYS DA 95 12.95 18.88 54.50
CA LYS DA 95 13.37 19.20 53.14
C LYS DA 95 12.30 18.65 52.21
N LEU DA 96 11.46 19.54 51.67
CA LEU DA 96 10.25 19.11 50.97
C LEU DA 96 10.42 18.61 49.54
N GLN DA 97 11.48 19.03 48.87
CA GLN DA 97 11.73 18.53 47.52
C GLN DA 97 11.93 17.02 47.57
N ASN DA 98 12.36 16.54 48.74
CA ASN DA 98 12.55 15.11 48.96
C ASN DA 98 11.26 14.37 49.26
N LEU DA 99 10.22 15.10 49.61
CA LEU DA 99 8.96 14.46 49.95
C LEU DA 99 7.93 14.63 48.83
N VAL DA 100 8.42 14.90 47.62
CA VAL DA 100 7.56 15.09 46.46
C VAL DA 100 7.24 13.76 45.78
N ILE DA 101 5.96 13.50 45.52
CA ILE DA 101 5.57 12.30 44.79
C ILE DA 101 4.75 12.65 43.57
N PRO DA 102 5.13 12.09 42.40
CA PRO DA 102 4.56 12.40 41.09
C PRO DA 102 3.24 11.70 40.81
N TRP DA 103 2.45 12.26 39.90
CA TRP DA 103 1.26 11.60 39.40
C TRP DA 103 1.69 10.43 38.54
N ALA DA 104 0.96 9.32 38.64
CA ALA DA 104 1.29 8.11 37.91
C ALA DA 104 1.35 8.34 36.40
N PRO DA 105 2.31 7.69 35.73
CA PRO DA 105 2.49 7.82 34.28
C PRO DA 105 1.18 7.59 33.54
N GLU DA 106 0.98 8.33 32.46
CA GLU DA 106 -0.26 8.23 31.68
C GLU DA 106 0.00 7.94 30.21
N ASN DA 107 -1.08 7.98 29.42
CA ASN DA 107 -1.01 7.82 27.96
C ASN DA 107 -0.04 6.76 27.47
N LEU DA 108 0.11 5.68 28.24
CA LEU DA 108 0.97 4.58 27.85
C LEU DA 108 0.71 4.16 26.41
N THR DA 109 1.79 3.97 25.66
CA THR DA 109 1.70 3.56 24.26
C THR DA 109 2.86 2.64 23.89
N LEU DA 110 2.64 1.77 22.91
CA LEU DA 110 3.69 0.89 22.41
C LEU DA 110 3.78 0.98 20.89
N HIS DA 111 4.86 0.43 20.33
CA HIS DA 111 5.01 0.39 18.88
C HIS DA 111 6.17 -0.50 18.47
N LYS DA 112 6.09 -1.06 17.25
CA LYS DA 112 7.12 -1.96 16.75
C LYS DA 112 8.18 -1.20 15.97
N LEU DA 113 9.42 -1.27 16.43
CA LEU DA 113 10.54 -0.69 15.71
C LEU DA 113 11.09 -1.72 14.72
N SER DA 114 10.45 -2.89 14.71
CA SER DA 114 10.85 -4.00 13.86
C SER DA 114 9.72 -5.01 13.86
N GLU DA 115 10.01 -6.22 13.39
CA GLU DA 115 9.06 -7.32 13.52
C GLU DA 115 9.13 -7.88 14.92
N SER DA 116 10.28 -7.69 15.58
CA SER DA 116 10.54 -8.37 16.85
C SER DA 116 10.82 -7.47 18.07
N GLN DA 117 10.74 -6.15 17.90
CA GLN DA 117 11.05 -5.21 18.98
C GLN DA 117 9.95 -4.17 19.27
N LEU DA 118 9.75 -3.90 20.56
CA LEU DA 118 8.73 -2.95 21.02
C LEU DA 118 9.29 -1.82 21.86
N GLU DA 119 8.74 -0.61 21.67
CA GLU DA 119 9.11 0.56 22.45
C GLU DA 119 7.92 1.08 23.25
N LEU DA 120 8.00 1.03 24.57
CA LEU DA 120 6.94 1.56 25.41
C LEU DA 120 7.10 3.07 25.55
N ASN DA 121 5.98 3.76 25.77
CA ASN DA 121 6.00 5.23 25.84
C ASN DA 121 4.88 5.85 26.68
N TRP DA 122 5.22 6.90 27.42
CA TRP DA 122 4.29 7.54 28.36
C TRP DA 122 4.65 9.01 28.58
N ASN DA 123 3.75 9.75 29.25
CA ASN DA 123 4.02 11.14 29.64
C ASN DA 123 3.84 11.34 31.14
N ASN DA 124 4.00 12.57 31.58
CA ASN DA 124 3.73 12.95 32.97
C ASN DA 124 3.21 14.38 33.07
N ARG DA 125 2.41 14.69 34.10
CA ARG DA 125 1.57 15.92 34.12
C ARG DA 125 2.19 17.33 34.00
N PHE DA 126 3.25 17.63 34.74
CA PHE DA 126 4.00 18.87 34.49
C PHE DA 126 5.50 18.64 34.59
N LEU DA 127 5.96 18.24 35.77
CA LEU DA 127 7.37 17.95 35.99
C LEU DA 127 7.85 17.00 34.90
N ASN DA 128 9.00 17.30 34.30
CA ASN DA 128 9.49 16.52 33.15
C ASN DA 128 10.75 15.67 33.40
N HIS DA 129 11.92 16.28 33.28
CA HIS DA 129 13.15 15.54 33.48
C HIS DA 129 13.45 15.33 34.96
N CYS DA 130 12.65 15.96 35.82
CA CYS DA 130 12.80 15.81 37.26
C CYS DA 130 12.37 14.42 37.73
N LEU DA 131 11.61 13.73 36.89
CA LEU DA 131 11.11 12.41 37.23
C LEU DA 131 11.96 11.32 36.62
N GLU DA 132 12.34 10.35 37.44
CA GLU DA 132 12.88 9.09 36.94
C GLU DA 132 11.75 8.06 37.01
N HIS DA 133 11.97 6.88 36.47
CA HIS DA 133 10.92 5.87 36.43
C HIS DA 133 11.42 4.45 36.64
N LEU DA 134 10.50 3.54 36.91
CA LEU DA 134 10.78 2.11 36.93
C LEU DA 134 9.74 1.38 36.08
N VAL DA 135 10.19 0.39 35.32
CA VAL DA 135 9.31 -0.36 34.44
C VAL DA 135 9.29 -1.82 34.82
N GLN DA 136 8.10 -2.39 34.95
CA GLN DA 136 7.97 -3.80 35.27
C GLN DA 136 7.22 -4.50 34.15
N TYR DA 137 7.77 -5.61 33.67
CA TYR DA 137 7.14 -6.39 32.60
C TYR DA 137 7.17 -7.90 32.83
N ARG DA 138 5.99 -8.51 32.88
CA ARG DA 138 5.85 -9.94 33.12
C ARG DA 138 4.93 -10.61 32.10
N THR DA 139 5.47 -11.59 31.39
CA THR DA 139 4.68 -12.44 30.52
C THR DA 139 3.72 -13.24 31.40
N ASP DA 140 2.69 -13.83 30.79
CA ASP DA 140 1.83 -14.74 31.53
C ASP DA 140 2.70 -15.81 32.21
N TRP DA 141 3.48 -16.52 31.40
CA TRP DA 141 4.41 -17.53 31.91
C TRP DA 141 5.20 -16.98 33.08
N ASP DA 142 5.62 -15.73 32.96
CA ASP DA 142 6.41 -15.08 33.99
C ASP DA 142 5.76 -15.24 35.36
N HIS DA 143 6.59 -15.61 36.34
CA HIS DA 143 6.14 -15.83 37.71
C HIS DA 143 6.00 -14.49 38.44
N SER DA 144 7.13 -13.82 38.67
CA SER DA 144 7.11 -12.47 39.22
C SER DA 144 7.42 -11.48 38.11
N TRP DA 145 7.54 -10.21 38.48
CA TRP DA 145 7.77 -9.16 37.48
C TRP DA 145 9.24 -9.08 37.07
N THR DA 146 9.46 -8.54 35.87
CA THR DA 146 10.81 -8.19 35.42
C THR DA 146 10.89 -6.67 35.43
N GLU DA 147 11.65 -6.10 36.37
CA GLU DA 147 11.72 -4.66 36.53
C GLU DA 147 13.01 -4.07 35.95
N GLN DA 148 12.89 -2.90 35.32
CA GLN DA 148 14.02 -2.19 34.74
C GLN DA 148 13.86 -0.68 34.90
N SER DA 149 14.90 -0.03 35.42
CA SER DA 149 14.85 1.41 35.71
C SER DA 149 15.23 2.25 34.50
N VAL DA 150 14.66 3.45 34.41
CA VAL DA 150 14.91 4.33 33.26
C VAL DA 150 15.00 5.82 33.63
N ASP DA 151 15.83 6.56 32.89
CA ASP DA 151 16.12 7.96 33.20
C ASP DA 151 15.08 8.93 32.67
N TYR DA 152 15.47 10.20 32.54
CA TYR DA 152 14.52 11.26 32.24
C TYR DA 152 13.85 11.12 30.86
N ARG DA 153 14.40 10.25 30.02
CA ARG DA 153 13.67 9.82 28.84
C ARG DA 153 12.42 9.09 29.33
N HIS DA 154 11.41 8.96 28.47
CA HIS DA 154 10.22 8.22 28.84
C HIS DA 154 10.14 6.87 28.14
N LYS DA 155 11.13 6.60 27.29
CA LYS DA 155 11.15 5.42 26.44
C LYS DA 155 11.42 4.12 27.18
N PHE DA 156 11.19 3.00 26.50
CA PHE DA 156 11.69 1.70 26.95
C PHE DA 156 11.75 0.66 25.84
N SER DA 157 12.78 -0.16 25.90
CA SER DA 157 13.07 -1.13 24.85
C SER DA 157 12.77 -2.57 25.28
N LEU DA 158 12.23 -3.33 24.34
CA LEU DA 158 12.11 -4.77 24.48
C LEU DA 158 12.71 -5.35 23.22
N PRO DA 159 14.05 -5.39 23.16
CA PRO DA 159 14.81 -5.78 21.98
C PRO DA 159 14.42 -7.14 21.43
N SER DA 160 14.08 -8.10 22.30
CA SER DA 160 13.69 -9.43 21.86
C SER DA 160 12.43 -9.93 22.59
N VAL DA 161 11.33 -10.08 21.84
CA VAL DA 161 10.04 -10.44 22.43
C VAL DA 161 9.45 -11.71 21.82
N ASP DA 162 8.41 -12.24 22.46
CA ASP DA 162 7.76 -13.47 22.00
C ASP DA 162 6.24 -13.29 21.91
N GLY DA 163 5.71 -13.32 20.68
CA GLY DA 163 4.28 -13.11 20.45
C GLY DA 163 3.42 -14.31 20.78
N GLN DA 164 4.03 -15.49 20.80
CA GLN DA 164 3.36 -16.70 21.24
C GLN DA 164 2.90 -16.53 22.68
N LYS DA 165 3.75 -15.91 23.49
CA LYS DA 165 3.43 -15.62 24.88
C LYS DA 165 2.61 -14.34 24.98
N ARG DA 166 2.31 -13.91 26.20
CA ARG DA 166 1.51 -12.70 26.42
C ARG DA 166 2.14 -11.77 27.47
N TYR DA 167 2.05 -10.46 27.23
CA TYR DA 167 2.81 -9.46 27.98
C TYR DA 167 1.98 -8.46 28.77
N THR DA 168 2.54 -7.99 29.88
CA THR DA 168 1.93 -6.93 30.68
C THR DA 168 2.99 -5.96 31.21
N PHE DA 169 2.76 -4.66 31.00
CA PHE DA 169 3.70 -3.62 31.40
C PHE DA 169 3.16 -2.71 32.51
N ARG DA 170 4.05 -2.09 33.27
CA ARG DA 170 3.64 -1.06 34.22
C ARG DA 170 4.83 -0.19 34.63
N VAL DA 171 4.56 1.10 34.81
CA VAL DA 171 5.62 2.08 35.09
C VAL DA 171 5.20 3.08 36.15
N ARG DA 172 5.95 3.17 37.24
CA ARG DA 172 5.74 4.21 38.23
C ARG DA 172 6.88 5.21 38.17
N SER DA 173 6.63 6.42 38.65
CA SER DA 173 7.62 7.49 38.56
C SER DA 173 8.05 8.00 39.92
N ARG DA 174 9.07 8.85 39.95
CA ARG DA 174 9.56 9.44 41.19
C ARG DA 174 10.31 10.76 40.92
N PHE DA 175 10.41 11.60 41.95
CA PHE DA 175 11.07 12.89 41.84
C PHE DA 175 12.53 12.79 42.29
N ASN DA 176 13.46 12.73 41.33
CA ASN DA 176 14.85 12.35 41.61
C ASN DA 176 15.62 12.19 40.28
N PRO DA 177 16.95 12.30 40.30
CA PRO DA 177 17.88 12.75 41.33
C PRO DA 177 18.29 14.21 41.07
N LEU DA 178 17.76 14.84 40.02
CA LEU DA 178 18.22 16.18 39.68
C LEU DA 178 17.49 17.26 40.48
N CYS DA 179 16.17 17.14 40.59
CA CYS DA 179 15.40 18.12 41.33
C CYS DA 179 15.13 17.69 42.77
N GLY DA 180 15.47 16.46 43.13
CA GLY DA 180 15.22 15.96 44.47
C GLY DA 180 15.89 14.65 44.82
N SER DA 181 15.79 14.25 46.08
CA SER DA 181 16.40 13.02 46.54
C SER DA 181 15.33 12.07 47.07
N ALA DA 182 14.11 12.26 46.58
CA ALA DA 182 12.93 11.59 47.13
C ALA DA 182 13.06 10.08 47.13
N GLN DA 183 12.44 9.43 48.12
CA GLN DA 183 12.46 7.99 48.17
C GLN DA 183 11.15 7.39 47.68
N HIS DA 184 10.07 7.70 48.38
CA HIS DA 184 8.79 7.03 48.19
C HIS DA 184 8.19 7.29 46.81
N TRP DA 185 7.81 6.22 46.13
CA TRP DA 185 7.42 6.30 44.73
C TRP DA 185 6.01 6.84 44.51
N SER DA 186 5.70 7.09 43.24
CA SER DA 186 4.34 7.42 42.83
C SER DA 186 3.63 6.10 42.52
N GLU DA 187 2.32 6.08 42.68
CA GLU DA 187 1.57 4.87 42.39
C GLU DA 187 1.72 4.50 40.93
N TRP DA 188 1.40 3.24 40.61
CA TRP DA 188 1.62 2.68 39.29
C TRP DA 188 0.72 3.24 38.20
N SER DA 189 1.19 3.21 36.97
CA SER DA 189 0.41 3.67 35.83
C SER DA 189 -0.66 2.63 35.53
N HIS DA 190 -1.71 3.04 34.84
CA HIS DA 190 -2.72 2.10 34.37
C HIS DA 190 -2.06 1.08 33.44
N PRO DA 191 -2.01 -0.19 33.88
CA PRO DA 191 -1.36 -1.24 33.07
C PRO DA 191 -1.89 -1.22 31.63
N ILE DA 192 -1.04 -1.62 30.69
CA ILE DA 192 -1.45 -1.80 29.31
C ILE DA 192 -0.80 -3.07 28.78
N HIS DA 193 -1.51 -3.79 27.93
CA HIS DA 193 -1.07 -5.11 27.50
C HIS DA 193 -0.73 -5.17 26.02
N TRP DA 194 -0.08 -6.26 25.62
CA TRP DA 194 0.31 -6.48 24.22
C TRP DA 194 0.17 -7.94 23.84
N SER EA 9 21.79 151.92 -71.02
CA SER EA 9 22.90 151.03 -70.69
C SER EA 9 24.20 151.79 -70.45
N THR EA 10 24.30 153.01 -70.98
CA THR EA 10 25.33 153.93 -70.53
C THR EA 10 24.88 154.32 -69.13
N LYS EA 11 23.58 154.13 -68.91
CA LYS EA 11 22.90 154.35 -67.63
C LYS EA 11 23.35 153.31 -66.62
N LYS EA 12 23.41 152.05 -67.05
CA LYS EA 12 23.89 150.95 -66.21
C LYS EA 12 25.40 150.89 -66.17
N THR EA 13 26.04 151.47 -67.19
CA THR EA 13 27.48 151.40 -67.33
C THR EA 13 28.18 152.48 -66.50
N GLN EA 14 27.50 153.60 -66.29
CA GLN EA 14 28.03 154.61 -65.40
C GLN EA 14 28.19 154.01 -63.99
N LEU EA 15 27.14 153.37 -63.51
CA LEU EA 15 27.12 152.77 -62.17
C LEU EA 15 28.33 151.88 -61.87
N GLN EA 16 28.80 151.15 -62.87
CA GLN EA 16 29.87 150.21 -62.65
C GLN EA 16 31.21 150.93 -62.64
N LEU EA 17 31.28 152.00 -63.43
CA LEU EA 17 32.48 152.81 -63.52
C LEU EA 17 32.51 153.80 -62.35
N GLU EA 18 31.34 154.07 -61.79
CA GLU EA 18 31.27 154.75 -60.52
C GLU EA 18 32.12 153.94 -59.56
N HIS EA 19 31.87 152.63 -59.57
CA HIS EA 19 32.44 151.72 -58.58
C HIS EA 19 33.93 151.39 -58.77
N LEU EA 20 34.31 150.91 -59.95
CA LEU EA 20 35.73 150.69 -60.24
C LEU EA 20 36.53 151.85 -59.65
N LEU EA 21 35.96 153.04 -59.83
CA LEU EA 21 36.54 154.27 -59.32
C LEU EA 21 36.69 154.20 -57.82
N LEU EA 22 35.56 154.21 -57.14
CA LEU EA 22 35.52 154.25 -55.70
C LEU EA 22 36.48 153.21 -55.12
N ASP EA 23 36.55 152.08 -55.80
CA ASP EA 23 37.45 151.04 -55.35
C ASP EA 23 38.91 151.47 -55.54
N LEU EA 24 39.26 151.87 -56.76
CA LEU EA 24 40.59 152.40 -57.06
C LEU EA 24 41.09 153.38 -56.02
N GLN EA 25 40.42 154.52 -55.94
CA GLN EA 25 40.77 155.55 -54.99
C GLN EA 25 41.05 154.95 -53.62
N MET EA 26 40.29 153.93 -53.24
CA MET EA 26 40.44 153.37 -51.90
C MET EA 26 41.82 152.77 -51.72
N ILE EA 27 42.33 152.17 -52.78
CA ILE EA 27 43.66 151.56 -52.79
C ILE EA 27 44.72 152.65 -52.53
N LEU EA 28 44.46 153.84 -53.08
CA LEU EA 28 45.31 155.01 -52.95
C LEU EA 28 45.26 155.56 -51.52
N ASN EA 29 44.06 155.88 -51.07
CA ASN EA 29 43.87 156.37 -49.71
C ASN EA 29 44.21 155.26 -48.74
N GLY EA 30 44.58 154.10 -49.28
CA GLY EA 30 44.99 152.98 -48.46
C GLY EA 30 46.49 152.98 -48.27
N ILE EA 31 47.20 153.67 -49.15
CA ILE EA 31 48.67 153.73 -49.11
C ILE EA 31 49.25 155.12 -48.78
N ASN EA 32 48.43 156.00 -48.20
CA ASN EA 32 48.86 157.34 -47.82
C ASN EA 32 48.81 157.65 -46.31
N ASN EA 33 48.21 156.74 -45.54
CA ASN EA 33 48.18 156.86 -44.08
C ASN EA 33 49.16 155.91 -43.37
N TYR EA 34 49.98 155.22 -44.15
CA TYR EA 34 50.91 154.25 -43.60
C TYR EA 34 51.85 154.94 -42.60
N LYS EA 38 56.95 150.60 -44.76
CA LYS EA 38 57.64 150.11 -45.94
C LYS EA 38 57.10 150.77 -47.21
N LEU EA 39 56.42 151.91 -47.07
CA LEU EA 39 55.85 152.61 -48.21
C LEU EA 39 56.87 153.01 -49.28
N THR EA 40 57.84 153.85 -48.91
CA THR EA 40 58.80 154.36 -49.90
C THR EA 40 59.57 153.21 -50.57
N ARG EA 41 59.44 152.03 -49.97
CA ARG EA 41 59.97 150.80 -50.55
C ARG EA 41 58.87 150.20 -51.47
N MET EA 42 57.61 150.30 -51.05
CA MET EA 42 56.48 149.96 -51.90
C MET EA 42 56.39 151.00 -53.02
N LEU EA 43 57.21 152.03 -52.91
CA LEU EA 43 57.28 153.03 -53.94
C LEU EA 43 58.45 152.79 -54.88
N THR EA 44 59.23 151.73 -54.64
CA THR EA 44 60.40 151.44 -55.50
C THR EA 44 60.01 150.79 -56.82
N PHE EA 45 59.16 149.78 -56.72
CA PHE EA 45 58.70 149.04 -57.87
C PHE EA 45 58.14 149.86 -59.03
N LYS EA 46 58.41 149.39 -60.24
CA LYS EA 46 58.05 150.07 -61.48
C LYS EA 46 56.66 149.69 -62.03
N PHE EA 47 55.80 150.69 -62.20
CA PHE EA 47 54.49 150.45 -62.80
C PHE EA 47 54.31 151.10 -64.19
N TYR EA 48 53.51 150.44 -65.03
CA TYR EA 48 53.44 150.68 -66.47
C TYR EA 48 52.28 151.57 -66.90
N MET EA 49 52.59 152.70 -67.53
CA MET EA 49 51.55 153.59 -68.05
C MET EA 49 51.24 153.23 -69.49
N PRO EA 50 49.97 153.24 -69.84
CA PRO EA 50 49.54 153.02 -71.22
C PRO EA 50 49.94 154.25 -72.03
N LYS EA 51 50.24 154.08 -73.32
CA LYS EA 51 50.55 155.22 -74.17
C LYS EA 51 49.35 156.17 -74.35
N LYS EA 52 48.18 155.61 -74.60
CA LYS EA 52 46.95 156.40 -74.75
C LYS EA 52 45.82 155.84 -73.90
N ALA EA 53 45.10 156.72 -73.21
CA ALA EA 53 43.95 156.29 -72.40
C ALA EA 53 42.74 157.22 -72.36
N THR EA 54 41.94 157.28 -73.42
CA THR EA 54 40.74 158.13 -73.33
C THR EA 54 39.46 157.32 -73.53
N GLU EA 55 39.58 156.00 -73.56
CA GLU EA 55 38.43 155.16 -73.89
C GLU EA 55 38.44 153.75 -73.33
N LEU EA 56 37.31 153.26 -72.86
CA LEU EA 56 37.30 152.10 -71.99
C LEU EA 56 38.08 150.88 -72.50
N LYS EA 57 38.13 150.61 -73.80
CA LYS EA 57 38.82 149.38 -74.21
C LYS EA 57 40.27 149.25 -73.70
N HIS EA 58 40.96 150.39 -73.61
CA HIS EA 58 42.31 150.46 -73.07
C HIS EA 58 42.38 149.85 -71.68
N LEU EA 59 41.24 149.79 -70.99
CA LEU EA 59 41.15 149.22 -69.65
C LEU EA 59 42.01 147.98 -69.56
N GLN EA 60 42.13 147.31 -70.69
CA GLN EA 60 42.97 146.12 -70.81
C GLN EA 60 44.40 146.34 -70.30
N CYS EA 61 44.77 147.62 -70.10
CA CYS EA 61 46.07 147.98 -69.56
C CYS EA 61 46.05 147.96 -68.04
N LEU EA 62 44.91 148.32 -67.45
CA LEU EA 62 44.73 148.14 -66.03
C LEU EA 62 44.72 146.64 -65.73
N GLU EA 63 43.88 145.90 -66.44
CA GLU EA 63 43.80 144.46 -66.25
C GLU EA 63 45.19 143.79 -66.25
N GLU EA 64 46.02 144.22 -67.19
CA GLU EA 64 47.22 143.47 -67.53
C GLU EA 64 48.27 143.47 -66.42
N GLU EA 65 48.76 144.65 -66.06
CA GLU EA 65 49.70 144.73 -64.96
C GLU EA 65 48.96 144.83 -63.61
N LEU EA 66 47.87 144.06 -63.50
CA LEU EA 66 47.05 144.02 -62.30
C LEU EA 66 47.69 143.21 -61.18
N LYS EA 67 48.60 142.33 -61.58
CA LYS EA 67 49.17 141.37 -60.63
C LYS EA 67 50.41 141.87 -59.88
N PRO EA 68 51.19 142.80 -60.47
CA PRO EA 68 52.20 143.39 -59.58
C PRO EA 68 51.48 144.14 -58.51
N LEU EA 69 50.40 144.82 -58.90
CA LEU EA 69 49.56 145.52 -57.94
C LEU EA 69 49.10 144.57 -56.85
N GLU EA 70 49.23 143.27 -57.11
CA GLU EA 70 48.90 142.27 -56.09
C GLU EA 70 50.18 141.76 -55.42
N GLU EA 71 51.32 142.09 -55.98
CA GLU EA 71 52.59 141.82 -55.33
C GLU EA 71 53.02 143.06 -54.56
N VAL EA 72 52.41 144.19 -54.89
CA VAL EA 72 52.77 145.49 -54.31
C VAL EA 72 52.11 145.78 -52.94
N LEU EA 73 50.82 145.50 -52.84
CA LEU EA 73 50.05 145.75 -51.61
C LEU EA 73 50.15 144.58 -50.63
N ASN EA 74 50.92 143.56 -51.02
CA ASN EA 74 51.19 142.42 -50.16
C ASN EA 74 52.47 142.68 -49.38
N LEU EA 75 53.14 143.78 -49.71
CA LEU EA 75 54.40 144.17 -49.08
C LEU EA 75 54.22 144.38 -47.58
N ALA EA 76 53.11 145.05 -47.25
CA ALA EA 76 52.76 145.32 -45.86
C ALA EA 76 52.12 144.10 -45.25
N HIS EA 77 51.93 144.11 -43.94
CA HIS EA 77 51.16 143.07 -43.28
C HIS EA 77 49.69 143.49 -43.37
N SER EA 78 48.79 142.52 -43.21
CA SER EA 78 47.36 142.76 -43.33
C SER EA 78 46.84 143.98 -42.56
N LYS EA 79 47.47 144.28 -41.43
CA LYS EA 79 47.03 145.34 -40.53
C LYS EA 79 46.66 146.66 -41.22
N ASN EA 80 47.61 147.23 -41.95
CA ASN EA 80 47.54 148.64 -42.38
C ASN EA 80 46.43 149.07 -43.38
N PHE EA 81 45.84 148.11 -44.09
CA PHE EA 81 44.79 148.44 -45.07
C PHE EA 81 43.39 148.16 -44.55
N HIS EA 82 42.51 149.14 -44.67
CA HIS EA 82 41.11 148.93 -44.33
C HIS EA 82 40.45 147.96 -45.33
N PHE EA 83 41.21 147.62 -46.37
CA PHE EA 83 40.74 146.74 -47.43
C PHE EA 83 41.56 145.46 -47.46
N ASP EA 84 41.11 144.47 -48.22
CA ASP EA 84 41.87 143.23 -48.39
C ASP EA 84 42.49 143.18 -49.78
N PRO EA 85 43.83 143.06 -49.86
CA PRO EA 85 44.57 143.03 -51.12
C PRO EA 85 44.02 142.09 -52.23
N ARG EA 86 44.11 140.76 -52.10
CA ARG EA 86 43.81 139.86 -53.23
C ARG EA 86 42.36 139.70 -53.52
N ASP EA 87 41.58 140.56 -52.87
CA ASP EA 87 40.14 140.68 -53.09
C ASP EA 87 39.92 141.94 -53.92
N VAL EA 88 40.45 143.08 -53.46
CA VAL EA 88 40.28 144.34 -54.19
C VAL EA 88 40.70 144.26 -55.67
N VAL EA 89 41.81 143.56 -55.93
CA VAL EA 89 42.31 143.26 -57.28
C VAL EA 89 41.38 142.37 -58.08
N SER EA 90 40.81 141.38 -57.38
CA SER EA 90 39.79 140.51 -57.92
C SER EA 90 38.42 141.21 -57.94
N ASN EA 91 38.39 142.43 -57.40
CA ASN EA 91 37.19 143.24 -57.38
C ASN EA 91 37.29 144.27 -58.48
N ILE EA 92 38.47 144.87 -58.59
CA ILE EA 92 38.76 145.81 -59.64
C ILE EA 92 38.69 145.05 -60.95
N ASN EA 93 39.19 143.82 -60.93
CA ASN EA 93 39.17 142.98 -62.13
C ASN EA 93 37.83 142.58 -62.78
N VAL EA 94 36.82 142.21 -61.99
CA VAL EA 94 35.55 141.83 -62.61
C VAL EA 94 34.77 142.98 -63.22
N PHE EA 95 34.89 144.12 -62.58
CA PHE EA 95 34.44 145.36 -63.20
C PHE EA 95 34.96 145.36 -64.63
N VAL EA 96 36.26 145.63 -64.79
CA VAL EA 96 36.84 145.90 -66.09
C VAL EA 96 36.68 144.80 -67.14
N LEU EA 97 36.72 143.53 -66.75
CA LEU EA 97 36.57 142.49 -67.76
C LEU EA 97 35.19 142.62 -68.41
N GLU EA 98 34.16 142.78 -67.58
CA GLU EA 98 32.81 143.00 -68.06
C GLU EA 98 32.59 144.34 -68.78
N LEU EA 99 33.16 145.39 -68.20
CA LEU EA 99 32.97 146.76 -68.67
C LEU EA 99 33.47 147.12 -70.07
N LYS EA 100 34.65 146.63 -70.42
CA LYS EA 100 35.25 146.98 -71.69
C LYS EA 100 34.94 145.85 -72.66
N GLY EA 101 34.22 144.87 -72.13
CA GLY EA 101 33.90 143.64 -72.85
C GLY EA 101 34.02 143.69 -74.36
N PHE EA 106 41.83 143.23 -78.58
CA PHE EA 106 42.60 144.45 -78.38
C PHE EA 106 43.92 144.15 -77.70
N MET EA 107 44.99 144.65 -78.31
CA MET EA 107 46.34 144.46 -77.79
C MET EA 107 46.70 145.71 -77.01
N CYS EA 108 47.46 145.55 -75.94
CA CYS EA 108 47.76 146.68 -75.08
C CYS EA 108 49.05 147.38 -75.49
N GLU EA 109 49.12 148.69 -75.22
CA GLU EA 109 50.33 149.44 -75.54
C GLU EA 109 50.64 150.46 -74.44
N TYR EA 110 51.93 150.64 -74.20
CA TYR EA 110 52.41 151.39 -73.03
C TYR EA 110 53.35 152.52 -73.44
N ALA EA 111 53.43 153.57 -72.63
CA ALA EA 111 54.49 154.57 -72.79
C ALA EA 111 55.78 154.01 -72.17
N ASP EA 112 56.91 154.65 -72.43
CA ASP EA 112 58.22 154.06 -72.10
C ASP EA 112 58.91 154.57 -70.84
N GLU EA 113 58.19 155.31 -70.02
CA GLU EA 113 58.71 155.58 -68.69
C GLU EA 113 57.66 155.29 -67.65
N THR EA 114 58.13 154.85 -66.50
CA THR EA 114 57.28 154.26 -65.49
C THR EA 114 56.99 155.21 -64.36
N ALA EA 115 56.24 154.71 -63.37
CA ALA EA 115 55.93 155.45 -62.16
C ALA EA 115 55.93 154.52 -60.96
N THR EA 116 55.89 155.12 -59.78
CA THR EA 116 55.64 154.38 -58.56
C THR EA 116 54.13 154.23 -58.50
N ILE EA 117 53.65 153.20 -57.80
CA ILE EA 117 52.22 152.88 -57.80
C ILE EA 117 51.32 154.13 -57.81
N VAL EA 118 51.69 155.11 -57.00
CA VAL EA 118 50.84 156.27 -56.73
C VAL EA 118 50.41 157.08 -57.97
N GLU EA 119 51.35 157.46 -58.82
CA GLU EA 119 50.99 158.16 -60.05
C GLU EA 119 50.16 157.24 -60.94
N PHE EA 120 50.44 155.94 -60.82
CA PHE EA 120 49.74 154.91 -61.59
C PHE EA 120 48.29 154.78 -61.16
N LEU EA 121 48.06 154.54 -59.87
CA LEU EA 121 46.70 154.51 -59.38
C LEU EA 121 45.97 155.83 -59.65
N ASN EA 122 46.68 156.95 -59.51
CA ASN EA 122 46.03 158.25 -59.69
C ASN EA 122 45.63 158.46 -61.14
N ARG EA 123 46.42 157.90 -62.05
CA ARG EA 123 46.14 158.06 -63.48
C ARG EA 123 44.95 157.23 -63.94
N TRP EA 124 44.79 156.03 -63.40
CA TRP EA 124 43.63 155.22 -63.74
C TRP EA 124 42.39 155.82 -63.09
N ILE EA 125 42.48 156.12 -61.81
CA ILE EA 125 41.42 156.85 -61.16
C ILE EA 125 41.05 157.99 -62.11
N THR EA 126 42.07 158.71 -62.58
CA THR EA 126 41.90 159.79 -63.54
C THR EA 126 41.00 159.37 -64.70
N PHE EA 127 41.27 158.21 -65.25
CA PHE EA 127 40.55 157.71 -66.42
C PHE EA 127 39.07 157.59 -66.14
N CYS EA 128 38.75 156.88 -65.07
CA CYS EA 128 37.38 156.70 -64.65
C CYS EA 128 36.72 158.06 -64.57
N GLN EA 129 37.21 158.88 -63.64
CA GLN EA 129 36.74 160.26 -63.47
C GLN EA 129 36.47 160.90 -64.83
N SER EA 130 37.31 160.58 -65.81
CA SER EA 130 37.17 161.13 -67.15
C SER EA 130 35.90 160.64 -67.83
N ILE EA 131 35.85 159.33 -68.11
CA ILE EA 131 34.70 158.71 -68.78
C ILE EA 131 33.35 159.09 -68.16
N ILE EA 132 33.31 159.26 -66.84
CA ILE EA 132 32.09 159.61 -66.12
C ILE EA 132 31.69 161.06 -66.43
N SER EA 133 32.66 161.84 -66.88
CA SER EA 133 32.40 163.22 -67.27
C SER EA 133 31.61 163.29 -68.56
N THR EA 134 32.10 162.56 -69.56
CA THR EA 134 31.53 162.60 -70.89
C THR EA 134 30.25 161.77 -70.99
N LEU EA 135 30.03 160.86 -70.04
CA LEU EA 135 28.83 160.01 -70.09
C LEU EA 135 27.58 160.76 -69.59
N THR EA 136 27.74 162.03 -69.20
CA THR EA 136 26.64 162.86 -68.68
C THR EA 136 26.60 164.22 -69.36
N SER FA 9 6.42 127.45 -53.58
CA SER FA 9 5.86 128.79 -53.72
C SER FA 9 6.94 129.82 -53.96
N GLN FA 10 7.46 130.42 -52.88
CA GLN FA 10 8.42 131.51 -53.05
C GLN FA 10 9.79 131.30 -52.38
N PHE FA 11 10.75 132.10 -52.82
CA PHE FA 11 12.15 131.98 -52.42
C PHE FA 11 12.77 133.36 -52.55
N THR FA 12 13.28 133.90 -51.45
CA THR FA 12 13.76 135.28 -51.43
C THR FA 12 15.09 135.45 -50.70
N CYS FA 13 15.96 136.25 -51.30
CA CYS FA 13 17.33 136.39 -50.85
C CYS FA 13 17.80 137.84 -50.85
N PHE FA 14 18.62 138.19 -49.86
CA PHE FA 14 19.20 139.52 -49.76
C PHE FA 14 20.70 139.49 -49.49
N TYR FA 15 21.37 140.61 -49.71
CA TYR FA 15 22.81 140.73 -49.58
C TYR FA 15 23.26 141.94 -48.76
N ASN FA 16 23.91 141.68 -47.63
CA ASN FA 16 24.35 142.74 -46.74
C ASN FA 16 25.24 143.80 -47.37
N SER FA 17 25.77 143.52 -48.56
CA SER FA 17 26.70 144.45 -49.19
C SER FA 17 28.12 144.18 -48.73
N ARG FA 18 28.31 143.04 -48.08
CA ARG FA 18 29.67 142.67 -47.74
C ARG FA 18 29.93 141.15 -47.73
N ALA FA 19 29.30 140.41 -46.84
CA ALA FA 19 29.71 139.04 -46.63
C ALA FA 19 28.56 138.07 -46.43
N GLN FA 20 27.35 138.61 -46.42
CA GLN FA 20 26.17 137.86 -46.06
C GLN FA 20 25.05 137.91 -47.08
N ILE FA 21 24.54 136.74 -47.40
CA ILE FA 21 23.32 136.60 -48.21
C ILE FA 21 22.24 135.83 -47.43
N SER FA 22 21.16 136.52 -47.08
CA SER FA 22 20.06 135.95 -46.29
C SER FA 22 18.92 135.41 -47.13
N CYS FA 23 18.50 134.18 -46.85
CA CYS FA 23 17.48 133.52 -47.66
C CYS FA 23 16.35 132.87 -46.87
N VAL FA 24 15.12 133.23 -47.24
CA VAL FA 24 13.93 132.62 -46.70
C VAL FA 24 13.24 131.91 -47.86
N TRP FA 25 12.68 130.73 -47.62
CA TRP FA 25 12.04 129.96 -48.69
C TRP FA 25 10.93 129.06 -48.16
N SER FA 26 9.82 128.99 -48.90
CA SER FA 26 8.62 128.32 -48.43
C SER FA 26 7.99 127.40 -49.47
N GLN FA 27 7.47 126.26 -49.01
CA GLN FA 27 6.77 125.31 -49.87
C GLN FA 27 5.65 124.59 -49.11
N THR FA 34 13.50 115.27 -44.47
CA THR FA 34 12.88 116.25 -45.37
C THR FA 34 13.87 117.39 -45.63
N SER FA 35 15.15 117.05 -45.72
CA SER FA 35 16.22 118.06 -45.75
C SER FA 35 16.28 118.95 -46.98
N CYS FA 36 16.59 120.22 -46.75
CA CYS FA 36 16.66 121.22 -47.82
C CYS FA 36 17.86 122.14 -47.65
N GLN FA 37 18.39 122.63 -48.76
CA GLN FA 37 19.58 123.48 -48.78
C GLN FA 37 19.43 124.59 -49.81
N VAL FA 38 20.40 125.49 -49.81
CA VAL FA 38 20.57 126.41 -50.92
C VAL FA 38 22.04 126.37 -51.35
N HIS FA 39 22.34 126.73 -52.59
CA HIS FA 39 23.72 126.71 -53.07
C HIS FA 39 24.01 127.91 -53.95
N ALA FA 40 24.89 128.77 -53.47
CA ALA FA 40 25.18 130.05 -54.11
C ALA FA 40 26.33 129.97 -55.10
N TRP FA 41 26.02 130.14 -56.38
CA TRP FA 41 27.04 130.02 -57.41
C TRP FA 41 27.21 131.28 -58.25
N PRO FA 42 28.34 131.97 -58.02
CA PRO FA 42 28.86 133.20 -58.65
C PRO FA 42 29.23 133.02 -60.12
N ASP FA 43 28.87 133.99 -60.96
CA ASP FA 43 29.08 133.93 -62.40
C ASP FA 43 30.54 134.05 -62.78
N ARG FA 44 31.27 134.80 -61.97
CA ARG FA 44 32.59 135.31 -62.35
C ARG FA 44 33.65 134.92 -61.31
N ARG FA 45 33.24 134.15 -60.30
CA ARG FA 45 34.09 133.86 -59.14
C ARG FA 45 34.49 132.40 -59.01
N ARG FA 46 35.40 132.14 -58.07
CA ARG FA 46 36.04 130.85 -57.94
C ARG FA 46 35.50 130.01 -56.79
N TRP FA 47 34.39 130.42 -56.19
CA TRP FA 47 33.88 129.74 -55.01
C TRP FA 47 32.40 129.36 -55.09
N GLN FA 48 31.88 128.80 -54.00
CA GLN FA 48 30.47 128.41 -53.94
C GLN FA 48 30.11 128.15 -52.47
N GLN FA 49 28.85 128.38 -52.11
CA GLN FA 49 28.45 128.23 -50.71
C GLN FA 49 27.29 127.26 -50.51
N THR FA 50 27.42 126.37 -49.54
CA THR FA 50 26.33 125.46 -49.20
C THR FA 50 25.86 125.74 -47.79
N CYS FA 51 24.57 125.97 -47.61
CA CYS FA 51 24.04 126.13 -46.26
C CYS FA 51 22.89 125.18 -46.00
N GLU FA 52 22.78 124.72 -44.76
CA GLU FA 52 21.67 123.87 -44.38
C GLU FA 52 20.48 124.72 -43.94
N LEU FA 53 19.42 124.69 -44.73
CA LEU FA 53 18.19 125.43 -44.43
C LEU FA 53 17.54 125.02 -43.11
N LEU FA 54 16.75 125.93 -42.53
CA LEU FA 54 16.02 125.62 -41.32
C LEU FA 54 14.64 126.24 -41.35
N PRO FA 55 13.66 125.54 -40.75
CA PRO FA 55 12.31 126.09 -40.59
C PRO FA 55 12.25 127.25 -39.60
N VAL FA 56 11.51 128.29 -39.96
CA VAL FA 56 11.28 129.44 -39.08
C VAL FA 56 9.80 129.58 -38.78
N SER FA 57 9.03 129.90 -39.82
CA SER FA 57 7.58 129.90 -39.72
C SER FA 57 7.10 128.46 -39.85
N GLN FA 58 5.79 128.27 -39.96
CA GLN FA 58 5.25 126.93 -40.19
C GLN FA 58 5.35 126.61 -41.68
N ALA FA 59 5.23 127.65 -42.49
CA ALA FA 59 5.26 127.50 -43.94
C ALA FA 59 6.60 127.88 -44.54
N SER FA 60 7.48 128.48 -43.74
CA SER FA 60 8.74 129.05 -44.27
C SER FA 60 10.03 128.53 -43.63
N TRP FA 61 11.09 128.52 -44.45
CA TRP FA 61 12.43 128.14 -44.02
C TRP FA 61 13.35 129.34 -44.13
N ALA FA 62 14.38 129.38 -43.30
CA ALA FA 62 15.41 130.40 -43.39
C ALA FA 62 16.78 129.75 -43.51
N CYS FA 63 17.71 130.47 -44.12
CA CYS FA 63 19.08 130.01 -44.18
C CYS FA 63 20.01 131.18 -44.44
N ASN FA 64 21.28 131.00 -44.10
CA ASN FA 64 22.28 132.04 -44.25
C ASN FA 64 23.46 131.63 -45.13
N LEU FA 65 23.87 132.52 -46.02
CA LEU FA 65 25.03 132.25 -46.86
C LEU FA 65 26.21 133.10 -46.41
N ILE FA 66 27.19 132.47 -45.77
CA ILE FA 66 28.40 133.19 -45.39
C ILE FA 66 29.42 133.06 -46.50
N LEU FA 67 29.71 134.17 -47.17
CA LEU FA 67 30.55 134.17 -48.36
C LEU FA 67 32.03 134.33 -48.05
N GLY FA 68 32.34 134.88 -46.87
CA GLY FA 68 33.72 135.10 -46.46
C GLY FA 68 33.82 135.78 -45.10
N ALA FA 69 34.94 136.46 -44.86
CA ALA FA 69 35.18 137.23 -43.63
C ALA FA 69 34.10 138.29 -43.41
N PRO FA 70 33.68 138.51 -42.15
CA PRO FA 70 32.47 139.30 -41.87
C PRO FA 70 32.36 140.69 -42.50
N ASP FA 71 33.45 141.42 -42.63
CA ASP FA 71 33.35 142.79 -43.16
C ASP FA 71 33.90 142.86 -44.58
N SER FA 72 34.17 141.70 -45.17
CA SER FA 72 34.79 141.63 -46.50
C SER FA 72 33.86 142.02 -47.65
N GLN FA 73 34.43 142.52 -48.75
CA GLN FA 73 33.66 142.82 -49.93
C GLN FA 73 33.87 141.69 -50.93
N LYS FA 74 32.97 140.70 -50.92
CA LYS FA 74 33.14 139.49 -51.72
C LYS FA 74 32.28 139.38 -52.99
N LEU FA 75 31.63 140.47 -53.38
CA LEU FA 75 30.86 140.51 -54.62
C LEU FA 75 30.76 141.95 -55.12
N THR FA 76 30.57 142.12 -56.42
CA THR FA 76 30.36 143.46 -56.92
C THR FA 76 29.04 143.54 -57.66
N THR FA 77 28.68 144.76 -58.08
CA THR FA 77 27.41 144.97 -58.74
C THR FA 77 27.32 144.09 -60.00
N VAL FA 78 28.45 143.92 -60.68
CA VAL FA 78 28.46 143.31 -62.00
C VAL FA 78 28.49 141.78 -61.97
N ASP FA 79 28.98 141.21 -60.88
CA ASP FA 79 28.98 139.77 -60.64
C ASP FA 79 27.55 139.27 -60.74
N ILE FA 80 27.38 137.96 -60.95
CA ILE FA 80 26.06 137.33 -60.86
C ILE FA 80 26.05 136.15 -59.90
N VAL FA 81 24.91 135.91 -59.27
CA VAL FA 81 24.86 134.78 -58.39
C VAL FA 81 23.63 133.92 -58.57
N THR FA 82 23.87 132.72 -59.12
CA THR FA 82 22.81 131.74 -59.35
C THR FA 82 22.55 131.00 -58.05
N LEU FA 83 21.37 131.22 -57.47
CA LEU FA 83 21.00 130.61 -56.21
C LEU FA 83 19.99 129.48 -56.40
N ARG FA 84 20.35 128.27 -55.99
CA ARG FA 84 19.41 127.15 -56.07
C ARG FA 84 18.97 126.63 -54.70
N VAL FA 85 17.77 126.05 -54.69
CA VAL FA 85 17.29 125.39 -53.49
C VAL FA 85 16.98 123.94 -53.84
N LEU FA 86 17.61 123.02 -53.10
CA LEU FA 86 17.51 121.60 -53.41
C LEU FA 86 16.82 120.86 -52.26
N CYS FA 87 16.25 119.70 -52.55
CA CYS FA 87 15.60 118.87 -51.53
C CYS FA 87 15.87 117.38 -51.76
N ARG FA 88 16.37 116.72 -50.74
CA ARG FA 88 16.66 115.30 -50.82
C ARG FA 88 15.42 114.45 -51.16
N GLU FA 89 15.52 113.68 -52.23
CA GLU FA 89 14.43 112.85 -52.72
C GLU FA 89 15.05 111.50 -53.09
N GLY FA 90 15.13 110.58 -52.13
CA GLY FA 90 15.98 109.42 -52.29
C GLY FA 90 17.42 109.88 -52.38
N VAL FA 91 18.04 109.60 -53.53
CA VAL FA 91 19.48 109.74 -53.67
C VAL FA 91 19.96 111.05 -54.31
N ARG FA 92 19.21 111.63 -55.24
CA ARG FA 92 19.65 112.88 -55.86
C ARG FA 92 19.02 114.10 -55.20
N TRP FA 93 19.38 115.29 -55.68
CA TRP FA 93 18.86 116.52 -55.11
C TRP FA 93 17.80 117.14 -56.02
N ARG FA 94 16.59 117.27 -55.51
CA ARG FA 94 15.49 117.86 -56.26
C ARG FA 94 15.72 119.36 -56.38
N VAL FA 95 15.29 119.96 -57.48
CA VAL FA 95 15.45 121.40 -57.62
C VAL FA 95 14.15 122.10 -57.24
N MET FA 96 14.12 122.64 -56.02
CA MET FA 96 12.93 123.34 -55.55
C MET FA 96 12.65 124.60 -56.34
N ALA FA 97 13.70 125.37 -56.61
CA ALA FA 97 13.56 126.61 -57.37
C ALA FA 97 14.87 127.12 -57.98
N ILE FA 98 14.74 128.02 -58.95
CA ILE FA 98 15.85 128.70 -59.55
C ILE FA 98 15.52 130.18 -59.69
N GLN FA 99 16.41 131.01 -59.18
CA GLN FA 99 16.25 132.45 -59.30
C GLN FA 99 17.58 133.02 -59.74
N ASP FA 100 17.54 134.02 -60.61
CA ASP FA 100 18.78 134.65 -61.01
C ASP FA 100 18.99 135.75 -60.00
N PHE FA 101 19.95 135.56 -59.12
CA PHE FA 101 20.21 136.55 -58.04
C PHE FA 101 21.30 137.60 -58.30
N LYS FA 102 20.85 138.86 -58.42
CA LYS FA 102 21.74 140.00 -58.57
C LYS FA 102 21.90 140.81 -57.26
N PRO FA 103 23.02 140.58 -56.53
CA PRO FA 103 23.32 141.06 -55.17
C PRO FA 103 23.09 142.55 -54.90
N PHE FA 104 23.82 143.40 -55.61
CA PHE FA 104 23.69 144.81 -55.37
C PHE FA 104 22.30 145.29 -55.71
N GLU FA 105 21.48 144.40 -56.26
CA GLU FA 105 20.10 144.77 -56.55
C GLU FA 105 19.09 144.05 -55.64
N ASN FA 106 19.62 143.37 -54.61
CA ASN FA 106 18.82 142.78 -53.54
C ASN FA 106 19.38 143.20 -52.19
N LEU FA 107 19.90 144.43 -52.14
CA LEU FA 107 20.52 144.98 -50.95
C LEU FA 107 19.54 145.11 -49.79
N ARG FA 108 19.91 144.54 -48.64
CA ARG FA 108 19.27 144.85 -47.36
C ARG FA 108 20.37 144.94 -46.32
N LEU FA 109 20.58 146.14 -45.79
CA LEU FA 109 21.69 146.41 -44.88
C LEU FA 109 21.52 145.74 -43.52
N MET FA 110 22.62 145.66 -42.79
CA MET FA 110 22.55 145.20 -41.42
C MET FA 110 22.05 146.39 -40.59
N ALA FA 111 21.32 146.12 -39.51
CA ALA FA 111 20.69 147.18 -38.73
C ALA FA 111 21.74 148.03 -38.03
N PRO FA 112 21.54 149.36 -38.02
CA PRO FA 112 22.49 150.29 -37.40
C PRO FA 112 22.80 149.82 -35.98
N ILE FA 113 24.06 149.90 -35.56
CA ILE FA 113 24.38 149.43 -34.21
C ILE FA 113 25.17 150.45 -33.40
N SER FA 114 25.10 150.29 -32.08
CA SER FA 114 25.79 151.18 -31.17
C SER FA 114 25.22 152.58 -31.25
N LEU FA 115 23.98 152.73 -30.79
CA LEU FA 115 23.42 154.07 -30.60
C LEU FA 115 23.78 154.55 -29.22
N GLN FA 116 23.94 155.86 -29.05
CA GLN FA 116 24.18 156.42 -27.73
C GLN FA 116 23.79 157.88 -27.74
N VAL FA 117 23.72 158.48 -26.56
CA VAL FA 117 23.40 159.90 -26.46
C VAL FA 117 24.65 160.75 -26.39
N VAL FA 118 24.78 161.67 -27.34
CA VAL FA 118 25.91 162.57 -27.38
C VAL FA 118 25.71 163.64 -26.33
N HIS FA 119 24.55 164.28 -26.39
CA HIS FA 119 24.25 165.39 -25.50
C HIS FA 119 22.77 165.35 -25.10
N VAL FA 120 22.50 165.45 -23.80
CA VAL FA 120 21.12 165.53 -23.32
C VAL FA 120 20.79 166.89 -22.73
N GLU FA 121 19.55 167.31 -22.91
CA GLU FA 121 19.08 168.55 -22.31
C GLU FA 121 17.69 168.32 -21.74
N THR FA 122 16.97 169.41 -21.50
CA THR FA 122 15.59 169.35 -21.03
C THR FA 122 14.64 169.29 -22.20
N HIS FA 123 14.86 170.17 -23.18
CA HIS FA 123 13.99 170.30 -24.36
C HIS FA 123 14.59 169.74 -25.67
N ARG FA 124 15.77 169.14 -25.59
CA ARG FA 124 16.42 168.58 -26.78
C ARG FA 124 17.21 167.33 -26.44
N CYS FA 125 17.63 166.60 -27.47
CA CYS FA 125 18.54 165.47 -27.32
C CYS FA 125 19.30 165.17 -28.61
N ASN FA 126 20.49 164.60 -28.45
CA ASN FA 126 21.34 164.32 -29.59
C ASN FA 126 21.86 162.89 -29.55
N ILE FA 127 21.48 162.10 -30.54
CA ILE FA 127 21.82 160.69 -30.55
C ILE FA 127 22.53 160.25 -31.84
N SER FA 128 23.61 159.48 -31.69
CA SER FA 128 24.38 159.02 -32.84
C SER FA 128 24.46 157.50 -32.86
N TRP FA 129 24.92 156.96 -33.99
CA TRP FA 129 24.93 155.52 -34.23
C TRP FA 129 25.98 155.12 -35.28
N GLU FA 130 26.25 153.82 -35.36
CA GLU FA 130 27.09 153.28 -36.44
C GLU FA 130 26.25 152.51 -37.45
N ILE FA 131 26.69 152.53 -38.70
CA ILE FA 131 26.16 151.60 -39.69
C ILE FA 131 27.16 150.48 -39.85
N SER FA 132 26.66 149.25 -39.73
CA SER FA 132 27.54 148.09 -39.72
C SER FA 132 27.59 147.43 -41.09
N GLN FA 133 28.78 146.95 -41.48
CA GLN FA 133 28.96 146.20 -42.74
C GLN FA 133 28.43 146.85 -44.03
N ALA FA 134 28.83 148.09 -44.31
CA ALA FA 134 28.25 148.83 -45.42
C ALA FA 134 29.32 149.10 -46.47
N SER FA 135 29.09 148.55 -47.66
CA SER FA 135 30.07 148.62 -48.74
C SER FA 135 30.56 150.03 -49.02
N HIS FA 136 31.83 150.13 -49.39
CA HIS FA 136 32.42 151.41 -49.78
C HIS FA 136 32.02 151.76 -51.20
N TYR FA 137 31.21 150.90 -51.81
CA TYR FA 137 30.67 151.18 -53.13
C TYR FA 137 29.51 152.17 -53.01
N PHE FA 138 28.85 152.12 -51.86
CA PHE FA 138 27.77 153.04 -51.55
C PHE FA 138 28.26 154.49 -51.46
N GLU FA 139 29.39 154.67 -50.78
CA GLU FA 139 29.90 155.99 -50.41
C GLU FA 139 28.93 156.71 -49.45
N ARG FA 140 28.48 157.90 -49.85
CA ARG FA 140 27.53 158.68 -49.07
C ARG FA 140 26.10 158.30 -49.43
N HIS FA 141 25.90 157.86 -50.67
CA HIS FA 141 24.58 157.47 -51.15
C HIS FA 141 23.97 156.50 -50.15
N LEU FA 142 23.10 157.00 -49.28
CA LEU FA 142 22.37 156.17 -48.34
C LEU FA 142 21.15 156.94 -47.82
N GLU FA 143 20.37 156.29 -46.96
CA GLU FA 143 19.18 156.89 -46.37
C GLU FA 143 18.96 156.35 -44.96
N PHE FA 144 18.35 157.17 -44.11
CA PHE FA 144 18.07 156.79 -42.73
C PHE FA 144 16.66 157.18 -42.32
N GLU FA 145 16.10 156.41 -41.41
CA GLU FA 145 14.79 156.68 -40.84
C GLU FA 145 14.87 156.43 -39.35
N ALA FA 146 14.19 157.24 -38.56
CA ALA FA 146 14.20 157.05 -37.11
C ALA FA 146 12.83 157.28 -36.48
N ARG FA 147 12.51 156.50 -35.46
CA ARG FA 147 11.22 156.66 -34.79
C ARG FA 147 11.36 156.82 -33.26
N THR FA 148 10.99 158.01 -32.76
CA THR FA 148 11.07 158.29 -31.33
C THR FA 148 9.81 157.84 -30.58
N LEU FA 149 10.03 157.16 -29.46
CA LEU FA 149 8.95 156.52 -28.70
C LEU FA 149 8.55 157.32 -27.46
N SER FA 150 7.38 157.95 -27.53
CA SER FA 150 6.81 158.68 -26.41
C SER FA 150 5.82 157.82 -25.62
N PRO FA 151 5.85 157.92 -24.28
CA PRO FA 151 5.09 157.00 -23.42
C PRO FA 151 3.61 156.93 -23.79
N GLY FA 152 3.06 158.04 -24.29
CA GLY FA 152 1.64 158.13 -24.57
C GLY FA 152 1.20 157.51 -25.88
N HIS FA 153 2.16 156.99 -26.64
CA HIS FA 153 1.86 156.37 -27.91
C HIS FA 153 2.58 155.02 -28.01
N THR FA 154 2.07 154.11 -28.84
CA THR FA 154 2.74 152.82 -29.05
C THR FA 154 3.90 153.01 -30.01
N TRP FA 155 4.73 151.98 -30.16
CA TRP FA 155 5.88 152.05 -31.05
C TRP FA 155 5.55 152.55 -32.46
N GLU FA 156 4.40 152.15 -32.97
CA GLU FA 156 4.01 152.44 -34.35
C GLU FA 156 3.62 153.90 -34.54
N GLU FA 157 2.69 154.35 -33.69
CA GLU FA 157 2.18 155.73 -33.75
C GLU FA 157 3.30 156.73 -33.93
N ALA FA 158 4.52 156.30 -33.64
CA ALA FA 158 5.69 157.13 -33.87
C ALA FA 158 5.70 157.65 -35.29
N PRO FA 159 6.02 158.93 -35.45
CA PRO FA 159 6.17 159.52 -36.78
C PRO FA 159 7.50 159.05 -37.36
N LEU FA 160 7.63 159.06 -38.69
CA LEU FA 160 8.90 158.71 -39.30
C LEU FA 160 9.83 159.93 -39.37
N LEU FA 161 11.04 159.77 -38.87
CA LEU FA 161 12.06 160.80 -39.00
C LEU FA 161 12.90 160.49 -40.24
N THR FA 162 12.72 161.30 -41.28
CA THR FA 162 13.33 161.03 -42.57
C THR FA 162 14.65 161.77 -42.76
N LEU FA 163 15.75 161.05 -42.68
CA LEU FA 163 17.05 161.58 -43.03
C LEU FA 163 17.34 161.10 -44.45
N LYS FA 164 17.37 162.03 -45.40
CA LYS FA 164 17.56 161.64 -46.79
C LYS FA 164 19.01 161.79 -47.26
N GLN FA 165 19.91 162.01 -46.30
CA GLN FA 165 21.34 161.98 -46.54
C GLN FA 165 22.01 161.02 -45.56
N LYS FA 166 23.31 160.81 -45.72
CA LYS FA 166 24.05 159.94 -44.82
C LYS FA 166 24.41 160.68 -43.55
N GLN FA 167 23.61 160.49 -42.50
CA GLN FA 167 23.83 161.17 -41.24
C GLN FA 167 23.73 160.17 -40.10
N GLU FA 168 24.83 159.97 -39.39
CA GLU FA 168 24.88 158.95 -38.34
C GLU FA 168 24.61 159.53 -36.96
N TRP FA 169 24.00 160.70 -36.91
CA TRP FA 169 23.48 161.28 -35.68
C TRP FA 169 22.13 161.95 -35.95
N ILE FA 170 21.41 162.27 -34.88
CA ILE FA 170 20.15 163.04 -35.00
C ILE FA 170 19.99 164.05 -33.86
N CYS FA 171 19.31 165.15 -34.15
CA CYS FA 171 19.03 166.15 -33.13
C CYS FA 171 17.52 166.23 -32.84
N LEU FA 172 17.11 165.70 -31.68
CA LEU FA 172 15.71 165.67 -31.28
C LEU FA 172 15.28 166.96 -30.56
N GLU FA 173 14.48 167.77 -31.22
CA GLU FA 173 13.96 169.01 -30.64
C GLU FA 173 12.59 168.77 -30.00
N THR FA 174 12.07 169.80 -29.32
CA THR FA 174 10.72 169.75 -28.78
C THR FA 174 10.49 168.50 -27.92
N LEU FA 175 11.43 168.22 -27.02
CA LEU FA 175 11.27 167.11 -26.08
C LEU FA 175 10.52 167.59 -24.83
N THR FA 176 10.16 166.65 -23.97
CA THR FA 176 9.58 166.97 -22.67
C THR FA 176 10.49 166.50 -21.55
N PRO FA 177 10.85 167.42 -20.66
CA PRO FA 177 11.89 167.26 -19.64
C PRO FA 177 11.66 166.07 -18.73
N ASP FA 178 12.77 165.53 -18.22
CA ASP FA 178 12.78 164.33 -17.42
C ASP FA 178 11.70 163.31 -17.80
N THR FA 179 11.51 163.15 -19.10
CA THR FA 179 10.57 162.17 -19.63
C THR FA 179 11.33 160.98 -20.22
N GLN FA 180 10.83 159.77 -19.97
CA GLN FA 180 11.38 158.56 -20.57
C GLN FA 180 11.24 158.61 -22.09
N TYR FA 181 12.22 158.07 -22.81
CA TYR FA 181 12.17 158.04 -24.27
C TYR FA 181 12.82 156.78 -24.81
N GLU FA 182 12.59 156.51 -26.08
CA GLU FA 182 13.31 155.43 -26.76
C GLU FA 182 13.49 155.73 -28.25
N PHE FA 183 14.53 155.16 -28.85
CA PHE FA 183 14.92 155.52 -30.21
C PHE FA 183 15.31 154.33 -31.08
N GLN FA 184 15.05 154.45 -32.39
CA GLN FA 184 15.41 153.41 -33.37
C GLN FA 184 15.67 154.02 -34.74
N VAL FA 185 16.45 153.33 -35.55
CA VAL FA 185 16.84 153.86 -36.87
C VAL FA 185 17.23 152.76 -37.87
N ARG FA 186 16.87 152.97 -39.14
CA ARG FA 186 17.20 152.01 -40.19
C ARG FA 186 17.87 152.64 -41.41
N VAL FA 187 18.57 151.80 -42.18
CA VAL FA 187 19.37 152.28 -43.30
C VAL FA 187 18.95 151.67 -44.63
N LYS FA 188 19.16 152.42 -45.71
CA LYS FA 188 18.89 151.93 -47.05
C LYS FA 188 19.84 152.62 -48.00
N PRO FA 189 20.51 151.86 -48.88
CA PRO FA 189 21.26 152.50 -49.95
C PRO FA 189 20.30 152.94 -51.05
N LEU FA 190 20.77 153.71 -52.01
CA LEU FA 190 19.89 154.18 -53.07
C LEU FA 190 19.88 153.22 -54.25
N GLN FA 191 20.94 152.44 -54.39
CA GLN FA 191 21.01 151.50 -55.50
C GLN FA 191 20.12 150.29 -55.25
N GLY FA 192 19.84 149.55 -56.31
CA GLY FA 192 19.06 148.34 -56.21
C GLY FA 192 17.61 148.50 -56.64
N GLU FA 193 17.09 147.49 -57.33
CA GLU FA 193 15.70 147.47 -57.76
C GLU FA 193 14.80 146.87 -56.69
N PHE FA 194 15.37 145.98 -55.87
CA PHE FA 194 14.59 145.29 -54.84
C PHE FA 194 14.97 145.73 -53.42
N THR FA 195 15.98 146.60 -53.31
CA THR FA 195 16.52 147.05 -52.03
C THR FA 195 15.48 147.67 -51.09
N THR FA 196 15.43 147.16 -49.85
CA THR FA 196 14.50 147.67 -48.86
C THR FA 196 15.20 148.11 -47.57
N TRP FA 197 14.46 148.73 -46.68
CA TRP FA 197 15.01 149.23 -45.43
C TRP FA 197 15.65 148.11 -44.62
N SER FA 198 16.66 148.46 -43.81
CA SER FA 198 17.28 147.50 -42.90
C SER FA 198 16.40 147.32 -41.68
N PRO FA 199 16.48 146.14 -41.02
CA PRO FA 199 15.70 145.97 -39.80
C PRO FA 199 16.04 147.07 -38.82
N TRP FA 200 15.14 147.37 -37.89
CA TRP FA 200 15.35 148.46 -36.96
C TRP FA 200 16.52 148.22 -35.99
N SER FA 201 17.31 149.27 -35.76
CA SER FA 201 18.38 149.23 -34.78
C SER FA 201 17.76 149.00 -33.41
N GLN FA 202 18.50 148.35 -32.51
CA GLN FA 202 17.95 148.05 -31.19
C GLN FA 202 17.48 149.34 -30.52
N PRO FA 203 16.41 149.25 -29.72
CA PRO FA 203 15.87 150.45 -29.12
C PRO FA 203 16.85 150.99 -28.09
N LEU FA 204 16.93 152.31 -27.97
CA LEU FA 204 17.82 152.92 -26.99
C LEU FA 204 17.02 153.72 -25.99
N ALA FA 205 17.07 153.30 -24.73
CA ALA FA 205 16.32 153.96 -23.66
C ALA FA 205 17.09 155.15 -23.09
N PHE FA 206 16.63 156.36 -23.39
CA PHE FA 206 17.26 157.56 -22.84
C PHE FA 206 16.23 158.48 -22.18
N ARG FA 207 16.55 158.94 -20.96
CA ARG FA 207 15.67 159.85 -20.21
C ARG FA 207 16.23 161.26 -20.17
N THR FA 208 15.34 162.23 -20.23
CA THR FA 208 15.72 163.63 -20.36
C THR FA 208 16.28 164.20 -19.05
N LYS FA 209 16.93 165.35 -19.14
CA LYS FA 209 17.35 166.11 -17.97
C LYS FA 209 16.15 166.92 -17.44
N PRO FA 210 16.04 167.08 -16.11
CA PRO FA 210 14.99 167.92 -15.50
C PRO FA 210 15.43 169.38 -15.30
N PRO GA 4 64.63 182.41 -58.82
CA PRO GA 4 63.50 181.86 -58.06
C PRO GA 4 62.17 182.48 -58.48
N LEU GA 5 61.50 181.88 -59.46
CA LEU GA 5 60.27 182.43 -60.02
C LEU GA 5 59.05 182.27 -59.12
N PRO GA 6 58.03 183.10 -59.33
CA PRO GA 6 56.80 182.97 -58.56
C PRO GA 6 56.10 181.66 -58.92
N GLU GA 7 55.58 180.94 -57.93
CA GLU GA 7 54.79 179.75 -58.20
C GLU GA 7 53.38 180.17 -58.61
N VAL GA 8 52.84 179.52 -59.64
CA VAL GA 8 51.51 179.88 -60.14
C VAL GA 8 50.43 178.90 -59.74
N GLN GA 9 49.27 179.43 -59.36
CA GLN GA 9 48.12 178.62 -59.03
C GLN GA 9 46.98 178.84 -60.04
N CYS GA 10 46.40 177.73 -60.49
CA CYS GA 10 45.36 177.78 -61.50
C CYS GA 10 44.07 177.18 -60.97
N PHE GA 11 42.94 177.77 -61.36
CA PHE GA 11 41.65 177.23 -60.97
C PHE GA 11 40.65 177.40 -62.11
N VAL GA 12 39.94 176.32 -62.43
CA VAL GA 12 38.90 176.34 -63.44
C VAL GA 12 37.53 176.55 -62.82
N PHE GA 13 36.86 177.63 -63.23
CA PHE GA 13 35.63 178.08 -62.57
C PHE GA 13 34.37 177.62 -63.31
N ASN GA 14 33.59 176.77 -62.64
CA ASN GA 14 32.42 176.17 -63.26
C ASN GA 14 32.71 175.76 -64.69
N VAL GA 15 33.94 175.35 -64.93
CA VAL GA 15 34.39 174.94 -66.26
C VAL GA 15 33.96 175.94 -67.34
N GLU GA 16 33.88 177.22 -66.94
CA GLU GA 16 33.56 178.29 -67.88
C GLU GA 16 34.84 178.80 -68.51
N TYR GA 17 35.93 178.67 -67.77
CA TYR GA 17 37.24 179.16 -68.20
C TYR GA 17 38.22 178.95 -67.07
N MET GA 18 39.47 179.38 -67.27
CA MET GA 18 40.47 179.27 -66.22
C MET GA 18 41.40 180.46 -66.11
N ASN GA 19 41.50 181.00 -64.89
CA ASN GA 19 42.48 182.02 -64.56
C ASN GA 19 43.65 181.39 -63.80
N CYS GA 20 44.87 181.80 -64.14
CA CYS GA 20 46.06 181.33 -63.44
C CYS GA 20 46.95 182.51 -63.06
N THR GA 21 47.22 182.66 -61.77
CA THR GA 21 47.83 183.88 -61.28
C THR GA 21 49.11 183.65 -60.46
N TRP GA 22 49.86 184.74 -60.26
CA TRP GA 22 51.06 184.73 -59.43
C TRP GA 22 51.36 186.17 -59.01
N GLN GA 23 52.04 186.34 -57.88
CA GLN GA 23 52.39 187.67 -57.42
C GLN GA 23 53.79 188.04 -57.90
N SER GA 24 53.87 189.07 -58.74
CA SER GA 24 55.06 189.32 -59.55
C SER GA 24 56.06 190.35 -59.00
N SER GA 25 55.63 191.16 -58.04
CA SER GA 25 56.49 192.22 -57.54
C SER GA 25 57.48 191.73 -56.49
N SER GA 26 57.69 190.42 -56.40
CA SER GA 26 58.57 189.86 -55.37
C SER GA 26 60.03 189.72 -55.80
N GLU GA 27 60.37 190.33 -56.94
CA GLU GA 27 61.73 190.28 -57.47
C GLU GA 27 62.24 191.68 -57.86
N PRO GA 28 63.57 191.91 -57.72
CA PRO GA 28 64.20 193.24 -57.75
C PRO GA 28 63.78 194.11 -58.93
N GLN GA 29 64.03 193.64 -60.14
CA GLN GA 29 63.68 194.38 -61.35
C GLN GA 29 62.18 194.35 -61.60
N PRO GA 30 61.58 195.52 -61.91
CA PRO GA 30 60.22 195.48 -62.44
C PRO GA 30 60.25 194.57 -63.67
N THR GA 31 59.48 193.50 -63.68
CA THR GA 31 59.60 192.49 -64.71
C THR GA 31 58.27 192.02 -65.27
N ASN GA 32 58.28 191.67 -66.56
CA ASN GA 32 57.18 190.93 -67.17
C ASN GA 32 57.58 189.48 -67.40
N LEU GA 33 57.08 188.58 -66.56
CA LEU GA 33 57.28 187.16 -66.81
C LEU GA 33 56.28 186.71 -67.86
N THR GA 34 56.74 185.92 -68.82
CA THR GA 34 55.84 185.40 -69.85
C THR GA 34 55.28 184.04 -69.46
N LEU GA 35 54.03 183.81 -69.82
CA LEU GA 35 53.32 182.59 -69.42
C LEU GA 35 53.09 181.64 -70.61
N HIS GA 36 53.77 180.51 -70.60
CA HIS GA 36 53.63 179.49 -71.64
C HIS GA 36 52.99 178.22 -71.07
N TYR GA 37 52.36 177.43 -71.94
CA TYR GA 37 51.72 176.18 -71.52
C TYR GA 37 51.66 175.13 -72.63
N TRP GA 38 51.46 173.87 -72.22
CA TRP GA 38 51.23 172.78 -73.16
C TRP GA 38 50.66 171.53 -72.49
N TYR GA 39 50.04 170.66 -73.28
CA TYR GA 39 49.50 169.40 -72.79
C TYR GA 39 50.46 168.23 -73.07
N LYS GA 40 51.11 167.74 -72.01
CA LYS GA 40 52.04 166.62 -72.13
C LYS GA 40 51.34 165.38 -72.69
N ASN GA 41 52.12 164.46 -73.24
CA ASN GA 41 51.65 163.12 -73.64
C ASN GA 41 50.31 163.04 -74.35
N SER GA 42 49.97 164.07 -75.12
CA SER GA 42 48.67 164.12 -75.77
C SER GA 42 48.75 164.54 -77.24
N ASP GA 43 47.59 164.62 -77.88
CA ASP GA 43 47.51 165.18 -79.22
C ASP GA 43 47.68 166.69 -79.14
N ASN GA 44 48.13 167.30 -80.23
CA ASN GA 44 48.40 168.73 -80.21
C ASN GA 44 49.34 169.04 -79.06
N ASP GA 45 50.57 168.56 -79.17
CA ASP GA 45 51.57 168.74 -78.12
C ASP GA 45 52.29 170.08 -78.25
N LYS GA 46 51.85 170.88 -79.22
CA LYS GA 46 52.46 172.18 -79.48
C LYS GA 46 52.32 173.12 -78.28
N VAL GA 47 53.44 173.64 -77.80
CA VAL GA 47 53.40 174.68 -76.78
C VAL GA 47 52.60 175.84 -77.33
N GLN GA 48 51.84 176.52 -76.48
CA GLN GA 48 51.04 177.65 -76.91
C GLN GA 48 51.42 178.89 -76.13
N LYS GA 49 51.53 180.02 -76.81
CA LYS GA 49 51.80 181.28 -76.13
C LYS GA 49 50.53 181.83 -75.47
N CYS GA 50 50.70 182.82 -74.59
CA CYS GA 50 49.60 183.33 -73.77
C CYS GA 50 48.79 184.41 -74.49
N SER GA 51 47.54 184.09 -74.82
CA SER GA 51 46.71 184.98 -75.64
C SER GA 51 46.07 186.14 -74.87
N HIS GA 52 45.49 185.85 -73.71
CA HIS GA 52 44.86 186.88 -72.88
C HIS GA 52 45.56 187.05 -71.55
N TYR GA 53 46.21 188.20 -71.36
CA TYR GA 53 46.94 188.45 -70.13
C TYR GA 53 46.10 189.22 -69.11
N LEU GA 54 46.26 188.86 -67.84
CA LEU GA 54 45.63 189.60 -66.74
C LEU GA 54 46.65 190.54 -66.14
N PHE GA 55 46.21 191.72 -65.72
CA PHE GA 55 47.16 192.74 -65.29
C PHE GA 55 46.90 193.37 -63.93
N SER GA 56 47.98 193.54 -63.18
CA SER GA 56 47.95 194.26 -61.91
C SER GA 56 49.12 195.26 -61.90
N GLU GA 57 48.78 196.55 -61.97
CA GLU GA 57 49.76 197.62 -61.92
C GLU GA 57 50.79 197.54 -63.06
N GLU GA 58 50.30 197.50 -64.29
CA GLU GA 58 51.11 197.48 -65.51
C GLU GA 58 52.27 196.47 -65.50
N ILE GA 59 52.02 195.33 -64.86
CA ILE GA 59 52.92 194.19 -64.91
C ILE GA 59 52.05 192.93 -64.94
N THR GA 60 52.26 192.08 -65.93
CA THR GA 60 51.43 190.90 -66.12
C THR GA 60 51.21 190.15 -64.81
N SER GA 61 49.95 189.88 -64.49
CA SER GA 61 49.59 189.28 -63.22
C SER GA 61 49.15 187.82 -63.37
N GLY GA 62 48.90 187.41 -64.61
CA GLY GA 62 48.49 186.04 -64.86
C GLY GA 62 47.96 185.80 -66.26
N CYS GA 63 47.08 184.82 -66.39
CA CYS GA 63 46.56 184.45 -67.70
C CYS GA 63 45.17 183.85 -67.61
N GLN GA 64 44.30 184.21 -68.55
CA GLN GA 64 43.00 183.57 -68.68
C GLN GA 64 42.91 182.81 -69.98
N LEU GA 65 42.52 181.55 -69.89
CA LEU GA 65 42.22 180.75 -71.07
C LEU GA 65 40.71 180.56 -71.15
N GLN GA 66 40.18 180.52 -72.38
CA GLN GA 66 38.75 180.42 -72.57
C GLN GA 66 38.27 178.97 -72.67
N LYS GA 67 36.99 178.79 -72.97
CA LYS GA 67 36.38 177.47 -73.04
C LYS GA 67 37.15 176.51 -73.95
N LYS GA 68 37.41 176.95 -75.18
CA LYS GA 68 38.03 176.09 -76.20
C LYS GA 68 39.47 175.69 -75.90
N GLU GA 69 40.06 176.32 -74.90
CA GLU GA 69 41.46 176.05 -74.58
C GLU GA 69 41.64 175.20 -73.32
N ILE GA 70 40.53 174.70 -72.78
CA ILE GA 70 40.59 173.86 -71.59
C ILE GA 70 40.38 172.38 -71.88
N HIS GA 71 41.46 171.60 -71.74
CA HIS GA 71 41.42 170.16 -71.85
C HIS GA 71 41.55 169.53 -70.46
N LEU GA 72 40.43 169.11 -69.88
CA LEU GA 72 40.46 168.39 -68.62
C LEU GA 72 40.96 166.98 -68.88
N TYR GA 73 41.42 166.31 -67.83
CA TYR GA 73 41.77 164.90 -67.94
C TYR GA 73 42.93 164.71 -68.91
N GLN GA 74 43.43 165.82 -69.41
CA GLN GA 74 44.70 165.85 -70.12
C GLN GA 74 45.66 166.62 -69.23
N THR GA 75 46.80 166.03 -68.92
CA THR GA 75 47.73 166.65 -67.98
C THR GA 75 48.23 167.99 -68.52
N PHE GA 76 48.22 169.01 -67.66
CA PHE GA 76 48.34 170.41 -68.06
C PHE GA 76 49.58 171.10 -67.49
N VAL GA 77 50.54 171.41 -68.36
CA VAL GA 77 51.82 171.98 -67.93
C VAL GA 77 51.86 173.49 -68.02
N VAL GA 78 52.49 174.12 -67.03
CA VAL GA 78 52.63 175.56 -67.02
C VAL GA 78 54.08 175.98 -66.80
N GLN GA 79 54.50 177.02 -67.52
CA GLN GA 79 55.86 177.50 -67.45
C GLN GA 79 55.90 179.01 -67.53
N LEU GA 80 56.30 179.66 -66.43
CA LEU GA 80 56.51 181.10 -66.45
C LEU GA 80 57.99 181.43 -66.52
N GLN GA 81 58.32 182.50 -67.24
CA GLN GA 81 59.69 182.77 -67.63
C GLN GA 81 60.02 184.23 -67.39
N ASP GA 82 61.26 184.50 -67.01
CA ASP GA 82 61.75 185.87 -67.00
C ASP GA 82 62.29 186.19 -68.38
N PRO GA 83 61.79 187.27 -68.99
CA PRO GA 83 62.07 187.59 -70.39
C PRO GA 83 63.57 187.67 -70.65
N ARG GA 84 64.32 188.09 -69.65
CA ARG GA 84 65.75 188.34 -69.81
C ARG GA 84 66.57 187.06 -69.95
N GLU GA 85 66.45 186.18 -68.96
CA GLU GA 85 67.25 184.96 -68.93
C GLU GA 85 66.39 183.71 -69.05
N PRO GA 86 66.73 182.83 -70.01
CA PRO GA 86 66.06 181.55 -70.29
C PRO GA 86 66.44 180.55 -69.22
N ARG GA 87 67.57 180.83 -68.57
CA ARG GA 87 68.05 180.04 -67.46
C ARG GA 87 67.09 180.10 -66.27
N ARG GA 88 66.16 181.06 -66.31
CA ARG GA 88 65.18 181.21 -65.22
C ARG GA 88 63.75 180.97 -65.68
N GLN GA 89 63.25 179.78 -65.38
CA GLN GA 89 61.94 179.33 -65.81
C GLN GA 89 61.35 178.46 -64.70
N ALA GA 90 60.03 178.50 -64.54
CA ALA GA 90 59.37 177.65 -63.56
C ALA GA 90 58.37 176.72 -64.22
N THR GA 91 58.43 175.43 -63.90
CA THR GA 91 57.50 174.45 -64.46
C THR GA 91 56.75 173.68 -63.37
N GLN GA 92 55.42 173.65 -63.49
CA GLN GA 92 54.56 172.90 -62.56
C GLN GA 92 53.52 172.11 -63.34
N MET GA 93 53.58 170.78 -63.25
CA MET GA 93 52.61 169.93 -63.92
C MET GA 93 51.29 169.93 -63.14
N LEU GA 94 50.19 170.17 -63.84
CA LEU GA 94 48.90 170.33 -63.18
C LEU GA 94 47.85 169.33 -63.63
N LYS GA 95 47.00 168.93 -62.70
CA LYS GA 95 45.87 168.07 -62.97
C LYS GA 95 44.60 168.89 -62.76
N LEU GA 96 44.01 169.34 -63.86
CA LEU GA 96 43.00 170.41 -63.81
C LEU GA 96 41.68 170.06 -63.13
N GLN GA 97 41.22 168.82 -63.28
CA GLN GA 97 39.98 168.42 -62.64
C GLN GA 97 40.10 168.56 -61.13
N ASN GA 98 41.34 168.69 -60.65
CA ASN GA 98 41.58 168.89 -59.23
C ASN GA 98 41.43 170.34 -58.77
N LEU GA 99 41.51 171.26 -59.71
CA LEU GA 99 41.44 172.69 -59.36
C LEU GA 99 40.17 173.36 -59.87
N VAL GA 100 39.17 172.54 -60.18
CA VAL GA 100 37.86 173.04 -60.55
C VAL GA 100 37.12 173.49 -59.30
N ILE GA 101 36.52 174.67 -59.35
CA ILE GA 101 35.72 175.17 -58.25
C ILE GA 101 34.38 175.65 -58.79
N PRO GA 102 33.29 175.22 -58.16
CA PRO GA 102 31.93 175.39 -58.66
C PRO GA 102 31.38 176.80 -58.52
N TRP GA 103 30.30 177.08 -59.25
CA TRP GA 103 29.47 178.26 -59.04
C TRP GA 103 28.56 177.94 -57.88
N ALA GA 104 28.51 178.83 -56.89
CA ALA GA 104 27.76 178.57 -55.66
C ALA GA 104 26.32 178.11 -55.92
N PRO GA 105 25.79 177.26 -55.03
CA PRO GA 105 24.41 176.74 -55.10
C PRO GA 105 23.38 177.86 -55.10
N GLU GA 106 22.38 177.76 -55.96
CA GLU GA 106 21.35 178.81 -56.09
C GLU GA 106 19.94 178.33 -55.79
N ASN GA 107 18.97 179.20 -56.06
CA ASN GA 107 17.55 178.87 -55.97
C ASN GA 107 17.19 178.06 -54.72
N LEU GA 108 17.74 178.48 -53.58
CA LEU GA 108 17.51 177.76 -52.32
C LEU GA 108 16.06 177.84 -51.84
N THR GA 109 15.42 176.67 -51.74
CA THR GA 109 14.04 176.58 -51.29
C THR GA 109 13.89 175.62 -50.09
N LEU GA 110 12.77 175.71 -49.39
CA LEU GA 110 12.45 174.82 -48.27
C LEU GA 110 10.94 174.58 -48.18
N HIS GA 111 10.55 173.34 -47.90
CA HIS GA 111 9.13 173.01 -47.71
C HIS GA 111 8.94 171.99 -46.59
N LYS GA 112 7.72 171.89 -46.09
CA LYS GA 112 7.42 170.98 -44.97
C LYS GA 112 6.99 169.61 -45.47
N LEU GA 113 7.56 168.56 -44.88
CA LEU GA 113 7.12 167.20 -45.19
C LEU GA 113 6.42 166.60 -43.98
N SER GA 114 6.35 167.41 -42.91
CA SER GA 114 5.55 167.10 -41.73
C SER GA 114 5.32 168.41 -40.97
N GLU GA 115 4.50 168.38 -39.93
CA GLU GA 115 4.34 169.55 -39.07
C GLU GA 115 5.71 169.95 -38.54
N SER GA 116 6.55 168.95 -38.30
CA SER GA 116 7.83 169.14 -37.64
C SER GA 116 9.06 169.02 -38.55
N GLN GA 117 8.85 168.75 -39.84
CA GLN GA 117 9.97 168.47 -40.73
C GLN GA 117 10.01 169.36 -41.97
N LEU GA 118 11.24 169.73 -42.36
CA LEU GA 118 11.45 170.54 -43.56
C LEU GA 118 12.61 169.99 -44.42
N GLU GA 119 12.58 170.29 -45.72
CA GLU GA 119 13.63 169.85 -46.65
C GLU GA 119 14.25 171.07 -47.32
N LEU GA 120 15.57 171.04 -47.50
CA LEU GA 120 16.28 172.12 -48.18
C LEU GA 120 16.59 171.74 -49.61
N ASN GA 121 16.55 172.72 -50.52
CA ASN GA 121 16.79 172.44 -51.94
C ASN GA 121 17.56 173.52 -52.70
N TRP GA 122 18.36 173.10 -53.68
CA TRP GA 122 19.23 173.99 -54.43
C TRP GA 122 19.61 173.41 -55.79
N ASN GA 123 20.15 174.25 -56.67
CA ASN GA 123 20.60 173.79 -57.98
C ASN GA 123 22.07 174.11 -58.21
N ASN GA 124 22.55 173.77 -59.40
CA ASN GA 124 23.87 174.22 -59.85
C ASN GA 124 23.89 174.50 -61.36
N ARG GA 125 24.69 175.49 -61.73
CA ARG GA 125 24.64 176.05 -63.08
C ARG GA 125 24.84 175.03 -64.21
N PHE GA 126 26.02 174.41 -64.31
CA PHE GA 126 26.32 173.58 -65.47
C PHE GA 126 26.50 172.08 -65.20
N LEU GA 127 27.34 171.74 -64.23
CA LEU GA 127 27.54 170.35 -63.87
C LEU GA 127 26.31 169.87 -63.11
N ASN GA 128 26.26 168.60 -62.75
CA ASN GA 128 25.18 168.12 -61.87
C ASN GA 128 25.64 167.13 -60.78
N HIS GA 129 25.88 165.88 -61.15
CA HIS GA 129 26.25 164.89 -60.15
C HIS GA 129 27.74 164.95 -59.74
N CYS GA 130 28.46 165.96 -60.22
CA CYS GA 130 29.88 166.11 -59.89
C CYS GA 130 30.10 166.89 -58.59
N LEU GA 131 29.10 167.66 -58.21
CA LEU GA 131 29.24 168.57 -57.08
C LEU GA 131 28.64 167.99 -55.82
N GLU GA 132 29.51 167.63 -54.88
CA GLU GA 132 29.04 167.28 -53.54
C GLU GA 132 28.76 168.56 -52.77
N HIS GA 133 28.26 168.43 -51.56
CA HIS GA 133 27.83 169.61 -50.83
C HIS GA 133 28.06 169.47 -49.33
N LEU GA 134 28.27 170.61 -48.68
CA LEU GA 134 28.22 170.69 -47.24
C LEU GA 134 27.23 171.77 -46.84
N VAL GA 135 26.17 171.36 -46.13
CA VAL GA 135 25.17 172.28 -45.60
C VAL GA 135 25.55 172.70 -44.19
N GLN GA 136 25.44 173.99 -43.91
CA GLN GA 136 25.65 174.51 -42.57
C GLN GA 136 24.39 175.23 -42.11
N TYR GA 137 23.87 174.85 -40.95
CA TYR GA 137 22.71 175.52 -40.38
C TYR GA 137 22.93 175.84 -38.90
N ARG GA 138 22.36 176.96 -38.46
CA ARG GA 138 22.43 177.36 -37.06
C ARG GA 138 21.17 178.12 -36.66
N THR GA 139 20.63 177.76 -35.51
CA THR GA 139 19.57 178.53 -34.88
C THR GA 139 20.21 179.77 -34.26
N ASP GA 140 19.43 180.82 -34.05
CA ASP GA 140 19.96 181.99 -33.37
C ASP GA 140 20.61 181.59 -32.05
N TRP GA 141 19.88 180.82 -31.25
CA TRP GA 141 20.41 180.30 -29.99
C TRP GA 141 21.81 179.74 -30.20
N ASP GA 142 21.97 178.98 -31.28
CA ASP GA 142 23.19 178.24 -31.56
C ASP GA 142 24.45 179.11 -31.49
N HIS GA 143 25.50 178.53 -30.91
CA HIS GA 143 26.78 179.19 -30.76
C HIS GA 143 27.59 179.09 -32.05
N SER GA 144 28.02 177.89 -32.40
CA SER GA 144 28.74 177.64 -33.66
C SER GA 144 27.85 176.91 -34.67
N TRP GA 145 28.30 176.86 -35.91
CA TRP GA 145 27.52 176.21 -36.97
C TRP GA 145 27.30 174.73 -36.70
N THR GA 146 26.25 174.18 -37.31
CA THR GA 146 26.04 172.74 -37.36
C THR GA 146 26.14 172.34 -38.83
N GLU GA 147 27.17 171.58 -39.19
CA GLU GA 147 27.42 171.25 -40.59
C GLU GA 147 27.17 169.79 -40.90
N GLN GA 148 26.59 169.53 -42.06
CA GLN GA 148 26.29 168.16 -42.48
C GLN GA 148 26.63 167.94 -43.96
N SER GA 149 27.53 167.00 -44.22
CA SER GA 149 27.96 166.69 -45.58
C SER GA 149 26.83 166.10 -46.39
N VAL GA 150 26.93 166.19 -47.71
CA VAL GA 150 25.87 165.70 -48.59
C VAL GA 150 26.39 165.33 -49.99
N ASP GA 151 25.87 164.24 -50.54
CA ASP GA 151 26.35 163.68 -51.80
C ASP GA 151 25.72 164.33 -53.01
N TYR GA 152 25.71 163.60 -54.12
CA TYR GA 152 25.30 164.15 -55.41
C TYR GA 152 23.83 164.58 -55.43
N ARG GA 153 23.03 164.05 -54.50
CA ARG GA 153 21.69 164.57 -54.29
C ARG GA 153 21.81 166.00 -53.82
N HIS GA 154 20.98 166.89 -54.34
CA HIS GA 154 21.04 168.29 -53.93
C HIS GA 154 20.11 168.56 -52.75
N LYS GA 155 19.59 167.50 -52.14
CA LYS GA 155 18.65 167.64 -51.02
C LYS GA 155 19.33 167.66 -49.64
N PHE GA 156 18.56 168.00 -48.62
CA PHE GA 156 18.99 167.83 -47.23
C PHE GA 156 17.80 167.70 -46.28
N SER GA 157 18.03 167.08 -45.12
CA SER GA 157 16.94 166.78 -44.18
C SER GA 157 17.10 167.48 -42.85
N LEU GA 158 15.97 167.78 -42.21
CA LEU GA 158 15.95 168.33 -40.86
C LEU GA 158 14.72 167.76 -40.13
N PRO GA 159 14.85 166.51 -39.66
CA PRO GA 159 13.76 165.67 -39.16
C PRO GA 159 13.12 166.18 -37.87
N SER GA 160 13.81 167.05 -37.15
CA SER GA 160 13.26 167.64 -35.95
C SER GA 160 13.70 169.09 -35.80
N VAL GA 161 12.73 170.00 -35.83
CA VAL GA 161 13.02 171.42 -35.75
C VAL GA 161 12.14 172.10 -34.71
N ASP GA 162 12.56 173.28 -34.27
CA ASP GA 162 11.80 174.03 -33.27
C ASP GA 162 11.18 175.29 -33.86
N GLY GA 163 9.85 175.30 -33.99
CA GLY GA 163 9.13 176.43 -34.54
C GLY GA 163 9.27 177.69 -33.70
N GLN GA 164 9.69 177.51 -32.45
CA GLN GA 164 9.84 178.62 -31.51
C GLN GA 164 11.15 179.38 -31.72
N LYS GA 165 12.21 178.65 -32.04
CA LYS GA 165 13.50 179.27 -32.37
C LYS GA 165 13.52 179.63 -33.86
N ARG GA 166 14.66 180.14 -34.33
CA ARG GA 166 14.81 180.55 -35.73
C ARG GA 166 16.11 180.04 -36.35
N TYR GA 167 16.03 179.57 -37.59
CA TYR GA 167 17.17 178.95 -38.27
C TYR GA 167 17.72 179.78 -39.44
N THR GA 168 18.94 179.45 -39.85
CA THR GA 168 19.52 179.99 -41.08
C THR GA 168 20.32 178.88 -41.79
N PHE GA 169 20.18 178.79 -43.11
CA PHE GA 169 20.83 177.73 -43.87
C PHE GA 169 21.75 178.27 -44.98
N ARG GA 170 22.93 177.66 -45.10
CA ARG GA 170 23.86 177.95 -46.19
C ARG GA 170 24.55 176.68 -46.67
N VAL GA 171 24.77 176.58 -47.98
CA VAL GA 171 25.37 175.37 -48.57
C VAL GA 171 26.41 175.71 -49.63
N ARG GA 172 27.58 175.06 -49.57
CA ARG GA 172 28.59 175.23 -50.60
C ARG GA 172 28.85 173.91 -51.30
N SER GA 173 29.51 173.97 -52.45
CA SER GA 173 29.77 172.79 -53.25
C SER GA 173 31.25 172.66 -53.62
N ARG GA 174 31.59 171.59 -54.32
CA ARG GA 174 32.97 171.29 -54.67
C ARG GA 174 33.02 170.29 -55.82
N PHE GA 175 34.19 170.14 -56.43
CA PHE GA 175 34.41 169.14 -57.48
C PHE GA 175 34.97 167.87 -56.89
N ASN GA 176 34.11 166.85 -56.74
CA ASN GA 176 34.48 165.61 -56.03
C ASN GA 176 33.28 164.66 -55.92
N PRO GA 177 33.52 163.36 -55.68
CA PRO GA 177 34.79 162.65 -55.81
C PRO GA 177 34.76 161.87 -57.12
N LEU GA 178 33.65 161.92 -57.84
CA LEU GA 178 33.51 161.08 -59.02
C LEU GA 178 34.23 161.67 -60.21
N CYS GA 179 34.09 162.97 -60.41
CA CYS GA 179 34.61 163.65 -61.58
C CYS GA 179 35.88 164.43 -61.28
N GLY GA 180 36.29 164.44 -60.02
CA GLY GA 180 37.47 165.21 -59.62
C GLY GA 180 37.89 165.01 -58.18
N SER GA 181 39.10 165.47 -57.86
CA SER GA 181 39.68 165.32 -56.53
C SER GA 181 39.73 166.65 -55.77
N ALA GA 182 39.03 167.65 -56.29
CA ALA GA 182 39.12 169.02 -55.80
C ALA GA 182 39.05 169.12 -54.28
N GLN GA 183 39.82 170.05 -53.73
CA GLN GA 183 39.84 170.30 -52.29
C GLN GA 183 39.15 171.62 -51.92
N HIS GA 184 39.67 172.74 -52.43
CA HIS GA 184 39.14 174.06 -52.10
C HIS GA 184 37.72 174.25 -52.61
N TRP GA 185 36.80 174.49 -51.70
CA TRP GA 185 35.39 174.64 -52.03
C TRP GA 185 35.07 175.91 -52.81
N SER GA 186 33.81 176.04 -53.20
CA SER GA 186 33.29 177.28 -53.76
C SER GA 186 32.69 178.11 -52.63
N GLU GA 187 32.47 179.39 -52.88
CA GLU GA 187 31.89 180.24 -51.85
C GLU GA 187 30.43 179.88 -51.61
N TRP GA 188 29.90 180.37 -50.48
CA TRP GA 188 28.58 179.96 -50.03
C TRP GA 188 27.44 180.54 -50.86
N SER GA 189 26.24 180.03 -50.61
CA SER GA 189 25.06 180.50 -51.31
C SER GA 189 24.43 181.66 -50.55
N HIS GA 190 23.58 182.42 -51.22
CA HIS GA 190 22.85 183.51 -50.57
C HIS GA 190 22.00 182.95 -49.44
N PRO GA 191 22.28 183.37 -48.19
CA PRO GA 191 21.47 182.86 -47.08
C PRO GA 191 19.98 182.96 -47.36
N ILE GA 192 19.28 181.85 -47.22
CA ILE GA 192 17.84 181.85 -47.19
C ILE GA 192 17.48 181.53 -45.75
N HIS GA 193 16.29 181.92 -45.31
CA HIS GA 193 15.95 181.71 -43.90
C HIS GA 193 14.66 180.94 -43.69
N TRP GA 194 14.39 180.63 -42.43
CA TRP GA 194 13.13 180.02 -42.04
C TRP GA 194 12.81 180.31 -40.58
N SER HA 9 -51.57 68.85 -46.78
CA SER HA 9 -51.63 67.69 -45.89
C SER HA 9 -51.08 66.44 -46.58
N THR HA 10 -51.72 66.00 -47.66
CA THR HA 10 -51.15 64.96 -48.51
C THR HA 10 -49.76 65.45 -48.86
N LYS HA 11 -49.62 66.76 -48.74
CA LYS HA 11 -48.41 67.48 -49.05
C LYS HA 11 -47.47 67.47 -47.84
N LYS HA 12 -48.04 67.50 -46.65
CA LYS HA 12 -47.27 67.45 -45.40
C LYS HA 12 -46.86 66.03 -45.00
N THR HA 13 -47.74 65.06 -45.22
CA THR HA 13 -47.46 63.66 -44.85
C THR HA 13 -46.30 63.09 -45.66
N GLN HA 14 -46.28 63.42 -46.94
CA GLN HA 14 -45.27 62.88 -47.83
C GLN HA 14 -43.87 63.25 -47.36
N LEU HA 15 -43.73 64.46 -46.84
CA LEU HA 15 -42.44 64.89 -46.29
C LEU HA 15 -42.08 64.03 -45.08
N GLN HA 16 -43.10 63.62 -44.33
CA GLN HA 16 -42.89 62.80 -43.14
C GLN HA 16 -42.51 61.37 -43.50
N LEU HA 17 -43.16 60.83 -44.52
CA LEU HA 17 -42.85 59.50 -44.99
C LEU HA 17 -41.51 59.47 -45.73
N GLU HA 18 -41.16 60.59 -46.35
CA GLU HA 18 -39.86 60.73 -47.02
C GLU HA 18 -38.76 60.51 -45.99
N HIS HA 19 -39.04 60.92 -44.75
CA HIS HA 19 -38.10 60.84 -43.66
C HIS HA 19 -38.06 59.45 -43.02
N LEU HA 20 -39.21 58.94 -42.60
CA LEU HA 20 -39.30 57.58 -42.10
C LEU HA 20 -38.50 56.66 -43.01
N LEU HA 21 -38.60 56.92 -44.31
CA LEU HA 21 -37.80 56.18 -45.28
C LEU HA 21 -36.31 56.36 -45.02
N LEU HA 22 -35.83 57.59 -45.11
CA LEU HA 22 -34.40 57.85 -45.07
C LEU HA 22 -33.74 57.31 -43.80
N ASP HA 23 -34.45 57.42 -42.68
CA ASP HA 23 -33.94 56.90 -41.42
C ASP HA 23 -33.86 55.39 -41.57
N LEU HA 24 -34.93 54.82 -42.10
CA LEU HA 24 -35.02 53.37 -42.25
C LEU HA 24 -33.88 52.84 -43.09
N GLN HA 25 -33.63 53.50 -44.22
CA GLN HA 25 -32.54 53.11 -45.11
C GLN HA 25 -31.18 53.16 -44.42
N MET HA 26 -30.92 54.23 -43.67
CA MET HA 26 -29.63 54.39 -43.02
C MET HA 26 -29.26 53.16 -42.20
N ILE HA 27 -30.23 52.63 -41.45
CA ILE HA 27 -29.98 51.45 -40.64
C ILE HA 27 -29.59 50.31 -41.58
N LEU HA 28 -30.25 50.26 -42.72
CA LEU HA 28 -29.93 49.27 -43.74
C LEU HA 28 -28.46 49.47 -44.14
N ASN HA 29 -28.17 50.62 -44.74
CA ASN HA 29 -26.81 50.91 -45.19
C ASN HA 29 -25.81 50.82 -44.06
N GLY HA 30 -26.30 50.88 -42.82
CA GLY HA 30 -25.43 50.77 -41.67
C GLY HA 30 -24.94 49.35 -41.47
N ILE HA 31 -25.83 48.38 -41.65
CA ILE HA 31 -25.53 47.00 -41.31
C ILE HA 31 -24.78 46.23 -42.42
N ASN HA 32 -24.66 46.83 -43.61
CA ASN HA 32 -24.09 46.09 -44.74
C ASN HA 32 -22.61 46.30 -45.04
N ASN HA 33 -21.99 47.27 -44.37
CA ASN HA 33 -20.54 47.48 -44.52
C ASN HA 33 -19.78 46.94 -43.31
N TYR HA 34 -20.53 46.56 -42.29
CA TYR HA 34 -19.97 45.96 -41.07
C TYR HA 34 -19.53 44.52 -41.34
N LYS HA 38 -19.58 39.81 -36.20
CA LYS HA 38 -20.66 38.94 -35.72
C LYS HA 38 -21.98 39.20 -36.46
N LEU HA 39 -21.88 39.78 -37.66
CA LEU HA 39 -23.07 40.17 -38.44
C LEU HA 39 -24.02 39.01 -38.72
N THR HA 40 -23.47 37.82 -38.96
CA THR HA 40 -24.34 36.66 -39.16
C THR HA 40 -25.03 36.28 -37.86
N ARG HA 41 -24.43 36.65 -36.73
CA ARG HA 41 -25.10 36.50 -35.44
C ARG HA 41 -26.26 37.48 -35.37
N MET HA 42 -26.03 38.69 -35.87
CA MET HA 42 -27.06 39.71 -35.95
C MET HA 42 -28.20 39.18 -36.83
N LEU HA 43 -27.90 38.17 -37.63
CA LEU HA 43 -28.85 37.64 -38.59
C LEU HA 43 -29.57 36.38 -38.10
N THR HA 44 -29.12 35.84 -36.97
CA THR HA 44 -29.84 34.73 -36.36
C THR HA 44 -31.17 35.23 -35.80
N PHE HA 45 -31.13 36.39 -35.14
CA PHE HA 45 -32.32 36.99 -34.55
C PHE HA 45 -33.43 37.17 -35.58
N LYS HA 46 -34.63 36.68 -35.25
CA LYS HA 46 -35.74 36.69 -36.19
C LYS HA 46 -36.73 37.81 -35.90
N PHE HA 47 -37.06 38.55 -36.96
CA PHE HA 47 -38.01 39.65 -36.90
C PHE HA 47 -39.33 39.25 -37.54
N TYR HA 48 -40.40 39.92 -37.12
CA TYR HA 48 -41.74 39.58 -37.59
C TYR HA 48 -42.23 40.51 -38.72
N MET HA 49 -42.78 39.92 -39.78
CA MET HA 49 -43.24 40.67 -40.94
C MET HA 49 -44.75 40.80 -40.95
N PRO HA 50 -45.25 41.91 -41.52
CA PRO HA 50 -46.70 42.18 -41.53
C PRO HA 50 -47.42 41.30 -42.53
N LYS HA 51 -48.55 40.74 -42.13
CA LYS HA 51 -49.37 39.99 -43.06
C LYS HA 51 -49.49 40.80 -44.35
N LYS HA 52 -50.12 41.96 -44.25
CA LYS HA 52 -50.28 42.82 -45.42
C LYS HA 52 -50.07 44.28 -45.04
N ALA HA 53 -49.44 45.04 -45.93
CA ALA HA 53 -49.20 46.45 -45.67
C ALA HA 53 -49.35 47.29 -46.95
N THR HA 54 -50.60 47.63 -47.27
CA THR HA 54 -50.92 48.45 -48.44
C THR HA 54 -51.14 49.91 -48.05
N GLU HA 55 -51.26 50.18 -46.75
CA GLU HA 55 -51.53 51.54 -46.30
C GLU HA 55 -51.01 51.86 -44.89
N LEU HA 56 -51.01 53.15 -44.60
CA LEU HA 56 -50.39 53.75 -43.41
C LEU HA 56 -50.57 53.04 -42.06
N LYS HA 57 -51.81 52.83 -41.65
CA LYS HA 57 -52.11 52.29 -40.32
C LYS HA 57 -51.24 51.10 -39.96
N HIS HA 58 -50.92 50.27 -40.97
CA HIS HA 58 -50.11 49.07 -40.77
C HIS HA 58 -48.74 49.36 -40.13
N LEU HA 59 -48.38 50.63 -40.05
CA LEU HA 59 -47.17 51.04 -39.37
C LEU HA 59 -47.19 50.51 -37.95
N GLN HA 60 -48.41 50.32 -37.45
CA GLN HA 60 -48.62 49.66 -36.17
C GLN HA 60 -47.78 48.38 -36.12
N CYS HA 61 -47.62 47.74 -37.27
CA CYS HA 61 -46.78 46.54 -37.36
C CYS HA 61 -45.29 46.89 -37.33
N LEU HA 62 -44.95 48.07 -37.84
CA LEU HA 62 -43.57 48.55 -37.71
C LEU HA 62 -43.30 48.92 -36.25
N GLU HA 63 -44.25 49.62 -35.64
CA GLU HA 63 -44.09 50.07 -34.26
C GLU HA 63 -43.82 48.92 -33.29
N GLU HA 64 -44.76 48.00 -33.19
CA GLU HA 64 -44.75 46.98 -32.14
C GLU HA 64 -43.43 46.23 -31.98
N GLU HA 65 -42.93 45.60 -33.03
CA GLU HA 65 -41.64 44.92 -32.91
C GLU HA 65 -40.47 45.86 -33.28
N LEU HA 66 -40.57 47.08 -32.77
CA LEU HA 66 -39.50 48.08 -32.88
C LEU HA 66 -38.48 47.89 -31.75
N LYS HA 67 -38.95 47.31 -30.64
CA LYS HA 67 -38.10 47.10 -29.48
C LYS HA 67 -37.03 46.06 -29.70
N PRO HA 68 -37.38 44.91 -30.30
CA PRO HA 68 -36.35 43.97 -30.75
C PRO HA 68 -35.32 44.54 -31.74
N LEU HA 69 -35.75 45.40 -32.67
CA LEU HA 69 -34.79 46.02 -33.56
C LEU HA 69 -33.80 46.87 -32.76
N GLU HA 70 -34.27 47.49 -31.69
CA GLU HA 70 -33.37 48.26 -30.86
C GLU HA 70 -32.52 47.37 -29.96
N GLU HA 71 -32.93 46.11 -29.78
CA GLU HA 71 -32.12 45.15 -29.04
C GLU HA 71 -30.99 44.65 -29.93
N VAL HA 72 -31.39 44.06 -31.05
CA VAL HA 72 -30.44 43.60 -32.04
C VAL HA 72 -29.36 44.64 -32.19
N LEU HA 73 -29.75 45.86 -32.52
CA LEU HA 73 -28.78 46.88 -32.85
C LEU HA 73 -27.81 47.12 -31.71
N ASN HA 74 -28.04 46.46 -30.58
CA ASN HA 74 -27.13 46.61 -29.45
C ASN HA 74 -26.05 45.56 -29.42
N LEU HA 75 -26.10 44.63 -30.37
CA LEU HA 75 -25.08 43.60 -30.43
C LEU HA 75 -23.72 44.21 -30.73
N ALA HA 76 -23.67 45.08 -31.74
CA ALA HA 76 -22.43 45.74 -32.16
C ALA HA 76 -22.10 46.95 -31.29
N HIS HA 77 -20.83 47.36 -31.30
CA HIS HA 77 -20.39 48.52 -30.54
C HIS HA 77 -20.91 49.80 -31.20
N SER HA 78 -20.87 50.92 -30.48
CA SER HA 78 -21.38 52.18 -30.99
C SER HA 78 -20.47 52.78 -32.07
N LYS HA 79 -19.21 52.34 -32.12
CA LYS HA 79 -18.27 52.83 -33.11
C LYS HA 79 -18.72 52.57 -34.54
N ASN HA 80 -19.06 51.33 -34.84
CA ASN HA 80 -19.36 50.90 -36.20
C ASN HA 80 -20.31 51.81 -36.98
N PHE HA 81 -21.48 52.06 -36.41
CA PHE HA 81 -22.52 52.78 -37.13
C PHE HA 81 -22.32 54.30 -37.09
N HIS HA 82 -22.71 54.98 -38.17
CA HIS HA 82 -22.61 56.43 -38.25
C HIS HA 82 -23.78 57.09 -37.52
N PHE HA 83 -24.78 56.27 -37.19
CA PHE HA 83 -25.98 56.74 -36.50
C PHE HA 83 -25.96 56.26 -35.05
N ASP HA 84 -27.05 56.49 -34.34
CA ASP HA 84 -27.16 56.06 -32.96
C ASP HA 84 -28.34 55.12 -32.79
N PRO HA 85 -28.06 53.88 -32.37
CA PRO HA 85 -29.06 52.82 -32.19
C PRO HA 85 -30.27 53.29 -31.37
N ARG HA 86 -30.06 53.77 -30.15
CA ARG HA 86 -31.18 54.13 -29.28
C ARG HA 86 -31.69 55.56 -29.51
N ASP HA 87 -31.03 56.29 -30.41
CA ASP HA 87 -31.54 57.58 -30.87
C ASP HA 87 -32.41 57.35 -32.10
N VAL HA 88 -31.87 56.64 -33.08
CA VAL HA 88 -32.54 56.44 -34.36
C VAL HA 88 -33.98 55.97 -34.18
N VAL HA 89 -34.17 54.93 -33.39
CA VAL HA 89 -35.50 54.38 -33.17
C VAL HA 89 -36.42 55.42 -32.58
N SER HA 90 -35.97 56.07 -31.50
CA SER HA 90 -36.74 57.16 -30.90
C SER HA 90 -37.32 58.00 -32.01
N ASN HA 91 -36.51 58.27 -33.02
CA ASN HA 91 -36.92 59.04 -34.19
C ASN HA 91 -37.85 58.23 -35.11
N ILE HA 92 -37.51 56.96 -35.34
CA ILE HA 92 -38.38 56.06 -36.10
C ILE HA 92 -39.73 55.91 -35.38
N ASN HA 93 -39.67 55.51 -34.11
CA ASN HA 93 -40.84 55.52 -33.25
C ASN HA 93 -41.72 56.74 -33.55
N VAL HA 94 -41.22 57.91 -33.15
CA VAL HA 94 -41.95 59.17 -33.26
C VAL HA 94 -42.56 59.42 -34.65
N PHE HA 95 -41.92 58.88 -35.67
CA PHE HA 95 -42.44 58.98 -37.02
C PHE HA 95 -43.70 58.15 -37.17
N VAL HA 96 -43.55 56.83 -37.04
CA VAL HA 96 -44.67 55.90 -37.16
C VAL HA 96 -45.91 56.32 -36.35
N LEU HA 97 -45.69 56.70 -35.10
CA LEU HA 97 -46.81 57.10 -34.26
C LEU HA 97 -47.59 58.25 -34.87
N GLU HA 98 -46.97 59.41 -34.97
CA GLU HA 98 -47.65 60.57 -35.54
C GLU HA 98 -47.98 60.41 -37.03
N LEU HA 99 -47.76 59.22 -37.57
CA LEU HA 99 -48.05 58.98 -38.98
C LEU HA 99 -49.33 58.18 -39.21
N LYS HA 100 -49.58 57.23 -38.31
CA LYS HA 100 -50.71 56.31 -38.43
C LYS HA 100 -51.99 56.79 -37.74
N GLY HA 101 -51.85 57.61 -36.70
CA GLY HA 101 -52.99 58.17 -35.98
C GLY HA 101 -54.00 57.16 -35.46
N PHE HA 106 -56.70 50.33 -34.14
CA PHE HA 106 -56.33 49.19 -34.97
C PHE HA 106 -55.36 48.21 -34.29
N MET HA 107 -55.48 46.94 -34.65
CA MET HA 107 -54.75 45.86 -34.00
C MET HA 107 -53.65 45.35 -34.93
N CYS HA 108 -52.73 44.52 -34.42
CA CYS HA 108 -51.74 43.91 -35.34
C CYS HA 108 -51.85 42.42 -35.60
N GLU HA 109 -52.04 42.13 -36.89
CA GLU HA 109 -52.12 40.79 -37.46
C GLU HA 109 -50.88 40.59 -38.34
N TYR HA 110 -50.09 39.55 -38.02
CA TYR HA 110 -48.80 39.25 -38.72
C TYR HA 110 -48.85 38.04 -39.62
N ALA HA 111 -47.91 37.97 -40.56
CA ALA HA 111 -47.60 36.72 -41.22
C ALA HA 111 -46.81 35.88 -40.22
N ASP HA 112 -46.69 34.58 -40.45
CA ASP HA 112 -46.02 33.71 -39.50
C ASP HA 112 -44.56 33.42 -39.86
N GLU HA 113 -44.19 33.66 -41.12
CA GLU HA 113 -42.85 33.37 -41.61
C GLU HA 113 -41.83 34.48 -41.34
N THR HA 114 -40.90 34.20 -40.44
CA THR HA 114 -39.93 35.19 -39.97
C THR HA 114 -38.84 35.48 -40.99
N ALA HA 115 -37.93 36.39 -40.64
CA ALA HA 115 -36.87 36.83 -41.54
C ALA HA 115 -35.71 37.51 -40.80
N THR HA 116 -34.57 37.67 -41.47
CA THR HA 116 -33.45 38.38 -40.89
C THR HA 116 -33.61 39.88 -41.13
N ILE HA 117 -33.01 40.68 -40.26
CA ILE HA 117 -33.25 42.12 -40.21
C ILE HA 117 -33.26 42.79 -41.57
N VAL HA 118 -32.43 42.32 -42.50
CA VAL HA 118 -32.32 42.97 -43.79
C VAL HA 118 -33.59 42.85 -44.63
N GLU HA 119 -34.15 41.65 -44.69
CA GLU HA 119 -35.42 41.46 -45.39
C GLU HA 119 -36.50 42.26 -44.67
N PHE HA 120 -36.38 42.32 -43.35
CA PHE HA 120 -37.25 43.15 -42.53
C PHE HA 120 -37.14 44.62 -42.97
N LEU HA 121 -35.92 45.14 -42.95
CA LEU HA 121 -35.69 46.54 -43.31
C LEU HA 121 -36.05 46.80 -44.77
N ASN HA 122 -35.69 45.87 -45.66
CA ASN HA 122 -36.10 45.97 -47.05
C ASN HA 122 -37.62 46.10 -47.14
N ARG HA 123 -38.31 45.23 -46.41
CA ARG HA 123 -39.77 45.18 -46.45
C ARG HA 123 -40.44 46.50 -46.10
N TRP HA 124 -39.93 47.19 -45.08
CA TRP HA 124 -40.56 48.43 -44.61
C TRP HA 124 -40.12 49.64 -45.42
N ILE HA 125 -38.87 49.61 -45.88
CA ILE HA 125 -38.40 50.61 -46.83
C ILE HA 125 -39.33 50.53 -48.02
N THR HA 126 -39.62 49.29 -48.43
CA THR HA 126 -40.61 49.02 -49.47
C THR HA 126 -41.92 49.71 -49.18
N PHE HA 127 -42.39 49.58 -47.95
CA PHE HA 127 -43.64 50.21 -47.56
C PHE HA 127 -43.62 51.69 -47.89
N CYS HA 128 -42.58 52.39 -47.42
CA CYS HA 128 -42.44 53.81 -47.67
C CYS HA 128 -42.33 54.07 -49.16
N GLN HA 129 -41.28 53.53 -49.77
CA GLN HA 129 -41.08 53.63 -51.22
C GLN HA 129 -42.41 53.46 -51.98
N SER HA 130 -43.33 52.67 -51.43
CA SER HA 130 -44.62 52.43 -52.07
C SER HA 130 -45.59 53.61 -51.90
N ILE HA 131 -45.89 53.96 -50.65
CA ILE HA 131 -46.87 54.99 -50.35
C ILE HA 131 -46.51 56.36 -50.96
N ILE HA 132 -45.22 56.64 -51.07
CA ILE HA 132 -44.77 57.90 -51.67
C ILE HA 132 -45.17 57.97 -53.14
N SER HA 133 -45.13 56.82 -53.80
CA SER HA 133 -45.50 56.71 -55.20
C SER HA 133 -46.98 57.06 -55.40
N THR HA 134 -47.84 56.30 -54.73
CA THR HA 134 -49.29 56.49 -54.86
C THR HA 134 -49.73 57.90 -54.45
N LEU HA 135 -48.86 58.61 -53.72
CA LEU HA 135 -49.15 59.98 -53.29
C LEU HA 135 -48.88 60.97 -54.41
N THR HA 136 -48.42 60.46 -55.55
CA THR HA 136 -48.11 61.28 -56.70
C THR HA 136 -48.94 60.87 -57.93
N SER IA 9 -40.82 91.58 -26.22
CA SER IA 9 -41.06 92.00 -27.60
C SER IA 9 -40.82 90.85 -28.60
N GLN IA 10 -39.55 90.59 -28.92
CA GLN IA 10 -39.21 89.53 -29.88
C GLN IA 10 -38.23 88.51 -29.33
N PHE IA 11 -38.45 87.25 -29.70
CA PHE IA 11 -37.71 86.09 -29.19
C PHE IA 11 -37.58 85.06 -30.32
N THR IA 12 -36.36 84.78 -30.76
CA THR IA 12 -36.14 83.91 -31.91
C THR IA 12 -35.07 82.85 -31.68
N CYS IA 13 -35.27 81.69 -32.29
CA CYS IA 13 -34.36 80.57 -32.15
C CYS IA 13 -34.33 79.73 -33.43
N PHE IA 14 -33.17 79.17 -33.74
CA PHE IA 14 -33.01 78.29 -34.89
C PHE IA 14 -32.42 76.94 -34.47
N TYR IA 15 -32.60 75.93 -35.31
CA TYR IA 15 -32.15 74.57 -35.03
C TYR IA 15 -31.17 74.12 -36.09
N ASN IA 16 -30.00 73.64 -35.67
CA ASN IA 16 -28.92 73.27 -36.59
C ASN IA 16 -29.19 71.95 -37.28
N SER IA 17 -30.34 71.36 -36.98
CA SER IA 17 -30.76 70.14 -37.61
C SER IA 17 -30.06 68.93 -37.01
N ARG IA 18 -29.31 69.11 -35.95
CA ARG IA 18 -28.78 67.93 -35.28
C ARG IA 18 -28.93 67.98 -33.78
N ALA IA 19 -28.16 68.84 -33.13
CA ALA IA 19 -27.93 68.67 -31.70
C ALA IA 19 -28.06 69.94 -30.87
N GLN IA 20 -28.20 71.08 -31.53
CA GLN IA 20 -28.27 72.32 -30.77
C GLN IA 20 -29.24 73.34 -31.33
N ILE IA 21 -29.64 74.25 -30.45
CA ILE IA 21 -30.66 75.25 -30.72
C ILE IA 21 -30.23 76.61 -30.17
N SER IA 22 -29.82 77.52 -31.07
CA SER IA 22 -29.36 78.85 -30.68
C SER IA 22 -30.54 79.80 -30.51
N CYS IA 23 -30.50 80.62 -29.46
CA CYS IA 23 -31.58 81.57 -29.18
C CYS IA 23 -31.08 83.01 -28.95
N VAL IA 24 -31.86 83.98 -29.41
CA VAL IA 24 -31.60 85.39 -29.15
C VAL IA 24 -32.90 86.08 -28.75
N TRP IA 25 -32.87 86.82 -27.64
CA TRP IA 25 -34.08 87.47 -27.11
C TRP IA 25 -33.80 88.87 -26.53
N SER IA 26 -34.74 89.79 -26.73
CA SER IA 26 -34.54 91.21 -26.41
C SER IA 26 -35.59 91.79 -25.47
N GLN IA 27 -35.14 92.51 -24.45
CA GLN IA 27 -36.05 93.15 -23.51
C GLN IA 27 -35.58 94.55 -23.12
N THR IA 34 -30.64 90.24 -12.27
CA THR IA 34 -31.33 90.41 -13.54
C THR IA 34 -31.18 89.14 -14.40
N SER IA 35 -31.23 87.98 -13.76
CA SER IA 35 -30.98 86.71 -14.46
C SER IA 35 -32.18 86.22 -15.26
N CYS IA 36 -31.89 85.62 -16.42
CA CYS IA 36 -32.91 85.03 -17.28
C CYS IA 36 -32.41 83.68 -17.80
N GLN IA 37 -33.33 82.86 -18.29
CA GLN IA 37 -33.00 81.57 -18.92
C GLN IA 37 -33.99 81.29 -20.01
N VAL IA 38 -33.72 80.26 -20.80
CA VAL IA 38 -34.68 79.74 -21.75
C VAL IA 38 -34.94 78.29 -21.39
N HIS IA 39 -36.12 77.78 -21.68
CA HIS IA 39 -36.43 76.39 -21.42
C HIS IA 39 -36.96 75.69 -22.66
N ALA IA 40 -36.43 74.50 -22.94
CA ALA IA 40 -36.81 73.74 -24.12
C ALA IA 40 -37.57 72.48 -23.73
N TRP IA 41 -38.89 72.52 -23.86
CA TRP IA 41 -39.71 71.38 -23.47
C TRP IA 41 -40.40 70.78 -24.70
N PRO IA 42 -39.94 69.59 -25.09
CA PRO IA 42 -40.38 68.88 -26.29
C PRO IA 42 -41.77 68.33 -26.06
N ASP IA 43 -42.52 67.99 -27.10
CA ASP IA 43 -43.85 67.45 -26.84
C ASP IA 43 -43.87 65.94 -26.63
N ARG IA 44 -42.99 65.22 -27.30
CA ARG IA 44 -42.96 63.77 -27.16
C ARG IA 44 -41.57 63.19 -26.82
N ARG IA 45 -40.74 64.01 -26.20
CA ARG IA 45 -39.44 63.56 -25.71
C ARG IA 45 -39.41 63.61 -24.18
N ARG IA 46 -38.63 62.70 -23.59
CA ARG IA 46 -38.63 62.49 -22.14
C ARG IA 46 -37.57 63.33 -21.46
N TRP IA 47 -37.12 64.39 -22.14
CA TRP IA 47 -36.07 65.25 -21.61
C TRP IA 47 -36.42 66.75 -21.63
N GLN IA 48 -35.54 67.57 -21.10
CA GLN IA 48 -35.74 69.01 -21.10
C GLN IA 48 -34.40 69.73 -21.01
N GLN IA 49 -34.36 70.98 -21.44
CA GLN IA 49 -33.10 71.67 -21.53
C GLN IA 49 -33.06 73.10 -21.01
N THR IA 50 -32.09 73.36 -20.17
CA THR IA 50 -31.96 74.65 -19.52
C THR IA 50 -30.64 75.31 -19.87
N CYS IA 51 -30.69 76.61 -20.15
CA CYS IA 51 -29.44 77.34 -20.40
C CYS IA 51 -29.45 78.68 -19.70
N GLU IA 52 -28.27 79.19 -19.42
CA GLU IA 52 -28.13 80.47 -18.77
C GLU IA 52 -27.97 81.57 -19.80
N LEU IA 53 -29.05 82.29 -20.09
CA LEU IA 53 -29.02 83.43 -21.00
C LEU IA 53 -27.91 84.43 -20.65
N LEU IA 54 -27.42 85.13 -21.67
CA LEU IA 54 -26.37 86.12 -21.47
C LEU IA 54 -26.57 87.26 -22.47
N PRO IA 55 -26.29 88.49 -22.05
CA PRO IA 55 -26.46 89.65 -22.92
C PRO IA 55 -25.33 89.74 -23.94
N VAL IA 56 -25.68 90.04 -25.19
CA VAL IA 56 -24.68 90.19 -26.25
C VAL IA 56 -24.72 91.61 -26.79
N SER IA 57 -25.88 91.99 -27.31
CA SER IA 57 -26.13 93.37 -27.68
C SER IA 57 -26.55 94.09 -26.41
N GLN IA 58 -26.89 95.37 -26.53
CA GLN IA 58 -27.35 96.11 -25.38
C GLN IA 58 -28.78 95.73 -25.08
N ALA IA 59 -29.55 95.49 -26.13
CA ALA IA 59 -30.97 95.13 -25.99
C ALA IA 59 -31.19 93.64 -26.15
N SER IA 60 -30.11 92.88 -26.39
CA SER IA 60 -30.23 91.46 -26.71
C SER IA 60 -29.46 90.50 -25.81
N TRP IA 61 -30.01 89.30 -25.66
CA TRP IA 61 -29.36 88.18 -25.00
C TRP IA 61 -29.39 86.97 -25.93
N ALA IA 62 -28.33 86.19 -25.92
CA ALA IA 62 -28.29 84.96 -26.71
C ALA IA 62 -28.11 83.77 -25.79
N CYS IA 63 -28.60 82.61 -26.21
CA CYS IA 63 -28.46 81.39 -25.41
C CYS IA 63 -28.42 80.17 -26.30
N ASN IA 64 -27.71 79.14 -25.85
CA ASN IA 64 -27.55 77.93 -26.64
C ASN IA 64 -28.16 76.73 -25.94
N LEU IA 65 -29.14 76.10 -26.59
CA LEU IA 65 -29.73 74.87 -26.08
C LEU IA 65 -29.03 73.65 -26.65
N ILE IA 66 -28.19 73.00 -25.85
CA ILE IA 66 -27.50 71.81 -26.28
C ILE IA 66 -28.28 70.54 -25.96
N LEU IA 67 -28.86 69.93 -26.99
CA LEU IA 67 -29.79 68.83 -26.80
C LEU IA 67 -29.18 67.44 -26.81
N GLY IA 68 -27.99 67.29 -27.39
CA GLY IA 68 -27.29 66.01 -27.42
C GLY IA 68 -25.82 66.15 -27.79
N ALA IA 69 -25.15 65.01 -27.87
CA ALA IA 69 -23.76 64.96 -28.29
C ALA IA 69 -23.79 65.66 -29.62
N PRO IA 70 -22.78 66.49 -29.84
CA PRO IA 70 -22.85 67.52 -30.87
C PRO IA 70 -23.34 66.97 -32.20
N ASP IA 71 -23.01 65.74 -32.55
CA ASP IA 71 -23.42 65.30 -33.90
C ASP IA 71 -24.66 64.44 -33.98
N SER IA 72 -25.19 64.01 -32.84
CA SER IA 72 -26.39 63.19 -32.79
C SER IA 72 -27.64 63.91 -33.34
N GLN IA 73 -28.71 63.16 -33.56
CA GLN IA 73 -29.95 63.70 -34.14
C GLN IA 73 -31.10 63.61 -33.13
N LYS IA 74 -31.31 64.69 -32.39
CA LYS IA 74 -32.19 64.64 -31.22
C LYS IA 74 -33.60 65.19 -31.44
N LEU IA 75 -33.92 65.54 -32.69
CA LEU IA 75 -35.25 66.03 -33.05
C LEU IA 75 -35.57 65.63 -34.49
N THR IA 76 -36.82 65.28 -34.75
CA THR IA 76 -37.24 65.07 -36.13
C THR IA 76 -38.16 66.19 -36.56
N THR IA 77 -38.74 66.06 -37.75
CA THR IA 77 -39.61 67.10 -38.27
C THR IA 77 -40.98 67.10 -37.59
N VAL IA 78 -41.33 65.99 -36.95
CA VAL IA 78 -42.65 65.90 -36.31
C VAL IA 78 -42.64 66.35 -34.85
N ASP IA 79 -41.53 66.15 -34.14
CA ASP IA 79 -41.40 66.69 -32.79
C ASP IA 79 -41.81 68.14 -32.85
N ILE IA 80 -42.20 68.70 -31.71
CA ILE IA 80 -42.42 70.14 -31.59
C ILE IA 80 -42.01 70.60 -30.19
N VAL IA 81 -41.11 71.57 -30.12
CA VAL IA 81 -40.65 72.03 -28.82
C VAL IA 81 -41.34 73.33 -28.47
N THR IA 82 -41.82 73.43 -27.24
CA THR IA 82 -42.39 74.66 -26.76
C THR IA 82 -41.34 75.34 -25.92
N LEU IA 83 -40.90 76.52 -26.33
CA LEU IA 83 -39.78 77.17 -25.66
C LEU IA 83 -40.24 78.37 -24.84
N ARG IA 84 -40.02 78.31 -23.53
CA ARG IA 84 -40.34 79.42 -22.63
C ARG IA 84 -39.08 80.23 -22.30
N VAL IA 85 -39.27 81.52 -22.09
CA VAL IA 85 -38.22 82.36 -21.54
C VAL IA 85 -38.66 82.83 -20.16
N LEU IA 86 -37.86 82.59 -19.15
CA LEU IA 86 -38.22 82.99 -17.81
C LEU IA 86 -37.21 83.99 -17.30
N CYS IA 87 -37.64 84.87 -16.40
CA CYS IA 87 -36.74 85.77 -15.71
C CYS IA 87 -37.03 85.70 -14.23
N ARG IA 88 -35.99 85.77 -13.41
CA ARG IA 88 -36.24 85.76 -11.98
C ARG IA 88 -37.04 87.01 -11.54
N GLU IA 89 -38.20 86.77 -10.92
CA GLU IA 89 -38.96 87.83 -10.26
C GLU IA 89 -39.22 87.42 -8.82
N GLY IA 90 -38.33 87.87 -7.94
CA GLY IA 90 -38.35 87.45 -6.55
C GLY IA 90 -38.11 85.96 -6.47
N VAL IA 91 -39.00 85.26 -5.79
CA VAL IA 91 -38.92 83.81 -5.66
C VAL IA 91 -39.22 83.09 -6.98
N ARG IA 92 -40.33 83.41 -7.62
CA ARG IA 92 -40.77 82.61 -8.76
C ARG IA 92 -40.18 83.05 -10.10
N TRP IA 93 -40.52 82.30 -11.14
CA TRP IA 93 -40.10 82.58 -12.50
C TRP IA 93 -41.25 83.14 -13.34
N ARG IA 94 -41.11 84.39 -13.77
CA ARG IA 94 -42.10 85.05 -14.60
C ARG IA 94 -41.87 84.67 -16.05
N VAL IA 95 -42.83 83.99 -16.67
CA VAL IA 95 -42.68 83.57 -18.05
C VAL IA 95 -42.66 84.76 -19.00
N MET IA 96 -41.47 85.11 -19.48
CA MET IA 96 -41.26 86.33 -20.26
C MET IA 96 -41.67 86.23 -21.73
N ALA IA 97 -41.50 85.06 -22.33
CA ALA IA 97 -41.94 84.87 -23.72
C ALA IA 97 -42.26 83.42 -24.06
N ILE IA 98 -43.35 83.21 -24.80
CA ILE IA 98 -43.78 81.85 -25.14
C ILE IA 98 -43.83 81.71 -26.64
N GLN IA 99 -43.62 80.47 -27.09
CA GLN IA 99 -43.54 80.20 -28.50
C GLN IA 99 -43.77 78.71 -28.72
N ASP IA 100 -44.41 78.36 -29.83
CA ASP IA 100 -44.55 76.97 -30.25
C ASP IA 100 -43.60 76.69 -31.40
N PHE IA 101 -42.43 76.13 -31.07
CA PHE IA 101 -41.29 76.04 -31.98
C PHE IA 101 -41.18 74.70 -32.69
N LYS IA 102 -41.35 74.72 -34.00
CA LYS IA 102 -41.28 73.53 -34.83
C LYS IA 102 -39.88 73.50 -35.44
N PRO IA 103 -39.00 72.65 -34.88
CA PRO IA 103 -37.56 72.61 -35.14
C PRO IA 103 -37.14 72.51 -36.61
N PHE IA 104 -37.84 71.74 -37.42
CA PHE IA 104 -37.37 71.58 -38.79
C PHE IA 104 -37.93 72.60 -39.76
N GLU IA 105 -38.71 73.55 -39.26
CA GLU IA 105 -39.13 74.70 -40.06
C GLU IA 105 -38.38 75.94 -39.59
N ASN IA 106 -37.31 75.72 -38.83
CA ASN IA 106 -36.51 76.80 -38.26
C ASN IA 106 -35.01 76.53 -38.45
N LEU IA 107 -34.68 75.72 -39.46
CA LEU IA 107 -33.31 75.30 -39.66
C LEU IA 107 -32.39 76.46 -40.00
N ARG IA 108 -31.23 76.52 -39.34
CA ARG IA 108 -30.13 77.39 -39.75
C ARG IA 108 -28.80 76.69 -39.52
N LEU IA 109 -28.24 76.17 -40.62
CA LEU IA 109 -27.10 75.24 -40.60
C LEU IA 109 -25.78 75.78 -40.05
N MET IA 110 -24.97 74.86 -39.56
CA MET IA 110 -23.66 75.21 -39.06
C MET IA 110 -22.82 75.66 -40.24
N ALA IA 111 -21.92 76.62 -40.01
CA ALA IA 111 -21.09 77.16 -41.07
C ALA IA 111 -20.13 76.10 -41.59
N PRO IA 112 -20.16 75.86 -42.92
CA PRO IA 112 -19.31 74.88 -43.60
C PRO IA 112 -17.89 75.03 -43.13
N ILE IA 113 -17.10 73.96 -43.20
CA ILE IA 113 -15.76 74.00 -42.63
C ILE IA 113 -14.73 73.11 -43.33
N SER IA 114 -13.46 73.30 -42.97
CA SER IA 114 -12.36 72.56 -43.55
C SER IA 114 -12.21 72.92 -45.03
N LEU IA 115 -12.13 74.22 -45.32
CA LEU IA 115 -11.97 74.67 -46.68
C LEU IA 115 -10.57 74.34 -47.18
N GLN IA 116 -10.43 74.11 -48.49
CA GLN IA 116 -9.13 73.78 -49.06
C GLN IA 116 -9.10 73.87 -50.59
N VAL IA 117 -7.90 74.12 -51.13
CA VAL IA 117 -7.72 74.20 -52.57
C VAL IA 117 -7.31 72.85 -53.12
N VAL IA 118 -8.05 72.38 -54.12
CA VAL IA 118 -7.75 71.12 -54.78
C VAL IA 118 -6.66 71.30 -55.82
N HIS IA 119 -6.77 72.38 -56.60
CA HIS IA 119 -5.83 72.64 -57.66
C HIS IA 119 -5.76 74.14 -57.95
N VAL IA 120 -4.55 74.63 -58.20
CA VAL IA 120 -4.37 76.02 -58.59
C VAL IA 120 -3.61 76.10 -59.91
N GLU IA 121 -4.03 77.08 -60.69
CA GLU IA 121 -3.56 77.37 -62.05
C GLU IA 121 -3.65 78.88 -62.25
N THR IA 122 -2.97 79.39 -63.28
CA THR IA 122 -2.87 80.83 -63.50
C THR IA 122 -4.26 81.44 -63.66
N HIS IA 123 -5.08 80.79 -64.49
CA HIS IA 123 -6.39 81.32 -64.85
C HIS IA 123 -7.55 80.57 -64.17
N ARG IA 124 -7.25 79.56 -63.35
CA ARG IA 124 -8.30 78.74 -62.75
C ARG IA 124 -8.03 78.38 -61.29
N CYS IA 125 -9.02 77.77 -60.66
CA CYS IA 125 -8.88 77.26 -59.29
C CYS IA 125 -10.04 76.33 -58.90
N ASN IA 126 -9.87 75.60 -57.81
CA ASN IA 126 -10.87 74.64 -57.35
C ASN IA 126 -10.78 74.36 -55.84
N ILE IA 127 -11.84 74.70 -55.11
CA ILE IA 127 -11.81 74.62 -53.66
C ILE IA 127 -12.94 73.79 -53.05
N SER IA 128 -12.57 72.93 -52.09
CA SER IA 128 -13.47 71.94 -51.54
C SER IA 128 -13.71 72.21 -50.07
N TRP IA 129 -14.96 72.02 -49.64
CA TRP IA 129 -15.34 72.22 -48.24
C TRP IA 129 -16.24 71.13 -47.66
N GLU IA 130 -16.26 71.02 -46.33
CA GLU IA 130 -17.17 70.13 -45.62
C GLU IA 130 -18.40 70.92 -45.19
N ILE IA 131 -19.56 70.26 -45.12
CA ILE IA 131 -20.70 70.84 -44.39
C ILE IA 131 -20.86 70.13 -43.06
N SER IA 132 -20.73 70.88 -41.98
CA SER IA 132 -20.70 70.27 -40.65
C SER IA 132 -22.09 70.17 -40.05
N GLN IA 133 -22.32 69.11 -39.26
CA GLN IA 133 -23.57 68.93 -38.51
C GLN IA 133 -24.91 69.02 -39.28
N ALA IA 134 -25.05 68.23 -40.35
CA ALA IA 134 -26.18 68.38 -41.25
C ALA IA 134 -26.92 67.05 -41.32
N SER IA 135 -28.14 67.05 -40.82
CA SER IA 135 -28.92 65.83 -40.66
C SER IA 135 -29.19 65.08 -41.95
N HIS IA 136 -29.17 63.76 -41.87
CA HIS IA 136 -29.38 62.90 -43.03
C HIS IA 136 -30.80 63.01 -43.57
N TYR IA 137 -31.68 63.63 -42.79
CA TYR IA 137 -33.05 63.85 -43.23
C TYR IA 137 -33.08 64.70 -44.50
N PHE IA 138 -32.06 65.52 -44.68
CA PHE IA 138 -31.92 66.37 -45.85
C PHE IA 138 -31.51 65.56 -47.07
N GLU IA 139 -30.75 64.50 -46.81
CA GLU IA 139 -30.12 63.74 -47.86
C GLU IA 139 -29.29 64.66 -48.74
N ARG IA 140 -29.76 64.86 -49.97
CA ARG IA 140 -28.96 65.58 -50.95
C ARG IA 140 -29.41 67.02 -51.02
N HIS IA 141 -30.71 67.23 -51.20
CA HIS IA 141 -31.25 68.57 -51.42
C HIS IA 141 -30.69 69.57 -50.42
N LEU IA 142 -29.98 70.55 -50.95
CA LEU IA 142 -29.40 71.66 -50.19
C LEU IA 142 -29.08 72.78 -51.19
N GLU IA 143 -28.55 73.88 -50.69
CA GLU IA 143 -28.14 74.97 -51.55
C GLU IA 143 -26.77 75.46 -51.12
N PHE IA 144 -26.12 76.23 -51.98
CA PHE IA 144 -24.82 76.80 -51.65
C PHE IA 144 -24.60 78.18 -52.24
N GLU IA 145 -23.93 79.00 -51.46
CA GLU IA 145 -23.59 80.35 -51.87
C GLU IA 145 -22.19 80.69 -51.37
N ALA IA 146 -21.47 81.46 -52.15
CA ALA IA 146 -20.09 81.76 -51.81
C ALA IA 146 -19.67 83.11 -52.42
N ARG IA 147 -18.55 83.64 -51.95
CA ARG IA 147 -18.03 84.88 -52.52
C ARG IA 147 -16.52 84.83 -52.81
N THR IA 148 -16.14 85.39 -53.95
CA THR IA 148 -14.75 85.53 -54.38
C THR IA 148 -14.24 86.93 -54.06
N LEU IA 149 -13.20 87.03 -53.25
CA LEU IA 149 -12.68 88.33 -52.86
C LEU IA 149 -11.46 88.72 -53.69
N SER IA 150 -11.65 89.66 -54.63
CA SER IA 150 -10.55 90.19 -55.43
C SER IA 150 -10.08 91.53 -54.88
N PRO IA 151 -8.75 91.78 -54.93
CA PRO IA 151 -8.20 92.99 -54.32
C PRO IA 151 -8.99 94.23 -54.75
N GLY IA 152 -9.56 94.18 -55.94
CA GLY IA 152 -10.25 95.33 -56.50
C GLY IA 152 -11.60 95.62 -55.86
N HIS IA 153 -12.13 94.66 -55.11
CA HIS IA 153 -13.48 94.80 -54.58
C HIS IA 153 -13.61 94.38 -53.11
N THR IA 154 -14.53 95.02 -52.40
CA THR IA 154 -14.75 94.78 -50.97
C THR IA 154 -15.62 93.56 -50.74
N TRP IA 155 -15.62 93.05 -49.52
CA TRP IA 155 -16.32 91.80 -49.20
C TRP IA 155 -17.73 91.70 -49.80
N GLU IA 156 -18.38 92.85 -49.95
CA GLU IA 156 -19.79 92.91 -50.31
C GLU IA 156 -20.05 92.85 -51.81
N GLU IA 157 -19.36 93.70 -52.55
CA GLU IA 157 -19.53 93.81 -53.99
C GLU IA 157 -19.45 92.44 -54.62
N ALA IA 158 -18.88 91.50 -53.87
CA ALA IA 158 -18.71 90.13 -54.34
C ALA IA 158 -19.93 89.60 -55.05
N PRO IA 159 -19.74 89.00 -56.24
CA PRO IA 159 -20.84 88.41 -56.98
C PRO IA 159 -21.25 87.13 -56.28
N LEU IA 160 -22.55 86.95 -56.04
CA LEU IA 160 -23.04 85.73 -55.44
C LEU IA 160 -22.93 84.57 -56.41
N LEU IA 161 -22.29 83.49 -55.97
CA LEU IA 161 -22.10 82.32 -56.81
C LEU IA 161 -23.16 81.27 -56.48
N THR IA 162 -24.16 81.16 -57.36
CA THR IA 162 -25.29 80.30 -57.06
C THR IA 162 -24.99 78.87 -57.45
N LEU IA 163 -25.01 77.98 -56.47
CA LEU IA 163 -24.97 76.54 -56.72
C LEU IA 163 -26.23 75.96 -56.12
N LYS IA 164 -27.16 75.55 -56.99
CA LYS IA 164 -28.50 75.13 -56.55
C LYS IA 164 -28.63 73.61 -56.35
N GLN IA 165 -27.51 72.96 -56.13
CA GLN IA 165 -27.48 71.54 -55.78
C GLN IA 165 -26.57 71.31 -54.58
N LYS IA 166 -26.29 70.04 -54.31
CA LYS IA 166 -25.37 69.66 -53.25
C LYS IA 166 -24.04 69.38 -53.91
N GLN IA 167 -23.15 70.36 -53.82
CA GLN IA 167 -21.83 70.30 -54.45
C GLN IA 167 -20.77 70.91 -53.51
N GLU IA 168 -19.90 70.06 -53.00
CA GLU IA 168 -19.04 70.48 -51.90
C GLU IA 168 -17.69 71.01 -52.36
N TRP IA 169 -17.60 71.24 -53.67
CA TRP IA 169 -16.46 71.95 -54.26
C TRP IA 169 -16.94 73.05 -55.21
N ILE IA 170 -16.04 73.97 -55.55
CA ILE IA 170 -16.35 74.98 -56.56
C ILE IA 170 -15.14 75.27 -57.47
N CYS IA 171 -15.41 75.52 -58.74
CA CYS IA 171 -14.35 75.75 -59.72
C CYS IA 171 -14.42 77.16 -60.30
N LEU IA 172 -13.41 77.97 -59.98
CA LEU IA 172 -13.34 79.36 -60.41
C LEU IA 172 -12.61 79.54 -61.73
N GLU IA 173 -13.34 79.95 -62.76
CA GLU IA 173 -12.71 80.36 -64.01
C GLU IA 173 -12.39 81.84 -63.90
N THR IA 174 -11.82 82.41 -64.95
CA THR IA 174 -11.69 83.86 -65.02
C THR IA 174 -10.80 84.47 -63.93
N LEU IA 175 -9.89 83.67 -63.38
CA LEU IA 175 -8.93 84.20 -62.38
C LEU IA 175 -7.79 84.98 -63.06
N THR IA 176 -7.16 85.90 -62.33
CA THR IA 176 -5.95 86.59 -62.78
C THR IA 176 -4.71 86.05 -62.06
N PRO IA 177 -3.66 85.72 -62.84
CA PRO IA 177 -2.47 85.02 -62.33
C PRO IA 177 -1.81 85.66 -61.11
N ASP IA 178 -1.33 84.82 -60.20
CA ASP IA 178 -0.57 85.25 -59.02
C ASP IA 178 -1.28 86.32 -58.21
N THR IA 179 -2.61 86.26 -58.15
CA THR IA 179 -3.38 87.26 -57.41
C THR IA 179 -3.80 86.71 -56.04
N GLN IA 180 -3.83 87.59 -55.05
CA GLN IA 180 -4.30 87.24 -53.71
C GLN IA 180 -5.82 87.17 -53.71
N TYR IA 181 -6.37 85.99 -53.44
CA TYR IA 181 -7.82 85.83 -53.42
C TYR IA 181 -8.31 85.42 -52.02
N GLU IA 182 -9.58 85.67 -51.74
CA GLU IA 182 -10.20 85.22 -50.50
C GLU IA 182 -11.63 84.74 -50.75
N PHE IA 183 -12.03 83.65 -50.08
CA PHE IA 183 -13.26 82.94 -50.41
C PHE IA 183 -14.13 82.50 -49.22
N GLN IA 184 -15.45 82.55 -49.41
CA GLN IA 184 -16.41 82.17 -48.39
C GLN IA 184 -17.54 81.36 -49.00
N VAL IA 185 -18.24 80.55 -48.20
CA VAL IA 185 -19.40 79.81 -48.69
C VAL IA 185 -20.32 79.35 -47.55
N ARG IA 186 -21.63 79.32 -47.83
CA ARG IA 186 -22.64 79.02 -46.82
C ARG IA 186 -23.64 77.93 -47.25
N VAL IA 187 -24.26 77.27 -46.28
CA VAL IA 187 -25.21 76.19 -46.55
C VAL IA 187 -26.60 76.49 -46.00
N LYS IA 188 -27.60 75.94 -46.66
CA LYS IA 188 -29.01 76.12 -46.28
C LYS IA 188 -29.83 75.06 -46.98
N PRO IA 189 -30.70 74.37 -46.24
CA PRO IA 189 -31.59 73.32 -46.77
C PRO IA 189 -32.83 73.88 -47.46
N LEU IA 190 -33.34 73.14 -48.45
CA LEU IA 190 -34.57 73.53 -49.12
C LEU IA 190 -35.69 73.73 -48.11
N GLN IA 191 -35.87 72.75 -47.24
CA GLN IA 191 -37.01 72.72 -46.33
C GLN IA 191 -36.98 73.88 -45.32
N GLY IA 192 -38.11 74.08 -44.65
CA GLY IA 192 -38.22 75.10 -43.62
C GLY IA 192 -38.81 76.42 -44.09
N GLU IA 193 -39.73 76.97 -43.30
CA GLU IA 193 -40.39 78.24 -43.65
C GLU IA 193 -39.57 79.46 -43.22
N PHE IA 194 -39.00 79.40 -42.02
CA PHE IA 194 -38.21 80.52 -41.49
C PHE IA 194 -36.71 80.27 -41.66
N THR IA 195 -36.38 79.10 -42.17
CA THR IA 195 -34.99 78.70 -42.37
C THR IA 195 -34.19 79.78 -43.11
N THR IA 196 -32.91 79.91 -42.78
CA THR IA 196 -32.02 80.79 -43.52
C THR IA 196 -30.62 80.24 -43.69
N TRP IA 197 -29.88 80.86 -44.59
CA TRP IA 197 -28.48 80.53 -44.82
C TRP IA 197 -27.71 80.48 -43.51
N SER IA 198 -26.63 79.70 -43.50
CA SER IA 198 -25.76 79.63 -42.33
C SER IA 198 -24.84 80.84 -42.34
N PRO IA 199 -24.39 81.27 -41.16
CA PRO IA 199 -23.35 82.29 -41.11
C PRO IA 199 -22.16 81.84 -41.94
N TRP IA 200 -21.46 82.79 -42.55
CA TRP IA 200 -20.43 82.48 -43.53
C TRP IA 200 -19.26 81.67 -42.97
N SER IA 201 -18.81 80.69 -43.76
CA SER IA 201 -17.62 79.92 -43.46
C SER IA 201 -16.41 80.84 -43.48
N GLN IA 202 -15.47 80.59 -42.58
CA GLN IA 202 -14.28 81.45 -42.44
C GLN IA 202 -13.65 81.79 -43.78
N PRO IA 203 -12.81 82.83 -43.83
CA PRO IA 203 -12.17 83.22 -45.08
C PRO IA 203 -11.06 82.24 -45.43
N LEU IA 204 -10.95 81.89 -46.71
CA LEU IA 204 -9.81 81.10 -47.16
C LEU IA 204 -8.94 81.95 -48.07
N ALA IA 205 -7.64 81.93 -47.83
CA ALA IA 205 -6.70 82.73 -48.62
C ALA IA 205 -5.83 81.84 -49.49
N PHE IA 206 -6.03 81.92 -50.80
CA PHE IA 206 -5.17 81.20 -51.73
C PHE IA 206 -4.51 82.15 -52.74
N ARG IA 207 -3.24 81.91 -53.01
CA ARG IA 207 -2.54 82.67 -54.03
C ARG IA 207 -2.57 81.86 -55.30
N THR IA 208 -2.60 82.55 -56.43
CA THR IA 208 -2.67 81.88 -57.71
C THR IA 208 -1.26 81.52 -58.20
N LYS IA 209 -1.17 80.51 -59.05
CA LYS IA 209 0.08 80.16 -59.71
C LYS IA 209 0.40 81.23 -60.76
N PRO IA 210 1.67 81.65 -60.85
CA PRO IA 210 2.09 82.58 -61.90
C PRO IA 210 2.49 81.86 -63.21
N PRO JA 4 -27.73 23.44 -65.83
CA PRO JA 4 -27.35 24.82 -65.49
C PRO JA 4 -28.09 25.85 -66.35
N LEU JA 5 -29.28 26.24 -65.90
CA LEU JA 5 -30.14 27.13 -66.68
C LEU JA 5 -29.64 28.57 -66.70
N PRO JA 6 -29.75 29.22 -67.87
CA PRO JA 6 -29.39 30.62 -68.04
C PRO JA 6 -30.18 31.53 -67.11
N GLU JA 7 -29.48 32.44 -66.44
CA GLU JA 7 -30.10 33.43 -65.57
C GLU JA 7 -30.83 34.47 -66.42
N VAL JA 8 -31.95 34.99 -65.90
CA VAL JA 8 -32.75 35.98 -66.63
C VAL JA 8 -32.72 37.34 -65.95
N GLN JA 9 -32.41 38.39 -66.71
CA GLN JA 9 -32.43 39.74 -66.19
C GLN JA 9 -33.63 40.51 -66.74
N CYS JA 10 -34.35 41.17 -65.83
CA CYS JA 10 -35.56 41.90 -66.19
C CYS JA 10 -35.46 43.39 -65.84
N PHE JA 11 -36.04 44.23 -66.69
CA PHE JA 11 -36.06 45.66 -66.46
C PHE JA 11 -37.40 46.24 -66.91
N VAL JA 12 -37.85 47.25 -66.18
CA VAL JA 12 -39.07 47.95 -66.56
C VAL JA 12 -38.71 49.31 -67.09
N PHE JA 13 -39.10 49.58 -68.34
CA PHE JA 13 -38.74 50.82 -69.00
C PHE JA 13 -39.81 51.89 -68.74
N ASN JA 14 -39.43 52.88 -67.92
CA ASN JA 14 -40.32 54.00 -67.57
C ASN JA 14 -41.74 53.56 -67.21
N VAL JA 15 -41.84 52.39 -66.58
CA VAL JA 15 -43.12 51.86 -66.11
C VAL JA 15 -44.09 51.54 -67.26
N GLU JA 16 -43.57 51.50 -68.48
CA GLU JA 16 -44.41 51.29 -69.66
C GLU JA 16 -44.72 49.83 -69.88
N TYR JA 17 -43.70 49.00 -69.68
CA TYR JA 17 -43.80 47.57 -69.92
C TYR JA 17 -42.50 46.96 -69.43
N MET JA 18 -42.35 45.65 -69.59
CA MET JA 18 -41.15 45.00 -69.08
C MET JA 18 -40.60 43.93 -70.03
N ASN JA 19 -39.28 43.88 -70.14
CA ASN JA 19 -38.63 42.86 -70.95
C ASN JA 19 -37.66 42.03 -70.14
N CYS JA 20 -37.87 40.72 -70.16
CA CYS JA 20 -36.99 39.80 -69.45
C CYS JA 20 -36.36 38.82 -70.43
N THR JA 21 -35.03 38.83 -70.53
CA THR JA 21 -34.34 38.11 -71.58
C THR JA 21 -33.31 37.11 -71.05
N TRP JA 22 -32.88 36.19 -71.92
CA TRP JA 22 -31.82 35.23 -71.59
C TRP JA 22 -31.11 34.70 -72.83
N GLN JA 23 -29.84 34.31 -72.67
CA GLN JA 23 -29.02 33.79 -73.74
C GLN JA 23 -28.92 32.27 -73.63
N SER JA 24 -29.58 31.56 -74.55
CA SER JA 24 -29.77 30.13 -74.41
C SER JA 24 -28.98 29.27 -75.41
N SER JA 25 -28.24 29.90 -76.31
CA SER JA 25 -27.47 29.17 -77.32
C SER JA 25 -26.19 28.56 -76.77
N SER JA 26 -25.97 28.72 -75.47
CA SER JA 26 -24.73 28.26 -74.83
C SER JA 26 -24.69 26.74 -74.62
N GLU JA 27 -25.75 26.05 -75.03
CA GLU JA 27 -25.89 24.62 -74.78
C GLU JA 27 -25.89 23.82 -76.10
N PRO JA 28 -25.65 22.50 -76.01
CA PRO JA 28 -25.43 21.65 -77.18
C PRO JA 28 -26.54 21.73 -78.24
N GLN JA 29 -27.79 21.62 -77.82
CA GLN JA 29 -28.90 21.61 -78.77
C GLN JA 29 -29.71 22.90 -78.70
N PRO JA 30 -30.27 23.32 -79.84
CA PRO JA 30 -31.27 24.40 -79.88
C PRO JA 30 -32.54 23.99 -79.14
N THR JA 31 -32.98 24.82 -78.20
CA THR JA 31 -34.12 24.48 -77.35
C THR JA 31 -35.04 25.69 -77.17
N ASN JA 32 -36.29 25.42 -76.80
CA ASN JA 32 -37.19 26.48 -76.36
C ASN JA 32 -37.38 26.40 -74.86
N LEU JA 33 -36.79 27.35 -74.14
CA LEU JA 33 -36.96 27.39 -72.68
C LEU JA 33 -38.17 28.27 -72.33
N THR JA 34 -39.14 27.68 -71.64
CA THR JA 34 -40.41 28.35 -71.35
C THR JA 34 -40.35 29.30 -70.14
N LEU JA 35 -41.15 30.36 -70.21
CA LEU JA 35 -41.17 31.40 -69.18
C LEU JA 35 -42.50 31.50 -68.45
N HIS JA 36 -42.46 31.31 -67.13
CA HIS JA 36 -43.64 31.44 -66.29
C HIS JA 36 -43.37 32.41 -65.14
N TYR JA 37 -44.42 33.06 -64.66
CA TYR JA 37 -44.30 33.99 -63.52
C TYR JA 37 -45.53 33.98 -62.61
N TRP JA 38 -45.34 34.45 -61.38
CA TRP JA 38 -46.46 34.70 -60.48
C TRP JA 38 -46.03 35.63 -59.35
N TYR JA 39 -47.00 36.29 -58.74
CA TYR JA 39 -46.72 37.17 -57.60
C TYR JA 39 -46.91 36.44 -56.28
N LYS JA 40 -45.84 36.37 -55.49
CA LYS JA 40 -45.87 35.69 -54.21
C LYS JA 40 -46.61 36.51 -53.16
N ASN JA 41 -47.16 35.81 -52.17
CA ASN JA 41 -47.72 36.44 -50.97
C ASN JA 41 -48.56 37.68 -51.25
N SER JA 42 -49.24 37.69 -52.40
CA SER JA 42 -50.13 38.78 -52.76
C SER JA 42 -51.34 38.27 -53.54
N ASP JA 43 -52.30 39.16 -53.81
CA ASP JA 43 -53.54 38.78 -54.50
C ASP JA 43 -53.32 38.40 -55.95
N ASN JA 44 -54.17 37.50 -56.45
CA ASN JA 44 -53.94 36.87 -57.74
C ASN JA 44 -52.59 36.14 -57.73
N ASP JA 45 -52.46 35.17 -56.84
CA ASP JA 45 -51.24 34.39 -56.69
C ASP JA 45 -51.07 33.39 -57.83
N LYS JA 46 -52.12 33.25 -58.64
CA LYS JA 46 -52.14 32.31 -59.76
C LYS JA 46 -50.96 32.48 -60.70
N VAL JA 47 -50.22 31.40 -60.93
CA VAL JA 47 -49.13 31.39 -61.89
C VAL JA 47 -49.69 31.72 -63.28
N GLN JA 48 -48.88 32.39 -64.10
CA GLN JA 48 -49.29 32.76 -65.45
C GLN JA 48 -48.22 32.34 -66.46
N LYS JA 49 -48.67 31.88 -67.61
CA LYS JA 49 -47.77 31.56 -68.71
C LYS JA 49 -47.47 32.83 -69.52
N CYS JA 50 -46.37 32.83 -70.27
CA CYS JA 50 -45.93 34.03 -70.97
C CYS JA 50 -46.66 34.24 -72.31
N SER JA 51 -47.46 35.30 -72.38
CA SER JA 51 -48.30 35.55 -73.57
C SER JA 51 -47.52 36.06 -74.79
N HIS JA 52 -46.52 36.90 -74.57
CA HIS JA 52 -45.73 37.50 -75.66
C HIS JA 52 -44.28 37.03 -75.58
N TYR JA 53 -43.85 36.24 -76.57
CA TYR JA 53 -42.50 35.68 -76.57
C TYR JA 53 -41.54 36.44 -77.50
N LEU JA 54 -40.34 36.73 -76.99
CA LEU JA 54 -39.27 37.34 -77.78
C LEU JA 54 -38.32 36.26 -78.28
N PHE JA 55 -37.70 36.49 -79.43
CA PHE JA 55 -36.87 35.46 -80.05
C PHE JA 55 -35.51 35.94 -80.53
N SER JA 56 -34.56 35.01 -80.58
CA SER JA 56 -33.27 35.23 -81.22
C SER JA 56 -32.89 33.96 -81.98
N GLU JA 57 -32.91 34.05 -83.30
CA GLU JA 57 -32.59 32.91 -84.17
C GLU JA 57 -33.58 31.76 -84.02
N GLU JA 58 -34.86 32.04 -84.27
CA GLU JA 58 -35.92 31.04 -84.13
C GLU JA 58 -35.84 30.24 -82.83
N ILE JA 59 -35.26 30.85 -81.81
CA ILE JA 59 -35.21 30.27 -80.47
C ILE JA 59 -35.79 31.27 -79.48
N THR JA 60 -36.12 30.81 -78.28
CA THR JA 60 -36.66 31.69 -77.26
C THR JA 60 -35.57 32.55 -76.63
N SER JA 61 -35.66 33.86 -76.81
CA SER JA 61 -34.67 34.81 -76.29
C SER JA 61 -35.17 35.57 -75.06
N GLY JA 62 -36.47 35.53 -74.82
CA GLY JA 62 -37.04 36.17 -73.65
C GLY JA 62 -38.53 36.43 -73.74
N CYS JA 63 -38.99 37.44 -72.98
CA CYS JA 63 -40.40 37.79 -72.94
C CYS JA 63 -40.60 39.28 -72.67
N GLN JA 64 -41.74 39.80 -73.10
CA GLN JA 64 -42.16 41.14 -72.71
C GLN JA 64 -43.56 41.15 -72.12
N LEU JA 65 -43.72 41.88 -71.03
CA LEU JA 65 -45.04 42.13 -70.49
C LEU JA 65 -45.45 43.56 -70.85
N GLN JA 66 -46.75 43.80 -70.87
CA GLN JA 66 -47.29 45.11 -71.20
C GLN JA 66 -47.76 45.85 -69.95
N LYS JA 67 -48.39 46.99 -70.13
CA LYS JA 67 -48.79 47.87 -69.03
C LYS JA 67 -49.49 47.14 -67.88
N LYS JA 68 -50.55 46.41 -68.19
CA LYS JA 68 -51.44 45.87 -67.16
C LYS JA 68 -50.90 44.67 -66.38
N GLU JA 69 -49.74 44.17 -66.79
CA GLU JA 69 -49.15 43.02 -66.12
C GLU JA 69 -48.15 43.43 -65.06
N ILE JA 70 -47.94 44.73 -64.90
CA ILE JA 70 -46.89 45.22 -64.00
C ILE JA 70 -47.39 45.71 -62.64
N HIS JA 71 -47.07 44.93 -61.62
CA HIS JA 71 -47.32 45.26 -60.23
C HIS JA 71 -45.99 45.45 -59.51
N LEU JA 72 -45.58 46.71 -59.31
CA LEU JA 72 -44.39 46.99 -58.51
C LEU JA 72 -44.72 46.78 -57.05
N TYR JA 73 -43.68 46.80 -56.21
CA TYR JA 73 -43.84 46.85 -54.77
C TYR JA 73 -44.39 45.53 -54.21
N GLN JA 74 -44.86 44.67 -55.10
CA GLN JA 74 -45.21 43.31 -54.73
C GLN JA 74 -44.10 42.44 -55.31
N THR JA 75 -43.58 41.50 -54.51
CA THR JA 75 -42.48 40.67 -54.97
C THR JA 75 -42.87 39.83 -56.20
N PHE JA 76 -41.99 39.79 -57.19
CA PHE JA 76 -42.29 39.13 -58.47
C PHE JA 76 -41.40 37.92 -58.75
N VAL JA 77 -42.01 36.75 -58.94
CA VAL JA 77 -41.28 35.52 -59.23
C VAL JA 77 -41.17 35.27 -60.73
N VAL JA 78 -40.09 34.63 -61.12
CA VAL JA 78 -39.85 34.25 -62.51
C VAL JA 78 -39.25 32.84 -62.55
N GLN JA 79 -39.55 32.09 -63.60
CA GLN JA 79 -39.05 30.73 -63.73
C GLN JA 79 -38.83 30.32 -65.18
N LEU JA 80 -37.61 29.92 -65.50
CA LEU JA 80 -37.29 29.38 -66.82
C LEU JA 80 -37.28 27.86 -66.76
N GLN JA 81 -37.75 27.22 -67.82
CA GLN JA 81 -37.98 25.79 -67.81
C GLN JA 81 -37.41 25.14 -69.06
N ASP JA 82 -36.84 23.96 -68.89
CA ASP JA 82 -36.48 23.12 -70.02
C ASP JA 82 -37.65 22.19 -70.29
N PRO JA 83 -38.24 22.28 -71.50
CA PRO JA 83 -39.49 21.57 -71.77
C PRO JA 83 -39.36 20.09 -71.48
N ARG JA 84 -38.24 19.52 -71.90
CA ARG JA 84 -37.99 18.09 -71.76
C ARG JA 84 -38.04 17.61 -70.31
N GLU JA 85 -37.39 18.38 -69.44
CA GLU JA 85 -37.17 17.92 -68.06
C GLU JA 85 -37.71 18.89 -66.99
N PRO JA 86 -38.64 18.40 -66.16
CA PRO JA 86 -39.14 19.13 -64.98
C PRO JA 86 -38.03 19.44 -63.98
N ARG JA 87 -37.10 18.50 -63.80
CA ARG JA 87 -36.03 18.66 -62.81
C ARG JA 87 -35.04 19.78 -63.12
N ARG JA 88 -35.12 20.34 -64.32
CA ARG JA 88 -34.30 21.51 -64.64
C ARG JA 88 -35.15 22.77 -64.84
N GLN JA 89 -35.15 23.61 -63.79
CA GLN JA 89 -35.92 24.83 -63.72
C GLN JA 89 -35.15 25.80 -62.84
N ALA JA 90 -35.40 27.09 -63.03
CA ALA JA 90 -34.71 28.11 -62.24
C ALA JA 90 -35.71 29.01 -61.50
N THR JA 91 -35.35 29.44 -60.29
CA THR JA 91 -36.21 30.30 -59.47
C THR JA 91 -35.48 31.51 -58.87
N GLN JA 92 -35.79 32.69 -59.39
CA GLN JA 92 -35.16 33.93 -58.93
C GLN JA 92 -36.23 35.00 -58.65
N MET JA 93 -36.44 35.31 -57.38
CA MET JA 93 -37.39 36.36 -56.98
C MET JA 93 -36.83 37.74 -57.29
N LEU JA 94 -37.71 38.71 -57.51
CA LEU JA 94 -37.27 40.03 -58.00
C LEU JA 94 -38.16 41.22 -57.58
N LYS JA 95 -37.53 42.25 -57.04
CA LYS JA 95 -38.20 43.49 -56.67
C LYS JA 95 -38.25 44.40 -57.88
N LEU JA 96 -39.45 44.67 -58.39
CA LEU JA 96 -39.61 45.40 -59.65
C LEU JA 96 -39.40 46.90 -59.56
N GLN JA 97 -39.24 47.42 -58.35
CA GLN JA 97 -38.96 48.85 -58.17
C GLN JA 97 -37.46 49.12 -58.25
N ASN JA 98 -36.67 48.06 -58.06
CA ASN JA 98 -35.22 48.16 -58.13
C ASN JA 98 -34.72 48.14 -59.58
N LEU JA 99 -35.43 47.44 -60.44
CA LEU JA 99 -34.93 47.26 -61.80
C LEU JA 99 -35.61 48.19 -62.79
N VAL JA 100 -36.23 49.24 -62.28
CA VAL JA 100 -36.87 50.22 -63.14
C VAL JA 100 -35.86 51.23 -63.68
N ILE JA 101 -35.91 51.50 -64.98
CA ILE JA 101 -35.05 52.50 -65.58
C ILE JA 101 -35.85 53.50 -66.40
N PRO JA 102 -35.56 54.79 -66.22
CA PRO JA 102 -36.30 55.90 -66.82
C PRO JA 102 -35.90 56.17 -68.27
N TRP JA 103 -36.72 56.95 -68.96
CA TRP JA 103 -36.39 57.41 -70.30
C TRP JA 103 -35.53 58.66 -70.17
N ALA JA 104 -34.46 58.72 -70.96
CA ALA JA 104 -33.47 59.77 -70.82
C ALA JA 104 -34.07 61.19 -70.78
N PRO JA 105 -33.43 62.09 -70.01
CA PRO JA 105 -33.82 63.49 -69.84
C PRO JA 105 -33.95 64.25 -71.17
N GLU JA 106 -35.00 65.06 -71.28
CA GLU JA 106 -35.32 65.77 -72.52
C GLU JA 106 -35.33 67.29 -72.35
N ASN JA 107 -35.81 67.98 -73.39
CA ASN JA 107 -35.99 69.43 -73.38
C ASN JA 107 -34.84 70.24 -72.78
N LEU JA 108 -33.62 69.78 -72.99
CA LEU JA 108 -32.46 70.44 -72.39
C LEU JA 108 -32.34 71.90 -72.81
N THR JA 109 -32.20 72.78 -71.82
CA THR JA 109 -32.12 74.22 -72.06
C THR JA 109 -31.10 74.89 -71.14
N LEU JA 110 -30.59 76.06 -71.56
CA LEU JA 110 -29.62 76.82 -70.79
C LEU JA 110 -29.89 78.32 -70.86
N HIS JA 111 -29.75 79.01 -69.72
CA HIS JA 111 -29.93 80.46 -69.67
C HIS JA 111 -28.94 81.13 -68.70
N LYS JA 112 -28.97 82.46 -68.64
CA LYS JA 112 -28.08 83.20 -67.75
C LYS JA 112 -28.78 83.64 -66.47
N LEU JA 113 -28.10 83.49 -65.34
CA LEU JA 113 -28.60 84.03 -64.07
C LEU JA 113 -27.72 85.20 -63.66
N SER JA 114 -26.64 85.39 -64.41
CA SER JA 114 -25.73 86.50 -64.21
C SER JA 114 -24.78 86.51 -65.41
N GLU JA 115 -23.96 87.53 -65.52
CA GLU JA 115 -23.03 87.63 -66.63
C GLU JA 115 -22.11 86.41 -66.70
N SER JA 116 -21.81 85.86 -65.54
CA SER JA 116 -20.87 84.74 -65.46
C SER JA 116 -21.49 83.41 -65.03
N GLN JA 117 -22.83 83.34 -64.98
CA GLN JA 117 -23.51 82.19 -64.39
C GLN JA 117 -24.67 81.64 -65.22
N LEU JA 118 -24.83 80.33 -65.14
CA LEU JA 118 -25.81 79.67 -65.98
C LEU JA 118 -26.54 78.58 -65.21
N GLU JA 119 -27.63 78.09 -65.81
CA GLU JA 119 -28.50 77.10 -65.18
C GLU JA 119 -28.94 76.04 -66.17
N LEU JA 120 -28.67 74.79 -65.87
CA LEU JA 120 -29.08 73.73 -66.76
C LEU JA 120 -30.45 73.25 -66.30
N ASN JA 121 -31.32 72.84 -67.22
CA ASN JA 121 -32.68 72.40 -66.89
C ASN JA 121 -33.23 71.34 -67.84
N TRP JA 122 -34.06 70.45 -67.31
CA TRP JA 122 -34.57 69.32 -68.08
C TRP JA 122 -35.90 68.80 -67.57
N ASN JA 123 -36.55 67.92 -68.35
CA ASN JA 123 -37.80 67.30 -67.93
C ASN JA 123 -37.64 65.81 -67.76
N ASN JA 124 -38.72 65.15 -67.34
CA ASN JA 124 -38.82 63.69 -67.40
C ASN JA 124 -40.22 63.27 -67.77
N ARG JA 125 -40.33 62.11 -68.43
CA ARG JA 125 -41.61 61.67 -68.99
C ARG JA 125 -42.82 61.86 -68.06
N PHE JA 126 -42.93 61.06 -67.01
CA PHE JA 126 -44.02 61.24 -66.04
C PHE JA 126 -43.55 61.17 -64.58
N LEU JA 127 -42.95 60.04 -64.20
CA LEU JA 127 -42.37 59.92 -62.88
C LEU JA 127 -41.46 61.13 -62.66
N ASN JA 128 -41.78 61.97 -61.69
CA ASN JA 128 -41.05 63.24 -61.49
C ASN JA 128 -39.99 63.20 -60.39
N HIS JA 129 -40.44 63.29 -59.14
CA HIS JA 129 -39.54 63.29 -57.99
C HIS JA 129 -39.02 61.89 -57.68
N CYS JA 130 -39.36 60.95 -58.56
CA CYS JA 130 -38.94 59.56 -58.45
C CYS JA 130 -37.58 59.34 -59.10
N LEU JA 131 -37.14 60.32 -59.87
CA LEU JA 131 -35.89 60.19 -60.59
C LEU JA 131 -34.81 61.09 -60.03
N GLU JA 132 -33.61 60.54 -59.87
CA GLU JA 132 -32.45 61.34 -59.58
C GLU JA 132 -31.60 61.47 -60.82
N HIS JA 133 -30.53 62.25 -60.73
CA HIS JA 133 -29.77 62.53 -61.94
C HIS JA 133 -28.27 62.60 -61.73
N LEU JA 134 -27.51 62.31 -62.78
CA LEU JA 134 -26.10 62.63 -62.81
C LEU JA 134 -25.88 63.58 -63.96
N VAL JA 135 -25.27 64.72 -63.66
CA VAL JA 135 -24.90 65.70 -64.68
C VAL JA 135 -23.39 65.68 -64.88
N GLN JA 136 -22.97 65.67 -66.15
CA GLN JA 136 -21.56 65.79 -66.49
C GLN JA 136 -21.39 66.94 -67.48
N TYR JA 137 -20.29 67.67 -67.36
CA TYR JA 137 -20.03 68.77 -68.29
C TYR JA 137 -18.54 68.87 -68.62
N ARG JA 138 -18.23 69.12 -69.89
CA ARG JA 138 -16.83 69.21 -70.31
C ARG JA 138 -16.56 70.31 -71.33
N THR JA 139 -15.55 71.12 -71.03
CA THR JA 139 -15.01 72.08 -71.97
C THR JA 139 -14.18 71.32 -72.98
N ASP JA 140 -13.96 71.93 -74.15
CA ASP JA 140 -13.03 71.37 -75.10
C ASP JA 140 -11.70 71.06 -74.41
N TRP JA 141 -11.13 72.07 -73.76
CA TRP JA 141 -9.86 71.94 -73.06
C TRP JA 141 -9.82 70.65 -72.25
N ASP JA 142 -10.94 70.36 -71.59
CA ASP JA 142 -11.02 69.24 -70.64
C ASP JA 142 -10.62 67.89 -71.23
N HIS JA 143 -10.07 67.03 -70.38
CA HIS JA 143 -9.64 65.69 -70.78
C HIS JA 143 -10.75 64.67 -70.51
N SER JA 144 -11.13 64.55 -69.25
CA SER JA 144 -12.27 63.72 -68.87
C SER JA 144 -13.41 64.58 -68.31
N TRP JA 145 -14.56 63.96 -68.04
CA TRP JA 145 -15.75 64.68 -67.63
C TRP JA 145 -15.68 65.21 -66.19
N THR JA 146 -16.55 66.15 -65.89
CA THR JA 146 -16.82 66.58 -64.53
C THR JA 146 -18.31 66.32 -64.26
N GLU JA 147 -18.60 65.44 -63.29
CA GLU JA 147 -19.99 65.05 -63.01
C GLU JA 147 -20.49 65.52 -61.64
N GLN JA 148 -21.78 65.83 -61.55
CA GLN JA 148 -22.38 66.27 -60.30
C GLN JA 148 -23.78 65.69 -60.09
N SER JA 149 -23.93 64.97 -58.97
CA SER JA 149 -25.16 64.26 -58.62
C SER JA 149 -26.26 65.24 -58.14
N VAL JA 150 -27.43 65.20 -58.79
CA VAL JA 150 -28.54 66.11 -58.46
C VAL JA 150 -29.89 65.44 -58.15
N ASP JA 151 -30.59 66.00 -57.17
CA ASP JA 151 -31.83 65.46 -56.59
C ASP JA 151 -33.09 65.60 -57.44
N TYR JA 152 -34.23 65.57 -56.75
CA TYR JA 152 -35.55 65.59 -57.38
C TYR JA 152 -35.85 66.93 -58.03
N ARG JA 153 -34.99 67.91 -57.81
CA ARG JA 153 -35.00 69.14 -58.58
C ARG JA 153 -34.29 68.85 -59.89
N HIS JA 154 -34.84 69.32 -61.01
CA HIS JA 154 -34.29 68.99 -62.33
C HIS JA 154 -33.32 70.06 -62.87
N LYS JA 155 -32.84 70.92 -61.98
CA LYS JA 155 -32.00 72.04 -62.38
C LYS JA 155 -30.49 71.76 -62.27
N PHE JA 156 -29.69 72.78 -62.56
CA PHE JA 156 -28.27 72.78 -62.23
C PHE JA 156 -27.56 74.15 -62.25
N SER JA 157 -26.37 74.21 -61.65
CA SER JA 157 -25.64 75.47 -61.43
C SER JA 157 -24.17 75.44 -61.84
N LEU JA 158 -23.75 76.45 -62.60
CA LEU JA 158 -22.33 76.67 -62.91
C LEU JA 158 -21.92 78.09 -62.55
N PRO JA 159 -21.37 78.26 -61.35
CA PRO JA 159 -21.17 79.52 -60.58
C PRO JA 159 -20.10 80.45 -61.15
N SER JA 160 -19.14 79.87 -61.85
CA SER JA 160 -18.14 80.64 -62.55
C SER JA 160 -17.86 79.96 -63.88
N VAL JA 161 -18.28 80.61 -64.96
CA VAL JA 161 -18.13 80.04 -66.29
C VAL JA 161 -17.17 80.87 -67.13
N ASP JA 162 -16.64 80.26 -68.18
CA ASP JA 162 -15.71 80.94 -69.08
C ASP JA 162 -16.18 80.80 -70.53
N GLY JA 163 -16.60 81.90 -71.12
CA GLY JA 163 -17.10 81.90 -72.49
C GLY JA 163 -15.99 81.91 -73.52
N GLN JA 164 -14.74 81.89 -73.03
CA GLN JA 164 -13.56 81.78 -73.88
C GLN JA 164 -13.33 80.33 -74.31
N LYS JA 165 -13.71 79.41 -73.42
CA LYS JA 165 -13.67 77.98 -73.71
C LYS JA 165 -15.06 77.54 -74.17
N ARG JA 166 -15.21 76.30 -74.61
CA ARG JA 166 -16.51 75.81 -75.08
C ARG JA 166 -17.02 74.57 -74.32
N TYR JA 167 -18.31 74.57 -74.00
CA TYR JA 167 -18.88 73.58 -73.07
C TYR JA 167 -19.78 72.51 -73.70
N THR JA 168 -19.82 71.33 -73.07
CA THR JA 168 -20.71 70.23 -73.46
C THR JA 168 -21.45 69.67 -72.25
N PHE JA 169 -22.73 69.31 -72.43
CA PHE JA 169 -23.60 68.93 -71.32
C PHE JA 169 -24.38 67.63 -71.56
N ARG JA 170 -24.48 66.79 -70.53
CA ARG JA 170 -25.33 65.60 -70.59
C ARG JA 170 -25.77 65.16 -69.19
N VAL JA 171 -27.02 64.72 -69.08
CA VAL JA 171 -27.55 64.29 -67.80
C VAL JA 171 -28.41 63.04 -67.96
N ARG JA 172 -28.01 61.97 -67.28
CA ARG JA 172 -28.82 60.76 -67.23
C ARG JA 172 -29.44 60.65 -65.85
N SER JA 173 -30.56 59.92 -65.77
CA SER JA 173 -31.29 59.79 -64.53
C SER JA 173 -31.31 58.35 -64.01
N ARG JA 174 -32.00 58.15 -62.90
CA ARG JA 174 -32.16 56.84 -62.31
C ARG JA 174 -33.36 56.84 -61.35
N PHE JA 175 -33.91 55.67 -61.08
CA PHE JA 175 -35.03 55.56 -60.16
C PHE JA 175 -34.54 55.33 -58.75
N ASN JA 176 -34.47 56.42 -57.98
CA ASN JA 176 -33.82 56.41 -56.66
C ASN JA 176 -33.98 57.78 -55.98
N PRO JA 177 -33.85 57.84 -54.65
CA PRO JA 177 -33.84 56.73 -53.72
C PRO JA 177 -35.22 56.60 -53.07
N LEU JA 178 -36.21 57.36 -53.53
CA LEU JA 178 -37.47 57.44 -52.82
C LEU JA 178 -38.47 56.37 -53.21
N CYS JA 179 -38.61 56.14 -54.52
CA CYS JA 179 -39.58 55.16 -55.01
C CYS JA 179 -38.93 53.83 -55.41
N GLY JA 180 -37.60 53.80 -55.42
CA GLY JA 180 -36.90 52.58 -55.83
C GLY JA 180 -35.45 52.56 -55.38
N SER JA 181 -34.85 51.38 -55.40
CA SER JA 181 -33.47 51.22 -54.96
C SER JA 181 -32.59 50.92 -56.17
N ALA JA 182 -32.94 51.52 -57.30
CA ALA JA 182 -32.36 51.14 -58.59
C ALA JA 182 -30.85 51.32 -58.66
N GLN JA 183 -30.18 50.43 -59.39
CA GLN JA 183 -28.75 50.56 -59.62
C GLN JA 183 -28.45 51.19 -60.98
N HIS JA 184 -29.02 50.60 -62.02
CA HIS JA 184 -28.63 50.90 -63.39
C HIS JA 184 -29.31 52.16 -63.93
N TRP JA 185 -28.50 53.10 -64.40
CA TRP JA 185 -28.98 54.39 -64.90
C TRP JA 185 -29.75 54.27 -66.21
N SER JA 186 -30.38 55.36 -66.61
CA SER JA 186 -31.00 55.47 -67.92
C SER JA 186 -29.95 55.97 -68.90
N GLU JA 187 -30.19 55.77 -70.19
CA GLU JA 187 -29.27 56.26 -71.20
C GLU JA 187 -29.25 57.79 -71.18
N TRP JA 188 -28.21 58.36 -71.78
CA TRP JA 188 -27.93 59.79 -71.65
C TRP JA 188 -28.86 60.72 -72.42
N SER JA 189 -28.92 61.97 -71.98
CA SER JA 189 -29.73 62.97 -72.65
C SER JA 189 -29.03 63.41 -73.91
N HIS JA 190 -29.79 63.91 -74.87
CA HIS JA 190 -29.22 64.49 -76.07
C HIS JA 190 -28.33 65.66 -75.69
N PRO JA 191 -27.01 65.52 -75.95
CA PRO JA 191 -26.05 66.58 -75.63
C PRO JA 191 -26.55 67.96 -76.05
N ILE JA 192 -26.36 68.95 -75.18
CA ILE JA 192 -26.70 70.33 -75.51
C ILE JA 192 -25.51 71.23 -75.19
N HIS JA 193 -25.17 72.09 -76.14
CA HIS JA 193 -23.89 72.78 -76.07
C HIS JA 193 -24.01 74.26 -75.71
N TRP JA 194 -22.87 74.90 -75.47
CA TRP JA 194 -22.82 76.30 -75.09
C TRP JA 194 -21.44 76.89 -75.35
C1 NAG KA . 7.81 -53.96 33.01
C2 NAG KA . 6.32 -53.67 33.16
C3 NAG KA . 5.82 -52.98 31.88
C4 NAG KA . 6.67 -51.75 31.56
C5 NAG KA . 8.16 -52.02 31.69
C6 NAG KA . 8.99 -50.72 31.60
C7 NAG KA . 4.85 -55.05 34.57
C8 NAG KA . 4.56 -56.47 34.94
N2 NAG KA . 5.60 -54.89 33.47
O3 NAG KA . 4.48 -52.57 31.97
O4 NAG KA . 6.39 -51.37 30.24
O5 NAG KA . 8.49 -52.73 32.87
O6 NAG KA . 9.18 -50.08 32.84
O7 NAG KA . 4.41 -54.14 35.27
C1 NAG LA . 5.23 -48.99 30.91
C2 NAG LA . 5.13 -49.03 29.39
C3 NAG LA . 4.01 -48.11 28.93
C4 NAG LA . 2.69 -48.53 29.60
C5 NAG LA . 2.88 -48.87 31.07
C6 NAG LA . 1.69 -49.61 31.68
C7 NAG LA . 6.97 -49.56 27.91
C8 NAG LA . 7.91 -48.91 26.94
N2 NAG LA . 6.41 -48.73 28.78
O3 NAG LA . 3.90 -48.17 27.52
O4 NAG LA . 1.77 -47.46 29.52
O5 NAG LA . 4.05 -49.63 31.34
O6 NAG LA . 1.66 -50.95 31.22
O7 NAG LA . 6.77 -50.78 27.84
C1 NAG MA . -26.20 -44.15 17.32
C2 NAG MA . -26.13 -45.47 18.10
C3 NAG MA . -27.01 -46.60 17.53
C4 NAG MA . -28.35 -46.07 17.05
C5 NAG MA . -28.16 -44.89 16.11
C6 NAG MA . -29.54 -44.35 15.79
C7 NAG MA . -24.13 -46.68 17.32
C8 NAG MA . -22.94 -47.45 17.82
N2 NAG MA . -24.73 -45.87 18.19
O3 NAG MA . -27.25 -47.59 18.51
O4 NAG MA . -29.08 -47.09 16.40
O5 NAG MA . -27.45 -43.85 16.75
O6 NAG MA . -30.07 -43.84 16.99
O7 NAG MA . -24.54 -46.83 16.16
C1 NAG NA . -29.76 -47.63 19.82
C2 NAG NA . -31.24 -47.64 19.46
C3 NAG NA . -32.06 -46.82 20.44
C4 NAG NA . -31.22 -45.72 21.09
C5 NAG NA . -29.93 -46.23 21.73
C6 NAG NA . -30.01 -46.26 23.26
C7 NAG NA . -32.28 -47.82 17.28
C8 NAG NA . -32.70 -49.18 17.74
N2 NAG NA . -31.46 -47.16 18.10
O3 NAG NA . -32.58 -47.68 21.44
O4 NAG NA . -30.93 -44.73 20.12
O5 NAG NA . -29.56 -47.49 21.20
O6 NAG NA . -31.34 -46.37 23.71
O7 NAG NA . -32.68 -47.36 16.22
C1 NAG OA . -38.38 -32.28 12.54
C2 NAG OA . -39.61 -31.40 12.75
C3 NAG OA . -40.81 -32.33 12.86
C4 NAG OA . -40.93 -33.12 11.56
C5 NAG OA . -39.60 -33.83 11.27
C6 NAG OA . -39.58 -34.62 9.95
C7 NAG OA . -39.51 -29.16 13.80
C8 NAG OA . -38.85 -28.39 12.68
N2 NAG OA . -39.41 -30.49 13.86
O3 NAG OA . -41.99 -31.61 13.16
O4 NAG OA . -41.94 -34.11 11.65
O5 NAG OA . -38.53 -32.90 11.29
O6 NAG OA . -39.12 -33.84 8.86
O7 NAG OA . -40.13 -28.53 14.62
C1 NAG PA . -19.12 -65.59 18.01
C2 NAG PA . -19.17 -66.55 16.82
C3 NAG PA . -20.63 -66.82 16.46
C4 NAG PA . -21.41 -67.32 17.68
C5 NAG PA . -21.14 -66.41 18.88
C6 NAG PA . -21.79 -66.88 20.18
C7 NAG PA . -17.31 -66.60 15.24
C8 NAG PA . -17.45 -67.30 13.92
N2 NAG PA . -18.40 -66.00 15.72
O3 NAG PA . -20.74 -67.74 15.39
O4 NAG PA . -22.80 -67.34 17.40
O5 NAG PA . -19.75 -66.22 19.10
O6 NAG PA . -21.27 -68.12 20.60
O7 NAG PA . -16.22 -66.61 15.83
C1 NAG QA . 59.53 -47.31 71.37
C2 NAG QA . 59.57 -45.98 70.65
C3 NAG QA . 58.46 -46.01 69.61
C4 NAG QA . 58.59 -47.24 68.73
C5 NAG QA . 59.02 -48.50 69.47
C6 NAG QA . 59.53 -49.54 68.46
C7 NAG QA . 60.44 -44.08 71.89
C8 NAG QA . 60.58 -43.66 73.32
N2 NAG QA . 59.43 -44.90 71.60
O3 NAG QA . 58.50 -44.86 68.79
O4 NAG QA . 57.32 -47.54 68.20
O5 NAG QA . 60.02 -48.23 70.43
O6 NAG QA . 60.53 -48.99 67.63
O7 NAG QA . 61.23 -43.65 71.05
C1 NAG RA . 57.92 -46.73 65.62
C2 NAG RA . 56.42 -46.75 65.83
C3 NAG RA . 55.80 -45.82 64.80
C4 NAG RA . 56.34 -44.41 64.99
C5 NAG RA . 57.83 -44.37 65.36
C6 NAG RA . 58.08 -43.09 66.15
C7 NAG RA . 54.93 -48.38 66.72
C8 NAG RA . 53.92 -49.42 66.36
N2 NAG RA . 55.86 -48.08 65.81
O3 NAG RA . 54.40 -45.83 64.98
O4 NAG RA . 56.14 -43.65 63.81
O5 NAG RA . 58.31 -45.47 66.12
O6 NAG RA . 57.26 -43.10 67.30
O7 NAG RA . 54.87 -47.82 67.81
C1 NAG SA . 37.76 -20.63 53.18
C2 NAG SA . 38.82 -20.41 54.25
C3 NAG SA . 38.38 -19.36 55.27
C4 NAG SA . 37.98 -18.10 54.52
C5 NAG SA . 36.84 -18.39 53.56
C6 NAG SA . 36.64 -17.17 52.67
C7 NAG SA . 38.91 -21.94 56.15
C8 NAG SA . 40.13 -22.21 56.99
N2 NAG SA . 39.13 -21.69 54.86
O3 NAG SA . 39.44 -19.01 56.15
O4 NAG SA . 37.59 -17.10 55.44
O5 NAG SA . 37.09 -19.48 52.70
O6 NAG SA . 37.69 -17.12 51.73
O7 NAG SA . 37.79 -21.98 56.63
C1 NAG TA . 40.36 -15.92 55.47
C2 NAG TA . 39.77 -14.56 55.12
C3 NAG TA . 40.77 -13.74 54.32
C4 NAG TA . 41.59 -14.64 53.41
C5 NAG TA . 42.36 -15.70 54.19
C6 NAG TA . 43.85 -15.37 54.32
C7 NAG TA . 37.38 -14.20 54.76
C8 NAG TA . 37.42 -13.31 55.97
N2 NAG TA . 38.55 -14.71 54.35
O3 NAG TA . 41.62 -13.03 55.20
O4 NAG TA . 40.73 -15.28 52.50
O5 NAG TA . 41.77 -15.88 55.48
O6 NAG TA . 44.01 -14.17 55.05
O7 NAG TA . 36.32 -14.45 54.20
C1 NAG UA . 32.60 -12.75 38.54
C2 NAG UA . 32.79 -11.73 37.43
C3 NAG UA . 32.74 -10.36 38.11
C4 NAG UA . 31.45 -10.20 38.92
C5 NAG UA . 30.99 -11.45 39.67
C6 NAG UA . 29.48 -11.35 39.94
C7 NAG UA . 34.13 -12.34 35.44
C8 NAG UA . 32.96 -13.09 34.87
N2 NAG UA . 34.04 -11.94 36.73
O3 NAG UA . 32.81 -9.35 37.13
O4 NAG UA . 31.63 -9.13 39.84
O5 NAG UA . 31.27 -12.66 39.00
O6 NAG UA . 28.91 -12.61 40.22
O7 NAG UA . 35.12 -12.11 34.74
C1 NAG VA . 39.19 -22.69 75.72
C2 NAG VA . 37.85 -22.40 76.42
C3 NAG VA . 37.38 -20.96 76.29
C4 NAG VA . 38.54 -19.97 76.39
C5 NAG VA . 39.64 -20.40 75.43
C6 NAG VA . 40.76 -19.36 75.33
C7 NAG VA . 36.30 -24.28 76.55
C8 NAG VA . 34.94 -24.03 77.15
N2 NAG VA . 36.84 -23.29 75.85
O3 NAG VA . 36.43 -20.68 77.28
O4 NAG VA . 38.10 -18.67 76.07
O5 NAG VA . 40.13 -21.64 75.89
O6 NAG VA . 41.03 -18.84 76.61
O7 NAG VA . 36.86 -25.37 76.70
C1 NAG WA . -5.03 -19.85 -20.89
C2 NAG WA . -5.64 -20.23 -22.21
C3 NAG WA . -6.76 -19.22 -22.45
C4 NAG WA . -7.71 -19.21 -21.26
C5 NAG WA . -7.07 -19.34 -19.87
C6 NAG WA . -8.12 -19.85 -18.90
C7 NAG WA . -4.15 -21.26 -23.89
C8 NAG WA . -2.80 -21.11 -24.53
N2 NAG WA . -4.63 -20.18 -23.26
O3 NAG WA . -7.53 -19.55 -23.59
O4 NAG WA . -8.41 -17.98 -21.29
O5 NAG WA . -5.95 -20.20 -19.88
O6 NAG WA . -8.94 -20.82 -19.56
O7 NAG WA . -4.73 -22.35 -23.97
C1 NAG XA . -10.66 -18.76 -22.16
C2 NAG XA . -10.99 -17.32 -22.42
C3 NAG XA . -12.26 -17.35 -23.25
C4 NAG XA . -12.05 -18.18 -24.52
C5 NAG XA . -11.12 -19.39 -24.35
C6 NAG XA . -10.46 -19.77 -25.68
C7 NAG XA . -10.26 -15.65 -20.80
C8 NAG XA . -10.63 -14.83 -19.60
N2 NAG XA . -11.14 -16.58 -21.17
O3 NAG XA . -12.65 -16.03 -23.58
O4 NAG XA . -13.30 -18.64 -24.97
O5 NAG XA . -10.11 -19.20 -23.37
O6 NAG XA . -9.18 -19.19 -25.76
O7 NAG XA . -9.21 -15.46 -21.40
C1 NAG YA . -24.89 -8.32 -52.44
C2 NAG YA . -23.84 -9.42 -52.36
C3 NAG YA . -22.81 -9.23 -53.47
C4 NAG YA . -23.52 -9.25 -54.81
C5 NAG YA . -24.74 -8.33 -54.88
C6 NAG YA . -25.64 -8.80 -56.02
C7 NAG YA . -22.06 -8.88 -50.80
C8 NAG YA . -20.93 -9.80 -50.45
N2 NAG YA . -23.25 -9.43 -51.03
O3 NAG YA . -21.83 -10.24 -53.45
O4 NAG YA . -22.61 -8.86 -55.82
O5 NAG YA . -25.54 -8.28 -53.70
O6 NAG YA . -26.41 -9.90 -55.56
O7 NAG YA . -21.88 -7.67 -50.84
C1 NAG ZA . -21.27 -11.62 -56.30
C2 NAG ZA . -21.60 -11.43 -57.78
C3 NAG ZA . -22.16 -12.71 -58.38
C4 NAG ZA . -22.99 -13.49 -57.34
C5 NAG ZA . -22.19 -13.77 -56.06
C6 NAG ZA . -21.84 -15.25 -55.91
C7 NAG ZA . -22.22 -9.20 -58.50
C8 NAG ZA . -20.91 -9.19 -59.26
N2 NAG ZA . -22.56 -10.35 -57.94
O3 NAG ZA . -21.10 -13.50 -58.88
O4 NAG ZA . -24.15 -12.75 -57.03
O5 NAG ZA . -21.03 -12.97 -56.02
O6 NAG ZA . -21.39 -15.80 -57.13
O7 NAG ZA . -22.92 -8.19 -58.43
C1 NAG AB . -39.34 -8.45 -61.85
C2 NAG AB . -40.33 -9.11 -62.78
C3 NAG AB . -39.59 -9.34 -64.07
C4 NAG AB . -39.16 -7.99 -64.64
C5 NAG AB . -38.63 -6.98 -63.60
C6 NAG AB . -38.86 -5.56 -64.09
C7 NAG AB . -42.20 -10.62 -62.35
C8 NAG AB . -43.17 -9.75 -61.61
N2 NAG AB . -40.90 -10.33 -62.21
O3 NAG AB . -40.43 -10.03 -64.99
O4 NAG AB . -38.16 -8.21 -65.61
O5 NAG AB . -39.19 -7.12 -62.31
O6 NAG AB . -38.88 -4.65 -63.01
O7 NAG AB . -42.61 -11.55 -63.03
C1 NAG BB . -2.65 -4.73 -49.50
C2 NAG BB . -2.03 -3.43 -49.98
C3 NAG BB . -2.06 -3.30 -51.51
C4 NAG BB . -1.66 -4.60 -52.19
C5 NAG BB . -2.37 -5.79 -51.58
C6 NAG BB . -1.93 -7.10 -52.23
C7 NAG BB . -2.22 -1.59 -48.42
C8 NAG BB . -1.72 -0.22 -48.80
N2 NAG BB . -2.75 -2.32 -49.40
O3 NAG BB . -1.17 -2.26 -51.89
O4 NAG BB . -1.98 -4.52 -53.57
O5 NAG BB . -2.11 -5.84 -50.19
O6 NAG BB . -0.52 -7.12 -52.33
O7 NAG BB . -2.16 -1.99 -47.26
C1 NAG CB . 48.97 -11.33 -76.15
C2 NAG CB . 48.82 -10.10 -77.01
C3 NAG CB . 47.59 -10.34 -77.87
C4 NAG CB . 47.70 -11.68 -78.58
C5 NAG CB . 48.61 -12.76 -77.96
C6 NAG CB . 49.38 -13.42 -79.10
C7 NAG CB . 49.84 -8.30 -75.78
C8 NAG CB . 50.00 -8.07 -74.30
N2 NAG CB . 48.74 -8.95 -76.15
O3 NAG CB . 47.45 -9.36 -78.88
O4 NAG CB . 46.40 -12.22 -78.69
O5 NAG CB . 49.53 -12.31 -76.99
O6 NAG CB . 49.64 -12.44 -80.08
O7 NAG CB . 50.69 -7.90 -76.59
C1 NAG DB . 46.82 -11.01 -81.30
C2 NAG DB . 45.31 -10.95 -81.26
C3 NAG DB . 44.90 -10.41 -82.62
C4 NAG DB . 45.34 -8.95 -82.60
C5 NAG DB . 46.81 -8.78 -82.15
C6 NAG DB . 47.00 -7.36 -81.63
C7 NAG DB . 44.09 -12.35 -79.72
C8 NAG DB . 43.88 -13.74 -79.19
N2 NAG DB . 44.69 -12.21 -80.90
O3 NAG DB . 43.52 -10.58 -82.82
O4 NAG DB . 45.16 -8.36 -83.88
O5 NAG DB . 47.29 -9.69 -81.18
O6 NAG DB . 46.18 -7.15 -80.50
O7 NAG DB . 43.72 -11.38 -79.05
C1 NAG EB . 26.74 14.93 -93.73
C2 NAG EB . 28.18 15.21 -93.32
C3 NAG EB . 28.20 16.48 -92.47
C4 NAG EB . 27.43 17.62 -93.14
C5 NAG EB . 26.21 17.22 -93.99
C6 NAG EB . 26.01 18.27 -95.08
C7 NAG EB . 28.45 13.66 -91.43
C8 NAG EB . 29.42 14.00 -90.33
N2 NAG EB . 28.77 14.05 -92.66
O3 NAG EB . 29.54 16.88 -92.26
O4 NAG EB . 26.97 18.50 -92.14
O5 NAG EB . 26.30 15.95 -94.60
O6 NAG EB . 27.25 18.59 -95.67
O7 NAG EB . 27.42 13.05 -91.17
C1 NAG FB . 29.51 19.94 -91.88
C2 NAG FB . 28.95 21.29 -92.29
C3 NAG FB . 29.84 22.00 -93.30
C4 NAG FB . 30.63 20.96 -94.08
C5 NAG FB . 31.53 20.14 -93.16
C6 NAG FB . 32.88 20.82 -92.94
C7 NAG FB . 26.52 21.40 -92.24
C8 NAG FB . 26.67 21.91 -90.83
N2 NAG FB . 27.64 21.08 -92.89
O3 NAG FB . 30.70 22.89 -92.62
O4 NAG FB . 29.73 20.10 -94.76
O5 NAG FB . 30.93 19.92 -91.90
O6 NAG FB . 32.85 21.65 -91.79
O7 NAG FB . 25.41 21.30 -92.75
C1 NAG GB . 22.38 22.83 -109.08
C2 NAG GB . 22.56 23.84 -110.18
C3 NAG GB . 22.42 25.19 -109.53
C4 NAG GB . 21.04 25.31 -108.91
C5 NAG GB . 20.59 24.07 -108.14
C6 NAG GB . 19.07 24.09 -107.96
C7 NAG GB . 23.85 23.75 -112.21
C8 NAG GB . 22.57 23.40 -112.92
N2 NAG GB . 23.83 23.71 -110.87
O3 NAG GB . 22.60 26.21 -110.50
O4 NAG GB . 21.07 26.39 -108.00
O5 NAG GB . 21.00 22.86 -108.74
O6 NAG GB . 18.43 22.94 -108.49
O7 NAG GB . 24.86 24.05 -112.86
C1 NAG HB . 28.34 13.51 -70.52
C2 NAG HB . 26.91 13.83 -70.11
C3 NAG HB . 26.41 15.21 -70.54
C4 NAG HB . 27.51 16.25 -70.56
C5 NAG HB . 28.72 15.69 -71.28
C6 NAG HB . 29.81 16.73 -71.50
C7 NAG HB . 25.33 11.97 -69.93
C8 NAG HB . 24.01 12.46 -69.41
N2 NAG HB . 26.04 12.81 -70.68
O3 NAG HB . 25.39 15.62 -69.65
O4 NAG HB . 27.06 17.41 -71.24
O5 NAG HB . 29.21 14.62 -70.50
O6 NAG HB . 29.94 17.54 -70.35
O7 NAG HB . 25.72 10.83 -69.66
C1 NAG IB . 38.44 45.05 -23.47
C2 NAG IB . 36.98 45.39 -23.66
C3 NAG IB . 36.91 46.10 -25.01
C4 NAG IB . 37.85 47.30 -24.98
C5 NAG IB . 39.14 47.17 -24.14
C6 NAG IB . 39.58 48.53 -23.60
C7 NAG IB . 35.71 43.79 -22.41
C8 NAG IB . 34.72 42.66 -22.41
N2 NAG IB . 36.18 44.19 -23.60
O3 NAG IB . 35.59 46.52 -25.28
O4 NAG IB . 38.21 47.63 -26.30
O5 NAG IB . 39.05 46.25 -23.06
O6 NAG IB . 38.59 49.13 -22.79
O7 NAG IB . 36.06 44.31 -21.36
C1 NAG JB . 36.38 49.76 -25.93
C2 NAG JB . 36.04 49.57 -27.38
C3 NAG JB . 34.86 50.49 -27.68
C4 NAG JB . 33.71 50.29 -26.68
C5 NAG JB . 34.15 49.92 -25.25
C6 NAG JB . 33.05 49.14 -24.55
C7 NAG JB . 37.71 48.99 -29.07
C8 NAG JB . 38.79 49.47 -30.01
N2 NAG JB . 37.21 49.87 -28.20
O3 NAG JB . 34.39 50.23 -28.98
O4 NAG JB . 32.94 51.47 -26.59
O5 NAG JB . 35.33 49.13 -25.24
O6 NAG JB . 32.94 47.87 -25.15
O7 NAG JB . 37.34 47.81 -29.13
C1 NAG KB . 4.33 54.74 -39.85
C2 NAG KB . 4.80 53.69 -38.85
C3 NAG KB . 3.94 52.43 -38.96
C4 NAG KB . 2.52 52.84 -39.27
C5 NAG KB . 2.46 53.49 -40.65
C6 NAG KB . 1.26 54.44 -40.72
C7 NAG KB . 6.68 52.15 -39.12
C8 NAG KB . 7.16 51.50 -37.85
N2 NAG KB . 6.21 53.40 -39.02
O3 NAG KB . 3.96 51.68 -37.75
O4 NAG KB . 1.68 51.70 -39.24
O5 NAG KB . 3.70 54.13 -40.96
O6 NAG KB . 1.19 55.25 -39.57
O7 NAG KB . 6.74 51.56 -40.19
C1 NAG LB . 0.97 50.70 -36.75
C2 NAG LB . -0.51 50.91 -37.10
C3 NAG LB . -1.19 51.83 -36.11
C4 NAG LB . -0.23 52.94 -35.73
C5 NAG LB . 0.98 52.35 -35.00
C6 NAG LB . 0.83 52.44 -33.48
C7 NAG LB . -1.62 51.12 -39.22
C8 NAG LB . -2.03 49.67 -39.18
N2 NAG LB . -0.64 51.48 -38.42
O3 NAG LB . -1.61 51.09 -34.98
O4 NAG LB . 0.21 53.61 -36.89
O5 NAG LB . 1.24 51.02 -35.40
O6 NAG LB . -0.40 51.91 -33.04
O7 NAG LB . -2.19 51.91 -39.97
C1 NAG MB . -7.63 66.54 -44.14
C2 NAG MB . -8.76 67.52 -43.85
C3 NAG MB . -10.00 66.70 -43.56
C4 NAG MB . -10.32 65.75 -44.72
C5 NAG MB . -9.13 65.29 -45.57
C6 NAG MB . -9.54 65.38 -47.05
C7 NAG MB . -8.59 69.72 -42.85
C8 NAG MB . -8.99 70.24 -44.20
N2 NAG MB . -8.41 68.41 -42.75
O3 NAG MB . -11.09 67.56 -43.39
O4 NAG MB . -10.99 64.61 -44.20
O5 NAG MB . -7.90 65.97 -45.41
O6 NAG MB . -8.43 65.17 -47.91
O7 NAG MB . -8.44 70.49 -41.91
C1 NAG NB . 11.67 33.08 -38.88
C2 NAG NB . 11.26 32.39 -40.18
C3 NAG NB . 9.79 32.62 -40.45
C4 NAG NB . 8.99 32.14 -39.24
C5 NAG NB . 9.49 32.81 -37.97
C6 NAG NB . 8.75 32.29 -36.74
C7 NAG NB . 12.98 32.03 -41.84
C8 NAG NB . 12.55 31.35 -43.10
N2 NAG NB . 12.09 32.85 -41.28
O3 NAG NB . 9.37 31.92 -41.60
O4 NAG NB . 7.63 32.42 -39.46
O5 NAG NB . 10.88 32.63 -37.80
O6 NAG NB . 8.86 30.89 -36.64
O7 NAG NB . 14.09 31.81 -41.35
C1 NAG OB . -35.65 -118.45 35.73
C2 NAG OB . -36.35 -119.03 34.51
C3 NAG OB . -37.56 -118.13 34.32
C4 NAG OB . -38.42 -118.17 35.58
C5 NAG OB . -37.75 -118.64 36.89
C6 NAG OB . -38.55 -119.83 37.44
C7 NAG OB . -34.76 -120.16 33.13
C8 NAG OB . -33.54 -120.00 32.26
N2 NAG OB . -35.46 -119.06 33.38
O3 NAG OB . -38.35 -118.52 33.22
O4 NAG OB . -38.97 -116.89 35.79
O5 NAG OB . -36.35 -118.92 36.84
O6 NAG OB . -38.80 -120.82 36.46
O7 NAG OB . -35.05 -121.27 33.56
C1 NAG PB . -41.16 -117.76 34.43
C2 NAG PB . -41.54 -116.31 34.24
C3 NAG PB . -42.94 -116.32 33.65
C4 NAG PB . -42.89 -117.05 32.30
C5 NAG PB . -42.13 -118.38 32.40
C6 NAG PB . -41.82 -118.94 31.01
C7 NAG PB . -40.49 -114.63 35.59
C8 NAG PB . -40.45 -113.85 36.87
N2 NAG PB . -41.44 -115.56 35.48
O3 NAG PB . -43.41 -115.00 33.50
O4 NAG PB . -44.18 -117.28 31.77
O5 NAG PB . -40.93 -118.27 33.14
O6 NAG PB . -40.75 -118.22 30.42
O7 NAG PB . -39.67 -114.42 34.69
C1 NAG QB . -55.38 -107.67 4.51
C2 NAG QB . -54.25 -108.68 4.40
C3 NAG QB . -53.28 -108.35 3.28
C4 NAG QB . -54.07 -108.24 1.99
C5 NAG QB . -55.10 -107.12 2.09
C6 NAG QB . -56.12 -107.33 0.97
C7 NAG QB . -52.48 -108.11 5.95
C8 NAG QB . -51.21 -108.89 6.06
N2 NAG QB . -53.58 -108.79 5.69
O3 NAG QB . -52.32 -109.38 3.16
O4 NAG QB . -53.19 -107.95 0.93
O5 NAG QB . -55.83 -107.04 3.31
O6 NAG QB . -56.97 -108.43 1.30
O7 NAG QB . -52.48 -106.88 6.12
C1 NAG RB . -52.35 -110.60 0.23
C2 NAG RB . -52.51 -110.38 -1.27
C3 NAG RB . -52.98 -111.66 -1.97
C4 NAG RB . -53.86 -112.54 -1.09
C5 NAG RB . -53.29 -112.77 0.31
C6 NAG RB . -52.95 -114.23 0.57
C7 NAG RB . -53.11 -108.31 -2.41
C8 NAG RB . -51.85 -108.50 -3.19
N2 NAG RB . -53.43 -109.28 -1.54
O3 NAG RB . -51.84 -112.38 -2.41
O4 NAG RB . -55.16 -111.99 -0.98
O5 NAG RB . -52.13 -111.97 0.50
O6 NAG RB . -51.88 -114.65 -0.26
O7 NAG RB . -53.81 -107.32 -2.57
C1 NAG SB . -70.11 -107.71 -5.36
C2 NAG SB . -71.04 -108.32 -6.39
C3 NAG SB . -70.25 -108.37 -7.69
C4 NAG SB . -69.83 -106.94 -8.07
C5 NAG SB . -69.40 -106.06 -6.89
C6 NAG SB . -69.64 -104.58 -7.20
C7 NAG SB . -72.83 -109.89 -5.92
C8 NAG SB . -73.74 -108.91 -5.25
N2 NAG SB . -71.52 -109.62 -5.94
O3 NAG SB . -71.03 -108.95 -8.71
O4 NAG SB . -68.76 -107.03 -8.98
O5 NAG SB . -70.06 -106.34 -5.67
O6 NAG SB . -69.74 -103.84 -5.99
O7 NAG SB . -73.28 -110.92 -6.43
C1 NAG TB . -32.87 -103.53 6.83
C2 NAG TB . -32.45 -102.20 6.22
C3 NAG TB . -32.80 -102.12 4.73
C4 NAG TB . -32.43 -103.41 4.00
C5 NAG TB . -33.01 -104.60 4.75
C6 NAG TB . -32.72 -105.91 4.02
C7 NAG TB . -32.41 -100.30 7.73
C8 NAG TB . -31.95 -99.02 7.10
N2 NAG TB . -33.10 -101.13 6.95
O3 NAG TB . -32.12 -101.04 4.14
O4 NAG TB . -32.93 -103.37 2.69
O5 NAG TB . -32.46 -104.63 6.04
O6 NAG TB . -31.34 -106.04 3.79
O7 NAG TB . -32.16 -100.53 8.92
C1 NAG UB . -11.20 -110.00 91.05
C2 NAG UB . -12.52 -109.67 91.68
C3 NAG UB . -12.43 -108.45 92.59
C4 NAG UB . -11.11 -108.37 93.37
C5 NAG UB . -9.92 -108.96 92.62
C6 NAG UB . -8.65 -109.07 93.48
C7 NAG UB . -14.32 -110.38 90.27
C8 NAG UB . -15.65 -109.95 89.69
N2 NAG UB . -13.47 -109.42 90.62
O3 NAG UB . -13.52 -108.42 93.49
O4 NAG UB . -10.86 -107.00 93.62
O5 NAG UB . -10.26 -110.21 92.08
O6 NAG UB . -8.71 -110.15 94.37
O7 NAG UB . -14.05 -111.57 90.41
C1 NAG VB . -10.93 -107.63 96.45
C2 NAG VB . -10.38 -106.21 96.38
C3 NAG VB . -10.87 -105.59 97.67
C4 NAG VB . -12.38 -105.40 97.48
C5 NAG VB . -13.09 -106.49 96.62
C6 NAG VB . -13.81 -105.85 95.43
C7 NAG VB . -8.47 -105.88 94.93
C8 NAG VB . -7.10 -106.40 94.59
N2 NAG VB . -8.95 -106.17 96.15
O3 NAG VB . -10.21 -104.39 97.96
O4 NAG VB . -13.01 -105.28 98.74
O5 NAG VB . -12.30 -107.57 96.12
O6 NAG VB . -14.65 -106.77 94.78
O7 NAG VB . -9.10 -105.24 94.10
C1 NAG WB . -43.36 -79.02 122.80
C2 NAG WB . -44.40 -79.13 123.90
C3 NAG WB . -45.80 -79.02 123.30
C4 NAG WB . -45.92 -77.86 122.31
C5 NAG WB . -44.70 -77.73 121.39
C6 NAG WB . -44.71 -76.43 120.61
C7 NAG WB . -43.79 -80.47 125.86
C8 NAG WB . -43.63 -79.19 126.61
N2 NAG WB . -44.25 -80.40 124.60
O3 NAG WB . -46.74 -78.84 124.32
O4 NAG WB . -47.06 -78.07 121.50
O5 NAG WB . -43.52 -77.79 122.15
O6 NAG WB . -44.14 -75.40 121.37
O7 NAG WB . -43.52 -81.55 126.39
C1 NAG XB . -4.51 66.11 23.89
C2 NAG XB . -4.15 67.45 23.26
C3 NAG XB . -3.11 67.26 22.15
C4 NAG XB . -1.98 66.35 22.58
C5 NAG XB . -2.47 65.13 23.37
C6 NAG XB . -1.32 64.28 23.94
C7 NAG XB . -6.06 68.92 23.38
C8 NAG XB . -7.21 69.56 22.65
N2 NAG XB . -5.35 68.04 22.70
O3 NAG XB . -2.57 68.51 21.74
O4 NAG XB . -1.36 65.94 21.39
O5 NAG XB . -3.35 65.52 24.42
O6 NAG XB . -0.31 65.07 24.53
O7 NAG XB . -5.81 69.22 24.56
C1 NAG YB . 1.20 66.53 21.96
C2 NAG YB . 1.45 65.61 20.78
C3 NAG YB . 2.72 66.16 20.16
C4 NAG YB . 2.33 67.50 19.53
C5 NAG YB . 1.20 68.28 20.26
C6 NAG YB . 0.07 68.59 19.27
C7 NAG YB . 0.53 63.39 20.82
C8 NAG YB . 0.36 62.13 21.64
N2 NAG YB . 1.52 64.21 21.16
O3 NAG YB . 3.26 65.28 19.20
O4 NAG YB . 3.49 68.31 19.43
O5 NAG YB . 0.62 67.71 21.43
O6 NAG YB . -1.00 69.24 19.94
O7 NAG YB . -0.23 63.61 19.89
C1 NAG ZB . 24.09 96.23 -11.53
C2 NAG ZB . 25.02 97.40 -11.86
C3 NAG ZB . 24.23 98.50 -12.57
C4 NAG ZB . 23.44 97.93 -13.74
C5 NAG ZB . 22.63 96.70 -13.33
C6 NAG ZB . 21.94 96.05 -14.52
C7 NAG ZB . 26.96 97.93 -10.47
C8 NAG ZB . 27.78 96.98 -11.28
N2 NAG ZB . 25.64 97.90 -10.64
O3 NAG ZB . 25.11 99.50 -13.03
O4 NAG ZB . 22.56 98.92 -14.23
O5 NAG ZB . 23.47 95.76 -12.71
O6 NAG ZB . 22.80 95.12 -15.14
O7 NAG ZB . 27.52 98.69 -9.68
C1 NAG AC . -42.33 -30.49 -1.09
C2 NAG AC . -43.55 -31.00 -1.86
C3 NAG AC . -44.48 -31.99 -1.16
C4 NAG AC . -43.92 -32.51 0.16
C5 NAG AC . -43.22 -31.39 0.93
C6 NAG AC . -42.84 -31.83 2.35
C7 NAG AC . -43.87 -29.00 -3.19
C8 NAG AC . -44.89 -28.31 -4.06
N2 NAG AC . -44.33 -29.85 -2.29
O3 NAG AC . -44.75 -33.07 -2.03
O4 NAG AC . -44.97 -33.03 0.94
O5 NAG AC . -42.08 -31.00 0.21
O6 NAG AC . -42.45 -33.19 2.36
O7 NAG AC . -42.66 -28.76 -3.32
C1 NAG BC . -44.42 -35.67 0.21
C2 NAG BC . -45.64 -35.79 1.13
C3 NAG BC . -46.08 -37.24 0.95
C4 NAG BC . -46.65 -37.37 -0.45
C5 NAG BC . -46.07 -36.36 -1.47
C6 NAG BC . -47.12 -35.31 -1.87
C7 NAG BC . -46.01 -34.39 3.07
C8 NAG BC . -45.49 -33.85 4.37
N2 NAG BC . -45.34 -35.39 2.49
O3 NAG BC . -47.03 -37.62 1.93
O4 NAG BC . -46.51 -38.69 -0.91
O5 NAG BC . -44.85 -35.69 -1.14
O6 NAG BC . -46.62 -34.44 -2.86
O7 NAG BC . -47.02 -33.89 2.56
C1 NAG CC . -71.55 -70.24 -23.92
C2 NAG CC . -71.65 -71.59 -24.63
C3 NAG CC . -72.25 -71.35 -26.02
C4 NAG CC . -73.56 -70.57 -25.94
C5 NAG CC . -73.47 -69.38 -24.98
C6 NAG CC . -74.86 -68.78 -24.72
C7 NAG CC . -70.16 -73.50 -24.28
C8 NAG CC . -71.33 -74.22 -23.66
N2 NAG CC . -70.36 -72.25 -24.71
O3 NAG CC . -72.50 -72.59 -26.64
O4 NAG CC . -73.89 -70.09 -27.23
O5 NAG CC . -72.86 -69.74 -23.76
O6 NAG CC . -75.63 -69.64 -23.89
O7 NAG CC . -69.08 -74.07 -24.39
C1 NAG DC . 19.30 -10.93 34.22
C2 NAG DC . 18.02 -10.68 34.98
C3 NAG DC . 18.22 -9.42 35.81
C4 NAG DC . 19.38 -9.67 36.77
C5 NAG DC . 20.59 -10.39 36.13
C6 NAG DC . 21.47 -11.10 37.17
C7 NAG DC . 16.48 -11.66 33.47
C8 NAG DC . 15.10 -11.61 32.91
N2 NAG DC . 16.94 -10.55 34.03
O3 NAG DC . 17.06 -9.08 36.54
O4 NAG DC . 19.75 -8.40 37.24
O5 NAG DC . 20.25 -11.37 35.16
O6 NAG DC . 21.70 -10.29 38.31
O7 NAG DC . 17.17 -12.68 33.42
C1 NAG EC . 20.17 -8.40 40.01
C2 NAG EC . 20.25 -6.95 39.60
C3 NAG EC . 19.87 -6.16 40.84
C4 NAG EC . 18.39 -6.45 41.10
C5 NAG EC . 17.89 -7.87 40.70
C6 NAG EC . 16.66 -7.75 39.79
C7 NAG EC . 21.66 -6.13 37.80
C8 NAG EC . 23.01 -5.64 37.35
N2 NAG EC . 21.56 -6.60 39.04
O3 NAG EC . 20.08 -4.78 40.66
O4 NAG EC . 18.12 -6.23 42.48
O5 NAG EC . 18.81 -8.77 40.09
O6 NAG EC . 17.02 -7.40 38.47
O7 NAG EC . 20.70 -6.09 37.02
C1 NAG FC . -12.36 19.54 66.48
C2 NAG FC . -13.40 19.65 67.58
C3 NAG FC . -14.78 19.83 66.94
C4 NAG FC . -14.76 20.99 65.94
C5 NAG FC . -13.58 20.91 64.99
C6 NAG FC . -13.46 22.20 64.16
C7 NAG FC . -13.25 18.59 69.77
C8 NAG FC . -12.53 19.79 70.31
N2 NAG FC . -13.36 18.49 68.45
O3 NAG FC . -15.75 20.08 67.92
O4 NAG FC . -15.97 20.97 65.20
O5 NAG FC . -12.37 20.70 65.69
O6 NAG FC . -12.72 23.17 64.89
O7 NAG FC . -13.70 17.74 70.54
C1 NAG GC . 25.93 165.00 -33.01
C2 NAG GC . 26.45 166.39 -33.27
C3 NAG GC . 27.58 166.26 -34.27
C4 NAG GC . 28.63 165.28 -33.76
C5 NAG GC . 28.07 164.08 -32.99
C6 NAG GC . 29.11 163.44 -32.07
C7 NAG GC . 24.68 168.01 -33.00
C8 NAG GC . 23.71 168.94 -33.66
N2 NAG GC . 25.37 167.21 -33.80
O3 NAG GC . 28.19 167.51 -34.52
O4 NAG GC . 29.27 164.81 -34.92
O5 NAG GC . 26.92 164.37 -32.23
O6 NAG GC . 30.40 163.96 -32.33
O7 NAG GC . 24.82 168.03 -31.77
C1 NAG HC . 31.80 165.34 -34.96
C2 NAG HC . 31.79 164.60 -36.29
C3 NAG HC . 33.00 165.08 -37.05
C4 NAG HC . 32.76 166.56 -37.35
C5 NAG HC . 32.12 167.36 -36.20
C6 NAG HC . 31.23 168.45 -36.78
C7 NAG HC . 30.82 162.49 -36.88
C8 NAG HC . 31.13 161.06 -37.19
N2 NAG HC . 31.72 163.15 -36.16
O3 NAG HC . 33.18 164.34 -38.24
O4 NAG HC . 34.00 167.14 -37.71
O5 NAG HC . 31.34 166.64 -35.26
O6 NAG HC . 29.98 168.43 -36.12
O7 NAG HC . 29.78 163.01 -37.28
C1 NAG IC . 53.64 195.09 -69.27
C2 NAG IC . 54.64 196.18 -69.61
C3 NAG IC . 53.86 197.31 -70.28
C4 NAG IC . 53.10 196.78 -71.49
C5 NAG IC . 52.34 195.50 -71.20
C6 NAG IC . 51.90 194.82 -72.50
C7 NAG IC . 56.70 196.77 -68.41
C8 NAG IC . 57.57 195.68 -68.99
N2 NAG IC . 55.38 196.61 -68.44
O3 NAG IC . 54.74 198.34 -70.67
O4 NAG IC . 52.19 197.78 -71.92
O5 NAG IC . 53.09 194.57 -70.45
O6 NAG IC . 53.04 194.27 -73.14
O7 NAG IC . 57.26 197.76 -67.94
C1 NAG JC . -12.98 69.32 -57.16
C2 NAG JC . -13.24 68.46 -58.38
C3 NAG JC . -14.09 67.24 -57.98
C4 NAG JC . -13.72 66.67 -56.61
C5 NAG JC . -12.99 67.61 -55.64
C6 NAG JC . -12.15 66.81 -54.65
C7 NAG JC . -13.27 70.07 -60.20
C8 NAG JC . -13.77 70.12 -61.61
N2 NAG JC . -13.93 69.26 -59.37
O3 NAG JC . -13.99 66.21 -58.93
O4 NAG JC . -14.92 66.25 -56.00
O5 NAG JC . -12.19 68.56 -56.29
O6 NAG JC . -11.54 65.73 -55.33
O7 NAG JC . -12.32 70.75 -59.84
C1 NAG KC . -13.56 63.49 -56.13
C2 NAG KC . -14.90 63.45 -55.42
C3 NAG KC . -15.41 62.04 -55.60
C4 NAG KC . -15.81 61.94 -57.05
C5 NAG KC . -14.69 62.40 -58.01
C6 NAG KC . -15.31 62.93 -59.30
C7 NAG KC . -15.86 64.65 -53.56
C8 NAG KC . -16.38 64.24 -52.22
N2 NAG KC . -14.86 63.92 -54.05
O3 NAG KC . -16.51 61.79 -54.75
O4 NAG KC . -16.18 60.61 -57.35
O5 NAG KC . -13.81 63.42 -57.52
O6 NAG KC . -15.92 64.17 -59.03
O7 NAG KC . -16.35 65.61 -54.16
C1 NAG LC . -39.78 28.00 -81.22
C2 NAG LC . -39.79 26.76 -82.11
C3 NAG LC . -40.51 27.10 -83.41
C4 NAG LC . -41.88 27.72 -83.13
C5 NAG LC . -41.84 28.80 -82.06
C6 NAG LC . -43.24 29.16 -81.62
C7 NAG LC . -38.14 24.99 -82.38
C8 NAG LC . -38.68 24.11 -81.29
N2 NAG LC . -38.44 26.28 -82.33
O3 NAG LC . -40.66 25.94 -84.18
O4 NAG LC . -42.39 28.27 -84.33
O5 NAG LC . -41.11 28.36 -80.93
O6 NAG LC . -43.78 28.13 -80.82
O7 NAG LC . -37.45 24.50 -83.27
#